data_6O8Z
#
_entry.id   6O8Z
#
_cell.length_a   1.00
_cell.length_b   1.00
_cell.length_c   1.00
_cell.angle_alpha   90.00
_cell.angle_beta   90.00
_cell.angle_gamma   90.00
#
_symmetry.space_group_name_H-M   'P 1'
#
loop_
_entity.id
_entity.type
_entity.pdbx_description
1 polymer '16S rRNA'
2 polymer '30S ribosomal protein S3'
3 polymer '30S ribosomal protein S4'
4 polymer '30S ribosomal protein S5'
5 polymer '30S ribosomal protein S6'
6 polymer '30S ribosomal protein S7'
7 polymer '30S ribosomal protein S8'
8 polymer '30S ribosomal protein S9'
9 polymer '30S ribosomal protein S10'
10 polymer '30S ribosomal protein S11'
11 polymer '30S ribosomal protein S12'
12 polymer '30S ribosomal protein S13'
13 polymer '30S ribosomal protein S14 type Z'
14 polymer '30S ribosomal protein S15'
15 polymer '30S ribosomal protein S16'
16 polymer '30S ribosomal protein S17'
17 polymer '30S ribosomal protein S18'
18 polymer '30S ribosomal protein S19'
19 polymer '30S ribosomal protein S20'
20 polymer '23S rRNA'
21 polymer '5S rRNA'
22 polymer '50S ribosomal protein L2'
23 polymer '50S ribosomal protein L3'
24 polymer '50S ribosomal protein L4'
25 polymer '50S ribosomal protein L5'
26 polymer '50S ribosomal protein L6'
27 polymer '50S ribosomal protein L13'
28 polymer '50S ribosomal protein L14'
29 polymer '50S ribosomal protein L15'
30 polymer '50S ribosomal protein L16'
31 polymer '50S ribosomal protein L17'
32 polymer '50S ribosomal protein L18'
33 polymer '50S ribosomal protein L19'
34 polymer '50S ribosomal protein L20'
35 polymer '50S ribosomal protein L21'
36 polymer '50S ribosomal protein L22'
37 polymer '50S ribosomal protein L23'
38 polymer '50S ribosomal protein L24'
39 polymer '50S ribosomal protein L25'
40 polymer '50S ribosomal protein L27'
41 polymer '50S ribosomal protein L28'
42 polymer '50S ribosomal protein L29'
43 polymer '50S ribosomal protein L30'
44 polymer '50S ribosomal protein L31 type B'
45 polymer '50S ribosomal protein L32'
46 polymer '50S ribosomal protein L33'
47 polymer '50S ribosomal protein L34'
48 polymer '50S ribosomal protein L35'
49 polymer '50S ribosomal protein L36'
50 non-polymer 'ZINC ION'
#
loop_
_entity_poly.entity_id
_entity_poly.type
_entity_poly.pdbx_seq_one_letter_code
_entity_poly.pdbx_strand_id
1 'polyribonucleotide'
;UGAGAGUUUGAUCCUGGCUCAGGACGAACGCUGGCGGCGUGCCUAAUACAUGCAAGUCGAACGCUUCUUUCCUUGGAAAG
AGGAGUGGCGGACGGGUGAGUAACACGUGGGUAACCUACCCAUCAGAGGGGGAUAACACUUGGAAACAGGUGCUAAUACC
GCAUAACAGUUUAUGCCGCAUGGCAUAAGAGUGAAAGGCGCUUUCGGGUGUCGCUGAUGGAUGGACCCGCGGUGCAUUAG
CUAGUUGGUGAGGUAACGGCUCACCAAGGCCACGAUGCAUAGCCGACCUGAGAGGGUGAUCGGCCACACUGGGACUGAGA
CACGGCCCAGACUCCUACGGGAGGCAGCAGUAGGGAAUCUUCGGCAAUGGACGAAAGUCUGACCGAGCAACGCCGCGUGA
GUGAAGAAGGUUUUCGGAUCGUAAAACUCUGUUGUUAGAGAAGAACAAGGACGUUAGUAACUGAACGUCCCCUGACGGUA
UCUAACCAGAAAGCCACGGCUAACUACGUGCCAGCAGCCGCGGUAAUACGUAGGUGGCAAGCGUUGUCCGGAUUUAUUGG
GCGUAAAGCGAGCGCAGGCGGUUUCUUAAGUCUGAUGUGAAAGCCCCCGGCUCAACCGGGGAGGGUCAUUGGAAACUGGG
AGACUUGAGUGCAGAAGAGGAGAGUGGAAUUCCAUGUGUAGCGGUGAAAUGCGUAGAUAUAUGGAGGAACACCAGUGGCG
AAGGCGGCUCUCUGGUCUGUAACUGACGCUGAGGCUCGAAAGCGUGGGGAGCAAACAGGAUUAGAUACCCUGGUAGUCCA
CGCCGUAAACGAUGAGUGCUAAGUGUUGGAGGGUUUCCGCCCUUCAGUGCUGCAGCAAACGCAUUAAGCACUCCGCCUGG
GGAGUACGACCGCAAGGUUGAAACUCAAAGGAAUUGACGGGGGCCCGCACAAGCGGUGGAGCAUGUGGUUUAAUUCGAAG
CAACGCGAAGAACCUUACCAGGUCUUGACAUCCUUUGACCACUCUAGAGAUAGAGCUUUCCCUUCGGGGACAAAGUGACA
GGUGGUGCAUGGUUGUCGUCAGCUCGUGUCGUGAGAUGUUGGGUUAAGUCCCGCAACGAGCGCAACCCUUAUUGUUAGUU
GCCAUCAUUUAGUUGGGCACUCUAGCGAGACUGCCGGUGACAAACCGGAGGAAGGUGGGGAUGACGUCAAAUCAUCAUGC
CCCUUAUGACCUGGGCUACACACGUGCUACAAUGGGAAGUACAACGAGUCGCUAGACCGCGAGGUCAUGCAAAUCUCUUA
AAGCUUCUCUCAGUUCGGAUUGCAGGCUGCAACUCGCCUGCAUGAAGCCGGAAUCGCUAGUAAUCGCGGAUCAGCACGCC
GCGGUGAAUACGUUCCCGGGCCUUGUACACACCGCCCGUCACACCACGAGAGUUUGUAACACCCGAAGUCGGUGAGGUAA
CCUUUUUGGAGCCAGCCGCCUAAGGUGGGAUAGAUGAUUGGGGUGAAGUCGUAACAAGGUAGCCGUAUCGGAAGGUGCGG
CUGGAUCA
;
a
2 'polypeptide(L)'
;GQKVHPIGMRVGIIRDWDAKWYAEKEYAEFLHEDLRIRKFIATKLADAAVSTIEIERAANRVNISIHTAKPGMVIGKGGS
EVENLRKELNKLTGKRVHINIVEIKKPDLDAKLVGEGIARQLENRVAFRRAQKQAIQRAMRAGAKGIKTQVSGRLNGADI
ARSEGYSEGTVPLHTLRADIDYAWEEADTTYGKLGVKVWIYRGE
;
c
3 'polypeptide(L)'
;SRYTGPSWKVSRRLGISLSGTGKELARRPYKPGQHGPNSRGKVSEYGMQLTEKQKLRHMYGMNERQFRTLFIKASKIKEG
KHGVNFMVLLEQRLDNVVYRLGLATTRRQARQLVNHGHITVDGKRVDIPSYHVEVGQVIGVREKSQNISTIKEAVEATVG
RPAFVSFDTEKLEGSFTRLPERDELYPEIDEALVVEYYNQK
;
d
4 'polypeptide(L)'
;YIDPKHLELEDRVVAINRVTKVVKGGRRLRFAALVVVGDKNGHVGFGTGKAQEVPEAIRKAIEDAKKNLVEVPMVGSTIP
HEVIGVFGGGRILMKPAVEGSGVAAGGPVRAVLELAGVADITSKSLGSNTPINVVRATVEGLKQLKRAEEVAALRGKSVE
EII
;
e
5 'polypeptide(L)'
;QDTKYEIMYIIRPNIDEEAKTALVERFDTILKDNGAEVIESKDWEKRRLAYEMNGFREGIYHIVNVTSPSTAGAINEFDR
LAKINDDIIRHMIVKVE
;
f
6 'polypeptide(L)'
;PRKGPVAKRDVLPDPIYNSKLVTRLINRVMVDGKRGIAANIIYNSFDIIKESTGNDPLEVFEQAMKNVMPVLEVKARRVG
GSNYQVPVEVRPERRTTLGLRWVVNYARLRGEHTMEERLAKEIMDAANNTGASVKKREDTHKMADANRAFAHYR
;
g
7 'polypeptide(L)'
;VMTDPIADFLTRIRNANMVKHETLEVPASKIKRDIAEILKREGFIRDVEYIEDDKQGVIRVFLKYGKNEERVITNLKRIS
KPGLRAYVKADEVPKVLNGLGIAIISTSEGVITDKEARAKNIGGEVIAYVW
;
h
8 'polypeptide(L)'
;QVQYSGTGRRKNAVARVRLVPGTGKITVNKKDVEEYIPHADLREVINQPFGVTETKGAYDVIVNVNGGGYAGQSGAIRHG
IARALLQVDPDFRSALKRAGLLTRDARMVERKKPGLKKARKASQFSKR
;
i
9 'polypeptide(L)'
;QKIRIRLKAYEHRILDQSADKIVETAKRTGADVSGPIPLPTERSLYTVIRATHKYKDSREQFEMRTHKRLIDIVNPTPKT
VDALMKLDLPSGVNIEIKL
;
j
10 'polypeptide(L)'
;KKNIESGVAHIHSTFNNTIVMITDTHGNALAWSSAGSLGFKGSKKSTPFAAQMAAEAATKVAMEHGLKTVDVTVKGPGSG
REAAIRSLQATGLEVTAIRDVTPVPHNGCRPPKRRRV
;
k
11 'polypeptide(L)'
;PTINQLVRKPRKSKVEKSDSPALNKGYNSFKKTQTNVNSPQKRGVCTRVGTMTPKKPNSALRKYARVRLSNLIEVTAYIP
GIGHNLQEHSVVLLRGGRVKDLPGVRYHIVRGALDTAGVNDRKQSRSKYGTKRPKA
;
l
12 'polypeptide(L)'
;ARIAGVDIPRDKRVVVSLTYIYGIGNTTAKKVLANVGVSEDVRVRDLTNEQTDAIRAEIDKLKVEGDLRREVNLNIKRLM
EIGSYRGIRHRRGLPTRGQNTKNNARTRKGPT
;
m
13 'polypeptide(L)' AKKSMIAKNKRPAKHSTQAYTRCERCGRPHSVYRKFHLCRICFRELAYKGQIPGVKKASW n
14 'polypeptide(L)'
;AISQERKNEIIKEYARHEGDTGSPEVQIAVLTEDINQLNEHARTHKKDHHSYRGLMKKIGHRRNLLAYLRKTDIQRYREL
IQRLGLRR
;
o
15 'polypeptide(L)'
;AVKIRLKRMGSKKSPFYRIVVADSRSPRDGRFIETVGTYNPLKDPAEVVLKEDLVLDWLSKGAQPSDTVRNILSKEGVMK
KHHEAKNVK
;
p
16 'polypeptide(L)'
;ERNQRKVYQGRVVSDKMDKTITVVVETKKNHPIYGKRMKYSKKYKAHDENNTAKVGDIVKIMETRPLSATKRFRLLEVVE
EAV
;
q
17 'polypeptide(L)' KVDYIAANHIEYIDYKDTELLKRFISERGKILPRRVTGTGAKNQRKLTIAIKRARIMGLLPFVSDE r
18 'polypeptide(L)' SLKKGPFVDDHLMKKVEAQQGAEKKKVIKTWSRRSTIFPSFVGFTIAVYDGRKHVPVYIQEDMVGHKLGEFAPTRTYR s
19 'polypeptide(L)'
;NIESAIKRVRTSANANAKNSSQTNAMRTAIKKFEEAVAAGADNVDALYNEAVKAVDMAATKGLIHKNKANRDKIRLSKLA
K
;
t
20 'polyribonucleotide'
;UUAAGUGAAUAAGGGCGCACGGUGGAUGCCUUGGCACUAGGAGCCGAUGAAGGACGGGACUAACACCGAUAUGCUUUGGG
GAGCUGUAAGUAAGCUAUGAUCCAGAGAUUUCCGAAUGGGGGAACCCAAUAUCUUUUAUAGGAUAUUACUUUUCAGUGAA
UACAUAGCUGAUUAGAGGUAGACGCAGAGAACUGAAACAUCUUAGUACCUGCAGGAAGAGAAAGAAAAUUCGAUUCCCUG
AGUAGCGGCGAGCGAAACGGGAAGAGCCCAAACCAACAAGCUUGCUUGUUGGGGUUGUAGGACUCCGAUAUGGUAGUCUG
UUAGUAUAGUUGAAGGAUUUGGAAAAUUCCGCUAAAGAGGGUGAAAGCCCCGUAGACGAAAUGCUGACAACACCUAGGAG
GAUCCUGAGUACGGCGGAACACGAGAAAUUCCGUCGGAAUCCGCGGGGACCAUCCCGCAAGGCUAAAUACUCCCUAGUGA
CCGAUAGUGAACCAGUACCGUGAGGGAAAGGUGAAAAGCACCCCGGAAGGGGAGUGAAAUAGAUCCUGAAACCGUGUGCC
UACAACAAGUCAAAGCUCGUUAAUGAGUGAUGGCGUGCCUUUUGUAGAAUGAACCGGCGAGUUACGAUUGCAUGCGAGGU
UAAGUCGAAGAGACGGAGCCGCAGCGAAAGCGAGUCUGAAUAGGGCGAAUGAGUAUGUAGUCGUAGACCCGAAACCAUGU
GAUCUACCCAUGUCCAGGUUGAAGGUGCGGUAAAACGCACUGGAGGACCGAACCCACGUACGUUGAAAAGUGCGGGGAUG
AGGUGUGGGUAGCGGAGAAAUUCCAAACGAACUUGGAGAUAGCUGGUUCUCUCCGAAAUAGCUUUAGGGCUAGCCUCGGA
AUUGAGAAUGAUGGAGGUAGAGCACUGUUUGGACUAGGGGCCCAU(N)(N)CGGGUUACCGAAUUCAGAUAAACUCCGAA
UGCCAUUCAUUUAUAUCCGGGAGUCAGACUGCGAGUGAUAAGAUCCGUAGUCGAAAGGGAAACAGCCCAGACCACCAGCU
AAGGUCCCAAAAUAUAUGUUAAGUGGAAAAGGAUGUGGGGUUGCACAGACAACUAGGAUGUUGGCUUAGAAGCAGCCACC
AUUUAAAGAGUGCGUAAUAGCUCACUAGUCGAGUGACCCUGCGCCGAAAAUGUACCGGGGCUAAACAUAUUACCGAAGCU
GUGGACUACACCAUUAGGUGUAGUGGUAGGAGAGCGUUCUAAGGGCGUUGAAGGUCGAUCGUGAGGACGGCUGGAGCGCU
UAGAAGUGAGAAUGCCGGUAUGAGUAGCGAAAGACAGGUGAGAAUCCUGUCCACCGUAUGACUAAGGUUUCCUGGGGAAG
GCUCGUCCGCCCAGGGUUAGUCGGGACCUAAGCCGAGGCCGAUAGGCGUAGGCGAUGGACAACAGGUUGAUAUUCCUGUA
CCAGUUGUUU(N)UUGUUUGAGCAAUGGAGGGACGCAGUAGGCUAAGGAAUGCAUGCGAUUGGAAGUGCAUGUCCAAGCA
AUGAGUCUUGAGUAGAGUUAAAUGCUUUACUCUUUAAGGACAAGUUGUGACGGGGAGCGAAAU(N)(N)(N)AGUAGCGA
AGUUCCUGACGUCACACUGCCAAGAAAAGCUUCUAGUGAGAAAACAACUGCCCGUACCGUAAACCGACACAGGUAGUCGA
GGAGAGUAUCCUAAGGUGAGCGAGCGAACUCUCGUUAAGGAACUCGGCAAAAUGACCCCGUAACUUCGGGAGAAGGGGUG
CUGACUUCGGUCAGCCGCAGUGAAUAGGCCCAAGCGACUGUUUAUCAAAAACACAGGUCUCUGCAAAAUCGUAAGAUGAA
GUAUAGGGGCUGACGCCUGCCCGGUGCUGGAAGGUUAAGAGGAUGGGUUAGCUUCGGCGAAGCUCAGAAUUGAAGCCCCA
GUAAACGGCGGCCGUAACUAUAACGGUCCUAAGGUAGCGAAAUUCCUUGUCGGGUAAGUUCCGACCCGCACGAAAGGCGU
AACGAUUUGGGCACUGUCUCAACGAGAGACUCGGUGAAAUUUUAGUACCUGUGAAGAUGCAGGUUACCCGCGACAGGACG
GAAAGACCCCAUGGAGCUUUACUGUAGUUUGAUAUUGAGUGUUUGUACCACAUGUACAGGAUAGGUAGGAGCCGAUGAGA
CCGGAACGCUAGUUUCGGAGGAGGCGCUGGUGGGAUACUACCCUUGUGUUAUGAACCCUCUAACCCGCACCACUAAUCGU
GGUGGGAGACAGUGUCAGAUGGGCAGUUUGACUGGGGCGGUCGCCUCCUAAAAGGUAACGGAGGCGCCCAAAGGUUCCCU
CAGAAUGGUUGGAAAUCAUUCGAAGAGUGUAAAGGCAGAAGGGAGCUUGACUGCGAGACCUACAAGUCGAGCAGGGACGA
AAGUCGGGCUUAGUGAUCCGGUGGUUCCGCAUGGAAGGGCCAUCGCUCAACGGAUAAAAGCUACCCUGGGGAUAACAGGC
UUAUCUCCCCCAAGAGUCCACAUCGACGGGGAGGUUUGGCACCUCGAUGUCGGCUCGUCGCAUCCUGGGGCUGUAGUCGG
UCCCAAGGGUUGGGCUGUUCGCCCAUUAAAGCGGCACGCGAGCUGGGUUCAGAACGUCGUGAGACAGUUCGGUCCCUAUC
CGUCGCGGGCGUUGGAAAUUUGAGAGGAGCUGUCCUUAGUACGAGAGGACCGGGAUGGACUUACCGCUGGUGUACCAGUU
GUUCUGCCAAGGGCAUUGCUGGGUAGCUAUGUAGGGAAGGGAUAAACGCUGAAAGCAUCUAAGUGUGAAGCCCACCUCAA
GAUGAGAUUUCCCAUUUCUUUAAGAAAGUAAGACCCCUGAGAGAUGAUCAGGUAGAUAGGUUGGAAGUGGAAGGCUAGUG
AUAGUUGGAGCGGACCAAUACUAAUCGGUCGAGGACUUAAC
;
A
21 'polyribonucleotide'
;UGUGGUGGCGAUAGCGAGAAGGAUACACCUGUUCCCAUGCCGAACACAGAAGUUAAGCUUCUUAGCGCCGAUUGUAGUGA
AGGGUUUCCCUUUGUGAGAGUAGGACGUCGCCACGC
;
B
22 'polypeptide(L)'
;AIKKYKPTTNGRRNMTSSDFAEITTSTPEKSLLQPLKNNAGRNNNGRITVRHQGGGHKRQYRVIDFKRNKDNVAAVVKTI
EYDPNRSANIALVHYEDGVKAYILAPKGLEVGMRLVSGPEADIKVGNALPLENIPVGTVIHNIEMKPGKGGQLIRSAGTS
AQVLGKEGKYVLIRLNSGEVRMILATCRATIGSVGNEQHELINIGKAGRSRWMRKRPTVRGSVMNPNDHPHGGGEGKTPI
GRKAPVSPWGQPAIGYKTRNKKAKSDKLIVRRRTK
;
C
23 'polypeptide(L)'
;TKGILGKKVGMTQIFTESGELIPVTVVEATPNVVLQVKTVETDGYEAIQVGYQDKREVLSNKPAKGHVAKANTAPKRFIK
EFKNVELGEYEVGKEIKVDVFQAGDVVDVTGTTKGKGFQGAIKRHGQSRGPMSHGSRYHRRPGSMGPVAPNRVFKNKRLA
GRMGGDRVTIQNLEVVKVDVERNVILIKGNIPGAKKSLITIKSAVKA
;
D
24 'polypeptide(L)'
;PNVALFKQDGTQNGEITLNEEIFGIEPNESVVYDAIIMQRASLRQGTHAVKNRSAVRGGGRKPWRQKGTGRARQGSIRSP
QWRGGGVVFGPTPRSYSYKLPKKVRRLAMKSVLSDKVAENNLVAVEGLSFDAPKTKEFKQVLANLSIDTKVLVVLENGND
FAALSARNLPNVSVVTSDNVSVLDVVSANKVLATQTALTQIEEVLA
;
E
25 'polypeptide(L)'
;NRLKEKYIKEVTPSLVEKFNYSSVMQTPKVDKIVINMGVGDAVSNAKNLDKAVEELALITGQKPLITKAKKSIAGFRLRE
GMPIGAKVTLRGERMYEFLDKLVTVSLPRVRDFHGVSKKAFDGRGNYTLGIKEQLIFPEVDYDLVDKVRGMDIVIVTTAN
TDEESRELLAQLGMPFQ
;
F
26 'polypeptide(L)'
;SRIGNKVVVLPAGVEIKQDGNNITVKGPKGELTREFSSDIKMNIEGNEVTFTRPNDSKEMKTIHGTTRANFNNMVVGVSE
GFQKALELIGVGYRAQVQGNKLTLNVGYSHPVEMTAPEGVTFEVPANTQVIVKGINKEVVGELAANIRGVRPPEPYKGKG
IRYVGEFVRRKEGKTG
;
G
27 'polypeptide(L)'
;MRTTYMAKAGEVERKWYVVDATDVPLGRLSAVVASVLRGKNKPTFTPHVDTGDFVIVINADKVKLTGKKATDKIYYRHSM
YPGGLKSVTAGELRDKNSRRLIETSVKGMLPKNTLGRKQFTKLNVYGGAEHPHAAQQPEVLDITN
;
K
28 'polypeptide(L)'
;MIQQESRLRVADNSGAREILTIKVLGGSGRKTANIGDVIVATVKQATPGGVVKKGEVVKAVIVRTKSGARRADGSYIKFD
ENAAVIIRDDKSPRGTRIFGPVARELRENNFMKIVSLAPEVL
;
L
29 'polypeptide(L)'
;MKLHELKPAEGSRQVRNRVGRGTSSGNGKTAGRGQKGQKARSGGGVRLGFEGGQTPLFRRLPKRGFTNINRKDYAVVNLD
TLNRFEDGTEVTPVVLKEAGIVKNEKAGIKVLADGELTKKLTVKAAKFSKSAQEAIEAAGGSIEVI
;
M
30 'polypeptide(L)'
;MLVPKRVKHRREFRGKMRGEAKGGKEVAFGEWGLQATESHWITNRQIEAARIAMTRYMKRGGKVWIKIFPHKSYTSKAIG
VRMGKGKGAPEGWVSPVKRGKIMFEIAGVPEEVAREALRLASHKLPVKTKIVKREEMGGES
;
N
31 'polypeptide(L)'
;RKLGRTSSQRKAMLRDITTDLIINERIVTTEARAKEVRSTVEKMITLGKRGDLHARRQAATFVRNEVASVREEDESIVVE
SALQKLFNDLGPRFAERQGGYTRILKTEPRRGDAAPMVVIEFV
;
O
32 'polypeptide(L)'
;ITKPDKNKTRQKRHRRVRNKISGTAECPRLNIFRSNKNIYAQVIDDVAGVTLASASALDKEISGGTKTETAAAVGKLVAE
RAAEKGIKKVVFDRGGYLYHGRVQALAEAARENGLEF
;
P
33 'polypeptide(L)'
;NPLIQELTQEQLRTDIPAFRPGDTVRVHAKVVEGTRERIQLFEGVVIKRRGAGISETYTVRKVSNGVGVERTFPLHTPRV
AQIEVVRYGKVRRAKLYYLRALHGKAARIKEIRR
;
Q
34 'polypeptide(L)'
;ARVKGGTVTRKRRKKVLKLAKGYYGSKHTLFKSAKEQVMNSYYYAFRDRRQKKRDFRKLWIARINAAARMNGLSYSKLMH
GLKLAEIDINRKMLADLAVNDAAAFTALAEQAKDALSK
;
R
35 'polypeptide(L)'
;MYAIIKTGGKQVKVEVGQAIYVEKLNVEAGEKVVFDEVILVGGESTKVGAPTVAGATVEGTVEKHGKQKKVVTFQYKPKK
HSHRKQGHRQPYTKVMIEAINA
;
S
36 'polypeptide(L)'
;QITSAKATAKTVRTSPRKARLVIDLIRGKSVADAISILKFTPNKSAGIIEKVLMSAVANAENNFDLDVESLVVSEAFVNE
GPTMKRFRPRAKGSASPINKRTSHITVVVTEK
;
T
37 'polypeptide(L)'
;ELLDVIKRPVITEKSMLAMDEKKYTFEVDTRANKTLVKQAVESAFDVKVANVNILNVRPKFKRMGKYAGYTKKRRKAIVT
LTEDSKEIQ
;
U
38 'polypeptide(L)'
;MFVKKGDKVKVITGKDKNKEGVVLAAFPKQDKVIVEGVNVVKKHQKPNQAAPQGGILEVEAPIHVSNVMVIDPSNGEATK
VAFKEVDGKKVRVSKKTGEVL
;
V
39 'polypeptide(L)'
;VQLEVKERAIRPRSLRNQLRHEGKVPAIVYGYQIESTPIYFEEKDLSKILREHGANTVIKMTVDGKNINTLMSKAQLDTF
TGQMLHVEFLSVNM
;
W
40 'polypeptide(L)' STSNGRDSESKRLGAKSADGQTVTGGSILYRQRGTKIYPGVNVGIGGDDTLFAKVDGVVRFERKGRDKKQVSVYPV X
41 'polypeptide(L)' AKVCYFTGRKTSSGNNRSHAMNSTKRTVKPNLQKVRVLIDGKPKKVWVSARALK Y
42 'polypeptide(L)' KVKEIRELTTAEMLDKEKQLKEELFNLRFQLATGQLENTARIKEVRQSIARIKTVLREQAN Z
43 'polypeptide(L)' AELKITLKRSVIGRPQNQRATVKALGLGKVNSTVTKPANEAIKGMVNTISHLVDVEEV 0
44 'polypeptide(L)'
;MKQDIHPNYQPVVFMDSTTGFKFLSGSTKGSSETVEWEDGNTYPLLRVEVTSDSHPFYTGRQKFTQADGRVDRFNKKYGL
KDE
;
1
45 'polypeptide(L)' AVPARRTSKAKKAKRRTHYKLTIKGLNACSNCGEMKKSHHVCPACGHYDGKDVMSK 2
46 'polypeptide(L)' MRVNITLECTSCKERNYLTNKNKRNNPDRLEKQKYCPRERKVTLHRETK 3
47 'polypeptide(L)' MKRTYQPNKRKRQKVHGFRKRMSTKNGRRVLASRRRKGRKVISA 4
48 'polypeptide(L)' PKQKTHRGLAKRVKRTGGGGLKRGRAFTSHRFHGKTKKQRRQLRKASMVAKGDYKRIRQQLARM 5
49 'polypeptide(L)' MKVRPSVKPMCEHCKVIRRKGRVMVICPANPKHKQRQG 6
#
# COMPACT_ATOMS: atom_id res chain seq x y z
N GLY B 1 -24.04 -51.31 60.33
CA GLY B 1 -24.24 -52.51 61.10
C GLY B 1 -25.70 -52.89 61.12
N GLN B 2 -26.02 -54.15 61.37
CA GLN B 2 -27.42 -54.55 61.31
C GLN B 2 -27.88 -55.53 62.36
N LYS B 3 -27.02 -56.28 63.03
CA LYS B 3 -27.49 -57.47 63.74
C LYS B 3 -27.71 -57.18 65.22
N VAL B 4 -28.35 -58.13 65.88
CA VAL B 4 -28.87 -57.97 67.23
C VAL B 4 -28.23 -59.00 68.16
N HIS B 5 -27.78 -58.54 69.32
CA HIS B 5 -27.17 -59.38 70.34
C HIS B 5 -28.12 -60.48 70.75
N PRO B 6 -27.85 -61.72 70.36
CA PRO B 6 -28.89 -62.76 70.41
C PRO B 6 -29.35 -63.13 71.81
N ILE B 7 -28.55 -62.93 72.85
CA ILE B 7 -29.09 -63.19 74.18
C ILE B 7 -29.71 -61.90 74.69
N GLY B 8 -29.77 -60.89 73.83
CA GLY B 8 -30.57 -59.72 74.11
C GLY B 8 -31.99 -59.84 73.62
N MET B 9 -32.35 -60.95 73.00
CA MET B 9 -33.71 -61.18 72.54
C MET B 9 -34.40 -62.31 73.28
N ARG B 10 -33.73 -63.45 73.44
CA ARG B 10 -34.33 -64.51 74.24
C ARG B 10 -34.41 -64.16 75.71
N VAL B 11 -33.89 -63.00 76.11
CA VAL B 11 -33.96 -62.59 77.50
C VAL B 11 -35.39 -62.27 77.87
N GLY B 12 -35.80 -62.70 79.05
CA GLY B 12 -37.14 -62.41 79.52
C GLY B 12 -38.19 -63.32 78.95
N ILE B 13 -38.05 -63.70 77.68
CA ILE B 13 -39.06 -64.55 77.05
C ILE B 13 -38.88 -66.01 77.44
N ILE B 14 -37.75 -66.60 77.05
CA ILE B 14 -37.48 -67.99 77.37
C ILE B 14 -36.27 -68.17 78.25
N ARG B 15 -35.33 -67.23 78.25
CA ARG B 15 -34.29 -67.19 79.26
C ARG B 15 -34.46 -65.91 80.07
N ASP B 16 -34.16 -66.01 81.36
CA ASP B 16 -34.48 -64.97 82.32
C ASP B 16 -33.24 -64.16 82.66
N TRP B 17 -33.46 -63.06 83.37
CA TRP B 17 -32.36 -62.24 83.83
C TRP B 17 -31.44 -63.05 84.72
N ASP B 18 -30.24 -62.52 84.91
CA ASP B 18 -29.25 -63.12 85.78
C ASP B 18 -28.89 -62.19 86.93
N ALA B 19 -29.86 -61.42 87.39
CA ALA B 19 -29.75 -60.64 88.62
C ALA B 19 -31.16 -60.57 89.21
N LYS B 20 -31.50 -61.53 90.04
CA LYS B 20 -32.88 -61.79 90.43
C LYS B 20 -33.17 -61.07 91.76
N TRP B 21 -33.68 -59.86 91.67
CA TRP B 21 -34.12 -59.13 92.83
C TRP B 21 -35.21 -58.14 92.44
N TYR B 22 -35.51 -57.22 93.36
CA TYR B 22 -36.54 -56.22 93.14
C TYR B 22 -36.25 -55.08 94.10
N ALA B 23 -36.14 -53.86 93.57
CA ALA B 23 -35.66 -52.73 94.35
C ALA B 23 -36.37 -51.46 93.90
N GLU B 24 -37.35 -51.04 94.69
CA GLU B 24 -38.00 -49.75 94.51
C GLU B 24 -37.40 -48.76 95.48
N LYS B 25 -37.05 -47.58 94.97
CA LYS B 25 -36.47 -46.46 95.72
C LYS B 25 -35.07 -46.73 96.21
N GLU B 26 -34.52 -47.93 96.02
CA GLU B 26 -33.12 -48.23 96.32
C GLU B 26 -32.54 -48.92 95.10
N TYR B 27 -32.18 -48.13 94.10
CA TYR B 27 -31.93 -48.69 92.78
C TYR B 27 -30.75 -48.02 92.10
N ALA B 28 -29.83 -47.52 92.86
CA ALA B 28 -28.53 -47.15 92.37
C ALA B 28 -27.43 -47.78 93.20
N GLU B 29 -27.60 -47.85 94.51
CA GLU B 29 -26.66 -48.57 95.35
C GLU B 29 -26.64 -50.04 94.97
N PHE B 30 -27.82 -50.65 94.81
CA PHE B 30 -27.86 -52.06 94.46
C PHE B 30 -27.18 -52.29 93.11
N LEU B 31 -27.46 -51.45 92.14
CA LEU B 31 -26.87 -51.62 90.82
C LEU B 31 -25.36 -51.45 90.87
N HIS B 32 -24.89 -50.39 91.52
CA HIS B 32 -23.46 -50.11 91.54
C HIS B 32 -22.72 -50.81 92.66
N GLU B 33 -23.38 -51.72 93.36
CA GLU B 33 -22.71 -52.77 94.10
C GLU B 33 -22.64 -54.07 93.32
N ASP B 34 -23.72 -54.41 92.61
CA ASP B 34 -23.67 -55.53 91.69
C ASP B 34 -22.54 -55.34 90.70
N LEU B 35 -22.43 -54.15 90.12
CA LEU B 35 -21.36 -53.92 89.15
C LEU B 35 -20.01 -54.07 89.80
N ARG B 36 -19.85 -53.53 91.00
CA ARG B 36 -18.58 -53.62 91.70
C ARG B 36 -18.17 -55.07 91.86
N ILE B 37 -19.06 -55.89 92.42
CA ILE B 37 -18.71 -57.28 92.66
C ILE B 37 -18.49 -58.03 91.36
N ARG B 38 -19.28 -57.72 90.33
CA ARG B 38 -19.10 -58.42 89.06
C ARG B 38 -17.74 -58.12 88.46
N LYS B 39 -17.26 -56.89 88.64
CA LYS B 39 -15.96 -56.55 88.09
C LYS B 39 -14.83 -57.25 88.85
N PHE B 40 -14.87 -57.22 90.18
CA PHE B 40 -13.73 -57.58 91.01
C PHE B 40 -13.42 -59.07 91.00
N ILE B 41 -14.22 -59.92 90.37
CA ILE B 41 -13.87 -61.33 90.28
C ILE B 41 -13.20 -61.65 88.95
N ALA B 42 -12.90 -60.63 88.15
CA ALA B 42 -12.08 -60.84 86.96
C ALA B 42 -10.69 -61.35 87.29
N THR B 43 -10.26 -61.26 88.55
CA THR B 43 -8.99 -61.85 88.94
C THR B 43 -9.04 -63.37 88.83
N LYS B 44 -10.14 -63.97 89.28
CA LYS B 44 -10.28 -65.42 89.21
C LYS B 44 -10.22 -65.92 87.78
N LEU B 45 -10.97 -65.26 86.89
CA LEU B 45 -11.09 -65.72 85.51
C LEU B 45 -9.74 -65.90 84.83
N ALA B 46 -8.70 -65.21 85.32
CA ALA B 46 -7.36 -65.41 84.80
C ALA B 46 -7.03 -66.89 84.72
N ASP B 47 -7.38 -67.65 85.75
CA ASP B 47 -7.15 -69.08 85.76
C ASP B 47 -8.41 -69.89 85.99
N ALA B 48 -9.29 -69.42 86.88
CA ALA B 48 -10.47 -70.22 87.24
C ALA B 48 -11.34 -70.51 86.03
N ALA B 49 -11.34 -69.61 85.04
CA ALA B 49 -12.13 -69.77 83.83
C ALA B 49 -13.62 -69.96 84.17
N VAL B 50 -14.19 -68.93 84.78
CA VAL B 50 -15.59 -68.95 85.21
C VAL B 50 -16.49 -68.65 84.03
N SER B 51 -17.78 -68.89 84.18
CA SER B 51 -18.73 -68.64 83.09
C SER B 51 -19.83 -67.66 83.49
N THR B 52 -20.53 -67.90 84.59
CA THR B 52 -21.70 -67.13 84.92
C THR B 52 -21.59 -66.54 86.32
N ILE B 53 -22.43 -65.55 86.59
CA ILE B 53 -22.48 -64.85 87.86
C ILE B 53 -23.93 -64.48 88.14
N GLU B 54 -24.47 -64.96 89.26
CA GLU B 54 -25.80 -64.60 89.72
C GLU B 54 -25.68 -63.61 90.87
N ILE B 55 -26.67 -62.75 91.02
CA ILE B 55 -26.73 -61.82 92.15
C ILE B 55 -28.13 -61.94 92.74
N GLU B 56 -28.29 -62.83 93.72
CA GLU B 56 -29.52 -62.91 94.48
C GLU B 56 -29.50 -61.82 95.53
N ARG B 57 -30.65 -61.55 96.14
CA ARG B 57 -30.73 -60.48 97.14
C ARG B 57 -31.42 -61.02 98.38
N ALA B 58 -30.70 -61.00 99.50
CA ALA B 58 -31.23 -61.48 100.77
C ALA B 58 -32.07 -60.37 101.41
N ALA B 59 -32.45 -60.57 102.67
CA ALA B 59 -33.08 -59.49 103.41
C ALA B 59 -32.07 -58.37 103.68
N ASN B 60 -30.89 -58.74 104.20
CA ASN B 60 -29.84 -57.75 104.42
C ASN B 60 -28.47 -58.31 104.09
N ARG B 61 -28.37 -59.27 103.18
CA ARG B 61 -27.12 -59.92 102.88
C ARG B 61 -27.00 -60.12 101.37
N VAL B 62 -25.91 -60.74 100.95
CA VAL B 62 -25.59 -60.92 99.54
C VAL B 62 -25.38 -62.41 99.30
N ASN B 63 -26.31 -63.03 98.58
CA ASN B 63 -26.16 -64.40 98.14
C ASN B 63 -25.91 -64.38 96.64
N ILE B 64 -24.81 -64.98 96.21
CA ILE B 64 -24.48 -65.12 94.80
C ILE B 64 -24.10 -66.58 94.53
N SER B 65 -23.78 -66.87 93.27
CA SER B 65 -23.24 -68.17 92.92
C SER B 65 -22.41 -68.01 91.65
N ILE B 66 -21.57 -69.00 91.39
CA ILE B 66 -20.71 -69.01 90.21
C ILE B 66 -20.61 -70.44 89.68
N HIS B 67 -19.94 -70.56 88.55
CA HIS B 67 -19.67 -71.85 87.93
C HIS B 67 -18.34 -71.75 87.21
N THR B 68 -17.52 -72.78 87.33
CA THR B 68 -16.24 -72.81 86.63
C THR B 68 -15.80 -74.26 86.48
N ALA B 69 -14.97 -74.48 85.47
CA ALA B 69 -14.59 -75.85 85.11
C ALA B 69 -13.66 -76.50 86.12
N LYS B 70 -13.20 -75.76 87.12
CA LYS B 70 -12.27 -76.29 88.12
C LYS B 70 -12.73 -75.90 89.51
N PRO B 71 -13.48 -76.75 90.20
CA PRO B 71 -13.99 -76.38 91.52
C PRO B 71 -12.90 -76.30 92.56
N GLY B 72 -11.88 -77.14 92.47
CA GLY B 72 -10.84 -77.12 93.46
C GLY B 72 -10.04 -75.83 93.42
N MET B 73 -9.74 -75.34 92.22
CA MET B 73 -8.86 -74.18 92.10
C MET B 73 -9.50 -72.94 92.69
N VAL B 74 -10.82 -72.81 92.58
CA VAL B 74 -11.48 -71.61 93.06
C VAL B 74 -11.59 -71.63 94.58
N ILE B 75 -12.22 -72.66 95.13
CA ILE B 75 -12.39 -72.72 96.58
C ILE B 75 -11.04 -72.85 97.28
N GLY B 76 -10.01 -73.27 96.56
CA GLY B 76 -8.69 -73.35 97.11
C GLY B 76 -8.33 -74.74 97.60
N LYS B 77 -7.32 -74.78 98.46
CA LYS B 77 -6.86 -76.06 99.02
C LYS B 77 -7.84 -76.58 100.07
N GLY B 78 -7.99 -75.85 101.17
CA GLY B 78 -8.90 -76.24 102.22
C GLY B 78 -10.06 -75.27 102.35
N GLY B 79 -10.61 -74.85 101.21
CA GLY B 79 -11.66 -73.88 101.21
C GLY B 79 -11.26 -72.50 101.70
N SER B 80 -9.96 -72.26 101.91
CA SER B 80 -9.54 -70.99 102.46
C SER B 80 -9.68 -69.87 101.44
N GLU B 81 -9.56 -70.18 100.16
CA GLU B 81 -9.67 -69.16 99.13
C GLU B 81 -11.05 -68.52 99.14
N VAL B 82 -12.09 -69.35 99.26
CA VAL B 82 -13.45 -68.82 99.35
C VAL B 82 -13.58 -67.90 100.56
N GLU B 83 -12.77 -68.13 101.60
CA GLU B 83 -12.82 -67.24 102.74
C GLU B 83 -12.21 -65.89 102.40
N ASN B 84 -11.10 -65.90 101.67
CA ASN B 84 -10.54 -64.64 101.19
C ASN B 84 -11.55 -63.90 100.34
N LEU B 85 -12.30 -64.64 99.52
CA LEU B 85 -13.41 -64.05 98.80
C LEU B 85 -14.37 -63.36 99.76
N ARG B 86 -14.86 -64.08 100.76
CA ARG B 86 -15.84 -63.52 101.67
C ARG B 86 -15.35 -62.23 102.29
N LYS B 87 -14.10 -62.24 102.76
CA LYS B 87 -13.60 -61.09 103.49
C LYS B 87 -13.25 -59.91 102.59
N GLU B 88 -12.77 -60.16 101.37
CA GLU B 88 -12.61 -59.07 100.42
C GLU B 88 -13.94 -58.52 99.95
N LEU B 89 -14.94 -59.38 99.84
CA LEU B 89 -16.24 -58.98 99.32
C LEU B 89 -17.02 -58.13 100.30
N ASN B 90 -17.22 -58.65 101.52
CA ASN B 90 -17.97 -57.86 102.50
C ASN B 90 -17.28 -56.53 102.75
N LYS B 91 -15.95 -56.51 102.81
CA LYS B 91 -15.24 -55.25 102.89
C LYS B 91 -15.54 -54.37 101.68
N LEU B 92 -15.61 -54.98 100.50
CA LEU B 92 -16.01 -54.23 99.32
C LEU B 92 -17.48 -53.86 99.35
N THR B 93 -18.30 -54.58 100.11
CA THR B 93 -19.74 -54.38 100.08
C THR B 93 -20.26 -53.64 101.30
N GLY B 94 -19.70 -53.88 102.47
CA GLY B 94 -20.36 -53.42 103.67
C GLY B 94 -21.67 -54.15 103.89
N LYS B 95 -21.69 -55.44 103.57
CA LYS B 95 -22.89 -56.25 103.66
C LYS B 95 -22.48 -57.70 103.62
N ARG B 96 -23.00 -58.50 104.53
CA ARG B 96 -22.55 -59.88 104.68
C ARG B 96 -22.83 -60.67 103.40
N VAL B 97 -21.77 -61.22 102.81
CA VAL B 97 -21.83 -61.93 101.54
C VAL B 97 -21.84 -63.43 101.82
N HIS B 98 -22.70 -64.15 101.11
CA HIS B 98 -22.89 -65.59 101.31
C HIS B 98 -22.78 -66.26 99.94
N ILE B 99 -21.56 -66.56 99.54
CA ILE B 99 -21.30 -67.09 98.22
C ILE B 99 -21.64 -68.56 98.16
N ASN B 100 -21.69 -69.09 96.94
CA ASN B 100 -22.00 -70.49 96.70
C ASN B 100 -21.40 -70.88 95.36
N ILE B 101 -21.25 -72.18 95.14
CA ILE B 101 -20.55 -72.70 93.97
C ILE B 101 -21.27 -73.93 93.44
N VAL B 102 -21.37 -74.02 92.12
CA VAL B 102 -21.81 -75.22 91.43
C VAL B 102 -20.83 -75.47 90.29
N GLU B 103 -20.50 -76.73 90.06
CA GLU B 103 -19.59 -77.08 88.99
C GLU B 103 -20.30 -77.07 87.64
N ILE B 104 -19.63 -76.52 86.63
CA ILE B 104 -20.18 -76.56 85.28
C ILE B 104 -19.86 -77.89 84.63
N LYS B 105 -20.81 -78.43 83.86
CA LYS B 105 -20.65 -79.68 83.16
C LYS B 105 -20.53 -79.43 81.67
N LYS B 106 -19.82 -80.33 80.99
CA LYS B 106 -19.58 -80.23 79.56
C LYS B 106 -19.05 -78.85 79.22
N PRO B 107 -17.90 -78.45 79.76
CA PRO B 107 -17.43 -77.08 79.57
C PRO B 107 -16.93 -76.81 78.16
N ASP B 108 -17.15 -77.74 77.24
CA ASP B 108 -16.83 -77.47 75.86
C ASP B 108 -17.93 -76.64 75.20
N LEU B 109 -19.18 -77.00 75.47
CA LEU B 109 -20.33 -76.37 74.80
C LEU B 109 -20.72 -75.06 75.43
N ASP B 110 -19.86 -74.44 76.23
CA ASP B 110 -20.13 -73.09 76.69
C ASP B 110 -19.82 -72.14 75.53
N ALA B 111 -19.88 -70.86 75.78
CA ALA B 111 -19.44 -69.92 74.76
C ALA B 111 -18.32 -69.02 75.23
N LYS B 112 -18.46 -68.45 76.43
CA LYS B 112 -17.40 -67.58 76.94
C LYS B 112 -16.11 -68.35 77.16
N LEU B 113 -16.20 -69.61 77.58
CA LEU B 113 -15.00 -70.41 77.76
C LEU B 113 -14.29 -70.61 76.43
N VAL B 114 -15.04 -70.91 75.38
CA VAL B 114 -14.43 -71.17 74.08
C VAL B 114 -13.75 -69.92 73.55
N GLY B 115 -14.41 -68.78 73.66
CA GLY B 115 -13.79 -67.54 73.25
C GLY B 115 -12.55 -67.24 74.05
N GLU B 116 -12.61 -67.48 75.36
CA GLU B 116 -11.45 -67.35 76.22
C GLU B 116 -10.28 -68.18 75.68
N GLY B 117 -10.56 -69.43 75.32
CA GLY B 117 -9.51 -70.30 74.84
C GLY B 117 -8.92 -69.85 73.51
N ILE B 118 -9.77 -69.46 72.56
CA ILE B 118 -9.25 -69.12 71.25
C ILE B 118 -8.51 -67.79 71.31
N ALA B 119 -8.96 -66.86 72.14
CA ALA B 119 -8.18 -65.65 72.35
C ALA B 119 -6.84 -65.98 73.02
N ARG B 120 -6.84 -66.95 73.93
CA ARG B 120 -5.59 -67.39 74.52
C ARG B 120 -4.62 -67.86 73.45
N GLN B 121 -5.07 -68.78 72.59
CA GLN B 121 -4.20 -69.28 71.55
C GLN B 121 -3.74 -68.16 70.63
N LEU B 122 -4.64 -67.25 70.28
CA LEU B 122 -4.25 -66.13 69.44
C LEU B 122 -3.21 -65.24 70.12
N GLU B 123 -3.16 -65.26 71.45
CA GLU B 123 -2.12 -64.48 72.12
C GLU B 123 -0.74 -65.06 71.86
N ASN B 124 -0.62 -66.38 71.79
CA ASN B 124 0.65 -67.05 71.61
C ASN B 124 1.11 -67.12 70.17
N ARG B 125 0.55 -66.27 69.31
CA ARG B 125 0.95 -66.17 67.91
C ARG B 125 0.82 -67.52 67.19
N VAL B 126 -0.41 -68.05 67.20
CA VAL B 126 -0.74 -69.31 66.56
C VAL B 126 -1.70 -69.02 65.41
N ALA B 127 -1.78 -69.96 64.47
CA ALA B 127 -2.59 -69.75 63.27
C ALA B 127 -4.07 -69.75 63.63
N PHE B 128 -4.75 -68.66 63.29
CA PHE B 128 -6.15 -68.54 63.65
C PHE B 128 -6.98 -69.65 63.02
N ARG B 129 -6.62 -70.04 61.80
CA ARG B 129 -7.43 -71.01 61.07
C ARG B 129 -7.56 -72.32 61.84
N ARG B 130 -6.43 -72.92 62.19
CA ARG B 130 -6.49 -74.19 62.91
C ARG B 130 -7.09 -74.00 64.29
N ALA B 131 -6.96 -72.81 64.87
CA ALA B 131 -7.57 -72.55 66.17
C ALA B 131 -9.09 -72.67 66.08
N GLN B 132 -9.70 -71.90 65.17
CA GLN B 132 -11.13 -72.03 64.93
C GLN B 132 -11.50 -73.46 64.61
N LYS B 133 -10.74 -74.10 63.74
CA LYS B 133 -11.14 -75.42 63.28
C LYS B 133 -11.11 -76.44 64.40
N GLN B 134 -10.08 -76.43 65.24
CA GLN B 134 -10.05 -77.41 66.33
C GLN B 134 -11.02 -77.05 67.43
N ALA B 135 -11.31 -75.75 67.59
CA ALA B 135 -12.38 -75.36 68.50
C ALA B 135 -13.69 -76.00 68.09
N ILE B 136 -14.08 -75.84 66.83
CA ILE B 136 -15.35 -76.43 66.42
C ILE B 136 -15.24 -77.94 66.34
N GLN B 137 -14.03 -78.47 66.14
CA GLN B 137 -13.82 -79.91 66.26
C GLN B 137 -14.30 -80.41 67.61
N ARG B 138 -13.62 -79.96 68.67
CA ARG B 138 -13.96 -80.45 70.00
C ARG B 138 -15.35 -80.05 70.42
N ALA B 139 -15.90 -78.98 69.85
CA ALA B 139 -17.25 -78.58 70.22
C ALA B 139 -18.30 -79.50 69.62
N MET B 140 -18.35 -79.59 68.29
CA MET B 140 -19.35 -80.41 67.64
C MET B 140 -19.33 -81.83 68.15
N ARG B 141 -18.14 -82.40 68.29
CA ARG B 141 -18.01 -83.78 68.77
C ARG B 141 -18.47 -83.93 70.20
N ALA B 142 -18.59 -82.85 70.95
CA ALA B 142 -19.21 -82.91 72.26
C ALA B 142 -20.73 -82.98 72.16
N GLY B 143 -21.28 -82.79 70.98
CA GLY B 143 -22.71 -82.93 70.76
C GLY B 143 -23.41 -81.60 70.70
N ALA B 144 -23.66 -81.10 69.49
CA ALA B 144 -24.29 -79.80 69.32
C ALA B 144 -25.05 -79.80 68.01
N LYS B 145 -25.54 -78.62 67.62
CA LYS B 145 -26.33 -78.49 66.42
C LYS B 145 -25.76 -77.50 65.42
N GLY B 146 -24.80 -76.68 65.81
CA GLY B 146 -24.21 -75.73 64.90
C GLY B 146 -23.31 -74.75 65.58
N ILE B 147 -22.24 -74.33 64.92
CA ILE B 147 -21.31 -73.34 65.43
C ILE B 147 -20.88 -72.45 64.28
N LYS B 148 -20.81 -71.15 64.54
CA LYS B 148 -20.19 -70.21 63.64
C LYS B 148 -19.10 -69.48 64.40
N THR B 149 -18.06 -69.06 63.70
CA THR B 149 -16.97 -68.37 64.37
C THR B 149 -16.45 -67.27 63.46
N GLN B 150 -16.30 -66.07 64.02
CA GLN B 150 -15.89 -64.90 63.26
C GLN B 150 -14.62 -64.36 63.87
N VAL B 151 -13.74 -63.83 63.03
CA VAL B 151 -12.55 -63.15 63.49
C VAL B 151 -12.33 -61.94 62.59
N SER B 152 -11.84 -60.86 63.18
CA SER B 152 -11.72 -59.60 62.45
C SER B 152 -10.57 -58.80 63.02
N GLY B 153 -10.16 -57.79 62.28
CA GLY B 153 -9.11 -56.89 62.68
C GLY B 153 -7.86 -57.06 61.85
N ARG B 154 -6.74 -56.58 62.40
CA ARG B 154 -5.43 -56.75 61.75
C ARG B 154 -5.04 -58.21 61.91
N LEU B 155 -5.56 -59.03 61.00
CA LEU B 155 -5.32 -60.47 61.06
C LEU B 155 -3.89 -60.79 60.69
N ASN B 156 -3.35 -61.83 61.33
CA ASN B 156 -1.97 -62.27 61.14
C ASN B 156 -0.98 -61.14 61.32
N GLY B 157 -1.28 -60.21 62.22
CA GLY B 157 -0.43 -59.08 62.48
C GLY B 157 0.04 -58.43 61.20
N ALA B 158 -0.91 -58.11 60.33
CA ALA B 158 -0.60 -57.80 58.94
C ALA B 158 -1.35 -56.53 58.55
N ASP B 159 -1.42 -56.28 57.25
CA ASP B 159 -1.94 -55.02 56.73
C ASP B 159 -3.46 -55.00 56.80
N ILE B 160 -4.07 -54.14 55.99
CA ILE B 160 -5.44 -53.66 56.14
C ILE B 160 -6.37 -54.74 56.65
N ALA B 161 -7.18 -54.39 57.65
CA ALA B 161 -7.92 -55.38 58.41
C ALA B 161 -8.90 -56.15 57.52
N ARG B 162 -9.27 -57.33 57.99
CA ARG B 162 -10.16 -58.20 57.26
C ARG B 162 -11.04 -58.93 58.27
N SER B 163 -11.82 -59.89 57.78
CA SER B 163 -12.63 -60.72 58.64
C SER B 163 -13.14 -61.95 57.89
N GLU B 164 -12.99 -63.13 58.47
CA GLU B 164 -13.50 -64.34 57.84
C GLU B 164 -13.46 -65.48 58.85
N GLY B 165 -14.43 -66.39 58.73
CA GLY B 165 -14.56 -67.50 59.64
C GLY B 165 -15.32 -68.64 58.99
N TYR B 166 -15.39 -69.76 59.70
CA TYR B 166 -15.92 -71.00 59.15
C TYR B 166 -16.95 -71.58 60.10
N SER B 167 -17.90 -72.32 59.54
CA SER B 167 -19.01 -72.84 60.31
C SER B 167 -19.40 -74.24 59.84
N GLU B 168 -19.73 -75.09 60.80
CA GLU B 168 -20.31 -76.39 60.55
C GLU B 168 -21.59 -76.50 61.35
N GLY B 169 -22.29 -77.61 61.18
CA GLY B 169 -23.61 -77.63 61.77
C GLY B 169 -24.51 -76.62 61.09
N THR B 170 -25.57 -76.24 61.79
CA THR B 170 -26.53 -75.29 61.24
C THR B 170 -27.18 -74.54 62.39
N VAL B 171 -27.19 -73.21 62.28
CA VAL B 171 -27.68 -72.37 63.36
C VAL B 171 -28.75 -71.42 62.83
N PRO B 172 -30.03 -71.65 63.14
CA PRO B 172 -31.07 -70.69 62.75
C PRO B 172 -31.04 -69.51 63.70
N LEU B 173 -31.15 -68.31 63.15
CA LEU B 173 -31.02 -67.15 64.02
C LEU B 173 -32.35 -66.44 64.23
N HIS B 174 -33.08 -66.13 63.15
CA HIS B 174 -34.31 -65.38 63.31
C HIS B 174 -35.37 -66.13 64.10
N THR B 175 -35.27 -67.44 64.23
CA THR B 175 -36.21 -68.12 65.09
C THR B 175 -35.93 -67.76 66.54
N LEU B 176 -36.98 -67.85 67.36
CA LEU B 176 -36.88 -67.43 68.75
C LEU B 176 -36.59 -68.56 69.70
N ARG B 177 -37.29 -69.68 69.58
CA ARG B 177 -37.00 -70.85 70.42
C ARG B 177 -35.67 -71.41 69.96
N ALA B 178 -34.61 -70.81 70.46
CA ALA B 178 -33.26 -71.08 69.96
C ALA B 178 -32.26 -71.43 71.05
N ASP B 179 -32.34 -70.79 72.22
CA ASP B 179 -31.42 -71.03 73.33
C ASP B 179 -29.96 -70.95 72.88
N ILE B 180 -29.71 -70.13 71.90
CA ILE B 180 -28.37 -69.99 71.36
C ILE B 180 -27.57 -69.03 72.22
N ASP B 181 -26.32 -69.36 72.48
CA ASP B 181 -25.47 -68.51 73.29
C ASP B 181 -24.60 -67.64 72.39
N TYR B 182 -23.73 -66.87 73.02
CA TYR B 182 -22.97 -65.87 72.29
C TYR B 182 -21.91 -65.32 73.21
N ALA B 183 -20.72 -65.07 72.66
CA ALA B 183 -19.61 -64.57 73.43
C ALA B 183 -18.66 -63.82 72.51
N TRP B 184 -18.08 -62.74 73.02
CA TRP B 184 -17.22 -61.87 72.23
C TRP B 184 -16.03 -61.45 73.08
N GLU B 185 -14.82 -61.69 72.58
CA GLU B 185 -13.59 -61.49 73.33
C GLU B 185 -12.64 -60.59 72.54
N GLU B 186 -11.44 -60.43 73.07
CA GLU B 186 -10.45 -59.55 72.45
C GLU B 186 -9.05 -60.02 72.83
N ALA B 187 -8.09 -59.72 71.94
CA ALA B 187 -6.68 -60.00 72.17
C ALA B 187 -5.86 -59.27 71.11
N ASP B 188 -4.55 -59.19 71.36
CA ASP B 188 -3.57 -58.76 70.37
C ASP B 188 -2.17 -59.02 70.91
N THR B 189 -1.25 -59.32 70.00
CA THR B 189 0.16 -59.36 70.38
C THR B 189 0.75 -57.95 70.37
N THR B 190 0.82 -57.34 69.20
CA THR B 190 1.34 -55.99 69.11
C THR B 190 0.61 -55.11 68.11
N TYR B 191 -0.39 -55.62 67.43
CA TYR B 191 -1.09 -54.85 66.43
C TYR B 191 -2.47 -54.54 67.01
N GLY B 192 -2.54 -53.48 67.80
CA GLY B 192 -3.81 -52.98 68.29
C GLY B 192 -4.61 -53.96 69.11
N LYS B 193 -5.66 -54.51 68.50
CA LYS B 193 -6.57 -55.39 69.21
C LYS B 193 -7.39 -56.17 68.21
N LEU B 194 -7.50 -57.48 68.39
CA LEU B 194 -8.22 -58.31 67.45
C LEU B 194 -9.65 -58.51 67.90
N GLY B 195 -10.42 -59.24 67.11
CA GLY B 195 -11.81 -59.48 67.45
C GLY B 195 -12.31 -60.86 67.08
N VAL B 196 -12.85 -61.59 68.06
CA VAL B 196 -13.44 -62.90 67.83
C VAL B 196 -14.82 -62.94 68.47
N LYS B 197 -15.77 -63.55 67.77
CA LYS B 197 -17.14 -63.68 68.24
C LYS B 197 -17.65 -65.05 67.87
N VAL B 198 -18.30 -65.71 68.82
CA VAL B 198 -18.65 -67.11 68.68
C VAL B 198 -20.13 -67.30 68.98
N TRP B 199 -20.76 -68.21 68.26
CA TRP B 199 -22.17 -68.52 68.43
C TRP B 199 -22.35 -70.02 68.39
N ILE B 200 -23.17 -70.54 69.30
CA ILE B 200 -23.48 -71.97 69.35
C ILE B 200 -24.98 -72.14 69.21
N TYR B 201 -25.45 -73.38 69.22
CA TYR B 201 -26.88 -73.64 69.25
C TYR B 201 -27.08 -75.05 69.75
N ARG B 202 -27.79 -75.19 70.87
CA ARG B 202 -27.86 -76.45 71.59
C ARG B 202 -29.29 -76.78 71.97
N GLY B 203 -30.22 -76.62 71.05
CA GLY B 203 -31.60 -76.96 71.32
C GLY B 203 -32.52 -75.77 71.28
N GLU B 204 -33.77 -75.98 70.90
CA GLU B 204 -34.70 -74.89 70.66
C GLU B 204 -35.15 -74.20 71.95
N SER C 1 42.43 -71.28 47.71
CA SER C 1 41.98 -71.59 49.07
C SER C 1 41.77 -73.06 49.22
N ARG C 2 41.89 -73.57 50.44
CA ARG C 2 41.67 -74.99 50.69
C ARG C 2 40.56 -75.27 51.69
N TYR C 3 40.61 -74.66 52.87
CA TYR C 3 39.69 -75.01 53.94
C TYR C 3 39.77 -73.98 55.06
N THR C 4 38.62 -73.46 55.46
CA THR C 4 38.59 -72.58 56.62
C THR C 4 37.47 -73.00 57.57
N GLY C 5 36.36 -73.47 57.00
CA GLY C 5 35.15 -73.73 57.75
C GLY C 5 35.38 -74.61 58.95
N PRO C 6 34.77 -74.26 60.08
CA PRO C 6 34.92 -75.06 61.29
C PRO C 6 34.22 -76.42 61.26
N SER C 7 33.86 -76.94 60.10
CA SER C 7 33.56 -78.35 59.92
C SER C 7 32.32 -78.83 60.66
N TRP C 8 31.74 -77.97 61.51
CA TRP C 8 30.40 -78.26 61.99
C TRP C 8 29.37 -77.70 61.03
N LYS C 9 29.54 -76.45 60.65
CA LYS C 9 28.56 -75.77 59.80
C LYS C 9 28.31 -76.56 58.53
N VAL C 10 29.37 -77.06 57.91
CA VAL C 10 29.18 -77.95 56.78
C VAL C 10 28.45 -79.21 57.22
N SER C 11 28.88 -79.79 58.33
CA SER C 11 28.21 -81.00 58.82
C SER C 11 26.78 -80.69 59.25
N ARG C 12 26.60 -79.62 60.01
CA ARG C 12 25.29 -79.29 60.55
C ARG C 12 24.30 -78.96 59.43
N ARG C 13 24.77 -78.27 58.39
CA ARG C 13 23.86 -77.76 57.37
C ARG C 13 23.21 -78.89 56.58
N LEU C 14 24.02 -79.65 55.84
CA LEU C 14 23.45 -80.67 54.96
C LEU C 14 22.91 -81.84 55.77
N GLY C 15 23.50 -82.10 56.92
CA GLY C 15 22.92 -83.08 57.83
C GLY C 15 23.49 -84.47 57.72
N ILE C 16 24.75 -84.58 57.30
CA ILE C 16 25.45 -85.85 57.28
C ILE C 16 26.71 -85.69 58.12
N SER C 17 27.09 -86.76 58.82
CA SER C 17 28.21 -86.75 59.75
C SER C 17 29.38 -85.91 59.26
N LEU C 18 29.93 -86.27 58.10
CA LEU C 18 30.90 -85.46 57.37
C LEU C 18 32.05 -85.00 58.26
N SER C 19 32.84 -85.96 58.74
CA SER C 19 32.64 -87.38 58.50
C SER C 19 33.00 -88.15 59.75
N GLY C 20 32.75 -87.53 60.90
CA GLY C 20 33.03 -88.21 62.16
C GLY C 20 32.23 -89.48 62.37
N THR C 21 31.22 -89.72 61.52
CA THR C 21 30.37 -90.91 61.52
C THR C 21 29.55 -90.99 62.79
N GLY C 22 29.83 -90.11 63.73
CA GLY C 22 28.97 -89.85 64.85
C GLY C 22 28.88 -88.35 64.99
N LYS C 23 27.70 -87.79 64.75
CA LYS C 23 27.57 -86.35 64.76
C LYS C 23 27.88 -85.79 66.13
N GLU C 24 28.10 -84.48 66.17
CA GLU C 24 28.25 -83.73 67.41
C GLU C 24 26.93 -83.07 67.78
N LEU C 25 25.87 -83.85 67.57
CA LEU C 25 24.50 -83.38 67.45
C LEU C 25 23.93 -82.87 68.77
N ALA C 26 24.07 -81.56 69.03
CA ALA C 26 23.45 -80.93 70.19
C ALA C 26 22.44 -79.86 69.80
N ARG C 27 22.85 -78.85 69.05
CA ARG C 27 21.94 -77.96 68.34
C ARG C 27 22.01 -78.19 66.85
N ARG C 28 22.77 -79.18 66.44
CA ARG C 28 22.96 -79.61 65.06
C ARG C 28 21.70 -80.07 64.34
N PRO C 29 20.60 -80.50 65.03
CA PRO C 29 19.37 -80.83 64.29
C PRO C 29 19.03 -79.82 63.21
N TYR C 30 19.00 -78.54 63.55
CA TYR C 30 18.66 -77.52 62.57
C TYR C 30 19.93 -76.89 62.00
N LYS C 31 19.80 -76.35 60.80
CA LYS C 31 20.91 -75.80 60.06
C LYS C 31 21.53 -74.61 60.79
N PRO C 32 22.73 -74.20 60.39
CA PRO C 32 23.31 -73.00 61.00
C PRO C 32 22.50 -71.77 60.66
N GLY C 33 22.89 -70.66 61.26
CA GLY C 33 22.26 -69.39 61.01
C GLY C 33 21.17 -69.06 62.00
N GLN C 34 21.02 -67.77 62.31
CA GLN C 34 19.98 -67.35 63.24
C GLN C 34 18.60 -67.76 62.73
N HIS C 35 18.44 -67.89 61.41
CA HIS C 35 17.24 -68.44 60.82
C HIS C 35 17.32 -69.94 60.65
N GLY C 36 18.08 -70.61 61.51
CA GLY C 36 18.14 -72.05 61.55
C GLY C 36 17.12 -72.69 62.48
N PRO C 37 16.96 -72.17 63.71
CA PRO C 37 16.06 -72.84 64.66
C PRO C 37 14.58 -72.68 64.34
N ASN C 38 14.27 -72.22 63.12
CA ASN C 38 12.90 -72.21 62.63
C ASN C 38 12.91 -72.65 61.18
N SER C 39 12.00 -73.55 60.82
CA SER C 39 11.92 -74.03 59.46
C SER C 39 11.50 -72.89 58.52
N ARG C 40 11.41 -73.21 57.23
CA ARG C 40 11.05 -72.24 56.21
C ARG C 40 10.27 -72.98 55.13
N GLY C 41 10.15 -72.35 53.95
CA GLY C 41 9.49 -73.00 52.84
C GLY C 41 10.15 -74.29 52.39
N LYS C 42 9.60 -74.92 51.37
CA LYS C 42 10.18 -76.14 50.86
C LYS C 42 11.41 -75.82 50.01
N VAL C 43 12.23 -76.85 49.81
CA VAL C 43 13.46 -76.72 49.04
C VAL C 43 13.12 -77.01 47.58
N SER C 44 13.53 -76.09 46.69
CA SER C 44 13.24 -76.25 45.28
C SER C 44 13.92 -77.50 44.72
N GLU C 45 13.50 -77.89 43.52
CA GLU C 45 14.16 -78.98 42.82
C GLU C 45 15.64 -78.70 42.63
N TYR C 46 15.93 -77.55 42.01
CA TYR C 46 17.31 -77.07 41.91
C TYR C 46 18.01 -77.14 43.25
N GLY C 47 17.34 -76.69 44.30
CA GLY C 47 17.92 -76.77 45.62
C GLY C 47 18.30 -78.17 46.01
N MET C 48 17.49 -79.16 45.61
CA MET C 48 17.77 -80.54 46.02
C MET C 48 19.07 -81.03 45.40
N GLN C 49 19.21 -80.89 44.09
CA GLN C 49 20.43 -81.31 43.44
C GLN C 49 21.64 -80.51 43.92
N LEU C 50 21.42 -79.23 44.27
CA LEU C 50 22.53 -78.46 44.80
C LEU C 50 22.99 -79.00 46.14
N THR C 51 22.04 -79.30 47.03
CA THR C 51 22.38 -79.96 48.28
C THR C 51 23.18 -81.21 48.01
N GLU C 52 22.72 -82.01 47.06
CA GLU C 52 23.41 -83.26 46.72
C GLU C 52 24.86 -82.99 46.36
N LYS C 53 25.09 -82.13 45.37
CA LYS C 53 26.45 -81.88 44.92
C LYS C 53 27.31 -81.33 46.05
N GLN C 54 26.90 -80.19 46.62
CA GLN C 54 27.67 -79.58 47.69
C GLN C 54 27.97 -80.55 48.82
N LYS C 55 27.08 -81.52 49.06
CA LYS C 55 27.36 -82.50 50.08
C LYS C 55 28.42 -83.47 49.61
N LEU C 56 28.37 -83.86 48.35
CA LEU C 56 29.39 -84.77 47.85
C LEU C 56 30.76 -84.13 47.91
N ARG C 57 30.83 -82.82 47.71
CA ARG C 57 32.14 -82.18 47.60
C ARG C 57 32.85 -82.12 48.95
N HIS C 58 32.26 -81.41 49.92
CA HIS C 58 32.95 -81.11 51.16
C HIS C 58 33.46 -82.35 51.86
N MET C 59 32.92 -83.52 51.56
CA MET C 59 33.46 -84.75 52.13
C MET C 59 34.90 -84.99 51.73
N TYR C 60 35.43 -84.20 50.80
CA TYR C 60 36.78 -84.41 50.29
C TYR C 60 37.63 -83.16 50.24
N GLY C 61 37.04 -81.97 50.26
CA GLY C 61 37.81 -80.75 50.19
C GLY C 61 38.46 -80.52 48.83
N MET C 62 37.66 -80.26 47.81
CA MET C 62 38.17 -79.99 46.48
C MET C 62 37.60 -78.68 45.97
N ASN C 63 38.21 -78.17 44.91
CA ASN C 63 37.77 -76.92 44.30
C ASN C 63 36.49 -77.16 43.50
N GLU C 64 36.08 -76.16 42.74
CA GLU C 64 35.08 -76.40 41.72
C GLU C 64 35.67 -76.53 40.34
N ARG C 65 36.72 -75.76 40.03
CA ARG C 65 37.40 -75.93 38.76
C ARG C 65 37.98 -77.32 38.58
N GLN C 66 37.89 -78.16 39.61
CA GLN C 66 38.48 -79.50 39.60
C GLN C 66 37.44 -80.61 39.67
N PHE C 67 36.39 -80.42 40.48
CA PHE C 67 35.29 -81.38 40.51
C PHE C 67 34.76 -81.64 39.11
N ARG C 68 34.64 -80.58 38.32
CA ARG C 68 34.12 -80.71 36.96
C ARG C 68 35.01 -81.63 36.13
N THR C 69 36.32 -81.35 36.12
CA THR C 69 37.23 -82.15 35.32
C THR C 69 37.22 -83.60 35.78
N LEU C 70 37.23 -83.82 37.10
CA LEU C 70 37.11 -85.17 37.61
C LEU C 70 35.88 -85.84 37.01
N PHE C 71 34.73 -85.17 37.09
CA PHE C 71 33.50 -85.70 36.53
C PHE C 71 33.68 -86.09 35.09
N ILE C 72 34.21 -85.17 34.27
CA ILE C 72 34.31 -85.44 32.85
C ILE C 72 35.33 -86.53 32.56
N LYS C 73 36.31 -86.70 33.43
CA LYS C 73 37.22 -87.82 33.24
C LYS C 73 36.47 -89.14 33.27
N ALA C 74 35.51 -89.28 34.18
CA ALA C 74 34.81 -90.55 34.32
C ALA C 74 33.83 -90.80 33.19
N SER C 75 33.48 -89.78 32.42
CA SER C 75 32.41 -89.89 31.45
C SER C 75 32.77 -90.75 30.26
N LYS C 76 33.89 -91.46 30.29
CA LYS C 76 34.38 -92.15 29.12
C LYS C 76 34.69 -93.62 29.37
N ILE C 77 34.54 -94.11 30.60
CA ILE C 77 34.86 -95.50 30.91
C ILE C 77 34.14 -96.46 29.97
N LYS C 78 32.95 -96.07 29.51
CA LYS C 78 32.11 -96.86 28.60
C LYS C 78 31.54 -98.10 29.26
N GLU C 79 31.64 -98.21 30.58
CA GLU C 79 31.04 -99.33 31.30
C GLU C 79 30.47 -98.85 32.62
N GLY C 80 29.21 -99.18 32.87
CA GLY C 80 28.62 -98.95 34.17
C GLY C 80 27.88 -97.64 34.29
N LYS C 81 27.48 -97.35 35.52
CA LYS C 81 26.73 -96.17 35.86
C LYS C 81 27.69 -94.99 36.01
N HIS C 82 27.53 -93.99 35.15
CA HIS C 82 28.41 -92.82 35.16
C HIS C 82 28.62 -92.30 36.56
N GLY C 83 27.55 -92.22 37.35
CA GLY C 83 27.70 -91.74 38.71
C GLY C 83 28.47 -92.72 39.56
N VAL C 84 28.26 -94.01 39.34
CA VAL C 84 28.97 -95.02 40.11
C VAL C 84 30.45 -95.02 39.76
N ASN C 85 30.77 -94.96 38.48
CA ASN C 85 32.17 -94.97 38.09
C ASN C 85 32.88 -93.69 38.52
N PHE C 86 32.18 -92.56 38.44
CA PHE C 86 32.71 -91.34 39.04
C PHE C 86 33.02 -91.55 40.50
N MET C 87 32.02 -92.00 41.27
CA MET C 87 32.22 -92.24 42.70
C MET C 87 33.43 -93.13 42.95
N VAL C 88 33.56 -94.20 42.19
CA VAL C 88 34.75 -95.05 42.27
C VAL C 88 36.00 -94.21 42.10
N LEU C 89 36.12 -93.55 40.94
CA LEU C 89 37.27 -92.72 40.66
C LEU C 89 37.51 -91.70 41.75
N LEU C 90 36.46 -91.29 42.45
CA LEU C 90 36.65 -90.32 43.52
C LEU C 90 37.38 -90.91 44.71
N GLU C 91 37.40 -92.23 44.83
CA GLU C 91 37.97 -92.88 46.00
C GLU C 91 39.43 -93.27 45.80
N GLN C 92 39.95 -93.20 44.58
CA GLN C 92 41.33 -93.56 44.34
C GLN C 92 42.29 -92.41 44.55
N ARG C 93 41.81 -91.24 44.97
CA ARG C 93 42.70 -90.15 45.28
C ARG C 93 43.49 -90.49 46.54
N LEU C 94 44.70 -89.91 46.64
CA LEU C 94 45.64 -90.37 47.65
C LEU C 94 45.09 -90.16 49.05
N ASP C 95 44.76 -88.92 49.40
CA ASP C 95 44.35 -88.60 50.77
C ASP C 95 43.23 -89.51 51.23
N ASN C 96 42.33 -89.86 50.31
CA ASN C 96 41.28 -90.81 50.64
C ASN C 96 41.89 -92.12 51.16
N VAL C 97 42.79 -92.70 50.39
CA VAL C 97 43.40 -93.97 50.78
C VAL C 97 44.08 -93.83 52.13
N VAL C 98 44.88 -92.77 52.29
CA VAL C 98 45.53 -92.50 53.56
C VAL C 98 44.52 -92.53 54.69
N TYR C 99 43.41 -91.82 54.52
CA TYR C 99 42.34 -91.85 55.52
C TYR C 99 41.72 -93.23 55.61
N ARG C 100 41.42 -93.83 54.45
CA ARG C 100 40.90 -95.19 54.46
C ARG C 100 41.90 -96.16 55.04
N LEU C 101 43.19 -95.87 54.90
CA LEU C 101 44.20 -96.68 55.54
C LEU C 101 44.32 -96.39 57.03
N GLY C 102 43.50 -95.47 57.55
CA GLY C 102 43.49 -95.22 58.97
C GLY C 102 44.73 -94.58 59.52
N LEU C 103 45.56 -93.97 58.67
CA LEU C 103 46.73 -93.29 59.18
C LEU C 103 46.41 -91.92 59.76
N ALA C 104 45.14 -91.53 59.76
CA ALA C 104 44.70 -90.27 60.31
C ALA C 104 43.18 -90.29 60.36
N THR C 105 42.62 -89.70 61.41
CA THR C 105 41.19 -89.75 61.64
C THR C 105 40.43 -88.64 60.94
N THR C 106 41.05 -87.92 60.02
CA THR C 106 40.36 -86.88 59.28
C THR C 106 41.05 -86.68 57.94
N ARG C 107 40.25 -86.28 56.94
CA ARG C 107 40.83 -85.94 55.65
C ARG C 107 41.81 -84.78 55.80
N ARG C 108 41.58 -83.88 56.76
CA ARG C 108 42.52 -82.78 56.96
C ARG C 108 43.86 -83.29 57.47
N GLN C 109 43.85 -84.15 58.48
CA GLN C 109 45.09 -84.71 58.98
C GLN C 109 45.79 -85.50 57.89
N ALA C 110 45.01 -86.20 57.05
CA ALA C 110 45.61 -86.92 55.94
C ALA C 110 46.24 -85.96 54.94
N ARG C 111 45.61 -84.81 54.72
CA ARG C 111 46.20 -83.80 53.85
C ARG C 111 47.52 -83.32 54.41
N GLN C 112 47.56 -83.03 55.70
CA GLN C 112 48.82 -82.62 56.32
C GLN C 112 49.89 -83.68 56.10
N LEU C 113 49.56 -84.94 56.37
CA LEU C 113 50.55 -86.00 56.23
C LEU C 113 51.06 -86.08 54.81
N VAL C 114 50.16 -86.38 53.86
CA VAL C 114 50.57 -86.56 52.47
C VAL C 114 51.06 -85.27 51.83
N ASN C 115 50.89 -84.13 52.50
CA ASN C 115 51.20 -82.85 51.91
C ASN C 115 52.50 -82.24 52.42
N HIS C 116 52.96 -82.66 53.60
CA HIS C 116 54.28 -82.29 54.06
C HIS C 116 55.29 -83.41 53.86
N GLY C 117 55.11 -84.20 52.80
CA GLY C 117 56.08 -85.19 52.37
C GLY C 117 56.24 -86.39 53.28
N HIS C 118 55.28 -86.62 54.18
CA HIS C 118 55.54 -87.60 55.22
C HIS C 118 55.42 -89.03 54.76
N ILE C 119 54.84 -89.31 53.59
CA ILE C 119 54.72 -90.69 53.15
C ILE C 119 55.09 -90.78 51.67
N THR C 120 54.92 -91.98 51.12
CA THR C 120 55.38 -92.30 49.80
C THR C 120 54.56 -93.44 49.22
N VAL C 121 54.86 -93.79 47.97
CA VAL C 121 54.25 -94.92 47.29
C VAL C 121 55.35 -95.65 46.55
N ASP C 122 55.34 -96.98 46.63
CA ASP C 122 56.32 -97.81 45.94
C ASP C 122 57.75 -97.51 46.37
N GLY C 123 57.93 -96.61 47.34
CA GLY C 123 59.24 -96.24 47.79
C GLY C 123 59.60 -94.79 47.54
N LYS C 124 59.26 -94.25 46.38
CA LYS C 124 59.63 -92.89 46.04
C LYS C 124 58.66 -91.90 46.66
N ARG C 125 59.21 -90.77 47.09
CA ARG C 125 58.40 -89.76 47.77
C ARG C 125 57.47 -89.07 46.79
N VAL C 126 56.20 -88.97 47.17
CA VAL C 126 55.19 -88.24 46.40
C VAL C 126 54.32 -87.48 47.38
N ASP C 127 53.95 -86.26 46.99
CA ASP C 127 53.32 -85.36 47.93
C ASP C 127 52.04 -84.70 47.43
N ILE C 128 51.83 -84.58 46.12
CA ILE C 128 50.64 -83.88 45.66
C ILE C 128 49.40 -84.65 46.08
N PRO C 129 48.46 -84.04 46.79
CA PRO C 129 47.37 -84.81 47.39
C PRO C 129 46.48 -85.50 46.37
N SER C 130 46.26 -84.89 45.22
CA SER C 130 45.31 -85.44 44.26
C SER C 130 45.89 -86.52 43.39
N TYR C 131 47.02 -87.11 43.78
CA TYR C 131 47.63 -88.14 42.97
C TYR C 131 46.61 -89.23 42.67
N HIS C 132 46.69 -89.80 41.48
CA HIS C 132 45.78 -90.87 41.08
C HIS C 132 46.38 -92.20 41.50
N VAL C 133 46.02 -92.66 42.69
CA VAL C 133 46.53 -93.93 43.20
C VAL C 133 45.89 -95.06 42.42
N GLU C 134 46.71 -95.87 41.78
CA GLU C 134 46.20 -96.97 40.99
C GLU C 134 45.95 -98.18 41.87
N VAL C 135 45.56 -99.29 41.25
CA VAL C 135 45.29 -100.53 41.97
C VAL C 135 46.58 -101.33 42.03
N GLY C 136 46.92 -101.81 43.22
CA GLY C 136 48.09 -102.64 43.38
C GLY C 136 49.39 -101.88 43.53
N GLN C 137 49.37 -100.69 44.11
CA GLN C 137 50.56 -99.95 44.46
C GLN C 137 50.65 -99.91 45.97
N VAL C 138 51.70 -100.51 46.52
CA VAL C 138 51.83 -100.65 47.96
C VAL C 138 52.34 -99.35 48.56
N ILE C 139 51.43 -98.55 49.11
CA ILE C 139 51.83 -97.28 49.68
C ILE C 139 52.69 -97.52 50.91
N GLY C 140 53.84 -96.86 50.96
CA GLY C 140 54.71 -96.91 52.11
C GLY C 140 54.46 -95.77 53.07
N VAL C 141 55.40 -95.60 54.01
CA VAL C 141 55.26 -94.61 55.07
C VAL C 141 56.48 -93.72 55.24
N ARG C 142 57.53 -93.92 54.44
CA ARG C 142 58.70 -93.06 54.45
C ARG C 142 59.30 -92.99 55.86
N GLU C 143 59.75 -94.15 56.31
CA GLU C 143 60.03 -94.40 57.72
C GLU C 143 61.25 -93.70 58.23
N LYS C 144 61.81 -92.72 57.51
CA LYS C 144 62.84 -91.86 58.08
C LYS C 144 62.44 -91.35 59.46
N SER C 145 61.25 -90.77 59.56
CA SER C 145 60.77 -90.18 60.80
C SER C 145 59.32 -90.58 61.04
N GLN C 146 59.05 -91.87 60.98
CA GLN C 146 57.72 -92.39 61.25
C GLN C 146 57.45 -92.62 62.73
N ASN C 147 58.21 -91.97 63.62
CA ASN C 147 58.02 -92.13 65.05
C ASN C 147 57.21 -91.00 65.66
N ILE C 148 56.27 -90.43 64.92
CA ILE C 148 55.41 -89.39 65.48
C ILE C 148 54.27 -90.05 66.23
N SER C 149 53.87 -89.43 67.35
CA SER C 149 52.83 -90.00 68.18
C SER C 149 51.54 -90.24 67.38
N THR C 150 51.07 -89.20 66.70
CA THR C 150 49.83 -89.33 65.95
C THR C 150 49.89 -90.47 64.95
N ILE C 151 51.05 -90.67 64.34
CA ILE C 151 51.20 -91.75 63.36
C ILE C 151 50.83 -93.08 63.99
N LYS C 152 51.46 -93.41 65.12
CA LYS C 152 51.20 -94.70 65.74
C LYS C 152 49.86 -94.71 66.45
N GLU C 153 49.47 -93.57 67.02
CA GLU C 153 48.19 -93.48 67.71
C GLU C 153 47.05 -93.83 66.78
N ALA C 154 46.97 -93.15 65.63
CA ALA C 154 45.87 -93.39 64.70
C ALA C 154 45.87 -94.82 64.20
N VAL C 155 47.03 -95.44 64.05
CA VAL C 155 47.06 -96.83 63.66
C VAL C 155 46.49 -97.69 64.78
N GLU C 156 46.57 -97.23 66.02
CA GLU C 156 46.01 -98.02 67.11
C GLU C 156 44.49 -98.04 67.09
N ALA C 157 43.84 -97.25 66.23
CA ALA C 157 42.39 -97.28 66.12
C ALA C 157 41.97 -98.19 64.97
N THR C 158 42.29 -99.48 65.14
CA THR C 158 42.00 -100.48 64.13
C THR C 158 40.53 -100.88 64.16
N VAL C 159 39.63 -99.91 64.05
CA VAL C 159 38.21 -100.18 64.19
C VAL C 159 37.72 -101.08 63.05
N GLY C 160 38.01 -100.69 61.82
CA GLY C 160 37.55 -101.43 60.67
C GLY C 160 38.47 -101.27 59.48
N ARG C 161 38.30 -102.17 58.51
CA ARG C 161 38.96 -102.11 57.22
C ARG C 161 37.98 -102.58 56.17
N PRO C 162 37.58 -101.73 55.24
CA PRO C 162 36.71 -102.19 54.15
C PRO C 162 37.31 -103.39 53.42
N ALA C 163 36.45 -104.09 52.69
CA ALA C 163 36.83 -105.35 52.06
C ALA C 163 37.69 -105.17 50.84
N PHE C 164 38.23 -103.97 50.59
CA PHE C 164 39.15 -103.76 49.48
C PHE C 164 40.47 -103.16 49.96
N VAL C 165 40.76 -103.25 51.25
CA VAL C 165 41.96 -102.66 51.84
C VAL C 165 42.66 -103.72 52.69
N SER C 166 43.92 -104.00 52.38
CA SER C 166 44.74 -104.91 53.17
C SER C 166 45.98 -104.15 53.65
N PHE C 167 46.28 -104.28 54.94
CA PHE C 167 47.21 -103.35 55.57
C PHE C 167 47.71 -103.95 56.87
N ASP C 168 49.03 -103.89 57.08
CA ASP C 168 49.66 -104.40 58.28
C ASP C 168 49.95 -103.27 59.24
N THR C 169 50.09 -103.64 60.52
CA THR C 169 50.36 -102.65 61.56
C THR C 169 51.84 -102.44 61.83
N GLU C 170 52.69 -103.39 61.44
CA GLU C 170 54.09 -103.32 61.82
C GLU C 170 54.88 -102.37 60.93
N LYS C 171 54.97 -102.68 59.64
CA LYS C 171 55.64 -101.79 58.71
C LYS C 171 54.71 -100.72 58.16
N LEU C 172 53.49 -100.61 58.72
CA LEU C 172 52.52 -99.60 58.32
C LEU C 172 52.24 -99.65 56.83
N GLU C 173 52.31 -100.84 56.24
CA GLU C 173 52.09 -101.00 54.81
C GLU C 173 50.61 -101.25 54.55
N GLY C 174 50.08 -100.59 53.52
CA GLY C 174 48.75 -100.84 53.03
C GLY C 174 48.76 -101.04 51.52
N SER C 175 47.61 -101.40 50.99
CA SER C 175 47.46 -101.58 49.55
C SER C 175 45.99 -101.48 49.21
N PHE C 176 45.63 -101.92 48.01
CA PHE C 176 44.26 -101.85 47.52
C PHE C 176 43.94 -103.18 46.88
N THR C 177 42.90 -103.85 47.37
CA THR C 177 42.59 -105.18 46.85
C THR C 177 42.00 -105.08 45.45
N ARG C 178 40.85 -104.43 45.31
CA ARG C 178 40.18 -104.34 44.02
C ARG C 178 39.48 -102.99 43.92
N LEU C 179 38.67 -102.83 42.89
CA LEU C 179 37.89 -101.62 42.73
C LEU C 179 36.69 -101.65 43.66
N PRO C 180 36.42 -100.58 44.38
CA PRO C 180 35.25 -100.57 45.27
C PRO C 180 33.94 -100.54 44.51
N GLU C 181 32.83 -100.43 45.21
CA GLU C 181 31.53 -100.36 44.54
C GLU C 181 30.53 -99.67 45.45
N ARG C 182 29.37 -99.35 44.88
CA ARG C 182 28.40 -98.46 45.53
C ARG C 182 27.99 -98.97 46.90
N ASP C 183 27.58 -100.24 46.97
CA ASP C 183 26.93 -100.77 48.16
C ASP C 183 27.78 -100.61 49.41
N GLU C 184 29.10 -100.61 49.26
CA GLU C 184 30.00 -100.48 50.38
C GLU C 184 30.64 -99.10 50.48
N LEU C 185 30.33 -98.20 49.54
CA LEU C 185 31.08 -96.96 49.41
C LEU C 185 30.25 -95.79 49.90
N TYR C 186 30.44 -95.48 51.17
CA TYR C 186 29.91 -94.28 51.80
C TYR C 186 28.44 -94.08 51.46
N PRO C 187 27.55 -94.92 51.95
CA PRO C 187 26.12 -94.70 51.72
C PRO C 187 25.71 -93.36 52.29
N GLU C 188 24.69 -92.77 51.68
CA GLU C 188 23.95 -93.39 50.60
C GLU C 188 23.55 -92.37 49.55
N ILE C 189 24.17 -91.19 49.62
CA ILE C 189 23.44 -89.95 49.39
C ILE C 189 22.63 -89.96 48.11
N ASP C 190 23.30 -89.88 46.96
CA ASP C 190 22.66 -90.11 45.67
C ASP C 190 23.67 -89.91 44.54
N GLU C 191 23.43 -90.55 43.41
CA GLU C 191 24.22 -90.32 42.22
C GLU C 191 23.43 -89.69 41.10
N ALA C 192 22.13 -89.99 41.01
CA ALA C 192 21.32 -89.46 39.92
C ALA C 192 21.21 -87.95 40.01
N LEU C 193 21.11 -87.41 41.22
CA LEU C 193 20.99 -85.97 41.35
C LEU C 193 22.20 -85.27 40.75
N VAL C 194 23.41 -85.73 41.08
CA VAL C 194 24.61 -85.09 40.56
C VAL C 194 24.67 -85.26 39.06
N VAL C 195 24.60 -86.50 38.59
CA VAL C 195 24.70 -86.83 37.17
C VAL C 195 23.65 -86.06 36.38
N GLU C 196 22.63 -85.56 37.07
CA GLU C 196 21.73 -84.60 36.44
C GLU C 196 22.31 -83.21 36.51
N TYR C 197 22.79 -82.80 37.69
CA TYR C 197 23.18 -81.41 37.89
C TYR C 197 24.20 -80.96 36.86
N TYR C 198 24.93 -81.87 36.25
CA TYR C 198 25.87 -81.54 35.19
C TYR C 198 25.27 -81.74 33.81
N ASN C 199 23.99 -81.47 33.67
CA ASN C 199 23.37 -81.31 32.36
C ASN C 199 22.79 -79.93 32.19
N GLN C 200 22.21 -79.37 33.25
CA GLN C 200 21.95 -77.95 33.37
C GLN C 200 23.10 -77.25 34.06
N LYS C 201 24.32 -77.75 33.85
CA LYS C 201 25.53 -77.34 34.55
C LYS C 201 25.61 -75.85 34.90
N TYR D 1 -7.83 -98.98 31.77
CA TYR D 1 -9.18 -99.13 32.28
C TYR D 1 -9.24 -98.85 33.77
N ILE D 2 -10.22 -99.44 34.45
CA ILE D 2 -10.37 -99.23 35.89
C ILE D 2 -9.29 -100.01 36.61
N ASP D 3 -8.36 -99.29 37.23
CA ASP D 3 -7.36 -99.89 38.08
C ASP D 3 -7.72 -99.72 39.55
N PRO D 4 -7.60 -100.75 40.34
CA PRO D 4 -7.94 -100.65 41.76
C PRO D 4 -6.91 -99.85 42.53
N LYS D 5 -7.01 -99.83 43.85
CA LYS D 5 -6.03 -99.14 44.69
C LYS D 5 -5.69 -100.09 45.84
N HIS D 6 -4.57 -100.81 45.70
CA HIS D 6 -4.10 -101.68 46.76
C HIS D 6 -2.59 -101.57 46.94
N LEU D 7 -1.94 -100.68 46.23
CA LEU D 7 -0.50 -100.49 46.29
C LEU D 7 -0.21 -99.10 46.85
N GLU D 8 1.06 -98.88 47.21
CA GLU D 8 1.43 -97.58 47.75
C GLU D 8 1.32 -96.51 46.67
N LEU D 9 1.30 -95.25 47.10
CA LEU D 9 1.14 -94.13 46.20
C LEU D 9 2.15 -93.04 46.56
N GLU D 10 2.38 -92.16 45.60
CA GLU D 10 3.21 -90.99 45.83
C GLU D 10 2.55 -89.78 45.20
N ASP D 11 2.65 -88.64 45.88
CA ASP D 11 2.00 -87.42 45.42
C ASP D 11 2.99 -86.28 45.36
N ARG D 12 2.76 -85.38 44.42
CA ARG D 12 3.54 -84.16 44.34
C ARG D 12 2.65 -83.08 43.76
N VAL D 13 2.33 -82.07 44.57
CA VAL D 13 1.52 -80.96 44.11
C VAL D 13 2.34 -80.18 43.08
N VAL D 14 2.00 -80.34 41.80
CA VAL D 14 2.79 -79.72 40.75
C VAL D 14 2.58 -78.22 40.72
N ALA D 15 1.32 -77.77 40.65
CA ALA D 15 1.09 -76.34 40.51
C ALA D 15 -0.33 -75.98 40.95
N ILE D 16 -0.47 -74.77 41.47
CA ILE D 16 -1.76 -74.18 41.80
C ILE D 16 -1.78 -72.74 41.32
N ASN D 17 -2.98 -72.24 41.02
CA ASN D 17 -3.16 -70.89 40.50
C ASN D 17 -4.44 -70.32 41.08
N ARG D 18 -4.34 -69.25 41.85
CA ARG D 18 -5.54 -68.66 42.43
C ARG D 18 -6.40 -68.08 41.33
N VAL D 19 -7.63 -68.57 41.22
CA VAL D 19 -8.52 -68.24 40.13
C VAL D 19 -9.72 -67.49 40.70
N THR D 20 -10.22 -66.49 40.00
CA THR D 20 -11.29 -65.64 40.48
C THR D 20 -12.49 -65.66 39.55
N LYS D 21 -13.61 -65.19 40.09
CA LYS D 21 -14.83 -64.95 39.35
C LYS D 21 -15.41 -63.64 39.85
N VAL D 22 -15.96 -62.85 38.95
CA VAL D 22 -16.51 -61.54 39.29
C VAL D 22 -18.00 -61.67 39.47
N VAL D 23 -18.54 -60.95 40.46
CA VAL D 23 -19.96 -60.92 40.75
C VAL D 23 -20.25 -59.57 41.37
N LYS D 24 -21.48 -59.07 41.14
CA LYS D 24 -21.83 -57.70 41.49
C LYS D 24 -21.39 -57.38 42.91
N GLY D 25 -20.44 -56.46 43.00
CA GLY D 25 -19.68 -56.31 44.22
C GLY D 25 -18.20 -56.35 43.88
N GLY D 26 -17.51 -57.37 44.36
CA GLY D 26 -16.10 -57.48 44.08
C GLY D 26 -15.75 -58.68 43.23
N ARG D 27 -14.78 -59.45 43.67
CA ARG D 27 -14.37 -60.69 43.01
C ARG D 27 -14.21 -61.75 44.08
N ARG D 28 -14.37 -63.01 43.67
CA ARG D 28 -14.29 -64.13 44.59
C ARG D 28 -13.30 -65.15 44.03
N LEU D 29 -12.30 -65.50 44.82
CA LEU D 29 -11.16 -66.27 44.34
C LEU D 29 -11.20 -67.71 44.84
N ARG D 30 -10.96 -68.64 43.92
CA ARG D 30 -10.80 -70.04 44.25
C ARG D 30 -9.36 -70.44 44.02
N PHE D 31 -8.98 -71.62 44.54
CA PHE D 31 -7.65 -72.17 44.37
C PHE D 31 -7.76 -73.56 43.78
N ALA D 32 -7.31 -73.72 42.55
CA ALA D 32 -7.35 -75.02 41.90
C ALA D 32 -6.15 -75.84 42.36
N ALA D 33 -5.99 -77.02 41.77
CA ALA D 33 -4.92 -77.91 42.16
C ALA D 33 -4.65 -78.89 41.04
N LEU D 34 -3.42 -79.41 41.00
CA LEU D 34 -2.97 -80.24 39.89
C LEU D 34 -1.95 -81.24 40.43
N VAL D 35 -2.39 -82.47 40.67
CA VAL D 35 -1.57 -83.46 41.34
C VAL D 35 -1.57 -84.76 40.55
N VAL D 36 -0.40 -85.38 40.41
CA VAL D 36 -0.30 -86.68 39.79
C VAL D 36 0.07 -87.68 40.86
N VAL D 37 -0.29 -88.95 40.62
CA VAL D 37 -0.10 -90.01 41.59
C VAL D 37 0.60 -91.18 40.93
N GLY D 38 1.49 -91.83 41.67
CA GLY D 38 2.15 -93.02 41.16
C GLY D 38 2.69 -93.84 42.31
N ASP D 39 3.29 -94.97 41.95
CA ASP D 39 3.92 -95.86 42.91
C ASP D 39 5.37 -96.13 42.55
N LYS D 40 5.95 -95.29 41.71
CA LYS D 40 7.29 -95.44 41.15
C LYS D 40 7.60 -96.90 40.82
N ASN D 41 6.64 -97.55 40.16
CA ASN D 41 6.88 -98.87 39.61
C ASN D 41 6.28 -99.08 38.23
N GLY D 42 5.57 -98.11 37.68
CA GLY D 42 4.89 -98.33 36.42
C GLY D 42 3.39 -98.18 36.49
N HIS D 43 2.91 -97.25 37.32
CA HIS D 43 1.50 -96.93 37.35
C HIS D 43 1.35 -95.47 37.73
N VAL D 44 0.71 -94.69 36.86
CA VAL D 44 0.67 -93.24 37.03
C VAL D 44 -0.70 -92.71 36.65
N GLY D 45 -1.06 -91.59 37.24
CA GLY D 45 -2.24 -90.85 36.87
C GLY D 45 -2.21 -89.49 37.52
N PHE D 46 -3.14 -88.63 37.11
CA PHE D 46 -3.21 -87.27 37.63
C PHE D 46 -4.66 -86.83 37.72
N GLY D 47 -4.89 -85.79 38.52
CA GLY D 47 -6.22 -85.29 38.74
C GLY D 47 -6.25 -83.79 38.93
N THR D 48 -7.33 -83.27 39.49
CA THR D 48 -7.49 -81.83 39.68
C THR D 48 -8.64 -81.60 40.64
N GLY D 49 -9.00 -80.34 40.83
CA GLY D 49 -10.07 -79.97 41.74
C GLY D 49 -9.91 -78.52 42.16
N LYS D 50 -10.91 -78.03 42.88
CA LYS D 50 -10.84 -76.66 43.34
C LYS D 50 -11.68 -76.49 44.59
N ALA D 51 -11.25 -75.58 45.45
CA ALA D 51 -11.92 -75.32 46.72
C ALA D 51 -11.50 -73.94 47.20
N GLN D 52 -12.12 -73.49 48.28
CA GLN D 52 -11.84 -72.15 48.79
C GLN D 52 -10.48 -72.05 49.46
N GLU D 53 -9.93 -73.15 49.96
CA GLU D 53 -8.64 -73.11 50.63
C GLU D 53 -7.76 -74.25 50.14
N VAL D 54 -6.45 -74.01 50.22
CA VAL D 54 -5.51 -74.83 49.46
C VAL D 54 -5.41 -76.26 49.97
N PRO D 55 -5.28 -76.51 51.27
CA PRO D 55 -5.24 -77.91 51.71
C PRO D 55 -6.47 -78.68 51.30
N GLU D 56 -7.64 -78.06 51.41
CA GLU D 56 -8.86 -78.71 50.97
C GLU D 56 -8.79 -79.03 49.49
N ALA D 57 -8.37 -78.06 48.68
CA ALA D 57 -8.30 -78.28 47.25
C ALA D 57 -7.34 -79.41 46.90
N ILE D 58 -6.20 -79.47 47.59
CA ILE D 58 -5.24 -80.50 47.24
C ILE D 58 -5.75 -81.85 47.68
N ARG D 59 -6.44 -81.92 48.81
CA ARG D 59 -7.06 -83.19 49.18
C ARG D 59 -8.03 -83.65 48.13
N LYS D 60 -8.87 -82.73 47.64
CA LYS D 60 -9.82 -83.10 46.59
C LYS D 60 -9.11 -83.65 45.37
N ALA D 61 -8.12 -82.90 44.87
CA ALA D 61 -7.43 -83.32 43.66
C ALA D 61 -6.75 -84.67 43.86
N ILE D 62 -6.11 -84.87 45.01
CA ILE D 62 -5.52 -86.16 45.32
C ILE D 62 -6.55 -87.26 45.17
N GLU D 63 -7.67 -87.13 45.88
CA GLU D 63 -8.69 -88.16 45.82
C GLU D 63 -9.16 -88.39 44.40
N ASP D 64 -9.10 -87.35 43.56
CA ASP D 64 -9.52 -87.53 42.17
C ASP D 64 -8.59 -88.44 41.41
N ALA D 65 -7.29 -88.09 41.40
CA ALA D 65 -6.35 -88.71 40.48
C ALA D 65 -6.31 -90.23 40.61
N LYS D 66 -6.62 -90.74 41.80
CA LYS D 66 -6.48 -92.17 42.04
C LYS D 66 -7.46 -93.00 41.26
N LYS D 67 -8.31 -92.40 40.43
CA LYS D 67 -9.25 -93.16 39.62
C LYS D 67 -8.84 -93.23 38.16
N ASN D 68 -7.66 -92.75 37.81
CA ASN D 68 -7.12 -92.88 36.45
C ASN D 68 -5.69 -93.37 36.57
N LEU D 69 -5.44 -94.59 36.10
CA LEU D 69 -4.11 -95.16 36.21
C LEU D 69 -3.73 -95.85 34.92
N VAL D 70 -2.48 -95.65 34.49
CA VAL D 70 -1.99 -96.19 33.24
C VAL D 70 -0.79 -97.09 33.52
N GLU D 71 -0.34 -97.78 32.48
CA GLU D 71 0.56 -98.92 32.62
C GLU D 71 2.03 -98.59 32.44
N VAL D 72 2.39 -97.79 31.44
CA VAL D 72 3.78 -97.40 31.20
C VAL D 72 4.65 -98.65 31.06
N PRO D 73 4.54 -99.40 29.98
CA PRO D 73 5.40 -100.58 29.84
C PRO D 73 6.85 -100.16 29.74
N MET D 74 7.70 -100.81 30.52
CA MET D 74 9.11 -100.47 30.58
C MET D 74 9.97 -101.69 30.27
N VAL D 75 11.23 -101.42 29.94
CA VAL D 75 12.23 -102.46 29.78
C VAL D 75 13.54 -101.88 30.28
N GLY D 76 14.06 -102.43 31.38
CA GLY D 76 15.34 -101.96 31.88
C GLY D 76 15.36 -100.51 32.28
N SER D 77 14.27 -100.02 32.87
CA SER D 77 14.22 -98.66 33.40
C SER D 77 14.46 -97.64 32.30
N THR D 78 13.79 -97.83 31.18
CA THR D 78 13.83 -96.90 30.06
C THR D 78 12.75 -97.34 29.08
N ILE D 79 12.10 -96.35 28.47
CA ILE D 79 10.96 -96.60 27.58
C ILE D 79 11.34 -97.60 26.50
N PRO D 80 10.39 -98.39 26.01
CA PRO D 80 10.75 -99.46 25.08
C PRO D 80 11.16 -98.98 23.71
N HIS D 81 10.78 -97.77 23.29
CA HIS D 81 11.22 -97.23 22.02
C HIS D 81 10.85 -95.75 21.96
N GLU D 82 11.07 -95.14 20.80
CA GLU D 82 10.76 -93.72 20.63
C GLU D 82 9.27 -93.51 20.43
N VAL D 83 8.77 -92.37 20.90
CA VAL D 83 7.34 -92.09 20.86
C VAL D 83 7.13 -90.58 20.86
N ILE D 84 5.96 -90.15 20.38
CA ILE D 84 5.58 -88.74 20.30
C ILE D 84 4.10 -88.63 20.64
N GLY D 85 3.77 -87.82 21.63
CA GLY D 85 2.37 -87.65 22.02
C GLY D 85 1.93 -86.21 21.94
N VAL D 86 0.74 -85.96 21.38
CA VAL D 86 0.27 -84.60 21.14
C VAL D 86 -1.17 -84.49 21.58
N PHE D 87 -1.47 -83.45 22.37
CA PHE D 87 -2.84 -83.18 22.82
C PHE D 87 -3.01 -81.67 22.94
N GLY D 88 -3.69 -81.07 21.97
CA GLY D 88 -4.05 -79.67 22.02
C GLY D 88 -2.88 -78.75 22.28
N GLY D 89 -1.89 -78.76 21.40
CA GLY D 89 -0.71 -77.96 21.59
C GLY D 89 0.39 -78.61 22.41
N GLY D 90 0.17 -79.80 22.94
CA GLY D 90 1.18 -80.47 23.72
C GLY D 90 2.10 -81.39 22.93
N ARG D 91 3.05 -80.84 22.19
CA ARG D 91 4.05 -81.69 21.54
C ARG D 91 5.08 -82.13 22.56
N ILE D 92 5.25 -83.43 22.73
CA ILE D 92 6.21 -83.96 23.68
C ILE D 92 6.95 -85.12 23.04
N LEU D 93 8.28 -85.02 23.00
CA LEU D 93 9.15 -85.99 22.36
C LEU D 93 9.90 -86.79 23.42
N MET D 94 10.00 -88.10 23.21
CA MET D 94 10.66 -88.97 24.16
C MET D 94 11.45 -90.03 23.42
N LYS D 95 12.67 -90.27 23.88
CA LYS D 95 13.56 -91.25 23.28
C LYS D 95 14.26 -92.03 24.38
N PRO D 96 14.62 -93.27 24.11
CA PRO D 96 15.30 -94.06 25.13
C PRO D 96 16.63 -93.44 25.51
N ALA D 97 17.32 -94.02 26.50
CA ALA D 97 18.57 -93.44 26.97
C ALA D 97 19.50 -94.54 27.43
N VAL D 98 20.73 -94.15 27.76
CA VAL D 98 21.73 -95.08 28.24
C VAL D 98 21.59 -95.26 29.73
N GLU D 99 21.92 -96.45 30.22
CA GLU D 99 21.84 -96.73 31.65
C GLU D 99 22.63 -95.71 32.44
N GLY D 100 22.12 -95.38 33.62
CA GLY D 100 22.81 -94.49 34.53
C GLY D 100 23.04 -93.08 34.01
N SER D 101 22.40 -92.73 32.90
CA SER D 101 22.59 -91.40 32.35
C SER D 101 21.87 -90.35 33.19
N GLY D 102 20.55 -90.44 33.28
CA GLY D 102 19.77 -89.49 34.04
C GLY D 102 18.74 -88.82 33.16
N VAL D 103 17.58 -88.52 33.74
CA VAL D 103 16.47 -87.98 32.98
C VAL D 103 16.73 -86.51 32.68
N ALA D 104 16.53 -86.11 31.42
CA ALA D 104 16.72 -84.74 30.98
C ALA D 104 15.41 -84.26 30.38
N ALA D 105 14.52 -83.74 31.24
CA ALA D 105 13.20 -83.35 30.78
C ALA D 105 12.65 -82.23 31.65
N GLY D 106 11.84 -81.39 31.04
CA GLY D 106 11.32 -80.21 31.69
C GLY D 106 10.49 -80.53 32.91
N GLY D 107 10.19 -79.48 33.67
CA GLY D 107 9.57 -79.60 34.97
C GLY D 107 8.33 -80.46 35.03
N PRO D 108 7.23 -79.97 34.48
CA PRO D 108 5.97 -80.71 34.59
C PRO D 108 6.05 -82.13 34.08
N VAL D 109 6.76 -82.36 32.99
CA VAL D 109 6.85 -83.74 32.51
C VAL D 109 7.83 -84.55 33.34
N ARG D 110 8.76 -83.90 34.03
CA ARG D 110 9.64 -84.63 34.93
C ARG D 110 8.85 -85.31 36.04
N ALA D 111 7.85 -84.60 36.59
CA ALA D 111 7.07 -85.18 37.68
C ALA D 111 6.36 -86.45 37.23
N VAL D 112 5.74 -86.41 36.05
CA VAL D 112 5.12 -87.61 35.50
C VAL D 112 6.15 -88.73 35.38
N LEU D 113 7.22 -88.46 34.63
CA LEU D 113 8.17 -89.52 34.33
C LEU D 113 8.74 -90.15 35.59
N GLU D 114 9.05 -89.33 36.58
CA GLU D 114 9.66 -89.85 37.80
C GLU D 114 8.71 -90.78 38.53
N LEU D 115 7.51 -90.29 38.86
CA LEU D 115 6.57 -91.07 39.63
C LEU D 115 6.13 -92.34 38.92
N ALA D 116 6.40 -92.46 37.64
CA ALA D 116 6.14 -93.69 36.93
C ALA D 116 7.24 -94.71 37.12
N GLY D 117 8.33 -94.33 37.77
CA GLY D 117 9.45 -95.24 37.95
C GLY D 117 10.34 -95.31 36.73
N VAL D 118 10.76 -94.16 36.23
CA VAL D 118 11.63 -94.06 35.07
C VAL D 118 12.99 -93.60 35.55
N ALA D 119 14.05 -94.23 35.03
CA ALA D 119 15.39 -93.98 35.52
C ALA D 119 16.25 -93.19 34.53
N ASP D 120 16.14 -93.47 33.24
CA ASP D 120 17.00 -92.85 32.25
C ASP D 120 16.20 -92.60 30.97
N ILE D 121 16.07 -91.33 30.61
CA ILE D 121 15.17 -90.94 29.52
C ILE D 121 15.52 -89.52 29.11
N THR D 122 15.11 -89.14 27.90
CA THR D 122 15.29 -87.76 27.44
C THR D 122 14.02 -87.26 26.78
N SER D 123 13.85 -85.94 26.81
CA SER D 123 12.64 -85.33 26.27
C SER D 123 12.90 -83.88 25.93
N LYS D 124 11.90 -83.25 25.32
CA LYS D 124 11.96 -81.83 24.98
C LYS D 124 10.56 -81.33 24.71
N SER D 125 10.08 -80.40 25.53
CA SER D 125 8.80 -79.77 25.24
C SER D 125 8.85 -79.05 23.91
N LEU D 126 7.69 -78.89 23.28
CA LEU D 126 7.66 -78.30 21.95
C LEU D 126 6.35 -77.53 21.79
N GLY D 127 6.39 -76.25 22.15
CA GLY D 127 5.20 -75.43 22.06
C GLY D 127 4.57 -75.06 23.39
N SER D 128 3.51 -75.77 23.77
CA SER D 128 2.78 -75.41 24.96
C SER D 128 3.63 -75.56 26.21
N ASN D 129 3.34 -74.71 27.18
CA ASN D 129 4.02 -74.77 28.47
C ASN D 129 3.04 -74.61 29.62
N THR D 130 1.75 -74.79 29.37
CA THR D 130 0.77 -74.79 30.44
C THR D 130 0.96 -76.03 31.28
N PRO D 131 0.94 -75.92 32.61
CA PRO D 131 1.17 -77.10 33.45
C PRO D 131 0.11 -78.17 33.31
N ILE D 132 -0.97 -77.96 32.57
CA ILE D 132 -2.01 -78.97 32.47
C ILE D 132 -1.88 -79.72 31.14
N ASN D 133 -2.04 -78.99 30.04
CA ASN D 133 -1.99 -79.63 28.73
C ASN D 133 -0.70 -80.38 28.52
N VAL D 134 0.40 -79.89 29.09
CA VAL D 134 1.65 -80.63 29.00
C VAL D 134 1.48 -82.00 29.64
N VAL D 135 0.85 -82.04 30.81
CA VAL D 135 0.68 -83.33 31.48
C VAL D 135 -0.24 -84.24 30.67
N ARG D 136 -1.32 -83.69 30.15
CA ARG D 136 -2.23 -84.51 29.34
C ARG D 136 -1.49 -85.09 28.15
N ALA D 137 -0.72 -84.26 27.45
CA ALA D 137 0.01 -84.72 26.28
C ALA D 137 1.02 -85.77 26.66
N THR D 138 1.70 -85.58 27.78
CA THR D 138 2.61 -86.59 28.27
C THR D 138 1.90 -87.91 28.42
N VAL D 139 0.81 -87.93 29.17
CA VAL D 139 0.12 -89.18 29.45
C VAL D 139 -0.35 -89.81 28.16
N GLU D 140 -0.79 -88.99 27.21
CA GLU D 140 -1.16 -89.54 25.92
C GLU D 140 0.04 -90.22 25.27
N GLY D 141 1.20 -89.57 25.31
CA GLY D 141 2.39 -90.19 24.78
C GLY D 141 2.64 -91.55 25.38
N LEU D 142 2.67 -91.62 26.72
CA LEU D 142 2.88 -92.89 27.38
C LEU D 142 1.86 -93.92 26.94
N LYS D 143 0.63 -93.50 26.68
CA LYS D 143 -0.41 -94.43 26.27
C LYS D 143 -0.10 -95.11 24.94
N GLN D 144 0.97 -94.69 24.27
CA GLN D 144 1.26 -95.15 22.93
C GLN D 144 2.38 -96.18 22.88
N LEU D 145 3.02 -96.49 24.01
CA LEU D 145 4.15 -97.41 24.00
C LEU D 145 3.69 -98.81 23.62
N LYS D 146 4.30 -99.37 22.58
CA LYS D 146 4.04 -100.73 22.16
C LYS D 146 4.91 -101.67 23.00
N ARG D 147 4.96 -102.95 22.64
CA ARG D 147 5.70 -103.88 23.48
C ARG D 147 6.10 -105.10 22.67
N ALA D 148 7.30 -105.62 22.97
CA ALA D 148 7.81 -106.77 22.25
C ALA D 148 6.85 -107.94 22.33
N GLU D 149 6.43 -108.30 23.55
CA GLU D 149 5.48 -109.39 23.71
C GLU D 149 4.19 -109.11 22.96
N GLU D 150 3.61 -107.93 23.17
CA GLU D 150 2.34 -107.61 22.52
C GLU D 150 2.45 -107.74 21.00
N VAL D 151 3.51 -107.19 20.42
CA VAL D 151 3.67 -107.31 18.98
C VAL D 151 3.92 -108.75 18.59
N ALA D 152 4.71 -109.47 19.40
CA ALA D 152 4.97 -110.87 19.10
C ALA D 152 3.66 -111.63 18.96
N ALA D 153 2.70 -111.35 19.84
CA ALA D 153 1.42 -112.03 19.76
C ALA D 153 0.58 -111.50 18.60
N LEU D 154 0.58 -110.18 18.40
CA LEU D 154 -0.25 -109.59 17.36
C LEU D 154 0.17 -110.10 16.00
N ARG D 155 1.37 -109.77 15.56
CA ARG D 155 1.84 -110.29 14.30
C ARG D 155 2.01 -111.79 14.39
N GLY D 156 2.00 -112.43 13.23
CA GLY D 156 2.08 -113.88 13.18
C GLY D 156 3.24 -114.43 13.97
N LYS D 157 4.45 -114.04 13.60
CA LYS D 157 5.66 -114.65 14.13
C LYS D 157 5.83 -114.34 15.61
N SER D 158 6.90 -114.91 16.18
CA SER D 158 7.22 -114.78 17.59
C SER D 158 8.47 -113.93 17.76
N VAL D 159 8.62 -113.38 18.96
CA VAL D 159 9.72 -112.46 19.25
C VAL D 159 11.02 -113.24 19.10
N GLU D 160 12.13 -112.50 19.00
CA GLU D 160 13.44 -112.98 18.58
C GLU D 160 13.44 -113.41 17.12
N GLU D 161 12.31 -113.29 16.44
CA GLU D 161 12.27 -113.22 14.99
C GLU D 161 11.95 -111.82 14.49
N ILE D 162 11.22 -111.05 15.29
CA ILE D 162 11.06 -109.63 15.05
C ILE D 162 12.23 -108.91 15.73
N ILE D 163 13.35 -108.85 15.04
CA ILE D 163 14.52 -108.17 15.58
C ILE D 163 14.91 -107.05 14.64
N GLN E 1 -29.51 -77.42 -44.19
CA GLN E 1 -30.91 -77.48 -44.57
C GLN E 1 -31.55 -76.10 -44.65
N ASP E 2 -32.82 -76.02 -44.30
CA ASP E 2 -33.57 -74.77 -44.35
C ASP E 2 -34.53 -74.72 -43.17
N THR E 3 -34.77 -73.52 -42.66
CA THR E 3 -35.52 -73.35 -41.43
C THR E 3 -37.02 -73.23 -41.76
N LYS E 4 -37.81 -72.80 -40.77
CA LYS E 4 -39.25 -72.70 -40.95
C LYS E 4 -39.75 -71.39 -40.36
N TYR E 5 -40.84 -70.88 -40.91
CA TYR E 5 -41.35 -69.56 -40.58
C TYR E 5 -42.87 -69.55 -40.58
N GLU E 6 -43.45 -68.81 -39.64
CA GLU E 6 -44.88 -68.52 -39.61
C GLU E 6 -45.06 -67.02 -39.54
N ILE E 7 -45.52 -66.41 -40.62
CA ILE E 7 -45.58 -64.96 -40.72
C ILE E 7 -47.05 -64.56 -40.64
N MET E 8 -47.53 -64.31 -39.44
CA MET E 8 -48.91 -63.89 -39.23
C MET E 8 -48.95 -62.37 -39.18
N TYR E 9 -49.98 -61.78 -39.81
CA TYR E 9 -50.14 -60.34 -39.74
C TYR E 9 -51.61 -59.98 -39.76
N ILE E 10 -51.88 -58.73 -39.42
CA ILE E 10 -53.24 -58.23 -39.24
C ILE E 10 -53.58 -57.30 -40.39
N ILE E 11 -54.83 -57.35 -40.85
CA ILE E 11 -55.33 -56.43 -41.85
C ILE E 11 -56.62 -55.81 -41.35
N ARG E 12 -56.82 -54.52 -41.67
CA ARG E 12 -57.96 -53.77 -41.18
C ARG E 12 -59.27 -54.32 -41.73
N PRO E 13 -60.39 -53.99 -41.09
CA PRO E 13 -61.69 -54.36 -41.65
C PRO E 13 -62.11 -53.51 -42.83
N ASN E 14 -61.66 -52.26 -42.92
CA ASN E 14 -62.15 -51.32 -43.91
C ASN E 14 -61.59 -51.56 -45.29
N ILE E 15 -61.06 -52.75 -45.53
CA ILE E 15 -60.50 -53.12 -46.83
C ILE E 15 -61.62 -53.29 -47.85
N ASP E 16 -61.25 -53.34 -49.11
CA ASP E 16 -62.16 -53.74 -50.17
C ASP E 16 -61.99 -55.24 -50.41
N GLU E 17 -62.56 -55.75 -51.48
CA GLU E 17 -62.38 -57.16 -51.79
C GLU E 17 -61.16 -57.39 -52.66
N GLU E 18 -60.84 -56.44 -53.53
CA GLU E 18 -59.70 -56.57 -54.42
C GLU E 18 -58.39 -56.20 -53.74
N ALA E 19 -58.38 -55.12 -52.96
CA ALA E 19 -57.15 -54.68 -52.31
C ALA E 19 -56.55 -55.79 -51.47
N LYS E 20 -57.39 -56.50 -50.72
CA LYS E 20 -56.93 -57.63 -49.93
C LYS E 20 -56.18 -58.62 -50.79
N THR E 21 -56.78 -59.02 -51.91
CA THR E 21 -56.18 -60.04 -52.75
C THR E 21 -54.88 -59.54 -53.37
N ALA E 22 -54.88 -58.31 -53.87
CA ALA E 22 -53.67 -57.77 -54.48
C ALA E 22 -52.54 -57.69 -53.47
N LEU E 23 -52.85 -57.29 -52.24
CA LEU E 23 -51.84 -57.25 -51.20
C LEU E 23 -51.29 -58.62 -50.90
N VAL E 24 -52.18 -59.60 -50.74
CA VAL E 24 -51.74 -60.95 -50.40
C VAL E 24 -50.83 -61.50 -51.49
N GLU E 25 -51.23 -61.33 -52.75
CA GLU E 25 -50.39 -61.84 -53.83
C GLU E 25 -49.10 -61.05 -53.97
N ARG E 26 -49.12 -59.75 -53.70
CA ARG E 26 -47.90 -58.97 -53.74
C ARG E 26 -46.90 -59.47 -52.73
N PHE E 27 -47.38 -59.81 -51.53
CA PHE E 27 -46.47 -60.33 -50.51
C PHE E 27 -46.00 -61.73 -50.87
N ASP E 28 -46.88 -62.54 -51.47
CA ASP E 28 -46.42 -63.81 -52.02
C ASP E 28 -45.25 -63.60 -52.97
N THR E 29 -45.37 -62.63 -53.87
CA THR E 29 -44.30 -62.37 -54.82
C THR E 29 -43.02 -62.00 -54.11
N ILE E 30 -43.03 -60.88 -53.38
CA ILE E 30 -41.79 -60.43 -52.74
C ILE E 30 -41.23 -61.49 -51.81
N LEU E 31 -42.06 -62.44 -51.38
CA LEU E 31 -41.51 -63.60 -50.69
C LEU E 31 -40.71 -64.47 -51.66
N LYS E 32 -41.32 -64.82 -52.79
CA LYS E 32 -40.65 -65.76 -53.71
C LYS E 32 -39.34 -65.18 -54.23
N ASP E 33 -39.40 -63.98 -54.81
CA ASP E 33 -38.30 -63.44 -55.59
C ASP E 33 -36.99 -63.37 -54.82
N ASN E 34 -37.00 -63.61 -53.52
CA ASN E 34 -35.80 -63.70 -52.73
C ASN E 34 -35.62 -65.11 -52.20
N GLY E 35 -35.90 -66.10 -53.04
CA GLY E 35 -35.56 -67.47 -52.76
C GLY E 35 -36.31 -68.11 -51.61
N ALA E 36 -37.59 -67.82 -51.48
CA ALA E 36 -38.43 -68.48 -50.50
C ALA E 36 -39.27 -69.54 -51.17
N GLU E 37 -39.69 -70.53 -50.40
CA GLU E 37 -40.58 -71.58 -50.89
C GLU E 37 -41.92 -71.39 -50.22
N VAL E 38 -42.73 -70.50 -50.78
CA VAL E 38 -44.02 -70.20 -50.19
C VAL E 38 -44.88 -71.44 -50.25
N ILE E 39 -45.20 -71.99 -49.09
CA ILE E 39 -45.94 -73.25 -49.03
C ILE E 39 -47.43 -73.05 -49.18
N GLU E 40 -48.01 -72.10 -48.45
CA GLU E 40 -49.45 -71.93 -48.47
C GLU E 40 -49.82 -70.62 -47.82
N SER E 41 -51.03 -70.13 -48.09
CA SER E 41 -51.60 -68.97 -47.40
C SER E 41 -52.99 -69.30 -46.90
N LYS E 42 -53.40 -68.66 -45.81
CA LYS E 42 -54.72 -68.86 -45.23
C LYS E 42 -55.17 -67.58 -44.56
N ASP E 43 -56.44 -67.57 -44.16
CA ASP E 43 -57.00 -66.48 -43.36
C ASP E 43 -57.50 -67.09 -42.06
N TRP E 44 -56.80 -66.80 -40.97
CA TRP E 44 -57.05 -67.47 -39.70
C TRP E 44 -58.48 -67.21 -39.22
N GLU E 45 -58.80 -65.96 -38.91
CA GLU E 45 -60.11 -65.63 -38.36
C GLU E 45 -60.31 -64.13 -38.39
N LYS E 46 -61.53 -63.71 -38.69
CA LYS E 46 -61.92 -62.31 -38.54
C LYS E 46 -62.07 -62.04 -37.05
N ARG E 47 -61.04 -61.48 -36.44
CA ARG E 47 -61.01 -61.32 -35.00
C ARG E 47 -61.03 -59.85 -34.61
N ARG E 48 -61.58 -59.60 -33.44
CA ARG E 48 -61.36 -58.35 -32.74
C ARG E 48 -60.10 -58.50 -31.89
N LEU E 49 -59.72 -57.43 -31.20
CA LEU E 49 -58.52 -57.45 -30.38
C LEU E 49 -58.87 -57.14 -28.95
N ALA E 50 -58.09 -57.69 -28.03
CA ALA E 50 -58.34 -57.44 -26.63
C ALA E 50 -57.95 -56.03 -26.21
N TYR E 51 -57.43 -55.22 -27.13
CA TYR E 51 -57.15 -53.82 -26.89
C TYR E 51 -56.80 -53.18 -28.21
N GLU E 52 -57.18 -51.93 -28.40
CA GLU E 52 -56.97 -51.29 -29.67
C GLU E 52 -55.50 -51.10 -29.96
N MET E 53 -55.17 -50.85 -31.23
CA MET E 53 -53.80 -50.60 -31.62
C MET E 53 -53.58 -49.16 -32.05
N ASN E 54 -54.23 -48.71 -33.11
CA ASN E 54 -54.16 -47.31 -33.49
C ASN E 54 -55.53 -46.65 -33.49
N GLY E 55 -56.45 -47.15 -34.30
CA GLY E 55 -57.80 -46.65 -34.36
C GLY E 55 -58.74 -47.78 -34.66
N PHE E 56 -58.30 -49.01 -34.37
CA PHE E 56 -59.04 -50.20 -34.74
C PHE E 56 -59.31 -51.05 -33.51
N ARG E 57 -60.24 -51.97 -33.68
CA ARG E 57 -60.57 -52.92 -32.64
C ARG E 57 -60.74 -54.31 -33.20
N GLU E 58 -60.65 -54.48 -34.51
CA GLU E 58 -60.73 -55.78 -35.15
C GLU E 58 -59.71 -55.83 -36.27
N GLY E 59 -59.56 -57.00 -36.86
CA GLY E 59 -58.63 -57.15 -37.96
C GLY E 59 -58.61 -58.55 -38.52
N ILE E 60 -58.30 -58.68 -39.79
CA ILE E 60 -58.25 -59.98 -40.44
C ILE E 60 -56.89 -60.60 -40.15
N TYR E 61 -56.90 -61.89 -39.81
CA TYR E 61 -55.68 -62.60 -39.41
C TYR E 61 -55.28 -63.57 -40.53
N HIS E 62 -54.37 -63.12 -41.39
CA HIS E 62 -53.82 -63.95 -42.43
C HIS E 62 -52.50 -64.54 -41.95
N ILE E 63 -52.09 -65.63 -42.59
CA ILE E 63 -50.91 -66.37 -42.15
C ILE E 63 -50.32 -67.18 -43.29
N VAL E 64 -49.01 -67.22 -43.39
CA VAL E 64 -48.32 -68.00 -44.40
C VAL E 64 -47.11 -68.68 -43.78
N ASN E 65 -46.92 -69.95 -44.11
CA ASN E 65 -45.75 -70.71 -43.72
C ASN E 65 -44.79 -70.75 -44.89
N VAL E 66 -43.50 -70.58 -44.61
CA VAL E 66 -42.50 -70.53 -45.67
C VAL E 66 -41.18 -71.08 -45.13
N THR E 67 -40.41 -71.69 -46.02
CA THR E 67 -39.09 -72.19 -45.69
C THR E 67 -38.08 -71.59 -46.67
N SER E 68 -36.84 -71.50 -46.22
CA SER E 68 -35.79 -70.84 -46.99
C SER E 68 -34.46 -71.08 -46.29
N PRO E 69 -33.35 -70.88 -46.99
CA PRO E 69 -32.04 -70.91 -46.34
C PRO E 69 -31.87 -69.71 -45.41
N SER E 70 -30.87 -69.83 -44.54
CA SER E 70 -30.69 -68.82 -43.51
C SER E 70 -30.29 -67.48 -44.10
N THR E 71 -29.33 -67.49 -45.02
CA THR E 71 -28.90 -66.25 -45.65
C THR E 71 -29.91 -65.74 -46.67
N ALA E 72 -31.04 -66.39 -46.83
CA ALA E 72 -32.04 -65.92 -47.78
C ALA E 72 -32.62 -64.60 -47.31
N GLY E 73 -32.48 -63.57 -48.13
CA GLY E 73 -33.02 -62.27 -47.81
C GLY E 73 -34.52 -62.16 -47.82
N ALA E 74 -35.22 -63.29 -47.88
CA ALA E 74 -36.66 -63.32 -48.02
C ALA E 74 -37.37 -63.02 -46.73
N ILE E 75 -36.72 -62.39 -45.78
CA ILE E 75 -37.37 -62.02 -44.53
C ILE E 75 -37.16 -60.54 -44.32
N ASN E 76 -35.91 -60.11 -44.42
CA ASN E 76 -35.59 -58.69 -44.35
C ASN E 76 -36.44 -57.91 -45.35
N GLU E 77 -36.57 -58.42 -46.56
CA GLU E 77 -37.36 -57.70 -47.55
C GLU E 77 -38.83 -57.68 -47.18
N PHE E 78 -39.33 -58.75 -46.55
CA PHE E 78 -40.70 -58.74 -46.07
C PHE E 78 -40.91 -57.64 -45.05
N ASP E 79 -40.18 -57.70 -43.95
CA ASP E 79 -40.38 -56.71 -42.90
C ASP E 79 -39.99 -55.31 -43.35
N ARG E 80 -39.21 -55.18 -44.41
CA ARG E 80 -38.87 -53.86 -44.92
C ARG E 80 -40.05 -53.17 -45.58
N LEU E 81 -41.11 -53.91 -45.90
CA LEU E 81 -42.31 -53.35 -46.49
C LEU E 81 -43.56 -53.54 -45.66
N ALA E 82 -43.57 -54.53 -44.77
CA ALA E 82 -44.69 -54.66 -43.85
C ALA E 82 -44.79 -53.45 -42.94
N LYS E 83 -43.75 -53.15 -42.20
CA LYS E 83 -43.80 -52.09 -41.22
C LYS E 83 -43.78 -50.70 -41.83
N ILE E 84 -43.62 -50.59 -43.14
CA ILE E 84 -43.77 -49.30 -43.81
C ILE E 84 -45.05 -49.22 -44.60
N ASN E 85 -45.85 -50.27 -44.60
CA ASN E 85 -47.12 -50.27 -45.32
C ASN E 85 -48.14 -49.49 -44.50
N ASP E 86 -49.41 -49.64 -44.86
CA ASP E 86 -50.49 -48.95 -44.17
C ASP E 86 -51.57 -49.88 -43.67
N ASP E 87 -51.99 -50.83 -44.48
CA ASP E 87 -53.13 -51.67 -44.16
C ASP E 87 -52.78 -52.81 -43.22
N ILE E 88 -51.54 -52.89 -42.77
CA ILE E 88 -51.08 -53.99 -41.92
C ILE E 88 -50.79 -53.42 -40.54
N ILE E 89 -51.36 -54.06 -39.53
CA ILE E 89 -51.25 -53.54 -38.17
C ILE E 89 -49.94 -53.99 -37.53
N ARG E 90 -49.75 -55.29 -37.39
CA ARG E 90 -48.53 -55.84 -36.84
C ARG E 90 -48.21 -57.14 -37.55
N HIS E 91 -47.13 -57.78 -37.12
CA HIS E 91 -46.73 -59.05 -37.69
C HIS E 91 -45.71 -59.69 -36.76
N MET E 92 -45.47 -60.98 -36.97
CA MET E 92 -44.54 -61.68 -36.10
C MET E 92 -44.01 -62.90 -36.82
N ILE E 93 -42.72 -62.88 -37.13
CA ILE E 93 -42.03 -64.01 -37.74
C ILE E 93 -41.51 -64.88 -36.63
N VAL E 94 -41.66 -66.19 -36.76
CA VAL E 94 -41.27 -67.13 -35.72
C VAL E 94 -40.74 -68.40 -36.36
N LYS E 95 -39.61 -68.89 -35.86
CA LYS E 95 -39.11 -70.19 -36.29
C LYS E 95 -40.04 -71.29 -35.79
N VAL E 96 -40.22 -72.33 -36.60
CA VAL E 96 -41.30 -73.26 -36.36
C VAL E 96 -40.81 -74.68 -36.08
N GLU E 97 -40.53 -74.98 -34.82
CA GLU E 97 -40.30 -76.35 -34.38
C GLU E 97 -41.11 -76.62 -33.13
N PRO F 1 -54.71 -49.92 41.72
CA PRO F 1 -53.59 -49.03 41.47
C PRO F 1 -52.67 -49.56 40.38
N ARG F 2 -52.04 -50.71 40.68
CA ARG F 2 -51.27 -51.47 39.73
C ARG F 2 -51.83 -52.85 39.49
N LYS F 3 -52.31 -53.51 40.53
CA LYS F 3 -52.88 -54.85 40.37
C LYS F 3 -54.26 -54.79 39.73
N GLY F 4 -55.20 -54.14 40.40
CA GLY F 4 -56.54 -54.01 39.88
C GLY F 4 -57.35 -53.00 40.67
N PRO F 5 -58.50 -52.60 40.12
CA PRO F 5 -59.36 -51.64 40.81
C PRO F 5 -59.77 -52.14 42.19
N VAL F 6 -60.36 -51.23 42.97
CA VAL F 6 -60.52 -51.41 44.41
C VAL F 6 -61.90 -50.87 44.81
N ALA F 7 -62.36 -51.24 46.02
CA ALA F 7 -63.69 -50.94 46.51
C ALA F 7 -63.93 -49.44 46.67
N LYS F 8 -65.15 -49.03 47.04
CA LYS F 8 -65.52 -47.62 46.89
C LYS F 8 -66.26 -46.96 48.05
N ARG F 9 -66.54 -47.65 49.15
CA ARG F 9 -66.92 -47.00 50.42
C ARG F 9 -68.19 -46.14 50.28
N ASP F 10 -69.30 -46.80 50.00
CA ASP F 10 -70.58 -46.09 49.90
C ASP F 10 -70.96 -45.43 51.22
N VAL F 11 -71.80 -44.40 51.13
CA VAL F 11 -72.19 -43.60 52.28
C VAL F 11 -73.61 -43.95 52.68
N LEU F 12 -74.05 -43.37 53.78
CA LEU F 12 -75.40 -43.53 54.30
C LEU F 12 -76.29 -42.40 53.81
N PRO F 13 -77.60 -42.61 53.81
CA PRO F 13 -78.51 -41.52 53.45
C PRO F 13 -78.60 -40.48 54.56
N ASP F 14 -79.27 -39.38 54.25
CA ASP F 14 -79.33 -38.22 55.13
C ASP F 14 -80.39 -38.42 56.21
N PRO F 15 -80.21 -37.80 57.37
CA PRO F 15 -81.23 -37.86 58.43
C PRO F 15 -82.35 -36.83 58.32
N ILE F 16 -82.50 -36.17 57.17
CA ILE F 16 -83.65 -35.28 56.98
C ILE F 16 -84.39 -35.69 55.73
N TYR F 17 -83.72 -35.59 54.58
CA TYR F 17 -84.35 -35.95 53.32
C TYR F 17 -84.03 -37.37 52.90
N ASN F 18 -83.11 -38.04 53.60
CA ASN F 18 -82.73 -39.42 53.30
C ASN F 18 -82.24 -39.55 51.87
N SER F 19 -81.12 -38.87 51.61
CA SER F 19 -80.53 -38.82 50.27
C SER F 19 -79.06 -39.15 50.34
N LYS F 20 -78.66 -40.18 49.60
CA LYS F 20 -77.23 -40.45 49.46
C LYS F 20 -76.50 -39.25 48.88
N LEU F 21 -77.15 -38.50 47.99
CA LEU F 21 -76.50 -37.33 47.43
C LEU F 21 -76.31 -36.26 48.49
N VAL F 22 -77.26 -36.11 49.41
CA VAL F 22 -77.13 -35.07 50.42
C VAL F 22 -75.92 -35.31 51.30
N THR F 23 -75.74 -36.54 51.77
CA THR F 23 -74.56 -36.87 52.56
C THR F 23 -73.29 -36.69 51.74
N ARG F 24 -73.33 -37.14 50.48
CA ARG F 24 -72.17 -37.03 49.62
C ARG F 24 -71.83 -35.58 49.32
N LEU F 25 -72.75 -34.66 49.57
CA LEU F 25 -72.44 -33.24 49.42
C LEU F 25 -72.00 -32.61 50.73
N ILE F 26 -72.60 -33.04 51.85
CA ILE F 26 -72.16 -32.57 53.15
C ILE F 26 -70.69 -32.90 53.36
N ASN F 27 -70.27 -34.10 52.93
CA ASN F 27 -68.87 -34.47 53.08
C ASN F 27 -67.96 -33.54 52.30
N ARG F 28 -68.39 -33.05 51.14
CA ARG F 28 -67.54 -32.21 50.31
C ARG F 28 -67.64 -30.74 50.68
N VAL F 29 -67.92 -30.44 51.93
CA VAL F 29 -67.79 -29.08 52.43
C VAL F 29 -66.91 -29.10 53.66
N MET F 30 -66.91 -30.24 54.35
CA MET F 30 -66.16 -30.37 55.60
C MET F 30 -64.69 -30.08 55.36
N VAL F 31 -64.08 -29.36 56.30
CA VAL F 31 -62.65 -29.09 56.27
C VAL F 31 -62.09 -29.36 57.65
N ASP F 32 -61.07 -30.21 57.72
CA ASP F 32 -60.33 -30.47 58.95
C ASP F 32 -61.23 -31.08 60.04
N GLY F 33 -61.73 -32.29 59.77
CA GLY F 33 -62.33 -33.10 60.82
C GLY F 33 -63.45 -32.46 61.59
N LYS F 34 -64.05 -31.41 61.07
CA LYS F 34 -65.11 -30.66 61.74
C LYS F 34 -66.36 -30.78 60.91
N ARG F 35 -67.32 -31.58 61.36
CA ARG F 35 -68.45 -31.91 60.50
C ARG F 35 -69.68 -31.06 60.78
N GLY F 36 -70.14 -31.02 62.04
CA GLY F 36 -71.42 -30.41 62.35
C GLY F 36 -71.63 -29.07 61.67
N ILE F 37 -70.58 -28.26 61.61
CA ILE F 37 -70.68 -26.96 60.95
C ILE F 37 -71.13 -27.13 59.50
N ALA F 38 -70.60 -28.13 58.82
CA ALA F 38 -70.97 -28.35 57.42
C ALA F 38 -72.45 -28.70 57.31
N ALA F 39 -72.93 -29.59 58.18
CA ALA F 39 -74.35 -29.92 58.19
C ALA F 39 -75.20 -28.69 58.40
N ASN F 40 -74.75 -27.79 59.27
CA ASN F 40 -75.52 -26.59 59.55
C ASN F 40 -75.61 -25.68 58.33
N ILE F 41 -74.49 -25.45 57.66
CA ILE F 41 -74.60 -24.58 56.48
C ILE F 41 -75.41 -25.27 55.40
N ILE F 42 -75.35 -26.59 55.32
CA ILE F 42 -76.17 -27.30 54.34
C ILE F 42 -77.64 -27.05 54.60
N TYR F 43 -78.08 -27.28 55.84
CA TYR F 43 -79.50 -27.14 56.14
C TYR F 43 -79.97 -25.70 55.98
N ASN F 44 -79.16 -24.74 56.42
CA ASN F 44 -79.56 -23.35 56.28
C ASN F 44 -79.65 -22.95 54.82
N SER F 45 -78.69 -23.37 54.01
CA SER F 45 -78.78 -23.10 52.58
C SER F 45 -80.02 -23.72 51.98
N PHE F 46 -80.36 -24.94 52.40
CA PHE F 46 -81.54 -25.60 51.88
C PHE F 46 -82.80 -24.82 52.20
N ASP F 47 -82.93 -24.37 53.45
CA ASP F 47 -84.09 -23.58 53.83
C ASP F 47 -84.16 -22.30 53.03
N ILE F 48 -83.02 -21.64 52.84
CA ILE F 48 -83.01 -20.41 52.05
C ILE F 48 -83.49 -20.69 50.63
N ILE F 49 -83.04 -21.81 50.06
CA ILE F 49 -83.47 -22.16 48.71
C ILE F 49 -84.98 -22.34 48.67
N LYS F 50 -85.50 -23.12 49.59
CA LYS F 50 -86.94 -23.38 49.60
C LYS F 50 -87.74 -22.13 49.91
N GLU F 51 -87.13 -21.13 50.52
CA GLU F 51 -87.88 -19.92 50.88
C GLU F 51 -88.35 -19.19 49.63
N SER F 52 -87.42 -18.67 48.84
CA SER F 52 -87.79 -18.03 47.59
C SER F 52 -87.95 -19.11 46.52
N THR F 53 -89.12 -19.11 45.86
CA THR F 53 -89.48 -20.15 44.90
C THR F 53 -89.44 -21.53 45.55
N GLY F 54 -90.36 -21.72 46.48
CA GLY F 54 -90.44 -22.99 47.17
C GLY F 54 -90.97 -24.11 46.30
N ASN F 55 -90.07 -24.96 45.82
CA ASN F 55 -90.44 -26.22 45.21
C ASN F 55 -89.92 -27.40 46.01
N ASP F 56 -88.61 -27.48 46.21
CA ASP F 56 -87.94 -28.49 47.02
C ASP F 56 -86.46 -28.17 47.11
N PRO F 57 -85.81 -28.45 48.24
CA PRO F 57 -84.35 -28.42 48.27
C PRO F 57 -83.73 -29.56 47.48
N LEU F 58 -84.52 -30.56 47.07
CA LEU F 58 -83.97 -31.70 46.36
C LEU F 58 -84.14 -31.59 44.85
N GLU F 59 -85.32 -31.17 44.41
CA GLU F 59 -85.64 -31.22 42.98
C GLU F 59 -84.84 -30.17 42.22
N VAL F 60 -84.84 -28.93 42.70
CA VAL F 60 -84.03 -27.90 42.06
C VAL F 60 -82.56 -28.27 42.17
N PHE F 61 -82.19 -29.00 43.21
CA PHE F 61 -80.82 -29.47 43.36
C PHE F 61 -80.44 -30.39 42.21
N GLU F 62 -81.27 -31.41 41.95
CA GLU F 62 -81.01 -32.31 40.84
C GLU F 62 -81.08 -31.58 39.51
N GLN F 63 -81.92 -30.56 39.40
CA GLN F 63 -81.94 -29.74 38.19
C GLN F 63 -80.58 -29.12 37.94
N ALA F 64 -80.06 -28.40 38.93
CA ALA F 64 -78.73 -27.82 38.83
C ALA F 64 -77.70 -28.88 38.51
N MET F 65 -77.86 -30.08 39.09
CA MET F 65 -76.89 -31.15 38.85
C MET F 65 -76.87 -31.56 37.38
N LYS F 66 -78.02 -32.03 36.88
CA LYS F 66 -78.10 -32.40 35.47
C LYS F 66 -77.71 -31.25 34.55
N ASN F 67 -77.75 -30.01 35.05
CA ASN F 67 -77.19 -28.90 34.28
C ASN F 67 -75.67 -28.95 34.23
N VAL F 68 -75.02 -29.72 35.10
CA VAL F 68 -73.59 -29.64 35.34
C VAL F 68 -72.86 -30.91 34.90
N MET F 69 -73.37 -32.06 35.31
CA MET F 69 -72.67 -33.32 35.09
C MET F 69 -72.34 -33.53 33.62
N PRO F 70 -71.07 -33.58 33.25
CA PRO F 70 -70.70 -33.58 31.82
C PRO F 70 -70.94 -34.91 31.13
N VAL F 71 -70.50 -35.02 29.87
CA VAL F 71 -70.63 -36.28 29.15
C VAL F 71 -69.33 -36.71 28.47
N LEU F 72 -68.37 -35.82 28.27
CA LEU F 72 -67.08 -36.17 27.70
C LEU F 72 -65.98 -35.52 28.54
N GLU F 73 -64.74 -35.82 28.19
CA GLU F 73 -63.60 -35.26 28.89
C GLU F 73 -62.33 -35.51 28.10
N VAL F 74 -61.46 -34.51 28.04
CA VAL F 74 -60.17 -34.71 27.42
C VAL F 74 -59.28 -35.51 28.36
N LYS F 75 -58.80 -36.65 27.89
CA LYS F 75 -57.96 -37.54 28.67
C LYS F 75 -56.61 -37.61 28.00
N ALA F 76 -55.62 -36.92 28.56
CA ALA F 76 -54.31 -36.85 27.95
C ALA F 76 -53.68 -38.24 27.92
N ARG F 77 -53.40 -38.74 26.72
CA ARG F 77 -52.76 -40.04 26.57
C ARG F 77 -51.71 -39.98 25.47
N ARG F 78 -50.52 -40.46 25.79
CA ARG F 78 -49.42 -40.51 24.83
C ARG F 78 -49.37 -41.93 24.27
N VAL F 79 -50.37 -42.27 23.46
CA VAL F 79 -50.25 -43.45 22.60
C VAL F 79 -49.21 -43.20 21.52
N GLY F 80 -49.20 -41.99 20.97
CA GLY F 80 -48.18 -41.56 20.03
C GLY F 80 -47.09 -40.77 20.73
N GLY F 81 -46.99 -40.95 22.04
CA GLY F 81 -45.92 -40.35 22.82
C GLY F 81 -45.94 -38.84 22.87
N SER F 82 -46.98 -38.25 22.30
CA SER F 82 -47.07 -36.82 22.11
C SER F 82 -48.21 -36.25 22.96
N ASN F 83 -48.52 -34.99 22.71
CA ASN F 83 -49.58 -34.30 23.43
C ASN F 83 -50.94 -34.59 22.81
N TYR F 84 -51.26 -35.87 22.62
CA TYR F 84 -52.58 -36.28 22.21
C TYR F 84 -53.51 -36.27 23.41
N GLN F 85 -54.57 -35.48 23.33
CA GLN F 85 -55.66 -35.54 24.30
C GLN F 85 -56.89 -36.07 23.57
N VAL F 86 -57.39 -37.21 24.01
CA VAL F 86 -58.46 -37.94 23.32
C VAL F 86 -59.73 -37.78 24.14
N PRO F 87 -60.85 -37.40 23.51
CA PRO F 87 -62.11 -37.31 24.25
C PRO F 87 -62.53 -38.68 24.76
N VAL F 88 -62.91 -38.73 26.02
CA VAL F 88 -63.21 -39.99 26.70
C VAL F 88 -64.69 -40.03 27.03
N GLU F 89 -65.24 -41.24 27.04
CA GLU F 89 -66.63 -41.47 27.44
C GLU F 89 -66.67 -41.53 28.96
N VAL F 90 -66.98 -40.39 29.59
CA VAL F 90 -66.89 -40.29 31.03
C VAL F 90 -67.82 -41.30 31.70
N ARG F 91 -67.40 -41.81 32.84
CA ARG F 91 -68.15 -42.84 33.56
C ARG F 91 -69.34 -42.22 34.27
N PRO F 92 -70.28 -43.05 34.73
CA PRO F 92 -71.42 -42.50 35.48
C PRO F 92 -71.01 -41.81 36.78
N GLU F 93 -70.26 -42.49 37.64
CA GLU F 93 -70.01 -41.98 38.98
C GLU F 93 -69.20 -40.69 38.95
N ARG F 94 -68.07 -40.70 38.23
CA ARG F 94 -67.21 -39.53 38.14
C ARG F 94 -68.00 -38.31 37.67
N ARG F 95 -69.08 -38.52 36.94
CA ARG F 95 -69.93 -37.40 36.56
C ARG F 95 -70.48 -36.69 37.79
N THR F 96 -71.10 -37.45 38.70
CA THR F 96 -71.60 -36.86 39.93
C THR F 96 -70.48 -36.26 40.76
N THR F 97 -69.34 -36.96 40.83
CA THR F 97 -68.18 -36.43 41.53
C THR F 97 -67.86 -35.03 41.05
N LEU F 98 -67.67 -34.87 39.75
CA LEU F 98 -67.32 -33.56 39.21
C LEU F 98 -68.45 -32.56 39.40
N GLY F 99 -69.68 -33.02 39.35
CA GLY F 99 -70.78 -32.11 39.60
C GLY F 99 -70.60 -31.44 40.94
N LEU F 100 -70.51 -32.26 41.99
CA LEU F 100 -70.37 -31.70 43.33
C LEU F 100 -69.12 -30.86 43.44
N ARG F 101 -68.02 -31.31 42.83
CA ARG F 101 -66.76 -30.60 42.95
C ARG F 101 -66.87 -29.19 42.38
N TRP F 102 -67.30 -29.08 41.13
CA TRP F 102 -67.43 -27.77 40.53
C TRP F 102 -68.42 -26.92 41.31
N VAL F 103 -69.54 -27.52 41.70
CA VAL F 103 -70.55 -26.76 42.43
C VAL F 103 -69.93 -26.11 43.65
N VAL F 104 -69.42 -26.91 44.57
CA VAL F 104 -68.93 -26.38 45.84
C VAL F 104 -67.76 -25.43 45.60
N ASN F 105 -66.72 -25.90 44.91
CA ASN F 105 -65.55 -25.05 44.72
C ASN F 105 -65.94 -23.72 44.09
N TYR F 106 -66.48 -23.77 42.88
CA TYR F 106 -66.74 -22.54 42.17
C TYR F 106 -67.81 -21.69 42.85
N ALA F 107 -68.61 -22.29 43.75
CA ALA F 107 -69.51 -21.49 44.57
C ALA F 107 -68.78 -20.80 45.71
N ARG F 108 -67.71 -21.41 46.22
CA ARG F 108 -66.93 -20.82 47.29
C ARG F 108 -66.45 -19.42 46.93
N LEU F 109 -66.34 -19.10 45.64
CA LEU F 109 -65.89 -17.79 45.21
C LEU F 109 -67.04 -16.88 44.79
N ARG F 110 -68.27 -17.23 45.15
CA ARG F 110 -69.40 -16.36 44.79
C ARG F 110 -69.27 -15.01 45.47
N GLY F 111 -69.08 -15.01 46.78
CA GLY F 111 -68.76 -13.78 47.48
C GLY F 111 -69.91 -13.07 48.18
N GLU F 112 -70.71 -13.82 48.93
CA GLU F 112 -71.57 -13.24 49.94
C GLU F 112 -70.87 -13.27 51.27
N HIS F 113 -70.73 -12.11 51.91
CA HIS F 113 -70.14 -12.07 53.24
C HIS F 113 -70.87 -13.02 54.18
N THR F 114 -72.14 -13.29 53.91
CA THR F 114 -72.88 -14.23 54.73
C THR F 114 -72.35 -15.64 54.53
N MET F 115 -72.63 -16.50 55.51
CA MET F 115 -71.97 -17.79 55.55
C MET F 115 -72.37 -18.70 54.41
N GLU F 116 -73.68 -18.96 54.23
CA GLU F 116 -74.11 -19.95 53.26
C GLU F 116 -74.93 -19.39 52.12
N GLU F 117 -75.14 -18.07 52.05
CA GLU F 117 -75.78 -17.51 50.88
C GLU F 117 -75.03 -17.87 49.62
N ARG F 118 -73.73 -18.11 49.72
CA ARG F 118 -72.92 -18.42 48.55
C ARG F 118 -73.43 -19.67 47.85
N LEU F 119 -73.64 -20.74 48.60
CA LEU F 119 -74.07 -21.99 47.99
C LEU F 119 -75.46 -21.87 47.39
N ALA F 120 -76.42 -21.44 48.21
CA ALA F 120 -77.82 -21.44 47.82
C ALA F 120 -78.02 -20.72 46.49
N LYS F 121 -77.51 -19.49 46.41
CA LYS F 121 -77.60 -18.75 45.17
C LYS F 121 -76.95 -19.50 44.03
N GLU F 122 -75.86 -20.21 44.30
CA GLU F 122 -75.16 -20.87 43.21
C GLU F 122 -75.99 -21.98 42.60
N ILE F 123 -76.53 -22.87 43.44
CA ILE F 123 -77.29 -23.95 42.83
C ILE F 123 -78.59 -23.45 42.24
N MET F 124 -79.18 -22.40 42.83
CA MET F 124 -80.40 -21.85 42.24
C MET F 124 -80.12 -21.22 40.89
N ASP F 125 -78.95 -20.61 40.72
CA ASP F 125 -78.61 -20.06 39.42
C ASP F 125 -78.22 -21.14 38.42
N ALA F 126 -77.65 -22.24 38.92
CA ALA F 126 -77.26 -23.30 38.02
C ALA F 126 -78.48 -24.02 37.46
N ALA F 127 -79.49 -24.27 38.30
CA ALA F 127 -80.68 -24.96 37.81
C ALA F 127 -81.32 -24.23 36.65
N ASN F 128 -81.04 -22.93 36.48
CA ASN F 128 -81.59 -22.13 35.40
C ASN F 128 -80.54 -21.78 34.36
N ASN F 129 -79.40 -22.49 34.37
CA ASN F 129 -78.39 -22.41 33.31
C ASN F 129 -77.73 -21.03 33.25
N THR F 130 -77.57 -20.39 34.41
CA THR F 130 -76.81 -19.15 34.52
C THR F 130 -75.76 -19.33 35.58
N GLY F 131 -74.49 -19.18 35.20
CA GLY F 131 -73.38 -19.41 36.11
C GLY F 131 -72.29 -20.24 35.47
N ALA F 132 -71.06 -20.03 35.92
CA ALA F 132 -69.92 -20.60 35.22
C ALA F 132 -69.84 -22.12 35.34
N SER F 133 -70.44 -22.71 36.37
CA SER F 133 -70.46 -24.17 36.43
C SER F 133 -71.18 -24.74 35.22
N VAL F 134 -72.32 -24.16 34.87
CA VAL F 134 -72.95 -24.48 33.60
C VAL F 134 -72.00 -24.16 32.45
N LYS F 135 -71.39 -22.97 32.51
CA LYS F 135 -70.38 -22.63 31.53
C LYS F 135 -69.20 -23.59 31.60
N LYS F 136 -68.89 -24.11 32.79
CA LYS F 136 -67.79 -25.06 32.89
C LYS F 136 -68.11 -26.35 32.14
N ARG F 137 -69.31 -26.88 32.34
CA ARG F 137 -69.68 -28.09 31.60
C ARG F 137 -69.74 -27.83 30.11
N GLU F 138 -70.29 -26.68 29.71
CA GLU F 138 -70.34 -26.39 28.29
C GLU F 138 -68.95 -26.17 27.71
N ASP F 139 -68.02 -25.65 28.51
CA ASP F 139 -66.65 -25.49 28.05
C ASP F 139 -65.96 -26.84 27.91
N THR F 140 -66.24 -27.76 28.82
CA THR F 140 -65.71 -29.11 28.69
C THR F 140 -66.24 -29.76 27.41
N HIS F 141 -67.53 -29.57 27.12
CA HIS F 141 -68.09 -30.14 25.90
C HIS F 141 -67.69 -29.37 24.65
N LYS F 142 -67.17 -28.16 24.79
CA LYS F 142 -66.71 -27.39 23.65
C LYS F 142 -65.22 -27.57 23.38
N MET F 143 -64.48 -28.09 24.36
CA MET F 143 -63.13 -28.57 24.12
C MET F 143 -63.11 -30.04 23.73
N ALA F 144 -64.05 -30.83 24.23
CA ALA F 144 -64.36 -32.11 23.63
C ALA F 144 -65.07 -31.87 22.31
N ASP F 145 -64.78 -32.74 21.34
CA ASP F 145 -65.28 -32.57 19.97
C ASP F 145 -64.70 -31.30 19.34
N ALA F 146 -63.89 -30.57 20.08
CA ALA F 146 -63.03 -29.58 19.47
C ALA F 146 -61.84 -30.24 18.81
N ASN F 147 -61.53 -31.47 19.21
CA ASN F 147 -60.44 -32.24 18.61
C ASN F 147 -60.80 -33.71 18.50
N ARG F 148 -62.09 -34.06 18.43
CA ARG F 148 -62.45 -35.45 18.27
C ARG F 148 -62.00 -36.01 16.93
N ALA F 149 -61.62 -35.14 15.98
CA ALA F 149 -61.19 -35.61 14.68
C ALA F 149 -60.04 -36.60 14.80
N PHE F 150 -58.89 -36.14 15.28
CA PHE F 150 -57.69 -36.96 15.32
C PHE F 150 -57.54 -37.74 16.61
N ALA F 151 -58.56 -37.75 17.45
CA ALA F 151 -58.43 -38.40 18.74
C ALA F 151 -59.67 -39.22 19.05
N HIS F 152 -60.11 -40.05 18.11
CA HIS F 152 -61.29 -40.86 18.39
C HIS F 152 -61.11 -42.33 18.09
N TYR F 153 -60.30 -42.72 17.10
CA TYR F 153 -60.13 -44.13 16.80
C TYR F 153 -59.12 -44.76 17.76
N ARG F 154 -59.28 -44.51 19.05
CA ARG F 154 -58.34 -45.00 20.04
C ARG F 154 -59.08 -45.46 21.30
N VAL G 1 -3.97 -85.27 -12.00
CA VAL G 1 -3.34 -86.42 -12.62
C VAL G 1 -2.66 -87.27 -11.56
N MET G 2 -2.94 -88.56 -11.56
CA MET G 2 -2.26 -89.47 -10.64
C MET G 2 -0.79 -89.48 -10.96
N THR G 3 0.02 -88.85 -10.13
CA THR G 3 1.44 -88.76 -10.43
C THR G 3 2.31 -89.52 -9.45
N ASP G 4 1.73 -90.24 -8.50
CA ASP G 4 2.52 -91.05 -7.58
C ASP G 4 1.65 -92.19 -7.06
N PRO G 5 1.77 -93.36 -7.62
CA PRO G 5 0.83 -94.44 -7.31
C PRO G 5 1.15 -95.23 -6.04
N ILE G 6 2.42 -95.32 -5.68
CA ILE G 6 2.77 -96.04 -4.45
C ILE G 6 2.23 -95.30 -3.24
N ALA G 7 2.37 -93.98 -3.23
CA ALA G 7 1.73 -93.20 -2.18
C ALA G 7 0.23 -93.45 -2.14
N ASP G 8 -0.40 -93.52 -3.31
CA ASP G 8 -1.83 -93.79 -3.33
C ASP G 8 -2.14 -95.13 -2.70
N PHE G 9 -1.33 -96.14 -2.99
CA PHE G 9 -1.56 -97.45 -2.42
C PHE G 9 -1.49 -97.40 -0.91
N LEU G 10 -0.43 -96.78 -0.39
CA LEU G 10 -0.31 -96.69 1.05
C LEU G 10 -1.47 -95.93 1.66
N THR G 11 -1.87 -94.83 1.04
CA THR G 11 -2.97 -94.04 1.58
C THR G 11 -4.26 -94.82 1.57
N ARG G 12 -4.50 -95.59 0.52
CA ARG G 12 -5.69 -96.44 0.48
C ARG G 12 -5.68 -97.40 1.66
N ILE G 13 -4.53 -98.02 1.93
CA ILE G 13 -4.51 -98.95 3.05
C ILE G 13 -4.76 -98.21 4.35
N ARG G 14 -4.16 -97.04 4.52
CA ARG G 14 -4.35 -96.34 5.77
C ARG G 14 -5.81 -95.93 5.96
N ASN G 15 -6.45 -95.43 4.90
CA ASN G 15 -7.87 -95.11 4.99
C ASN G 15 -8.67 -96.34 5.36
N ALA G 16 -8.65 -97.36 4.50
CA ALA G 16 -9.44 -98.55 4.74
C ALA G 16 -9.15 -99.19 6.10
N ASN G 17 -7.99 -98.93 6.68
CA ASN G 17 -7.71 -99.48 7.99
C ASN G 17 -8.29 -98.62 9.10
N MET G 18 -8.22 -97.30 8.94
CA MET G 18 -8.64 -96.42 10.02
C MET G 18 -10.12 -96.56 10.31
N VAL G 19 -10.94 -96.81 9.27
CA VAL G 19 -12.36 -97.02 9.48
C VAL G 19 -12.67 -98.46 9.83
N LYS G 20 -11.71 -99.36 9.69
CA LYS G 20 -11.84 -100.76 10.10
C LYS G 20 -12.90 -101.52 9.29
N HIS G 21 -12.68 -101.62 8.00
CA HIS G 21 -13.29 -102.71 7.26
C HIS G 21 -12.17 -103.54 6.65
N GLU G 22 -12.54 -104.51 5.81
CA GLU G 22 -11.70 -105.69 5.65
C GLU G 22 -11.07 -105.90 4.30
N THR G 23 -11.67 -105.44 3.20
CA THR G 23 -11.09 -105.70 1.90
C THR G 23 -10.73 -104.40 1.20
N LEU G 24 -10.07 -104.55 0.05
CA LEU G 24 -9.46 -103.40 -0.60
C LEU G 24 -9.06 -103.74 -2.03
N GLU G 25 -9.43 -102.88 -2.97
CA GLU G 25 -9.15 -103.10 -4.40
C GLU G 25 -8.29 -101.98 -4.94
N VAL G 26 -7.26 -102.35 -5.69
CA VAL G 26 -6.28 -101.38 -6.20
C VAL G 26 -5.84 -101.82 -7.60
N PRO G 27 -5.66 -100.89 -8.53
CA PRO G 27 -5.09 -101.27 -9.82
C PRO G 27 -3.70 -101.83 -9.66
N ALA G 28 -3.47 -102.99 -10.27
CA ALA G 28 -2.24 -103.75 -10.10
C ALA G 28 -1.16 -103.29 -11.05
N SER G 29 0.08 -103.55 -10.65
CA SER G 29 1.23 -103.26 -11.48
C SER G 29 2.42 -103.99 -10.90
N LYS G 30 3.61 -103.69 -11.44
CA LYS G 30 4.78 -104.47 -11.09
C LYS G 30 5.10 -104.38 -9.61
N ILE G 31 5.46 -103.19 -9.13
CA ILE G 31 6.03 -103.10 -7.80
C ILE G 31 4.97 -103.18 -6.70
N LYS G 32 3.74 -102.73 -7.00
CA LYS G 32 2.69 -102.83 -5.98
C LYS G 32 2.52 -104.26 -5.52
N ARG G 33 2.53 -105.20 -6.47
CA ARG G 33 2.48 -106.60 -6.09
C ARG G 33 3.63 -106.94 -5.14
N ASP G 34 4.82 -106.42 -5.41
CA ASP G 34 5.98 -106.82 -4.63
C ASP G 34 5.89 -106.29 -3.20
N ILE G 35 5.51 -105.02 -3.05
CA ILE G 35 5.39 -104.50 -1.70
C ILE G 35 4.24 -105.17 -0.99
N ALA G 36 3.21 -105.59 -1.73
CA ALA G 36 2.14 -106.35 -1.10
C ALA G 36 2.67 -107.66 -0.54
N GLU G 37 3.43 -108.39 -1.36
CA GLU G 37 4.07 -109.61 -0.89
C GLU G 37 4.86 -109.35 0.37
N ILE G 38 5.75 -108.37 0.33
CA ILE G 38 6.60 -108.08 1.47
C ILE G 38 5.75 -107.80 2.70
N LEU G 39 4.69 -107.02 2.52
CA LEU G 39 3.81 -106.72 3.64
C LEU G 39 3.03 -107.94 4.10
N LYS G 40 3.01 -109.01 3.30
CA LYS G 40 2.27 -110.19 3.68
C LYS G 40 3.09 -111.15 4.53
N ARG G 41 4.37 -111.32 4.21
CA ARG G 41 5.20 -112.24 4.98
C ARG G 41 5.31 -111.81 6.42
N GLU G 42 5.51 -110.52 6.64
CA GLU G 42 5.84 -110.00 7.96
C GLU G 42 4.71 -110.12 8.96
N GLY G 43 3.59 -110.72 8.59
CA GLY G 43 2.46 -110.76 9.52
C GLY G 43 1.76 -109.44 9.64
N PHE G 44 1.57 -108.75 8.52
CA PHE G 44 0.82 -107.51 8.47
C PHE G 44 -0.48 -107.63 7.71
N ILE G 45 -0.45 -108.20 6.52
CA ILE G 45 -1.62 -108.37 5.68
C ILE G 45 -2.05 -109.83 5.74
N ARG G 46 -3.32 -110.07 6.04
CA ARG G 46 -3.79 -111.44 6.20
C ARG G 46 -3.62 -112.24 4.93
N ASP G 47 -4.06 -111.70 3.79
CA ASP G 47 -3.96 -112.45 2.55
C ASP G 47 -4.16 -111.51 1.37
N VAL G 48 -3.54 -111.87 0.24
CA VAL G 48 -3.74 -111.19 -1.03
C VAL G 48 -4.00 -112.23 -2.11
N GLU G 49 -4.53 -111.75 -3.23
CA GLU G 49 -4.77 -112.62 -4.38
C GLU G 49 -4.89 -111.75 -5.62
N TYR G 50 -4.25 -112.21 -6.69
CA TYR G 50 -4.10 -111.42 -7.89
C TYR G 50 -5.19 -111.78 -8.88
N ILE G 51 -5.86 -110.77 -9.45
CA ILE G 51 -6.89 -110.98 -10.46
C ILE G 51 -6.71 -109.92 -11.52
N GLU G 52 -6.75 -110.32 -12.80
CA GLU G 52 -6.48 -109.43 -13.91
C GLU G 52 -7.40 -109.76 -15.07
N ASP G 53 -7.81 -108.73 -15.81
CA ASP G 53 -8.70 -108.92 -16.94
C ASP G 53 -8.08 -108.58 -18.29
N ASP G 54 -7.74 -107.31 -18.52
CA ASP G 54 -7.09 -106.91 -19.76
C ASP G 54 -6.12 -105.75 -19.59
N LYS G 55 -5.93 -105.25 -18.38
CA LYS G 55 -5.27 -103.99 -18.11
C LYS G 55 -4.53 -104.13 -16.79
N GLN G 56 -4.27 -103.01 -16.14
CA GLN G 56 -3.90 -103.05 -14.73
C GLN G 56 -4.97 -103.78 -13.91
N GLY G 57 -4.69 -103.97 -12.63
CA GLY G 57 -5.69 -104.49 -11.74
C GLY G 57 -5.74 -106.00 -11.77
N VAL G 58 -6.12 -106.59 -10.65
CA VAL G 58 -6.45 -105.84 -9.45
C VAL G 58 -5.95 -106.62 -8.25
N ILE G 59 -5.22 -105.96 -7.36
CA ILE G 59 -4.69 -106.61 -6.17
C ILE G 59 -5.72 -106.44 -5.07
N ARG G 60 -6.41 -107.52 -4.72
CA ARG G 60 -7.28 -107.51 -3.57
C ARG G 60 -6.48 -107.86 -2.33
N VAL G 61 -6.74 -107.15 -1.24
CA VAL G 61 -5.98 -107.28 -0.01
C VAL G 61 -6.97 -107.38 1.13
N PHE G 62 -6.85 -108.43 1.93
CA PHE G 62 -7.70 -108.61 3.09
C PHE G 62 -6.92 -108.22 4.32
N LEU G 63 -7.41 -107.22 5.05
CA LEU G 63 -6.65 -106.70 6.17
C LEU G 63 -6.60 -107.72 7.32
N LYS G 64 -5.93 -107.32 8.40
CA LYS G 64 -5.70 -108.19 9.55
C LYS G 64 -6.03 -107.44 10.81
N TYR G 65 -6.62 -108.13 11.77
CA TYR G 65 -7.04 -107.50 13.02
C TYR G 65 -6.68 -108.41 14.19
N GLY G 66 -6.51 -107.78 15.36
CA GLY G 66 -6.27 -108.55 16.55
C GLY G 66 -7.55 -109.16 17.08
N LYS G 67 -7.40 -110.30 17.78
CA LYS G 67 -8.56 -111.00 18.29
C LYS G 67 -9.42 -110.11 19.17
N ASN G 68 -8.79 -109.19 19.91
CA ASN G 68 -9.49 -108.28 20.79
C ASN G 68 -9.86 -106.99 20.08
N GLU G 69 -9.99 -107.05 18.75
CA GLU G 69 -10.42 -105.92 17.92
C GLU G 69 -9.46 -104.74 18.05
N GLU G 70 -8.21 -104.97 17.64
CA GLU G 70 -7.20 -103.92 17.64
C GLU G 70 -6.31 -104.08 16.41
N ARG G 71 -5.89 -102.96 15.85
CA ARG G 71 -5.24 -102.96 14.55
C ARG G 71 -3.77 -103.31 14.66
N VAL G 72 -3.30 -104.19 13.77
CA VAL G 72 -1.90 -104.58 13.78
C VAL G 72 -1.05 -103.54 13.07
N ILE G 73 -1.27 -103.38 11.77
CA ILE G 73 -0.62 -102.27 11.08
C ILE G 73 -1.18 -100.97 11.63
N THR G 74 -0.30 -100.10 12.13
CA THR G 74 -0.76 -98.94 12.86
C THR G 74 -0.56 -97.64 12.14
N ASN G 75 0.24 -97.61 11.08
CA ASN G 75 0.43 -96.39 10.30
C ASN G 75 1.21 -96.75 9.04
N LEU G 76 1.45 -95.74 8.22
CA LEU G 76 2.09 -95.95 6.94
C LEU G 76 2.66 -94.62 6.48
N LYS G 77 3.71 -94.62 5.65
CA LYS G 77 4.38 -93.37 5.32
C LYS G 77 5.33 -93.60 4.16
N ARG G 78 5.23 -92.75 3.14
CA ARG G 78 6.17 -92.80 2.02
C ARG G 78 7.36 -91.90 2.27
N ILE G 79 8.49 -92.24 1.67
CA ILE G 79 9.74 -91.56 1.97
C ILE G 79 10.36 -90.92 0.74
N SER G 80 10.69 -91.72 -0.26
CA SER G 80 11.30 -91.19 -1.47
C SER G 80 10.20 -90.75 -2.43
N LYS G 81 9.44 -89.75 -1.99
CA LYS G 81 8.39 -89.23 -2.84
C LYS G 81 9.00 -88.60 -4.07
N PRO G 82 8.27 -88.58 -5.18
CA PRO G 82 8.78 -87.90 -6.38
C PRO G 82 9.15 -86.46 -6.06
N GLY G 83 9.87 -85.86 -6.99
CA GLY G 83 10.26 -84.49 -6.76
C GLY G 83 11.46 -84.40 -5.86
N LEU G 84 11.62 -85.37 -4.96
CA LEU G 84 12.82 -85.47 -4.12
C LEU G 84 13.02 -86.94 -3.77
N ARG G 85 13.78 -87.64 -4.59
CA ARG G 85 14.02 -89.04 -4.32
C ARG G 85 15.04 -89.17 -3.19
N ALA G 86 14.90 -90.23 -2.40
CA ALA G 86 15.71 -90.42 -1.21
C ALA G 86 16.43 -91.75 -1.27
N TYR G 87 17.76 -91.71 -1.19
CA TYR G 87 18.59 -92.90 -1.24
C TYR G 87 19.33 -93.06 0.08
N VAL G 88 19.86 -94.27 0.30
CA VAL G 88 20.54 -94.58 1.54
C VAL G 88 21.63 -95.60 1.27
N LYS G 89 22.81 -95.36 1.81
CA LYS G 89 23.92 -96.30 1.68
C LYS G 89 23.89 -97.32 2.81
N ALA G 90 24.67 -98.39 2.63
CA ALA G 90 24.59 -99.54 3.53
C ALA G 90 24.86 -99.16 4.97
N ASP G 91 25.77 -98.24 5.20
CA ASP G 91 26.05 -97.79 6.56
C ASP G 91 25.11 -96.69 7.00
N GLU G 92 23.95 -96.58 6.35
CA GLU G 92 22.95 -95.61 6.73
C GLU G 92 21.56 -96.22 6.86
N VAL G 93 21.42 -97.51 6.58
CA VAL G 93 20.13 -98.19 6.49
C VAL G 93 19.24 -97.81 7.67
N PRO G 94 18.09 -97.20 7.43
CA PRO G 94 17.20 -96.84 8.52
C PRO G 94 16.63 -98.08 9.20
N LYS G 95 16.07 -97.84 10.38
CA LYS G 95 15.68 -98.92 11.27
C LYS G 95 14.62 -98.33 12.20
N VAL G 96 13.37 -98.63 11.92
CA VAL G 96 12.24 -97.93 12.52
C VAL G 96 11.87 -98.58 13.84
N LEU G 97 11.76 -97.76 14.89
CA LEU G 97 11.25 -98.19 16.18
C LEU G 97 12.07 -99.34 16.76
N ASN G 98 13.38 -99.26 16.60
CA ASN G 98 14.31 -100.21 17.20
C ASN G 98 13.91 -101.64 16.89
N GLY G 99 13.50 -101.88 15.65
CA GLY G 99 13.17 -103.19 15.17
C GLY G 99 11.69 -103.50 15.11
N LEU G 100 10.90 -102.96 16.05
CA LEU G 100 9.49 -103.29 16.07
C LEU G 100 8.77 -102.90 14.78
N GLY G 101 9.42 -102.13 13.91
CA GLY G 101 8.89 -101.81 12.60
C GLY G 101 9.81 -102.32 11.50
N ILE G 102 9.40 -102.04 10.26
CA ILE G 102 10.20 -102.39 9.10
C ILE G 102 10.19 -101.21 8.13
N ALA G 103 11.14 -101.23 7.21
CA ALA G 103 11.13 -100.32 6.07
C ALA G 103 11.54 -101.11 4.84
N ILE G 104 11.23 -100.57 3.68
CA ILE G 104 11.30 -101.34 2.43
C ILE G 104 12.14 -100.59 1.42
N ILE G 105 13.18 -101.24 0.92
CA ILE G 105 14.20 -100.61 0.09
C ILE G 105 14.29 -101.32 -1.25
N SER G 106 14.66 -100.57 -2.29
CA SER G 106 14.76 -101.10 -3.64
C SER G 106 16.23 -101.30 -3.98
N THR G 107 16.77 -102.43 -3.56
CA THR G 107 18.16 -102.74 -3.87
C THR G 107 18.34 -103.00 -5.36
N SER G 108 19.59 -102.93 -5.81
CA SER G 108 19.91 -103.23 -7.20
C SER G 108 19.75 -104.71 -7.49
N GLU G 109 19.33 -105.47 -6.49
CA GLU G 109 19.02 -106.87 -6.68
C GLU G 109 17.58 -107.19 -6.32
N GLY G 110 16.77 -106.18 -6.03
CA GLY G 110 15.35 -106.38 -5.84
C GLY G 110 14.83 -105.55 -4.70
N VAL G 111 13.59 -105.82 -4.33
CA VAL G 111 12.90 -105.12 -3.26
C VAL G 111 12.88 -106.05 -2.05
N ILE G 112 13.48 -105.60 -0.95
CA ILE G 112 13.56 -106.39 0.26
C ILE G 112 13.36 -105.48 1.45
N THR G 113 13.32 -106.07 2.63
CA THR G 113 13.16 -105.34 3.88
C THR G 113 14.48 -104.69 4.25
N ASP G 114 14.61 -104.22 5.49
CA ASP G 114 15.86 -103.56 5.85
C ASP G 114 16.88 -104.52 6.45
N LYS G 115 16.48 -105.40 7.36
CA LYS G 115 17.43 -106.37 7.89
C LYS G 115 18.12 -107.13 6.77
N GLU G 116 17.34 -107.47 5.75
CA GLU G 116 17.92 -108.16 4.60
C GLU G 116 18.92 -107.29 3.87
N ALA G 117 18.87 -105.97 4.05
CA ALA G 117 19.88 -105.13 3.46
C ALA G 117 21.17 -105.16 4.28
N ARG G 118 21.05 -104.93 5.59
CA ARG G 118 22.26 -104.89 6.41
C ARG G 118 22.96 -106.24 6.44
N ALA G 119 22.24 -107.33 6.25
CA ALA G 119 22.92 -108.60 6.12
C ALA G 119 23.54 -108.79 4.75
N LYS G 120 23.58 -107.74 3.93
CA LYS G 120 24.17 -107.83 2.60
C LYS G 120 25.03 -106.64 2.21
N ASN G 121 25.07 -105.57 3.01
CA ASN G 121 25.85 -104.38 2.71
C ASN G 121 25.50 -103.81 1.34
N ILE G 122 24.24 -103.38 1.21
CA ILE G 122 23.75 -102.75 -0.01
C ILE G 122 23.06 -101.45 0.38
N GLY G 123 22.87 -100.60 -0.60
CA GLY G 123 22.15 -99.35 -0.38
C GLY G 123 20.78 -99.34 -1.03
N GLY G 124 20.58 -98.42 -1.96
CA GLY G 124 19.36 -98.39 -2.73
C GLY G 124 18.46 -97.23 -2.32
N GLU G 125 17.28 -97.23 -2.93
CA GLU G 125 16.26 -96.24 -2.65
C GLU G 125 15.21 -96.83 -1.72
N VAL G 126 14.88 -96.09 -0.67
CA VAL G 126 13.89 -96.53 0.31
C VAL G 126 12.51 -96.13 -0.18
N ILE G 127 11.56 -97.06 -0.10
CA ILE G 127 10.21 -96.75 -0.51
C ILE G 127 9.42 -96.15 0.65
N ALA G 128 9.24 -96.91 1.72
CA ALA G 128 8.27 -96.49 2.73
C ALA G 128 8.54 -97.19 4.06
N TYR G 129 8.08 -96.56 5.12
CA TYR G 129 8.06 -97.14 6.45
C TYR G 129 6.76 -97.88 6.67
N VAL G 130 6.68 -98.55 7.81
CA VAL G 130 5.43 -99.07 8.36
C VAL G 130 5.71 -99.59 9.76
N TRP G 131 4.78 -99.42 10.68
CA TRP G 131 4.96 -100.01 11.99
C TRP G 131 3.64 -100.26 12.73
N GLN H 1 -87.90 -58.07 87.96
CA GLN H 1 -88.87 -58.32 86.90
C GLN H 1 -88.17 -58.65 85.58
N VAL H 2 -88.88 -58.45 84.47
CA VAL H 2 -88.31 -58.65 83.15
C VAL H 2 -87.43 -57.46 82.80
N GLN H 3 -86.17 -57.74 82.47
CA GLN H 3 -85.26 -56.70 82.00
C GLN H 3 -84.28 -57.32 81.02
N TYR H 4 -83.88 -56.52 80.03
CA TYR H 4 -83.04 -56.99 78.94
C TYR H 4 -81.82 -56.11 78.82
N SER H 5 -80.67 -56.73 78.54
CA SER H 5 -79.39 -56.05 78.55
C SER H 5 -78.63 -56.37 77.25
N GLY H 6 -77.45 -55.80 77.14
CA GLY H 6 -76.63 -55.88 75.95
C GLY H 6 -75.63 -54.75 75.90
N THR H 7 -74.41 -55.03 75.45
CA THR H 7 -73.34 -54.05 75.47
C THR H 7 -72.93 -53.67 74.05
N GLY H 8 -72.07 -52.67 73.96
CA GLY H 8 -71.57 -52.20 72.68
C GLY H 8 -70.25 -51.48 72.83
N ARG H 9 -69.36 -51.61 71.85
CA ARG H 9 -68.02 -51.05 71.93
C ARG H 9 -67.61 -50.47 70.59
N ARG H 10 -67.07 -49.25 70.63
CA ARG H 10 -66.55 -48.58 69.44
C ARG H 10 -65.49 -47.59 69.87
N LYS H 11 -64.36 -47.58 69.16
CA LYS H 11 -63.28 -46.62 69.39
C LYS H 11 -62.94 -46.52 70.88
N ASN H 12 -62.83 -47.66 71.54
CA ASN H 12 -62.39 -47.73 72.92
C ASN H 12 -63.39 -47.08 73.86
N ALA H 13 -64.64 -46.94 73.44
CA ALA H 13 -65.72 -46.51 74.31
C ALA H 13 -66.71 -47.65 74.47
N VAL H 14 -67.38 -47.70 75.59
CA VAL H 14 -68.26 -48.80 75.92
C VAL H 14 -69.49 -48.29 76.63
N ALA H 15 -70.67 -48.78 76.21
CA ALA H 15 -71.94 -48.40 76.81
C ALA H 15 -72.63 -49.64 77.33
N ARG H 16 -73.29 -49.53 78.47
CA ARG H 16 -73.98 -50.66 79.09
C ARG H 16 -75.48 -50.43 78.96
N VAL H 17 -76.04 -50.93 77.85
CA VAL H 17 -77.45 -50.71 77.54
C VAL H 17 -78.31 -51.56 78.47
N ARG H 18 -79.51 -51.05 78.76
CA ARG H 18 -80.53 -51.80 79.49
C ARG H 18 -81.86 -51.61 78.79
N LEU H 19 -82.55 -52.71 78.50
CA LEU H 19 -83.81 -52.65 77.77
C LEU H 19 -84.96 -53.12 78.66
N VAL H 20 -86.13 -52.53 78.43
CA VAL H 20 -87.33 -52.84 79.20
C VAL H 20 -88.55 -52.34 78.43
N PRO H 21 -89.72 -52.96 78.57
CA PRO H 21 -90.89 -52.54 77.77
C PRO H 21 -91.35 -51.14 78.14
N GLY H 22 -91.46 -50.29 77.14
CA GLY H 22 -91.89 -48.92 77.34
C GLY H 22 -92.54 -48.34 76.11
N THR H 23 -92.30 -47.06 75.84
CA THR H 23 -92.93 -46.38 74.72
C THR H 23 -91.96 -46.06 73.59
N GLY H 24 -90.68 -46.38 73.76
CA GLY H 24 -89.66 -46.00 72.80
C GLY H 24 -88.96 -44.77 73.33
N LYS H 25 -87.84 -44.98 74.01
CA LYS H 25 -87.19 -43.90 74.75
C LYS H 25 -85.87 -44.43 75.30
N ILE H 26 -85.00 -43.50 75.68
CA ILE H 26 -83.68 -43.83 76.18
C ILE H 26 -83.18 -42.72 77.09
N THR H 27 -82.75 -43.09 78.30
CA THR H 27 -82.30 -42.13 79.30
C THR H 27 -80.81 -42.34 79.51
N VAL H 28 -79.99 -41.55 78.83
CA VAL H 28 -78.55 -41.71 78.88
C VAL H 28 -78.02 -41.03 80.13
N ASN H 29 -77.48 -41.82 81.05
CA ASN H 29 -76.95 -41.32 82.32
C ASN H 29 -77.96 -40.40 83.00
N LYS H 30 -79.16 -40.93 83.21
CA LYS H 30 -80.24 -40.20 83.87
C LYS H 30 -80.56 -38.91 83.15
N LYS H 31 -80.25 -38.83 81.86
CA LYS H 31 -80.50 -37.65 81.07
C LYS H 31 -81.24 -38.03 79.80
N ASP H 32 -82.00 -37.07 79.27
CA ASP H 32 -82.68 -37.27 78.01
C ASP H 32 -81.66 -37.46 76.90
N VAL H 33 -82.00 -38.32 75.94
CA VAL H 33 -81.06 -38.66 74.88
C VAL H 33 -80.63 -37.45 74.07
N GLU H 34 -81.40 -36.37 74.11
CA GLU H 34 -81.03 -35.15 73.42
C GLU H 34 -80.20 -34.22 74.28
N GLU H 35 -79.81 -34.64 75.47
CA GLU H 35 -78.89 -33.85 76.28
C GLU H 35 -77.45 -34.31 76.08
N TYR H 36 -77.17 -35.58 76.42
CA TYR H 36 -75.86 -36.15 76.18
C TYR H 36 -75.42 -35.91 74.76
N ILE H 37 -76.32 -36.08 73.81
CA ILE H 37 -76.05 -35.83 72.41
C ILE H 37 -76.02 -34.32 72.21
N PRO H 38 -75.12 -33.84 71.41
CA PRO H 38 -75.16 -32.45 70.97
C PRO H 38 -76.29 -32.25 70.00
N HIS H 39 -76.19 -31.18 69.20
CA HIS H 39 -77.00 -31.01 68.01
C HIS H 39 -77.26 -32.33 67.29
N ALA H 40 -76.32 -33.27 67.43
CA ALA H 40 -76.19 -34.40 66.52
C ALA H 40 -77.52 -35.06 66.21
N ASP H 41 -77.88 -35.05 64.93
CA ASP H 41 -78.98 -35.83 64.40
C ASP H 41 -78.52 -37.21 63.94
N LEU H 42 -77.42 -37.70 64.49
CA LEU H 42 -77.02 -39.08 64.28
C LEU H 42 -77.84 -39.94 65.22
N ARG H 43 -79.15 -39.69 65.23
CA ARG H 43 -80.11 -40.43 66.02
C ARG H 43 -80.77 -41.52 65.20
N GLU H 44 -80.98 -41.26 63.91
CA GLU H 44 -81.27 -42.34 62.99
C GLU H 44 -80.21 -43.42 63.07
N VAL H 45 -78.95 -43.01 63.28
CA VAL H 45 -77.89 -43.97 63.55
C VAL H 45 -78.24 -44.83 64.75
N ILE H 46 -78.74 -44.20 65.81
CA ILE H 46 -78.94 -44.92 67.06
C ILE H 46 -80.18 -45.80 66.98
N ASN H 47 -81.25 -45.31 66.36
CA ASN H 47 -82.45 -46.10 66.17
C ASN H 47 -82.33 -47.08 65.01
N GLN H 48 -81.20 -47.05 64.28
CA GLN H 48 -81.05 -47.91 63.12
C GLN H 48 -81.24 -49.39 63.42
N PRO H 49 -80.87 -49.92 64.57
CA PRO H 49 -81.29 -51.29 64.89
C PRO H 49 -82.79 -51.48 64.83
N PHE H 50 -83.56 -50.52 65.34
CA PHE H 50 -85.00 -50.67 65.37
C PHE H 50 -85.59 -50.68 63.97
N GLY H 51 -84.99 -49.91 63.05
CA GLY H 51 -85.50 -49.83 61.69
C GLY H 51 -85.46 -51.14 60.92
N VAL H 52 -85.03 -52.21 61.57
CA VAL H 52 -85.01 -53.53 60.94
C VAL H 52 -85.70 -54.60 61.76
N THR H 53 -85.89 -54.42 63.06
CA THR H 53 -86.58 -55.39 63.89
C THR H 53 -87.24 -54.65 65.04
N GLU H 54 -88.42 -55.10 65.44
CA GLU H 54 -89.29 -54.37 66.36
C GLU H 54 -89.46 -52.94 65.87
N THR H 55 -90.03 -52.85 64.67
CA THR H 55 -90.01 -51.63 63.87
C THR H 55 -91.21 -50.75 64.22
N LYS H 56 -90.96 -49.60 64.84
CA LYS H 56 -89.63 -49.20 65.27
C LYS H 56 -89.66 -48.93 66.78
N GLY H 57 -90.74 -49.36 67.41
CA GLY H 57 -90.88 -49.31 68.86
C GLY H 57 -91.51 -50.59 69.35
N ALA H 58 -91.70 -50.68 70.66
CA ALA H 58 -91.41 -49.59 71.59
C ALA H 58 -90.98 -50.13 72.95
N TYR H 59 -89.68 -50.08 73.23
CA TYR H 59 -89.15 -50.38 74.55
C TYR H 59 -88.43 -49.15 75.07
N ASP H 60 -88.08 -49.18 76.35
CA ASP H 60 -87.28 -48.11 76.93
C ASP H 60 -85.85 -48.57 77.17
N VAL H 61 -84.97 -47.60 77.41
CA VAL H 61 -83.54 -47.85 77.48
C VAL H 61 -82.96 -47.11 78.67
N ILE H 62 -82.40 -47.87 79.61
CA ILE H 62 -81.43 -47.34 80.56
C ILE H 62 -80.05 -47.57 79.95
N VAL H 63 -79.14 -46.61 80.13
CA VAL H 63 -77.84 -46.71 79.48
C VAL H 63 -76.80 -45.97 80.31
N ASN H 64 -75.72 -46.66 80.65
CA ASN H 64 -74.51 -46.05 81.14
C ASN H 64 -73.49 -45.97 80.01
N VAL H 65 -72.49 -45.12 80.17
CA VAL H 65 -71.46 -44.95 79.15
C VAL H 65 -70.27 -44.25 79.79
N ASN H 66 -69.10 -44.41 79.16
CA ASN H 66 -67.89 -43.73 79.58
C ASN H 66 -66.81 -43.99 78.54
N GLY H 67 -66.01 -42.99 78.24
CA GLY H 67 -64.89 -43.19 77.36
C GLY H 67 -65.17 -42.71 75.95
N GLY H 68 -64.09 -42.41 75.23
CA GLY H 68 -64.20 -41.92 73.88
C GLY H 68 -64.84 -40.55 73.81
N GLY H 69 -65.06 -40.10 72.58
CA GLY H 69 -65.79 -38.88 72.32
C GLY H 69 -67.27 -39.13 72.33
N TYR H 70 -68.03 -38.16 71.81
CA TYR H 70 -69.46 -38.35 71.75
C TYR H 70 -69.83 -39.30 70.62
N ALA H 71 -69.28 -39.06 69.43
CA ALA H 71 -69.62 -39.89 68.28
C ALA H 71 -69.25 -41.34 68.51
N GLY H 72 -68.10 -41.58 69.15
CA GLY H 72 -67.66 -42.92 69.45
C GLY H 72 -68.65 -43.66 70.32
N GLN H 73 -68.92 -43.13 71.52
CA GLN H 73 -69.83 -43.81 72.41
C GLN H 73 -71.26 -43.80 71.85
N SER H 74 -71.64 -42.75 71.13
CA SER H 74 -72.95 -42.75 70.48
C SER H 74 -73.09 -43.97 69.56
N GLY H 75 -72.11 -44.19 68.69
CA GLY H 75 -72.11 -45.42 67.94
C GLY H 75 -72.00 -46.65 68.82
N ALA H 76 -71.45 -46.49 70.03
CA ALA H 76 -71.23 -47.63 70.89
C ALA H 76 -72.47 -48.10 71.63
N ILE H 77 -73.54 -47.30 71.62
CA ILE H 77 -74.80 -47.76 72.18
C ILE H 77 -75.57 -48.57 71.15
N ARG H 78 -75.30 -48.30 69.87
CA ARG H 78 -75.99 -48.98 68.77
C ARG H 78 -75.90 -50.49 68.91
N HIS H 79 -74.87 -50.97 69.58
CA HIS H 79 -74.60 -52.40 69.58
C HIS H 79 -75.18 -53.10 70.80
N GLY H 80 -75.31 -52.41 71.92
CA GLY H 80 -76.10 -52.97 73.01
C GLY H 80 -77.52 -53.24 72.59
N ILE H 81 -78.06 -52.37 71.74
CA ILE H 81 -79.41 -52.58 71.19
C ILE H 81 -79.44 -53.87 70.38
N ALA H 82 -78.45 -54.05 69.50
CA ALA H 82 -78.40 -55.25 68.70
C ALA H 82 -78.34 -56.48 69.59
N ARG H 83 -77.48 -56.47 70.61
CA ARG H 83 -77.34 -57.64 71.45
C ARG H 83 -78.59 -57.90 72.26
N ALA H 84 -79.27 -56.84 72.70
CA ALA H 84 -80.51 -57.02 73.45
C ALA H 84 -81.59 -57.63 72.58
N LEU H 85 -81.90 -57.00 71.45
CA LEU H 85 -82.84 -57.59 70.51
C LEU H 85 -82.46 -59.02 70.18
N LEU H 86 -81.18 -59.31 70.15
CA LEU H 86 -80.72 -60.68 69.95
C LEU H 86 -81.14 -61.57 71.11
N GLN H 87 -81.13 -61.04 72.33
CA GLN H 87 -81.54 -61.85 73.47
C GLN H 87 -82.99 -62.29 73.34
N VAL H 88 -83.84 -61.44 72.75
CA VAL H 88 -85.27 -61.74 72.68
C VAL H 88 -85.51 -62.97 71.83
N ASP H 89 -85.18 -62.90 70.56
CA ASP H 89 -85.47 -63.98 69.63
C ASP H 89 -84.22 -64.35 68.85
N PRO H 90 -83.63 -65.51 69.10
CA PRO H 90 -82.56 -66.02 68.23
C PRO H 90 -83.09 -66.36 66.84
N ASP H 91 -84.34 -65.99 66.56
CA ASP H 91 -84.89 -66.06 65.23
C ASP H 91 -84.69 -64.77 64.44
N PHE H 92 -84.07 -63.76 65.05
CA PHE H 92 -83.84 -62.49 64.38
C PHE H 92 -82.43 -62.33 63.85
N ARG H 93 -81.48 -63.15 64.32
CA ARG H 93 -80.07 -62.84 64.09
C ARG H 93 -79.71 -62.92 62.61
N SER H 94 -80.41 -63.74 61.83
CA SER H 94 -80.14 -63.78 60.40
C SER H 94 -80.42 -62.43 59.75
N ALA H 95 -81.61 -61.88 59.97
CA ALA H 95 -81.96 -60.59 59.40
C ALA H 95 -81.12 -59.47 59.98
N LEU H 96 -80.50 -59.69 61.13
CA LEU H 96 -79.53 -58.72 61.64
C LEU H 96 -78.22 -58.81 60.87
N LYS H 97 -77.68 -60.02 60.71
CA LYS H 97 -76.41 -60.19 60.01
C LYS H 97 -76.51 -59.71 58.57
N ARG H 98 -77.54 -60.14 57.86
CA ARG H 98 -77.72 -59.70 56.48
C ARG H 98 -77.73 -58.18 56.41
N ALA H 99 -78.33 -57.53 57.40
CA ALA H 99 -78.22 -56.09 57.55
C ALA H 99 -77.05 -55.69 58.42
N GLY H 100 -76.26 -56.66 58.90
CA GLY H 100 -75.02 -56.35 59.58
C GLY H 100 -75.25 -55.69 60.93
N LEU H 101 -74.43 -54.68 61.21
CA LEU H 101 -74.54 -53.91 62.45
C LEU H 101 -74.47 -54.80 63.67
N LEU H 102 -73.71 -55.90 63.56
CA LEU H 102 -73.62 -56.86 64.64
C LEU H 102 -72.20 -57.15 65.11
N THR H 103 -71.20 -57.00 64.25
CA THR H 103 -69.81 -57.27 64.63
C THR H 103 -69.11 -55.99 65.04
N ARG H 104 -68.15 -56.13 65.96
CA ARG H 104 -67.50 -54.97 66.57
C ARG H 104 -66.48 -54.39 65.61
N ASP H 105 -66.69 -53.14 65.21
CA ASP H 105 -65.72 -52.46 64.36
C ASP H 105 -64.40 -52.38 65.12
N ALA H 106 -63.38 -53.08 64.65
CA ALA H 106 -62.09 -53.10 65.32
C ALA H 106 -61.16 -52.00 64.86
N ARG H 107 -61.59 -51.14 63.93
CA ARG H 107 -60.78 -49.99 63.57
C ARG H 107 -60.56 -49.13 64.80
N MET H 108 -59.32 -48.71 65.02
CA MET H 108 -59.03 -47.82 66.13
C MET H 108 -57.76 -47.04 65.82
N VAL H 109 -57.39 -46.15 66.74
CA VAL H 109 -56.23 -45.29 66.54
C VAL H 109 -55.00 -46.14 66.39
N GLU H 110 -54.06 -45.68 65.58
CA GLU H 110 -52.91 -46.49 65.21
C GLU H 110 -51.76 -46.31 66.18
N ARG H 111 -51.13 -47.41 66.55
CA ARG H 111 -49.84 -47.36 67.20
C ARG H 111 -48.86 -46.61 66.32
N LYS H 112 -48.34 -45.50 66.82
CA LYS H 112 -47.42 -44.70 66.04
C LYS H 112 -46.08 -45.42 65.97
N LYS H 113 -45.06 -44.75 65.44
CA LYS H 113 -43.78 -45.40 65.37
C LYS H 113 -42.71 -44.33 65.40
N PRO H 114 -41.57 -44.59 66.06
CA PRO H 114 -40.56 -43.56 66.19
C PRO H 114 -39.91 -43.21 64.86
N GLY H 115 -39.65 -41.93 64.67
CA GLY H 115 -39.04 -41.46 63.46
C GLY H 115 -39.99 -40.79 62.49
N LEU H 116 -41.29 -40.97 62.66
CA LEU H 116 -42.29 -40.35 61.80
C LEU H 116 -43.12 -39.38 62.63
N LYS H 117 -43.43 -38.22 62.06
CA LYS H 117 -44.12 -37.18 62.81
C LYS H 117 -45.48 -37.65 63.30
N LYS H 118 -46.14 -38.53 62.56
CA LYS H 118 -47.47 -39.00 62.88
C LYS H 118 -47.51 -40.50 62.68
N ALA H 119 -48.72 -41.06 62.64
CA ALA H 119 -48.84 -42.50 62.42
C ALA H 119 -48.32 -42.91 61.06
N ARG H 120 -48.42 -42.04 60.06
CA ARG H 120 -47.81 -42.32 58.77
C ARG H 120 -47.19 -41.10 58.09
N LYS H 121 -47.36 -39.90 58.62
CA LYS H 121 -46.84 -38.72 57.94
C LYS H 121 -45.33 -38.78 57.88
N ALA H 122 -44.78 -38.52 56.69
CA ALA H 122 -43.35 -38.43 56.50
C ALA H 122 -42.97 -36.98 56.28
N SER H 123 -41.95 -36.52 57.01
CA SER H 123 -41.57 -35.12 56.96
C SER H 123 -41.20 -34.70 55.55
N GLN H 124 -41.42 -33.43 55.25
CA GLN H 124 -40.94 -32.88 54.00
C GLN H 124 -39.43 -33.03 53.96
N PHE H 125 -38.89 -33.15 52.75
CA PHE H 125 -37.54 -33.69 52.58
C PHE H 125 -36.90 -33.01 51.38
N SER H 126 -35.82 -32.27 51.62
CA SER H 126 -35.11 -31.56 50.57
C SER H 126 -34.51 -32.55 49.57
N LYS H 127 -34.69 -32.26 48.29
CA LYS H 127 -34.14 -33.15 47.27
C LYS H 127 -32.64 -32.90 47.09
N ARG H 128 -32.28 -31.70 46.65
CA ARG H 128 -30.88 -31.35 46.45
C ARG H 128 -30.69 -29.84 46.42
N GLN I 1 -59.17 -59.14 107.68
CA GLN I 1 -59.17 -58.40 108.93
C GLN I 1 -57.75 -58.06 109.36
N LYS I 2 -57.52 -56.76 109.57
CA LYS I 2 -56.32 -56.21 110.23
C LYS I 2 -55.02 -56.78 109.70
N ILE I 3 -55.01 -57.32 108.48
CA ILE I 3 -53.78 -57.84 107.90
C ILE I 3 -54.01 -58.03 106.40
N ARG I 4 -52.99 -57.69 105.63
CA ARG I 4 -53.01 -57.88 104.18
C ARG I 4 -51.58 -57.73 103.66
N ILE I 5 -51.37 -58.15 102.41
CA ILE I 5 -50.03 -58.28 101.87
C ILE I 5 -50.05 -57.95 100.38
N ARG I 6 -49.16 -57.05 99.97
CA ARG I 6 -49.04 -56.66 98.58
C ARG I 6 -47.89 -57.41 97.92
N LEU I 7 -47.94 -57.50 96.60
CA LEU I 7 -46.93 -58.18 95.79
C LEU I 7 -46.53 -57.29 94.62
N LYS I 8 -45.24 -57.30 94.28
CA LYS I 8 -44.75 -56.49 93.16
C LYS I 8 -43.51 -57.17 92.61
N ALA I 9 -43.63 -57.82 91.46
CA ALA I 9 -42.52 -58.49 90.81
C ALA I 9 -42.73 -58.39 89.30
N TYR I 10 -42.01 -59.21 88.54
CA TYR I 10 -42.02 -59.10 87.09
C TYR I 10 -42.61 -60.31 86.39
N GLU I 11 -42.12 -61.51 86.68
CA GLU I 11 -42.64 -62.72 86.07
C GLU I 11 -43.84 -63.22 86.87
N HIS I 12 -44.93 -63.53 86.17
CA HIS I 12 -46.15 -63.84 86.87
C HIS I 12 -46.11 -65.18 87.60
N ARG I 13 -45.26 -66.11 87.18
CA ARG I 13 -45.26 -67.42 87.82
C ARG I 13 -44.84 -67.31 89.27
N ILE I 14 -43.80 -66.55 89.56
CA ILE I 14 -43.33 -66.43 90.94
C ILE I 14 -44.38 -65.76 91.79
N LEU I 15 -45.03 -64.73 91.25
CA LEU I 15 -46.09 -64.06 92.00
C LEU I 15 -47.22 -65.02 92.31
N ASP I 16 -47.64 -65.79 91.31
CA ASP I 16 -48.77 -66.68 91.53
C ASP I 16 -48.43 -67.79 92.51
N GLN I 17 -47.21 -68.31 92.46
CA GLN I 17 -46.89 -69.37 93.42
C GLN I 17 -46.69 -68.82 94.82
N SER I 18 -46.15 -67.60 94.95
CA SER I 18 -46.16 -66.96 96.26
C SER I 18 -47.58 -66.79 96.78
N ALA I 19 -48.50 -66.45 95.89
CA ALA I 19 -49.90 -66.36 96.26
C ALA I 19 -50.40 -67.68 96.81
N ASP I 20 -50.13 -68.77 96.09
CA ASP I 20 -50.59 -70.08 96.56
C ASP I 20 -50.00 -70.43 97.92
N LYS I 21 -48.71 -70.13 98.11
CA LYS I 21 -48.07 -70.44 99.38
C LYS I 21 -48.72 -69.67 100.53
N ILE I 22 -48.97 -68.37 100.32
CA ILE I 22 -49.55 -67.61 101.43
C ILE I 22 -50.97 -68.07 101.67
N VAL I 23 -51.70 -68.47 100.63
CA VAL I 23 -53.06 -68.94 100.85
C VAL I 23 -53.04 -70.24 101.64
N GLU I 24 -52.04 -71.09 101.39
CA GLU I 24 -51.87 -72.27 102.23
C GLU I 24 -51.64 -71.88 103.68
N THR I 25 -50.68 -70.98 103.91
CA THR I 25 -50.33 -70.60 105.27
C THR I 25 -51.46 -69.89 106.00
N ALA I 26 -52.43 -69.36 105.25
CA ALA I 26 -53.57 -68.69 105.88
C ALA I 26 -54.72 -69.67 106.12
N LYS I 27 -55.25 -70.26 105.06
CA LYS I 27 -56.40 -71.16 105.21
C LYS I 27 -56.04 -72.46 105.89
N ARG I 28 -54.75 -72.71 106.15
CA ARG I 28 -54.38 -73.90 106.90
C ARG I 28 -54.86 -73.80 108.34
N THR I 29 -54.30 -72.86 109.09
CA THR I 29 -54.65 -72.70 110.49
C THR I 29 -56.11 -72.32 110.64
N GLY I 30 -56.44 -71.11 110.17
CA GLY I 30 -57.80 -70.63 110.28
C GLY I 30 -58.46 -70.57 108.93
N ALA I 31 -59.30 -69.56 108.73
CA ALA I 31 -60.03 -69.42 107.48
C ALA I 31 -60.28 -67.93 107.25
N ASP I 32 -61.25 -67.62 106.40
CA ASP I 32 -61.58 -66.25 106.03
C ASP I 32 -60.38 -65.58 105.35
N VAL I 33 -60.06 -66.13 104.18
CA VAL I 33 -58.95 -65.66 103.36
C VAL I 33 -59.52 -65.00 102.12
N SER I 34 -58.72 -64.11 101.52
CA SER I 34 -59.08 -63.44 100.28
C SER I 34 -58.13 -63.87 99.17
N GLY I 35 -58.69 -64.01 97.97
CA GLY I 35 -57.94 -64.57 96.87
C GLY I 35 -56.87 -63.65 96.35
N PRO I 36 -56.12 -64.13 95.38
CA PRO I 36 -55.04 -63.33 94.78
C PRO I 36 -55.55 -62.24 93.87
N ILE I 37 -55.92 -61.09 94.44
CA ILE I 37 -56.55 -60.01 93.69
C ILE I 37 -55.59 -59.42 92.66
N PRO I 38 -55.96 -59.39 91.38
CA PRO I 38 -55.13 -58.73 90.38
C PRO I 38 -55.10 -57.22 90.58
N LEU I 39 -54.24 -56.56 89.81
CA LEU I 39 -53.97 -55.15 89.99
C LEU I 39 -53.43 -54.58 88.69
N PRO I 40 -53.41 -53.25 88.55
CA PRO I 40 -53.26 -52.65 87.21
C PRO I 40 -51.90 -52.83 86.54
N THR I 41 -50.86 -53.31 87.23
CA THR I 41 -49.58 -53.61 86.57
C THR I 41 -48.96 -52.39 85.90
N GLU I 42 -48.50 -51.46 86.73
CA GLU I 42 -47.82 -50.25 86.25
C GLU I 42 -46.76 -50.61 85.21
N ARG I 43 -46.54 -49.67 84.28
CA ARG I 43 -45.58 -49.87 83.20
C ARG I 43 -44.79 -48.59 82.95
N SER I 44 -43.53 -48.76 82.57
CA SER I 44 -42.62 -47.67 82.26
C SER I 44 -42.32 -47.65 80.76
N LEU I 45 -41.39 -46.80 80.37
CA LEU I 45 -41.06 -46.58 78.97
C LEU I 45 -39.80 -45.74 78.89
N TYR I 46 -38.95 -46.05 77.92
CA TYR I 46 -37.76 -45.25 77.67
C TYR I 46 -37.54 -45.25 76.16
N THR I 47 -36.57 -44.45 75.72
CA THR I 47 -36.28 -44.39 74.29
C THR I 47 -34.80 -44.04 74.13
N VAL I 48 -34.05 -44.97 73.56
CA VAL I 48 -32.62 -44.82 73.36
C VAL I 48 -32.36 -44.78 71.87
N ILE I 49 -31.71 -43.71 71.40
CA ILE I 49 -31.34 -43.64 70.00
C ILE I 49 -30.27 -44.67 69.72
N ARG I 50 -30.59 -45.64 68.86
CA ARG I 50 -29.76 -46.82 68.66
C ARG I 50 -28.61 -46.50 67.70
N ALA I 51 -27.66 -45.73 68.21
CA ALA I 51 -26.45 -45.38 67.49
C ALA I 51 -25.46 -44.87 68.52
N THR I 52 -24.38 -44.26 68.06
CA THR I 52 -23.44 -43.67 69.01
C THR I 52 -22.94 -42.29 68.64
N HIS I 53 -23.15 -41.81 67.42
CA HIS I 53 -22.70 -40.46 67.11
C HIS I 53 -23.77 -39.62 66.42
N LYS I 54 -24.65 -40.27 65.67
CA LYS I 54 -25.52 -39.52 64.79
C LYS I 54 -26.74 -40.40 64.49
N TYR I 55 -27.50 -40.04 63.46
CA TYR I 55 -28.62 -40.84 63.00
C TYR I 55 -29.69 -40.94 64.09
N LYS I 56 -30.32 -39.82 64.40
CA LYS I 56 -31.34 -39.89 65.43
C LYS I 56 -32.62 -40.55 64.95
N ASP I 57 -32.57 -41.22 63.82
CA ASP I 57 -33.71 -42.01 63.39
C ASP I 57 -33.81 -43.30 64.18
N SER I 58 -32.73 -44.07 64.22
CA SER I 58 -32.81 -45.42 64.77
C SER I 58 -33.04 -45.40 66.26
N ARG I 59 -34.31 -45.48 66.67
CA ARG I 59 -34.63 -45.55 68.08
C ARG I 59 -34.63 -46.99 68.55
N GLU I 60 -34.42 -47.16 69.85
CA GLU I 60 -34.52 -48.47 70.48
C GLU I 60 -35.12 -48.27 71.85
N GLN I 61 -36.39 -48.60 71.98
CA GLN I 61 -37.14 -48.35 73.21
C GLN I 61 -37.24 -49.62 74.04
N PHE I 62 -37.18 -49.43 75.35
CA PHE I 62 -37.27 -50.51 76.31
C PHE I 62 -38.46 -50.24 77.23
N GLU I 63 -38.63 -51.08 78.24
CA GLU I 63 -39.84 -51.01 79.03
C GLU I 63 -39.59 -51.65 80.39
N MET I 64 -40.60 -51.55 81.24
CA MET I 64 -40.62 -52.25 82.51
C MET I 64 -42.06 -52.45 82.95
N ARG I 65 -42.32 -53.59 83.58
CA ARG I 65 -43.65 -53.93 84.04
C ARG I 65 -43.56 -54.36 85.50
N THR I 66 -44.66 -54.23 86.22
CA THR I 66 -44.69 -54.63 87.62
C THR I 66 -46.05 -55.25 87.92
N HIS I 67 -46.14 -56.56 87.77
CA HIS I 67 -47.36 -57.24 88.21
C HIS I 67 -47.53 -57.06 89.71
N LYS I 68 -48.78 -57.19 90.16
CA LYS I 68 -49.10 -57.02 91.57
C LYS I 68 -50.15 -58.03 92.00
N ARG I 69 -50.12 -58.37 93.28
CA ARG I 69 -51.16 -59.15 93.92
C ARG I 69 -51.53 -58.48 95.24
N LEU I 70 -52.56 -59.01 95.89
CA LEU I 70 -53.08 -58.41 97.10
C LEU I 70 -53.96 -59.42 97.81
N ILE I 71 -53.67 -59.68 99.08
CA ILE I 71 -54.41 -60.68 99.83
C ILE I 71 -54.59 -60.25 101.28
N ASP I 72 -55.84 -60.18 101.73
CA ASP I 72 -56.20 -59.93 103.11
C ASP I 72 -56.74 -61.20 103.74
N ILE I 73 -56.70 -61.25 105.08
CA ILE I 73 -57.20 -62.40 105.81
C ILE I 73 -57.95 -61.92 107.04
N VAL I 74 -58.92 -62.72 107.47
CA VAL I 74 -59.76 -62.41 108.62
C VAL I 74 -59.56 -63.47 109.69
N ASN I 75 -59.63 -63.06 110.96
CA ASN I 75 -59.45 -63.91 112.13
C ASN I 75 -58.11 -64.61 112.10
N PRO I 76 -57.00 -63.87 112.14
CA PRO I 76 -55.68 -64.51 112.14
C PRO I 76 -55.30 -65.01 113.53
N THR I 77 -55.25 -66.33 113.67
CA THR I 77 -54.88 -66.95 114.92
C THR I 77 -53.39 -66.75 115.19
N PRO I 78 -52.96 -66.88 116.45
CA PRO I 78 -51.51 -66.83 116.73
C PRO I 78 -50.67 -67.82 115.92
N LYS I 79 -51.26 -68.93 115.48
CA LYS I 79 -50.53 -69.89 114.66
C LYS I 79 -50.06 -69.25 113.36
N THR I 80 -51.01 -68.95 112.48
CA THR I 80 -50.66 -68.44 111.16
C THR I 80 -49.96 -67.09 111.25
N VAL I 81 -50.19 -66.32 112.31
CA VAL I 81 -49.44 -65.08 112.49
C VAL I 81 -47.94 -65.37 112.52
N ASP I 82 -47.53 -66.28 113.40
CA ASP I 82 -46.13 -66.61 113.53
C ASP I 82 -45.62 -67.39 112.33
N ALA I 83 -46.49 -68.15 111.64
CA ALA I 83 -46.07 -68.78 110.40
C ALA I 83 -45.76 -67.74 109.34
N LEU I 84 -46.54 -66.67 109.29
CA LEU I 84 -46.21 -65.54 108.43
C LEU I 84 -44.89 -64.92 108.84
N MET I 85 -44.68 -64.72 110.15
CA MET I 85 -43.43 -64.15 110.61
C MET I 85 -42.23 -64.99 110.18
N LYS I 86 -42.41 -66.29 110.00
CA LYS I 86 -41.31 -67.17 109.68
C LYS I 86 -41.19 -67.48 108.19
N LEU I 87 -42.29 -67.39 107.44
CA LEU I 87 -42.22 -67.61 106.01
C LEU I 87 -41.48 -66.46 105.34
N ASP I 88 -40.46 -66.80 104.53
CA ASP I 88 -39.62 -65.78 103.91
C ASP I 88 -39.46 -66.02 102.41
N LEU I 89 -39.56 -67.24 102.02
CA LEU I 89 -39.32 -67.71 100.66
C LEU I 89 -40.62 -67.70 99.86
N PRO I 90 -40.57 -67.45 98.54
CA PRO I 90 -39.41 -67.23 97.67
C PRO I 90 -38.68 -65.92 97.92
N SER I 91 -37.62 -65.68 97.13
CA SER I 91 -36.80 -64.48 97.28
C SER I 91 -36.52 -63.84 95.93
N GLY I 92 -37.55 -63.78 95.09
CA GLY I 92 -37.47 -63.02 93.86
C GLY I 92 -38.51 -61.92 93.84
N VAL I 93 -39.54 -62.05 94.67
CA VAL I 93 -40.67 -61.14 94.71
C VAL I 93 -40.76 -60.51 96.10
N ASN I 94 -40.98 -59.20 96.14
CA ASN I 94 -41.04 -58.45 97.39
C ASN I 94 -42.48 -58.37 97.87
N ILE I 95 -42.73 -58.89 99.07
CA ILE I 95 -44.02 -58.78 99.71
C ILE I 95 -43.86 -57.90 100.96
N GLU I 96 -45.00 -57.56 101.55
CA GLU I 96 -44.98 -56.65 102.71
C GLU I 96 -46.25 -56.88 103.51
N ILE I 97 -46.10 -57.45 104.70
CA ILE I 97 -47.25 -57.67 105.58
C ILE I 97 -47.76 -56.31 106.06
N LYS I 98 -49.05 -56.07 105.87
CA LYS I 98 -49.63 -54.78 106.20
C LYS I 98 -51.02 -55.01 106.79
N LEU I 99 -51.38 -54.17 107.75
CA LEU I 99 -52.65 -54.30 108.42
C LEU I 99 -53.79 -53.99 107.46
N LYS J 1 -77.80 -28.32 -11.93
CA LYS J 1 -78.64 -28.03 -13.08
C LYS J 1 -78.46 -29.06 -14.18
N LYS J 2 -79.43 -29.11 -15.08
CA LYS J 2 -79.44 -29.96 -16.27
C LYS J 2 -79.64 -31.41 -15.92
N ASN J 3 -79.61 -31.73 -14.63
CA ASN J 3 -80.08 -33.00 -14.08
C ASN J 3 -79.53 -34.20 -14.86
N ILE J 4 -78.22 -34.37 -14.76
CA ILE J 4 -77.56 -35.47 -15.44
C ILE J 4 -77.89 -36.80 -14.76
N GLU J 5 -77.83 -36.85 -13.43
CA GLU J 5 -78.30 -37.99 -12.65
C GLU J 5 -77.56 -39.28 -12.99
N SER J 6 -76.34 -39.17 -13.50
CA SER J 6 -75.53 -40.34 -13.82
C SER J 6 -74.08 -39.90 -13.93
N GLY J 7 -73.24 -40.35 -13.00
CA GLY J 7 -71.86 -39.93 -13.00
C GLY J 7 -70.99 -40.84 -12.18
N VAL J 8 -69.77 -40.36 -11.90
CA VAL J 8 -68.74 -41.12 -11.22
C VAL J 8 -68.08 -40.25 -10.16
N ALA J 9 -67.65 -40.88 -9.07
CA ALA J 9 -66.98 -40.21 -7.97
C ALA J 9 -65.59 -40.79 -7.78
N HIS J 10 -64.58 -39.91 -7.73
CA HIS J 10 -63.19 -40.32 -7.58
C HIS J 10 -62.71 -40.09 -6.15
N ILE J 11 -61.83 -40.96 -5.68
CA ILE J 11 -61.27 -40.86 -4.34
C ILE J 11 -59.76 -41.01 -4.43
N HIS J 12 -59.04 -40.12 -3.76
CA HIS J 12 -57.59 -40.03 -3.88
C HIS J 12 -57.05 -39.52 -2.56
N SER J 13 -56.36 -40.38 -1.82
CA SER J 13 -56.01 -40.05 -0.44
C SER J 13 -54.60 -40.54 -0.13
N THR J 14 -53.70 -39.60 0.14
CA THR J 14 -52.32 -39.95 0.48
C THR J 14 -52.20 -40.40 1.92
N PHE J 15 -50.98 -40.41 2.42
CA PHE J 15 -50.75 -40.55 3.85
C PHE J 15 -51.03 -39.27 4.61
N ASN J 16 -51.27 -38.15 3.94
CA ASN J 16 -51.39 -36.90 4.67
C ASN J 16 -52.52 -36.01 4.15
N ASN J 17 -53.50 -36.56 3.46
CA ASN J 17 -54.57 -35.73 2.89
C ASN J 17 -55.61 -36.66 2.28
N THR J 18 -56.75 -36.08 1.92
CA THR J 18 -57.78 -36.82 1.21
C THR J 18 -58.64 -35.89 0.38
N ILE J 19 -59.12 -36.41 -0.74
CA ILE J 19 -59.92 -35.63 -1.68
C ILE J 19 -60.99 -36.54 -2.24
N VAL J 20 -62.13 -35.96 -2.61
CA VAL J 20 -63.17 -36.68 -3.35
C VAL J 20 -63.80 -35.71 -4.33
N MET J 21 -63.82 -36.08 -5.59
CA MET J 21 -64.44 -35.28 -6.63
C MET J 21 -65.47 -36.13 -7.37
N ILE J 22 -66.63 -35.54 -7.64
CA ILE J 22 -67.74 -36.22 -8.28
C ILE J 22 -68.04 -35.51 -9.59
N THR J 23 -67.97 -36.25 -10.70
CA THR J 23 -68.27 -35.73 -12.02
C THR J 23 -69.15 -36.73 -12.75
N ASP J 24 -69.49 -36.41 -13.99
CA ASP J 24 -70.29 -37.30 -14.82
C ASP J 24 -69.41 -38.43 -15.35
N THR J 25 -69.93 -39.19 -16.29
CA THR J 25 -69.17 -40.32 -16.81
C THR J 25 -67.97 -39.89 -17.63
N HIS J 26 -67.95 -38.68 -18.15
CA HIS J 26 -66.87 -38.29 -19.06
C HIS J 26 -65.55 -38.10 -18.33
N GLY J 27 -65.49 -37.24 -17.29
CA GLY J 27 -66.59 -36.48 -16.74
C GLY J 27 -66.22 -35.05 -16.40
N ASN J 28 -66.95 -34.11 -17.01
CA ASN J 28 -66.77 -32.71 -16.65
C ASN J 28 -67.02 -32.53 -15.17
N ALA J 29 -66.21 -31.70 -14.54
CA ALA J 29 -66.24 -31.59 -13.09
C ALA J 29 -67.58 -31.05 -12.62
N LEU J 30 -68.11 -31.65 -11.55
CA LEU J 30 -69.36 -31.22 -10.95
C LEU J 30 -69.17 -30.68 -9.54
N ALA J 31 -68.63 -31.46 -8.62
CA ALA J 31 -68.56 -31.04 -7.24
C ALA J 31 -67.50 -31.85 -6.51
N TRP J 32 -66.75 -31.19 -5.62
CA TRP J 32 -65.64 -31.82 -4.93
C TRP J 32 -65.43 -31.15 -3.59
N SER J 33 -64.68 -31.84 -2.72
CA SER J 33 -64.42 -31.34 -1.38
C SER J 33 -63.16 -32.02 -0.87
N SER J 34 -62.61 -31.45 0.20
CA SER J 34 -61.39 -32.01 0.79
C SER J 34 -61.23 -31.52 2.20
N ALA J 35 -60.56 -32.33 3.03
CA ALA J 35 -60.29 -31.93 4.39
C ALA J 35 -59.45 -30.68 4.47
N GLY J 36 -58.73 -30.35 3.40
CA GLY J 36 -58.03 -29.09 3.39
C GLY J 36 -58.96 -27.90 3.43
N SER J 37 -60.08 -27.99 2.73
CA SER J 37 -61.00 -26.87 2.69
C SER J 37 -61.84 -26.79 3.95
N LEU J 38 -62.14 -27.93 4.56
CA LEU J 38 -63.09 -27.98 5.66
C LEU J 38 -62.55 -27.41 6.95
N GLY J 39 -61.42 -26.70 6.90
CA GLY J 39 -60.86 -26.06 8.07
C GLY J 39 -59.83 -26.87 8.82
N PHE J 40 -59.82 -28.18 8.66
CA PHE J 40 -58.80 -29.00 9.30
C PHE J 40 -57.42 -28.59 8.81
N LYS J 41 -56.40 -29.02 9.54
CA LYS J 41 -55.05 -28.58 9.24
C LYS J 41 -54.05 -29.72 9.43
N GLY J 42 -53.22 -29.91 8.40
CA GLY J 42 -51.95 -30.57 8.56
C GLY J 42 -51.98 -31.92 9.24
N SER J 43 -51.58 -31.93 10.51
CA SER J 43 -51.41 -33.14 11.30
C SER J 43 -52.70 -33.93 11.49
N LYS J 44 -53.84 -33.45 11.00
CA LYS J 44 -55.09 -34.18 11.20
C LYS J 44 -55.76 -34.63 9.92
N LYS J 45 -55.40 -34.04 8.78
CA LYS J 45 -56.08 -34.27 7.51
C LYS J 45 -55.95 -35.69 7.01
N SER J 46 -55.34 -36.59 7.77
CA SER J 46 -55.20 -37.97 7.37
C SER J 46 -55.93 -38.90 8.33
N THR J 47 -57.10 -38.51 8.76
CA THR J 47 -57.80 -39.25 9.77
C THR J 47 -59.16 -39.72 9.26
N PRO J 48 -59.66 -40.86 9.74
CA PRO J 48 -60.89 -41.43 9.20
C PRO J 48 -62.14 -40.65 9.57
N PHE J 49 -61.95 -39.44 10.06
CA PHE J 49 -63.06 -38.51 10.26
C PHE J 49 -63.13 -37.48 9.15
N ALA J 50 -61.98 -36.92 8.79
CA ALA J 50 -61.91 -35.99 7.67
C ALA J 50 -62.51 -36.60 6.42
N ALA J 51 -62.35 -37.90 6.23
CA ALA J 51 -62.98 -38.57 5.10
C ALA J 51 -64.49 -38.43 5.14
N GLN J 52 -65.09 -38.74 6.29
CA GLN J 52 -66.52 -38.58 6.43
C GLN J 52 -66.95 -37.19 6.02
N MET J 53 -66.33 -36.16 6.62
CA MET J 53 -66.86 -34.82 6.39
C MET J 53 -66.61 -34.36 4.96
N ALA J 54 -65.48 -34.72 4.36
CA ALA J 54 -65.28 -34.36 2.97
C ALA J 54 -66.33 -35.00 2.08
N ALA J 55 -66.58 -36.30 2.29
CA ALA J 55 -67.59 -36.99 1.51
C ALA J 55 -68.94 -36.31 1.63
N GLU J 56 -69.31 -35.91 2.84
CA GLU J 56 -70.62 -35.30 3.04
C GLU J 56 -70.69 -33.94 2.37
N ALA J 57 -69.72 -33.08 2.66
CA ALA J 57 -69.73 -31.75 2.07
C ALA J 57 -69.66 -31.80 0.55
N ALA J 58 -69.28 -32.94 -0.02
CA ALA J 58 -69.36 -33.04 -1.47
C ALA J 58 -70.72 -33.57 -1.94
N THR J 59 -71.19 -34.68 -1.35
CA THR J 59 -72.40 -35.30 -1.86
C THR J 59 -73.62 -34.43 -1.63
N LYS J 60 -73.73 -33.81 -0.45
CA LYS J 60 -74.91 -33.00 -0.18
C LYS J 60 -75.07 -31.87 -1.19
N VAL J 61 -74.00 -31.48 -1.86
CA VAL J 61 -74.11 -30.49 -2.92
C VAL J 61 -74.32 -31.15 -4.26
N ALA J 62 -73.61 -32.24 -4.54
CA ALA J 62 -73.68 -32.83 -5.88
C ALA J 62 -75.06 -33.35 -6.20
N MET J 63 -75.72 -33.99 -5.24
CA MET J 63 -77.03 -34.56 -5.52
C MET J 63 -78.11 -33.51 -5.75
N GLU J 64 -77.85 -32.25 -5.38
CA GLU J 64 -78.79 -31.19 -5.73
C GLU J 64 -79.05 -31.17 -7.22
N HIS J 65 -77.99 -31.03 -8.01
CA HIS J 65 -78.12 -30.94 -9.46
C HIS J 65 -78.86 -32.10 -10.07
N GLY J 66 -79.17 -33.13 -9.29
CA GLY J 66 -79.82 -34.31 -9.83
C GLY J 66 -78.82 -35.42 -10.03
N LEU J 67 -78.80 -36.35 -9.09
CA LEU J 67 -77.88 -37.47 -9.14
C LEU J 67 -78.28 -38.51 -8.11
N LYS J 68 -78.45 -39.75 -8.52
CA LYS J 68 -78.86 -40.80 -7.61
C LYS J 68 -77.83 -41.91 -7.50
N THR J 69 -77.44 -42.50 -8.61
CA THR J 69 -76.37 -43.47 -8.62
C THR J 69 -75.05 -42.77 -8.91
N VAL J 70 -73.96 -43.51 -8.72
CA VAL J 70 -72.64 -43.00 -9.01
C VAL J 70 -71.69 -44.18 -9.07
N ASP J 71 -70.57 -44.01 -9.76
CA ASP J 71 -69.50 -44.98 -9.72
C ASP J 71 -68.35 -44.44 -8.88
N VAL J 72 -67.53 -45.36 -8.38
CA VAL J 72 -66.54 -45.08 -7.35
C VAL J 72 -65.16 -45.37 -7.89
N THR J 73 -64.26 -44.40 -7.74
CA THR J 73 -62.87 -44.51 -8.15
C THR J 73 -62.00 -44.35 -6.90
N VAL J 74 -61.16 -45.35 -6.61
CA VAL J 74 -60.39 -45.38 -5.38
C VAL J 74 -58.91 -45.49 -5.72
N LYS J 75 -58.21 -44.36 -5.71
CA LYS J 75 -56.76 -44.34 -5.73
C LYS J 75 -56.26 -44.28 -4.28
N GLY J 76 -54.99 -43.93 -4.08
CA GLY J 76 -54.58 -43.33 -2.83
C GLY J 76 -54.53 -44.24 -1.62
N PRO J 77 -53.49 -45.06 -1.51
CA PRO J 77 -53.29 -45.81 -0.28
C PRO J 77 -53.23 -44.89 0.94
N GLY J 78 -54.22 -44.98 1.79
CA GLY J 78 -54.36 -44.09 2.93
C GLY J 78 -55.21 -44.71 4.00
N SER J 79 -56.07 -43.90 4.61
CA SER J 79 -56.87 -44.36 5.73
C SER J 79 -58.32 -43.88 5.72
N GLY J 80 -58.77 -43.24 4.65
CA GLY J 80 -60.17 -42.86 4.55
C GLY J 80 -60.86 -43.69 3.50
N ARG J 81 -60.11 -44.62 2.89
CA ARG J 81 -60.65 -45.47 1.84
C ARG J 81 -61.89 -46.21 2.29
N GLU J 82 -62.00 -46.47 3.58
CA GLU J 82 -63.13 -47.21 4.12
C GLU J 82 -64.26 -46.28 4.52
N ALA J 83 -63.96 -45.26 5.31
CA ALA J 83 -65.01 -44.36 5.79
C ALA J 83 -65.68 -43.64 4.64
N ALA J 84 -64.95 -43.33 3.58
CA ALA J 84 -65.50 -42.48 2.53
C ALA J 84 -66.70 -43.14 1.85
N ILE J 85 -66.56 -44.40 1.46
CA ILE J 85 -67.61 -45.06 0.70
C ILE J 85 -68.86 -45.23 1.55
N ARG J 86 -68.68 -45.73 2.77
CA ARG J 86 -69.81 -45.89 3.67
C ARG J 86 -70.51 -44.56 3.91
N SER J 87 -69.73 -43.49 4.14
CA SER J 87 -70.29 -42.17 4.35
C SER J 87 -71.03 -41.65 3.12
N LEU J 88 -70.60 -42.04 1.93
CA LEU J 88 -71.42 -41.77 0.76
C LEU J 88 -72.74 -42.51 0.86
N GLN J 89 -72.69 -43.79 1.25
CA GLN J 89 -73.91 -44.57 1.36
C GLN J 89 -74.75 -44.16 2.56
N ALA J 90 -74.24 -43.27 3.41
CA ALA J 90 -74.98 -42.88 4.60
C ALA J 90 -75.92 -41.71 4.32
N THR J 91 -75.44 -40.69 3.61
CA THR J 91 -76.27 -39.52 3.32
C THR J 91 -77.17 -39.73 2.11
N GLY J 92 -77.48 -40.98 1.77
CA GLY J 92 -78.46 -41.26 0.75
C GLY J 92 -77.97 -41.18 -0.68
N LEU J 93 -77.06 -42.08 -1.05
CA LEU J 93 -76.66 -42.22 -2.43
C LEU J 93 -76.61 -43.70 -2.78
N GLU J 94 -76.21 -44.00 -4.02
CA GLU J 94 -76.38 -45.34 -4.56
C GLU J 94 -75.07 -45.93 -5.04
N VAL J 95 -74.06 -45.96 -4.17
CA VAL J 95 -72.80 -46.60 -4.47
C VAL J 95 -73.07 -48.03 -4.92
N THR J 96 -72.75 -48.32 -6.17
CA THR J 96 -73.14 -49.58 -6.78
C THR J 96 -71.96 -50.46 -7.16
N ALA J 97 -71.00 -49.92 -7.90
CA ALA J 97 -69.80 -50.65 -8.29
C ALA J 97 -68.59 -50.02 -7.62
N ILE J 98 -67.60 -50.86 -7.30
CA ILE J 98 -66.41 -50.42 -6.59
C ILE J 98 -65.21 -51.03 -7.28
N ARG J 99 -64.40 -50.20 -7.91
CA ARG J 99 -63.18 -50.64 -8.57
C ARG J 99 -61.99 -49.92 -7.94
N ASP J 100 -60.95 -50.68 -7.64
CA ASP J 100 -59.72 -50.14 -7.07
C ASP J 100 -58.72 -49.97 -8.19
N VAL J 101 -58.34 -48.73 -8.46
CA VAL J 101 -57.28 -48.41 -9.40
C VAL J 101 -56.19 -47.73 -8.61
N THR J 102 -55.05 -48.39 -8.49
CA THR J 102 -53.86 -47.80 -7.90
C THR J 102 -52.74 -47.89 -8.92
N PRO J 103 -52.12 -46.78 -9.30
CA PRO J 103 -51.09 -46.85 -10.34
C PRO J 103 -49.90 -47.68 -9.92
N VAL J 104 -49.68 -48.79 -10.60
CA VAL J 104 -48.52 -49.65 -10.40
C VAL J 104 -47.71 -49.65 -11.68
N PRO J 105 -46.44 -49.36 -11.65
CA PRO J 105 -45.64 -49.34 -12.87
C PRO J 105 -45.14 -50.74 -13.17
N HIS J 106 -44.56 -50.88 -14.35
CA HIS J 106 -43.88 -52.10 -14.78
C HIS J 106 -42.38 -51.92 -14.65
N ASN J 107 -41.96 -51.24 -13.59
CA ASN J 107 -40.56 -50.99 -13.23
C ASN J 107 -39.83 -50.21 -14.32
N GLY J 108 -40.21 -48.95 -14.41
CA GLY J 108 -39.52 -48.01 -15.28
C GLY J 108 -39.29 -46.67 -14.63
N CYS J 109 -39.15 -46.63 -13.30
CA CYS J 109 -38.99 -45.37 -12.59
C CYS J 109 -38.02 -45.54 -11.43
N ARG J 110 -37.37 -44.44 -11.06
CA ARG J 110 -36.48 -44.44 -9.92
C ARG J 110 -37.13 -43.73 -8.76
N PRO J 111 -37.54 -44.44 -7.71
CA PRO J 111 -38.09 -43.78 -6.54
C PRO J 111 -37.02 -42.95 -5.84
N PRO J 112 -37.39 -42.13 -4.89
CA PRO J 112 -36.38 -41.34 -4.18
C PRO J 112 -35.55 -42.19 -3.22
N LYS J 113 -34.64 -41.55 -2.49
CA LYS J 113 -33.84 -42.26 -1.50
C LYS J 113 -34.71 -42.74 -0.35
N ARG J 114 -34.14 -43.60 0.48
CA ARG J 114 -34.78 -43.94 1.73
C ARG J 114 -34.50 -42.83 2.74
N ARG J 115 -35.38 -42.71 3.72
CA ARG J 115 -35.28 -41.67 4.74
C ARG J 115 -34.60 -42.24 5.98
N ARG J 116 -33.69 -41.47 6.57
CA ARG J 116 -32.91 -41.89 7.72
C ARG J 116 -33.35 -41.08 8.94
N VAL J 117 -34.32 -41.61 9.66
CA VAL J 117 -34.67 -41.08 10.97
C VAL J 117 -34.92 -42.26 11.90
N PRO K 1 7.10 -74.44 1.74
CA PRO K 1 6.93 -74.41 0.30
C PRO K 1 7.46 -75.65 -0.38
N THR K 2 7.06 -75.89 -1.62
CA THR K 2 7.59 -77.01 -2.36
C THR K 2 9.09 -76.89 -2.48
N ILE K 3 9.78 -78.03 -2.38
CA ILE K 3 11.24 -78.02 -2.34
C ILE K 3 11.79 -77.33 -3.58
N ASN K 4 11.13 -77.49 -4.72
CA ASN K 4 11.62 -76.85 -5.93
C ASN K 4 11.62 -75.34 -5.81
N GLN K 5 10.80 -74.78 -4.94
CA GLN K 5 10.79 -73.33 -4.80
C GLN K 5 12.00 -72.85 -4.03
N LEU K 6 12.27 -73.44 -2.88
CA LEU K 6 13.47 -73.06 -2.14
C LEU K 6 14.71 -73.28 -2.99
N VAL K 7 14.66 -74.21 -3.94
CA VAL K 7 15.74 -74.35 -4.90
C VAL K 7 15.97 -73.04 -5.64
N ARG K 8 14.89 -72.44 -6.12
CA ARG K 8 14.94 -71.21 -6.88
C ARG K 8 14.60 -69.99 -6.05
N LYS K 9 14.69 -70.10 -4.72
CA LYS K 9 14.48 -68.96 -3.86
C LYS K 9 15.48 -69.00 -2.70
N PRO K 10 16.01 -67.86 -2.29
CA PRO K 10 17.13 -67.89 -1.35
C PRO K 10 16.76 -68.38 0.05
N ARG K 11 15.60 -68.00 0.58
CA ARG K 11 15.19 -68.35 1.94
C ARG K 11 16.14 -67.73 2.99
N LYS K 12 16.03 -66.40 3.08
CA LYS K 12 16.94 -65.59 3.90
C LYS K 12 16.60 -65.62 5.39
N SER K 13 17.15 -64.65 6.12
CA SER K 13 16.91 -64.49 7.55
C SER K 13 16.77 -63.00 7.85
N LYS K 14 16.84 -62.65 9.14
CA LYS K 14 16.36 -61.36 9.64
C LYS K 14 17.38 -60.72 10.58
N VAL K 15 18.60 -60.52 10.06
CA VAL K 15 19.78 -60.11 10.82
C VAL K 15 19.47 -59.12 11.93
N GLU K 16 20.02 -59.37 13.13
CA GLU K 16 19.70 -58.62 14.32
C GLU K 16 20.45 -57.30 14.36
N LYS K 17 20.08 -56.46 15.33
CA LYS K 17 20.62 -55.13 15.50
C LYS K 17 21.59 -55.11 16.67
N SER K 18 22.05 -53.92 17.02
CA SER K 18 22.93 -53.72 18.15
C SER K 18 22.30 -52.74 19.12
N ASP K 19 22.71 -52.84 20.37
CA ASP K 19 22.09 -52.07 21.45
C ASP K 19 22.93 -50.88 21.87
N SER K 20 24.07 -50.66 21.24
CA SER K 20 24.99 -49.61 21.62
C SER K 20 25.82 -49.23 20.42
N PRO K 21 25.27 -48.46 19.47
CA PRO K 21 26.02 -48.20 18.24
C PRO K 21 27.24 -47.33 18.44
N ALA K 22 27.19 -46.36 19.35
CA ALA K 22 28.32 -45.46 19.55
C ALA K 22 29.56 -46.17 20.02
N LEU K 23 29.46 -47.43 20.42
CA LEU K 23 30.64 -48.21 20.78
C LEU K 23 31.24 -48.93 19.60
N ASN K 24 30.72 -48.72 18.40
CA ASN K 24 31.31 -49.26 17.17
C ASN K 24 31.51 -48.05 16.24
N LYS K 25 32.63 -47.37 16.43
CA LYS K 25 32.85 -46.05 15.85
C LYS K 25 32.76 -46.06 14.34
N GLY K 26 32.09 -45.04 13.80
CA GLY K 26 32.11 -44.69 12.38
C GLY K 26 33.30 -43.82 11.99
N TYR K 27 34.48 -44.42 11.79
CA TYR K 27 35.79 -43.81 11.98
C TYR K 27 35.98 -42.43 11.37
N ASN K 28 36.97 -41.68 11.88
CA ASN K 28 37.08 -40.26 11.54
C ASN K 28 38.51 -39.75 11.30
N SER K 29 39.50 -40.62 11.06
CA SER K 29 40.83 -40.09 10.80
C SER K 29 41.64 -41.09 9.99
N PHE K 30 42.46 -40.60 9.06
CA PHE K 30 42.54 -39.17 8.72
C PHE K 30 41.37 -38.73 7.84
N LYS K 31 40.66 -39.71 7.29
CA LYS K 31 39.71 -39.45 6.22
C LYS K 31 38.34 -40.06 6.49
N LYS K 32 37.93 -40.12 7.77
CA LYS K 32 36.52 -40.23 8.14
C LYS K 32 35.90 -41.51 7.58
N THR K 33 36.30 -42.63 8.16
CA THR K 33 36.08 -43.94 7.57
C THR K 33 35.20 -44.86 8.45
N GLN K 34 35.21 -46.15 8.12
CA GLN K 34 34.19 -47.12 8.50
C GLN K 34 34.60 -47.96 9.71
N THR K 35 33.68 -48.84 10.15
CA THR K 35 33.66 -49.35 11.52
C THR K 35 34.15 -50.78 11.62
N ASN K 36 35.10 -51.02 12.54
CA ASN K 36 35.45 -52.37 12.95
C ASN K 36 35.88 -52.42 14.42
N VAL K 37 35.38 -51.51 15.24
CA VAL K 37 36.12 -51.17 16.46
C VAL K 37 35.31 -51.50 17.70
N ASN K 38 34.60 -52.63 17.69
CA ASN K 38 33.58 -52.89 18.69
C ASN K 38 34.24 -53.04 20.05
N SER K 39 34.54 -51.88 20.63
CA SER K 39 35.23 -51.78 21.91
C SER K 39 34.28 -52.10 23.04
N PRO K 40 34.80 -52.22 24.26
CA PRO K 40 33.90 -52.31 25.41
C PRO K 40 33.62 -50.96 26.04
N GLN K 41 34.35 -49.92 25.64
CA GLN K 41 34.04 -48.56 26.08
C GLN K 41 34.83 -47.58 25.24
N LYS K 42 34.48 -46.30 25.38
CA LYS K 42 35.23 -45.19 24.82
C LYS K 42 35.25 -44.09 25.87
N ARG K 43 35.59 -42.87 25.47
CA ARG K 43 35.58 -41.76 26.42
C ARG K 43 35.14 -40.49 25.71
N GLY K 44 34.91 -39.46 26.49
CA GLY K 44 34.47 -38.18 25.95
C GLY K 44 34.58 -37.10 27.00
N VAL K 45 34.16 -35.91 26.61
CA VAL K 45 34.17 -34.75 27.49
C VAL K 45 32.74 -34.40 27.87
N CYS K 46 32.51 -34.14 29.14
CA CYS K 46 31.21 -33.71 29.61
C CYS K 46 30.92 -32.31 29.09
N THR K 47 29.94 -32.18 28.20
CA THR K 47 29.61 -30.87 27.67
C THR K 47 28.63 -30.10 28.55
N ARG K 48 27.85 -30.79 29.37
CA ARG K 48 27.00 -30.17 30.38
C ARG K 48 26.41 -31.26 31.25
N VAL K 49 26.15 -30.93 32.51
CA VAL K 49 25.62 -31.86 33.47
C VAL K 49 24.43 -31.23 34.16
N GLY K 50 23.34 -31.99 34.26
CA GLY K 50 22.17 -31.52 34.96
C GLY K 50 21.32 -32.67 35.39
N THR K 51 20.10 -32.36 35.81
CA THR K 51 19.14 -33.37 36.22
C THR K 51 17.95 -33.32 35.28
N MET K 52 17.23 -34.43 35.19
CA MET K 52 16.07 -34.50 34.33
C MET K 52 15.02 -35.36 35.01
N THR K 53 13.81 -35.34 34.45
CA THR K 53 12.71 -36.02 35.10
C THR K 53 12.31 -37.27 34.34
N PRO K 54 12.01 -38.35 35.04
CA PRO K 54 11.66 -39.60 34.37
C PRO K 54 10.21 -39.59 33.92
N LYS K 55 9.77 -40.72 33.39
CA LYS K 55 8.41 -40.89 32.92
C LYS K 55 7.56 -41.54 34.01
N LYS K 56 6.25 -41.39 33.90
CA LYS K 56 5.35 -42.04 34.83
C LYS K 56 5.49 -43.55 34.69
N PRO K 57 5.20 -44.33 35.75
CA PRO K 57 4.68 -43.92 37.05
C PRO K 57 5.76 -43.65 38.11
N ASN K 58 7.03 -43.75 37.74
CA ASN K 58 8.08 -43.46 38.70
C ASN K 58 8.09 -41.97 39.02
N SER K 59 8.99 -41.58 39.92
CA SER K 59 9.14 -40.16 40.25
C SER K 59 10.49 -39.96 40.90
N ALA K 60 11.32 -39.10 40.30
CA ALA K 60 12.63 -38.75 40.84
C ALA K 60 13.18 -37.60 40.00
N LEU K 61 14.43 -37.25 40.27
CA LEU K 61 15.19 -36.28 39.48
C LEU K 61 16.51 -36.94 39.08
N ARG K 62 16.49 -37.65 37.96
CA ARG K 62 17.68 -38.40 37.55
C ARG K 62 18.79 -37.45 37.14
N LYS K 63 20.02 -37.80 37.49
CA LYS K 63 21.17 -36.94 37.30
C LYS K 63 21.99 -37.44 36.12
N TYR K 64 22.07 -36.61 35.07
CA TYR K 64 22.63 -37.01 33.79
C TYR K 64 23.69 -36.01 33.37
N ALA K 65 24.43 -36.36 32.32
CA ALA K 65 25.47 -35.48 31.79
C ALA K 65 25.64 -35.78 30.31
N ARG K 66 25.47 -34.77 29.47
CA ARG K 66 25.66 -34.95 28.05
C ARG K 66 27.13 -34.89 27.72
N VAL K 67 27.56 -35.77 26.81
CA VAL K 67 28.97 -35.99 26.54
C VAL K 67 29.19 -35.88 25.04
N ARG K 68 30.46 -35.92 24.64
CA ARG K 68 30.82 -35.99 23.23
C ARG K 68 31.92 -37.03 23.08
N LEU K 69 31.59 -38.15 22.46
CA LEU K 69 32.55 -39.22 22.28
C LEU K 69 33.65 -38.82 21.30
N SER K 70 34.83 -39.39 21.50
CA SER K 70 35.97 -39.04 20.66
C SER K 70 35.69 -39.27 19.19
N ASN K 71 34.89 -40.28 18.86
CA ASN K 71 34.63 -40.58 17.47
C ASN K 71 33.60 -39.66 16.83
N LEU K 72 33.40 -38.48 17.41
CA LEU K 72 32.62 -37.41 16.79
C LEU K 72 31.15 -37.78 16.66
N ILE K 73 30.57 -38.33 17.71
CA ILE K 73 29.14 -38.56 17.79
C ILE K 73 28.66 -38.21 19.18
N GLU K 74 27.50 -37.55 19.25
CA GLU K 74 26.98 -37.02 20.50
C GLU K 74 26.18 -38.08 21.25
N VAL K 75 26.23 -38.00 22.57
CA VAL K 75 25.61 -39.01 23.42
C VAL K 75 25.28 -38.37 24.76
N THR K 76 24.12 -38.73 25.30
CA THR K 76 23.65 -38.25 26.60
C THR K 76 23.62 -39.44 27.54
N ALA K 77 24.55 -39.49 28.47
CA ALA K 77 24.74 -40.64 29.33
C ALA K 77 24.22 -40.38 30.73
N TYR K 78 24.46 -41.34 31.61
CA TYR K 78 23.92 -41.34 32.96
C TYR K 78 25.04 -41.58 33.96
N ILE K 79 24.85 -41.13 35.19
CA ILE K 79 25.87 -41.29 36.21
C ILE K 79 25.26 -41.97 37.43
N PRO K 80 25.87 -43.02 37.94
CA PRO K 80 25.29 -43.72 39.09
C PRO K 80 25.86 -43.23 40.41
N GLY K 81 25.39 -43.82 41.51
CA GLY K 81 25.93 -43.53 42.82
C GLY K 81 25.45 -42.20 43.37
N ILE K 82 25.66 -42.03 44.67
CA ILE K 82 25.18 -40.85 45.39
C ILE K 82 26.22 -39.75 45.27
N GLY K 83 25.88 -38.69 44.54
CA GLY K 83 26.77 -37.54 44.40
C GLY K 83 27.84 -37.77 43.35
N HIS K 84 28.59 -36.71 43.08
CA HIS K 84 29.55 -36.79 41.97
C HIS K 84 30.48 -35.58 42.04
N ASN K 85 31.39 -35.52 41.08
CA ASN K 85 32.26 -34.37 40.88
C ASN K 85 32.18 -33.83 39.46
N LEU K 86 31.36 -34.42 38.60
CA LEU K 86 31.36 -34.06 37.20
C LEU K 86 30.87 -32.63 37.00
N GLN K 87 31.61 -31.87 36.20
CA GLN K 87 31.20 -30.54 35.79
C GLN K 87 31.54 -30.40 34.32
N GLU K 88 31.31 -29.22 33.78
CA GLU K 88 31.61 -28.97 32.38
C GLU K 88 33.09 -29.20 32.10
N HIS K 89 33.40 -29.64 30.88
CA HIS K 89 34.76 -29.87 30.43
C HIS K 89 35.50 -30.86 31.34
N SER K 90 35.05 -32.10 31.30
CA SER K 90 35.73 -33.15 32.05
C SER K 90 35.70 -34.44 31.27
N VAL K 91 36.86 -35.08 31.14
CA VAL K 91 37.00 -36.34 30.42
C VAL K 91 36.50 -37.46 31.31
N VAL K 92 35.77 -38.42 30.72
CA VAL K 92 35.24 -39.53 31.48
C VAL K 92 34.96 -40.69 30.54
N LEU K 93 34.83 -41.89 31.10
CA LEU K 93 34.61 -43.10 30.34
C LEU K 93 33.13 -43.41 30.24
N LEU K 94 32.78 -44.28 29.29
CA LEU K 94 31.38 -44.61 28.99
C LEU K 94 31.20 -46.13 28.97
N ARG K 95 30.39 -46.64 29.88
CA ARG K 95 30.08 -48.06 29.95
C ARG K 95 28.68 -48.30 29.41
N GLY K 96 28.55 -49.36 28.58
CA GLY K 96 27.33 -49.61 27.86
C GLY K 96 26.30 -50.32 28.72
N GLY K 97 25.14 -49.69 28.87
CA GLY K 97 24.03 -50.30 29.58
C GLY K 97 22.79 -49.43 29.60
N ARG K 98 21.64 -50.01 29.24
CA ARG K 98 20.43 -49.21 29.08
C ARG K 98 19.77 -48.98 30.43
N VAL K 99 18.97 -47.91 30.51
CA VAL K 99 18.20 -47.56 31.69
C VAL K 99 16.78 -47.23 31.25
N LYS K 100 15.81 -47.91 31.84
CA LYS K 100 14.48 -47.99 31.24
C LYS K 100 13.52 -46.94 31.76
N ASP K 101 13.66 -46.48 33.00
CA ASP K 101 12.67 -45.53 33.50
C ASP K 101 12.91 -44.14 32.94
N LEU K 102 13.95 -43.99 32.13
CA LEU K 102 14.28 -42.73 31.49
C LEU K 102 14.49 -42.98 30.00
N PRO K 103 13.84 -42.21 29.14
CA PRO K 103 14.07 -42.33 27.71
C PRO K 103 15.08 -41.32 27.19
N GLY K 104 15.86 -41.76 26.20
CA GLY K 104 16.82 -40.92 25.55
C GLY K 104 18.26 -41.26 25.85
N VAL K 105 18.51 -42.08 26.86
CA VAL K 105 19.87 -42.40 27.29
C VAL K 105 20.04 -43.91 27.27
N ARG K 106 21.11 -44.38 26.65
CA ARG K 106 21.41 -45.81 26.61
C ARG K 106 22.86 -46.11 26.96
N TYR K 107 23.57 -45.15 27.53
CA TYR K 107 24.91 -45.37 28.04
C TYR K 107 24.99 -44.74 29.42
N HIS K 108 25.81 -45.30 30.29
CA HIS K 108 26.10 -44.62 31.53
C HIS K 108 27.55 -44.81 31.94
N ILE K 109 28.15 -43.76 32.48
CA ILE K 109 29.58 -43.68 32.75
C ILE K 109 29.94 -44.65 33.87
N VAL K 110 31.24 -44.88 34.06
CA VAL K 110 31.74 -45.78 35.09
C VAL K 110 32.40 -44.98 36.19
N ARG K 111 32.08 -45.33 37.43
CA ARG K 111 32.46 -44.51 38.58
C ARG K 111 33.91 -44.75 38.95
N GLY K 112 34.61 -43.67 39.29
CA GLY K 112 35.98 -43.74 39.77
C GLY K 112 37.00 -44.13 38.74
N ALA K 113 36.58 -44.66 37.59
CA ALA K 113 37.52 -45.22 36.64
C ALA K 113 38.36 -44.18 35.94
N LEU K 114 38.00 -42.90 36.06
CA LEU K 114 38.72 -41.85 35.38
C LEU K 114 38.56 -40.59 36.21
N ASP K 115 38.69 -39.44 35.56
CA ASP K 115 38.52 -38.14 36.19
C ASP K 115 37.42 -38.12 37.25
N THR K 116 36.32 -38.82 37.02
CA THR K 116 35.25 -38.87 38.02
C THR K 116 35.71 -39.55 39.29
N ALA K 117 35.25 -39.04 40.42
CA ALA K 117 35.65 -39.58 41.70
C ALA K 117 34.72 -40.71 42.11
N GLY K 118 35.27 -41.70 42.79
CA GLY K 118 34.45 -42.77 43.32
C GLY K 118 33.50 -42.27 44.39
N VAL K 119 32.42 -43.03 44.58
CA VAL K 119 31.50 -42.69 45.65
C VAL K 119 32.22 -42.81 46.98
N ASN K 120 31.83 -41.98 47.94
CA ASN K 120 32.67 -41.75 49.11
C ASN K 120 32.10 -42.34 50.39
N ASP K 121 31.09 -43.19 50.32
CA ASP K 121 30.61 -43.73 51.58
C ASP K 121 30.40 -45.23 51.57
N ARG K 122 30.05 -45.80 50.42
CA ARG K 122 29.61 -47.19 50.38
C ARG K 122 30.62 -48.12 51.04
N LYS K 123 30.10 -49.16 51.70
CA LYS K 123 30.94 -50.10 52.42
C LYS K 123 30.58 -51.54 52.13
N GLN K 124 29.69 -51.81 51.19
CA GLN K 124 29.19 -53.15 51.00
C GLN K 124 29.42 -53.69 49.60
N SER K 125 29.30 -52.85 48.58
CA SER K 125 29.43 -53.25 47.20
C SER K 125 30.33 -52.30 46.44
N ARG K 126 31.51 -52.05 46.98
CA ARG K 126 32.38 -51.02 46.42
C ARG K 126 33.08 -51.45 45.14
N SER K 127 32.90 -52.69 44.66
CA SER K 127 33.51 -53.06 43.39
C SER K 127 33.02 -52.15 42.28
N LYS K 128 31.73 -52.18 42.01
CA LYS K 128 31.11 -51.10 41.27
C LYS K 128 31.21 -49.82 42.10
N TYR K 129 30.95 -48.69 41.47
CA TYR K 129 31.06 -47.37 42.07
C TYR K 129 32.49 -47.01 42.42
N GLY K 130 33.45 -47.92 42.21
CA GLY K 130 34.86 -47.59 42.38
C GLY K 130 35.23 -46.97 43.71
N THR K 131 35.12 -47.74 44.79
CA THR K 131 35.51 -47.27 46.10
C THR K 131 36.55 -48.21 46.67
N LYS K 132 37.70 -47.65 47.05
CA LYS K 132 38.78 -48.45 47.59
C LYS K 132 38.44 -48.91 49.00
N ARG K 133 38.81 -50.14 49.32
CA ARG K 133 38.44 -50.72 50.60
C ARG K 133 38.94 -49.84 51.74
N PRO K 134 38.13 -49.64 52.78
CA PRO K 134 38.61 -48.86 53.92
C PRO K 134 39.55 -49.71 54.76
N LYS K 135 40.78 -49.23 54.93
CA LYS K 135 41.76 -49.85 55.80
C LYS K 135 41.90 -49.10 57.11
N ALA K 136 40.78 -48.58 57.60
CA ALA K 136 40.74 -47.76 58.81
C ALA K 136 41.67 -46.55 58.70
N ALA L 1 -62.05 18.78 68.17
CA ALA L 1 -61.55 18.16 66.94
C ALA L 1 -60.64 16.98 67.25
N ARG L 2 -61.24 15.81 67.40
CA ARG L 2 -62.68 15.68 67.27
C ARG L 2 -63.37 15.78 68.62
N ILE L 3 -63.07 14.83 69.52
CA ILE L 3 -63.68 14.83 70.84
C ILE L 3 -62.67 14.69 71.97
N ALA L 4 -61.47 14.21 71.75
CA ALA L 4 -60.52 14.01 72.85
C ALA L 4 -59.13 14.13 72.26
N GLY L 5 -58.49 15.29 72.46
CA GLY L 5 -57.33 15.57 71.66
C GLY L 5 -57.79 15.65 70.22
N VAL L 6 -57.56 14.58 69.47
CA VAL L 6 -57.98 14.48 68.08
C VAL L 6 -58.43 13.04 67.85
N ASP L 7 -58.73 12.69 66.59
CA ASP L 7 -58.86 11.29 66.17
C ASP L 7 -60.02 10.60 66.88
N ILE L 8 -61.23 10.97 66.47
CA ILE L 8 -62.42 10.17 66.73
C ILE L 8 -63.14 9.96 65.40
N PRO L 9 -63.58 8.74 65.09
CA PRO L 9 -64.32 8.50 63.86
C PRO L 9 -65.82 8.64 64.07
N ARG L 10 -66.53 8.72 62.95
CA ARG L 10 -67.98 8.79 62.95
C ARG L 10 -68.60 7.52 62.38
N ASP L 11 -69.81 7.24 62.84
CA ASP L 11 -70.60 6.10 62.37
C ASP L 11 -69.88 4.78 62.66
N LYS L 12 -69.48 4.61 63.92
CA LYS L 12 -68.89 3.39 64.44
C LYS L 12 -69.56 3.03 65.76
N ARG L 13 -69.04 2.01 66.45
CA ARG L 13 -69.46 1.70 67.81
C ARG L 13 -68.58 2.44 68.79
N VAL L 14 -69.14 2.80 69.94
CA VAL L 14 -68.45 3.72 70.83
C VAL L 14 -67.17 3.10 71.36
N VAL L 15 -67.31 2.02 72.15
CA VAL L 15 -66.18 1.52 72.91
C VAL L 15 -65.00 1.23 72.01
N VAL L 16 -65.27 0.75 70.79
CA VAL L 16 -64.19 0.52 69.85
C VAL L 16 -63.54 1.83 69.46
N SER L 17 -64.36 2.84 69.18
CA SER L 17 -63.81 4.11 68.72
C SER L 17 -62.97 4.79 69.79
N LEU L 18 -63.29 4.57 71.07
CA LEU L 18 -62.51 5.23 72.11
C LEU L 18 -61.12 4.62 72.26
N THR L 19 -60.94 3.40 71.79
CA THR L 19 -59.59 2.83 71.75
C THR L 19 -58.73 3.52 70.71
N TYR L 20 -59.34 4.06 69.66
CA TYR L 20 -58.57 4.61 68.55
C TYR L 20 -57.54 5.63 69.02
N ILE L 21 -57.92 6.49 69.97
CA ILE L 21 -57.03 7.57 70.35
C ILE L 21 -55.73 6.98 70.90
N TYR L 22 -54.63 7.67 70.61
CA TYR L 22 -53.31 7.17 70.92
C TYR L 22 -53.16 7.02 72.43
N GLY L 23 -52.99 5.80 72.90
CA GLY L 23 -52.75 5.52 74.31
C GLY L 23 -53.87 4.79 75.00
N ILE L 24 -55.05 4.72 74.39
CA ILE L 24 -56.19 4.02 74.97
C ILE L 24 -56.27 2.65 74.34
N GLY L 25 -56.04 1.62 75.14
CA GLY L 25 -56.19 0.26 74.66
C GLY L 25 -57.64 -0.16 74.75
N ASN L 26 -57.88 -1.35 75.30
CA ASN L 26 -59.25 -1.86 75.42
C ASN L 26 -59.78 -1.78 76.83
N THR L 27 -58.95 -2.06 77.83
CA THR L 27 -59.42 -1.95 79.21
C THR L 27 -59.77 -0.52 79.55
N THR L 28 -59.02 0.44 79.00
CA THR L 28 -59.26 1.85 79.30
C THR L 28 -60.68 2.25 78.90
N ALA L 29 -61.11 1.87 77.70
CA ALA L 29 -62.43 2.27 77.24
C ALA L 29 -63.52 1.67 78.10
N LYS L 30 -63.40 0.39 78.44
CA LYS L 30 -64.43 -0.25 79.24
C LYS L 30 -64.51 0.36 80.63
N LYS L 31 -63.37 0.63 81.26
CA LYS L 31 -63.42 1.23 82.58
C LYS L 31 -63.94 2.67 82.52
N VAL L 32 -63.54 3.43 81.51
CA VAL L 32 -64.04 4.80 81.34
C VAL L 32 -65.56 4.77 81.22
N LEU L 33 -66.08 3.97 80.29
CA LEU L 33 -67.52 3.86 80.12
C LEU L 33 -68.19 3.38 81.40
N ALA L 34 -67.51 2.52 82.16
CA ALA L 34 -68.04 2.11 83.45
C ALA L 34 -68.23 3.30 84.37
N ASN L 35 -67.25 4.20 84.40
CA ASN L 35 -67.38 5.35 85.27
C ASN L 35 -68.42 6.36 84.78
N VAL L 36 -68.90 6.24 83.55
CA VAL L 36 -70.09 6.97 83.14
C VAL L 36 -71.34 6.14 83.33
N GLY L 37 -71.28 4.85 82.96
CA GLY L 37 -72.46 4.02 83.01
C GLY L 37 -73.20 3.95 81.69
N VAL L 38 -72.52 3.50 80.63
CA VAL L 38 -73.08 3.45 79.29
C VAL L 38 -72.74 2.11 78.66
N SER L 39 -73.10 1.96 77.38
CA SER L 39 -73.01 0.69 76.67
C SER L 39 -72.58 0.97 75.24
N GLU L 40 -72.83 0.02 74.34
CA GLU L 40 -72.42 0.14 72.94
C GLU L 40 -72.95 1.41 72.28
N ASP L 41 -74.26 1.46 72.05
CA ASP L 41 -74.95 2.67 71.57
C ASP L 41 -74.42 3.18 70.23
N VAL L 42 -74.69 2.43 69.16
CA VAL L 42 -75.10 1.01 69.15
C VAL L 42 -74.17 0.29 68.19
N ARG L 43 -74.25 0.65 66.91
CA ARG L 43 -73.23 0.38 65.92
C ARG L 43 -72.92 1.58 65.05
N VAL L 44 -73.84 2.52 64.93
CA VAL L 44 -73.54 3.89 64.57
C VAL L 44 -73.76 4.73 65.82
N ARG L 45 -72.67 5.27 66.36
CA ARG L 45 -72.74 5.95 67.65
C ARG L 45 -73.59 7.21 67.54
N ASP L 46 -74.48 7.39 68.52
CA ASP L 46 -75.44 8.49 68.57
C ASP L 46 -75.41 9.16 69.92
N LEU L 47 -74.23 9.52 70.39
CA LEU L 47 -74.08 10.02 71.74
C LEU L 47 -74.81 11.35 71.93
N THR L 48 -75.06 11.67 73.20
CA THR L 48 -75.67 12.93 73.58
C THR L 48 -74.58 13.92 73.98
N ASN L 49 -74.92 15.21 73.87
CA ASN L 49 -73.94 16.26 74.16
C ASN L 49 -73.44 16.19 75.59
N GLU L 50 -74.25 15.62 76.51
CA GLU L 50 -73.81 15.50 77.89
C GLU L 50 -72.87 14.32 78.08
N GLN L 51 -73.17 13.18 77.46
CA GLN L 51 -72.29 12.03 77.54
C GLN L 51 -70.91 12.35 76.98
N THR L 52 -70.87 13.14 75.92
CA THR L 52 -69.59 13.56 75.35
C THR L 52 -68.75 14.31 76.37
N ASP L 53 -69.37 15.24 77.09
CA ASP L 53 -68.64 15.97 78.09
C ASP L 53 -68.22 15.08 79.24
N ALA L 54 -69.07 14.13 79.61
CA ALA L 54 -68.72 13.19 80.67
C ALA L 54 -67.44 12.44 80.32
N ILE L 55 -67.39 11.90 79.10
CA ILE L 55 -66.21 11.14 78.71
C ILE L 55 -65.01 12.06 78.53
N ARG L 56 -65.25 13.29 78.07
CA ARG L 56 -64.14 14.23 77.93
C ARG L 56 -63.55 14.58 79.28
N ALA L 57 -64.36 14.52 80.33
CA ALA L 57 -63.86 14.77 81.68
C ALA L 57 -63.12 13.55 82.22
N GLU L 58 -63.73 12.36 82.10
CA GLU L 58 -63.12 11.18 82.68
C GLU L 58 -61.82 10.82 81.98
N ILE L 59 -61.66 11.23 80.73
CA ILE L 59 -60.43 10.95 80.00
C ILE L 59 -59.31 11.87 80.47
N ASP L 60 -59.62 13.10 80.85
CA ASP L 60 -58.59 14.04 81.26
C ASP L 60 -58.04 13.74 82.60
N LYS L 61 -58.33 12.55 83.13
CA LYS L 61 -57.67 12.03 84.31
C LYS L 61 -56.65 10.95 83.97
N LEU L 62 -56.17 10.92 82.74
CA LEU L 62 -55.23 9.90 82.26
C LEU L 62 -54.04 10.56 81.60
N LYS L 63 -52.85 10.02 81.89
CA LYS L 63 -51.62 10.48 81.24
C LYS L 63 -51.65 10.29 79.74
N VAL L 64 -52.62 9.52 79.23
CA VAL L 64 -52.70 9.27 77.80
C VAL L 64 -53.19 10.54 77.10
N GLU L 65 -52.46 10.95 76.07
CA GLU L 65 -52.73 12.19 75.37
C GLU L 65 -52.40 11.96 73.91
N GLY L 66 -52.25 13.05 73.17
CA GLY L 66 -51.48 13.02 71.95
C GLY L 66 -50.05 13.33 72.31
N ASP L 67 -49.72 13.13 73.59
CA ASP L 67 -48.42 13.46 74.14
C ASP L 67 -47.73 12.31 74.85
N LEU L 68 -48.35 11.13 74.92
CA LEU L 68 -47.67 10.00 75.54
C LEU L 68 -46.33 9.73 74.88
N ARG L 69 -46.21 10.02 73.58
CA ARG L 69 -44.97 9.74 72.87
C ARG L 69 -43.81 10.53 73.43
N ARG L 70 -44.06 11.76 73.89
CA ARG L 70 -42.98 12.59 74.41
C ARG L 70 -42.29 11.93 75.59
N GLU L 71 -43.07 11.29 76.47
CA GLU L 71 -42.48 10.58 77.60
C GLU L 71 -41.63 9.41 77.13
N VAL L 72 -42.18 8.57 76.25
CA VAL L 72 -41.42 7.44 75.73
C VAL L 72 -40.17 7.93 75.00
N ASN L 73 -40.33 8.99 74.21
CA ASN L 73 -39.20 9.53 73.48
C ASN L 73 -38.11 9.98 74.43
N LEU L 74 -38.47 10.72 75.48
CA LEU L 74 -37.43 11.16 76.39
C LEU L 74 -36.86 10.00 77.20
N ASN L 75 -37.64 8.95 77.41
CA ASN L 75 -37.11 7.80 78.14
C ASN L 75 -36.02 7.11 77.32
N ILE L 76 -36.32 6.78 76.07
CA ILE L 76 -35.29 6.19 75.22
C ILE L 76 -34.17 7.20 74.97
N LYS L 77 -34.44 8.49 75.16
CA LYS L 77 -33.38 9.49 75.06
C LYS L 77 -32.41 9.41 76.24
N ARG L 78 -32.94 9.39 77.46
CA ARG L 78 -32.11 9.14 78.63
C ARG L 78 -31.35 7.84 78.48
N LEU L 79 -31.97 6.83 77.87
CA LEU L 79 -31.28 5.58 77.61
C LEU L 79 -30.08 5.78 76.71
N MET L 80 -30.31 6.22 75.47
CA MET L 80 -29.28 6.17 74.44
C MET L 80 -28.11 7.10 74.71
N GLU L 81 -28.16 7.94 75.74
CA GLU L 81 -27.12 8.94 75.93
C GLU L 81 -26.47 8.85 77.30
N ILE L 82 -26.41 7.67 77.89
CA ILE L 82 -25.57 7.53 79.07
C ILE L 82 -24.54 6.42 78.90
N GLY L 83 -24.98 5.17 78.82
CA GLY L 83 -24.00 4.13 78.62
C GLY L 83 -23.64 4.00 77.15
N SER L 84 -24.54 3.45 76.36
CA SER L 84 -25.54 2.51 76.84
C SER L 84 -25.75 1.41 75.81
N TYR L 85 -25.37 0.18 76.15
CA TYR L 85 -25.56 -0.93 75.23
C TYR L 85 -27.01 -1.01 74.76
N ARG L 86 -27.95 -1.00 75.70
CA ARG L 86 -29.36 -0.91 75.35
C ARG L 86 -29.62 0.28 74.44
N GLY L 87 -28.98 1.40 74.74
CA GLY L 87 -29.14 2.57 73.90
C GLY L 87 -28.35 2.43 72.61
N ILE L 88 -27.19 1.79 72.70
CA ILE L 88 -26.39 1.58 71.50
C ILE L 88 -27.11 0.66 70.54
N ARG L 89 -27.49 -0.53 71.00
CA ARG L 89 -28.31 -1.37 70.15
C ARG L 89 -29.67 -0.76 69.91
N HIS L 90 -30.04 0.29 70.64
CA HIS L 90 -31.24 1.05 70.30
C HIS L 90 -30.97 2.08 69.22
N ARG L 91 -29.71 2.31 68.88
CA ARG L 91 -29.39 2.87 67.59
C ARG L 91 -29.45 1.83 66.49
N ARG L 92 -29.64 0.55 66.84
CA ARG L 92 -29.78 -0.50 65.84
C ARG L 92 -30.79 -1.58 66.22
N GLY L 93 -31.63 -1.36 67.22
CA GLY L 93 -32.78 -2.21 67.49
C GLY L 93 -32.56 -3.59 68.07
N LEU L 94 -32.26 -3.70 69.37
CA LEU L 94 -32.30 -4.99 70.03
C LEU L 94 -32.91 -4.91 71.42
N PRO L 95 -33.57 -5.98 71.89
CA PRO L 95 -34.48 -5.87 73.03
C PRO L 95 -33.86 -6.06 74.39
N THR L 96 -34.78 -6.20 75.34
CA THR L 96 -34.53 -6.53 76.74
C THR L 96 -34.03 -7.96 76.95
N ARG L 97 -33.98 -8.81 75.91
CA ARG L 97 -33.39 -10.13 76.08
C ARG L 97 -32.51 -10.59 74.94
N GLY L 98 -32.54 -9.95 73.78
CA GLY L 98 -31.78 -10.42 72.65
C GLY L 98 -32.35 -11.70 72.08
N GLN L 99 -32.16 -11.93 70.78
CA GLN L 99 -32.69 -13.15 70.19
C GLN L 99 -31.73 -13.79 69.19
N ASN L 100 -30.42 -13.59 69.35
CA ASN L 100 -29.42 -14.22 68.51
C ASN L 100 -29.64 -13.85 67.04
N THR L 101 -29.40 -12.58 66.74
CA THR L 101 -29.87 -12.01 65.50
C THR L 101 -29.17 -12.56 64.26
N LYS L 102 -29.76 -13.57 63.65
CA LYS L 102 -29.51 -13.86 62.25
C LYS L 102 -30.80 -14.21 61.52
N ASN L 103 -31.94 -13.74 62.05
CA ASN L 103 -33.13 -13.41 61.26
C ASN L 103 -33.82 -12.16 61.75
N ASN L 104 -33.48 -11.67 62.95
CA ASN L 104 -34.22 -10.61 63.63
C ASN L 104 -33.92 -9.25 63.00
N ALA L 105 -34.25 -9.16 61.72
CA ALA L 105 -34.35 -7.86 61.07
C ALA L 105 -35.59 -7.77 60.21
N ARG L 106 -36.23 -8.90 59.90
CA ARG L 106 -37.36 -8.94 59.01
C ARG L 106 -38.56 -8.18 59.57
N THR L 107 -38.53 -7.79 60.84
CA THR L 107 -39.57 -6.95 61.40
C THR L 107 -39.12 -5.51 61.61
N ARG L 108 -37.83 -5.24 61.57
CA ARG L 108 -37.35 -3.89 61.84
C ARG L 108 -36.99 -3.11 60.59
N LYS L 109 -36.38 -3.74 59.58
CA LYS L 109 -35.85 -2.98 58.45
C LYS L 109 -36.18 -3.57 57.09
N GLY L 110 -36.62 -4.81 56.99
CA GLY L 110 -36.70 -5.47 55.70
C GLY L 110 -35.31 -5.67 55.15
N PRO L 111 -34.54 -6.57 55.78
CA PRO L 111 -33.10 -6.66 55.48
C PRO L 111 -32.79 -7.05 54.05
N THR L 112 -33.52 -8.04 53.53
CA THR L 112 -33.24 -8.58 52.20
C THR L 112 -33.18 -7.52 51.11
N ALA M 1 -9.06 -35.55 79.38
CA ALA M 1 -9.30 -34.66 80.51
C ALA M 1 -10.31 -35.28 81.45
N LYS M 2 -10.85 -36.43 81.03
CA LYS M 2 -11.99 -37.03 81.73
C LYS M 2 -11.67 -37.38 83.18
N LYS M 3 -10.39 -37.42 83.57
CA LYS M 3 -10.06 -37.82 84.93
C LYS M 3 -10.21 -36.66 85.89
N SER M 4 -9.70 -35.49 85.53
CA SER M 4 -9.89 -34.32 86.37
C SER M 4 -11.38 -34.01 86.52
N MET M 5 -12.13 -34.10 85.42
CA MET M 5 -13.56 -33.85 85.49
C MET M 5 -14.25 -34.85 86.40
N ILE M 6 -14.01 -36.14 86.19
CA ILE M 6 -14.66 -37.15 87.03
C ILE M 6 -14.33 -36.89 88.50
N ALA M 7 -13.09 -36.50 88.78
CA ALA M 7 -12.72 -36.15 90.14
C ALA M 7 -13.45 -34.92 90.64
N LYS M 8 -13.88 -34.05 89.73
CA LYS M 8 -14.57 -32.83 90.15
C LYS M 8 -15.87 -33.15 90.88
N ASN M 9 -16.69 -34.02 90.31
CA ASN M 9 -18.03 -34.23 90.84
C ASN M 9 -18.02 -34.93 92.19
N LYS M 10 -17.04 -35.77 92.45
CA LYS M 10 -17.04 -36.52 93.70
C LYS M 10 -16.90 -35.62 94.92
N ARG M 11 -16.56 -34.36 94.73
CA ARG M 11 -16.52 -33.41 95.84
C ARG M 11 -17.86 -32.72 96.00
N PRO M 12 -18.13 -32.16 97.18
CA PRO M 12 -19.28 -31.26 97.30
C PRO M 12 -19.05 -29.99 96.50
N ALA M 13 -20.09 -29.56 95.79
CA ALA M 13 -19.96 -28.49 94.80
C ALA M 13 -19.66 -27.16 95.49
N LYS M 14 -19.37 -26.15 94.67
CA LYS M 14 -19.13 -24.81 95.18
C LYS M 14 -20.43 -24.13 95.55
N HIS M 15 -21.49 -24.36 94.77
CA HIS M 15 -22.82 -23.87 95.11
C HIS M 15 -23.84 -24.91 94.64
N SER M 16 -25.05 -24.78 95.15
CA SER M 16 -26.06 -25.83 94.97
C SER M 16 -26.39 -26.04 93.49
N THR M 17 -26.41 -24.97 92.72
CA THR M 17 -26.74 -25.07 91.30
C THR M 17 -25.54 -25.52 90.47
N GLN M 18 -24.89 -26.60 90.91
CA GLN M 18 -23.73 -27.10 90.17
C GLN M 18 -23.60 -28.61 90.14
N ALA M 19 -24.48 -29.36 90.78
CA ALA M 19 -24.28 -30.81 90.92
C ALA M 19 -25.08 -31.51 89.83
N TYR M 20 -24.40 -31.85 88.75
CA TYR M 20 -25.06 -32.44 87.60
C TYR M 20 -24.87 -33.94 87.60
N THR M 21 -25.35 -34.58 86.54
CA THR M 21 -25.36 -36.03 86.43
C THR M 21 -24.35 -36.48 85.38
N ARG M 22 -23.71 -37.61 85.64
CA ARG M 22 -22.73 -38.14 84.71
C ARG M 22 -22.56 -39.62 84.99
N CYS M 23 -22.43 -40.41 83.93
CA CYS M 23 -22.40 -41.85 84.06
C CYS M 23 -21.29 -42.28 85.00
N GLU M 24 -21.45 -43.48 85.55
CA GLU M 24 -20.52 -43.98 86.56
C GLU M 24 -19.37 -44.75 85.92
N ARG M 25 -19.66 -45.83 85.21
CA ARG M 25 -18.59 -46.57 84.56
C ARG M 25 -17.98 -45.75 83.42
N CYS M 26 -18.77 -45.39 82.42
CA CYS M 26 -18.30 -44.42 81.46
C CYS M 26 -18.50 -43.04 82.08
N GLY M 27 -18.30 -41.98 81.30
CA GLY M 27 -18.36 -40.66 81.88
C GLY M 27 -19.10 -39.63 81.05
N ARG M 28 -20.18 -40.03 80.37
CA ARG M 28 -20.86 -39.10 79.47
C ARG M 28 -21.45 -37.94 80.25
N PRO M 29 -21.31 -36.72 79.77
CA PRO M 29 -21.92 -35.58 80.46
C PRO M 29 -23.41 -35.45 80.17
N HIS M 30 -23.83 -35.86 78.99
CA HIS M 30 -25.19 -35.67 78.52
C HIS M 30 -26.02 -36.90 78.76
N SER M 31 -27.32 -36.69 78.94
CA SER M 31 -28.33 -37.73 78.74
C SER M 31 -28.01 -38.97 79.55
N VAL M 32 -28.03 -38.82 80.87
CA VAL M 32 -27.83 -39.94 81.77
C VAL M 32 -29.13 -40.14 82.54
N TYR M 33 -29.65 -41.35 82.47
CA TYR M 33 -30.91 -41.66 83.12
C TYR M 33 -30.78 -41.55 84.63
N ARG M 34 -31.34 -40.49 85.20
CA ARG M 34 -31.14 -40.29 86.62
C ARG M 34 -32.06 -41.14 87.45
N LYS M 35 -32.54 -42.25 86.88
CA LYS M 35 -33.06 -43.35 87.66
C LYS M 35 -32.04 -44.45 87.85
N PHE M 36 -31.11 -44.62 86.90
CA PHE M 36 -30.12 -45.67 86.97
C PHE M 36 -28.71 -45.17 87.22
N HIS M 37 -28.40 -43.94 86.83
CA HIS M 37 -27.03 -43.41 86.83
C HIS M 37 -26.17 -44.14 85.81
N LEU M 38 -26.72 -44.37 84.62
CA LEU M 38 -25.98 -44.84 83.47
C LEU M 38 -26.15 -43.83 82.34
N CYS M 39 -25.20 -43.83 81.42
CA CYS M 39 -25.33 -42.98 80.25
C CYS M 39 -26.33 -43.61 79.30
N ARG M 40 -26.47 -43.03 78.10
CA ARG M 40 -27.43 -43.55 77.14
C ARG M 40 -26.98 -44.89 76.57
N ILE M 41 -25.71 -45.00 76.17
CA ILE M 41 -25.25 -46.21 75.50
C ILE M 41 -24.97 -47.31 76.49
N CYS M 42 -24.48 -46.96 77.69
CA CYS M 42 -24.07 -48.00 78.63
C CYS M 42 -25.28 -48.79 79.10
N PHE M 43 -26.40 -48.10 79.37
CA PHE M 43 -27.63 -48.81 79.67
C PHE M 43 -28.11 -49.61 78.48
N ARG M 44 -28.03 -49.03 77.29
CA ARG M 44 -28.38 -49.75 76.07
C ARG M 44 -27.69 -51.10 76.03
N GLU M 45 -26.38 -51.11 76.18
CA GLU M 45 -25.63 -52.35 76.10
C GLU M 45 -25.94 -53.26 77.28
N LEU M 46 -25.83 -52.73 78.49
CA LEU M 46 -25.99 -53.58 79.67
C LEU M 46 -27.36 -54.22 79.71
N ALA M 47 -28.35 -53.63 79.07
CA ALA M 47 -29.65 -54.30 78.93
C ALA M 47 -29.50 -55.61 78.18
N TYR M 48 -28.64 -55.63 77.16
CA TYR M 48 -28.42 -56.86 76.41
C TYR M 48 -27.83 -57.95 77.29
N LYS M 49 -26.97 -57.55 78.22
CA LYS M 49 -26.21 -58.54 79.00
C LYS M 49 -27.04 -59.19 80.09
N GLY M 50 -28.31 -58.84 80.24
CA GLY M 50 -29.13 -59.42 81.28
C GLY M 50 -28.57 -59.11 82.65
N GLN M 51 -28.34 -57.84 82.93
CA GLN M 51 -27.81 -57.42 84.21
C GLN M 51 -28.53 -56.24 84.83
N ILE M 52 -29.51 -55.67 84.16
CA ILE M 52 -30.46 -54.74 84.76
C ILE M 52 -31.74 -55.51 85.04
N PRO M 53 -32.15 -55.67 86.29
CA PRO M 53 -33.44 -56.31 86.53
C PRO M 53 -34.53 -55.43 85.96
N GLY M 54 -35.58 -56.05 85.44
CA GLY M 54 -36.56 -55.24 84.75
C GLY M 54 -36.39 -55.20 83.25
N VAL M 55 -35.67 -54.20 82.76
CA VAL M 55 -35.64 -53.78 81.36
C VAL M 55 -35.65 -54.95 80.38
N LYS M 56 -36.50 -54.86 79.36
CA LYS M 56 -36.51 -55.79 78.25
C LYS M 56 -36.77 -54.99 76.97
N LYS M 57 -37.08 -55.68 75.89
CA LYS M 57 -37.52 -55.00 74.68
C LYS M 57 -39.04 -54.96 74.64
N ALA M 58 -39.57 -53.87 74.11
CA ALA M 58 -40.99 -53.55 74.20
C ALA M 58 -41.62 -53.62 72.82
N SER M 59 -42.39 -54.67 72.58
CA SER M 59 -43.20 -54.79 71.37
C SER M 59 -44.67 -54.70 71.75
N TRP M 60 -45.41 -53.89 71.01
CA TRP M 60 -46.84 -53.79 71.24
C TRP M 60 -47.53 -53.24 70.01
N ALA N 1 -19.57 -72.69 -36.16
CA ALA N 1 -18.84 -72.56 -37.42
C ALA N 1 -19.33 -73.57 -38.44
N ILE N 2 -18.46 -74.48 -38.86
CA ILE N 2 -18.79 -75.37 -39.96
C ILE N 2 -19.94 -76.28 -39.57
N SER N 3 -20.56 -76.87 -40.59
CA SER N 3 -21.61 -77.86 -40.42
C SER N 3 -21.15 -79.19 -40.99
N GLN N 4 -21.87 -80.24 -40.61
CA GLN N 4 -21.41 -81.60 -40.88
C GLN N 4 -21.01 -81.82 -42.34
N GLU N 5 -21.47 -80.97 -43.25
CA GLU N 5 -21.17 -81.15 -44.66
C GLU N 5 -19.67 -81.09 -44.89
N ARG N 6 -19.07 -79.91 -44.71
CA ARG N 6 -17.64 -79.81 -44.91
C ARG N 6 -16.88 -80.50 -43.79
N LYS N 7 -17.45 -80.52 -42.59
CA LYS N 7 -16.87 -81.29 -41.49
C LYS N 7 -16.64 -82.73 -41.90
N ASN N 8 -17.61 -83.33 -42.59
CA ASN N 8 -17.40 -84.69 -43.07
C ASN N 8 -16.62 -84.74 -44.38
N GLU N 9 -16.67 -83.69 -45.18
CA GLU N 9 -16.01 -83.75 -46.47
C GLU N 9 -14.50 -83.70 -46.32
N ILE N 10 -13.99 -82.83 -45.44
CA ILE N 10 -12.54 -82.65 -45.38
C ILE N 10 -11.87 -83.84 -44.72
N ILE N 11 -12.55 -84.49 -43.77
CA ILE N 11 -11.92 -85.52 -42.98
C ILE N 11 -11.67 -86.74 -43.84
N LYS N 12 -12.00 -86.65 -45.13
CA LYS N 12 -11.66 -87.68 -46.10
C LYS N 12 -10.56 -87.26 -47.06
N GLU N 13 -10.20 -85.99 -47.12
CA GLU N 13 -9.08 -85.61 -47.95
C GLU N 13 -7.76 -85.60 -47.20
N TYR N 14 -7.81 -85.66 -45.87
CA TYR N 14 -6.62 -85.86 -45.04
C TYR N 14 -6.71 -87.14 -44.24
N ALA N 15 -7.65 -88.01 -44.54
CA ALA N 15 -7.79 -89.25 -43.80
C ALA N 15 -6.61 -90.17 -44.09
N ARG N 16 -5.91 -90.60 -43.06
CA ARG N 16 -4.81 -91.55 -43.23
C ARG N 16 -5.34 -92.89 -43.74
N HIS N 17 -6.44 -93.37 -43.17
CA HIS N 17 -7.22 -94.45 -43.75
C HIS N 17 -8.67 -94.25 -43.33
N GLU N 18 -9.50 -95.27 -43.54
CA GLU N 18 -10.95 -95.11 -43.46
C GLU N 18 -11.39 -95.05 -42.01
N GLY N 19 -11.89 -93.89 -41.58
CA GLY N 19 -12.39 -93.72 -40.23
C GLY N 19 -11.35 -93.14 -39.30
N ASP N 20 -10.71 -92.06 -39.74
CA ASP N 20 -9.54 -91.52 -39.06
C ASP N 20 -9.85 -90.32 -38.21
N THR N 21 -11.02 -90.32 -37.57
CA THR N 21 -11.43 -89.18 -36.77
C THR N 21 -10.49 -88.90 -35.61
N GLY N 22 -9.42 -89.69 -35.44
CA GLY N 22 -8.38 -89.39 -34.46
C GLY N 22 -7.22 -88.71 -35.14
N SER N 23 -6.13 -89.44 -35.38
CA SER N 23 -5.22 -89.10 -36.47
C SER N 23 -4.78 -87.65 -36.44
N PRO N 24 -3.87 -87.29 -35.57
CA PRO N 24 -3.57 -85.87 -35.32
C PRO N 24 -3.38 -85.00 -36.53
N GLU N 25 -3.37 -85.56 -37.74
CA GLU N 25 -3.41 -84.71 -38.93
C GLU N 25 -4.82 -84.17 -39.15
N VAL N 26 -5.82 -85.04 -39.06
CA VAL N 26 -7.19 -84.65 -39.34
C VAL N 26 -7.70 -83.63 -38.33
N GLN N 27 -7.43 -83.87 -37.05
CA GLN N 27 -7.92 -82.95 -36.04
C GLN N 27 -7.38 -81.56 -36.26
N ILE N 28 -6.12 -81.43 -36.64
CA ILE N 28 -5.59 -80.09 -36.81
C ILE N 28 -6.10 -79.46 -38.08
N ALA N 29 -6.39 -80.26 -39.12
CA ALA N 29 -7.04 -79.69 -40.29
C ALA N 29 -8.39 -79.08 -39.93
N VAL N 30 -9.22 -79.85 -39.22
CA VAL N 30 -10.54 -79.38 -38.83
C VAL N 30 -10.43 -78.11 -38.01
N LEU N 31 -9.54 -78.12 -37.02
CA LEU N 31 -9.39 -76.95 -36.17
C LEU N 31 -8.94 -75.75 -36.99
N THR N 32 -8.11 -75.97 -38.01
CA THR N 32 -7.71 -74.86 -38.86
C THR N 32 -8.92 -74.24 -39.53
N GLU N 33 -9.76 -75.07 -40.13
CA GLU N 33 -10.98 -74.56 -40.75
C GLU N 33 -11.78 -73.71 -39.77
N ASP N 34 -12.03 -74.27 -38.59
CA ASP N 34 -12.92 -73.59 -37.65
C ASP N 34 -12.31 -72.29 -37.15
N ILE N 35 -11.01 -72.26 -36.91
CA ILE N 35 -10.45 -71.01 -36.41
C ILE N 35 -10.42 -69.98 -37.52
N ASN N 36 -10.36 -70.41 -38.77
CA ASN N 36 -10.51 -69.44 -39.85
C ASN N 36 -11.88 -68.78 -39.81
N GLN N 37 -12.92 -69.61 -39.72
CA GLN N 37 -14.27 -69.05 -39.69
C GLN N 37 -14.48 -68.15 -38.48
N LEU N 38 -13.93 -68.55 -37.34
CA LEU N 38 -14.08 -67.73 -36.14
C LEU N 38 -13.33 -66.43 -36.28
N ASN N 39 -12.19 -66.43 -36.97
CA ASN N 39 -11.51 -65.19 -37.25
C ASN N 39 -12.40 -64.26 -38.04
N GLU N 40 -13.11 -64.81 -39.03
CA GLU N 40 -14.05 -63.98 -39.79
C GLU N 40 -15.10 -63.38 -38.87
N HIS N 41 -15.73 -64.22 -38.04
CA HIS N 41 -16.76 -63.72 -37.15
C HIS N 41 -16.23 -62.61 -36.26
N ALA N 42 -15.00 -62.77 -35.78
CA ALA N 42 -14.45 -61.76 -34.87
C ALA N 42 -14.19 -60.47 -35.60
N ARG N 43 -13.69 -60.54 -36.84
CA ARG N 43 -13.53 -59.32 -37.61
C ARG N 43 -14.88 -58.65 -37.85
N THR N 44 -15.95 -59.42 -37.85
CA THR N 44 -17.27 -58.82 -38.01
C THR N 44 -17.74 -58.13 -36.72
N HIS N 45 -17.93 -58.91 -35.65
CA HIS N 45 -18.27 -58.37 -34.33
C HIS N 45 -17.02 -58.44 -33.46
N LYS N 46 -16.31 -57.32 -33.36
CA LYS N 46 -15.06 -57.32 -32.61
C LYS N 46 -15.23 -56.90 -31.17
N LYS N 47 -16.40 -57.15 -30.58
CA LYS N 47 -16.57 -56.95 -29.15
C LYS N 47 -17.22 -58.15 -28.47
N ASP N 48 -17.24 -59.29 -29.15
CA ASP N 48 -17.78 -60.52 -28.59
C ASP N 48 -16.67 -61.22 -27.80
N HIS N 49 -16.36 -60.64 -26.64
CA HIS N 49 -15.28 -61.18 -25.82
C HIS N 49 -15.52 -62.60 -25.39
N HIS N 50 -16.77 -63.02 -25.25
CA HIS N 50 -17.04 -64.33 -24.69
C HIS N 50 -16.91 -65.45 -25.71
N SER N 51 -16.50 -65.14 -26.94
CA SER N 51 -16.15 -66.18 -27.90
C SER N 51 -14.71 -66.11 -28.36
N TYR N 52 -14.09 -64.93 -28.35
CA TYR N 52 -12.65 -64.88 -28.59
C TYR N 52 -11.92 -65.81 -27.63
N ARG N 53 -12.48 -66.02 -26.44
CA ARG N 53 -11.90 -66.94 -25.49
C ARG N 53 -11.87 -68.36 -26.04
N GLY N 54 -12.99 -68.81 -26.61
CA GLY N 54 -13.00 -70.12 -27.23
C GLY N 54 -12.05 -70.20 -28.41
N LEU N 55 -11.94 -69.12 -29.16
CA LEU N 55 -10.93 -69.08 -30.21
C LEU N 55 -9.56 -69.39 -29.64
N MET N 56 -9.21 -68.71 -28.56
CA MET N 56 -7.91 -68.91 -27.95
C MET N 56 -7.71 -70.37 -27.57
N LYS N 57 -8.73 -70.95 -26.95
CA LYS N 57 -8.61 -72.34 -26.52
C LYS N 57 -8.34 -73.26 -27.71
N LYS N 58 -9.05 -73.04 -28.81
CA LYS N 58 -8.83 -73.89 -29.96
C LYS N 58 -7.42 -73.73 -30.51
N ILE N 59 -6.94 -72.49 -30.56
CA ILE N 59 -5.57 -72.27 -31.05
C ILE N 59 -4.59 -73.04 -30.20
N GLY N 60 -4.73 -72.93 -28.88
CA GLY N 60 -3.83 -73.64 -28.00
C GLY N 60 -3.87 -75.14 -28.24
N HIS N 61 -5.07 -75.70 -28.39
CA HIS N 61 -5.17 -77.14 -28.56
C HIS N 61 -4.51 -77.58 -29.84
N ARG N 62 -4.68 -76.81 -30.92
CA ARG N 62 -4.00 -77.16 -32.15
C ARG N 62 -2.50 -77.09 -32.00
N ARG N 63 -2.01 -76.07 -31.30
CA ARG N 63 -0.59 -75.97 -31.03
C ARG N 63 -0.08 -77.22 -30.34
N ASN N 64 -0.83 -77.70 -29.36
CA ASN N 64 -0.38 -78.88 -28.61
C ASN N 64 -0.34 -80.11 -29.51
N LEU N 65 -1.39 -80.32 -30.30
CA LEU N 65 -1.38 -81.48 -31.16
C LEU N 65 -0.24 -81.42 -32.15
N LEU N 66 0.08 -80.22 -32.63
CA LEU N 66 1.21 -80.09 -33.56
C LEU N 66 2.51 -80.47 -32.88
N ALA N 67 2.74 -79.93 -31.69
CA ALA N 67 3.93 -80.30 -30.93
C ALA N 67 4.04 -81.80 -30.79
N TYR N 68 2.94 -82.46 -30.45
CA TYR N 68 2.99 -83.91 -30.32
C TYR N 68 3.30 -84.60 -31.63
N LEU N 69 2.72 -84.11 -32.73
CA LEU N 69 3.00 -84.75 -34.01
C LEU N 69 4.47 -84.67 -34.34
N ARG N 70 5.11 -83.57 -33.97
CA ARG N 70 6.50 -83.42 -34.37
C ARG N 70 7.43 -84.38 -33.62
N LYS N 71 7.20 -84.60 -32.33
CA LYS N 71 8.14 -85.36 -31.52
C LYS N 71 7.95 -86.87 -31.61
N THR N 72 7.15 -87.36 -32.55
CA THR N 72 7.10 -88.77 -32.85
C THR N 72 7.48 -89.09 -34.29
N ASP N 73 7.48 -88.09 -35.17
CA ASP N 73 7.90 -88.22 -36.54
C ASP N 73 8.08 -86.82 -37.09
N ILE N 74 9.04 -86.66 -37.99
CA ILE N 74 9.34 -85.37 -38.56
C ILE N 74 8.78 -85.21 -39.96
N GLN N 75 8.92 -86.24 -40.79
CA GLN N 75 8.47 -86.11 -42.17
C GLN N 75 6.98 -85.84 -42.25
N ARG N 76 6.19 -86.50 -41.40
CA ARG N 76 4.78 -86.17 -41.31
C ARG N 76 4.59 -84.69 -40.99
N TYR N 77 5.30 -84.20 -39.99
CA TYR N 77 5.12 -82.82 -39.54
C TYR N 77 5.43 -81.84 -40.66
N ARG N 78 6.61 -81.97 -41.26
CA ARG N 78 7.00 -81.06 -42.34
C ARG N 78 6.05 -81.17 -43.51
N GLU N 79 5.75 -82.40 -43.93
CA GLU N 79 4.92 -82.59 -45.11
C GLU N 79 3.52 -82.05 -44.89
N LEU N 80 3.02 -82.11 -43.66
CA LEU N 80 1.70 -81.56 -43.39
C LEU N 80 1.74 -80.04 -43.41
N ILE N 81 2.70 -79.44 -42.72
CA ILE N 81 2.72 -77.99 -42.70
C ILE N 81 2.95 -77.43 -44.10
N GLN N 82 3.64 -78.19 -44.96
CA GLN N 82 3.69 -77.83 -46.37
C GLN N 82 2.39 -78.15 -47.09
N ARG N 83 1.57 -79.03 -46.53
CA ARG N 83 0.27 -79.33 -47.10
C ARG N 83 -0.80 -78.35 -46.67
N LEU N 84 -0.74 -77.89 -45.42
CA LEU N 84 -1.71 -76.92 -44.91
C LEU N 84 -1.24 -75.49 -45.01
N GLY N 85 0.08 -75.26 -45.03
CA GLY N 85 0.56 -73.90 -45.20
C GLY N 85 0.39 -73.01 -43.99
N LEU N 86 1.19 -73.21 -42.95
CA LEU N 86 1.08 -72.42 -41.74
C LEU N 86 2.46 -72.29 -41.12
N ARG N 87 2.51 -71.95 -39.84
CA ARG N 87 3.73 -71.97 -39.03
C ARG N 87 4.77 -70.97 -39.55
N ARG N 88 4.42 -69.69 -39.36
CA ARG N 88 5.39 -68.61 -39.38
C ARG N 88 6.49 -68.80 -38.35
N ALA O 1 70.18 -79.33 -3.77
CA ALA O 1 70.71 -79.00 -2.46
C ALA O 1 69.98 -79.76 -1.34
N VAL O 2 69.37 -80.88 -1.70
CA VAL O 2 68.71 -81.72 -0.70
C VAL O 2 69.75 -82.22 0.29
N LYS O 3 69.40 -82.19 1.56
CA LYS O 3 70.40 -82.43 2.60
C LYS O 3 69.69 -82.78 3.90
N ILE O 4 69.85 -84.00 4.37
CA ILE O 4 69.11 -84.50 5.52
C ILE O 4 69.73 -83.97 6.81
N ARG O 5 68.90 -83.66 7.79
CA ARG O 5 69.39 -83.00 8.98
C ARG O 5 68.39 -83.22 10.11
N LEU O 6 68.49 -82.42 11.17
CA LEU O 6 67.66 -82.59 12.36
C LEU O 6 66.62 -81.49 12.46
N LYS O 7 65.69 -81.68 13.39
CA LYS O 7 64.57 -80.77 13.56
C LYS O 7 64.12 -80.77 15.01
N ARG O 8 64.12 -79.59 15.62
CA ARG O 8 63.87 -79.46 17.05
C ARG O 8 62.38 -79.47 17.35
N MET O 9 61.97 -80.31 18.28
CA MET O 9 60.57 -80.44 18.65
C MET O 9 60.29 -80.27 20.13
N GLY O 10 61.31 -80.19 20.98
CA GLY O 10 61.09 -80.08 22.41
C GLY O 10 60.38 -78.80 22.77
N SER O 11 60.07 -78.67 24.07
CA SER O 11 59.25 -77.53 24.44
C SER O 11 60.02 -76.33 24.96
N LYS O 12 60.63 -76.43 26.13
CA LYS O 12 61.26 -75.23 26.69
C LYS O 12 62.66 -75.46 27.17
N LYS O 13 62.92 -76.59 27.81
CA LYS O 13 64.27 -76.99 28.15
C LYS O 13 64.62 -78.36 27.65
N SER O 14 63.64 -79.23 27.47
CA SER O 14 63.87 -80.61 27.07
C SER O 14 63.65 -80.71 25.58
N PRO O 15 64.68 -80.65 24.79
CA PRO O 15 64.48 -80.72 23.34
C PRO O 15 64.08 -82.10 22.89
N PHE O 16 64.00 -82.27 21.58
CA PHE O 16 63.75 -83.55 20.94
C PHE O 16 63.91 -83.34 19.45
N TYR O 17 64.43 -84.34 18.78
CA TYR O 17 64.75 -84.21 17.37
C TYR O 17 64.23 -85.42 16.61
N ARG O 18 63.92 -85.21 15.33
CA ARG O 18 63.56 -86.28 14.44
C ARG O 18 64.29 -86.07 13.12
N ILE O 19 65.00 -87.09 12.66
CA ILE O 19 65.82 -86.91 11.47
C ILE O 19 64.89 -86.79 10.27
N VAL O 20 65.07 -85.73 9.50
CA VAL O 20 64.11 -85.36 8.46
C VAL O 20 64.85 -84.82 7.25
N VAL O 21 64.71 -85.51 6.12
CA VAL O 21 65.39 -85.13 4.89
C VAL O 21 64.62 -84.00 4.24
N ALA O 22 65.26 -82.85 4.13
CA ALA O 22 64.59 -81.64 3.68
C ALA O 22 65.48 -80.90 2.69
N ASP O 23 64.87 -80.01 1.92
CA ASP O 23 65.66 -79.10 1.11
C ASP O 23 66.48 -78.20 2.04
N SER O 24 67.46 -77.53 1.46
CA SER O 24 68.34 -76.70 2.27
C SER O 24 67.83 -75.28 2.44
N ARG O 25 66.97 -74.81 1.55
CA ARG O 25 66.49 -73.44 1.70
C ARG O 25 65.48 -73.32 2.83
N SER O 26 64.61 -74.31 2.97
CA SER O 26 63.49 -74.21 3.90
C SER O 26 63.98 -74.00 5.32
N PRO O 27 63.21 -73.32 6.14
CA PRO O 27 63.70 -72.98 7.49
C PRO O 27 63.87 -74.17 8.39
N ARG O 28 64.36 -73.94 9.60
CA ARG O 28 64.72 -75.03 10.50
C ARG O 28 63.56 -75.98 10.69
N ASP O 29 62.47 -75.48 11.24
CA ASP O 29 61.27 -76.27 11.47
C ASP O 29 60.21 -76.02 10.41
N GLY O 30 60.61 -75.50 9.25
CA GLY O 30 59.66 -75.29 8.17
C GLY O 30 59.26 -76.60 7.53
N ARG O 31 58.99 -76.59 6.24
CA ARG O 31 58.47 -77.78 5.60
C ARG O 31 59.58 -78.82 5.49
N PHE O 32 59.30 -79.88 4.75
CA PHE O 32 60.30 -80.88 4.43
C PHE O 32 59.72 -81.80 3.38
N ILE O 33 60.48 -82.82 3.02
CA ILE O 33 60.04 -83.82 2.06
C ILE O 33 59.52 -85.07 2.76
N GLU O 34 60.25 -85.57 3.76
CA GLU O 34 59.74 -86.70 4.52
C GLU O 34 60.60 -86.92 5.73
N THR O 35 60.06 -87.67 6.69
CA THR O 35 60.75 -87.98 7.93
C THR O 35 61.48 -89.31 7.82
N VAL O 36 62.61 -89.38 8.52
CA VAL O 36 63.37 -90.61 8.62
C VAL O 36 63.78 -90.81 10.06
N GLY O 37 62.98 -91.54 10.83
CA GLY O 37 63.30 -91.81 12.22
C GLY O 37 63.51 -90.56 13.08
N THR O 38 63.97 -90.81 14.31
CA THR O 38 64.20 -89.74 15.27
C THR O 38 65.35 -90.13 16.20
N TYR O 39 65.65 -89.24 17.15
CA TYR O 39 66.79 -89.44 18.03
C TYR O 39 66.68 -88.49 19.21
N ASN O 40 66.84 -89.03 20.41
CA ASN O 40 66.71 -88.26 21.63
C ASN O 40 68.07 -88.01 22.26
N PRO O 41 68.58 -86.79 22.23
CA PRO O 41 69.83 -86.51 22.93
C PRO O 41 69.72 -86.63 24.42
N LEU O 42 68.60 -86.20 25.00
CA LEU O 42 68.42 -86.36 26.43
C LEU O 42 68.49 -87.84 26.81
N LYS O 43 68.72 -88.08 28.09
CA LYS O 43 68.78 -89.43 28.64
C LYS O 43 69.87 -90.25 27.94
N ASP O 44 71.11 -89.82 28.17
CA ASP O 44 72.26 -90.57 27.72
C ASP O 44 72.22 -91.97 28.32
N PRO O 45 72.46 -93.03 27.53
CA PRO O 45 72.86 -93.04 26.12
C PRO O 45 71.76 -92.57 25.18
N ALA O 46 72.13 -91.82 24.16
CA ALA O 46 71.16 -91.29 23.21
C ALA O 46 70.47 -92.42 22.48
N GLU O 47 69.14 -92.46 22.54
CA GLU O 47 68.37 -93.48 21.88
C GLU O 47 67.94 -93.00 20.51
N VAL O 48 67.98 -93.90 19.53
CA VAL O 48 67.82 -93.55 18.13
C VAL O 48 66.98 -94.61 17.42
N VAL O 49 66.12 -94.18 16.50
CA VAL O 49 65.35 -95.07 15.64
C VAL O 49 65.51 -94.62 14.20
N LEU O 50 65.68 -95.57 13.30
CA LEU O 50 65.81 -95.26 11.88
C LEU O 50 64.97 -96.24 11.06
N LYS O 51 64.99 -96.03 9.75
CA LYS O 51 64.41 -96.95 8.78
C LYS O 51 65.46 -97.81 8.11
N GLU O 52 66.64 -97.25 7.87
CA GLU O 52 67.76 -97.93 7.22
C GLU O 52 67.44 -98.40 5.81
N ASP O 53 66.32 -97.97 5.28
CA ASP O 53 66.04 -98.15 3.85
C ASP O 53 65.84 -96.83 3.14
N LEU O 54 65.10 -95.90 3.76
CA LEU O 54 64.97 -94.58 3.19
C LEU O 54 66.34 -93.94 3.00
N VAL O 55 67.20 -94.07 4.01
CA VAL O 55 68.51 -93.44 3.94
C VAL O 55 69.36 -94.07 2.86
N LEU O 56 69.38 -95.41 2.79
CA LEU O 56 70.21 -96.07 1.80
C LEU O 56 69.75 -95.80 0.38
N ASP O 57 68.68 -95.04 0.20
CA ASP O 57 68.30 -94.56 -1.12
C ASP O 57 68.42 -93.05 -1.26
N TRP O 58 68.22 -92.30 -0.19
CA TRP O 58 68.39 -90.86 -0.26
C TRP O 58 69.85 -90.45 -0.27
N LEU O 59 70.75 -91.34 0.12
CA LEU O 59 72.16 -91.07 -0.15
C LEU O 59 72.53 -91.51 -1.54
N SER O 60 72.04 -92.67 -1.97
CA SER O 60 72.34 -93.16 -3.31
C SER O 60 71.90 -92.17 -4.37
N LYS O 61 70.69 -91.65 -4.25
CA LYS O 61 70.26 -90.60 -5.15
C LYS O 61 71.00 -89.30 -4.89
N GLY O 62 71.74 -89.21 -3.80
CA GLY O 62 72.58 -88.06 -3.56
C GLY O 62 72.01 -87.12 -2.52
N ALA O 63 72.62 -87.11 -1.34
CA ALA O 63 72.28 -86.14 -0.31
C ALA O 63 73.40 -86.11 0.69
N GLN O 64 73.57 -84.97 1.35
CA GLN O 64 74.75 -84.72 2.18
C GLN O 64 74.34 -84.53 3.63
N PRO O 65 74.33 -85.59 4.43
CA PRO O 65 73.97 -85.43 5.84
C PRO O 65 74.93 -84.50 6.54
N SER O 66 74.39 -83.63 7.38
CA SER O 66 75.23 -82.68 8.09
C SER O 66 76.02 -83.43 9.16
N ASP O 67 76.73 -82.70 10.01
CA ASP O 67 77.72 -83.34 10.87
C ASP O 67 77.08 -84.29 11.87
N THR O 68 76.09 -83.82 12.63
CA THR O 68 75.59 -84.61 13.73
C THR O 68 74.90 -85.87 13.24
N VAL O 69 74.07 -85.74 12.20
CA VAL O 69 73.41 -86.91 11.65
C VAL O 69 74.44 -87.89 11.08
N ARG O 70 75.59 -87.38 10.63
CA ARG O 70 76.62 -88.29 10.16
C ARG O 70 77.15 -89.16 11.29
N ASN O 71 77.42 -88.56 12.45
CA ASN O 71 77.78 -89.36 13.62
C ASN O 71 76.71 -90.41 13.90
N ILE O 72 75.47 -89.97 14.03
CA ILE O 72 74.44 -90.91 14.45
C ILE O 72 74.14 -91.94 13.38
N LEU O 73 74.56 -91.73 12.15
CA LEU O 73 74.44 -92.77 11.13
C LEU O 73 75.64 -93.69 11.11
N SER O 74 76.81 -93.19 11.45
CA SER O 74 77.97 -94.05 11.57
C SER O 74 77.79 -95.04 12.71
N LYS O 75 77.31 -94.57 13.85
CA LYS O 75 77.11 -95.49 14.97
C LYS O 75 76.06 -96.55 14.69
N GLU O 76 75.42 -96.52 13.52
CA GLU O 76 74.35 -97.45 13.21
C GLU O 76 74.66 -98.29 11.98
N GLY O 77 75.93 -98.38 11.60
CA GLY O 77 76.29 -99.20 10.47
C GLY O 77 75.64 -98.78 9.18
N VAL O 78 75.30 -97.50 9.04
CA VAL O 78 74.67 -97.00 7.82
C VAL O 78 75.74 -96.60 6.83
N MET O 79 76.54 -95.60 7.19
CA MET O 79 77.65 -95.18 6.34
C MET O 79 78.48 -96.36 5.91
N LYS O 80 78.72 -97.29 6.82
CA LYS O 80 79.48 -98.48 6.49
C LYS O 80 78.82 -99.24 5.36
N LYS O 81 77.51 -99.47 5.46
CA LYS O 81 76.83 -100.26 4.45
C LYS O 81 76.84 -99.54 3.11
N HIS O 82 76.69 -98.21 3.13
CA HIS O 82 76.73 -97.44 1.90
C HIS O 82 78.09 -97.55 1.22
N HIS O 83 79.14 -97.13 1.93
CA HIS O 83 80.49 -97.19 1.40
C HIS O 83 80.88 -98.61 1.00
N GLU O 84 80.28 -99.61 1.62
CA GLU O 84 80.55 -100.98 1.24
C GLU O 84 79.92 -101.30 -0.10
N ALA O 85 78.61 -101.10 -0.20
CA ALA O 85 77.87 -101.53 -1.37
C ALA O 85 78.04 -100.60 -2.55
N LYS O 86 78.76 -99.49 -2.41
CA LYS O 86 78.88 -98.58 -3.54
C LYS O 86 80.28 -98.48 -4.11
N ASN O 87 81.32 -98.42 -3.29
CA ASN O 87 82.65 -98.30 -3.87
C ASN O 87 83.11 -99.57 -4.55
N VAL O 88 82.27 -100.60 -4.63
CA VAL O 88 82.62 -101.88 -5.22
C VAL O 88 81.82 -102.15 -6.48
N LYS O 89 80.58 -101.68 -6.52
CA LYS O 89 79.62 -102.00 -7.58
C LYS O 89 79.52 -103.51 -7.77
N GLU P 1 53.03 -90.63 -24.80
CA GLU P 1 51.74 -91.29 -24.68
C GLU P 1 51.75 -92.40 -23.65
N ARG P 2 51.02 -92.16 -22.56
CA ARG P 2 50.61 -93.25 -21.69
C ARG P 2 49.22 -93.04 -21.12
N ASN P 3 48.62 -91.86 -21.25
CA ASN P 3 47.30 -91.63 -20.70
C ASN P 3 46.50 -90.75 -21.64
N GLN P 4 45.31 -90.37 -21.20
CA GLN P 4 44.35 -89.65 -22.01
C GLN P 4 44.05 -88.29 -21.39
N ARG P 5 43.06 -87.62 -21.96
CA ARG P 5 42.58 -86.32 -21.52
C ARG P 5 41.09 -86.42 -21.16
N LYS P 6 40.48 -85.27 -20.94
CA LYS P 6 39.10 -85.21 -20.46
C LYS P 6 38.13 -85.25 -21.64
N VAL P 7 38.01 -86.42 -22.25
CA VAL P 7 37.11 -86.59 -23.38
C VAL P 7 35.68 -86.34 -22.94
N TYR P 8 35.03 -85.36 -23.55
CA TYR P 8 33.64 -85.07 -23.25
C TYR P 8 32.83 -85.20 -24.53
N GLN P 9 31.56 -85.54 -24.36
CA GLN P 9 30.59 -85.58 -25.45
C GLN P 9 29.62 -84.42 -25.30
N GLY P 10 29.07 -83.98 -26.42
CA GLY P 10 28.18 -82.83 -26.41
C GLY P 10 27.65 -82.46 -27.77
N ARG P 11 26.63 -81.62 -27.80
CA ARG P 11 25.98 -81.27 -29.05
C ARG P 11 26.29 -79.82 -29.42
N VAL P 12 26.40 -79.59 -30.72
CA VAL P 12 26.91 -78.32 -31.23
C VAL P 12 25.85 -77.25 -31.11
N VAL P 13 26.28 -76.03 -30.80
CA VAL P 13 25.36 -74.91 -30.68
C VAL P 13 25.42 -74.05 -31.93
N SER P 14 26.62 -73.60 -32.29
CA SER P 14 26.75 -72.66 -33.39
C SER P 14 28.16 -72.76 -33.96
N ASP P 15 28.24 -72.78 -35.28
CA ASP P 15 29.51 -72.99 -35.97
C ASP P 15 29.64 -72.01 -37.13
N LYS P 16 29.42 -70.73 -36.85
CA LYS P 16 29.66 -69.72 -37.87
C LYS P 16 31.13 -69.60 -38.23
N MET P 17 32.03 -69.92 -37.31
CA MET P 17 33.43 -69.54 -37.44
C MET P 17 34.20 -70.55 -38.28
N ASP P 18 35.41 -70.15 -38.70
CA ASP P 18 36.25 -70.97 -39.54
C ASP P 18 36.94 -72.04 -38.69
N LYS P 19 36.87 -73.28 -39.14
CA LYS P 19 37.58 -74.38 -38.51
C LYS P 19 37.27 -74.49 -37.03
N THR P 20 36.16 -73.92 -36.58
CA THR P 20 35.89 -73.82 -35.17
C THR P 20 34.39 -73.91 -34.90
N ILE P 21 34.03 -74.80 -33.99
CA ILE P 21 32.65 -75.03 -33.62
C ILE P 21 32.50 -74.69 -32.15
N THR P 22 31.30 -74.87 -31.61
CA THR P 22 31.03 -74.49 -30.22
C THR P 22 30.18 -75.58 -29.56
N VAL P 23 30.85 -76.57 -29.01
CA VAL P 23 30.16 -77.67 -28.36
C VAL P 23 29.61 -77.19 -27.03
N VAL P 24 28.51 -77.80 -26.59
CA VAL P 24 27.94 -77.58 -25.28
C VAL P 24 27.79 -78.93 -24.60
N VAL P 25 28.53 -79.11 -23.52
CA VAL P 25 28.29 -80.27 -22.66
C VAL P 25 27.12 -79.94 -21.74
N GLU P 26 26.58 -80.97 -21.09
CA GLU P 26 25.51 -80.76 -20.15
C GLU P 26 25.48 -81.90 -19.14
N THR P 27 25.19 -81.55 -17.89
CA THR P 27 25.15 -82.53 -16.82
C THR P 27 24.29 -81.98 -15.69
N LYS P 28 24.01 -82.85 -14.72
CA LYS P 28 23.13 -82.51 -13.61
C LYS P 28 23.85 -82.71 -12.28
N LYS P 29 23.54 -81.85 -11.32
CA LYS P 29 24.19 -81.84 -10.02
C LYS P 29 23.16 -81.80 -8.91
N ASN P 30 23.63 -81.95 -7.68
CA ASN P 30 22.78 -81.89 -6.51
C ASN P 30 22.96 -80.56 -5.80
N HIS P 31 21.88 -80.06 -5.24
CA HIS P 31 21.96 -78.82 -4.49
C HIS P 31 22.81 -79.05 -3.25
N PRO P 32 23.49 -78.04 -2.76
CA PRO P 32 24.24 -78.19 -1.52
C PRO P 32 23.37 -78.59 -0.35
N ILE P 33 22.35 -77.80 -0.02
CA ILE P 33 21.51 -78.11 1.12
C ILE P 33 20.47 -79.16 0.76
N TYR P 34 19.60 -78.85 -0.19
CA TYR P 34 18.53 -79.76 -0.56
C TYR P 34 19.10 -80.86 -1.46
N GLY P 35 18.28 -81.86 -1.73
CA GLY P 35 18.75 -82.95 -2.55
C GLY P 35 18.13 -82.97 -3.92
N LYS P 36 17.69 -81.81 -4.40
CA LYS P 36 17.05 -81.73 -5.70
C LYS P 36 18.11 -81.64 -6.79
N ARG P 37 17.88 -82.38 -7.86
CA ARG P 37 18.85 -82.55 -8.94
C ARG P 37 18.70 -81.42 -9.95
N MET P 38 19.37 -80.30 -9.68
CA MET P 38 19.40 -79.25 -10.66
C MET P 38 20.21 -79.68 -11.87
N LYS P 39 20.38 -78.78 -12.82
CA LYS P 39 21.20 -79.08 -13.98
C LYS P 39 21.71 -77.80 -14.60
N TYR P 40 23.01 -77.79 -14.91
CA TYR P 40 23.64 -76.65 -15.56
C TYR P 40 24.53 -77.15 -16.68
N SER P 41 25.21 -76.21 -17.34
CA SER P 41 25.85 -76.51 -18.60
C SER P 41 27.13 -75.70 -18.75
N LYS P 42 27.95 -76.12 -19.71
CA LYS P 42 29.18 -75.44 -20.08
C LYS P 42 29.16 -75.21 -21.58
N LYS P 43 29.94 -74.25 -22.04
CA LYS P 43 30.10 -73.99 -23.46
C LYS P 43 31.58 -74.08 -23.79
N TYR P 44 31.99 -75.18 -24.42
CA TYR P 44 33.37 -75.36 -24.82
C TYR P 44 33.56 -74.84 -26.24
N LYS P 45 34.80 -74.91 -26.73
CA LYS P 45 35.14 -74.44 -28.06
C LYS P 45 36.18 -75.37 -28.65
N ALA P 46 35.91 -75.91 -29.83
CA ALA P 46 36.75 -76.93 -30.44
C ALA P 46 37.37 -76.41 -31.72
N HIS P 47 38.08 -77.29 -32.43
CA HIS P 47 38.80 -76.95 -33.65
C HIS P 47 38.62 -78.06 -34.67
N ASP P 48 37.91 -77.78 -35.75
CA ASP P 48 37.66 -78.74 -36.83
C ASP P 48 38.22 -78.19 -38.13
N GLU P 49 39.38 -78.68 -38.54
CA GLU P 49 40.12 -78.06 -39.62
C GLU P 49 39.44 -78.19 -40.98
N ASN P 50 38.26 -78.78 -41.04
CA ASN P 50 37.58 -78.90 -42.33
C ASN P 50 36.09 -78.62 -42.24
N ASN P 51 35.63 -77.98 -41.16
CA ASN P 51 34.24 -77.54 -41.03
C ASN P 51 33.27 -78.69 -41.29
N THR P 52 33.60 -79.86 -40.75
CA THR P 52 32.79 -81.04 -41.01
C THR P 52 31.41 -80.91 -40.39
N ALA P 53 31.34 -80.80 -39.07
CA ALA P 53 30.06 -80.86 -38.39
C ALA P 53 29.23 -79.61 -38.66
N LYS P 54 27.91 -79.76 -38.52
CA LYS P 54 26.98 -78.67 -38.71
C LYS P 54 26.09 -78.55 -37.48
N VAL P 55 25.17 -77.59 -37.54
CA VAL P 55 24.44 -77.17 -36.36
C VAL P 55 23.56 -78.30 -35.83
N GLY P 56 23.20 -78.21 -34.55
CA GLY P 56 22.32 -79.16 -33.91
C GLY P 56 22.78 -80.60 -34.04
N ASP P 57 24.06 -80.84 -33.81
CA ASP P 57 24.62 -82.16 -34.01
C ASP P 57 25.42 -82.58 -32.80
N ILE P 58 25.44 -83.87 -32.52
CA ILE P 58 26.11 -84.41 -31.35
C ILE P 58 27.49 -84.89 -31.75
N VAL P 59 28.49 -84.54 -30.95
CA VAL P 59 29.89 -84.88 -31.23
C VAL P 59 30.58 -85.18 -29.91
N LYS P 60 31.85 -85.57 -29.96
CA LYS P 60 32.66 -85.77 -28.76
C LYS P 60 34.04 -85.17 -29.00
N ILE P 61 34.64 -84.63 -27.94
CA ILE P 61 35.84 -83.81 -28.04
C ILE P 61 36.90 -84.32 -27.07
N MET P 62 38.04 -83.63 -27.06
CA MET P 62 39.17 -83.99 -26.21
C MET P 62 40.04 -82.76 -26.02
N GLU P 63 40.50 -82.53 -24.79
CA GLU P 63 41.28 -81.35 -24.47
C GLU P 63 42.69 -81.49 -25.00
N THR P 64 43.22 -80.43 -25.61
CA THR P 64 44.47 -80.54 -26.38
C THR P 64 45.62 -79.76 -25.79
N ARG P 65 45.60 -78.42 -25.86
CA ARG P 65 46.63 -77.53 -25.34
C ARG P 65 46.19 -76.13 -25.73
N PRO P 66 46.65 -75.08 -25.08
CA PRO P 66 46.21 -73.74 -25.47
C PRO P 66 46.45 -73.52 -26.94
N LEU P 67 45.36 -73.45 -27.69
CA LEU P 67 45.40 -73.37 -29.13
C LEU P 67 44.90 -72.04 -29.66
N SER P 68 44.42 -71.17 -28.79
CA SER P 68 44.08 -69.80 -29.12
C SER P 68 43.89 -69.07 -27.79
N ALA P 69 43.51 -67.81 -27.88
CA ALA P 69 42.94 -67.17 -26.69
C ALA P 69 41.55 -67.73 -26.53
N THR P 70 41.40 -68.69 -25.61
CA THR P 70 40.14 -69.39 -25.35
C THR P 70 39.67 -70.18 -26.58
N LYS P 71 40.47 -71.16 -26.97
CA LYS P 71 40.00 -72.23 -27.83
C LYS P 71 40.97 -73.40 -27.66
N ARG P 72 40.56 -74.45 -26.95
CA ARG P 72 41.49 -75.50 -26.60
C ARG P 72 40.93 -76.91 -26.66
N PHE P 73 40.04 -77.22 -27.59
CA PHE P 73 39.53 -78.57 -27.69
C PHE P 73 39.59 -79.08 -29.12
N ARG P 74 39.52 -80.39 -29.25
CA ARG P 74 39.65 -81.07 -30.52
C ARG P 74 38.43 -81.94 -30.76
N LEU P 75 38.01 -82.00 -32.02
CA LEU P 75 36.90 -82.85 -32.42
C LEU P 75 37.40 -84.24 -32.77
N LEU P 76 36.57 -85.25 -32.50
CA LEU P 76 36.92 -86.63 -32.82
C LEU P 76 36.05 -87.23 -33.92
N GLU P 77 34.73 -87.24 -33.74
CA GLU P 77 33.84 -87.85 -34.72
C GLU P 77 32.40 -87.50 -34.39
N VAL P 78 31.62 -87.18 -35.43
CA VAL P 78 30.20 -86.91 -35.27
C VAL P 78 29.51 -88.22 -34.91
N VAL P 79 29.10 -88.38 -33.65
CA VAL P 79 28.54 -89.64 -33.21
C VAL P 79 27.20 -89.91 -33.88
N GLU P 80 26.26 -89.00 -33.70
CA GLU P 80 24.90 -89.14 -34.23
C GLU P 80 24.58 -87.87 -35.01
N GLU P 81 24.80 -87.91 -36.31
CA GLU P 81 24.49 -86.75 -37.14
C GLU P 81 23.00 -86.54 -37.17
N ALA P 82 22.59 -85.28 -37.29
CA ALA P 82 21.18 -84.94 -37.31
C ALA P 82 20.90 -84.02 -38.49
N VAL P 83 19.62 -83.85 -38.77
CA VAL P 83 19.16 -82.96 -39.83
C VAL P 83 17.77 -82.46 -39.50
N LYS Q 1 -48.44 -83.98 -5.96
CA LYS Q 1 -49.78 -84.53 -5.82
C LYS Q 1 -50.76 -83.82 -6.75
N VAL Q 2 -50.53 -82.52 -6.97
CA VAL Q 2 -51.32 -81.79 -7.95
C VAL Q 2 -51.00 -82.35 -9.34
N ASP Q 3 -52.04 -82.79 -10.04
CA ASP Q 3 -51.84 -83.46 -11.32
C ASP Q 3 -51.26 -82.51 -12.33
N TYR Q 4 -50.35 -83.02 -13.16
CA TYR Q 4 -49.73 -82.19 -14.19
C TYR Q 4 -50.73 -81.80 -15.26
N ILE Q 5 -50.50 -80.65 -15.88
CA ILE Q 5 -51.41 -80.18 -16.92
C ILE Q 5 -51.31 -81.04 -18.16
N ALA Q 6 -50.15 -81.65 -18.40
CA ALA Q 6 -49.84 -82.33 -19.64
C ALA Q 6 -50.05 -83.83 -19.56
N ALA Q 7 -51.03 -84.28 -18.77
CA ALA Q 7 -51.41 -85.69 -18.82
C ALA Q 7 -51.81 -86.07 -20.23
N ASN Q 8 -52.69 -85.29 -20.83
CA ASN Q 8 -52.83 -85.33 -22.28
C ASN Q 8 -51.47 -85.07 -22.90
N HIS Q 9 -51.05 -85.98 -23.79
CA HIS Q 9 -49.68 -85.95 -24.27
C HIS Q 9 -49.48 -84.77 -25.21
N ILE Q 10 -49.59 -83.57 -24.69
CA ILE Q 10 -49.40 -82.37 -25.49
C ILE Q 10 -47.91 -82.13 -25.68
N GLU Q 11 -47.54 -81.60 -26.83
CA GLU Q 11 -46.15 -81.29 -27.13
C GLU Q 11 -45.92 -79.82 -27.41
N TYR Q 12 -46.72 -79.22 -28.28
CA TYR Q 12 -46.44 -77.89 -28.83
C TYR Q 12 -47.47 -76.91 -28.33
N ILE Q 13 -47.00 -75.82 -27.71
CA ILE Q 13 -47.91 -74.85 -27.12
C ILE Q 13 -48.53 -73.96 -28.19
N ASP Q 14 -47.74 -73.56 -29.19
CA ASP Q 14 -48.24 -72.90 -30.40
C ASP Q 14 -48.71 -71.47 -30.16
N TYR Q 15 -48.78 -71.04 -28.91
CA TYR Q 15 -49.02 -69.64 -28.56
C TYR Q 15 -50.28 -69.07 -29.18
N LYS Q 16 -51.11 -69.91 -29.80
CA LYS Q 16 -52.38 -69.46 -30.37
C LYS Q 16 -53.60 -70.13 -29.76
N ASP Q 17 -53.45 -71.31 -29.16
CA ASP Q 17 -54.58 -72.04 -28.60
C ASP Q 17 -55.00 -71.36 -27.30
N THR Q 18 -55.70 -70.24 -27.46
CA THR Q 18 -56.07 -69.42 -26.31
C THR Q 18 -56.94 -70.20 -25.33
N GLU Q 19 -57.82 -71.06 -25.84
CA GLU Q 19 -58.56 -71.94 -24.95
C GLU Q 19 -57.59 -72.76 -24.11
N LEU Q 20 -56.64 -73.40 -24.76
CA LEU Q 20 -55.63 -74.16 -24.04
C LEU Q 20 -54.85 -73.28 -23.08
N LEU Q 21 -54.74 -71.99 -23.38
CA LEU Q 21 -53.88 -71.10 -22.65
C LEU Q 21 -54.55 -70.43 -21.47
N LYS Q 22 -55.87 -70.34 -21.45
CA LYS Q 22 -56.56 -69.65 -20.38
C LYS Q 22 -56.46 -70.35 -19.04
N ARG Q 23 -56.05 -71.62 -19.01
CA ARG Q 23 -56.00 -72.36 -17.74
C ARG Q 23 -55.09 -71.69 -16.72
N PHE Q 24 -54.15 -70.85 -17.16
CA PHE Q 24 -53.03 -70.45 -16.32
C PHE Q 24 -52.96 -68.96 -16.02
N ILE Q 25 -53.81 -68.14 -16.59
CA ILE Q 25 -53.76 -66.73 -16.27
C ILE Q 25 -54.61 -66.46 -15.03
N SER Q 26 -54.34 -65.33 -14.39
CA SER Q 26 -55.16 -64.93 -13.26
C SER Q 26 -56.50 -64.45 -13.74
N GLU Q 27 -57.52 -64.67 -12.92
CA GLU Q 27 -58.85 -64.15 -13.22
C GLU Q 27 -58.82 -62.65 -13.43
N ARG Q 28 -57.79 -61.98 -12.94
CA ARG Q 28 -57.56 -60.58 -13.25
C ARG Q 28 -56.77 -60.40 -14.53
N GLY Q 29 -55.88 -61.34 -14.84
CA GLY Q 29 -55.07 -61.24 -16.05
C GLY Q 29 -53.58 -61.42 -15.82
N LYS Q 30 -53.19 -61.77 -14.60
CA LYS Q 30 -51.79 -62.01 -14.28
C LYS Q 30 -51.45 -63.46 -14.62
N ILE Q 31 -50.27 -63.90 -14.16
CA ILE Q 31 -49.80 -65.25 -14.39
C ILE Q 31 -49.84 -66.02 -13.07
N LEU Q 32 -49.95 -67.30 -13.14
CA LEU Q 32 -50.08 -68.01 -11.90
C LEU Q 32 -48.83 -68.84 -11.65
N PRO Q 33 -48.26 -68.77 -10.46
CA PRO Q 33 -47.00 -69.47 -10.19
C PRO Q 33 -47.18 -70.97 -10.24
N ARG Q 34 -46.06 -71.65 -10.50
CA ARG Q 34 -46.09 -73.10 -10.68
C ARG Q 34 -46.64 -73.79 -9.44
N ARG Q 35 -46.06 -73.49 -8.28
CA ARG Q 35 -46.52 -74.12 -7.04
C ARG Q 35 -48.01 -73.92 -6.82
N VAL Q 36 -48.61 -72.92 -7.44
CA VAL Q 36 -50.04 -72.69 -7.30
C VAL Q 36 -50.83 -73.63 -8.21
N THR Q 37 -50.46 -73.68 -9.49
CA THR Q 37 -51.12 -74.56 -10.44
C THR Q 37 -50.39 -75.87 -10.65
N GLY Q 38 -49.35 -76.15 -9.88
CA GLY Q 38 -48.69 -77.44 -9.94
C GLY Q 38 -48.30 -77.88 -11.34
N THR Q 39 -47.37 -77.20 -11.97
CA THR Q 39 -46.96 -77.55 -13.31
C THR Q 39 -45.54 -78.08 -13.33
N GLY Q 40 -45.05 -78.35 -14.53
CA GLY Q 40 -43.74 -78.94 -14.71
C GLY Q 40 -42.62 -77.94 -14.56
N ALA Q 41 -41.41 -78.40 -14.89
CA ALA Q 41 -40.22 -77.59 -14.73
C ALA Q 41 -39.82 -76.89 -16.02
N LYS Q 42 -39.76 -77.63 -17.12
CA LYS Q 42 -39.57 -77.02 -18.42
C LYS Q 42 -40.87 -76.55 -19.03
N ASN Q 43 -42.01 -77.00 -18.48
CA ASN Q 43 -43.29 -76.51 -18.95
C ASN Q 43 -43.57 -75.11 -18.47
N GLN Q 44 -43.02 -74.73 -17.32
CA GLN Q 44 -43.26 -73.40 -16.80
C GLN Q 44 -42.68 -72.32 -17.71
N ARG Q 45 -41.64 -72.65 -18.46
CA ARG Q 45 -40.96 -71.64 -19.27
C ARG Q 45 -41.69 -71.38 -20.58
N LYS Q 46 -41.95 -72.44 -21.35
CA LYS Q 46 -42.55 -72.27 -22.65
C LYS Q 46 -43.95 -71.70 -22.54
N LEU Q 47 -44.67 -72.05 -21.47
CA LEU Q 47 -45.94 -71.39 -21.19
C LEU Q 47 -45.78 -69.88 -21.26
N THR Q 48 -44.86 -69.36 -20.45
CA THR Q 48 -44.70 -67.93 -20.36
C THR Q 48 -44.27 -67.33 -21.69
N ILE Q 49 -43.36 -68.00 -22.39
CA ILE Q 49 -42.93 -67.46 -23.67
C ILE Q 49 -44.10 -67.37 -24.63
N ALA Q 50 -44.92 -68.42 -24.66
CA ALA Q 50 -46.11 -68.40 -25.48
C ALA Q 50 -46.98 -67.19 -25.14
N ILE Q 51 -47.36 -67.07 -23.87
CA ILE Q 51 -48.35 -66.03 -23.58
C ILE Q 51 -47.76 -64.66 -23.80
N LYS Q 52 -46.44 -64.51 -23.68
CA LYS Q 52 -45.84 -63.21 -23.96
C LYS Q 52 -45.87 -62.90 -25.45
N ARG Q 53 -45.69 -63.92 -26.29
CA ARG Q 53 -45.90 -63.69 -27.72
C ARG Q 53 -47.34 -63.31 -27.98
N ALA Q 54 -48.27 -63.95 -27.28
CA ALA Q 54 -49.68 -63.69 -27.53
C ALA Q 54 -50.06 -62.28 -27.12
N ARG Q 55 -49.53 -61.81 -26.00
CA ARG Q 55 -49.87 -60.49 -25.49
C ARG Q 55 -49.42 -59.36 -26.39
N ILE Q 56 -48.80 -59.63 -27.53
CA ILE Q 56 -48.41 -58.57 -28.46
C ILE Q 56 -49.35 -58.51 -29.66
N MET Q 57 -49.68 -59.66 -30.23
CA MET Q 57 -50.60 -59.73 -31.34
C MET Q 57 -52.05 -59.59 -30.91
N GLY Q 58 -52.29 -59.14 -29.68
CA GLY Q 58 -53.62 -58.86 -29.21
C GLY Q 58 -54.44 -60.06 -28.81
N LEU Q 59 -53.94 -61.25 -29.00
CA LEU Q 59 -54.78 -62.39 -28.69
C LEU Q 59 -55.04 -62.55 -27.23
N LEU Q 60 -54.60 -61.61 -26.41
CA LEU Q 60 -54.79 -61.68 -24.96
C LEU Q 60 -54.60 -60.28 -24.40
N PRO Q 61 -55.14 -59.99 -23.24
CA PRO Q 61 -55.04 -58.63 -22.69
C PRO Q 61 -53.83 -58.46 -21.81
N PHE Q 62 -53.35 -57.21 -21.74
CA PHE Q 62 -52.33 -56.89 -20.74
C PHE Q 62 -52.98 -56.62 -19.40
N VAL Q 63 -54.05 -55.84 -19.38
CA VAL Q 63 -54.79 -55.54 -18.17
C VAL Q 63 -56.26 -55.77 -18.44
N SER Q 64 -56.91 -56.54 -17.57
CA SER Q 64 -58.35 -56.77 -17.65
C SER Q 64 -58.94 -56.50 -16.28
N ASP Q 65 -59.18 -55.23 -15.99
CA ASP Q 65 -59.79 -54.81 -14.74
C ASP Q 65 -61.02 -53.95 -14.96
N GLU Q 66 -60.98 -53.07 -15.95
CA GLU Q 66 -62.04 -52.12 -16.25
C GLU Q 66 -63.41 -52.77 -16.40
N SER R 1 -37.03 -7.81 89.44
CA SER R 1 -37.58 -9.14 89.68
C SER R 1 -36.99 -9.73 90.95
N LEU R 2 -36.58 -8.85 91.86
CA LEU R 2 -35.95 -9.21 93.12
C LEU R 2 -36.56 -8.39 94.26
N LYS R 3 -37.89 -8.36 94.33
CA LYS R 3 -38.62 -7.42 95.17
C LYS R 3 -38.26 -7.51 96.65
N LYS R 4 -37.43 -8.48 97.01
CA LYS R 4 -36.78 -8.46 98.32
C LYS R 4 -35.45 -7.73 98.24
N GLY R 5 -35.49 -6.51 97.71
CA GLY R 5 -34.36 -5.63 97.69
C GLY R 5 -33.37 -5.94 96.60
N PRO R 6 -32.66 -4.91 96.15
CA PRO R 6 -31.62 -5.10 95.15
C PRO R 6 -30.38 -5.77 95.74
N PHE R 7 -29.31 -5.86 94.97
CA PHE R 7 -28.13 -6.60 95.42
C PHE R 7 -26.86 -6.08 94.76
N VAL R 8 -25.82 -5.91 95.58
CA VAL R 8 -24.46 -5.65 95.12
C VAL R 8 -23.51 -6.38 96.06
N ASP R 9 -22.47 -7.00 95.49
CA ASP R 9 -21.60 -7.88 96.26
C ASP R 9 -20.77 -7.11 97.28
N ASP R 10 -20.54 -7.76 98.43
CA ASP R 10 -19.91 -7.06 99.54
C ASP R 10 -18.48 -6.67 99.25
N HIS R 11 -17.76 -7.44 98.46
CA HIS R 11 -16.39 -7.04 98.14
C HIS R 11 -16.36 -5.91 97.13
N LEU R 12 -17.44 -5.17 97.03
CA LEU R 12 -17.51 -3.88 96.38
C LEU R 12 -18.09 -2.81 97.28
N MET R 13 -19.08 -3.14 98.11
CA MET R 13 -19.67 -2.16 99.00
C MET R 13 -18.64 -1.62 99.98
N LYS R 14 -18.05 -2.51 100.78
CA LYS R 14 -17.01 -2.09 101.71
C LYS R 14 -15.91 -1.33 101.00
N LYS R 15 -15.63 -1.69 99.74
CA LYS R 15 -14.61 -1.00 98.97
C LYS R 15 -15.13 0.24 98.28
N VAL R 16 -16.38 0.62 98.49
CA VAL R 16 -16.89 1.87 97.94
C VAL R 16 -17.27 2.81 99.09
N GLU R 17 -17.66 2.25 100.23
CA GLU R 17 -17.94 3.08 101.38
C GLU R 17 -16.66 3.62 102.01
N ALA R 18 -15.53 2.93 101.80
CA ALA R 18 -14.29 3.27 102.47
C ALA R 18 -13.76 4.62 102.02
N GLN R 19 -14.44 5.25 101.08
CA GLN R 19 -14.08 6.58 100.62
C GLN R 19 -15.07 7.65 101.06
N GLN R 20 -16.14 7.28 101.77
CA GLN R 20 -17.19 8.23 102.08
C GLN R 20 -16.70 9.39 102.93
N GLY R 21 -15.60 9.21 103.67
CA GLY R 21 -15.06 10.28 104.48
C GLY R 21 -14.25 11.29 103.70
N ALA R 22 -13.20 10.83 103.05
CA ALA R 22 -12.30 11.70 102.30
C ALA R 22 -12.74 11.76 100.84
N GLU R 23 -11.88 12.29 99.98
CA GLU R 23 -12.07 12.23 98.55
C GLU R 23 -11.91 10.79 98.07
N LYS R 24 -12.29 10.54 96.82
CA LYS R 24 -12.32 9.19 96.29
C LYS R 24 -11.08 8.91 95.44
N LYS R 25 -10.53 7.71 95.61
CA LYS R 25 -9.42 7.26 94.79
C LYS R 25 -9.92 6.87 93.41
N LYS R 26 -9.22 7.34 92.38
CA LYS R 26 -9.72 7.23 91.01
C LYS R 26 -9.95 5.79 90.58
N VAL R 27 -9.42 4.82 91.30
CA VAL R 27 -9.42 3.44 90.87
C VAL R 27 -10.29 2.62 91.82
N ILE R 28 -11.26 1.91 91.26
CA ILE R 28 -11.83 0.75 91.93
C ILE R 28 -11.93 -0.38 90.92
N LYS R 29 -10.91 -1.21 90.83
CA LYS R 29 -11.00 -2.38 89.97
C LYS R 29 -11.98 -3.37 90.57
N THR R 30 -12.63 -4.14 89.71
CA THR R 30 -13.59 -5.12 90.18
C THR R 30 -13.80 -6.18 89.13
N TRP R 31 -14.73 -7.09 89.41
CA TRP R 31 -15.26 -7.96 88.37
C TRP R 31 -16.32 -7.23 87.55
N SER R 32 -17.22 -6.50 88.24
CA SER R 32 -18.16 -5.55 87.63
C SER R 32 -19.19 -6.23 86.72
N ARG R 33 -19.77 -7.33 87.20
CA ARG R 33 -20.73 -8.06 86.39
C ARG R 33 -21.89 -8.65 87.19
N ARG R 34 -22.10 -8.24 88.43
CA ARG R 34 -23.22 -8.73 89.20
C ARG R 34 -23.92 -7.65 90.00
N SER R 35 -23.52 -6.39 89.87
CA SER R 35 -23.94 -5.35 90.78
C SER R 35 -24.80 -4.32 90.06
N THR R 36 -25.96 -4.03 90.63
CA THR R 36 -26.73 -2.88 90.23
C THR R 36 -26.06 -1.65 90.82
N ILE R 37 -26.72 -0.50 90.78
CA ILE R 37 -26.10 0.74 91.23
C ILE R 37 -26.94 1.33 92.35
N PHE R 38 -26.30 1.74 93.43
CA PHE R 38 -26.94 2.31 94.58
C PHE R 38 -26.67 3.81 94.62
N PRO R 39 -27.48 4.58 95.35
CA PRO R 39 -27.24 6.03 95.44
C PRO R 39 -25.90 6.39 96.04
N SER R 40 -25.29 5.50 96.82
CA SER R 40 -24.00 5.80 97.44
C SER R 40 -22.84 5.75 96.47
N PHE R 41 -23.09 5.59 95.17
CA PHE R 41 -22.02 5.42 94.20
C PHE R 41 -21.76 6.65 93.35
N VAL R 42 -22.66 7.64 93.39
CA VAL R 42 -22.55 8.78 92.49
C VAL R 42 -21.22 9.48 92.71
N GLY R 43 -20.55 9.84 91.62
CA GLY R 43 -19.33 10.62 91.68
C GLY R 43 -18.06 9.83 91.77
N PHE R 44 -18.13 8.50 91.88
CA PHE R 44 -16.94 7.66 91.97
C PHE R 44 -16.28 7.51 90.60
N THR R 45 -15.41 6.52 90.48
CA THR R 45 -14.85 6.12 89.19
C THR R 45 -14.46 4.65 89.29
N ILE R 46 -15.29 3.78 88.76
CA ILE R 46 -15.10 2.33 88.86
C ILE R 46 -14.67 1.80 87.50
N ALA R 47 -13.57 1.05 87.48
CA ALA R 47 -13.17 0.33 86.28
C ALA R 47 -13.93 -0.98 86.21
N VAL R 48 -14.24 -1.41 84.99
CA VAL R 48 -15.19 -2.49 84.76
C VAL R 48 -14.52 -3.58 83.95
N TYR R 49 -14.47 -4.80 84.49
CA TYR R 49 -13.84 -5.92 83.82
C TYR R 49 -14.79 -6.50 82.78
N ASP R 50 -14.25 -6.80 81.60
CA ASP R 50 -15.02 -7.43 80.53
C ASP R 50 -14.46 -8.81 80.18
N GLY R 51 -13.91 -9.50 81.17
CA GLY R 51 -13.31 -10.79 80.92
C GLY R 51 -11.96 -10.68 80.25
N ARG R 52 -11.66 -9.53 79.66
CA ARG R 52 -10.36 -9.27 79.06
C ARG R 52 -9.62 -8.13 79.76
N LYS R 53 -10.23 -6.95 79.85
CA LYS R 53 -9.59 -5.78 80.43
C LYS R 53 -10.59 -5.04 81.30
N HIS R 54 -10.09 -4.33 82.30
CA HIS R 54 -10.97 -3.51 83.11
C HIS R 54 -11.20 -2.15 82.44
N VAL R 55 -12.44 -1.67 82.50
CA VAL R 55 -12.87 -0.50 81.74
C VAL R 55 -13.17 0.62 82.74
N PRO R 56 -12.35 1.66 82.81
CA PRO R 56 -12.58 2.75 83.76
C PRO R 56 -13.73 3.65 83.32
N VAL R 57 -14.74 3.77 84.17
CA VAL R 57 -15.89 4.61 83.89
C VAL R 57 -16.34 5.27 85.18
N TYR R 58 -16.70 6.56 85.09
CA TYR R 58 -17.14 7.33 86.23
C TYR R 58 -18.57 6.96 86.57
N ILE R 59 -19.22 7.75 87.43
CA ILE R 59 -20.60 7.52 87.80
C ILE R 59 -21.34 8.85 87.79
N GLN R 60 -22.38 8.96 86.97
CA GLN R 60 -23.27 10.11 86.89
C GLN R 60 -24.49 9.88 87.80
N GLU R 61 -25.54 10.68 87.63
CA GLU R 61 -26.75 10.55 88.44
C GLU R 61 -27.76 9.56 87.88
N ASP R 62 -28.26 9.79 86.67
CA ASP R 62 -29.27 8.89 86.11
C ASP R 62 -28.70 7.52 85.81
N MET R 63 -27.38 7.41 85.71
CA MET R 63 -26.72 6.13 85.54
C MET R 63 -26.67 5.39 86.89
N VAL R 64 -27.85 5.09 87.41
CA VAL R 64 -27.96 4.55 88.76
C VAL R 64 -28.89 3.34 88.80
N GLY R 65 -29.62 3.10 87.72
CA GLY R 65 -30.62 2.05 87.76
C GLY R 65 -30.10 0.66 87.54
N HIS R 66 -29.50 0.42 86.38
CA HIS R 66 -29.22 -0.91 85.89
C HIS R 66 -28.02 -1.52 86.62
N LYS R 67 -27.53 -2.64 86.11
CA LYS R 67 -26.38 -3.30 86.71
C LYS R 67 -25.08 -2.79 86.09
N LEU R 68 -23.97 -3.21 86.69
CA LEU R 68 -22.67 -2.72 86.24
C LEU R 68 -22.29 -3.25 84.88
N GLY R 69 -22.82 -4.39 84.47
CA GLY R 69 -22.34 -5.02 83.26
C GLY R 69 -22.73 -4.36 81.95
N GLU R 70 -23.49 -3.26 81.96
CA GLU R 70 -24.02 -2.69 80.73
C GLU R 70 -23.16 -1.55 80.21
N PHE R 71 -21.87 -1.61 80.46
CA PHE R 71 -20.99 -0.54 79.99
C PHE R 71 -19.70 -1.04 79.37
N ALA R 72 -19.27 -2.26 79.67
CA ALA R 72 -18.15 -2.86 78.98
C ALA R 72 -18.67 -4.02 78.15
N PRO R 73 -19.17 -3.76 76.96
CA PRO R 73 -19.73 -4.83 76.14
C PRO R 73 -18.63 -5.75 75.66
N THR R 74 -18.86 -7.05 75.80
CA THR R 74 -17.90 -8.06 75.39
C THR R 74 -18.15 -8.56 73.97
N ARG R 75 -18.61 -7.68 73.09
CA ARG R 75 -18.89 -8.09 71.72
C ARG R 75 -17.86 -7.57 70.73
N THR R 76 -17.63 -6.26 70.67
CA THR R 76 -16.58 -5.66 69.84
C THR R 76 -16.80 -5.98 68.36
N TYR R 77 -17.88 -5.44 67.81
CA TYR R 77 -18.26 -5.66 66.42
C TYR R 77 -17.95 -4.41 65.59
N ARG R 78 -16.81 -4.47 64.88
CA ARG R 78 -16.44 -3.65 63.72
C ARG R 78 -14.93 -3.55 63.67
N ASN S 1 72.12 -49.51 4.75
CA ASN S 1 72.12 -49.07 3.37
C ASN S 1 73.18 -49.78 2.56
N ILE S 2 73.85 -49.05 1.68
CA ILE S 2 74.88 -49.65 0.83
C ILE S 2 76.10 -49.96 1.68
N GLU S 3 76.42 -51.24 1.85
CA GLU S 3 77.53 -51.65 2.69
C GLU S 3 78.62 -52.39 1.92
N SER S 4 78.28 -53.49 1.26
CA SER S 4 79.27 -54.27 0.51
C SER S 4 78.77 -54.62 -0.87
N ALA S 5 77.68 -54.00 -1.32
CA ALA S 5 77.19 -54.22 -2.66
C ALA S 5 77.77 -53.23 -3.64
N ILE S 6 78.39 -52.16 -3.15
CA ILE S 6 78.93 -51.14 -4.04
C ILE S 6 79.90 -51.77 -5.03
N LYS S 7 80.49 -52.91 -4.69
CA LYS S 7 81.30 -53.63 -5.65
C LYS S 7 80.43 -54.31 -6.69
N ARG S 8 79.27 -54.83 -6.27
CA ARG S 8 78.39 -55.51 -7.20
C ARG S 8 77.91 -54.56 -8.30
N VAL S 9 77.72 -53.29 -7.94
CA VAL S 9 77.30 -52.30 -8.92
C VAL S 9 78.34 -52.15 -10.02
N ARG S 10 79.60 -51.99 -9.63
CA ARG S 10 80.65 -51.86 -10.63
C ARG S 10 80.74 -53.10 -11.50
N THR S 11 80.75 -54.28 -10.86
CA THR S 11 80.83 -55.52 -11.63
C THR S 11 79.74 -55.59 -12.66
N SER S 12 78.48 -55.39 -12.23
CA SER S 12 77.37 -55.48 -13.16
C SER S 12 77.47 -54.42 -14.25
N ALA S 13 77.95 -53.23 -13.91
CA ALA S 13 78.08 -52.18 -14.92
C ALA S 13 79.00 -52.64 -16.04
N ASN S 14 80.20 -53.07 -15.67
CA ASN S 14 81.16 -53.47 -16.70
C ASN S 14 80.65 -54.66 -17.50
N ALA S 15 80.03 -55.62 -16.81
CA ALA S 15 79.53 -56.79 -17.49
C ALA S 15 78.47 -56.40 -18.52
N ASN S 16 77.55 -55.52 -18.13
CA ASN S 16 76.54 -55.06 -19.06
C ASN S 16 77.16 -54.36 -20.24
N ALA S 17 78.19 -53.55 -20.00
CA ALA S 17 78.84 -52.85 -21.09
C ALA S 17 79.32 -53.83 -22.15
N LYS S 18 80.16 -54.78 -21.75
CA LYS S 18 80.71 -55.67 -22.76
C LYS S 18 79.63 -56.58 -23.37
N ASN S 19 78.62 -56.97 -22.58
CA ASN S 19 77.56 -57.81 -23.11
C ASN S 19 76.81 -57.08 -24.22
N SER S 20 76.38 -55.85 -23.95
CA SER S 20 75.71 -55.06 -24.97
C SER S 20 76.57 -54.96 -26.21
N SER S 21 77.86 -54.72 -26.03
CA SER S 21 78.74 -54.59 -27.19
C SER S 21 78.71 -55.85 -28.05
N GLN S 22 78.91 -57.01 -27.43
CA GLN S 22 79.02 -58.24 -28.22
C GLN S 22 77.70 -58.57 -28.91
N THR S 23 76.57 -58.41 -28.20
CA THR S 23 75.31 -58.75 -28.82
C THR S 23 74.99 -57.79 -29.96
N ASN S 24 75.36 -56.52 -29.81
CA ASN S 24 75.25 -55.61 -30.94
C ASN S 24 76.01 -56.15 -32.14
N ALA S 25 77.23 -56.64 -31.90
CA ALA S 25 77.99 -57.21 -33.01
C ALA S 25 77.23 -58.35 -33.68
N MET S 26 76.65 -59.23 -32.88
CA MET S 26 75.92 -60.37 -33.44
C MET S 26 74.74 -59.91 -34.30
N ARG S 27 73.95 -58.98 -33.77
CA ARG S 27 72.83 -58.45 -34.54
C ARG S 27 73.30 -57.87 -35.85
N THR S 28 74.40 -57.12 -35.83
CA THR S 28 74.87 -56.50 -37.07
C THR S 28 75.31 -57.55 -38.07
N ALA S 29 75.89 -58.65 -37.59
CA ALA S 29 76.24 -59.74 -38.50
C ALA S 29 74.98 -60.29 -39.18
N ILE S 30 73.97 -60.63 -38.39
CA ILE S 30 72.75 -61.18 -38.99
C ILE S 30 72.16 -60.21 -39.98
N LYS S 31 72.03 -58.95 -39.59
CA LYS S 31 71.40 -57.96 -40.44
C LYS S 31 72.18 -57.77 -41.73
N LYS S 32 73.50 -57.74 -41.66
CA LYS S 32 74.27 -57.67 -42.88
C LYS S 32 74.03 -58.89 -43.75
N PHE S 33 73.75 -60.05 -43.15
CA PHE S 33 73.41 -61.18 -44.00
C PHE S 33 72.09 -60.96 -44.70
N GLU S 34 71.07 -60.52 -43.96
CA GLU S 34 69.72 -60.49 -44.53
C GLU S 34 69.66 -59.67 -45.81
N GLU S 35 70.27 -58.49 -45.81
CA GLU S 35 70.20 -57.62 -46.97
C GLU S 35 70.80 -58.25 -48.22
N ALA S 36 71.70 -59.22 -48.06
CA ALA S 36 72.39 -59.79 -49.22
C ALA S 36 71.43 -60.50 -50.15
N VAL S 37 70.55 -61.36 -49.61
CA VAL S 37 69.64 -62.12 -50.45
C VAL S 37 68.67 -61.19 -51.16
N ALA S 38 68.15 -60.18 -50.46
CA ALA S 38 67.31 -59.19 -51.12
C ALA S 38 68.07 -58.48 -52.22
N ALA S 39 69.37 -58.28 -52.05
CA ALA S 39 70.19 -57.72 -53.12
C ALA S 39 70.36 -58.73 -54.24
N GLY S 40 70.29 -60.02 -53.92
CA GLY S 40 70.32 -61.07 -54.93
C GLY S 40 71.63 -61.24 -55.65
N ALA S 41 72.60 -60.36 -55.46
CA ALA S 41 73.87 -60.48 -56.17
C ALA S 41 74.70 -61.57 -55.50
N ASP S 42 75.95 -61.69 -55.92
CA ASP S 42 76.82 -62.74 -55.41
C ASP S 42 77.25 -62.38 -53.99
N ASN S 43 78.27 -63.07 -53.47
CA ASN S 43 78.65 -62.96 -52.08
C ASN S 43 77.46 -63.31 -51.18
N VAL S 44 77.01 -64.55 -51.33
CA VAL S 44 75.81 -65.01 -50.64
C VAL S 44 76.11 -66.02 -49.55
N ASP S 45 77.28 -66.64 -49.53
CA ASP S 45 77.54 -67.72 -48.61
C ASP S 45 78.56 -67.38 -47.53
N ALA S 46 79.58 -66.60 -47.86
CA ALA S 46 80.61 -66.30 -46.87
C ALA S 46 80.01 -65.59 -45.66
N LEU S 47 79.21 -64.55 -45.91
CA LEU S 47 78.55 -63.87 -44.82
C LEU S 47 77.54 -64.76 -44.12
N TYR S 48 76.92 -65.69 -44.86
CA TYR S 48 76.03 -66.65 -44.23
C TYR S 48 76.76 -67.45 -43.16
N ASN S 49 77.88 -68.06 -43.55
CA ASN S 49 78.65 -68.84 -42.60
C ASN S 49 79.18 -67.97 -41.47
N GLU S 50 79.61 -66.75 -41.77
CA GLU S 50 80.07 -65.87 -40.72
C GLU S 50 78.96 -65.56 -39.74
N ALA S 51 77.73 -65.48 -40.22
CA ALA S 51 76.59 -65.25 -39.35
C ALA S 51 76.33 -66.44 -38.44
N VAL S 52 76.40 -67.65 -39.00
CA VAL S 52 76.29 -68.84 -38.18
C VAL S 52 77.35 -68.82 -37.10
N LYS S 53 78.58 -68.50 -37.47
CA LYS S 53 79.66 -68.38 -36.49
C LYS S 53 79.25 -67.40 -35.40
N ALA S 54 78.74 -66.24 -35.79
CA ALA S 54 78.37 -65.23 -34.81
C ALA S 54 77.36 -65.79 -33.84
N VAL S 55 76.33 -66.45 -34.35
CA VAL S 55 75.28 -66.97 -33.49
C VAL S 55 75.86 -67.97 -32.49
N ASP S 56 76.69 -68.89 -32.97
CA ASP S 56 77.22 -69.91 -32.07
C ASP S 56 78.11 -69.31 -31.01
N MET S 57 79.01 -68.41 -31.41
CA MET S 57 79.92 -67.81 -30.46
C MET S 57 79.15 -67.03 -29.42
N ALA S 58 78.15 -66.26 -29.86
CA ALA S 58 77.33 -65.51 -28.91
C ALA S 58 76.60 -66.44 -27.97
N ALA S 59 76.17 -67.59 -28.47
CA ALA S 59 75.47 -68.54 -27.60
C ALA S 59 76.39 -69.05 -26.51
N THR S 60 77.55 -69.56 -26.89
CA THR S 60 78.41 -70.22 -25.92
C THR S 60 79.25 -69.23 -25.13
N LYS S 61 80.16 -68.54 -25.80
CA LYS S 61 81.03 -67.58 -25.13
C LYS S 61 80.19 -66.54 -24.39
N GLY S 62 79.31 -65.87 -25.11
CA GLY S 62 78.35 -64.99 -24.49
C GLY S 62 77.19 -65.79 -23.92
N LEU S 63 75.97 -65.33 -24.14
CA LEU S 63 74.81 -65.98 -23.56
C LEU S 63 73.49 -65.56 -24.20
N ILE S 64 72.71 -66.52 -24.69
CA ILE S 64 71.32 -66.21 -24.98
C ILE S 64 70.40 -67.14 -24.22
N HIS S 65 70.17 -68.37 -24.71
CA HIS S 65 70.05 -69.47 -23.76
C HIS S 65 70.82 -70.70 -24.22
N LYS S 66 70.19 -71.46 -25.11
CA LYS S 66 70.77 -72.37 -26.10
C LYS S 66 69.80 -72.36 -27.27
N ASN S 67 68.56 -71.99 -26.96
CA ASN S 67 67.40 -72.28 -27.78
C ASN S 67 67.24 -71.31 -28.93
N LYS S 68 67.21 -70.02 -28.63
CA LYS S 68 67.23 -69.03 -29.69
C LYS S 68 68.28 -69.38 -30.72
N ALA S 69 69.42 -69.87 -30.26
CA ALA S 69 70.48 -70.26 -31.17
C ALA S 69 69.97 -71.23 -32.22
N ASN S 70 69.41 -72.36 -31.78
CA ASN S 70 68.87 -73.31 -32.75
C ASN S 70 67.78 -72.66 -33.59
N ARG S 71 66.91 -71.87 -32.96
CA ARG S 71 65.81 -71.26 -33.70
C ARG S 71 66.33 -70.36 -34.81
N ASP S 72 67.35 -69.56 -34.50
CA ASP S 72 67.87 -68.62 -35.49
C ASP S 72 68.64 -69.34 -36.59
N LYS S 73 69.45 -70.32 -36.22
CA LYS S 73 70.10 -71.14 -37.24
C LYS S 73 69.06 -71.71 -38.18
N ILE S 74 67.92 -72.15 -37.64
CA ILE S 74 66.89 -72.76 -38.47
C ILE S 74 66.28 -71.74 -39.41
N ARG S 75 65.78 -70.63 -38.88
CA ARG S 75 65.14 -69.65 -39.74
C ARG S 75 66.12 -68.99 -40.70
N LEU S 76 67.42 -69.14 -40.47
CA LEU S 76 68.39 -68.63 -41.41
C LEU S 76 68.64 -69.63 -42.53
N SER S 77 68.89 -70.88 -42.19
CA SER S 77 69.09 -71.88 -43.23
C SER S 77 67.87 -71.98 -44.12
N LYS S 78 66.68 -71.80 -43.56
CA LYS S 78 65.48 -71.75 -44.38
C LYS S 78 65.53 -70.58 -45.36
N LEU S 79 66.27 -69.52 -45.01
CA LEU S 79 66.33 -68.33 -45.84
C LEU S 79 67.43 -68.42 -46.88
N ALA S 80 68.59 -68.98 -46.52
CA ALA S 80 69.68 -69.09 -47.49
C ALA S 80 69.23 -69.85 -48.73
N LYS S 81 68.48 -70.93 -48.52
CA LYS S 81 67.89 -71.69 -49.62
C LYS S 81 66.72 -72.52 -49.11
N ALA V 1 -10.95 -41.39 -43.33
CA ALA V 1 -10.66 -41.03 -41.95
C ALA V 1 -10.07 -39.64 -41.88
N ILE V 2 -9.00 -39.50 -41.09
CA ILE V 2 -8.37 -38.21 -40.87
C ILE V 2 -6.88 -38.41 -40.58
N LYS V 3 -6.00 -37.82 -41.39
CA LYS V 3 -4.58 -37.90 -41.08
C LYS V 3 -4.26 -37.09 -39.84
N LYS V 4 -3.08 -37.33 -39.27
CA LYS V 4 -2.56 -36.53 -38.17
C LYS V 4 -1.07 -36.36 -38.44
N TYR V 5 -0.72 -35.26 -39.09
CA TYR V 5 0.67 -35.05 -39.49
C TYR V 5 1.58 -35.10 -38.28
N LYS V 6 2.77 -35.66 -38.47
CA LYS V 6 3.69 -35.74 -37.36
C LYS V 6 4.32 -34.38 -37.10
N PRO V 7 4.47 -33.99 -35.86
CA PRO V 7 4.91 -32.62 -35.58
C PRO V 7 6.36 -32.44 -35.92
N THR V 8 6.64 -31.79 -37.05
CA THR V 8 8.01 -31.51 -37.44
C THR V 8 8.35 -30.05 -37.19
N THR V 9 7.57 -29.14 -37.76
CA THR V 9 7.77 -27.72 -37.55
C THR V 9 6.49 -27.11 -37.01
N ASN V 10 6.64 -26.05 -36.21
CA ASN V 10 5.52 -25.52 -35.44
C ASN V 10 4.27 -25.32 -36.28
N GLY V 11 4.41 -24.74 -37.46
CA GLY V 11 3.25 -24.57 -38.31
C GLY V 11 2.83 -25.86 -38.95
N ARG V 12 3.09 -26.95 -38.28
CA ARG V 12 2.63 -28.25 -38.73
C ARG V 12 2.20 -29.09 -37.54
N ARG V 13 2.09 -28.50 -36.36
CA ARG V 13 2.02 -29.27 -35.14
C ARG V 13 0.81 -30.20 -35.15
N ASN V 14 -0.39 -29.65 -35.19
CA ASN V 14 -1.59 -30.45 -35.06
C ASN V 14 -2.54 -30.21 -36.23
N MET V 15 -2.01 -30.12 -37.44
CA MET V 15 -2.90 -30.04 -38.58
C MET V 15 -3.66 -31.35 -38.73
N THR V 16 -4.69 -31.32 -39.57
CA THR V 16 -5.47 -32.48 -39.88
C THR V 16 -6.08 -32.28 -41.25
N SER V 17 -6.33 -33.39 -41.94
CA SER V 17 -6.99 -33.29 -43.23
C SER V 17 -7.49 -34.67 -43.62
N SER V 18 -8.40 -34.67 -44.58
CA SER V 18 -9.03 -35.90 -44.98
C SER V 18 -8.03 -36.86 -45.58
N ASP V 19 -8.49 -38.08 -45.84
CA ASP V 19 -7.70 -39.01 -46.61
C ASP V 19 -7.98 -38.90 -48.09
N PHE V 20 -9.18 -38.45 -48.45
CA PHE V 20 -9.67 -38.63 -49.81
C PHE V 20 -9.54 -40.09 -50.20
N ALA V 21 -10.18 -40.94 -49.39
CA ALA V 21 -10.07 -42.38 -49.54
C ALA V 21 -11.29 -43.01 -50.18
N GLU V 22 -12.19 -42.22 -50.75
CA GLU V 22 -13.25 -42.74 -51.60
C GLU V 22 -13.32 -42.08 -52.96
N ILE V 23 -12.87 -40.83 -53.06
CA ILE V 23 -12.84 -40.15 -54.36
C ILE V 23 -12.13 -41.01 -55.38
N THR V 24 -12.82 -41.31 -56.48
CA THR V 24 -12.27 -42.27 -57.43
C THR V 24 -11.26 -41.63 -58.36
N THR V 25 -11.69 -40.66 -59.14
CA THR V 25 -10.82 -40.07 -60.15
C THR V 25 -10.43 -38.67 -59.74
N SER V 26 -9.72 -38.00 -60.64
CA SER V 26 -9.33 -36.61 -60.47
C SER V 26 -9.44 -35.85 -61.80
N THR V 27 -10.39 -36.22 -62.63
CA THR V 27 -10.56 -35.53 -63.90
C THR V 27 -12.04 -35.29 -64.16
N PRO V 28 -12.51 -34.06 -64.03
CA PRO V 28 -13.93 -33.79 -64.17
C PRO V 28 -14.42 -34.00 -65.59
N GLU V 29 -15.73 -33.97 -65.74
CA GLU V 29 -16.38 -34.02 -67.04
C GLU V 29 -16.20 -32.68 -67.73
N LYS V 30 -16.07 -32.71 -69.06
CA LYS V 30 -15.82 -31.45 -69.75
C LYS V 30 -17.09 -30.64 -69.91
N SER V 31 -18.17 -31.28 -70.30
CA SER V 31 -19.39 -30.54 -70.62
C SER V 31 -20.19 -30.14 -69.40
N LEU V 32 -19.60 -30.17 -68.22
CA LEU V 32 -20.30 -29.76 -67.02
C LEU V 32 -19.63 -28.61 -66.29
N LEU V 33 -18.50 -28.11 -66.80
CA LEU V 33 -17.79 -27.04 -66.14
C LEU V 33 -18.29 -25.71 -66.63
N GLN V 34 -18.28 -24.72 -65.74
CA GLN V 34 -18.56 -23.37 -66.16
C GLN V 34 -17.68 -22.42 -65.37
N PRO V 35 -17.23 -21.36 -65.99
CA PRO V 35 -16.30 -20.43 -65.34
C PRO V 35 -16.93 -19.70 -64.17
N LEU V 36 -16.18 -18.77 -63.57
CA LEU V 36 -16.55 -18.18 -62.30
C LEU V 36 -15.69 -16.93 -62.11
N LYS V 37 -15.81 -16.32 -60.94
CA LYS V 37 -15.01 -15.18 -60.56
C LYS V 37 -14.97 -15.10 -59.05
N ASN V 38 -14.01 -14.35 -58.52
CA ASN V 38 -13.84 -14.23 -57.07
C ASN V 38 -14.22 -12.80 -56.69
N ASN V 39 -15.50 -12.59 -56.43
CA ASN V 39 -15.99 -11.23 -56.29
C ASN V 39 -15.28 -10.45 -55.20
N ALA V 40 -14.59 -11.11 -54.29
CA ALA V 40 -13.91 -10.41 -53.20
C ALA V 40 -14.84 -9.47 -52.47
N GLY V 41 -16.12 -9.81 -52.43
CA GLY V 41 -17.12 -8.97 -51.80
C GLY V 41 -17.24 -7.59 -52.42
N ARG V 42 -17.74 -7.50 -53.65
CA ARG V 42 -17.87 -6.20 -54.27
C ARG V 42 -19.08 -6.17 -55.19
N ASN V 43 -19.76 -5.03 -55.19
CA ASN V 43 -20.98 -4.82 -55.95
C ASN V 43 -20.69 -4.34 -57.35
N ASN V 44 -21.75 -4.08 -58.10
CA ASN V 44 -21.59 -3.29 -59.30
C ASN V 44 -21.06 -1.91 -58.98
N ASN V 45 -21.44 -1.37 -57.83
CA ASN V 45 -20.86 -0.10 -57.42
C ASN V 45 -19.37 -0.23 -57.19
N GLY V 46 -18.92 -1.37 -56.72
CA GLY V 46 -17.51 -1.53 -56.44
C GLY V 46 -17.15 -1.11 -55.03
N ARG V 47 -17.83 -1.68 -54.05
CA ARG V 47 -17.50 -1.45 -52.66
C ARG V 47 -17.57 -2.76 -51.91
N ILE V 48 -16.98 -2.79 -50.73
CA ILE V 48 -17.16 -3.95 -49.89
C ILE V 48 -18.59 -3.96 -49.39
N THR V 49 -19.24 -5.11 -49.49
CA THR V 49 -20.50 -5.32 -48.80
C THR V 49 -20.31 -6.25 -47.61
N VAL V 50 -19.81 -7.44 -47.84
CA VAL V 50 -19.46 -8.35 -46.76
C VAL V 50 -17.95 -8.35 -46.63
N ARG V 51 -17.46 -8.22 -45.41
CA ARG V 51 -16.02 -8.16 -45.21
C ARG V 51 -15.42 -9.55 -45.28
N HIS V 52 -14.10 -9.61 -45.29
CA HIS V 52 -13.36 -10.86 -45.17
C HIS V 52 -13.67 -11.82 -46.32
N GLN V 53 -13.37 -11.38 -47.54
CA GLN V 53 -13.52 -12.26 -48.68
C GLN V 53 -12.41 -12.00 -49.69
N GLY V 54 -12.20 -12.97 -50.56
CA GLY V 54 -11.37 -12.79 -51.74
C GLY V 54 -9.92 -13.11 -51.50
N GLY V 55 -9.24 -13.52 -52.56
CA GLY V 55 -7.81 -13.70 -52.50
C GLY V 55 -7.32 -15.11 -52.20
N GLY V 56 -7.69 -16.06 -53.03
CA GLY V 56 -7.15 -17.40 -52.87
C GLY V 56 -7.01 -18.13 -54.18
N HIS V 57 -7.01 -19.45 -54.14
CA HIS V 57 -6.81 -20.28 -55.32
C HIS V 57 -7.97 -20.08 -56.30
N LYS V 58 -7.92 -20.76 -57.44
CA LYS V 58 -8.91 -20.61 -58.49
C LYS V 58 -9.90 -21.75 -58.45
N ARG V 59 -11.10 -21.49 -58.98
CA ARG V 59 -12.15 -22.49 -59.01
C ARG V 59 -12.96 -22.35 -60.28
N GLN V 60 -13.52 -23.46 -60.74
CA GLN V 60 -14.32 -23.52 -61.95
C GLN V 60 -15.60 -24.27 -61.64
N TYR V 61 -16.74 -23.68 -61.97
CA TYR V 61 -18.01 -24.16 -61.43
C TYR V 61 -18.52 -25.38 -62.17
N ARG V 62 -19.12 -26.29 -61.39
CA ARG V 62 -19.62 -27.57 -61.87
C ARG V 62 -21.13 -27.56 -61.76
N VAL V 63 -21.83 -27.72 -62.90
CA VAL V 63 -23.27 -27.55 -62.94
C VAL V 63 -23.98 -28.79 -62.40
N ILE V 64 -24.26 -28.80 -61.14
CA ILE V 64 -24.91 -29.95 -60.51
C ILE V 64 -26.36 -29.94 -60.90
N ASP V 65 -26.93 -31.11 -61.06
CA ASP V 65 -28.38 -31.24 -61.19
C ASP V 65 -29.04 -30.98 -59.85
N PHE V 66 -30.17 -30.30 -59.88
CA PHE V 66 -30.86 -29.97 -58.64
C PHE V 66 -32.34 -30.26 -58.65
N LYS V 67 -32.96 -30.42 -59.82
CA LYS V 67 -34.39 -30.66 -59.88
C LYS V 67 -34.72 -32.15 -59.95
N ARG V 68 -33.89 -32.94 -60.63
CA ARG V 68 -34.08 -34.38 -60.72
C ARG V 68 -35.43 -34.70 -61.36
N ASN V 69 -35.58 -34.33 -62.62
CA ASN V 69 -36.86 -34.45 -63.29
C ASN V 69 -36.94 -35.61 -64.27
N LYS V 70 -35.81 -36.07 -64.81
CA LYS V 70 -35.86 -37.22 -65.70
C LYS V 70 -36.39 -38.42 -64.95
N ASP V 71 -37.57 -38.88 -65.34
CA ASP V 71 -38.24 -39.97 -64.65
C ASP V 71 -38.41 -41.16 -65.59
N ASN V 72 -38.43 -42.35 -64.99
CA ASN V 72 -38.67 -43.60 -65.70
C ASN V 72 -37.54 -43.97 -66.67
N VAL V 73 -36.33 -43.50 -66.39
CA VAL V 73 -35.13 -43.96 -67.10
C VAL V 73 -34.06 -44.20 -66.04
N ALA V 74 -33.51 -45.41 -66.02
CA ALA V 74 -32.52 -45.74 -65.00
C ALA V 74 -31.30 -44.85 -65.12
N ALA V 75 -30.74 -44.47 -63.98
CA ALA V 75 -29.55 -43.63 -63.91
C ALA V 75 -28.44 -44.43 -63.26
N VAL V 76 -27.25 -44.43 -63.88
CA VAL V 76 -26.11 -45.17 -63.36
C VAL V 76 -25.06 -44.19 -62.88
N VAL V 77 -24.60 -44.38 -61.67
CA VAL V 77 -23.48 -43.62 -61.14
C VAL V 77 -22.20 -44.28 -61.57
N LYS V 78 -21.19 -43.48 -61.87
CA LYS V 78 -19.90 -44.02 -62.30
C LYS V 78 -18.73 -43.54 -61.45
N THR V 79 -18.68 -42.27 -61.07
CA THR V 79 -17.54 -41.78 -60.30
C THR V 79 -17.99 -40.71 -59.33
N ILE V 80 -17.43 -40.78 -58.12
CA ILE V 80 -17.49 -39.70 -57.16
C ILE V 80 -16.38 -38.73 -57.54
N GLU V 81 -16.38 -37.55 -56.93
CA GLU V 81 -15.34 -36.57 -57.20
C GLU V 81 -15.14 -35.67 -55.99
N TYR V 82 -14.31 -34.66 -56.18
CA TYR V 82 -14.12 -33.58 -55.23
C TYR V 82 -14.72 -32.30 -55.80
N ASP V 83 -15.29 -31.48 -54.94
CA ASP V 83 -15.80 -30.21 -55.40
C ASP V 83 -15.28 -29.09 -54.52
N PRO V 84 -14.78 -28.00 -55.11
CA PRO V 84 -14.26 -26.90 -54.31
C PRO V 84 -15.33 -25.96 -53.81
N ASN V 85 -16.51 -25.95 -54.43
CA ASN V 85 -17.51 -24.95 -54.11
C ASN V 85 -18.30 -25.34 -52.86
N ARG V 86 -19.05 -26.41 -52.93
CA ARG V 86 -19.77 -26.84 -51.76
C ARG V 86 -18.82 -27.56 -50.83
N SER V 87 -19.36 -28.06 -49.72
CA SER V 87 -18.58 -28.87 -48.81
C SER V 87 -18.98 -30.32 -48.88
N ALA V 88 -19.31 -30.81 -50.05
CA ALA V 88 -19.74 -32.19 -50.17
C ALA V 88 -19.39 -32.69 -51.56
N ASN V 89 -19.06 -33.97 -51.64
CA ASN V 89 -18.60 -34.55 -52.89
C ASN V 89 -19.74 -34.65 -53.89
N ILE V 90 -19.46 -35.26 -55.03
CA ILE V 90 -20.37 -35.21 -56.16
C ILE V 90 -20.19 -36.48 -56.95
N ALA V 91 -21.28 -36.96 -57.53
CA ALA V 91 -21.25 -38.15 -58.37
C ALA V 91 -21.68 -37.80 -59.78
N LEU V 92 -21.10 -38.49 -60.75
CA LEU V 92 -21.46 -38.35 -62.15
C LEU V 92 -22.33 -39.52 -62.56
N VAL V 93 -23.33 -39.25 -63.39
CA VAL V 93 -24.31 -40.26 -63.74
C VAL V 93 -24.48 -40.34 -65.25
N HIS V 94 -24.71 -41.55 -65.74
CA HIS V 94 -25.05 -41.80 -67.13
C HIS V 94 -26.47 -42.31 -67.19
N TYR V 95 -27.31 -41.63 -67.94
CA TYR V 95 -28.61 -42.19 -68.26
C TYR V 95 -28.50 -43.03 -69.51
N GLU V 96 -29.42 -43.98 -69.65
CA GLU V 96 -29.36 -44.87 -70.80
C GLU V 96 -29.48 -44.13 -72.11
N ASP V 97 -30.14 -42.98 -72.13
CA ASP V 97 -30.33 -42.27 -73.38
C ASP V 97 -29.05 -41.66 -73.91
N GLY V 98 -28.04 -41.48 -73.07
CA GLY V 98 -26.80 -40.89 -73.52
C GLY V 98 -26.62 -39.45 -73.09
N VAL V 99 -27.09 -39.10 -71.91
CA VAL V 99 -26.95 -37.75 -71.37
C VAL V 99 -26.21 -37.85 -70.05
N LYS V 100 -25.48 -36.79 -69.70
CA LYS V 100 -24.72 -36.75 -68.46
C LYS V 100 -25.21 -35.59 -67.60
N ALA V 101 -24.90 -35.68 -66.31
CA ALA V 101 -25.11 -34.62 -65.34
C ALA V 101 -24.62 -35.14 -63.99
N TYR V 102 -24.65 -34.28 -62.99
CA TYR V 102 -24.12 -34.61 -61.68
C TYR V 102 -25.23 -34.83 -60.67
N ILE V 103 -24.83 -35.28 -59.48
CA ILE V 103 -25.74 -35.46 -58.35
C ILE V 103 -24.96 -35.18 -57.09
N LEU V 104 -25.63 -34.73 -56.04
CA LEU V 104 -24.93 -34.73 -54.77
C LEU V 104 -24.69 -36.17 -54.30
N ALA V 105 -23.80 -36.31 -53.34
CA ALA V 105 -23.34 -37.62 -52.91
C ALA V 105 -23.96 -37.99 -51.58
N PRO V 106 -24.99 -38.83 -51.55
CA PRO V 106 -25.56 -39.24 -50.28
C PRO V 106 -24.62 -40.14 -49.53
N LYS V 107 -24.80 -40.19 -48.21
CA LYS V 107 -23.89 -40.91 -47.34
C LYS V 107 -24.13 -42.39 -47.47
N GLY V 108 -23.43 -43.00 -48.42
CA GLY V 108 -23.53 -44.43 -48.60
C GLY V 108 -23.61 -44.86 -50.04
N LEU V 109 -23.52 -43.92 -50.96
CA LEU V 109 -23.61 -44.26 -52.37
C LEU V 109 -22.28 -44.78 -52.87
N GLU V 110 -22.34 -45.69 -53.83
CA GLU V 110 -21.16 -46.36 -54.36
C GLU V 110 -21.33 -46.55 -55.85
N VAL V 111 -20.20 -46.73 -56.54
CA VAL V 111 -20.24 -46.91 -57.98
C VAL V 111 -20.97 -48.19 -58.33
N GLY V 112 -21.68 -48.16 -59.45
CA GLY V 112 -22.38 -49.32 -59.93
C GLY V 112 -23.85 -49.35 -59.60
N MET V 113 -24.34 -48.40 -58.82
CA MET V 113 -25.75 -48.38 -58.49
C MET V 113 -26.59 -47.94 -59.69
N ARG V 114 -27.89 -48.10 -59.57
CA ARG V 114 -28.84 -47.62 -60.56
C ARG V 114 -29.96 -46.91 -59.83
N LEU V 115 -30.30 -45.70 -60.29
CA LEU V 115 -31.22 -44.84 -59.56
C LEU V 115 -32.40 -44.44 -60.45
N VAL V 116 -33.59 -44.34 -59.84
CA VAL V 116 -34.80 -43.88 -60.50
C VAL V 116 -35.46 -42.84 -59.61
N SER V 117 -36.22 -41.93 -60.23
CA SER V 117 -36.73 -40.77 -59.54
C SER V 117 -38.14 -40.41 -59.99
N GLY V 118 -39.02 -41.39 -60.10
CA GLY V 118 -40.38 -41.12 -60.48
C GLY V 118 -41.28 -40.96 -59.27
N PRO V 119 -42.56 -40.66 -59.52
CA PRO V 119 -43.52 -40.62 -58.41
C PRO V 119 -43.87 -41.97 -57.84
N GLU V 120 -43.33 -43.05 -58.41
CA GLU V 120 -43.59 -44.39 -57.89
C GLU V 120 -42.33 -45.24 -57.94
N ALA V 121 -41.22 -44.69 -57.43
CA ALA V 121 -39.98 -45.43 -57.31
C ALA V 121 -40.03 -46.30 -56.05
N ASP V 122 -38.88 -46.84 -55.67
CA ASP V 122 -38.72 -47.42 -54.34
C ASP V 122 -37.89 -46.49 -53.49
N ILE V 123 -38.02 -46.64 -52.19
CA ILE V 123 -37.37 -45.73 -51.25
C ILE V 123 -36.06 -46.38 -50.84
N LYS V 124 -35.01 -46.10 -51.61
CA LYS V 124 -33.66 -46.46 -51.26
C LYS V 124 -32.78 -45.26 -51.56
N VAL V 125 -31.62 -45.21 -50.90
CA VAL V 125 -30.71 -44.09 -51.04
C VAL V 125 -30.54 -43.74 -52.51
N GLY V 126 -30.60 -42.45 -52.81
CA GLY V 126 -30.33 -41.93 -54.14
C GLY V 126 -31.56 -41.51 -54.93
N ASN V 127 -32.69 -42.17 -54.71
CA ASN V 127 -33.88 -41.87 -55.50
C ASN V 127 -34.45 -40.52 -55.13
N ALA V 128 -35.17 -39.91 -56.07
CA ALA V 128 -35.70 -38.55 -55.91
C ALA V 128 -37.21 -38.56 -56.14
N LEU V 129 -37.97 -38.62 -55.06
CA LEU V 129 -39.41 -38.76 -55.09
C LEU V 129 -40.10 -37.41 -54.98
N PRO V 130 -41.40 -37.35 -55.26
CA PRO V 130 -42.19 -36.22 -54.80
C PRO V 130 -42.59 -36.42 -53.36
N LEU V 131 -42.67 -35.30 -52.64
CA LEU V 131 -42.76 -35.35 -51.18
C LEU V 131 -43.95 -36.13 -50.65
N GLU V 132 -44.93 -36.47 -51.49
CA GLU V 132 -46.12 -37.12 -50.94
C GLU V 132 -45.86 -38.58 -50.63
N ASN V 133 -45.30 -39.32 -51.58
CA ASN V 133 -45.21 -40.77 -51.45
C ASN V 133 -44.00 -41.22 -50.64
N ILE V 134 -43.46 -40.36 -49.79
CA ILE V 134 -42.36 -40.71 -48.91
C ILE V 134 -42.94 -41.04 -47.55
N PRO V 135 -42.86 -42.26 -47.09
CA PRO V 135 -43.56 -42.65 -45.86
C PRO V 135 -43.01 -41.96 -44.62
N VAL V 136 -43.65 -42.22 -43.50
CA VAL V 136 -43.35 -41.52 -42.26
C VAL V 136 -42.06 -42.05 -41.67
N GLY V 137 -41.25 -41.15 -41.13
CA GLY V 137 -40.08 -41.51 -40.36
C GLY V 137 -38.77 -41.51 -41.11
N THR V 138 -38.77 -41.27 -42.42
CA THR V 138 -37.53 -41.37 -43.17
C THR V 138 -36.68 -40.13 -42.97
N VAL V 139 -35.50 -40.16 -43.57
CA VAL V 139 -34.49 -39.12 -43.45
C VAL V 139 -34.10 -38.72 -44.86
N ILE V 140 -34.60 -37.57 -45.32
CA ILE V 140 -34.52 -37.19 -46.72
C ILE V 140 -33.85 -35.84 -46.83
N HIS V 141 -33.57 -35.42 -48.06
CA HIS V 141 -32.80 -34.20 -48.27
C HIS V 141 -33.03 -33.63 -49.66
N ASN V 142 -32.25 -32.60 -49.98
CA ASN V 142 -32.41 -31.80 -51.18
C ASN V 142 -33.83 -31.27 -51.32
N ILE V 143 -34.51 -31.08 -50.18
CA ILE V 143 -35.91 -30.70 -50.19
C ILE V 143 -36.10 -29.38 -50.91
N GLU V 144 -37.21 -29.27 -51.64
CA GLU V 144 -37.50 -28.05 -52.37
C GLU V 144 -38.26 -27.06 -51.50
N MET V 145 -38.58 -25.92 -52.09
CA MET V 145 -39.51 -24.97 -51.49
C MET V 145 -40.72 -24.70 -52.39
N LYS V 146 -40.48 -24.33 -53.65
CA LYS V 146 -41.53 -24.09 -54.62
C LYS V 146 -41.50 -25.16 -55.69
N PRO V 147 -42.61 -25.82 -55.97
CA PRO V 147 -42.57 -27.00 -56.85
C PRO V 147 -42.07 -26.67 -58.25
N GLY V 148 -40.93 -27.24 -58.61
CA GLY V 148 -40.30 -27.00 -59.89
C GLY V 148 -39.07 -26.14 -59.83
N LYS V 149 -38.68 -25.67 -58.64
CA LYS V 149 -37.57 -24.75 -58.51
C LYS V 149 -36.24 -25.47 -58.34
N GLY V 150 -36.27 -26.71 -57.89
CA GLY V 150 -35.07 -27.44 -57.52
C GLY V 150 -34.97 -27.55 -56.02
N GLY V 151 -33.81 -28.02 -55.56
CA GLY V 151 -33.59 -28.12 -54.13
C GLY V 151 -32.96 -26.85 -53.58
N GLN V 152 -33.43 -26.43 -52.41
CA GLN V 152 -32.79 -25.32 -51.70
C GLN V 152 -32.65 -25.52 -50.22
N LEU V 153 -33.33 -26.50 -49.62
CA LEU V 153 -33.13 -26.88 -48.23
C LEU V 153 -31.95 -27.81 -48.13
N ILE V 154 -31.89 -28.60 -47.06
CA ILE V 154 -30.66 -29.25 -46.61
C ILE V 154 -29.79 -29.73 -47.74
N ARG V 155 -28.55 -29.27 -47.77
CA ARG V 155 -27.69 -29.45 -48.93
C ARG V 155 -26.25 -29.77 -48.61
N SER V 156 -25.82 -29.71 -47.36
CA SER V 156 -24.40 -29.82 -47.06
C SER V 156 -24.11 -31.01 -46.16
N ALA V 157 -22.83 -31.30 -46.04
CA ALA V 157 -22.38 -32.61 -45.57
C ALA V 157 -22.83 -32.90 -44.16
N GLY V 158 -23.15 -34.15 -43.91
CA GLY V 158 -23.48 -34.57 -42.56
C GLY V 158 -24.70 -33.92 -41.98
N THR V 159 -25.83 -33.96 -42.67
CA THR V 159 -27.05 -33.29 -42.22
C THR V 159 -28.26 -34.20 -42.42
N SER V 160 -29.23 -34.05 -41.53
CA SER V 160 -30.39 -34.94 -41.52
C SER V 160 -31.67 -34.13 -41.44
N ALA V 161 -32.78 -34.77 -41.81
CA ALA V 161 -34.10 -34.18 -41.68
C ALA V 161 -35.13 -35.30 -41.72
N GLN V 162 -35.85 -35.51 -40.63
CA GLN V 162 -36.91 -36.50 -40.58
C GLN V 162 -38.20 -35.94 -41.16
N VAL V 163 -39.12 -36.83 -41.45
CA VAL V 163 -40.49 -36.45 -41.81
C VAL V 163 -41.41 -36.89 -40.68
N LEU V 164 -41.95 -35.92 -39.95
CA LEU V 164 -42.75 -36.22 -38.78
C LEU V 164 -44.09 -36.81 -39.17
N GLY V 165 -44.83 -36.13 -40.04
CA GLY V 165 -46.12 -36.63 -40.44
C GLY V 165 -46.79 -35.82 -41.53
N LYS V 166 -47.61 -36.49 -42.34
CA LYS V 166 -48.34 -35.83 -43.40
C LYS V 166 -49.54 -35.07 -42.85
N GLU V 167 -50.15 -34.30 -43.74
CA GLU V 167 -51.49 -33.78 -43.52
C GLU V 167 -52.23 -33.89 -44.84
N GLY V 168 -53.48 -33.43 -44.88
CA GLY V 168 -54.12 -33.23 -46.17
C GLY V 168 -53.40 -32.18 -46.96
N LYS V 169 -52.89 -31.18 -46.25
CA LYS V 169 -52.04 -30.13 -46.79
C LYS V 169 -51.51 -29.40 -45.56
N TYR V 170 -50.21 -29.18 -45.44
CA TYR V 170 -49.13 -29.72 -46.26
C TYR V 170 -48.39 -30.78 -45.46
N VAL V 171 -47.21 -31.19 -45.90
CA VAL V 171 -46.39 -32.14 -45.17
C VAL V 171 -45.54 -31.43 -44.12
N LEU V 172 -45.48 -32.00 -42.93
CA LEU V 172 -44.62 -31.53 -41.87
C LEU V 172 -43.21 -32.10 -42.04
N ILE V 173 -42.28 -31.55 -41.27
CA ILE V 173 -40.88 -31.98 -41.32
C ILE V 173 -40.12 -31.48 -40.11
N ARG V 174 -39.25 -32.29 -39.55
CA ARG V 174 -38.30 -31.81 -38.54
C ARG V 174 -36.99 -31.50 -39.26
N LEU V 175 -36.74 -30.22 -39.51
CA LEU V 175 -35.51 -29.85 -40.17
C LEU V 175 -34.32 -30.15 -39.27
N ASN V 176 -33.14 -30.05 -39.85
CA ASN V 176 -31.95 -29.95 -39.03
C ASN V 176 -32.02 -28.66 -38.22
N SER V 177 -31.14 -28.53 -37.24
CA SER V 177 -31.23 -27.48 -36.25
C SER V 177 -32.55 -27.51 -35.52
N GLY V 178 -33.22 -28.66 -35.54
CA GLY V 178 -34.30 -28.96 -34.62
C GLY V 178 -35.50 -28.02 -34.62
N GLU V 179 -35.93 -27.58 -35.79
CA GLU V 179 -37.09 -26.70 -35.88
C GLU V 179 -38.06 -27.24 -36.91
N VAL V 180 -39.32 -27.30 -36.54
CA VAL V 180 -40.36 -27.93 -37.33
C VAL V 180 -41.00 -26.89 -38.23
N ARG V 181 -41.45 -27.32 -39.40
CA ARG V 181 -42.29 -26.46 -40.22
C ARG V 181 -43.06 -27.36 -41.18
N MET V 182 -43.64 -26.75 -42.22
CA MET V 182 -44.37 -27.51 -43.20
C MET V 182 -44.21 -26.86 -44.57
N ILE V 183 -44.12 -27.70 -45.60
CA ILE V 183 -43.87 -27.28 -46.97
C ILE V 183 -44.82 -28.04 -47.87
N LEU V 184 -45.19 -27.41 -48.99
CA LEU V 184 -46.19 -27.99 -49.87
C LEU V 184 -45.87 -29.43 -50.20
N ALA V 185 -46.91 -30.25 -50.29
CA ALA V 185 -46.70 -31.68 -50.46
C ALA V 185 -46.18 -32.05 -51.84
N THR V 186 -46.09 -31.12 -52.78
CA THR V 186 -45.65 -31.44 -54.13
C THR V 186 -44.23 -30.99 -54.40
N CYS V 187 -43.34 -31.12 -53.43
CA CYS V 187 -41.94 -30.79 -53.61
C CYS V 187 -41.10 -32.05 -53.74
N ARG V 188 -40.00 -31.94 -54.48
CA ARG V 188 -39.12 -33.07 -54.69
C ARG V 188 -38.13 -33.21 -53.55
N ALA V 189 -37.60 -34.41 -53.37
CA ALA V 189 -36.59 -34.68 -52.36
C ALA V 189 -35.94 -36.01 -52.67
N THR V 190 -34.74 -36.20 -52.14
CA THR V 190 -34.09 -37.50 -52.16
C THR V 190 -33.82 -37.94 -50.74
N ILE V 191 -33.55 -39.24 -50.58
CA ILE V 191 -33.46 -39.85 -49.27
C ILE V 191 -32.01 -39.89 -48.82
N GLY V 192 -31.78 -40.13 -47.53
CA GLY V 192 -30.44 -40.30 -47.03
C GLY V 192 -29.72 -39.00 -46.76
N SER V 193 -28.83 -39.02 -45.78
CA SER V 193 -28.07 -37.84 -45.40
C SER V 193 -26.87 -37.66 -46.32
N VAL V 194 -26.34 -36.45 -46.33
CA VAL V 194 -25.23 -36.07 -47.20
C VAL V 194 -23.95 -36.76 -46.75
N GLY V 195 -22.87 -36.60 -47.51
CA GLY V 195 -21.76 -37.53 -47.53
C GLY V 195 -20.68 -37.30 -46.49
N ASN V 196 -19.56 -36.68 -46.85
CA ASN V 196 -18.44 -36.53 -45.93
C ASN V 196 -18.90 -36.09 -44.56
N GLU V 197 -18.75 -36.95 -43.57
CA GLU V 197 -19.35 -36.70 -42.28
C GLU V 197 -18.37 -36.15 -41.26
N GLN V 198 -17.07 -36.31 -41.46
CA GLN V 198 -16.09 -35.75 -40.54
C GLN V 198 -15.55 -34.43 -41.00
N HIS V 199 -16.11 -33.86 -42.06
CA HIS V 199 -15.60 -32.62 -42.61
C HIS V 199 -15.68 -31.49 -41.59
N GLU V 200 -16.22 -31.76 -40.42
CA GLU V 200 -16.16 -30.80 -39.34
C GLU V 200 -15.00 -31.03 -38.41
N LEU V 201 -14.30 -32.15 -38.56
CA LEU V 201 -13.26 -32.57 -37.62
C LEU V 201 -11.86 -32.19 -38.09
N ILE V 202 -11.74 -31.18 -38.93
CA ILE V 202 -10.47 -30.84 -39.56
C ILE V 202 -9.92 -29.59 -38.88
N ASN V 203 -8.82 -29.74 -38.16
CA ASN V 203 -8.11 -28.63 -37.56
C ASN V 203 -7.10 -28.14 -38.59
N ILE V 204 -7.29 -26.92 -39.09
CA ILE V 204 -6.55 -26.45 -40.25
C ILE V 204 -5.07 -26.29 -39.94
N GLY V 205 -4.74 -25.68 -38.82
CA GLY V 205 -3.35 -25.66 -38.35
C GLY V 205 -2.49 -24.46 -38.63
N LYS V 206 -2.42 -24.03 -39.87
CA LYS V 206 -1.65 -22.86 -40.25
C LYS V 206 -2.58 -21.69 -40.49
N ALA V 207 -2.01 -20.51 -40.70
CA ALA V 207 -2.80 -19.36 -41.12
C ALA V 207 -2.81 -19.21 -42.64
N GLY V 208 -1.81 -19.73 -43.32
CA GLY V 208 -1.83 -19.68 -44.76
C GLY V 208 -2.80 -20.65 -45.39
N ARG V 209 -3.40 -21.53 -44.60
CA ARG V 209 -4.30 -22.51 -45.19
C ARG V 209 -5.73 -22.01 -45.16
N SER V 210 -6.15 -21.42 -44.04
CA SER V 210 -7.41 -20.71 -44.03
C SER V 210 -7.38 -19.51 -44.95
N ARG V 211 -6.21 -19.14 -45.44
CA ARG V 211 -6.11 -18.14 -46.48
C ARG V 211 -6.11 -18.74 -47.86
N TRP V 212 -5.92 -20.04 -47.97
CA TRP V 212 -6.04 -20.72 -49.26
C TRP V 212 -7.50 -20.79 -49.68
N MET V 213 -8.34 -21.35 -48.84
CA MET V 213 -9.74 -20.99 -48.89
C MET V 213 -9.84 -19.50 -48.69
N ARG V 214 -10.78 -18.86 -49.38
CA ARG V 214 -10.63 -17.43 -49.62
C ARG V 214 -11.01 -16.54 -48.44
N LYS V 215 -10.45 -16.77 -47.28
CA LYS V 215 -10.77 -15.97 -46.10
C LYS V 215 -9.83 -14.79 -46.02
N ARG V 216 -9.82 -14.13 -44.88
CA ARG V 216 -9.01 -12.94 -44.71
C ARG V 216 -9.01 -12.52 -43.24
N PRO V 217 -7.93 -11.95 -42.73
CA PRO V 217 -7.90 -11.58 -41.32
C PRO V 217 -8.96 -10.57 -40.96
N THR V 218 -9.41 -10.64 -39.71
CA THR V 218 -10.57 -9.91 -39.23
C THR V 218 -10.27 -9.33 -37.85
N VAL V 219 -9.78 -8.10 -37.82
CA VAL V 219 -9.33 -7.43 -36.61
C VAL V 219 -10.39 -7.50 -35.52
N ARG V 220 -9.96 -7.53 -34.26
CA ARG V 220 -10.89 -7.42 -33.16
C ARG V 220 -11.67 -6.13 -33.28
N GLY V 221 -12.65 -5.96 -32.42
CA GLY V 221 -13.35 -4.71 -32.40
C GLY V 221 -12.65 -3.69 -31.56
N SER V 222 -12.24 -4.07 -30.38
CA SER V 222 -11.80 -3.09 -29.40
C SER V 222 -10.50 -2.58 -29.66
N VAL V 223 -9.97 -2.71 -30.85
CA VAL V 223 -8.64 -2.21 -31.11
C VAL V 223 -8.73 -0.97 -31.99
N MET V 224 -9.78 -0.91 -32.78
CA MET V 224 -9.91 0.16 -33.75
C MET V 224 -10.05 1.51 -33.05
N ASN V 225 -9.93 2.56 -33.82
CA ASN V 225 -10.02 3.89 -33.26
C ASN V 225 -11.48 4.31 -33.10
N PRO V 226 -11.77 5.12 -32.09
CA PRO V 226 -13.18 5.43 -31.78
C PRO V 226 -13.96 5.95 -32.96
N ASN V 227 -13.34 6.69 -33.85
CA ASN V 227 -14.06 7.22 -34.99
C ASN V 227 -14.35 6.16 -36.03
N ASP V 228 -13.95 4.91 -35.80
CA ASP V 228 -14.13 3.87 -36.78
C ASP V 228 -14.81 2.62 -36.27
N HIS V 229 -15.12 2.54 -34.99
CA HIS V 229 -15.90 1.43 -34.47
C HIS V 229 -16.35 1.74 -33.06
N PRO V 230 -17.62 1.51 -32.72
CA PRO V 230 -18.13 2.01 -31.45
C PRO V 230 -17.42 1.47 -30.24
N HIS V 231 -16.76 0.32 -30.34
CA HIS V 231 -16.08 -0.23 -29.17
C HIS V 231 -14.75 0.47 -28.88
N GLY V 232 -14.12 1.00 -29.91
CA GLY V 232 -12.71 1.29 -29.86
C GLY V 232 -12.36 2.44 -28.95
N GLY V 233 -11.11 2.84 -29.03
CA GLY V 233 -10.57 3.87 -28.18
C GLY V 233 -10.11 3.32 -26.84
N GLY V 234 -9.84 4.25 -25.93
CA GLY V 234 -9.53 3.89 -24.57
C GLY V 234 -8.08 3.51 -24.48
N GLU V 235 -7.32 4.18 -23.63
CA GLU V 235 -5.88 4.03 -23.65
C GLU V 235 -5.46 2.98 -22.62
N GLY V 236 -4.93 1.89 -23.11
CA GLY V 236 -4.81 0.64 -22.39
C GLY V 236 -5.73 -0.41 -23.01
N LYS V 237 -5.69 -1.60 -22.42
CA LYS V 237 -6.72 -2.58 -22.71
C LYS V 237 -7.96 -2.19 -21.94
N THR V 238 -9.07 -1.99 -22.64
CA THR V 238 -10.26 -1.50 -21.97
C THR V 238 -11.39 -2.52 -22.07
N PRO V 239 -12.27 -2.54 -21.09
CA PRO V 239 -13.48 -3.38 -21.20
C PRO V 239 -14.53 -2.64 -22.01
N ILE V 240 -15.57 -3.36 -22.38
CA ILE V 240 -16.65 -2.72 -23.12
C ILE V 240 -17.34 -1.76 -22.18
N GLY V 241 -17.12 -0.46 -22.37
CA GLY V 241 -17.78 0.51 -21.52
C GLY V 241 -19.27 0.60 -21.82
N ARG V 242 -19.62 0.71 -23.09
CA ARG V 242 -21.01 0.74 -23.48
C ARG V 242 -21.69 -0.56 -23.06
N LYS V 243 -22.96 -0.46 -22.67
CA LYS V 243 -23.72 -1.66 -22.43
C LYS V 243 -24.01 -2.37 -23.74
N ALA V 244 -24.38 -3.64 -23.66
CA ALA V 244 -24.81 -4.38 -24.83
C ALA V 244 -23.80 -4.35 -25.96
N PRO V 245 -22.76 -5.15 -25.89
CA PRO V 245 -21.75 -5.17 -26.95
C PRO V 245 -22.29 -5.08 -28.37
N VAL V 246 -21.59 -4.34 -29.22
CA VAL V 246 -22.14 -3.82 -30.46
C VAL V 246 -21.38 -4.35 -31.65
N SER V 247 -22.03 -4.30 -32.81
CA SER V 247 -21.39 -4.46 -34.10
C SER V 247 -20.99 -3.08 -34.61
N PRO V 248 -20.23 -2.98 -35.71
CA PRO V 248 -19.67 -1.69 -36.08
C PRO V 248 -20.67 -0.72 -36.68
N TRP V 249 -21.96 -0.95 -36.51
CA TRP V 249 -22.95 0.00 -37.00
C TRP V 249 -24.15 0.11 -36.08
N GLY V 250 -24.14 -0.51 -34.92
CA GLY V 250 -25.30 -0.62 -34.07
C GLY V 250 -25.65 -2.07 -33.85
N GLN V 251 -26.90 -2.37 -33.58
CA GLN V 251 -27.33 -3.76 -33.50
C GLN V 251 -26.50 -4.59 -32.52
N PRO V 252 -26.77 -4.48 -31.23
CA PRO V 252 -26.09 -5.33 -30.25
C PRO V 252 -26.00 -6.77 -30.69
N ALA V 253 -24.89 -7.43 -30.39
CA ALA V 253 -24.60 -8.72 -30.98
C ALA V 253 -25.12 -9.89 -30.18
N ILE V 254 -25.25 -9.77 -28.86
CA ILE V 254 -25.56 -10.91 -28.01
C ILE V 254 -26.99 -10.78 -27.52
N GLY V 255 -27.84 -11.71 -27.92
CA GLY V 255 -29.20 -11.82 -27.43
C GLY V 255 -30.26 -11.30 -28.37
N TYR V 256 -29.89 -10.44 -29.31
CA TYR V 256 -30.85 -9.71 -30.12
C TYR V 256 -31.36 -10.58 -31.25
N LYS V 257 -32.68 -10.65 -31.42
CA LYS V 257 -33.29 -11.42 -32.50
C LYS V 257 -33.44 -10.55 -33.74
N THR V 258 -33.56 -11.19 -34.90
CA THR V 258 -33.57 -10.42 -36.13
C THR V 258 -34.46 -11.05 -37.21
N ARG V 259 -35.53 -11.73 -36.84
CA ARG V 259 -36.45 -12.11 -37.90
C ARG V 259 -37.18 -10.86 -38.37
N ASN V 260 -38.06 -11.00 -39.35
CA ASN V 260 -38.85 -9.89 -39.87
C ASN V 260 -40.27 -10.04 -39.37
N LYS V 261 -40.60 -9.29 -38.31
CA LYS V 261 -41.77 -9.56 -37.50
C LYS V 261 -43.05 -9.76 -38.28
N LYS V 262 -43.11 -9.29 -39.51
CA LYS V 262 -44.29 -9.47 -40.34
C LYS V 262 -44.00 -10.43 -41.48
N ALA V 263 -43.24 -11.48 -41.17
CA ALA V 263 -42.84 -12.44 -42.18
C ALA V 263 -44.07 -13.13 -42.78
N LYS V 264 -43.87 -13.72 -43.96
CA LYS V 264 -44.92 -14.45 -44.65
C LYS V 264 -44.78 -15.94 -44.46
N SER V 265 -44.33 -16.38 -43.30
CA SER V 265 -44.19 -17.79 -43.03
C SER V 265 -44.64 -18.22 -41.65
N ASP V 266 -44.85 -17.30 -40.71
CA ASP V 266 -45.24 -17.68 -39.36
C ASP V 266 -46.47 -18.56 -39.34
N LYS V 267 -47.26 -18.56 -40.41
CA LYS V 267 -48.33 -19.53 -40.51
C LYS V 267 -47.81 -20.94 -40.71
N LEU V 268 -46.58 -21.09 -41.19
CA LEU V 268 -46.04 -22.39 -41.52
C LEU V 268 -44.92 -22.83 -40.60
N ILE V 269 -44.62 -22.07 -39.56
CA ILE V 269 -43.52 -22.38 -38.65
C ILE V 269 -44.10 -22.79 -37.32
N VAL V 270 -43.70 -23.97 -36.85
CA VAL V 270 -44.04 -24.44 -35.52
C VAL V 270 -42.74 -24.65 -34.76
N ARG V 271 -42.59 -23.93 -33.65
CA ARG V 271 -41.48 -24.12 -32.73
C ARG V 271 -40.13 -23.85 -33.40
N ARG V 272 -39.91 -22.58 -33.70
CA ARG V 272 -38.53 -22.15 -33.86
C ARG V 272 -37.84 -22.40 -32.53
N ARG V 273 -36.88 -23.32 -32.49
CA ARG V 273 -36.22 -23.68 -31.25
C ARG V 273 -34.75 -23.29 -31.21
N THR V 274 -34.02 -23.48 -32.29
CA THR V 274 -32.57 -23.33 -32.27
C THR V 274 -32.14 -22.24 -33.25
N LYS V 275 -32.16 -21.00 -32.79
CA LYS V 275 -31.53 -19.88 -33.49
C LYS V 275 -31.05 -18.86 -32.46
N THR W 1 81.25 32.69 -14.06
CA THR W 1 82.69 32.65 -14.14
C THR W 1 83.16 31.77 -15.29
N LYS W 2 83.37 30.49 -14.98
CA LYS W 2 83.85 29.55 -15.97
C LYS W 2 82.83 29.38 -17.08
N GLY W 3 83.09 29.96 -18.25
CA GLY W 3 82.13 29.91 -19.34
C GLY W 3 82.73 29.54 -20.68
N ILE W 4 82.09 28.64 -21.40
CA ILE W 4 82.56 28.18 -22.70
C ILE W 4 81.37 27.89 -23.58
N LEU W 5 81.44 28.28 -24.85
CA LEU W 5 80.41 27.92 -25.81
C LEU W 5 80.80 26.62 -26.51
N GLY W 6 80.13 26.29 -27.60
CA GLY W 6 80.53 25.10 -28.34
C GLY W 6 79.38 24.52 -29.12
N LYS W 7 79.71 23.51 -29.92
CA LYS W 7 78.75 22.85 -30.79
C LYS W 7 78.06 21.72 -30.04
N LYS W 8 77.36 20.86 -30.77
CA LYS W 8 76.70 19.70 -30.18
C LYS W 8 76.74 18.57 -31.20
N VAL W 9 77.48 17.52 -30.89
CA VAL W 9 77.77 16.47 -31.85
C VAL W 9 76.77 15.33 -31.75
N GLY W 10 76.44 14.88 -30.55
CA GLY W 10 75.54 13.74 -30.42
C GLY W 10 75.64 13.12 -29.05
N MET W 11 75.33 11.83 -28.99
CA MET W 11 75.33 11.12 -27.72
C MET W 11 75.87 9.72 -27.89
N THR W 12 76.59 9.24 -26.89
CA THR W 12 77.04 7.85 -26.79
C THR W 12 77.14 7.48 -25.33
N GLN W 13 77.80 6.35 -25.08
CA GLN W 13 77.90 5.78 -23.74
C GLN W 13 79.35 5.75 -23.28
N ILE W 14 79.52 5.48 -21.99
CA ILE W 14 80.84 5.41 -21.39
C ILE W 14 80.75 4.61 -20.11
N PHE W 15 81.67 3.68 -19.91
CA PHE W 15 81.76 2.94 -18.67
C PHE W 15 82.62 3.72 -17.70
N THR W 16 82.26 3.69 -16.43
CA THR W 16 83.10 4.32 -15.43
C THR W 16 84.02 3.26 -14.85
N GLU W 17 84.79 3.65 -13.84
CA GLU W 17 85.76 2.74 -13.23
C GLU W 17 85.12 1.66 -12.38
N SER W 18 83.81 1.49 -12.47
CA SER W 18 83.15 0.49 -11.63
C SER W 18 82.09 -0.27 -12.40
N GLY W 19 82.23 -0.37 -13.71
CA GLY W 19 81.26 -1.08 -14.50
C GLY W 19 79.87 -0.50 -14.38
N GLU W 20 79.65 0.68 -14.95
CA GLU W 20 78.36 1.36 -14.88
C GLU W 20 78.21 2.23 -16.11
N LEU W 21 77.39 1.78 -17.06
CA LEU W 21 77.14 2.58 -18.25
C LEU W 21 76.56 3.93 -17.87
N ILE W 22 76.90 4.93 -18.66
CA ILE W 22 76.42 6.27 -18.39
C ILE W 22 76.12 6.97 -19.70
N PRO W 23 74.89 7.41 -19.93
CA PRO W 23 74.63 8.20 -21.11
C PRO W 23 75.43 9.48 -21.08
N VAL W 24 75.96 9.87 -22.22
CA VAL W 24 76.85 11.02 -22.28
C VAL W 24 76.74 11.68 -23.64
N THR W 25 76.62 13.00 -23.65
CA THR W 25 76.61 13.77 -24.89
C THR W 25 77.98 14.38 -25.13
N VAL W 26 78.18 14.89 -26.33
CA VAL W 26 79.51 15.31 -26.80
C VAL W 26 79.43 16.78 -27.17
N VAL W 27 79.70 17.65 -26.21
CA VAL W 27 79.81 19.09 -26.48
C VAL W 27 81.21 19.33 -26.99
N GLU W 28 81.31 19.69 -28.26
CA GLU W 28 82.58 20.02 -28.88
C GLU W 28 82.83 21.51 -28.77
N ALA W 29 84.11 21.89 -28.82
CA ALA W 29 84.48 23.28 -28.65
C ALA W 29 85.76 23.54 -29.42
N THR W 30 86.13 24.80 -29.50
CA THR W 30 87.42 25.22 -30.05
C THR W 30 87.86 26.44 -29.29
N PRO W 31 89.13 26.83 -29.40
CA PRO W 31 89.56 28.09 -28.81
C PRO W 31 88.70 29.24 -29.32
N ASN W 32 88.80 30.37 -28.61
CA ASN W 32 87.84 31.45 -28.74
C ASN W 32 88.37 32.68 -28.03
N VAL W 33 88.34 33.81 -28.71
CA VAL W 33 89.05 35.00 -28.29
C VAL W 33 88.09 35.92 -27.56
N VAL W 34 88.45 36.34 -26.35
CA VAL W 34 87.73 37.42 -25.70
C VAL W 34 87.83 38.67 -26.56
N LEU W 35 86.67 39.26 -26.85
CA LEU W 35 86.62 40.34 -27.83
C LEU W 35 86.50 41.73 -27.22
N GLN W 36 85.84 41.87 -26.07
CA GLN W 36 85.71 43.20 -25.48
C GLN W 36 85.39 43.07 -24.01
N VAL W 37 85.88 44.02 -23.23
CA VAL W 37 85.74 44.01 -21.79
C VAL W 37 84.90 45.22 -21.39
N LYS W 38 83.69 44.98 -20.91
CA LYS W 38 82.77 46.04 -20.53
C LYS W 38 82.87 46.30 -19.04
N THR W 39 83.09 47.56 -18.68
CA THR W 39 83.42 47.97 -17.31
C THR W 39 82.31 48.81 -16.73
N VAL W 40 82.42 49.07 -15.43
CA VAL W 40 81.42 49.89 -14.75
C VAL W 40 81.47 51.32 -15.26
N GLU W 41 82.66 51.90 -15.30
CA GLU W 41 82.79 53.32 -15.61
C GLU W 41 82.43 53.66 -17.04
N THR W 42 82.19 52.67 -17.89
CA THR W 42 81.89 52.90 -19.29
C THR W 42 80.60 52.27 -19.75
N ASP W 43 80.27 51.08 -19.25
CA ASP W 43 79.11 50.34 -19.72
C ASP W 43 78.13 49.98 -18.62
N GLY W 44 78.34 50.46 -17.40
CA GLY W 44 77.39 50.23 -16.35
C GLY W 44 77.47 48.90 -15.65
N TYR W 45 78.23 47.94 -16.19
CA TYR W 45 78.36 46.65 -15.54
C TYR W 45 79.65 46.01 -16.04
N GLU W 46 79.90 44.76 -15.65
CA GLU W 46 81.14 44.07 -16.01
C GLU W 46 80.82 42.78 -16.71
N ALA W 47 81.36 42.61 -17.91
CA ALA W 47 81.07 41.41 -18.68
C ALA W 47 82.16 41.22 -19.74
N ILE W 48 82.06 40.12 -20.48
CA ILE W 48 83.11 39.65 -21.37
C ILE W 48 82.50 39.09 -22.63
N GLN W 49 82.91 39.59 -23.79
CA GLN W 49 82.41 39.04 -25.05
C GLN W 49 83.32 37.93 -25.56
N VAL W 50 82.70 36.88 -26.11
CA VAL W 50 83.40 35.70 -26.57
C VAL W 50 82.80 35.27 -27.91
N GLY W 51 83.47 34.37 -28.62
CA GLY W 51 82.93 33.89 -29.88
C GLY W 51 83.45 32.57 -30.44
N TYR W 52 82.57 31.61 -30.74
CA TYR W 52 83.01 30.24 -31.01
C TYR W 52 82.57 29.76 -32.38
N GLN W 53 83.27 30.23 -33.41
CA GLN W 53 83.49 29.50 -34.65
C GLN W 53 84.19 30.46 -35.58
N ASP W 54 84.60 30.02 -36.76
CA ASP W 54 85.31 30.88 -37.68
C ASP W 54 84.54 30.98 -38.99
N LYS W 55 84.13 32.19 -39.34
CA LYS W 55 83.57 32.44 -40.64
C LYS W 55 84.65 32.39 -41.71
N ARG W 56 84.21 32.38 -42.95
CA ARG W 56 85.10 32.71 -44.04
C ARG W 56 85.28 34.21 -44.05
N GLU W 57 85.91 34.74 -45.09
CA GLU W 57 86.07 36.17 -45.24
C GLU W 57 84.97 36.78 -46.08
N VAL W 58 84.39 36.01 -47.00
CA VAL W 58 83.33 36.54 -47.84
C VAL W 58 82.10 36.85 -47.02
N LEU W 59 81.96 36.22 -45.86
CA LEU W 59 80.70 36.25 -45.12
C LEU W 59 80.73 37.23 -43.97
N SER W 60 81.33 38.40 -44.16
CA SER W 60 81.26 39.43 -43.15
C SER W 60 81.25 40.80 -43.83
N ASN W 61 81.27 41.84 -43.02
CA ASN W 61 81.26 43.20 -43.53
C ASN W 61 82.09 44.08 -42.61
N LYS W 62 82.58 45.16 -43.18
CA LYS W 62 83.54 46.06 -42.56
C LYS W 62 83.26 46.40 -41.10
N PRO W 63 82.02 46.53 -40.65
CA PRO W 63 81.83 46.68 -39.21
C PRO W 63 82.34 45.50 -38.43
N ALA W 64 82.05 44.28 -38.88
CA ALA W 64 82.48 43.11 -38.12
C ALA W 64 83.99 43.01 -38.11
N LYS W 65 84.62 43.16 -39.26
CA LYS W 65 86.07 43.07 -39.32
C LYS W 65 86.76 44.28 -38.74
N GLY W 66 86.02 45.30 -38.35
CA GLY W 66 86.63 46.43 -37.69
C GLY W 66 86.38 46.36 -36.21
N HIS W 67 85.42 45.53 -35.83
CA HIS W 67 85.13 45.31 -34.43
C HIS W 67 85.90 44.13 -33.86
N VAL W 68 86.30 43.20 -34.72
CA VAL W 68 87.11 42.09 -34.28
C VAL W 68 88.58 42.45 -34.26
N ALA W 69 89.04 43.15 -35.30
CA ALA W 69 90.47 43.31 -35.55
C ALA W 69 91.19 44.06 -34.44
N LYS W 70 90.48 44.49 -33.41
CA LYS W 70 91.17 44.96 -32.22
C LYS W 70 91.68 43.81 -31.37
N ALA W 71 91.57 42.57 -31.87
CA ALA W 71 92.17 41.41 -31.24
C ALA W 71 92.82 40.48 -32.25
N ASN W 72 92.79 40.81 -33.54
CA ASN W 72 93.55 40.11 -34.58
C ASN W 72 93.14 38.64 -34.69
N THR W 73 91.92 38.44 -35.17
CA THR W 73 91.40 37.11 -35.42
C THR W 73 90.60 37.11 -36.72
N ALA W 74 90.24 35.93 -37.17
CA ALA W 74 89.25 35.85 -38.23
C ALA W 74 87.87 36.12 -37.66
N PRO W 75 86.99 36.73 -38.45
CA PRO W 75 85.69 37.14 -37.90
C PRO W 75 84.87 35.94 -37.47
N LYS W 76 84.23 36.07 -36.30
CA LYS W 76 83.55 34.96 -35.65
C LYS W 76 82.08 34.91 -36.04
N ARG W 77 81.44 33.79 -35.68
CA ARG W 77 80.03 33.55 -35.95
C ARG W 77 79.15 34.03 -34.80
N PHE W 78 79.40 33.53 -33.61
CA PHE W 78 78.58 33.82 -32.44
C PHE W 78 79.33 34.79 -31.53
N ILE W 79 78.60 35.59 -30.78
CA ILE W 79 79.15 36.52 -29.81
C ILE W 79 78.19 36.59 -28.64
N LYS W 80 78.70 36.36 -27.43
CA LYS W 80 77.87 36.37 -26.24
C LYS W 80 78.58 37.12 -25.13
N GLU W 81 77.96 37.19 -23.96
CA GLU W 81 78.55 37.85 -22.82
C GLU W 81 78.50 36.94 -21.59
N PHE W 82 79.10 37.39 -20.50
CA PHE W 82 79.06 36.65 -19.25
C PHE W 82 79.14 37.65 -18.12
N LYS W 83 78.46 37.35 -17.02
CA LYS W 83 78.39 38.23 -15.87
C LYS W 83 78.84 37.48 -14.64
N ASN W 84 78.97 38.22 -13.54
CA ASN W 84 79.38 37.67 -12.25
C ASN W 84 80.77 37.05 -12.30
N VAL W 85 81.48 37.21 -13.40
CA VAL W 85 82.83 36.67 -13.55
C VAL W 85 83.81 37.65 -12.93
N GLU W 86 84.78 37.13 -12.18
CA GLU W 86 85.77 38.00 -11.58
C GLU W 86 86.60 38.65 -12.68
N LEU W 87 86.38 39.93 -12.92
CA LEU W 87 86.84 40.51 -14.18
C LEU W 87 88.35 40.46 -14.31
N GLY W 88 89.06 41.35 -13.62
CA GLY W 88 90.50 41.26 -13.40
C GLY W 88 91.23 40.56 -14.52
N GLU W 89 92.17 39.70 -14.14
CA GLU W 89 92.21 38.31 -14.57
C GLU W 89 91.96 38.10 -16.06
N TYR W 90 92.07 39.14 -16.89
CA TYR W 90 91.65 38.97 -18.28
C TYR W 90 92.29 40.05 -19.12
N GLU W 91 92.11 39.92 -20.42
CA GLU W 91 92.75 40.78 -21.38
C GLU W 91 91.95 40.71 -22.67
N VAL W 92 92.14 41.71 -23.52
CA VAL W 92 91.53 41.71 -24.84
C VAL W 92 92.37 40.83 -25.75
N GLY W 93 91.75 39.78 -26.28
CA GLY W 93 92.44 38.89 -27.19
C GLY W 93 93.04 37.66 -26.56
N LYS W 94 92.65 37.32 -25.33
CA LYS W 94 93.14 36.10 -24.70
C LYS W 94 92.45 34.90 -25.33
N GLU W 95 92.54 33.75 -24.68
CA GLU W 95 91.80 32.58 -25.12
C GLU W 95 91.19 31.88 -23.93
N ILE W 96 90.23 31.02 -24.21
CA ILE W 96 89.57 30.20 -23.19
C ILE W 96 89.52 28.79 -23.74
N LYS W 97 90.47 27.96 -23.34
CA LYS W 97 90.45 26.57 -23.75
C LYS W 97 89.49 25.78 -22.87
N VAL W 98 89.34 24.49 -23.17
CA VAL W 98 88.49 23.61 -22.40
C VAL W 98 89.07 23.25 -21.04
N ASP W 99 90.22 23.80 -20.67
CA ASP W 99 90.83 23.44 -19.41
C ASP W 99 89.96 23.80 -18.22
N VAL W 100 89.25 24.92 -18.30
CA VAL W 100 88.58 25.47 -17.13
C VAL W 100 87.58 24.53 -16.50
N PHE W 101 87.21 23.44 -17.16
CA PHE W 101 86.18 22.56 -16.63
C PHE W 101 86.73 21.16 -16.40
N GLN W 102 87.83 21.04 -15.66
CA GLN W 102 88.49 19.75 -15.50
C GLN W 102 87.56 18.63 -15.01
N ALA W 103 87.11 18.73 -13.78
CA ALA W 103 86.05 17.88 -13.25
C ALA W 103 85.12 18.75 -12.43
N GLY W 104 84.65 19.85 -13.04
CA GLY W 104 83.79 20.79 -12.34
C GLY W 104 82.58 20.12 -11.74
N ASP W 105 82.02 19.13 -12.44
CA ASP W 105 81.02 18.23 -11.89
C ASP W 105 79.68 18.89 -11.60
N VAL W 106 79.59 20.21 -11.71
CA VAL W 106 78.33 20.90 -11.50
C VAL W 106 78.29 22.04 -12.51
N VAL W 107 77.25 22.06 -13.33
CA VAL W 107 77.28 22.89 -14.53
C VAL W 107 75.86 23.01 -15.05
N ASP W 108 75.58 24.12 -15.73
CA ASP W 108 74.22 24.47 -16.14
C ASP W 108 74.21 24.80 -17.63
N VAL W 109 74.00 23.77 -18.44
CA VAL W 109 73.99 23.96 -19.88
C VAL W 109 72.70 24.66 -20.29
N THR W 110 72.80 25.59 -21.22
CA THR W 110 71.64 26.18 -21.87
C THR W 110 71.70 25.89 -23.36
N GLY W 111 70.79 26.48 -24.10
CA GLY W 111 70.69 26.21 -25.52
C GLY W 111 69.30 26.53 -26.03
N THR W 112 69.08 26.25 -27.30
CA THR W 112 67.79 26.52 -27.94
C THR W 112 67.09 25.21 -28.25
N THR W 113 65.81 25.14 -27.90
CA THR W 113 65.03 23.93 -28.06
C THR W 113 64.91 23.56 -29.52
N LYS W 114 64.29 22.42 -29.79
CA LYS W 114 64.05 22.01 -31.17
C LYS W 114 62.92 22.84 -31.74
N GLY W 115 62.46 22.49 -32.92
CA GLY W 115 61.36 23.19 -33.56
C GLY W 115 60.35 22.20 -34.09
N LYS W 116 59.07 22.50 -33.86
CA LYS W 116 58.03 21.53 -34.16
C LYS W 116 56.83 22.10 -34.91
N GLY W 117 56.92 23.33 -35.42
CA GLY W 117 55.84 23.85 -36.23
C GLY W 117 54.51 24.01 -35.53
N PHE W 118 53.50 24.47 -36.25
CA PHE W 118 52.15 24.61 -35.72
C PHE W 118 51.74 23.32 -35.07
N GLN W 119 51.30 23.37 -33.83
CA GLN W 119 50.96 22.16 -33.12
C GLN W 119 49.63 22.28 -32.40
N GLY W 120 49.03 21.13 -32.17
CA GLY W 120 47.74 21.07 -31.51
C GLY W 120 47.87 21.48 -30.06
N ALA W 121 46.74 21.39 -29.37
CA ALA W 121 46.70 21.76 -27.97
C ALA W 121 46.90 20.58 -27.06
N ILE W 122 47.35 19.46 -27.58
CA ILE W 122 47.69 18.31 -26.77
C ILE W 122 49.18 18.03 -26.79
N LYS W 123 49.82 18.19 -27.92
CA LYS W 123 51.25 18.03 -27.86
C LYS W 123 51.93 19.16 -27.23
N ARG W 124 51.25 20.14 -26.65
CA ARG W 124 51.92 21.22 -25.98
C ARG W 124 51.65 21.29 -24.50
N HIS W 125 50.57 20.69 -24.03
CA HIS W 125 50.21 20.84 -22.63
C HIS W 125 49.79 19.55 -21.95
N GLY W 126 49.77 18.42 -22.64
CA GLY W 126 49.31 17.21 -22.00
C GLY W 126 47.84 17.20 -21.72
N GLN W 127 47.06 18.00 -22.43
CA GLN W 127 45.62 17.99 -22.26
C GLN W 127 45.04 16.71 -22.83
N SER W 128 44.04 16.15 -22.16
CA SER W 128 43.59 14.81 -22.47
C SER W 128 42.40 14.83 -23.41
N ARG W 129 42.40 13.89 -24.34
CA ARG W 129 41.31 13.77 -25.29
C ARG W 129 40.00 13.45 -24.58
N GLY W 130 38.92 13.45 -25.34
CA GLY W 130 37.63 13.08 -24.82
C GLY W 130 37.27 11.69 -25.30
N PRO W 131 36.18 11.11 -24.79
CA PRO W 131 35.90 9.71 -25.09
C PRO W 131 35.78 9.48 -26.59
N MET W 132 36.69 8.67 -27.12
CA MET W 132 36.74 8.42 -28.55
C MET W 132 35.64 7.52 -29.05
N SER W 133 34.77 7.02 -28.19
CA SER W 133 33.63 6.27 -28.65
C SER W 133 32.49 6.49 -27.67
N HIS W 134 31.50 5.61 -27.71
CA HIS W 134 30.23 5.85 -27.01
C HIS W 134 29.51 7.04 -27.63
N GLY W 135 29.62 7.17 -28.93
CA GLY W 135 28.84 8.15 -29.65
C GLY W 135 29.34 9.57 -29.56
N SER W 136 30.46 9.81 -28.89
CA SER W 136 30.88 11.19 -28.73
C SER W 136 31.41 11.75 -30.04
N ARG W 137 31.65 13.05 -30.02
CA ARG W 137 32.25 13.75 -31.14
C ARG W 137 33.25 14.78 -30.65
N TYR W 138 33.95 14.49 -29.56
CA TYR W 138 34.82 15.47 -28.94
C TYR W 138 36.21 14.92 -28.79
N HIS W 139 36.77 14.39 -29.85
CA HIS W 139 38.03 13.69 -29.73
C HIS W 139 39.15 14.59 -29.21
N ARG W 140 39.55 15.61 -29.96
CA ARG W 140 40.89 16.15 -29.78
C ARG W 140 40.91 17.67 -29.69
N ARG W 141 40.09 18.26 -28.82
CA ARG W 141 39.98 19.72 -28.81
C ARG W 141 40.37 20.36 -27.48
N PRO W 142 40.48 21.68 -27.41
CA PRO W 142 41.05 22.31 -26.23
C PRO W 142 40.09 22.63 -25.10
N GLY W 143 38.91 22.02 -25.07
CA GLY W 143 38.02 22.20 -23.95
C GLY W 143 37.09 23.38 -24.09
N SER W 144 36.66 23.98 -22.99
CA SER W 144 35.87 25.19 -23.03
C SER W 144 36.77 26.39 -22.84
N MET W 145 36.19 27.56 -22.96
CA MET W 145 36.97 28.77 -22.86
C MET W 145 36.69 29.56 -21.60
N GLY W 146 35.87 29.04 -20.69
CA GLY W 146 35.65 29.71 -19.43
C GLY W 146 34.18 29.86 -19.06
N PRO W 147 33.89 30.77 -18.15
CA PRO W 147 32.51 30.97 -17.71
C PRO W 147 31.76 31.98 -18.56
N VAL W 148 30.55 32.33 -18.15
CA VAL W 148 29.69 33.23 -18.91
C VAL W 148 29.69 34.64 -18.34
N ALA W 149 29.61 34.75 -17.02
CA ALA W 149 29.49 36.07 -16.39
C ALA W 149 30.42 37.14 -16.93
N PRO W 150 31.70 36.89 -17.19
CA PRO W 150 32.58 38.00 -17.53
C PRO W 150 32.46 38.53 -18.95
N ASN W 151 31.76 37.84 -19.84
CA ASN W 151 31.54 38.37 -21.19
C ASN W 151 32.86 38.68 -21.90
N ARG W 152 33.85 37.83 -21.70
CA ARG W 152 35.15 37.96 -22.35
C ARG W 152 35.88 36.66 -22.10
N VAL W 153 37.07 36.52 -22.65
CA VAL W 153 37.90 35.35 -22.42
C VAL W 153 39.10 35.77 -21.61
N PHE W 154 39.23 35.21 -20.41
CA PHE W 154 40.36 35.46 -19.53
C PHE W 154 41.68 35.30 -20.26
N LYS W 155 42.72 35.95 -19.79
CA LYS W 155 44.03 35.71 -20.36
C LYS W 155 44.49 34.29 -20.02
N ASN W 156 45.51 33.82 -20.73
CA ASN W 156 46.17 32.57 -20.43
C ASN W 156 45.21 31.39 -20.50
N LYS W 157 44.38 31.37 -21.54
CA LYS W 157 43.78 30.14 -22.00
C LYS W 157 44.70 29.62 -23.09
N ARG W 158 45.07 28.36 -23.02
CA ARG W 158 46.12 27.83 -23.87
C ARG W 158 45.54 27.05 -25.03
N LEU W 159 45.99 27.35 -26.24
CA LEU W 159 45.57 26.64 -27.44
C LEU W 159 46.67 26.74 -28.49
N ALA W 160 46.37 26.30 -29.70
CA ALA W 160 47.39 26.02 -30.70
C ALA W 160 48.29 27.21 -30.96
N GLY W 161 49.53 26.91 -31.35
CA GLY W 161 50.56 27.88 -31.67
C GLY W 161 51.96 27.30 -31.60
N ARG W 162 52.86 27.69 -32.50
CA ARG W 162 54.17 27.07 -32.70
C ARG W 162 54.81 26.55 -31.43
N MET W 163 55.31 25.33 -31.48
CA MET W 163 55.92 24.69 -30.33
C MET W 163 57.42 24.62 -30.52
N GLY W 164 58.17 25.09 -29.53
CA GLY W 164 59.60 24.91 -29.50
C GLY W 164 60.36 25.95 -30.28
N GLY W 165 61.55 26.32 -29.80
CA GLY W 165 62.33 27.34 -30.46
C GLY W 165 62.74 28.44 -29.51
N ASP W 166 62.70 28.15 -28.21
CA ASP W 166 63.03 29.11 -27.19
C ASP W 166 63.99 28.45 -26.20
N ARG W 167 64.82 29.28 -25.57
CA ARG W 167 65.93 28.73 -24.82
C ARG W 167 65.49 28.19 -23.47
N VAL W 168 66.31 27.30 -22.91
CA VAL W 168 66.01 26.64 -21.65
C VAL W 168 67.31 26.06 -21.11
N THR W 169 67.47 26.10 -19.79
CA THR W 169 68.67 25.60 -19.15
C THR W 169 68.34 24.47 -18.19
N ILE W 170 69.27 23.54 -18.04
CA ILE W 170 69.19 22.48 -17.05
C ILE W 170 70.26 22.75 -16.02
N GLN W 171 70.09 22.20 -14.82
CA GLN W 171 71.00 22.52 -13.74
C GLN W 171 71.53 21.26 -13.07
N ASN W 172 72.73 21.39 -12.50
CA ASN W 172 73.35 20.35 -11.68
C ASN W 172 73.56 19.07 -12.48
N LEU W 173 74.42 19.17 -13.48
CA LEU W 173 74.91 18.00 -14.20
C LEU W 173 76.40 17.85 -13.96
N GLU W 174 76.90 16.63 -14.13
CA GLU W 174 78.30 16.37 -13.89
C GLU W 174 79.09 16.52 -15.17
N VAL W 175 80.40 16.30 -15.07
CA VAL W 175 81.28 16.26 -16.22
C VAL W 175 82.17 15.03 -16.08
N VAL W 176 82.50 14.40 -17.19
CA VAL W 176 83.12 13.09 -17.19
C VAL W 176 84.55 13.12 -17.74
N LYS W 177 84.80 13.92 -18.77
CA LYS W 177 86.13 13.94 -19.39
C LYS W 177 86.40 15.31 -19.96
N VAL W 178 87.68 15.59 -20.16
CA VAL W 178 88.13 16.80 -20.85
C VAL W 178 89.30 16.44 -21.74
N ASP W 179 89.07 16.28 -23.04
CA ASP W 179 90.12 15.84 -23.97
C ASP W 179 90.68 17.06 -24.67
N VAL W 180 91.56 17.77 -23.96
CA VAL W 180 92.08 19.05 -24.44
C VAL W 180 92.71 18.92 -25.81
N GLU W 181 93.28 17.76 -26.13
CA GLU W 181 93.92 17.60 -27.42
C GLU W 181 92.92 17.67 -28.56
N ARG W 182 91.63 17.51 -28.28
CA ARG W 182 90.60 17.64 -29.30
C ARG W 182 89.51 18.61 -28.92
N ASN W 183 89.57 19.21 -27.73
CA ASN W 183 88.60 20.20 -27.27
C ASN W 183 87.19 19.61 -27.24
N VAL W 184 86.99 18.67 -26.34
CA VAL W 184 85.69 18.01 -26.21
C VAL W 184 85.38 17.83 -24.74
N ILE W 185 84.17 18.19 -24.33
CA ILE W 185 83.69 17.89 -23.00
C ILE W 185 82.70 16.74 -23.11
N LEU W 186 82.50 16.03 -22.01
CA LEU W 186 81.52 14.98 -21.92
C LEU W 186 80.77 15.10 -20.60
N ILE W 187 79.48 15.38 -20.68
CA ILE W 187 78.62 15.59 -19.51
C ILE W 187 77.61 14.46 -19.42
N LYS W 188 77.01 14.33 -18.24
CA LYS W 188 76.00 13.31 -17.99
C LYS W 188 74.62 13.86 -18.31
N GLY W 189 73.86 13.11 -19.09
CA GLY W 189 72.45 13.36 -19.26
C GLY W 189 72.08 13.87 -20.64
N ASN W 190 70.87 14.38 -20.74
CA ASN W 190 70.34 14.91 -21.97
C ASN W 190 70.54 16.41 -21.99
N ILE W 191 70.93 16.93 -23.14
CA ILE W 191 71.17 18.36 -23.31
C ILE W 191 70.31 18.86 -24.46
N PRO W 192 69.74 20.06 -24.39
CA PRO W 192 68.81 20.48 -25.43
C PRO W 192 69.52 21.17 -26.58
N GLY W 193 68.91 21.04 -27.75
CA GLY W 193 69.43 21.63 -28.97
C GLY W 193 69.35 20.64 -30.12
N ALA W 194 69.43 21.16 -31.32
CA ALA W 194 69.58 20.31 -32.49
C ALA W 194 71.06 20.10 -32.78
N LYS W 195 71.37 19.11 -33.60
CA LYS W 195 72.76 18.88 -33.92
C LYS W 195 73.35 20.10 -34.60
N LYS W 196 74.60 20.39 -34.28
CA LYS W 196 75.33 21.53 -34.80
C LYS W 196 74.81 22.86 -34.27
N SER W 197 74.05 22.86 -33.18
CA SER W 197 73.50 24.08 -32.64
C SER W 197 74.56 24.83 -31.86
N LEU W 198 74.14 25.80 -31.06
CA LEU W 198 75.05 26.58 -30.23
C LEU W 198 74.71 26.37 -28.76
N ILE W 199 75.72 26.05 -27.96
CA ILE W 199 75.53 25.68 -26.56
C ILE W 199 76.45 26.51 -25.69
N THR W 200 76.05 26.72 -24.44
CA THR W 200 76.90 27.42 -23.49
C THR W 200 76.86 26.73 -22.14
N ILE W 201 78.01 26.72 -21.46
CA ILE W 201 78.23 25.96 -20.24
C ILE W 201 78.87 26.87 -19.22
N LYS W 202 78.27 27.01 -18.05
CA LYS W 202 78.85 27.81 -16.98
C LYS W 202 78.80 27.03 -15.69
N SER W 203 79.49 27.53 -14.68
CA SER W 203 79.48 26.86 -13.40
C SER W 203 78.11 27.00 -12.74
N ALA W 204 77.85 26.12 -11.78
CA ALA W 204 76.53 26.04 -11.17
C ALA W 204 76.17 27.37 -10.48
N VAL W 205 74.88 27.53 -10.24
CA VAL W 205 74.38 28.74 -9.60
C VAL W 205 73.97 28.42 -8.18
N LYS W 206 73.50 27.20 -7.96
CA LYS W 206 73.04 26.78 -6.64
C LYS W 206 74.15 26.17 -5.82
N ALA W 207 75.40 26.56 -6.05
CA ALA W 207 76.56 26.11 -5.28
C ALA W 207 76.63 24.59 -5.25
N PRO X 1 -35.67 102.45 -68.07
CA PRO X 1 -34.47 102.84 -68.82
C PRO X 1 -34.76 103.12 -70.28
N ASN X 2 -33.80 103.72 -70.99
CA ASN X 2 -33.97 104.03 -72.40
C ASN X 2 -32.69 103.73 -73.16
N VAL X 3 -32.84 103.17 -74.35
CA VAL X 3 -31.71 102.76 -75.18
C VAL X 3 -31.90 103.34 -76.57
N ALA X 4 -30.78 103.63 -77.24
CA ALA X 4 -30.82 104.25 -78.55
C ALA X 4 -31.24 103.23 -79.60
N LEU X 5 -31.19 103.62 -80.88
CA LEU X 5 -31.66 102.78 -81.96
C LEU X 5 -30.88 103.05 -83.24
N PHE X 6 -30.59 101.99 -83.98
CA PHE X 6 -30.03 102.09 -85.32
C PHE X 6 -30.48 100.88 -86.11
N LYS X 7 -30.46 100.98 -87.44
CA LYS X 7 -30.82 99.81 -88.23
C LYS X 7 -29.63 99.02 -88.77
N GLN X 8 -28.96 99.55 -89.78
CA GLN X 8 -27.59 99.15 -90.12
C GLN X 8 -26.73 100.31 -90.57
N ASP X 9 -27.31 101.35 -91.07
CA ASP X 9 -26.74 102.64 -91.37
C ASP X 9 -27.58 103.77 -90.79
N GLY X 10 -28.91 103.65 -90.87
CA GLY X 10 -29.80 104.61 -90.25
C GLY X 10 -29.51 104.64 -88.77
N THR X 11 -28.84 105.70 -88.34
CA THR X 11 -28.17 105.74 -87.06
C THR X 11 -28.84 106.78 -86.18
N GLN X 12 -29.21 106.36 -84.97
CA GLN X 12 -29.83 107.22 -83.97
C GLN X 12 -31.16 107.79 -84.47
N ASN X 13 -32.13 106.89 -84.60
CA ASN X 13 -33.53 107.30 -84.61
C ASN X 13 -33.94 107.57 -83.17
N GLY X 14 -35.25 107.67 -82.94
CA GLY X 14 -35.73 107.74 -81.57
C GLY X 14 -35.32 106.53 -80.75
N GLU X 15 -35.34 106.70 -79.45
CA GLU X 15 -34.88 105.67 -78.53
C GLU X 15 -35.96 104.61 -78.35
N ILE X 16 -35.77 103.75 -77.35
CA ILE X 16 -36.71 102.70 -77.00
C ILE X 16 -36.90 102.74 -75.49
N THR X 17 -38.10 102.38 -75.05
CA THR X 17 -38.43 102.33 -73.64
C THR X 17 -38.52 100.89 -73.17
N LEU X 18 -38.02 100.64 -71.96
CA LEU X 18 -38.08 99.33 -71.34
C LEU X 18 -38.44 99.52 -69.87
N ASN X 19 -39.14 98.54 -69.30
CA ASN X 19 -39.63 98.69 -67.96
C ASN X 19 -38.49 98.61 -66.94
N GLU X 20 -38.75 99.19 -65.77
CA GLU X 20 -37.78 99.16 -64.68
C GLU X 20 -37.97 97.95 -63.79
N GLU X 21 -39.02 97.18 -63.99
CA GLU X 21 -39.23 95.98 -63.20
C GLU X 21 -38.35 94.84 -63.64
N ILE X 22 -37.71 94.93 -64.82
CA ILE X 22 -36.86 93.89 -65.34
C ILE X 22 -35.44 94.39 -65.61
N PHE X 23 -35.31 95.59 -66.16
CA PHE X 23 -34.02 96.07 -66.65
C PHE X 23 -33.47 97.23 -65.82
N GLY X 24 -33.90 97.36 -64.57
CA GLY X 24 -33.40 98.44 -63.74
C GLY X 24 -33.23 98.08 -62.28
N ILE X 25 -32.86 96.83 -61.97
CA ILE X 25 -33.19 96.23 -60.68
C ILE X 25 -32.05 96.27 -59.68
N GLU X 26 -30.92 96.93 -59.99
CA GLU X 26 -29.82 97.03 -59.04
C GLU X 26 -29.40 95.65 -58.55
N PRO X 27 -28.65 94.91 -59.36
CA PRO X 27 -28.61 93.46 -59.22
C PRO X 27 -28.03 93.00 -57.88
N ASN X 28 -28.65 91.97 -57.33
CA ASN X 28 -28.02 91.15 -56.31
C ASN X 28 -26.77 90.49 -56.92
N GLU X 29 -25.87 90.03 -56.05
CA GLU X 29 -24.64 89.45 -56.54
C GLU X 29 -24.51 87.97 -56.23
N SER X 30 -24.67 87.57 -54.97
CA SER X 30 -24.48 86.17 -54.60
C SER X 30 -25.29 85.25 -55.50
N VAL X 31 -26.49 85.69 -55.87
CA VAL X 31 -27.31 84.90 -56.78
C VAL X 31 -26.57 84.65 -58.07
N VAL X 32 -25.92 85.67 -58.61
CA VAL X 32 -25.30 85.54 -59.92
C VAL X 32 -24.15 84.56 -59.84
N TYR X 33 -23.28 84.73 -58.86
CA TYR X 33 -22.20 83.78 -58.65
C TYR X 33 -22.73 82.37 -58.57
N ASP X 34 -23.74 82.15 -57.74
CA ASP X 34 -24.19 80.79 -57.50
C ASP X 34 -24.84 80.20 -58.75
N ALA X 35 -25.62 80.98 -59.47
CA ALA X 35 -26.25 80.46 -60.67
C ALA X 35 -25.22 80.16 -61.75
N ILE X 36 -24.17 80.98 -61.83
CA ILE X 36 -23.10 80.69 -62.77
C ILE X 36 -22.47 79.36 -62.42
N ILE X 37 -22.07 79.19 -61.17
CA ILE X 37 -21.38 77.95 -60.81
C ILE X 37 -22.27 76.75 -61.08
N MET X 38 -23.53 76.83 -60.67
CA MET X 38 -24.42 75.69 -60.89
C MET X 38 -24.58 75.39 -62.37
N GLN X 39 -25.02 76.38 -63.15
CA GLN X 39 -25.21 76.16 -64.58
C GLN X 39 -23.98 75.52 -65.19
N ARG X 40 -22.81 76.11 -64.96
CA ARG X 40 -21.59 75.56 -65.55
C ARG X 40 -21.30 74.17 -65.03
N ALA X 41 -21.40 73.99 -63.72
CA ALA X 41 -21.10 72.70 -63.14
C ALA X 41 -22.21 71.70 -63.33
N SER X 42 -23.15 71.97 -64.22
CA SER X 42 -24.15 71.00 -64.63
C SER X 42 -23.84 70.41 -65.99
N LEU X 43 -22.67 70.73 -66.54
CA LEU X 43 -22.25 70.28 -67.84
C LEU X 43 -21.32 69.07 -67.79
N ARG X 44 -21.08 68.52 -66.61
CA ARG X 44 -20.12 67.43 -66.50
C ARG X 44 -20.65 66.17 -67.16
N GLN X 45 -19.76 65.21 -67.31
CA GLN X 45 -20.13 63.84 -67.64
C GLN X 45 -19.47 62.95 -66.59
N GLY X 46 -20.28 62.32 -65.76
CA GLY X 46 -19.73 61.56 -64.66
C GLY X 46 -19.06 60.28 -65.09
N THR X 47 -18.91 60.05 -66.38
CA THR X 47 -18.43 58.76 -66.86
C THR X 47 -16.97 58.60 -66.51
N HIS X 48 -16.67 57.95 -65.39
CA HIS X 48 -15.32 57.54 -65.05
C HIS X 48 -15.33 56.54 -63.91
N ALA X 49 -14.71 55.37 -64.11
CA ALA X 49 -14.78 54.28 -63.15
C ALA X 49 -13.39 53.70 -62.94
N VAL X 50 -13.32 52.70 -62.07
CA VAL X 50 -12.05 52.07 -61.71
C VAL X 50 -12.31 50.69 -61.13
N LYS X 51 -11.56 49.70 -61.56
CA LYS X 51 -11.75 48.36 -61.05
C LYS X 51 -11.25 48.27 -59.62
N ASN X 52 -11.90 47.41 -58.82
CA ASN X 52 -11.47 47.19 -57.45
C ASN X 52 -11.32 45.70 -57.18
N ARG X 53 -11.02 45.35 -55.92
CA ARG X 53 -10.47 44.04 -55.59
C ARG X 53 -11.27 42.90 -56.18
N SER X 54 -12.59 42.96 -56.11
CA SER X 54 -13.37 41.85 -56.60
C SER X 54 -13.63 41.92 -58.09
N ALA X 55 -13.20 42.99 -58.75
CA ALA X 55 -13.42 43.12 -60.17
C ALA X 55 -12.19 42.78 -61.00
N VAL X 56 -10.99 42.91 -60.44
CA VAL X 56 -9.77 42.57 -61.16
C VAL X 56 -9.77 41.10 -61.50
N ARG X 57 -9.23 40.75 -62.66
CA ARG X 57 -9.23 39.35 -63.07
C ARG X 57 -8.13 38.62 -62.32
N GLY X 58 -8.40 38.36 -61.05
CA GLY X 58 -7.42 37.73 -60.19
C GLY X 58 -7.89 36.40 -59.68
N GLY X 59 -7.46 36.03 -58.49
CA GLY X 59 -7.84 34.76 -57.91
C GLY X 59 -7.91 34.86 -56.41
N GLY X 60 -8.47 33.82 -55.80
CA GLY X 60 -8.63 33.79 -54.37
C GLY X 60 -7.78 32.74 -53.71
N ARG X 61 -6.85 32.17 -54.45
CA ARG X 61 -5.90 31.24 -53.89
C ARG X 61 -4.76 32.04 -53.29
N LYS X 62 -4.49 31.80 -52.01
CA LYS X 62 -3.41 32.46 -51.27
C LYS X 62 -2.10 32.34 -52.03
N PRO X 63 -1.16 33.25 -51.80
CA PRO X 63 0.17 33.04 -52.38
C PRO X 63 0.83 31.79 -51.83
N TRP X 64 0.89 31.64 -50.52
CA TRP X 64 1.52 30.49 -49.88
C TRP X 64 0.96 30.37 -48.46
N ARG X 65 1.59 29.54 -47.64
CA ARG X 65 1.07 29.28 -46.30
C ARG X 65 1.05 30.56 -45.46
N GLN X 66 0.43 30.45 -44.29
CA GLN X 66 0.38 31.54 -43.33
C GLN X 66 1.67 31.64 -42.52
N LYS X 67 2.48 30.59 -42.52
CA LYS X 67 3.66 30.52 -41.67
C LYS X 67 4.80 29.89 -42.48
N GLY X 68 5.83 29.44 -41.79
CA GLY X 68 6.89 28.70 -42.44
C GLY X 68 7.96 29.60 -43.03
N THR X 69 7.63 30.29 -44.11
CA THR X 69 8.60 31.15 -44.80
C THR X 69 9.02 32.36 -43.98
N GLY X 70 8.42 32.58 -42.82
CA GLY X 70 8.75 33.73 -41.99
C GLY X 70 8.32 35.04 -42.60
N ARG X 71 7.79 34.96 -43.82
CA ARG X 71 7.38 36.12 -44.58
C ARG X 71 6.12 36.73 -43.97
N ALA X 72 5.70 37.87 -44.52
CA ALA X 72 4.46 38.48 -44.08
C ALA X 72 3.28 37.71 -44.66
N ARG X 73 2.09 38.05 -44.16
CA ARG X 73 0.89 37.32 -44.51
C ARG X 73 0.17 38.01 -45.67
N GLN X 74 -0.23 37.23 -46.67
CA GLN X 74 -0.87 37.75 -47.86
C GLN X 74 -2.06 36.88 -48.23
N GLY X 75 -3.14 37.52 -48.69
CA GLY X 75 -4.36 36.81 -48.97
C GLY X 75 -4.60 36.56 -50.43
N SER X 76 -4.22 37.52 -51.27
CA SER X 76 -4.52 37.41 -52.69
C SER X 76 -3.45 38.12 -53.50
N ILE X 77 -3.14 37.55 -54.66
CA ILE X 77 -2.26 38.22 -55.61
C ILE X 77 -2.74 39.64 -55.84
N ARG X 78 -4.02 39.79 -56.15
CA ARG X 78 -4.62 41.08 -56.45
C ARG X 78 -5.16 41.69 -55.18
N SER X 79 -4.68 42.85 -54.84
CA SER X 79 -5.00 43.47 -53.58
C SER X 79 -4.34 44.85 -53.59
N PRO X 80 -4.64 45.75 -52.67
CA PRO X 80 -4.23 47.13 -52.89
C PRO X 80 -2.73 47.34 -52.93
N GLN X 81 -1.97 46.68 -52.07
CA GLN X 81 -0.55 47.02 -51.98
C GLN X 81 0.23 46.48 -53.17
N TRP X 82 -0.08 45.26 -53.61
CA TRP X 82 0.65 44.67 -54.72
C TRP X 82 0.61 45.57 -55.94
N ARG X 83 1.68 45.55 -56.72
CA ARG X 83 1.56 46.17 -58.02
C ARG X 83 0.50 45.40 -58.79
N GLY X 84 -0.28 46.12 -59.58
CA GLY X 84 -1.34 45.48 -60.31
C GLY X 84 -2.46 44.96 -59.44
N GLY X 85 -2.87 45.73 -58.43
CA GLY X 85 -4.02 45.38 -57.62
C GLY X 85 -5.11 46.43 -57.74
N GLY X 86 -6.25 46.11 -57.13
CA GLY X 86 -7.36 47.02 -57.16
C GLY X 86 -7.04 48.31 -56.45
N VAL X 87 -7.89 49.30 -56.67
CA VAL X 87 -7.76 50.59 -56.01
C VAL X 87 -8.79 50.64 -54.90
N VAL X 88 -8.48 51.38 -53.85
CA VAL X 88 -9.41 51.63 -52.75
C VAL X 88 -9.95 53.03 -52.92
N PHE X 89 -11.28 53.14 -53.07
CA PHE X 89 -11.97 54.43 -53.10
C PHE X 89 -11.55 55.23 -54.33
N GLY X 90 -11.76 54.63 -55.48
CA GLY X 90 -11.51 55.30 -56.74
C GLY X 90 -12.79 55.95 -57.25
N PRO X 91 -12.68 56.71 -58.33
CA PRO X 91 -13.83 57.48 -58.80
C PRO X 91 -14.84 56.58 -59.49
N THR X 92 -16.11 56.76 -59.15
CA THR X 92 -17.24 56.06 -59.74
C THR X 92 -18.10 57.01 -60.54
N PRO X 93 -18.99 56.51 -61.40
CA PRO X 93 -19.84 57.42 -62.19
C PRO X 93 -20.91 58.06 -61.32
N ARG X 94 -21.05 59.37 -61.44
CA ARG X 94 -21.94 60.16 -60.58
C ARG X 94 -22.67 61.17 -61.45
N SER X 95 -23.27 62.17 -60.81
CA SER X 95 -24.23 63.06 -61.46
C SER X 95 -23.80 64.51 -61.55
N TYR X 96 -23.52 65.16 -60.42
CA TYR X 96 -23.03 66.53 -60.33
C TYR X 96 -24.07 67.62 -60.60
N SER X 97 -25.26 67.27 -61.05
CA SER X 97 -26.25 68.28 -61.43
C SER X 97 -27.28 68.49 -60.31
N TYR X 98 -27.74 69.72 -60.18
CA TYR X 98 -28.67 70.06 -59.11
C TYR X 98 -29.32 71.40 -59.37
N LYS X 99 -30.57 71.55 -58.93
CA LYS X 99 -31.39 72.72 -59.21
C LYS X 99 -31.58 73.59 -57.97
N LEU X 100 -32.11 74.78 -58.20
CA LEU X 100 -32.29 75.83 -57.22
C LEU X 100 -33.75 76.11 -56.97
N PRO X 101 -34.09 76.99 -56.03
CA PRO X 101 -35.47 77.46 -55.93
C PRO X 101 -35.87 78.20 -57.20
N LYS X 102 -37.17 78.20 -57.48
CA LYS X 102 -37.62 78.72 -58.76
C LYS X 102 -37.55 80.23 -58.84
N LYS X 103 -37.47 80.92 -57.71
CA LYS X 103 -37.44 82.37 -57.76
C LYS X 103 -36.06 82.89 -58.12
N VAL X 104 -35.01 82.27 -57.58
CA VAL X 104 -33.69 82.82 -57.74
C VAL X 104 -33.23 82.76 -59.18
N ARG X 105 -33.71 81.78 -59.96
CA ARG X 105 -33.44 81.80 -61.39
C ARG X 105 -33.86 83.13 -62.01
N ARG X 106 -35.10 83.52 -61.74
CA ARG X 106 -35.61 84.75 -62.31
C ARG X 106 -34.84 85.95 -61.78
N LEU X 107 -34.54 85.94 -60.49
CA LEU X 107 -33.75 87.05 -59.97
C LEU X 107 -32.40 87.12 -60.66
N ALA X 108 -31.83 85.98 -61.02
CA ALA X 108 -30.52 85.96 -61.66
C ALA X 108 -30.58 86.57 -63.04
N MET X 109 -31.52 86.12 -63.86
CA MET X 109 -31.65 86.67 -65.21
C MET X 109 -31.90 88.18 -65.16
N LYS X 110 -32.87 88.60 -64.34
CA LYS X 110 -33.13 90.02 -64.21
C LYS X 110 -31.87 90.77 -63.82
N SER X 111 -31.12 90.24 -62.85
CA SER X 111 -29.95 90.95 -62.36
C SER X 111 -28.89 91.07 -63.44
N VAL X 112 -28.70 90.01 -64.22
CA VAL X 112 -27.72 90.05 -65.29
C VAL X 112 -28.06 91.12 -66.29
N LEU X 113 -29.31 91.12 -66.76
CA LEU X 113 -29.67 92.08 -67.81
C LEU X 113 -29.64 93.51 -67.30
N SER X 114 -30.10 93.73 -66.07
CA SER X 114 -30.01 95.07 -65.53
C SER X 114 -28.57 95.52 -65.42
N ASP X 115 -27.68 94.60 -65.07
CA ASP X 115 -26.27 94.96 -64.99
C ASP X 115 -25.74 95.38 -66.35
N LYS X 116 -26.07 94.62 -67.39
CA LYS X 116 -25.53 94.95 -68.70
C LYS X 116 -26.07 96.28 -69.20
N VAL X 117 -27.36 96.54 -68.98
CA VAL X 117 -27.88 97.85 -69.38
C VAL X 117 -27.26 98.95 -68.54
N ALA X 118 -26.89 98.65 -67.30
CA ALA X 118 -26.33 99.67 -66.42
C ALA X 118 -25.07 100.31 -66.98
N GLU X 119 -24.48 99.75 -68.03
CA GLU X 119 -23.28 100.34 -68.64
C GLU X 119 -23.40 100.41 -70.15
N ASN X 120 -24.62 100.61 -70.66
CA ASN X 120 -24.83 100.96 -72.05
C ASN X 120 -24.26 99.90 -73.00
N ASN X 121 -24.54 98.64 -72.72
CA ASN X 121 -24.01 97.56 -73.54
C ASN X 121 -25.05 96.88 -74.40
N LEU X 122 -26.33 96.92 -74.04
CA LEU X 122 -27.36 96.46 -74.94
C LEU X 122 -27.47 97.48 -76.07
N VAL X 123 -27.19 97.04 -77.29
CA VAL X 123 -27.37 97.87 -78.46
C VAL X 123 -28.57 97.34 -79.22
N ALA X 124 -29.63 98.13 -79.27
CA ALA X 124 -30.89 97.71 -79.87
C ALA X 124 -30.87 98.08 -81.34
N VAL X 125 -30.91 97.09 -82.18
CA VAL X 125 -30.96 97.31 -83.62
C VAL X 125 -32.41 97.17 -84.06
N GLU X 126 -32.77 97.92 -85.10
CA GLU X 126 -34.16 97.90 -85.54
C GLU X 126 -34.53 96.55 -86.13
N GLY X 127 -33.91 96.19 -87.24
CA GLY X 127 -34.24 94.93 -87.87
C GLY X 127 -33.17 94.52 -88.86
N LEU X 128 -32.73 93.27 -88.76
CA LEU X 128 -31.67 92.77 -89.62
C LEU X 128 -32.28 91.91 -90.72
N SER X 129 -31.76 92.06 -91.93
CA SER X 129 -32.26 91.27 -93.04
C SER X 129 -31.14 91.01 -94.04
N PHE X 130 -31.12 89.79 -94.56
CA PHE X 130 -30.27 89.45 -95.69
C PHE X 130 -31.05 88.50 -96.57
N ASP X 131 -31.13 88.82 -97.86
CA ASP X 131 -31.74 87.89 -98.81
C ASP X 131 -30.98 86.57 -98.81
N ALA X 132 -29.70 86.61 -99.12
CA ALA X 132 -28.83 85.46 -99.01
C ALA X 132 -27.94 85.60 -97.80
N PRO X 133 -27.49 84.50 -97.22
CA PRO X 133 -26.58 84.58 -96.07
C PRO X 133 -25.15 84.86 -96.48
N LYS X 134 -24.85 86.15 -96.68
CA LYS X 134 -23.51 86.57 -97.07
C LYS X 134 -22.77 86.99 -95.81
N THR X 135 -21.73 86.21 -95.45
CA THR X 135 -21.06 86.44 -94.19
C THR X 135 -20.44 87.81 -94.10
N LYS X 136 -20.01 88.36 -95.24
CA LYS X 136 -19.23 89.59 -95.21
C LYS X 136 -20.05 90.76 -94.69
N GLU X 137 -21.34 90.79 -95.03
CA GLU X 137 -22.15 91.94 -94.64
C GLU X 137 -22.24 92.07 -93.13
N PHE X 138 -22.44 90.95 -92.45
CA PHE X 138 -22.52 90.95 -91.00
C PHE X 138 -21.35 91.71 -90.38
N LYS X 139 -20.14 91.37 -90.82
CA LYS X 139 -18.97 92.11 -90.37
C LYS X 139 -19.16 93.59 -90.59
N GLN X 140 -19.70 93.98 -91.73
CA GLN X 140 -19.91 95.39 -91.96
C GLN X 140 -21.02 95.93 -91.08
N VAL X 141 -22.01 95.10 -90.75
CA VAL X 141 -23.07 95.54 -89.86
C VAL X 141 -22.47 95.95 -88.52
N LEU X 142 -21.55 95.14 -88.00
CA LEU X 142 -20.93 95.52 -86.73
C LEU X 142 -19.95 96.66 -86.90
N ALA X 143 -19.24 96.72 -88.03
CA ALA X 143 -18.31 97.81 -88.26
C ALA X 143 -19.02 99.15 -88.25
N ASN X 144 -20.20 99.22 -88.86
CA ASN X 144 -21.01 100.42 -88.76
C ASN X 144 -21.44 100.67 -87.31
N LEU X 145 -21.83 99.62 -86.62
CA LEU X 145 -22.33 99.73 -85.26
C LEU X 145 -21.22 99.81 -84.23
N SER X 146 -19.96 99.67 -84.64
CA SER X 146 -18.81 99.87 -83.75
C SER X 146 -18.87 98.93 -82.55
N ILE X 147 -19.02 97.64 -82.84
CA ILE X 147 -18.89 96.59 -81.84
C ILE X 147 -17.82 95.65 -82.35
N ASP X 148 -16.67 95.65 -81.69
CA ASP X 148 -15.52 94.84 -82.09
C ASP X 148 -15.18 93.75 -81.09
N THR X 149 -15.43 93.97 -79.81
CA THR X 149 -15.05 93.01 -78.79
C THR X 149 -15.93 91.77 -78.85
N LYS X 150 -15.74 90.89 -77.87
CA LYS X 150 -16.59 89.73 -77.74
C LYS X 150 -18.03 90.16 -77.52
N VAL X 151 -18.95 89.59 -78.30
CA VAL X 151 -20.32 90.05 -78.39
C VAL X 151 -21.26 88.86 -78.38
N LEU X 152 -22.55 89.16 -78.25
CA LEU X 152 -23.61 88.16 -78.27
C LEU X 152 -24.78 88.70 -79.05
N VAL X 153 -25.43 87.82 -79.81
CA VAL X 153 -26.51 88.20 -80.71
C VAL X 153 -27.78 87.46 -80.29
N VAL X 154 -28.88 88.19 -80.17
CA VAL X 154 -30.18 87.61 -79.85
C VAL X 154 -31.12 87.89 -81.01
N LEU X 155 -31.75 86.84 -81.51
CA LEU X 155 -32.67 86.95 -82.63
C LEU X 155 -34.08 86.59 -82.18
N GLU X 156 -35.05 86.92 -83.04
CA GLU X 156 -36.44 86.74 -82.67
C GLU X 156 -36.90 85.30 -82.89
N ASN X 157 -36.98 84.89 -84.15
CA ASN X 157 -37.41 83.55 -84.50
C ASN X 157 -36.77 83.21 -85.83
N GLY X 158 -37.33 82.22 -86.52
CA GLY X 158 -36.68 81.68 -87.69
C GLY X 158 -36.53 82.63 -88.86
N ASN X 159 -35.85 83.75 -88.64
CA ASN X 159 -35.32 84.56 -89.74
C ASN X 159 -33.85 84.18 -89.95
N ASP X 160 -33.67 82.89 -90.25
CA ASP X 160 -32.36 82.25 -90.20
C ASP X 160 -31.32 82.97 -91.03
N PHE X 161 -31.74 83.74 -92.03
CA PHE X 161 -30.78 84.40 -92.89
C PHE X 161 -29.94 85.41 -92.13
N ALA X 162 -30.34 85.71 -90.90
CA ALA X 162 -29.52 86.55 -90.03
C ALA X 162 -28.68 85.75 -89.05
N ALA X 163 -28.90 84.44 -88.93
CA ALA X 163 -28.04 83.59 -88.13
C ALA X 163 -27.02 82.87 -88.97
N LEU X 164 -27.38 82.47 -90.19
CA LEU X 164 -26.45 81.79 -91.08
C LEU X 164 -25.25 82.65 -91.44
N SER X 165 -25.17 83.86 -90.93
CA SER X 165 -23.99 84.69 -91.03
C SER X 165 -23.45 84.99 -89.64
N ALA X 166 -23.44 83.97 -88.79
CA ALA X 166 -22.89 84.09 -87.45
C ALA X 166 -22.05 82.85 -87.14
N ARG X 167 -21.20 82.49 -88.07
CA ARG X 167 -20.14 81.53 -87.86
C ARG X 167 -18.81 82.22 -88.09
N ASN X 168 -18.75 83.43 -87.56
CA ASN X 168 -17.67 84.38 -87.77
C ASN X 168 -16.46 83.94 -86.96
N LEU X 169 -15.48 84.81 -86.86
CA LEU X 169 -14.55 84.69 -85.76
C LEU X 169 -15.39 84.55 -84.51
N PRO X 170 -14.96 83.76 -83.56
CA PRO X 170 -15.83 83.47 -82.41
C PRO X 170 -16.15 84.72 -81.60
N ASN X 171 -15.72 85.88 -82.08
CA ASN X 171 -16.14 87.13 -81.47
C ASN X 171 -17.64 87.24 -81.39
N VAL X 172 -18.38 86.51 -82.22
CA VAL X 172 -19.83 86.51 -82.21
C VAL X 172 -20.30 85.12 -81.87
N SER X 173 -21.55 85.05 -81.40
CA SER X 173 -22.22 83.78 -81.20
C SER X 173 -23.71 84.05 -81.21
N VAL X 174 -24.47 83.14 -81.79
CA VAL X 174 -25.85 83.39 -82.10
C VAL X 174 -26.74 82.55 -81.20
N VAL X 175 -27.95 83.04 -80.97
CA VAL X 175 -28.92 82.35 -80.13
C VAL X 175 -30.28 83.02 -80.32
N THR X 176 -31.35 82.24 -80.28
CA THR X 176 -32.69 82.80 -80.43
C THR X 176 -33.11 83.47 -79.13
N SER X 177 -34.40 83.77 -78.99
CA SER X 177 -34.91 84.46 -77.83
C SER X 177 -35.58 83.51 -76.84
N ASP X 178 -35.48 82.21 -77.06
CA ASP X 178 -36.00 81.24 -76.11
C ASP X 178 -34.90 80.57 -75.30
N ASN X 179 -33.64 80.72 -75.69
CA ASN X 179 -32.54 80.03 -75.04
C ASN X 179 -31.59 80.97 -74.32
N VAL X 180 -31.96 82.23 -74.13
CA VAL X 180 -31.06 83.13 -73.45
C VAL X 180 -30.86 82.62 -72.03
N SER X 181 -29.64 82.20 -71.73
CA SER X 181 -29.30 81.65 -70.43
C SER X 181 -28.44 82.65 -69.66
N VAL X 182 -27.93 82.23 -68.51
CA VAL X 182 -27.11 83.12 -67.71
C VAL X 182 -25.75 83.29 -68.35
N LEU X 183 -25.02 82.18 -68.55
CA LEU X 183 -23.67 82.27 -69.06
C LEU X 183 -23.63 82.99 -70.40
N ASP X 184 -24.49 82.59 -71.33
CA ASP X 184 -24.48 83.12 -72.67
C ASP X 184 -24.77 84.61 -72.69
N VAL X 185 -24.92 85.22 -71.52
CA VAL X 185 -24.91 86.65 -71.41
C VAL X 185 -23.74 87.13 -70.57
N VAL X 186 -23.47 86.48 -69.45
CA VAL X 186 -22.42 86.97 -68.56
C VAL X 186 -21.06 86.83 -69.23
N SER X 187 -20.90 85.84 -70.09
CA SER X 187 -19.59 85.61 -70.67
C SER X 187 -19.18 86.66 -71.68
N ALA X 188 -20.09 87.50 -72.13
CA ALA X 188 -19.82 88.44 -73.20
C ALA X 188 -19.76 89.87 -72.65
N ASN X 189 -19.46 90.81 -73.54
CA ASN X 189 -19.34 92.22 -73.18
C ASN X 189 -20.46 93.06 -73.77
N LYS X 190 -20.61 93.07 -75.09
CA LYS X 190 -21.71 93.77 -75.72
C LYS X 190 -22.72 92.77 -76.20
N VAL X 191 -23.97 93.22 -76.35
CA VAL X 191 -25.04 92.34 -76.79
C VAL X 191 -25.86 93.04 -77.84
N LEU X 192 -26.03 92.39 -78.99
CA LEU X 192 -26.93 92.88 -80.02
C LEU X 192 -28.26 92.14 -79.93
N ALA X 193 -29.33 92.85 -80.23
CA ALA X 193 -30.66 92.27 -80.18
C ALA X 193 -31.62 93.15 -80.96
N THR X 194 -32.41 92.54 -81.83
CA THR X 194 -33.38 93.29 -82.60
C THR X 194 -34.46 93.85 -81.70
N GLN X 195 -35.32 94.67 -82.27
CA GLN X 195 -36.33 95.34 -81.46
C GLN X 195 -37.44 94.38 -81.06
N THR X 196 -37.75 93.42 -81.90
CA THR X 196 -38.79 92.47 -81.54
C THR X 196 -38.30 91.48 -80.50
N ALA X 197 -37.02 91.11 -80.55
CA ALA X 197 -36.48 90.18 -79.57
C ALA X 197 -36.52 90.78 -78.19
N LEU X 198 -36.39 92.10 -78.08
CA LEU X 198 -36.50 92.74 -76.78
C LEU X 198 -37.86 92.50 -76.16
N THR X 199 -38.93 92.76 -76.92
CA THR X 199 -40.27 92.53 -76.37
C THR X 199 -40.48 91.06 -76.07
N GLN X 200 -40.07 90.18 -76.99
CA GLN X 200 -40.23 88.75 -76.74
C GLN X 200 -39.58 88.36 -75.42
N ILE X 201 -38.36 88.82 -75.18
CA ILE X 201 -37.72 88.62 -73.89
C ILE X 201 -38.60 89.16 -72.78
N GLU X 202 -39.14 90.36 -72.98
CA GLU X 202 -39.97 90.96 -71.95
C GLU X 202 -41.31 90.27 -71.80
N GLU X 203 -41.57 89.23 -72.58
CA GLU X 203 -42.76 88.42 -72.37
C GLU X 203 -42.48 87.20 -71.52
N VAL X 204 -41.58 86.32 -71.98
CA VAL X 204 -41.29 85.10 -71.25
C VAL X 204 -40.88 85.43 -69.83
N LEU X 205 -40.14 86.50 -69.65
CA LEU X 205 -39.75 86.93 -68.32
C LEU X 205 -40.87 87.61 -67.57
N ALA X 206 -42.11 87.44 -68.04
CA ALA X 206 -43.28 87.95 -67.36
C ALA X 206 -43.22 89.46 -67.19
N ASN Y 1 -66.59 45.56 66.34
CA ASN Y 1 -66.30 44.29 66.99
C ASN Y 1 -65.72 44.53 68.37
N ARG Y 2 -65.54 43.45 69.13
CA ARG Y 2 -65.03 43.61 70.48
C ARG Y 2 -63.58 44.04 70.50
N LEU Y 3 -62.80 43.66 69.50
CA LEU Y 3 -61.39 44.02 69.51
C LEU Y 3 -61.22 45.53 69.39
N LYS Y 4 -61.83 46.13 68.38
CA LYS Y 4 -61.76 47.58 68.22
C LYS Y 4 -62.10 48.28 69.51
N GLU Y 5 -63.16 47.83 70.19
CA GLU Y 5 -63.48 48.35 71.52
C GLU Y 5 -62.29 48.18 72.45
N LYS Y 6 -61.93 46.93 72.71
CA LYS Y 6 -60.78 46.65 73.57
C LYS Y 6 -59.56 47.41 73.10
N TYR Y 7 -59.38 47.50 71.78
CA TYR Y 7 -58.24 48.23 71.25
C TYR Y 7 -58.22 49.66 71.76
N ILE Y 8 -59.22 50.45 71.38
CA ILE Y 8 -59.18 51.89 71.61
C ILE Y 8 -59.38 52.19 73.10
N LYS Y 9 -59.76 51.19 73.88
CA LYS Y 9 -60.00 51.44 75.28
C LYS Y 9 -58.85 50.98 76.18
N GLU Y 10 -58.03 50.04 75.74
CA GLU Y 10 -56.92 49.58 76.56
C GLU Y 10 -55.56 49.73 75.90
N VAL Y 11 -55.45 49.39 74.61
CA VAL Y 11 -54.14 49.29 73.99
C VAL Y 11 -53.52 50.66 73.85
N THR Y 12 -54.31 51.62 73.38
CA THR Y 12 -53.79 52.96 73.17
C THR Y 12 -53.19 53.58 74.43
N PRO Y 13 -53.88 53.62 75.58
CA PRO Y 13 -53.26 54.25 76.75
C PRO Y 13 -52.04 53.48 77.26
N SER Y 14 -52.11 52.15 77.30
CA SER Y 14 -50.98 51.36 77.77
C SER Y 14 -49.74 51.63 76.94
N LEU Y 15 -49.87 51.55 75.63
CA LEU Y 15 -48.71 51.78 74.76
C LEU Y 15 -48.28 53.22 74.79
N VAL Y 16 -49.21 54.17 74.91
CA VAL Y 16 -48.83 55.56 75.06
C VAL Y 16 -47.97 55.73 76.31
N GLU Y 17 -48.27 54.96 77.35
CA GLU Y 17 -47.41 54.97 78.54
C GLU Y 17 -46.04 54.39 78.24
N LYS Y 18 -46.00 53.12 77.81
CA LYS Y 18 -44.74 52.40 77.77
C LYS Y 18 -43.69 53.03 76.86
N PHE Y 19 -44.05 54.04 76.08
CA PHE Y 19 -43.04 54.71 75.27
C PHE Y 19 -43.15 56.23 75.28
N ASN Y 20 -44.23 56.81 75.81
CA ASN Y 20 -44.36 58.26 75.95
C ASN Y 20 -44.27 58.96 74.60
N TYR Y 21 -45.26 58.71 73.75
CA TYR Y 21 -45.32 59.40 72.48
C TYR Y 21 -45.72 60.85 72.70
N SER Y 22 -45.08 61.76 71.95
CA SER Y 22 -45.48 63.16 72.01
C SER Y 22 -46.90 63.38 71.53
N SER Y 23 -47.42 62.47 70.70
CA SER Y 23 -48.79 62.53 70.23
C SER Y 23 -49.35 61.13 70.10
N VAL Y 24 -50.63 60.98 70.41
CA VAL Y 24 -51.27 59.68 70.30
C VAL Y 24 -51.24 59.18 68.86
N MET Y 25 -51.18 60.10 67.89
CA MET Y 25 -51.04 59.70 66.50
C MET Y 25 -49.89 58.73 66.30
N GLN Y 26 -48.88 58.79 67.17
CA GLN Y 26 -47.66 58.04 66.99
C GLN Y 26 -47.87 56.57 67.29
N THR Y 27 -49.09 56.14 67.36
CA THR Y 27 -49.36 54.79 67.81
C THR Y 27 -48.94 53.76 66.77
N PRO Y 28 -48.46 52.59 67.19
CA PRO Y 28 -48.25 51.47 66.26
C PRO Y 28 -49.53 50.68 66.09
N LYS Y 29 -50.04 50.63 64.86
CA LYS Y 29 -51.32 50.01 64.59
C LYS Y 29 -51.13 48.63 63.99
N VAL Y 30 -52.23 48.04 63.56
CA VAL Y 30 -52.23 46.91 62.63
C VAL Y 30 -52.88 47.40 61.35
N ASP Y 31 -52.24 47.12 60.21
CA ASP Y 31 -52.71 47.66 58.94
C ASP Y 31 -53.53 46.66 58.13
N LYS Y 32 -52.96 45.51 57.84
CA LYS Y 32 -53.61 44.56 56.95
C LYS Y 32 -53.13 43.15 57.29
N ILE Y 33 -53.69 42.18 56.58
CA ILE Y 33 -53.25 40.80 56.66
C ILE Y 33 -53.39 40.19 55.29
N VAL Y 34 -52.35 39.52 54.83
CA VAL Y 34 -52.38 38.81 53.57
C VAL Y 34 -52.19 37.34 53.83
N ILE Y 35 -52.78 36.50 53.00
CA ILE Y 35 -52.73 35.06 53.17
C ILE Y 35 -52.20 34.45 51.88
N ASN Y 36 -51.33 33.44 52.02
CA ASN Y 36 -50.59 32.88 50.91
C ASN Y 36 -50.75 31.37 50.89
N MET Y 37 -51.48 30.87 49.91
CA MET Y 37 -51.67 29.43 49.75
C MET Y 37 -50.96 29.03 48.47
N GLY Y 38 -49.73 28.57 48.59
CA GLY Y 38 -48.97 28.14 47.43
C GLY Y 38 -49.18 26.68 47.08
N VAL Y 39 -49.92 26.41 46.00
CA VAL Y 39 -50.20 25.04 45.62
C VAL Y 39 -48.91 24.34 45.18
N GLY Y 40 -48.15 24.98 44.31
CA GLY Y 40 -46.89 24.42 43.84
C GLY Y 40 -47.03 23.11 43.09
N ASP Y 41 -48.24 22.77 42.67
CA ASP Y 41 -48.49 21.52 41.98
C ASP Y 41 -49.36 21.69 40.75
N ALA Y 42 -49.85 22.89 40.47
CA ALA Y 42 -50.65 23.11 39.27
C ALA Y 42 -49.84 22.77 38.03
N VAL Y 43 -48.56 23.16 38.00
CA VAL Y 43 -47.70 22.79 36.89
C VAL Y 43 -47.71 21.29 36.69
N SER Y 44 -47.74 20.53 37.78
CA SER Y 44 -47.94 19.10 37.67
C SER Y 44 -49.42 18.78 37.46
N ASN Y 45 -50.26 19.15 38.43
CA ASN Y 45 -51.69 18.86 38.36
C ASN Y 45 -52.46 20.14 38.66
N ALA Y 46 -53.08 20.71 37.65
CA ALA Y 46 -53.87 21.92 37.88
C ALA Y 46 -55.17 21.61 38.53
N LYS Y 47 -55.40 20.41 39.05
CA LYS Y 47 -56.65 20.09 39.75
C LYS Y 47 -56.47 20.11 41.26
N ASN Y 48 -55.67 21.05 41.76
CA ASN Y 48 -55.48 21.22 43.19
C ASN Y 48 -55.89 22.59 43.68
N LEU Y 49 -55.57 23.65 42.93
CA LEU Y 49 -56.14 24.96 43.22
C LEU Y 49 -57.65 24.90 43.26
N ASP Y 50 -58.25 24.06 42.40
CA ASP Y 50 -59.69 23.90 42.35
C ASP Y 50 -60.30 23.65 43.71
N LYS Y 51 -59.53 23.15 44.66
CA LYS Y 51 -59.97 22.99 46.02
C LYS Y 51 -59.26 23.91 46.99
N ALA Y 52 -58.03 24.28 46.67
CA ALA Y 52 -57.32 25.24 47.50
C ALA Y 52 -58.10 26.53 47.64
N VAL Y 53 -58.51 27.11 46.51
CA VAL Y 53 -59.28 28.35 46.53
C VAL Y 53 -60.57 28.17 47.31
N GLU Y 54 -61.17 26.98 47.24
CA GLU Y 54 -62.39 26.74 48.01
C GLU Y 54 -62.13 26.79 49.50
N GLU Y 55 -61.17 26.00 49.97
CA GLU Y 55 -60.84 26.01 51.39
C GLU Y 55 -60.51 27.41 51.85
N LEU Y 56 -59.86 28.19 50.98
CA LEU Y 56 -59.60 29.58 51.31
C LEU Y 56 -60.90 30.36 51.49
N ALA Y 57 -61.75 30.35 50.47
CA ALA Y 57 -63.05 31.01 50.58
C ALA Y 57 -63.73 30.67 51.88
N LEU Y 58 -63.51 29.46 52.39
CA LEU Y 58 -64.12 29.09 53.65
C LEU Y 58 -63.38 29.71 54.83
N ILE Y 59 -62.05 29.76 54.78
CA ILE Y 59 -61.30 30.31 55.91
C ILE Y 59 -61.52 31.81 56.01
N THR Y 60 -61.19 32.54 54.95
CA THR Y 60 -61.53 33.95 54.89
C THR Y 60 -62.99 34.10 54.50
N GLY Y 61 -63.40 35.31 54.16
CA GLY Y 61 -64.78 35.52 53.76
C GLY Y 61 -64.93 35.85 52.30
N GLN Y 62 -63.84 35.82 51.56
CA GLN Y 62 -63.84 36.23 50.17
C GLN Y 62 -63.01 35.27 49.34
N LYS Y 63 -63.34 35.17 48.08
CA LYS Y 63 -62.59 34.28 47.20
C LYS Y 63 -61.23 34.88 46.90
N PRO Y 64 -60.16 34.10 46.97
CA PRO Y 64 -58.82 34.64 46.74
C PRO Y 64 -58.60 35.06 45.30
N LEU Y 65 -57.48 35.74 45.08
CA LEU Y 65 -56.97 36.00 43.74
C LEU Y 65 -56.25 34.75 43.25
N ILE Y 66 -55.55 34.84 42.13
CA ILE Y 66 -54.78 33.71 41.61
C ILE Y 66 -53.48 34.26 41.04
N THR Y 67 -52.38 34.00 41.73
CA THR Y 67 -51.11 34.57 41.30
C THR Y 67 -50.54 33.82 40.12
N LYS Y 68 -49.92 34.57 39.21
CA LYS Y 68 -49.37 34.01 37.97
C LYS Y 68 -48.03 33.34 38.22
N ALA Y 69 -47.27 33.10 37.15
CA ALA Y 69 -45.95 32.48 37.25
C ALA Y 69 -44.81 33.49 37.19
N LYS Y 70 -44.92 34.49 36.33
CA LYS Y 70 -43.99 35.63 36.29
C LYS Y 70 -42.63 35.29 35.70
N LYS Y 71 -42.31 34.02 35.55
CA LYS Y 71 -41.00 33.68 34.98
C LYS Y 71 -41.07 32.24 34.46
N SER Y 72 -39.91 31.64 34.21
CA SER Y 72 -39.83 30.29 33.66
C SER Y 72 -38.65 29.57 34.30
N ILE Y 73 -38.89 28.38 34.85
CA ILE Y 73 -37.86 27.57 35.48
C ILE Y 73 -38.05 26.12 35.04
N ALA Y 74 -36.96 25.49 34.61
CA ALA Y 74 -37.06 24.13 34.08
C ALA Y 74 -37.04 23.07 35.17
N GLY Y 75 -36.12 23.17 36.13
CA GLY Y 75 -36.11 22.22 37.23
C GLY Y 75 -37.45 22.14 37.93
N PHE Y 76 -38.14 23.27 38.00
CA PHE Y 76 -39.51 23.31 38.51
C PHE Y 76 -40.53 22.97 37.44
N ARG Y 77 -40.17 23.13 36.16
CA ARG Y 77 -41.10 23.02 35.03
C ARG Y 77 -42.10 24.17 35.03
N LEU Y 78 -41.61 25.37 35.27
CA LEU Y 78 -42.44 26.56 35.34
C LEU Y 78 -42.46 27.27 34.01
N ARG Y 79 -43.66 27.52 33.49
CA ARG Y 79 -43.86 28.44 32.38
C ARG Y 79 -44.66 29.63 32.87
N GLU Y 80 -44.34 30.80 32.32
CA GLU Y 80 -45.07 32.00 32.66
C GLU Y 80 -46.57 31.79 32.42
N GLY Y 81 -47.38 32.62 33.08
CA GLY Y 81 -48.81 32.51 32.98
C GLY Y 81 -49.43 31.37 33.77
N MET Y 82 -48.66 30.35 34.09
CA MET Y 82 -49.21 29.28 34.92
C MET Y 82 -49.53 29.82 36.31
N PRO Y 83 -50.57 29.30 36.94
CA PRO Y 83 -50.86 29.68 38.32
C PRO Y 83 -50.22 28.75 39.33
N ILE Y 84 -49.70 29.33 40.40
CA ILE Y 84 -49.08 28.54 41.46
C ILE Y 84 -49.77 28.88 42.78
N GLY Y 85 -49.97 30.17 43.04
CA GLY Y 85 -50.49 30.59 44.33
C GLY Y 85 -51.72 31.47 44.30
N ALA Y 86 -52.44 31.52 45.42
CA ALA Y 86 -53.70 32.26 45.52
C ALA Y 86 -53.75 32.93 46.88
N LYS Y 87 -54.10 34.20 46.91
CA LYS Y 87 -53.97 35.02 48.12
C LYS Y 87 -55.26 35.79 48.39
N VAL Y 88 -55.35 36.32 49.61
CA VAL Y 88 -56.40 37.23 50.02
C VAL Y 88 -55.77 38.28 50.91
N THR Y 89 -56.29 39.51 50.85
CA THR Y 89 -55.91 40.53 51.81
C THR Y 89 -57.08 40.82 52.74
N LEU Y 90 -56.77 40.99 54.02
CA LEU Y 90 -57.79 41.27 55.02
C LEU Y 90 -57.64 42.72 55.49
N ARG Y 91 -58.76 43.44 55.51
CA ARG Y 91 -58.77 44.81 56.04
C ARG Y 91 -59.95 44.94 57.01
N GLY Y 92 -60.23 46.18 57.40
CA GLY Y 92 -61.43 46.56 58.12
C GLY Y 92 -61.69 45.67 59.30
N GLU Y 93 -62.97 45.50 59.61
CA GLU Y 93 -63.34 44.73 60.79
C GLU Y 93 -62.99 43.26 60.62
N ARG Y 94 -63.04 42.75 59.39
CA ARG Y 94 -62.76 41.34 59.17
C ARG Y 94 -61.36 40.98 59.67
N MET Y 95 -60.41 41.92 59.55
CA MET Y 95 -59.12 41.75 60.22
C MET Y 95 -59.32 41.28 61.64
N TYR Y 96 -60.07 42.05 62.42
CA TYR Y 96 -60.21 41.76 63.83
C TYR Y 96 -61.01 40.50 64.08
N GLU Y 97 -62.04 40.25 63.26
CA GLU Y 97 -62.80 39.03 63.43
C GLU Y 97 -61.89 37.82 63.25
N PHE Y 98 -61.09 37.81 62.19
CA PHE Y 98 -60.25 36.67 61.88
C PHE Y 98 -59.11 36.54 62.89
N LEU Y 99 -58.57 37.65 63.36
CA LEU Y 99 -57.51 37.57 64.36
C LEU Y 99 -58.06 37.07 65.68
N ASP Y 100 -59.28 37.48 66.02
CA ASP Y 100 -59.96 36.90 67.18
C ASP Y 100 -60.08 35.40 67.02
N LYS Y 101 -60.52 34.95 65.84
CA LYS Y 101 -60.56 33.52 65.56
C LYS Y 101 -59.21 32.89 65.84
N LEU Y 102 -58.15 33.44 65.26
CA LEU Y 102 -56.82 32.88 65.45
C LEU Y 102 -56.47 32.74 66.92
N VAL Y 103 -56.51 33.84 67.66
CA VAL Y 103 -56.04 33.83 69.04
C VAL Y 103 -56.92 32.98 69.94
N THR Y 104 -58.21 32.86 69.61
CA THR Y 104 -59.16 32.31 70.57
C THR Y 104 -59.61 30.89 70.27
N VAL Y 105 -59.68 30.48 69.01
CA VAL Y 105 -60.17 29.15 68.65
C VAL Y 105 -59.14 28.41 67.81
N SER Y 106 -58.56 29.11 66.83
CA SER Y 106 -57.75 28.45 65.82
C SER Y 106 -56.46 27.90 66.39
N LEU Y 107 -55.57 28.78 66.84
CA LEU Y 107 -54.27 28.38 67.40
C LEU Y 107 -54.33 27.24 68.41
N PRO Y 108 -55.25 27.23 69.37
CA PRO Y 108 -55.20 26.16 70.38
C PRO Y 108 -55.79 24.85 69.88
N ARG Y 109 -55.91 24.69 68.58
CA ARG Y 109 -56.29 23.42 67.99
C ARG Y 109 -55.11 22.67 67.39
N VAL Y 110 -53.89 23.12 67.68
CA VAL Y 110 -52.68 22.58 67.08
C VAL Y 110 -51.95 21.77 68.11
N ARG Y 111 -51.64 20.51 67.78
CA ARG Y 111 -51.06 19.58 68.74
C ARG Y 111 -49.71 20.09 69.24
N ASP Y 112 -49.32 19.60 70.41
CA ASP Y 112 -47.98 19.82 70.97
C ASP Y 112 -47.58 21.28 70.87
N PHE Y 113 -48.33 22.12 71.57
CA PHE Y 113 -48.20 23.55 71.40
C PHE Y 113 -47.29 24.16 72.46
N HIS Y 114 -46.39 25.03 72.01
CA HIS Y 114 -45.61 25.89 72.87
C HIS Y 114 -45.91 27.36 72.68
N GLY Y 115 -46.57 27.74 71.61
CA GLY Y 115 -46.78 29.12 71.24
C GLY Y 115 -46.19 29.41 69.88
N VAL Y 116 -46.13 30.68 69.55
CA VAL Y 116 -45.54 31.14 68.31
C VAL Y 116 -44.05 31.37 68.53
N SER Y 117 -43.26 31.13 67.48
CA SER Y 117 -41.84 31.44 67.55
C SER Y 117 -41.65 32.90 67.94
N LYS Y 118 -40.67 33.14 68.79
CA LYS Y 118 -40.42 34.49 69.26
C LYS Y 118 -39.70 35.35 68.24
N LYS Y 119 -39.35 34.81 67.08
CA LYS Y 119 -38.47 35.51 66.14
C LYS Y 119 -39.10 35.57 64.76
N ALA Y 120 -39.83 36.65 64.51
CA ALA Y 120 -40.20 37.06 63.17
C ALA Y 120 -40.07 38.57 63.05
N PHE Y 121 -38.98 39.11 63.57
CA PHE Y 121 -38.86 40.55 63.75
C PHE Y 121 -38.83 41.29 62.43
N ASP Y 122 -37.97 40.84 61.50
CA ASP Y 122 -37.60 41.54 60.27
C ASP Y 122 -36.97 42.91 60.53
N GLY Y 123 -36.68 43.24 61.78
CA GLY Y 123 -36.12 44.55 62.08
C GLY Y 123 -37.06 45.69 61.79
N ARG Y 124 -38.27 45.37 61.30
CA ARG Y 124 -39.28 46.37 61.07
C ARG Y 124 -40.67 45.92 61.50
N GLY Y 125 -40.81 44.70 62.00
CA GLY Y 125 -42.03 44.30 62.64
C GLY Y 125 -43.19 44.02 61.72
N ASN Y 126 -43.08 42.97 60.92
CA ASN Y 126 -44.22 42.41 60.19
C ASN Y 126 -44.20 40.91 60.45
N TYR Y 127 -44.75 40.51 61.59
CA TYR Y 127 -44.59 39.12 62.02
C TYR Y 127 -45.44 38.20 61.18
N THR Y 128 -44.89 37.03 60.88
CA THR Y 128 -45.61 35.99 60.18
C THR Y 128 -45.85 34.82 61.12
N LEU Y 129 -46.74 33.93 60.70
CA LEU Y 129 -47.13 32.78 61.50
C LEU Y 129 -47.38 31.64 60.51
N GLY Y 130 -46.32 30.90 60.19
CA GLY Y 130 -46.48 29.76 59.32
C GLY Y 130 -47.41 28.73 59.93
N ILE Y 131 -48.05 27.94 59.07
CA ILE Y 131 -48.93 26.88 59.52
C ILE Y 131 -48.65 25.65 58.66
N LYS Y 132 -48.66 24.48 59.30
CA LYS Y 132 -48.46 23.25 58.55
C LYS Y 132 -49.74 22.79 57.88
N GLU Y 133 -50.75 22.47 58.67
CA GLU Y 133 -51.96 21.87 58.15
C GLU Y 133 -52.97 22.93 57.76
N GLN Y 134 -54.19 22.50 57.46
CA GLN Y 134 -55.32 23.40 57.32
C GLN Y 134 -56.58 22.80 57.93
N LEU Y 135 -56.47 21.69 58.67
CA LEU Y 135 -57.59 21.09 59.37
C LEU Y 135 -57.91 21.80 60.66
N ILE Y 136 -57.26 22.93 60.92
CA ILE Y 136 -57.37 23.58 62.22
C ILE Y 136 -58.75 24.18 62.41
N PHE Y 137 -59.12 25.09 61.53
CA PHE Y 137 -60.28 25.94 61.79
C PHE Y 137 -61.57 25.13 61.69
N PRO Y 138 -62.53 25.36 62.59
CA PRO Y 138 -63.81 24.64 62.51
C PRO Y 138 -64.58 24.88 61.22
N GLU Y 139 -64.14 25.82 60.38
CA GLU Y 139 -64.73 26.02 59.07
C GLU Y 139 -64.35 24.93 58.10
N VAL Y 140 -63.66 23.92 58.61
CA VAL Y 140 -63.09 22.85 57.81
C VAL Y 140 -63.52 21.52 58.43
N ASP Y 141 -63.83 20.55 57.57
CA ASP Y 141 -64.39 19.29 58.02
C ASP Y 141 -63.48 18.12 57.68
N TYR Y 142 -63.74 16.99 58.35
CA TYR Y 142 -62.88 15.82 58.21
C TYR Y 142 -62.94 15.24 56.81
N ASP Y 143 -64.12 14.77 56.41
CA ASP Y 143 -64.27 14.00 55.18
C ASP Y 143 -64.45 14.89 53.96
N LEU Y 144 -64.17 16.18 54.08
CA LEU Y 144 -64.23 17.07 52.94
C LEU Y 144 -62.88 17.61 52.52
N VAL Y 145 -61.91 17.66 53.44
CA VAL Y 145 -60.59 18.22 53.18
C VAL Y 145 -59.62 17.05 53.04
N ASP Y 146 -58.98 16.96 51.89
CA ASP Y 146 -58.16 15.82 51.55
C ASP Y 146 -56.76 16.24 51.13
N LYS Y 147 -56.14 17.12 51.90
CA LYS Y 147 -54.74 17.48 51.70
C LYS Y 147 -54.26 18.23 52.93
N VAL Y 148 -52.96 18.53 52.94
CA VAL Y 148 -52.31 19.10 54.09
C VAL Y 148 -51.60 20.39 53.70
N ARG Y 149 -52.19 21.17 52.81
CA ARG Y 149 -51.60 22.43 52.41
C ARG Y 149 -51.47 23.38 53.61
N GLY Y 150 -50.82 24.51 53.38
CA GLY Y 150 -50.67 25.51 54.42
C GLY Y 150 -50.74 26.92 53.89
N MET Y 151 -50.75 27.90 54.78
CA MET Y 151 -50.74 29.31 54.38
C MET Y 151 -49.55 30.00 55.01
N ASP Y 152 -49.39 31.27 54.67
CA ASP Y 152 -48.33 32.10 55.24
C ASP Y 152 -48.95 33.45 55.59
N ILE Y 153 -49.44 33.57 56.83
CA ILE Y 153 -50.03 34.81 57.30
C ILE Y 153 -48.95 35.87 57.41
N VAL Y 154 -49.19 37.04 56.83
CA VAL Y 154 -48.23 38.13 56.84
C VAL Y 154 -48.92 39.34 57.45
N ILE Y 155 -48.87 39.44 58.76
CA ILE Y 155 -49.47 40.58 59.45
C ILE Y 155 -48.54 41.76 59.33
N VAL Y 156 -49.09 42.96 59.18
CA VAL Y 156 -48.29 44.16 59.09
C VAL Y 156 -48.73 45.13 60.16
N THR Y 157 -47.80 45.96 60.61
CA THR Y 157 -48.12 46.97 61.60
C THR Y 157 -47.63 48.33 61.14
N THR Y 158 -47.70 49.32 62.04
CA THR Y 158 -47.08 50.61 61.81
C THR Y 158 -45.95 50.87 62.79
N ALA Y 159 -45.38 49.82 63.37
CA ALA Y 159 -44.26 49.97 64.27
C ALA Y 159 -42.95 50.00 63.50
N ASN Y 160 -41.93 50.62 64.10
CA ASN Y 160 -40.62 50.71 63.48
C ASN Y 160 -39.63 49.70 64.00
N THR Y 161 -39.61 49.46 65.31
CA THR Y 161 -38.79 48.41 65.90
C THR Y 161 -39.66 47.19 66.16
N ASP Y 162 -39.08 46.21 66.81
CA ASP Y 162 -39.76 44.95 67.01
C ASP Y 162 -40.30 44.77 68.41
N GLU Y 163 -39.74 45.45 69.40
CA GLU Y 163 -40.25 45.32 70.76
C GLU Y 163 -41.62 45.96 70.89
N GLU Y 164 -41.81 47.13 70.28
CA GLU Y 164 -43.12 47.75 70.26
C GLU Y 164 -44.15 46.78 69.71
N SER Y 165 -43.88 46.23 68.52
CA SER Y 165 -44.79 45.28 67.92
C SER Y 165 -45.02 44.08 68.82
N ARG Y 166 -43.97 43.57 69.45
CA ARG Y 166 -44.10 42.39 70.29
C ARG Y 166 -45.05 42.65 71.44
N GLU Y 167 -44.78 43.71 72.20
CA GLU Y 167 -45.60 43.97 73.38
C GLU Y 167 -46.96 44.52 73.01
N LEU Y 168 -47.13 44.97 71.77
CA LEU Y 168 -48.46 45.28 71.27
C LEU Y 168 -49.25 44.01 71.05
N LEU Y 169 -48.73 43.11 70.21
CA LEU Y 169 -49.40 41.85 69.94
C LEU Y 169 -49.66 41.08 71.22
N ALA Y 170 -48.77 41.21 72.21
CA ALA Y 170 -49.04 40.62 73.51
C ALA Y 170 -50.37 41.09 74.04
N GLN Y 171 -50.64 42.38 73.96
CA GLN Y 171 -51.93 42.90 74.40
C GLN Y 171 -53.07 42.37 73.57
N LEU Y 172 -52.80 41.85 72.38
CA LEU Y 172 -53.88 41.42 71.50
C LEU Y 172 -53.76 39.93 71.20
N GLY Y 173 -53.53 39.13 72.22
CA GLY Y 173 -53.39 37.70 72.03
C GLY Y 173 -51.95 37.33 71.76
N MET Y 174 -51.73 36.55 70.71
CA MET Y 174 -50.40 36.06 70.39
C MET Y 174 -49.78 35.32 71.57
N PRO Y 175 -50.22 34.09 71.83
CA PRO Y 175 -49.67 33.32 72.95
C PRO Y 175 -48.24 32.88 72.72
N PHE Y 176 -47.28 33.76 73.00
CA PHE Y 176 -45.87 33.48 72.75
C PHE Y 176 -45.38 32.39 73.70
N GLN Y 177 -44.08 32.14 73.67
CA GLN Y 177 -43.48 31.10 74.49
C GLN Y 177 -42.67 31.68 75.65
N SER Z 1 54.63 65.19 38.59
CA SER Z 1 55.18 63.86 38.40
C SER Z 1 56.09 63.47 39.56
N ARG Z 2 55.54 62.73 40.52
CA ARG Z 2 56.34 62.31 41.67
C ARG Z 2 57.56 61.53 41.25
N ILE Z 3 57.53 60.95 40.06
CA ILE Z 3 58.75 60.35 39.51
C ILE Z 3 59.56 61.37 38.72
N GLY Z 4 58.90 62.36 38.15
CA GLY Z 4 59.60 63.42 37.47
C GLY Z 4 59.86 64.58 38.40
N ASN Z 5 59.95 64.30 39.70
CA ASN Z 5 60.31 65.33 40.66
C ASN Z 5 61.20 64.80 41.76
N LYS Z 6 62.05 63.82 41.46
CA LYS Z 6 63.06 63.37 42.39
C LYS Z 6 64.39 64.04 42.09
N VAL Z 7 65.46 63.53 42.69
CA VAL Z 7 66.77 64.14 42.64
C VAL Z 7 67.68 63.32 41.73
N VAL Z 8 68.73 63.97 41.22
CA VAL Z 8 69.79 63.30 40.50
C VAL Z 8 71.07 63.53 41.29
N VAL Z 9 71.40 62.58 42.17
CA VAL Z 9 72.54 62.72 43.07
C VAL Z 9 73.74 62.06 42.38
N LEU Z 10 74.55 62.87 41.71
CA LEU Z 10 75.68 62.29 40.98
C LEU Z 10 76.65 61.63 41.96
N PRO Z 11 77.32 60.57 41.54
CA PRO Z 11 78.35 59.96 42.39
C PRO Z 11 79.72 60.57 42.17
N ALA Z 12 80.74 59.92 42.70
CA ALA Z 12 82.11 60.36 42.47
C ALA Z 12 82.47 60.20 40.99
N GLY Z 13 83.33 61.11 40.51
CA GLY Z 13 83.87 61.00 39.17
C GLY Z 13 82.81 61.07 38.08
N VAL Z 14 82.21 62.24 37.88
CA VAL Z 14 81.10 62.37 36.96
C VAL Z 14 81.26 63.63 36.12
N GLU Z 15 81.28 63.48 34.81
CA GLU Z 15 81.27 64.60 33.88
C GLU Z 15 80.00 64.50 33.03
N ILE Z 16 79.32 65.62 32.88
CA ILE Z 16 78.08 65.70 32.11
C ILE Z 16 78.14 66.94 31.25
N LYS Z 17 78.00 66.78 29.95
CA LYS Z 17 78.06 67.90 29.03
C LYS Z 17 76.74 68.02 28.28
N GLN Z 18 76.65 69.02 27.42
CA GLN Z 18 75.47 69.20 26.59
C GLN Z 18 75.91 69.73 25.23
N ASP Z 19 75.57 69.01 24.17
CA ASP Z 19 75.85 69.42 22.79
C ASP Z 19 74.61 69.06 21.97
N GLY Z 20 73.79 70.06 21.69
CA GLY Z 20 72.48 69.72 21.18
C GLY Z 20 71.71 68.94 22.24
N ASN Z 21 70.78 68.11 21.78
CA ASN Z 21 70.05 67.25 22.70
C ASN Z 21 70.98 66.28 23.40
N ASN Z 22 72.13 65.99 22.81
CA ASN Z 22 73.02 64.94 23.28
C ASN Z 22 73.63 65.34 24.62
N ILE Z 23 73.10 64.77 25.70
CA ILE Z 23 73.66 64.96 27.03
C ILE Z 23 74.40 63.68 27.36
N THR Z 24 75.72 63.67 27.14
CA THR Z 24 76.51 62.52 27.47
C THR Z 24 76.80 62.47 28.96
N VAL Z 25 77.02 61.26 29.46
CA VAL Z 25 77.39 61.04 30.84
C VAL Z 25 78.65 60.19 30.84
N LYS Z 26 79.72 60.71 31.40
CA LYS Z 26 80.97 59.97 31.50
C LYS Z 26 81.37 59.85 32.95
N GLY Z 27 82.15 58.80 33.25
CA GLY Z 27 82.62 58.56 34.59
C GLY Z 27 83.69 57.49 34.64
N PRO Z 28 83.65 56.66 35.69
CA PRO Z 28 84.68 55.64 35.83
C PRO Z 28 84.66 54.59 34.74
N LYS Z 29 83.48 54.19 34.26
CA LYS Z 29 83.43 53.21 33.19
C LYS Z 29 82.53 53.69 32.06
N GLY Z 30 81.61 54.60 32.37
CA GLY Z 30 80.56 54.98 31.45
C GLY Z 30 80.96 56.10 30.50
N GLU Z 31 80.55 55.95 29.24
CA GLU Z 31 80.70 56.97 28.22
C GLU Z 31 79.43 57.01 27.37
N LEU Z 32 78.28 56.98 28.02
CA LEU Z 32 77.01 56.79 27.33
C LEU Z 32 76.47 58.11 26.79
N THR Z 33 75.70 58.01 25.71
CA THR Z 33 75.03 59.16 25.12
C THR Z 33 73.62 58.74 24.74
N ARG Z 34 72.62 59.37 25.34
CA ARG Z 34 71.22 59.09 25.04
C ARG Z 34 70.60 60.30 24.35
N GLU Z 35 69.31 60.21 24.08
CA GLU Z 35 68.52 61.34 23.60
C GLU Z 35 67.51 61.75 24.66
N PHE Z 36 67.09 63.00 24.59
CA PHE Z 36 66.18 63.57 25.57
C PHE Z 36 65.27 64.56 24.87
N SER Z 37 64.00 64.56 25.26
CA SER Z 37 63.02 65.40 24.60
C SER Z 37 63.39 66.87 24.73
N SER Z 38 62.93 67.67 23.78
CA SER Z 38 63.31 69.08 23.69
C SER Z 38 62.58 69.95 24.68
N ASP Z 39 61.96 69.37 25.70
CA ASP Z 39 61.29 70.15 26.72
C ASP Z 39 61.85 69.78 28.08
N ILE Z 40 63.16 69.85 28.21
CA ILE Z 40 63.87 69.39 29.40
C ILE Z 40 64.83 70.48 29.85
N LYS Z 41 64.64 70.97 31.08
CA LYS Z 41 65.53 71.98 31.65
C LYS Z 41 66.42 71.27 32.66
N MET Z 42 67.67 71.05 32.27
CA MET Z 42 68.61 70.34 33.14
C MET Z 42 68.94 71.18 34.36
N ASN Z 43 69.76 70.61 35.23
CA ASN Z 43 70.10 71.28 36.47
C ASN Z 43 71.60 71.46 36.65
N ILE Z 44 71.98 71.96 37.82
CA ILE Z 44 73.29 72.53 38.10
C ILE Z 44 73.76 71.90 39.40
N GLU Z 45 74.74 72.52 40.05
CA GLU Z 45 75.05 72.14 41.42
C GLU Z 45 75.66 70.76 41.52
N GLY Z 46 76.98 70.66 41.32
CA GLY Z 46 77.70 69.42 41.52
C GLY Z 46 77.20 68.70 42.76
N ASN Z 47 77.53 67.43 42.93
CA ASN Z 47 76.51 66.40 42.77
C ASN Z 47 75.24 66.63 43.58
N GLU Z 48 74.36 67.48 43.03
CA GLU Z 48 72.97 67.64 43.44
C GLU Z 48 72.19 68.13 42.22
N VAL Z 49 71.44 67.24 41.57
CA VAL Z 49 70.75 67.59 40.34
C VAL Z 49 69.29 67.14 40.41
N THR Z 50 68.41 67.90 39.76
CA THR Z 50 67.01 67.53 39.59
C THR Z 50 66.63 67.78 38.14
N PHE Z 51 65.32 67.81 37.83
CA PHE Z 51 64.85 68.10 36.48
C PHE Z 51 63.62 68.99 36.53
N THR Z 52 63.84 70.30 36.53
CA THR Z 52 62.75 71.22 36.20
C THR Z 52 62.46 71.13 34.72
N ARG Z 53 61.19 71.22 34.38
CA ARG Z 53 60.82 71.15 32.97
C ARG Z 53 59.62 72.05 32.75
N PRO Z 54 59.48 72.61 31.57
CA PRO Z 54 58.23 73.30 31.25
C PRO Z 54 57.12 72.27 31.13
N ASN Z 55 56.27 72.18 32.14
CA ASN Z 55 55.28 71.13 32.15
C ASN Z 55 54.18 71.51 31.15
N ASP Z 56 53.05 70.81 31.22
CA ASP Z 56 52.16 70.58 30.08
C ASP Z 56 52.83 69.63 29.08
N SER Z 57 53.34 68.51 29.59
CA SER Z 57 53.85 67.44 28.74
C SER Z 57 52.66 66.76 28.06
N LYS Z 58 52.91 65.67 27.33
CA LYS Z 58 51.93 65.06 26.45
C LYS Z 58 50.53 65.06 27.03
N GLU Z 59 50.37 64.51 28.23
CA GLU Z 59 49.14 64.70 28.99
C GLU Z 59 49.40 65.43 30.29
N MET Z 60 50.35 66.36 30.28
CA MET Z 60 50.83 67.12 31.45
C MET Z 60 51.71 66.30 32.39
N LYS Z 61 51.90 64.99 32.13
CA LYS Z 61 52.63 64.19 33.11
C LYS Z 61 53.47 63.05 32.54
N THR Z 62 53.66 62.91 31.24
CA THR Z 62 54.25 61.67 30.75
C THR Z 62 55.77 61.73 30.63
N ILE Z 63 56.29 62.64 29.81
CA ILE Z 63 57.71 62.61 29.46
C ILE Z 63 58.59 62.67 30.70
N HIS Z 64 58.13 63.38 31.74
CA HIS Z 64 58.94 63.54 32.94
C HIS Z 64 59.44 62.20 33.44
N GLY Z 65 58.54 61.24 33.57
CA GLY Z 65 58.91 60.00 34.22
C GLY Z 65 59.99 59.26 33.47
N THR Z 66 59.76 58.99 32.19
CA THR Z 66 60.77 58.31 31.40
C THR Z 66 62.08 59.07 31.40
N THR Z 67 62.04 60.39 31.30
CA THR Z 67 63.29 61.14 31.19
C THR Z 67 64.11 61.04 32.46
N ARG Z 68 63.50 61.28 33.62
CA ARG Z 68 64.26 61.24 34.86
C ARG Z 68 64.68 59.82 35.19
N ALA Z 69 63.82 58.84 34.91
CA ALA Z 69 64.22 57.46 35.14
C ALA Z 69 65.42 57.10 34.29
N ASN Z 70 65.43 57.54 33.02
CA ASN Z 70 66.52 57.17 32.15
C ASN Z 70 67.83 57.86 32.55
N PHE Z 71 67.75 59.11 33.00
CA PHE Z 71 68.99 59.75 33.45
C PHE Z 71 69.53 59.10 34.71
N ASN Z 72 68.65 58.74 35.66
CA ASN Z 72 69.10 57.99 36.81
C ASN Z 72 69.68 56.64 36.41
N ASN Z 73 69.13 56.03 35.37
CA ASN Z 73 69.72 54.81 34.84
C ASN Z 73 71.14 55.07 34.36
N MET Z 74 71.33 56.14 33.59
CA MET Z 74 72.68 56.50 33.15
C MET Z 74 73.62 56.59 34.34
N VAL Z 75 73.21 57.32 35.37
CA VAL Z 75 74.08 57.54 36.51
C VAL Z 75 74.45 56.23 37.17
N VAL Z 76 73.44 55.42 37.52
CA VAL Z 76 73.73 54.18 38.23
C VAL Z 76 74.60 53.27 37.38
N GLY Z 77 74.41 53.28 36.06
CA GLY Z 77 75.20 52.41 35.21
C GLY Z 77 76.66 52.82 35.16
N VAL Z 78 76.91 54.11 34.97
CA VAL Z 78 78.29 54.58 34.92
C VAL Z 78 78.99 54.35 36.24
N SER Z 79 78.24 54.37 37.35
CA SER Z 79 78.85 54.17 38.66
C SER Z 79 79.34 52.74 38.83
N GLU Z 80 78.43 51.78 38.80
CA GLU Z 80 78.80 50.39 38.97
C GLU Z 80 78.46 49.51 37.77
N GLY Z 81 77.19 49.48 37.37
CA GLY Z 81 76.72 48.50 36.42
C GLY Z 81 75.80 47.49 37.07
N PHE Z 82 75.27 46.59 36.26
CA PHE Z 82 74.15 45.75 36.68
C PHE Z 82 74.49 44.27 36.56
N GLN Z 83 73.53 43.46 36.95
CA GLN Z 83 73.63 42.01 36.89
C GLN Z 83 72.27 41.42 36.51
N LYS Z 84 72.30 40.21 35.96
CA LYS Z 84 71.13 39.35 35.90
C LYS Z 84 71.60 37.93 36.10
N ALA Z 85 71.18 37.30 37.19
CA ALA Z 85 71.68 36.00 37.57
C ALA Z 85 70.72 34.90 37.14
N LEU Z 86 71.28 33.80 36.65
CA LEU Z 86 70.50 32.68 36.14
C LEU Z 86 70.91 31.41 36.87
N GLU Z 87 69.95 30.52 37.04
CA GLU Z 87 70.20 29.22 37.62
C GLU Z 87 70.07 28.17 36.52
N LEU Z 88 70.10 26.91 36.91
CA LEU Z 88 69.94 25.84 35.92
C LEU Z 88 69.65 24.54 36.64
N ILE Z 89 68.52 23.94 36.33
CA ILE Z 89 68.18 22.61 36.81
C ILE Z 89 67.95 21.78 35.55
N GLY Z 90 67.49 20.54 35.68
CA GLY Z 90 67.43 19.73 34.48
C GLY Z 90 68.63 18.82 34.31
N VAL Z 91 68.80 17.87 35.22
CA VAL Z 91 70.04 17.12 35.44
C VAL Z 91 70.77 16.80 34.15
N GLY Z 92 72.03 17.18 34.08
CA GLY Z 92 72.83 17.04 32.89
C GLY Z 92 73.07 18.32 32.11
N TYR Z 93 72.85 19.49 32.70
CA TYR Z 93 72.99 20.74 31.99
C TYR Z 93 74.21 21.49 32.51
N ARG Z 94 75.02 21.97 31.58
CA ARG Z 94 76.27 22.64 31.92
C ARG Z 94 76.45 23.83 31.00
N ALA Z 95 77.46 24.64 31.30
CA ALA Z 95 77.75 25.83 30.53
C ALA Z 95 79.19 26.22 30.77
N GLN Z 96 79.92 26.49 29.69
CA GLN Z 96 81.33 26.83 29.78
C GLN Z 96 81.60 27.96 28.82
N VAL Z 97 82.57 28.81 29.17
CA VAL Z 97 82.79 30.04 28.44
C VAL Z 97 84.28 30.31 28.33
N GLN Z 98 84.71 30.71 27.13
CA GLN Z 98 86.07 31.19 26.89
C GLN Z 98 85.93 32.51 26.14
N GLY Z 99 85.76 33.59 26.89
CA GLY Z 99 85.59 34.89 26.27
C GLY Z 99 84.17 35.13 25.80
N ASN Z 100 83.99 35.27 24.49
CA ASN Z 100 82.69 35.63 23.90
C ASN Z 100 82.01 34.43 23.28
N LYS Z 101 82.10 33.28 23.92
CA LYS Z 101 81.34 32.10 23.54
C LYS Z 101 80.74 31.48 24.79
N LEU Z 102 79.47 31.07 24.68
CA LEU Z 102 78.79 30.38 25.77
C LEU Z 102 78.17 29.12 25.18
N THR Z 103 78.85 27.99 25.33
CA THR Z 103 78.24 26.73 24.96
C THR Z 103 77.18 26.36 25.98
N LEU Z 104 76.17 25.63 25.54
CA LEU Z 104 75.10 25.21 26.42
C LEU Z 104 74.69 23.79 26.08
N ASN Z 105 74.56 22.95 27.11
CA ASN Z 105 74.11 21.56 26.97
C ASN Z 105 72.81 21.42 27.74
N VAL Z 106 71.70 21.53 27.04
CA VAL Z 106 70.39 21.48 27.69
C VAL Z 106 69.48 20.50 27.00
N GLY Z 107 70.05 19.40 26.49
CA GLY Z 107 69.27 18.28 26.05
C GLY Z 107 69.13 18.14 24.55
N TYR Z 108 69.37 19.20 23.80
CA TYR Z 108 69.35 19.08 22.36
C TYR Z 108 70.44 18.11 21.92
N SER Z 109 70.36 17.70 20.66
CA SER Z 109 71.42 16.89 20.10
C SER Z 109 72.73 17.65 20.07
N HIS Z 110 72.71 18.92 19.68
CA HIS Z 110 73.93 19.66 19.45
C HIS Z 110 74.00 20.88 20.36
N PRO Z 111 75.17 21.18 20.91
CA PRO Z 111 75.27 22.23 21.93
C PRO Z 111 75.10 23.61 21.33
N VAL Z 112 74.32 24.43 22.02
CA VAL Z 112 73.98 25.76 21.56
C VAL Z 112 75.00 26.75 22.10
N GLU Z 113 75.47 27.64 21.23
CA GLU Z 113 76.41 28.68 21.62
C GLU Z 113 75.68 30.00 21.80
N MET Z 114 76.47 31.05 22.02
CA MET Z 114 75.95 32.41 22.12
C MET Z 114 77.14 33.36 21.99
N THR Z 115 77.02 34.32 21.09
CA THR Z 115 78.08 35.32 20.92
C THR Z 115 77.95 36.37 22.01
N ALA Z 116 78.62 37.51 21.84
CA ALA Z 116 78.47 38.61 22.77
C ALA Z 116 78.95 39.92 22.18
N PRO Z 117 78.21 40.99 22.35
CA PRO Z 117 78.73 42.31 21.96
C PRO Z 117 79.79 42.78 22.93
N GLU Z 118 80.26 44.01 22.79
CA GLU Z 118 81.42 44.46 23.53
C GLU Z 118 81.09 44.78 24.98
N GLY Z 119 80.13 45.68 25.20
CA GLY Z 119 79.89 46.20 26.53
C GLY Z 119 79.44 45.19 27.57
N VAL Z 120 79.46 43.90 27.23
CA VAL Z 120 78.98 42.86 28.14
C VAL Z 120 79.98 41.72 28.18
N THR Z 121 80.04 41.04 29.33
CA THR Z 121 80.81 39.82 29.53
C THR Z 121 79.97 38.83 30.33
N PHE Z 122 80.52 37.65 30.54
CA PHE Z 122 79.84 36.61 31.32
C PHE Z 122 80.81 36.04 32.33
N GLU Z 123 80.31 35.79 33.54
CA GLU Z 123 81.15 35.38 34.66
C GLU Z 123 80.57 34.09 35.22
N VAL Z 124 81.08 32.96 34.74
CA VAL Z 124 80.50 31.65 34.99
C VAL Z 124 81.17 31.08 36.25
N PRO Z 125 80.49 31.03 37.39
CA PRO Z 125 81.07 30.39 38.56
C PRO Z 125 81.20 28.89 38.40
N ALA Z 126 80.13 28.23 38.00
CA ALA Z 126 80.11 26.78 37.96
C ALA Z 126 79.26 26.33 36.77
N ASN Z 127 78.84 25.08 36.78
CA ASN Z 127 78.02 24.56 35.70
C ASN Z 127 76.54 24.87 35.87
N THR Z 128 76.15 25.57 36.93
CA THR Z 128 74.75 25.80 37.21
C THR Z 128 74.39 27.25 37.44
N GLN Z 129 75.32 28.18 37.26
CA GLN Z 129 75.01 29.59 37.38
C GLN Z 129 75.71 30.38 36.30
N VAL Z 130 75.04 31.41 35.82
CA VAL Z 130 75.64 32.41 34.95
C VAL Z 130 75.38 33.76 35.61
N ILE Z 131 76.18 34.75 35.23
CA ILE Z 131 75.96 36.11 35.69
C ILE Z 131 76.36 37.07 34.57
N VAL Z 132 75.43 37.87 34.12
CA VAL Z 132 75.68 38.89 33.10
C VAL Z 132 76.03 40.19 33.80
N LYS Z 133 77.02 40.91 33.29
CA LYS Z 133 77.35 42.23 33.79
C LYS Z 133 77.64 43.15 32.62
N GLY Z 134 77.28 44.42 32.79
CA GLY Z 134 77.49 45.37 31.73
C GLY Z 134 77.21 46.77 32.21
N ILE Z 135 76.98 47.67 31.26
CA ILE Z 135 76.69 49.05 31.59
C ILE Z 135 75.20 49.31 31.49
N ASN Z 136 74.62 49.19 30.31
CA ASN Z 136 73.23 49.54 30.13
C ASN Z 136 72.32 48.53 30.81
N LYS Z 137 71.14 49.02 31.17
CA LYS Z 137 70.12 48.12 31.70
C LYS Z 137 69.44 47.36 30.58
N GLU Z 138 69.14 48.07 29.49
CA GLU Z 138 68.50 47.45 28.35
C GLU Z 138 69.28 46.27 27.83
N VAL Z 139 70.59 46.45 27.61
CA VAL Z 139 71.36 45.44 26.93
C VAL Z 139 71.54 44.22 27.81
N VAL Z 140 71.85 44.44 29.08
CA VAL Z 140 71.88 43.34 30.04
C VAL Z 140 70.57 42.56 29.95
N GLY Z 141 69.45 43.28 30.01
CA GLY Z 141 68.16 42.60 29.99
C GLY Z 141 67.95 41.80 28.72
N GLU Z 142 68.32 42.38 27.58
CA GLU Z 142 68.07 41.70 26.32
C GLU Z 142 68.89 40.42 26.24
N LEU Z 143 70.15 40.48 26.65
CA LEU Z 143 70.97 39.28 26.55
C LEU Z 143 70.48 38.21 27.53
N ALA Z 144 70.08 38.62 28.73
CA ALA Z 144 69.52 37.65 29.65
C ALA Z 144 68.26 37.02 29.08
N ALA Z 145 67.44 37.82 28.40
CA ALA Z 145 66.25 37.29 27.75
C ALA Z 145 66.62 36.25 26.72
N ASN Z 146 67.46 36.65 25.75
CA ASN Z 146 67.89 35.72 24.72
C ASN Z 146 68.42 34.43 25.31
N ILE Z 147 69.11 34.51 26.44
CA ILE Z 147 69.65 33.30 27.02
C ILE Z 147 68.54 32.44 27.61
N ARG Z 148 67.63 33.05 28.37
CA ARG Z 148 66.52 32.25 28.88
C ARG Z 148 65.65 31.72 27.75
N GLY Z 149 65.58 32.47 26.65
CA GLY Z 149 64.77 32.06 25.51
C GLY Z 149 65.16 30.74 24.89
N VAL Z 150 66.30 30.17 25.27
CA VAL Z 150 66.73 28.93 24.67
C VAL Z 150 65.92 27.77 25.21
N ARG Z 151 65.60 27.81 26.50
CA ARG Z 151 64.72 26.79 27.09
C ARG Z 151 64.11 27.31 28.37
N PRO Z 152 62.98 28.01 28.30
CA PRO Z 152 62.27 28.41 29.50
C PRO Z 152 61.79 27.19 30.27
N PRO Z 153 61.46 27.33 31.55
CA PRO Z 153 61.20 26.16 32.38
C PRO Z 153 59.95 25.39 32.00
N GLU Z 154 59.63 24.36 32.77
CA GLU Z 154 58.44 23.58 32.55
C GLU Z 154 57.77 23.34 33.90
N PRO Z 155 56.46 23.44 33.95
CA PRO Z 155 55.77 23.45 35.24
C PRO Z 155 55.49 22.07 35.79
N TYR Z 156 56.16 21.03 35.31
CA TYR Z 156 55.88 19.69 35.81
C TYR Z 156 56.97 19.17 36.74
N LYS Z 157 58.22 19.18 36.31
CA LYS Z 157 59.33 18.77 37.16
C LYS Z 157 60.24 19.91 37.55
N GLY Z 158 60.40 20.91 36.68
CA GLY Z 158 61.15 22.10 37.03
C GLY Z 158 62.37 22.34 36.19
N LYS Z 159 62.47 21.68 35.05
CA LYS Z 159 63.66 21.79 34.21
C LYS Z 159 63.72 23.19 33.60
N GLY Z 160 64.69 23.39 32.71
CA GLY Z 160 64.82 24.67 32.04
C GLY Z 160 65.66 25.66 32.81
N ILE Z 161 65.68 26.88 32.32
CA ILE Z 161 66.46 27.96 32.90
C ILE Z 161 65.53 28.88 33.67
N ARG Z 162 65.98 29.37 34.81
CA ARG Z 162 65.24 30.35 35.58
C ARG Z 162 66.10 31.55 35.88
N TYR Z 163 65.46 32.64 36.27
CA TYR Z 163 66.15 33.66 37.03
C TYR Z 163 66.34 33.12 38.44
N VAL Z 164 66.95 33.92 39.31
CA VAL Z 164 67.13 33.47 40.68
C VAL Z 164 65.83 33.59 41.46
N GLY Z 165 65.31 34.80 41.58
CA GLY Z 165 64.12 35.03 42.37
C GLY Z 165 62.85 34.84 41.58
N GLU Z 166 62.95 34.28 40.38
CA GLU Z 166 61.76 34.04 39.59
C GLU Z 166 60.99 32.87 40.17
N PHE Z 167 59.67 32.97 40.12
CA PHE Z 167 58.78 31.95 40.64
C PHE Z 167 58.18 31.18 39.48
N VAL Z 168 57.91 29.89 39.68
CA VAL Z 168 57.35 29.03 38.66
C VAL Z 168 56.36 28.09 39.30
N ARG Z 169 55.12 28.12 38.82
CA ARG Z 169 54.11 27.22 39.35
C ARG Z 169 54.35 25.81 38.85
N ARG Z 170 53.82 24.84 39.61
CA ARG Z 170 54.05 23.43 39.31
C ARG Z 170 52.72 22.70 39.31
N LYS Z 171 52.33 22.20 38.16
CA LYS Z 171 51.10 21.44 38.00
C LYS Z 171 51.41 19.98 38.25
N GLU Z 172 51.00 19.47 39.41
CA GLU Z 172 51.38 18.13 39.83
C GLU Z 172 50.62 17.10 39.01
N GLY Z 173 51.11 16.87 37.79
CA GLY Z 173 50.47 15.93 36.89
C GLY Z 173 50.82 14.49 37.24
N LYS Z 174 49.79 13.63 37.21
CA LYS Z 174 49.96 12.26 37.64
C LYS Z 174 50.91 11.52 36.71
N THR Z 175 51.31 10.33 37.15
CA THR Z 175 52.37 9.55 36.51
C THR Z 175 51.81 8.45 35.62
N GLY Z 176 51.02 8.80 34.62
CA GLY Z 176 50.48 7.80 33.72
C GLY Z 176 48.98 7.62 33.82
N MET AA 1 30.85 85.64 -33.22
CA MET AA 1 32.24 86.05 -33.13
C MET AA 1 32.38 87.49 -32.64
N ARG AA 2 33.30 87.71 -31.71
CA ARG AA 2 33.75 89.05 -31.38
C ARG AA 2 35.18 88.94 -30.87
N THR AA 3 35.64 89.96 -30.19
CA THR AA 3 37.05 90.08 -29.83
C THR AA 3 37.28 89.52 -28.44
N THR AA 4 38.00 88.41 -28.37
CA THR AA 4 38.50 87.90 -27.10
C THR AA 4 39.83 87.23 -27.39
N TYR AA 5 40.78 87.40 -26.49
CA TYR AA 5 42.15 86.98 -26.76
C TYR AA 5 42.26 85.46 -26.79
N MET AA 6 42.74 84.91 -27.89
CA MET AA 6 42.92 83.47 -28.05
C MET AA 6 44.38 83.22 -28.37
N ALA AA 7 45.12 82.67 -27.41
CA ALA AA 7 46.55 82.50 -27.58
C ALA AA 7 46.85 81.60 -28.77
N LYS AA 8 47.89 81.95 -29.51
CA LYS AA 8 48.36 81.10 -30.60
C LYS AA 8 49.25 80.01 -30.01
N ALA AA 9 49.98 79.30 -30.87
CA ALA AA 9 50.81 78.21 -30.38
C ALA AA 9 52.11 78.70 -29.78
N GLY AA 10 52.92 79.40 -30.56
CA GLY AA 10 54.27 79.73 -30.15
C GLY AA 10 54.46 81.03 -29.41
N GLU AA 11 53.48 81.93 -29.45
CA GLU AA 11 53.68 83.24 -28.83
C GLU AA 11 53.88 83.12 -27.32
N VAL AA 12 53.46 82.00 -26.74
CA VAL AA 12 53.53 81.85 -25.29
C VAL AA 12 54.95 81.46 -24.90
N GLU AA 13 55.51 82.17 -23.93
CA GLU AA 13 56.84 81.89 -23.45
C GLU AA 13 56.79 81.16 -22.12
N ARG AA 14 57.53 80.08 -22.00
CA ARG AA 14 57.56 79.28 -20.78
C ARG AA 14 58.80 79.63 -19.96
N LYS AA 15 58.71 79.41 -18.66
CA LYS AA 15 59.81 79.71 -17.76
C LYS AA 15 60.26 78.41 -17.09
N TRP AA 16 61.13 78.54 -16.10
CA TRP AA 16 61.58 77.38 -15.34
C TRP AA 16 61.60 77.73 -13.87
N TYR AA 17 61.06 76.83 -13.05
CA TYR AA 17 60.97 77.05 -11.61
C TYR AA 17 61.51 75.84 -10.88
N VAL AA 18 61.96 76.08 -9.65
CA VAL AA 18 62.48 75.03 -8.79
C VAL AA 18 61.75 75.09 -7.46
N VAL AA 19 61.18 73.96 -7.06
CA VAL AA 19 60.36 73.89 -5.86
C VAL AA 19 60.92 72.84 -4.93
N ASP AA 20 61.01 73.15 -3.65
CA ASP AA 20 61.46 72.19 -2.66
C ASP AA 20 60.29 71.40 -2.13
N ALA AA 21 60.60 70.34 -1.41
CA ALA AA 21 59.57 69.48 -0.84
C ALA AA 21 59.95 69.04 0.55
N THR AA 22 60.67 69.88 1.28
CA THR AA 22 61.19 69.53 2.59
C THR AA 22 60.09 69.73 3.62
N ASP AA 23 59.59 68.62 4.17
CA ASP AA 23 58.55 68.65 5.18
C ASP AA 23 57.31 69.39 4.70
N VAL AA 24 56.68 68.83 3.67
CA VAL AA 24 55.42 69.33 3.18
C VAL AA 24 54.54 68.11 2.94
N PRO AA 25 53.27 68.14 3.33
CA PRO AA 25 52.40 66.99 3.04
C PRO AA 25 52.25 66.81 1.55
N LEU AA 26 52.08 65.55 1.15
CA LEU AA 26 52.09 65.22 -0.27
C LEU AA 26 51.01 65.99 -1.02
N GLY AA 27 49.80 66.04 -0.46
CA GLY AA 27 48.68 66.62 -1.20
C GLY AA 27 48.96 68.03 -1.66
N ARG AA 28 49.28 68.93 -0.73
CA ARG AA 28 49.29 70.36 -1.05
C ARG AA 28 50.43 70.74 -1.97
N LEU AA 29 51.60 70.14 -1.78
CA LEU AA 29 52.69 70.34 -2.72
C LEU AA 29 52.22 70.00 -4.12
N SER AA 30 51.66 68.82 -4.27
CA SER AA 30 51.16 68.39 -5.57
C SER AA 30 50.12 69.35 -6.11
N ALA AA 31 49.26 69.87 -5.23
CA ALA AA 31 48.19 70.75 -5.70
C ALA AA 31 48.76 72.03 -6.29
N VAL AA 32 49.61 72.72 -5.52
CA VAL AA 32 50.24 73.93 -6.05
C VAL AA 32 50.95 73.63 -7.35
N VAL AA 33 51.74 72.55 -7.37
CA VAL AA 33 52.48 72.22 -8.57
C VAL AA 33 51.54 72.06 -9.74
N ALA AA 34 50.48 71.27 -9.57
CA ALA AA 34 49.58 70.97 -10.66
C ALA AA 34 48.89 72.24 -11.16
N SER AA 35 48.61 73.16 -10.26
CA SER AA 35 48.01 74.40 -10.71
C SER AA 35 49.00 75.19 -11.55
N VAL AA 36 50.25 75.22 -11.14
CA VAL AA 36 51.25 75.97 -11.90
C VAL AA 36 51.40 75.41 -13.30
N LEU AA 37 51.34 74.09 -13.42
CA LEU AA 37 51.69 73.46 -14.68
C LEU AA 37 50.65 73.73 -15.75
N ARG AA 38 49.37 73.64 -15.41
CA ARG AA 38 48.34 73.70 -16.44
C ARG AA 38 48.32 75.03 -17.17
N GLY AA 39 49.04 76.03 -16.68
CA GLY AA 39 49.05 77.32 -17.31
C GLY AA 39 48.30 78.39 -16.57
N LYS AA 40 47.67 78.09 -15.45
CA LYS AA 40 47.02 79.14 -14.69
C LYS AA 40 48.06 80.10 -14.12
N ASN AA 41 47.56 81.13 -13.46
CA ASN AA 41 48.38 82.21 -12.90
C ASN AA 41 48.94 83.08 -14.02
N LYS AA 42 48.77 82.64 -15.25
CA LYS AA 42 49.08 83.47 -16.39
C LYS AA 42 47.78 83.99 -16.95
N PRO AA 43 47.50 85.29 -16.88
CA PRO AA 43 46.25 85.80 -17.46
C PRO AA 43 46.09 85.50 -18.93
N THR AA 44 47.10 84.95 -19.59
CA THR AA 44 46.98 84.52 -20.99
C THR AA 44 46.44 83.11 -21.11
N PHE AA 45 45.87 82.58 -20.03
CA PHE AA 45 45.22 81.28 -20.04
C PHE AA 45 44.40 81.10 -21.31
N THR AA 46 44.51 79.91 -21.91
CA THR AA 46 43.63 79.50 -22.97
C THR AA 46 43.41 78.01 -22.83
N PRO AA 47 42.18 77.56 -22.90
CA PRO AA 47 41.88 76.20 -22.45
C PRO AA 47 42.08 75.13 -23.51
N HIS AA 48 42.81 75.42 -24.57
CA HIS AA 48 43.24 74.37 -25.48
C HIS AA 48 44.66 74.55 -25.96
N VAL AA 49 45.29 75.64 -25.62
CA VAL AA 49 46.70 75.88 -25.91
C VAL AA 49 47.51 75.61 -24.65
N ASP AA 50 48.69 75.02 -24.83
CA ASP AA 50 49.50 74.55 -23.71
C ASP AA 50 50.48 75.63 -23.28
N THR AA 51 49.98 76.55 -22.46
CA THR AA 51 50.75 77.69 -21.97
C THR AA 51 51.49 77.40 -20.68
N GLY AA 52 51.77 76.15 -20.37
CA GLY AA 52 52.30 75.81 -19.07
C GLY AA 52 53.73 76.27 -18.87
N ASP AA 53 54.26 75.87 -17.73
CA ASP AA 53 55.65 76.15 -17.35
C ASP AA 53 56.38 74.82 -17.16
N PHE AA 54 57.60 74.89 -16.65
CA PHE AA 54 58.38 73.71 -16.35
C PHE AA 54 58.71 73.68 -14.88
N VAL AA 55 58.41 72.57 -14.23
CA VAL AA 55 58.60 72.44 -12.79
C VAL AA 55 59.70 71.44 -12.52
N ILE AA 56 60.49 71.69 -11.49
CA ILE AA 56 61.58 70.81 -11.08
C ILE AA 56 61.52 70.67 -9.57
N VAL AA 57 61.37 69.46 -9.07
CA VAL AA 57 61.12 69.19 -7.67
C VAL AA 57 62.34 68.53 -7.04
N ILE AA 58 62.74 69.03 -5.89
CA ILE AA 58 63.97 68.65 -5.21
C ILE AA 58 63.64 68.01 -3.87
N ASN AA 59 64.50 67.11 -3.43
CA ASN AA 59 64.36 66.48 -2.13
C ASN AA 59 63.06 65.67 -2.05
N ALA AA 60 62.82 64.90 -3.06
CA ALA AA 60 61.60 64.12 -3.00
C ALA AA 60 61.67 62.99 -2.03
N ASP AA 61 62.67 62.91 -1.17
CA ASP AA 61 62.67 61.93 -0.10
C ASP AA 61 62.13 62.48 1.19
N LYS AA 62 62.31 63.78 1.42
CA LYS AA 62 61.92 64.40 2.68
C LYS AA 62 60.48 64.90 2.66
N VAL AA 63 59.66 64.37 1.77
CA VAL AA 63 58.27 64.78 1.73
C VAL AA 63 57.56 64.14 2.93
N LYS AA 64 56.57 64.84 3.45
CA LYS AA 64 55.93 64.48 4.71
C LYS AA 64 54.60 63.78 4.49
N LEU AA 65 54.35 62.73 5.27
CA LEU AA 65 53.05 62.08 5.30
C LEU AA 65 52.51 62.15 6.72
N THR AA 66 51.35 62.79 6.87
CA THR AA 66 50.83 63.15 8.18
C THR AA 66 50.14 61.98 8.84
N GLY AA 67 50.39 61.79 10.13
CA GLY AA 67 49.81 60.66 10.84
C GLY AA 67 50.32 59.37 10.24
N LYS AA 68 49.45 58.38 10.14
CA LYS AA 68 49.79 57.21 9.34
C LYS AA 68 49.58 57.62 7.90
N LYS AA 69 49.54 56.66 6.98
CA LYS AA 69 49.90 56.78 5.57
C LYS AA 69 51.38 56.57 5.39
N ALA AA 70 52.15 56.46 6.46
CA ALA AA 70 53.49 55.93 6.31
C ALA AA 70 53.43 54.45 6.01
N THR AA 71 52.39 53.78 6.51
CA THR AA 71 52.24 52.34 6.35
C THR AA 71 50.81 51.96 6.00
N ASP AA 72 50.00 52.89 5.52
CA ASP AA 72 48.62 52.54 5.22
C ASP AA 72 48.17 52.97 3.83
N LYS AA 73 48.69 54.06 3.30
CA LYS AA 73 48.21 54.45 1.98
C LYS AA 73 48.74 53.47 0.96
N ILE AA 74 48.00 52.40 0.72
CA ILE AA 74 48.46 51.29 -0.09
C ILE AA 74 48.14 51.55 -1.54
N TYR AA 75 49.16 51.71 -2.37
CA TYR AA 75 48.93 51.82 -3.80
C TYR AA 75 48.54 50.46 -4.37
N TYR AA 76 48.31 50.40 -5.67
CA TYR AA 76 47.84 49.17 -6.29
C TYR AA 76 48.26 49.13 -7.75
N ARG AA 77 47.99 47.99 -8.37
CA ARG AA 77 48.14 47.81 -9.80
C ARG AA 77 47.39 46.53 -10.16
N HIS AA 78 47.29 46.28 -11.46
CA HIS AA 78 46.75 45.01 -11.88
C HIS AA 78 47.28 44.69 -13.26
N SER AA 79 47.60 43.42 -13.48
CA SER AA 79 48.32 43.01 -14.66
C SER AA 79 47.43 42.45 -15.74
N MET AA 80 46.12 42.59 -15.61
CA MET AA 80 45.16 42.10 -16.59
C MET AA 80 45.23 40.60 -16.76
N TYR AA 81 45.65 39.88 -15.75
CA TYR AA 81 45.64 38.43 -15.72
C TYR AA 81 44.81 37.97 -14.53
N PRO AA 82 44.38 36.72 -14.50
CA PRO AA 82 43.71 36.22 -13.31
C PRO AA 82 44.64 36.34 -12.12
N GLY AA 83 44.05 36.69 -10.99
CA GLY AA 83 44.78 36.87 -9.75
C GLY AA 83 46.03 37.69 -9.91
N GLY AA 84 45.92 38.86 -10.51
CA GLY AA 84 47.10 39.63 -10.77
C GLY AA 84 47.22 40.82 -9.86
N LEU AA 85 46.24 41.00 -8.99
CA LEU AA 85 46.17 42.21 -8.18
C LEU AA 85 47.39 42.30 -7.27
N LYS AA 86 48.35 43.14 -7.65
CA LYS AA 86 49.60 43.29 -6.91
C LYS AA 86 49.58 44.64 -6.22
N SER AA 87 49.30 44.65 -4.93
CA SER AA 87 49.26 45.87 -4.13
C SER AA 87 50.61 46.26 -3.59
N VAL AA 88 51.66 45.84 -4.28
CA VAL AA 88 53.00 45.73 -3.73
C VAL AA 88 53.32 46.89 -2.81
N THR AA 89 53.14 48.10 -3.27
CA THR AA 89 53.77 49.21 -2.59
C THR AA 89 52.98 49.61 -1.35
N ALA AA 90 53.51 50.61 -0.66
CA ALA AA 90 52.92 51.24 0.51
C ALA AA 90 53.44 52.66 0.52
N GLY AA 91 53.44 53.30 1.69
CA GLY AA 91 54.17 54.53 1.85
C GLY AA 91 55.66 54.29 2.01
N GLU AA 92 56.15 53.19 1.45
CA GLU AA 92 57.58 52.89 1.49
C GLU AA 92 58.32 53.49 0.30
N LEU AA 93 57.62 53.79 -0.78
CA LEU AA 93 58.26 54.39 -1.94
C LEU AA 93 58.99 55.66 -1.61
N ARG AA 94 58.75 56.26 -0.45
CA ARG AA 94 59.58 57.37 -0.03
C ARG AA 94 61.04 56.97 -0.05
N ASP AA 95 61.36 55.79 0.49
CA ASP AA 95 62.72 55.28 0.40
C ASP AA 95 63.15 55.10 -1.05
N LYS AA 96 62.51 54.16 -1.73
CA LYS AA 96 62.93 53.68 -3.03
C LYS AA 96 62.00 54.20 -4.11
N ASN AA 97 62.57 54.63 -5.23
CA ASN AA 97 61.80 55.08 -6.38
C ASN AA 97 60.94 56.29 -6.01
N SER AA 98 61.47 57.13 -5.13
CA SER AA 98 60.70 58.27 -4.65
C SER AA 98 60.23 59.16 -5.78
N ARG AA 99 60.74 58.99 -6.99
CA ARG AA 99 60.15 59.67 -8.12
C ARG AA 99 58.76 59.16 -8.41
N ARG AA 100 58.52 57.87 -8.18
CA ARG AA 100 57.21 57.30 -8.49
C ARG AA 100 56.11 58.03 -7.72
N LEU AA 101 56.38 58.40 -6.48
CA LEU AA 101 55.34 59.01 -5.65
C LEU AA 101 54.72 60.21 -6.33
N ILE AA 102 55.49 61.28 -6.51
CA ILE AA 102 54.89 62.46 -7.09
C ILE AA 102 54.48 62.21 -8.53
N GLU AA 103 55.18 61.35 -9.20
CA GLU AA 103 54.76 61.07 -10.55
C GLU AA 103 53.53 60.23 -10.61
N THR AA 104 52.81 59.94 -9.54
CA THR AA 104 51.41 59.54 -9.62
C THR AA 104 50.53 60.56 -8.93
N SER AA 105 50.91 60.97 -7.72
CA SER AA 105 50.11 61.91 -6.96
C SER AA 105 49.96 63.25 -7.66
N VAL AA 106 50.56 63.41 -8.84
CA VAL AA 106 50.25 64.53 -9.70
C VAL AA 106 49.63 64.07 -11.03
N LYS AA 107 50.14 62.98 -11.59
CA LYS AA 107 49.57 62.50 -12.84
C LYS AA 107 48.16 61.98 -12.62
N GLY AA 108 47.65 62.17 -11.42
CA GLY AA 108 46.23 61.99 -11.17
C GLY AA 108 45.48 63.29 -11.31
N MET AA 109 45.99 64.34 -10.68
CA MET AA 109 45.23 65.57 -10.55
C MET AA 109 45.21 66.42 -11.81
N LEU AA 110 45.53 65.85 -12.96
CA LEU AA 110 45.47 66.54 -14.23
C LEU AA 110 44.32 66.03 -15.07
N PRO AA 111 44.02 66.66 -16.20
CA PRO AA 111 43.02 66.10 -17.11
C PRO AA 111 43.46 64.76 -17.67
N LYS AA 112 42.67 64.18 -18.58
CA LYS AA 112 42.92 62.80 -18.97
C LYS AA 112 43.03 62.64 -20.48
N ASN AA 113 43.42 63.68 -21.19
CA ASN AA 113 43.55 63.62 -22.64
C ASN AA 113 44.95 64.00 -23.05
N THR AA 114 45.17 64.12 -24.37
CA THR AA 114 46.51 64.40 -24.88
C THR AA 114 47.07 65.66 -24.26
N LEU AA 115 46.29 66.73 -24.28
CA LEU AA 115 46.70 67.95 -23.57
C LEU AA 115 47.09 67.64 -22.15
N GLY AA 116 46.31 66.80 -21.49
CA GLY AA 116 46.65 66.39 -20.16
C GLY AA 116 47.76 65.37 -20.07
N ARG AA 117 48.43 65.07 -21.18
CA ARG AA 117 49.63 64.26 -21.15
C ARG AA 117 50.84 65.07 -21.56
N LYS AA 118 50.81 65.68 -22.74
CA LYS AA 118 51.88 66.61 -23.09
C LYS AA 118 51.99 67.72 -22.06
N GLN AA 119 50.99 67.90 -21.21
CA GLN AA 119 51.13 68.80 -20.10
C GLN AA 119 51.74 68.14 -18.90
N PHE AA 120 52.11 66.88 -19.01
CA PHE AA 120 52.74 66.17 -17.90
C PHE AA 120 54.23 65.98 -18.11
N THR AA 121 54.69 65.86 -19.35
CA THR AA 121 56.12 65.67 -19.55
C THR AA 121 56.94 66.90 -19.23
N LYS AA 122 56.34 68.01 -18.81
CA LYS AA 122 57.12 69.13 -18.32
C LYS AA 122 57.52 68.95 -16.86
N LEU AA 123 57.26 67.79 -16.29
CA LEU AA 123 57.63 67.52 -14.92
C LEU AA 123 59.04 66.94 -14.87
N ASN AA 124 59.79 67.32 -13.84
CA ASN AA 124 61.10 66.74 -13.58
C ASN AA 124 61.25 66.67 -12.08
N VAL AA 125 61.30 65.47 -11.53
CA VAL AA 125 61.32 65.28 -10.08
C VAL AA 125 62.58 64.54 -9.67
N TYR AA 126 63.26 65.05 -8.65
CA TYR AA 126 64.53 64.51 -8.20
C TYR AA 126 64.48 64.25 -6.71
N GLY AA 127 64.66 62.99 -6.31
CA GLY AA 127 64.75 62.71 -4.90
C GLY AA 127 65.94 63.33 -4.23
N GLY AA 128 66.95 63.72 -5.02
CA GLY AA 128 68.21 64.17 -4.46
C GLY AA 128 68.17 65.58 -3.91
N ALA AA 129 69.23 66.34 -4.13
CA ALA AA 129 69.31 67.69 -3.60
C ALA AA 129 69.78 68.70 -4.63
N GLU AA 130 70.10 68.29 -5.85
CA GLU AA 130 70.51 69.23 -6.88
C GLU AA 130 70.22 68.63 -8.25
N HIS AA 131 69.84 69.49 -9.17
CA HIS AA 131 69.38 69.09 -10.49
C HIS AA 131 70.48 69.28 -11.51
N PRO AA 132 70.40 68.57 -12.65
CA PRO AA 132 71.37 68.80 -13.73
C PRO AA 132 71.00 69.91 -14.68
N HIS AA 133 69.85 70.55 -14.50
CA HIS AA 133 69.30 71.42 -15.53
C HIS AA 133 69.76 72.85 -15.41
N ALA AA 134 70.95 73.09 -14.85
CA ALA AA 134 71.45 74.46 -14.82
C ALA AA 134 71.67 75.01 -16.22
N ALA AA 135 71.52 74.19 -17.25
CA ALA AA 135 71.62 74.66 -18.62
C ALA AA 135 70.53 75.65 -18.99
N GLN AA 136 69.53 75.83 -18.14
CA GLN AA 136 68.37 76.62 -18.51
C GLN AA 136 67.98 77.63 -17.45
N GLN AA 137 68.77 77.79 -16.41
CA GLN AA 137 68.64 78.88 -15.45
C GLN AA 137 67.27 78.91 -14.80
N PRO AA 138 66.92 77.93 -13.99
CA PRO AA 138 65.64 77.95 -13.32
C PRO AA 138 65.69 78.83 -12.09
N GLU AA 139 64.53 79.37 -11.72
CA GLU AA 139 64.37 80.23 -10.56
C GLU AA 139 63.71 79.45 -9.44
N VAL AA 140 63.33 80.14 -8.37
CA VAL AA 140 62.78 79.50 -7.19
C VAL AA 140 61.39 80.04 -6.93
N LEU AA 141 60.51 79.15 -6.47
CA LEU AA 141 59.21 79.51 -5.93
C LEU AA 141 59.21 79.29 -4.43
N ASP AA 142 58.29 79.96 -3.75
CA ASP AA 142 58.09 79.79 -2.34
C ASP AA 142 56.72 79.17 -2.10
N ILE AA 143 56.48 78.72 -0.88
CA ILE AA 143 55.18 78.15 -0.58
C ILE AA 143 54.63 78.70 0.72
N THR AA 144 53.75 79.68 0.59
CA THR AA 144 52.74 80.01 1.58
C THR AA 144 51.36 79.75 1.01
N ASN AA 145 51.26 78.74 0.14
CA ASN AA 145 50.03 78.37 -0.52
C ASN AA 145 49.52 77.04 0.02
N MET BA 1 55.03 -2.88 -14.83
CA MET BA 1 53.73 -2.39 -15.22
C MET BA 1 52.66 -3.36 -14.80
N ILE BA 2 52.25 -3.31 -13.54
CA ILE BA 2 51.16 -4.13 -13.04
C ILE BA 2 50.26 -3.24 -12.20
N GLN BA 3 49.00 -3.10 -12.60
CA GLN BA 3 48.08 -2.15 -11.97
C GLN BA 3 46.81 -2.82 -11.52
N GLN BA 4 45.82 -2.01 -11.15
CA GLN BA 4 44.54 -2.54 -10.70
C GLN BA 4 43.94 -3.49 -11.72
N GLU BA 5 43.11 -4.39 -11.23
CA GLU BA 5 42.34 -5.30 -12.08
C GLU BA 5 43.23 -6.19 -12.93
N SER BA 6 44.44 -6.48 -12.48
CA SER BA 6 45.34 -7.35 -13.22
C SER BA 6 45.57 -8.63 -12.44
N ARG BA 7 45.94 -9.68 -13.16
CA ARG BA 7 45.97 -11.03 -12.60
C ARG BA 7 47.40 -11.54 -12.51
N LEU BA 8 47.85 -11.77 -11.29
CA LEU BA 8 49.15 -12.35 -11.01
C LEU BA 8 49.03 -13.87 -11.06
N ARG BA 9 50.03 -14.56 -10.52
CA ARG BA 9 49.94 -15.98 -10.26
C ARG BA 9 50.60 -16.27 -8.93
N VAL BA 10 50.12 -17.29 -8.26
CA VAL BA 10 50.71 -17.70 -7.00
C VAL BA 10 51.88 -18.61 -7.31
N ALA BA 11 53.05 -18.26 -6.77
CA ALA BA 11 54.25 -19.07 -6.93
C ALA BA 11 54.64 -19.66 -5.59
N ASP BA 12 53.65 -20.18 -4.87
CA ASP BA 12 53.86 -20.61 -3.51
C ASP BA 12 53.10 -21.90 -3.27
N ASN BA 13 53.42 -22.55 -2.17
CA ASN BA 13 52.64 -23.67 -1.66
C ASN BA 13 51.76 -23.21 -0.51
N SER BA 14 50.81 -22.34 -0.82
CA SER BA 14 49.93 -21.79 0.21
C SER BA 14 48.47 -22.15 0.00
N GLY BA 15 48.05 -22.44 -1.22
CA GLY BA 15 46.69 -22.85 -1.49
C GLY BA 15 45.96 -22.02 -2.50
N ALA BA 16 46.51 -20.90 -2.94
CA ALA BA 16 45.89 -20.05 -3.95
C ALA BA 16 46.56 -20.27 -5.29
N ARG BA 17 45.83 -19.99 -6.37
CA ARG BA 17 46.37 -20.18 -7.71
C ARG BA 17 46.41 -18.88 -8.50
N GLU BA 18 45.30 -18.19 -8.66
CA GLU BA 18 45.28 -16.89 -9.32
C GLU BA 18 45.07 -15.80 -8.29
N ILE BA 19 45.01 -14.57 -8.77
CA ILE BA 19 44.87 -13.42 -7.89
C ILE BA 19 44.54 -12.22 -8.75
N LEU BA 20 43.88 -11.21 -8.18
CA LEU BA 20 43.51 -10.00 -8.90
C LEU BA 20 43.80 -8.80 -8.02
N THR BA 21 44.67 -7.92 -8.48
CA THR BA 21 45.18 -6.87 -7.59
C THR BA 21 44.05 -5.95 -7.15
N ILE BA 22 44.34 -5.15 -6.14
CA ILE BA 22 43.40 -4.16 -5.65
C ILE BA 22 44.08 -2.82 -5.59
N LYS BA 23 45.23 -2.76 -4.93
CA LYS BA 23 45.94 -1.51 -4.79
C LYS BA 23 47.44 -1.73 -4.93
N VAL BA 24 48.17 -0.63 -4.92
CA VAL BA 24 49.60 -0.59 -5.20
C VAL BA 24 50.36 0.12 -4.09
N LEU BA 25 50.02 -0.19 -2.83
CA LEU BA 25 50.35 0.58 -1.64
C LEU BA 25 51.67 1.32 -1.70
N GLY BA 26 51.68 2.55 -1.23
CA GLY BA 26 52.89 3.34 -1.22
C GLY BA 26 52.78 4.44 -2.25
N GLY BA 27 52.42 5.63 -1.81
CA GLY BA 27 52.11 6.74 -2.68
C GLY BA 27 50.69 7.23 -2.43
N SER BA 28 50.33 8.27 -3.18
CA SER BA 28 49.03 8.89 -3.03
C SER BA 28 48.34 8.91 -4.38
N GLY BA 29 48.27 7.76 -5.03
CA GLY BA 29 47.69 7.70 -6.35
C GLY BA 29 48.61 7.05 -7.36
N ARG BA 30 49.50 6.18 -6.90
CA ARG BA 30 50.36 5.49 -7.83
C ARG BA 30 49.55 4.61 -8.75
N LYS BA 31 50.11 4.32 -9.92
CA LYS BA 31 49.43 3.54 -10.93
C LYS BA 31 49.94 2.11 -10.99
N THR BA 32 51.25 1.93 -11.13
CA THR BA 32 51.88 0.67 -11.51
C THR BA 32 52.63 0.06 -10.34
N ALA BA 33 53.37 -1.01 -10.64
CA ALA BA 33 54.21 -1.68 -9.66
C ALA BA 33 55.15 -2.64 -10.38
N ASN BA 34 56.40 -2.68 -9.94
CA ASN BA 34 57.44 -3.46 -10.59
C ASN BA 34 57.92 -4.53 -9.63
N ILE BA 35 59.00 -5.21 -10.00
CA ILE BA 35 59.53 -6.30 -9.17
C ILE BA 35 59.85 -5.78 -7.78
N GLY BA 36 59.42 -6.52 -6.76
CA GLY BA 36 59.77 -6.22 -5.40
C GLY BA 36 58.95 -5.14 -4.74
N ASP BA 37 57.72 -4.90 -5.19
CA ASP BA 37 56.82 -3.94 -4.57
C ASP BA 37 55.59 -4.65 -4.04
N VAL BA 38 55.12 -4.22 -2.88
CA VAL BA 38 54.06 -4.92 -2.19
C VAL BA 38 52.71 -4.52 -2.80
N ILE BA 39 51.67 -5.27 -2.45
CA ILE BA 39 50.43 -5.27 -3.21
C ILE BA 39 49.31 -5.77 -2.30
N VAL BA 40 48.07 -5.48 -2.67
CA VAL BA 40 46.89 -5.97 -1.96
C VAL BA 40 46.01 -6.70 -2.95
N ALA BA 41 45.75 -7.97 -2.70
CA ALA BA 41 44.94 -8.71 -3.65
C ALA BA 41 44.03 -9.66 -2.90
N THR BA 42 43.08 -10.23 -3.63
CA THR BA 42 42.12 -11.18 -3.06
C THR BA 42 41.98 -12.38 -3.97
N VAL BA 43 42.15 -13.56 -3.39
CA VAL BA 43 42.18 -14.81 -4.13
C VAL BA 43 40.99 -14.89 -5.08
N LYS BA 44 41.21 -15.47 -6.25
CA LYS BA 44 40.12 -15.77 -7.17
C LYS BA 44 39.94 -17.26 -7.36
N GLN BA 45 40.99 -17.99 -7.69
CA GLN BA 45 40.93 -19.44 -7.78
C GLN BA 45 41.78 -20.06 -6.70
N ALA BA 46 41.47 -21.30 -6.35
CA ALA BA 46 42.17 -21.93 -5.24
C ALA BA 46 42.10 -23.43 -5.38
N THR BA 47 43.10 -24.09 -4.85
CA THR BA 47 43.10 -25.54 -4.78
C THR BA 47 42.39 -25.99 -3.52
N PRO BA 48 41.78 -27.17 -3.54
CA PRO BA 48 41.13 -27.69 -2.33
C PRO BA 48 42.16 -27.89 -1.23
N GLY BA 49 41.75 -27.60 0.00
CA GLY BA 49 42.66 -27.65 1.12
C GLY BA 49 43.32 -26.31 1.34
N GLY BA 50 44.53 -26.31 1.90
CA GLY BA 50 45.29 -25.09 2.08
C GLY BA 50 44.71 -24.13 3.10
N VAL BA 51 45.52 -23.19 3.57
CA VAL BA 51 45.05 -22.21 4.53
C VAL BA 51 44.39 -21.03 3.84
N VAL BA 52 44.51 -20.93 2.52
CA VAL BA 52 44.03 -19.79 1.76
C VAL BA 52 42.85 -20.27 0.91
N LYS BA 53 41.84 -19.41 0.77
CA LYS BA 53 40.62 -19.76 0.05
C LYS BA 53 40.19 -18.55 -0.78
N LYS BA 54 39.03 -18.67 -1.42
CA LYS BA 54 38.51 -17.55 -2.19
C LYS BA 54 38.15 -16.39 -1.26
N GLY BA 55 37.92 -15.25 -1.88
CA GLY BA 55 37.37 -14.11 -1.17
C GLY BA 55 38.11 -13.67 0.06
N GLU BA 56 39.39 -13.99 0.17
CA GLU BA 56 40.21 -13.50 1.27
C GLU BA 56 41.02 -12.30 0.82
N VAL BA 57 41.05 -11.27 1.64
CA VAL BA 57 41.94 -10.15 1.42
C VAL BA 57 43.31 -10.50 1.97
N VAL BA 58 44.35 -10.37 1.14
CA VAL BA 58 45.72 -10.71 1.54
C VAL BA 58 46.68 -9.73 0.92
N LYS BA 59 47.86 -9.61 1.51
CA LYS BA 59 48.95 -8.86 0.93
C LYS BA 59 49.93 -9.81 0.28
N ALA BA 60 50.51 -9.38 -0.83
CA ALA BA 60 51.46 -10.20 -1.57
C ALA BA 60 52.57 -9.31 -2.10
N VAL BA 61 53.59 -9.93 -2.68
CA VAL BA 61 54.72 -9.21 -3.22
C VAL BA 61 54.96 -9.69 -4.64
N ILE BA 62 55.53 -8.83 -5.45
CA ILE BA 62 55.65 -9.07 -6.89
C ILE BA 62 57.02 -9.64 -7.19
N VAL BA 63 57.04 -10.87 -7.68
CA VAL BA 63 58.25 -11.56 -8.11
C VAL BA 63 58.13 -11.83 -9.59
N ARG BA 64 59.16 -11.49 -10.35
CA ARG BA 64 59.30 -11.85 -11.76
C ARG BA 64 58.11 -11.34 -12.60
N THR BA 65 58.09 -10.01 -12.78
CA THR BA 65 57.16 -9.44 -13.74
C THR BA 65 57.54 -9.84 -15.16
N LYS BA 66 56.74 -9.40 -16.11
CA LYS BA 66 56.95 -9.67 -17.52
C LYS BA 66 57.62 -8.53 -18.25
N SER BA 67 58.11 -7.55 -17.50
CA SER BA 67 59.09 -6.61 -18.04
C SER BA 67 59.95 -6.22 -16.85
N GLY BA 68 61.04 -6.97 -16.66
CA GLY BA 68 61.76 -6.92 -15.43
C GLY BA 68 62.62 -5.70 -15.30
N ALA BA 69 63.18 -5.54 -14.11
CA ALA BA 69 63.91 -4.34 -13.80
C ALA BA 69 65.16 -4.22 -14.66
N ARG BA 70 65.78 -3.06 -14.57
CA ARG BA 70 67.07 -2.84 -15.17
C ARG BA 70 68.14 -3.02 -14.11
N ARG BA 71 69.25 -3.61 -14.52
CA ARG BA 71 70.39 -3.71 -13.63
C ARG BA 71 71.21 -2.44 -13.75
N ALA BA 72 71.74 -1.97 -12.62
CA ALA BA 72 72.51 -0.74 -12.62
C ALA BA 72 73.76 -0.83 -13.49
N ASP BA 73 74.22 -2.04 -13.79
CA ASP BA 73 75.37 -2.20 -14.67
C ASP BA 73 74.99 -1.92 -16.10
N GLY BA 74 73.82 -2.38 -16.53
CA GLY BA 74 73.42 -2.24 -17.91
C GLY BA 74 72.76 -3.47 -18.49
N SER BA 75 72.41 -4.43 -17.65
CA SER BA 75 71.71 -5.61 -18.12
C SER BA 75 70.27 -5.59 -17.64
N TYR BA 76 69.44 -6.45 -18.22
CA TYR BA 76 68.03 -6.52 -17.90
C TYR BA 76 67.62 -7.95 -17.66
N ILE BA 77 66.43 -8.12 -17.11
CA ILE BA 77 65.78 -9.41 -17.00
C ILE BA 77 64.35 -9.25 -17.50
N LYS BA 78 63.85 -10.26 -18.20
CA LYS BA 78 62.50 -10.20 -18.74
C LYS BA 78 61.95 -11.62 -18.74
N PHE BA 79 61.15 -11.95 -17.72
CA PHE BA 79 60.61 -13.29 -17.60
C PHE BA 79 59.52 -13.55 -18.61
N ASP BA 80 58.72 -14.59 -18.41
CA ASP BA 80 57.57 -14.84 -19.27
C ASP BA 80 56.23 -14.64 -18.59
N GLU BA 81 56.19 -14.53 -17.27
CA GLU BA 81 54.92 -14.47 -16.56
C GLU BA 81 55.01 -13.42 -15.47
N ASN BA 82 54.01 -13.39 -14.61
CA ASN BA 82 54.03 -12.60 -13.39
C ASN BA 82 53.73 -13.53 -12.24
N ALA BA 83 54.18 -13.18 -11.04
CA ALA BA 83 53.92 -14.07 -9.92
C ALA BA 83 54.04 -13.31 -8.61
N ALA BA 84 53.49 -13.92 -7.57
CA ALA BA 84 53.46 -13.30 -6.26
C ALA BA 84 53.57 -14.38 -5.19
N VAL BA 85 53.95 -13.95 -3.99
CA VAL BA 85 54.20 -14.87 -2.88
C VAL BA 85 53.63 -14.26 -1.62
N ILE BA 86 52.70 -14.96 -0.97
CA ILE BA 86 51.89 -14.34 0.06
C ILE BA 86 52.73 -14.02 1.30
N ILE BA 87 52.22 -13.10 2.11
CA ILE BA 87 53.01 -12.40 3.12
C ILE BA 87 52.16 -12.13 4.35
N ARG BA 88 52.80 -12.07 5.52
CA ARG BA 88 52.11 -11.81 6.78
C ARG BA 88 52.56 -10.51 7.43
N ASP BA 89 52.67 -9.42 6.66
CA ASP BA 89 52.96 -8.10 7.22
C ASP BA 89 54.34 -8.00 7.84
N ASP BA 90 55.08 -9.11 7.89
CA ASP BA 90 56.43 -9.13 8.43
C ASP BA 90 57.39 -9.72 7.41
N LYS BA 91 57.06 -9.59 6.13
CA LYS BA 91 57.91 -10.08 5.05
C LYS BA 91 58.17 -11.57 5.19
N SER BA 92 57.26 -12.29 5.83
CA SER BA 92 57.44 -13.69 6.12
C SER BA 92 56.35 -14.49 5.42
N PRO BA 93 56.69 -15.41 4.54
CA PRO BA 93 55.67 -16.04 3.70
C PRO BA 93 54.78 -16.99 4.50
N ARG BA 94 53.65 -17.32 3.89
CA ARG BA 94 52.72 -18.29 4.45
C ARG BA 94 52.99 -19.70 3.96
N GLY BA 95 53.06 -19.90 2.65
CA GLY BA 95 53.44 -21.19 2.12
C GLY BA 95 54.83 -21.59 2.56
N THR BA 96 55.19 -22.84 2.24
CA THR BA 96 56.45 -23.39 2.70
C THR BA 96 57.29 -23.95 1.55
N ARG BA 97 57.01 -23.52 0.33
CA ARG BA 97 57.78 -23.93 -0.84
C ARG BA 97 57.55 -22.91 -1.93
N ILE BA 98 58.56 -22.70 -2.76
CA ILE BA 98 58.48 -21.70 -3.81
C ILE BA 98 58.92 -22.34 -5.12
N PHE BA 99 58.16 -22.08 -6.17
CA PHE BA 99 58.49 -22.60 -7.49
C PHE BA 99 58.86 -21.47 -8.43
N GLY BA 100 59.73 -21.76 -9.38
CA GLY BA 100 60.11 -20.79 -10.39
C GLY BA 100 61.14 -19.81 -9.90
N PRO BA 101 62.00 -19.36 -10.80
CA PRO BA 101 63.07 -18.45 -10.40
C PRO BA 101 62.53 -17.14 -9.88
N VAL BA 102 63.39 -16.42 -9.18
CA VAL BA 102 63.08 -15.12 -8.60
C VAL BA 102 64.18 -14.16 -8.99
N ALA BA 103 63.84 -12.91 -9.24
CA ALA BA 103 64.88 -11.97 -9.58
C ALA BA 103 65.60 -11.51 -8.32
N ARG BA 104 66.84 -11.05 -8.52
CA ARG BA 104 67.70 -10.68 -7.40
C ARG BA 104 67.18 -9.51 -6.59
N GLU BA 105 66.31 -8.68 -7.15
CA GLU BA 105 66.04 -7.38 -6.54
C GLU BA 105 65.38 -7.47 -5.20
N LEU BA 106 65.22 -8.65 -4.61
CA LEU BA 106 64.63 -8.75 -3.29
C LEU BA 106 65.64 -8.59 -2.17
N ARG BA 107 66.89 -8.99 -2.38
CA ARG BA 107 67.88 -8.94 -1.32
C ARG BA 107 68.06 -7.54 -0.76
N GLU BA 108 67.68 -6.54 -1.53
CA GLU BA 108 67.78 -5.16 -1.12
C GLU BA 108 66.56 -4.69 -0.35
N ASN BA 109 65.65 -5.60 0.00
CA ASN BA 109 64.42 -5.21 0.66
C ASN BA 109 64.08 -6.14 1.81
N ASN BA 110 65.08 -6.74 2.43
CA ASN BA 110 64.91 -7.57 3.62
C ASN BA 110 63.97 -8.74 3.38
N PHE BA 111 63.72 -9.11 2.12
CA PHE BA 111 62.92 -10.29 1.84
C PHE BA 111 63.78 -11.54 1.85
N MET BA 112 64.56 -11.68 2.92
CA MET BA 112 65.53 -12.76 2.97
C MET BA 112 64.84 -14.11 3.07
N LYS BA 113 63.87 -14.23 3.98
CA LYS BA 113 63.22 -15.52 4.20
C LYS BA 113 62.63 -16.08 2.92
N ILE BA 114 62.55 -15.28 1.87
CA ILE BA 114 62.13 -15.79 0.58
C ILE BA 114 63.32 -16.33 -0.21
N VAL BA 115 64.36 -15.54 -0.37
CA VAL BA 115 65.46 -15.95 -1.24
C VAL BA 115 66.04 -17.26 -0.77
N SER BA 116 66.09 -17.48 0.54
CA SER BA 116 66.62 -18.75 1.03
C SER BA 116 65.78 -19.95 0.61
N LEU BA 117 64.64 -19.73 -0.06
CA LEU BA 117 63.83 -20.82 -0.57
C LEU BA 117 63.73 -20.86 -2.08
N ALA BA 118 64.10 -19.81 -2.77
CA ALA BA 118 63.98 -19.81 -4.22
C ALA BA 118 64.97 -20.80 -4.83
N PRO BA 119 64.53 -21.67 -5.74
CA PRO BA 119 65.48 -22.60 -6.37
C PRO BA 119 66.55 -21.92 -7.20
N GLU BA 120 66.27 -20.76 -7.78
CA GLU BA 120 67.24 -20.02 -8.57
C GLU BA 120 67.07 -18.54 -8.31
N VAL BA 121 68.15 -17.85 -8.02
CA VAL BA 121 68.10 -16.42 -7.75
C VAL BA 121 68.85 -15.74 -8.89
N LEU BA 122 68.13 -15.36 -9.93
CA LEU BA 122 68.73 -14.66 -11.04
C LEU BA 122 68.64 -13.17 -10.82
N MET CA 1 -20.27 91.65 -62.20
CA MET CA 1 -19.55 90.42 -61.94
C MET CA 1 -19.13 89.75 -63.25
N LYS CA 2 -17.83 89.55 -63.41
CA LYS CA 2 -17.29 89.01 -64.65
C LYS CA 2 -16.67 87.65 -64.40
N LEU CA 3 -16.48 86.92 -65.50
CA LEU CA 3 -16.05 85.52 -65.42
C LEU CA 3 -14.78 85.37 -64.60
N HIS CA 4 -13.79 86.21 -64.88
CA HIS CA 4 -12.47 86.06 -64.26
C HIS CA 4 -12.33 86.80 -62.95
N GLU CA 5 -13.43 87.12 -62.29
CA GLU CA 5 -13.35 87.84 -61.01
C GLU CA 5 -14.34 87.29 -60.00
N LEU CA 6 -14.72 86.02 -60.14
CA LEU CA 6 -15.76 85.47 -59.30
C LEU CA 6 -15.36 85.53 -57.83
N LYS CA 7 -16.33 85.89 -56.99
CA LYS CA 7 -16.18 85.90 -55.55
C LYS CA 7 -17.41 85.25 -54.96
N PRO CA 8 -17.27 84.24 -54.11
CA PRO CA 8 -18.43 83.67 -53.44
C PRO CA 8 -18.87 84.55 -52.29
N ALA CA 9 -20.12 84.38 -51.90
CA ALA CA 9 -20.60 85.07 -50.71
C ALA CA 9 -19.72 84.69 -49.54
N GLU CA 10 -19.25 85.70 -48.79
CA GLU CA 10 -18.26 85.42 -47.77
C GLU CA 10 -18.84 84.51 -46.70
N GLY CA 11 -17.97 83.70 -46.12
CA GLY CA 11 -18.42 82.75 -45.12
C GLY CA 11 -19.43 81.76 -45.61
N SER CA 12 -19.44 81.46 -46.90
CA SER CA 12 -20.41 80.54 -47.45
C SER CA 12 -19.83 79.25 -47.97
N ARG CA 13 -18.52 79.03 -47.84
CA ARG CA 13 -17.93 77.78 -48.28
C ARG CA 13 -16.73 77.45 -47.41
N GLN CA 14 -16.81 76.33 -46.69
CA GLN CA 14 -15.75 75.86 -45.83
C GLN CA 14 -14.72 75.13 -46.68
N VAL CA 15 -13.77 74.43 -46.07
CA VAL CA 15 -12.71 73.86 -46.90
C VAL CA 15 -12.81 72.34 -47.00
N ARG CA 16 -12.39 71.64 -45.96
CA ARG CA 16 -12.60 70.21 -45.79
C ARG CA 16 -11.79 69.73 -44.60
N ASN CA 17 -11.84 68.44 -44.31
CA ASN CA 17 -10.94 67.86 -43.31
C ASN CA 17 -10.45 66.52 -43.82
N ARG CA 18 -9.25 66.49 -44.38
CA ARG CA 18 -8.61 65.26 -44.82
C ARG CA 18 -7.68 64.76 -43.72
N VAL CA 19 -7.99 63.60 -43.18
CA VAL CA 19 -7.44 63.14 -41.92
C VAL CA 19 -6.38 62.09 -42.19
N GLY CA 20 -5.25 62.21 -41.52
CA GLY CA 20 -4.17 61.26 -41.69
C GLY CA 20 -3.20 61.66 -42.78
N ARG CA 21 -2.73 62.90 -42.72
CA ARG CA 21 -1.71 63.40 -43.64
C ARG CA 21 -0.64 64.14 -42.87
N GLY CA 22 -0.12 63.51 -41.83
CA GLY CA 22 1.04 64.19 -41.28
C GLY CA 22 0.75 64.84 -39.94
N THR CA 23 1.67 64.65 -39.02
CA THR CA 23 1.52 64.98 -37.62
C THR CA 23 1.48 66.40 -37.36
N SER CA 24 1.40 67.30 -38.31
CA SER CA 24 1.19 68.69 -37.98
C SER CA 24 -0.25 69.12 -38.11
N SER CA 25 -1.02 68.47 -38.97
CA SER CA 25 -2.44 68.79 -39.05
C SER CA 25 -3.13 68.58 -37.71
N GLY CA 26 -2.58 67.70 -36.89
CA GLY CA 26 -3.20 67.33 -35.66
C GLY CA 26 -4.01 66.06 -35.75
N ASN CA 27 -4.14 65.48 -36.94
CA ASN CA 27 -4.96 64.30 -37.16
C ASN CA 27 -4.22 63.27 -37.99
N GLY CA 28 -2.98 62.95 -37.64
CA GLY CA 28 -2.30 61.86 -38.28
C GLY CA 28 -2.01 60.75 -37.29
N LYS CA 29 -1.75 59.53 -37.76
CA LYS CA 29 -1.42 58.45 -36.84
C LYS CA 29 -2.56 58.20 -35.87
N THR CA 30 -3.58 57.47 -36.30
CA THR CA 30 -4.83 57.19 -35.59
C THR CA 30 -5.83 58.31 -35.77
N ALA CA 31 -5.72 59.03 -36.88
CA ALA CA 31 -6.84 59.68 -37.53
C ALA CA 31 -7.86 60.26 -36.56
N GLY CA 32 -7.39 60.91 -35.50
CA GLY CA 32 -8.33 61.43 -34.53
C GLY CA 32 -9.17 60.37 -33.88
N ARG CA 33 -8.60 59.22 -33.58
CA ARG CA 33 -9.36 58.14 -32.98
C ARG CA 33 -8.78 57.61 -31.69
N GLY CA 34 -7.49 57.76 -31.46
CA GLY CA 34 -6.91 57.35 -30.19
C GLY CA 34 -6.22 56.01 -30.24
N GLN CA 35 -6.27 55.27 -29.15
CA GLN CA 35 -5.62 53.98 -29.04
C GLN CA 35 -6.58 52.86 -29.44
N LYS CA 36 -6.24 51.63 -29.08
CA LYS CA 36 -7.03 50.47 -29.48
C LYS CA 36 -8.43 50.51 -28.90
N GLY CA 37 -9.25 49.55 -29.26
CA GLY CA 37 -10.62 49.51 -28.79
C GLY CA 37 -11.58 49.47 -29.94
N GLN CA 38 -12.69 48.75 -29.79
CA GLN CA 38 -13.49 48.53 -30.98
C GLN CA 38 -14.15 49.75 -31.47
N LYS CA 39 -13.90 50.92 -30.90
CA LYS CA 39 -14.24 52.16 -31.57
C LYS CA 39 -13.22 52.56 -32.62
N ALA CA 40 -12.17 51.75 -32.81
CA ALA CA 40 -11.05 52.16 -33.63
C ALA CA 40 -10.61 51.10 -34.62
N ARG CA 41 -11.47 50.16 -34.96
CA ARG CA 41 -11.20 49.33 -36.10
C ARG CA 41 -11.91 49.95 -37.29
N SER CA 42 -11.94 49.25 -38.41
CA SER CA 42 -12.70 49.71 -39.57
C SER CA 42 -14.15 49.36 -39.35
N GLY CA 43 -15.01 50.37 -39.32
CA GLY CA 43 -16.42 50.10 -39.09
C GLY CA 43 -16.70 49.57 -37.70
N GLY CA 44 -16.09 50.16 -36.69
CA GLY CA 44 -16.36 49.76 -35.33
C GLY CA 44 -17.69 50.33 -34.86
N GLY CA 45 -17.79 50.51 -33.55
CA GLY CA 45 -18.99 51.10 -32.99
C GLY CA 45 -20.15 50.14 -32.89
N VAL CA 46 -20.90 50.24 -31.80
CA VAL CA 46 -22.05 49.38 -31.55
C VAL CA 46 -23.30 50.01 -32.14
N ARG CA 47 -24.38 49.23 -32.22
CA ARG CA 47 -25.65 49.76 -32.71
C ARG CA 47 -26.14 50.86 -31.78
N LEU CA 48 -27.16 51.58 -32.25
CA LEU CA 48 -27.63 52.74 -31.52
C LEU CA 48 -28.41 52.33 -30.28
N GLY CA 49 -28.17 53.04 -29.18
CA GLY CA 49 -28.90 52.80 -27.96
C GLY CA 49 -28.46 51.60 -27.19
N PHE CA 50 -27.68 50.71 -27.78
CA PHE CA 50 -27.15 49.56 -27.06
C PHE CA 50 -26.37 50.04 -25.85
N GLU CA 51 -26.37 49.23 -24.79
CA GLU CA 51 -25.88 49.68 -23.50
C GLU CA 51 -25.01 48.64 -22.84
N GLY CA 52 -24.00 48.15 -23.54
CA GLY CA 52 -23.08 47.25 -22.86
C GLY CA 52 -23.78 45.95 -22.56
N GLY CA 53 -24.23 45.82 -21.33
CA GLY CA 53 -25.07 44.67 -21.04
C GLY CA 53 -26.38 44.99 -20.38
N GLN CA 54 -26.51 46.16 -19.78
CA GLN CA 54 -27.73 46.52 -19.08
C GLN CA 54 -28.92 46.26 -19.96
N THR CA 55 -30.03 45.92 -19.34
CA THR CA 55 -31.27 45.86 -20.07
C THR CA 55 -31.57 47.28 -20.52
N PRO CA 56 -31.54 47.57 -21.80
CA PRO CA 56 -31.61 48.96 -22.25
C PRO CA 56 -32.90 49.60 -21.82
N LEU CA 57 -32.98 50.91 -22.03
CA LEU CA 57 -34.15 51.64 -21.54
C LEU CA 57 -35.43 51.13 -22.18
N PHE CA 58 -35.40 50.84 -23.47
CA PHE CA 58 -36.66 50.51 -24.12
C PHE CA 58 -37.23 49.18 -23.68
N ARG CA 59 -36.51 48.35 -22.93
CA ARG CA 59 -37.11 47.14 -22.38
C ARG CA 59 -37.31 47.23 -20.89
N ARG CA 60 -36.92 48.33 -20.28
CA ARG CA 60 -37.07 48.50 -18.84
C ARG CA 60 -38.43 49.07 -18.46
N LEU CA 61 -39.21 49.57 -19.43
CA LEU CA 61 -40.47 50.23 -19.16
C LEU CA 61 -41.55 49.74 -20.10
N PRO CA 62 -42.83 49.83 -19.71
CA PRO CA 62 -43.86 49.00 -20.32
C PRO CA 62 -44.54 49.59 -21.54
N LYS CA 63 -45.15 48.70 -22.29
CA LYS CA 63 -45.91 49.05 -23.49
C LYS CA 63 -47.31 49.53 -23.10
N ARG CA 64 -47.86 50.44 -23.91
CA ARG CA 64 -49.20 50.94 -23.60
C ARG CA 64 -49.81 51.62 -24.81
N GLY CA 65 -51.13 51.49 -24.95
CA GLY CA 65 -51.89 52.24 -25.92
C GLY CA 65 -52.27 51.40 -27.13
N PHE CA 66 -53.26 51.90 -27.87
CA PHE CA 66 -53.55 51.40 -29.20
C PHE CA 66 -54.00 52.56 -30.06
N THR CA 67 -54.35 52.27 -31.31
CA THR CA 67 -54.66 53.31 -32.27
C THR CA 67 -56.00 53.03 -32.94
N ASN CA 68 -56.99 53.87 -32.66
CA ASN CA 68 -58.29 53.72 -33.30
C ASN CA 68 -58.14 53.72 -34.80
N ILE CA 69 -58.85 52.80 -35.45
CA ILE CA 69 -58.68 52.67 -36.89
C ILE CA 69 -59.30 53.84 -37.63
N ASN CA 70 -60.28 54.51 -37.02
CA ASN CA 70 -61.01 55.55 -37.73
C ASN CA 70 -60.96 56.90 -37.02
N ARG CA 71 -59.80 57.32 -36.54
CA ARG CA 71 -59.78 58.66 -35.96
C ARG CA 71 -60.06 59.69 -37.04
N LYS CA 72 -60.46 60.88 -36.62
CA LYS CA 72 -60.70 61.97 -37.55
C LYS CA 72 -60.13 63.23 -36.90
N ASP CA 73 -59.13 63.83 -37.55
CA ASP CA 73 -58.58 65.09 -37.10
C ASP CA 73 -58.78 66.14 -38.19
N TYR CA 74 -59.22 67.31 -37.79
CA TYR CA 74 -59.62 68.36 -38.70
C TYR CA 74 -58.45 69.30 -38.93
N ALA CA 75 -58.72 70.43 -39.57
CA ALA CA 75 -57.66 71.27 -40.11
C ALA CA 75 -57.74 72.67 -39.54
N VAL CA 76 -57.74 72.77 -38.22
CA VAL CA 76 -58.13 73.95 -37.46
C VAL CA 76 -57.64 75.27 -38.04
N VAL CA 77 -58.52 76.26 -38.08
CA VAL CA 77 -58.19 77.64 -38.39
C VAL CA 77 -58.78 78.50 -37.27
N ASN CA 78 -57.94 79.29 -36.61
CA ASN CA 78 -58.35 79.68 -35.27
C ASN CA 78 -59.37 80.79 -35.23
N LEU CA 79 -58.97 82.04 -35.37
CA LEU CA 79 -59.99 83.06 -35.59
C LEU CA 79 -59.47 84.23 -36.40
N ASP CA 80 -58.17 84.47 -36.34
CA ASP CA 80 -57.59 85.62 -37.01
C ASP CA 80 -57.29 85.36 -38.46
N THR CA 81 -57.15 84.09 -38.84
CA THR CA 81 -57.17 83.75 -40.25
C THR CA 81 -58.41 84.31 -40.92
N LEU CA 82 -59.56 84.20 -40.26
CA LEU CA 82 -60.78 84.77 -40.82
C LEU CA 82 -60.72 86.27 -40.90
N ASN CA 83 -59.88 86.92 -40.12
CA ASN CA 83 -59.99 88.36 -40.01
C ASN CA 83 -59.33 89.06 -41.19
N ARG CA 84 -59.63 88.59 -42.42
CA ARG CA 84 -59.25 89.33 -43.61
C ARG CA 84 -60.25 89.17 -44.75
N PHE CA 85 -61.54 89.02 -44.43
CA PHE CA 85 -62.59 88.76 -45.42
C PHE CA 85 -63.74 89.75 -45.24
N GLU CA 86 -63.42 91.04 -45.24
CA GLU CA 86 -64.03 92.05 -44.38
C GLU CA 86 -65.52 91.88 -44.03
N ASP CA 87 -66.45 91.93 -44.98
CA ASP CA 87 -67.84 91.87 -44.51
C ASP CA 87 -68.73 91.24 -45.57
N GLY CA 88 -68.87 89.92 -45.48
CA GLY CA 88 -69.78 89.18 -46.30
C GLY CA 88 -69.01 88.61 -47.47
N THR CA 89 -68.54 87.37 -47.34
CA THR CA 89 -67.82 86.72 -48.43
C THR CA 89 -68.13 85.24 -48.54
N GLU CA 90 -68.92 84.68 -47.65
CA GLU CA 90 -69.27 83.26 -47.66
C GLU CA 90 -67.99 82.40 -47.58
N VAL CA 91 -67.34 82.52 -46.43
CA VAL CA 91 -66.21 81.64 -46.12
C VAL CA 91 -66.65 80.19 -46.28
N THR CA 92 -65.79 79.38 -46.90
CA THR CA 92 -66.20 78.04 -47.28
C THR CA 92 -64.99 77.12 -47.24
N PRO CA 93 -65.17 75.83 -46.95
CA PRO CA 93 -64.02 74.93 -46.83
C PRO CA 93 -63.44 74.61 -48.19
N VAL CA 94 -63.85 75.41 -49.16
CA VAL CA 94 -63.62 75.24 -50.58
C VAL CA 94 -62.91 76.52 -50.97
N VAL CA 95 -63.04 76.92 -52.22
CA VAL CA 95 -62.22 77.92 -52.89
C VAL CA 95 -61.84 79.12 -52.02
N LEU CA 96 -62.44 79.26 -50.84
CA LEU CA 96 -61.69 80.01 -49.82
C LEU CA 96 -60.25 79.54 -49.85
N LYS CA 97 -60.03 78.22 -49.92
CA LYS CA 97 -58.72 77.71 -49.54
C LYS CA 97 -57.67 78.33 -50.44
N GLU CA 98 -57.53 77.92 -51.70
CA GLU CA 98 -57.37 78.75 -52.89
C GLU CA 98 -57.02 80.20 -52.60
N ALA CA 99 -56.34 80.44 -51.52
CA ALA CA 99 -55.85 81.76 -51.19
C ALA CA 99 -54.53 81.67 -50.44
N GLY CA 100 -53.99 80.46 -50.28
CA GLY CA 100 -52.83 80.27 -49.46
C GLY CA 100 -53.18 80.37 -48.00
N ILE CA 101 -54.24 79.70 -47.58
CA ILE CA 101 -54.59 79.68 -46.17
C ILE CA 101 -54.62 78.25 -45.66
N VAL CA 102 -55.44 77.40 -46.27
CA VAL CA 102 -55.53 76.04 -45.79
C VAL CA 102 -55.62 75.09 -46.96
N LYS CA 103 -54.54 74.38 -47.23
CA LYS CA 103 -54.54 73.27 -48.16
C LYS CA 103 -54.68 71.98 -47.38
N ASN CA 104 -55.09 70.93 -48.07
CA ASN CA 104 -55.24 69.60 -47.48
C ASN CA 104 -56.19 69.64 -46.28
N GLU CA 105 -57.45 69.91 -46.59
CA GLU CA 105 -58.50 69.73 -45.60
C GLU CA 105 -58.53 68.27 -45.21
N LYS CA 106 -58.08 67.96 -43.99
CA LYS CA 106 -57.82 66.57 -43.64
C LYS CA 106 -59.10 65.76 -43.61
N ALA CA 107 -60.02 66.14 -42.74
CA ALA CA 107 -61.34 65.51 -42.72
C ALA CA 107 -62.40 66.56 -42.47
N GLY CA 108 -62.31 67.68 -43.15
CA GLY CA 108 -63.23 68.77 -42.89
C GLY CA 108 -62.64 69.78 -41.94
N ILE CA 109 -63.04 71.03 -42.09
CA ILE CA 109 -62.40 72.15 -41.42
C ILE CA 109 -63.12 72.44 -40.11
N LYS CA 110 -62.35 72.53 -39.04
CA LYS CA 110 -62.86 73.01 -37.76
C LYS CA 110 -62.59 74.50 -37.65
N VAL CA 111 -63.20 75.11 -36.65
CA VAL CA 111 -62.97 76.52 -36.37
C VAL CA 111 -62.86 76.68 -34.87
N LEU CA 112 -61.90 77.48 -34.42
CA LEU CA 112 -61.65 77.62 -33.01
C LEU CA 112 -61.91 79.06 -32.58
N ALA CA 113 -61.54 79.39 -31.35
CA ALA CA 113 -61.93 80.65 -30.74
C ALA CA 113 -60.73 81.37 -30.16
N ASP CA 114 -59.70 81.55 -30.96
CA ASP CA 114 -58.55 82.37 -30.55
C ASP CA 114 -58.15 83.26 -31.71
N GLY CA 115 -58.13 84.58 -31.47
CA GLY CA 115 -58.51 85.15 -30.21
C GLY CA 115 -59.44 86.36 -30.22
N GLU CA 116 -59.61 87.01 -31.37
CA GLU CA 116 -60.45 88.20 -31.43
C GLU CA 116 -60.83 88.51 -32.87
N LEU CA 117 -62.11 88.72 -33.10
CA LEU CA 117 -62.64 88.97 -34.44
C LEU CA 117 -63.63 90.12 -34.38
N THR CA 118 -63.51 91.06 -35.31
CA THR CA 118 -64.49 92.14 -35.49
C THR CA 118 -64.81 92.26 -36.96
N LYS CA 119 -65.71 91.42 -37.44
CA LYS CA 119 -66.22 91.48 -38.80
C LYS CA 119 -67.65 90.96 -38.79
N LYS CA 120 -68.23 90.79 -39.96
CA LYS CA 120 -69.57 90.24 -40.09
C LYS CA 120 -69.58 89.21 -41.20
N LEU CA 121 -68.65 88.27 -41.15
CA LEU CA 121 -68.56 87.27 -42.20
C LEU CA 121 -69.72 86.29 -42.10
N THR CA 122 -69.70 85.30 -42.98
CA THR CA 122 -70.63 84.19 -42.92
C THR CA 122 -69.84 82.91 -43.05
N VAL CA 123 -69.88 82.07 -42.02
CA VAL CA 123 -68.94 80.97 -41.86
C VAL CA 123 -69.65 79.66 -42.19
N LYS CA 124 -68.99 78.82 -42.97
CA LYS CA 124 -69.48 77.48 -43.28
C LYS CA 124 -68.32 76.49 -43.14
N ALA CA 125 -68.48 75.53 -42.24
CA ALA CA 125 -67.44 74.55 -41.97
C ALA CA 125 -68.12 73.26 -41.54
N ALA CA 126 -67.36 72.37 -40.89
CA ALA CA 126 -67.88 71.06 -40.53
C ALA CA 126 -67.86 70.79 -39.03
N LYS CA 127 -67.48 71.76 -38.22
CA LYS CA 127 -67.55 71.63 -36.77
C LYS CA 127 -67.29 73.00 -36.19
N PHE CA 128 -67.56 73.15 -34.89
CA PHE CA 128 -67.36 74.43 -34.24
C PHE CA 128 -67.14 74.23 -32.76
N SER CA 129 -66.12 74.87 -32.22
CA SER CA 129 -65.99 74.92 -30.77
C SER CA 129 -67.02 75.89 -30.21
N LYS CA 130 -67.66 75.49 -29.12
CA LYS CA 130 -68.82 76.20 -28.61
C LYS CA 130 -68.55 77.68 -28.44
N SER CA 131 -67.33 78.07 -28.12
CA SER CA 131 -67.05 79.48 -27.96
C SER CA 131 -66.98 80.20 -29.31
N ALA CA 132 -66.67 79.48 -30.37
CA ALA CA 132 -66.53 80.12 -31.67
C ALA CA 132 -67.89 80.60 -32.20
N GLN CA 133 -68.92 79.78 -32.06
CA GLN CA 133 -70.25 80.22 -32.45
C GLN CA 133 -70.65 81.46 -31.66
N GLU CA 134 -70.29 81.50 -30.38
CA GLU CA 134 -70.62 82.66 -29.59
C GLU CA 134 -69.87 83.89 -30.08
N ALA CA 135 -68.63 83.74 -30.51
CA ALA CA 135 -67.92 84.89 -31.04
C ALA CA 135 -68.54 85.37 -32.35
N ILE CA 136 -68.87 84.42 -33.23
CA ILE CA 136 -69.45 84.80 -34.52
C ILE CA 136 -70.78 85.52 -34.32
N GLU CA 137 -71.73 84.85 -33.66
CA GLU CA 137 -73.00 85.49 -33.38
C GLU CA 137 -72.86 86.68 -32.45
N ALA CA 138 -71.71 86.88 -31.83
CA ALA CA 138 -71.49 88.09 -31.05
C ALA CA 138 -71.26 89.28 -31.98
N ALA CA 139 -70.42 89.10 -32.99
CA ALA CA 139 -70.29 90.14 -34.00
C ALA CA 139 -71.41 90.10 -35.01
N GLY CA 140 -72.29 89.11 -34.94
CA GLY CA 140 -73.48 89.11 -35.77
C GLY CA 140 -73.36 88.39 -37.08
N GLY CA 141 -72.54 87.36 -37.17
CA GLY CA 141 -72.39 86.57 -38.37
C GLY CA 141 -73.43 85.48 -38.47
N SER CA 142 -73.13 84.46 -39.26
CA SER CA 142 -73.97 83.29 -39.40
C SER CA 142 -73.12 82.04 -39.20
N ILE CA 143 -73.76 80.89 -39.38
CA ILE CA 143 -73.08 79.60 -39.32
C ILE CA 143 -73.92 78.57 -40.06
N GLU CA 144 -73.26 77.50 -40.49
CA GLU CA 144 -73.97 76.39 -41.10
C GLU CA 144 -73.05 75.19 -41.15
N VAL CA 145 -73.50 74.07 -40.59
CA VAL CA 145 -72.66 72.88 -40.46
C VAL CA 145 -72.80 72.12 -41.77
N ILE CA 146 -72.12 72.61 -42.80
CA ILE CA 146 -72.32 72.13 -44.15
C ILE CA 146 -70.99 71.89 -44.84
N MET DA 1 9.14 26.92 26.47
CA MET DA 1 7.80 26.87 25.93
C MET DA 1 6.74 26.89 27.03
N LEU DA 2 7.11 27.46 28.18
CA LEU DA 2 6.23 27.48 29.34
C LEU DA 2 5.34 28.71 29.35
N VAL DA 3 4.07 28.50 29.68
CA VAL DA 3 3.03 29.53 29.56
C VAL DA 3 3.02 30.34 30.85
N PRO DA 4 3.56 31.56 30.87
CA PRO DA 4 3.53 32.34 32.11
C PRO DA 4 2.16 32.91 32.39
N LYS DA 5 1.49 33.44 31.37
CA LYS DA 5 0.28 34.20 31.59
C LYS DA 5 -0.56 34.15 30.32
N ARG DA 6 -1.87 34.23 30.50
CA ARG DA 6 -2.80 34.25 29.39
C ARG DA 6 -4.09 34.88 29.89
N VAL DA 7 -5.16 34.74 29.13
CA VAL DA 7 -6.40 35.43 29.43
C VAL DA 7 -7.61 34.63 28.97
N LYS DA 8 -8.80 35.24 29.08
CA LYS DA 8 -10.01 34.79 28.39
C LYS DA 8 -10.47 35.93 27.49
N HIS DA 9 -10.56 35.67 26.19
CA HIS DA 9 -10.24 36.71 25.22
C HIS DA 9 -11.42 37.59 24.85
N ARG DA 10 -12.53 37.00 24.38
CA ARG DA 10 -13.68 37.68 23.80
C ARG DA 10 -13.40 38.14 22.38
N ARG DA 11 -12.15 38.10 21.94
CA ARG DA 11 -11.81 38.41 20.56
C ARG DA 11 -10.50 37.74 20.19
N GLU DA 12 -10.36 37.37 18.91
CA GLU DA 12 -9.24 36.55 18.48
C GLU DA 12 -8.23 37.33 17.65
N PHE DA 13 -8.64 37.90 16.52
CA PHE DA 13 -7.71 38.64 15.67
C PHE DA 13 -7.83 40.11 16.02
N ARG DA 14 -6.76 40.69 16.57
CA ARG DA 14 -6.73 42.11 16.88
C ARG DA 14 -5.79 42.83 15.94
N GLY DA 15 -6.21 44.01 15.50
CA GLY DA 15 -5.37 44.83 14.64
C GLY DA 15 -4.06 45.16 15.31
N LYS DA 16 -2.95 44.95 14.61
CA LYS DA 16 -1.64 45.19 15.19
C LYS DA 16 -1.52 46.65 15.59
N MET DA 17 -0.68 46.90 16.59
CA MET DA 17 -0.74 48.14 17.36
C MET DA 17 -0.13 49.30 16.60
N ARG DA 18 0.14 50.37 17.35
CA ARG DA 18 0.95 51.49 16.88
C ARG DA 18 1.46 52.18 18.14
N GLY DA 19 2.75 52.05 18.43
CA GLY DA 19 3.33 52.54 19.66
C GLY DA 19 4.03 53.87 19.44
N GLU DA 20 3.67 54.86 20.24
CA GLU DA 20 4.20 56.20 20.04
C GLU DA 20 5.08 56.69 21.19
N ALA DA 21 4.57 56.80 22.41
CA ALA DA 21 5.37 57.40 23.48
C ALA DA 21 4.61 57.32 24.80
N LYS DA 22 5.34 57.55 25.89
CA LYS DA 22 4.76 57.45 27.23
C LYS DA 22 5.67 58.14 28.23
N GLY DA 23 5.10 58.48 29.38
CA GLY DA 23 5.85 58.96 30.54
C GLY DA 23 5.03 58.87 31.82
N GLY DA 24 5.60 58.26 32.85
CA GLY DA 24 4.89 58.11 34.10
C GLY DA 24 5.01 56.73 34.73
N LYS DA 25 3.99 56.33 35.49
CA LYS DA 25 3.93 55.01 36.13
C LYS DA 25 5.15 54.74 36.99
N GLU DA 26 5.31 55.55 38.02
CA GLU DA 26 6.46 55.45 38.92
C GLU DA 26 6.29 54.27 39.86
N VAL DA 27 7.21 54.16 40.82
CA VAL DA 27 7.21 53.01 41.72
C VAL DA 27 5.88 52.94 42.46
N ALA DA 28 5.40 51.72 42.71
CA ALA DA 28 4.09 51.52 43.31
C ALA DA 28 4.18 50.90 44.70
N PHE DA 29 4.73 49.70 44.83
CA PHE DA 29 4.73 48.99 46.10
C PHE DA 29 6.13 48.75 46.63
N GLY DA 30 7.01 48.11 45.85
CA GLY DA 30 8.31 47.74 46.36
C GLY DA 30 9.22 48.92 46.57
N GLU DA 31 10.51 48.64 46.75
CA GLU DA 31 11.51 49.68 46.95
C GLU DA 31 12.46 49.84 45.78
N TRP DA 32 12.56 48.85 44.89
CA TRP DA 32 13.50 48.89 43.79
C TRP DA 32 12.81 48.36 42.54
N GLY DA 33 12.93 49.10 41.44
CA GLY DA 33 12.26 48.68 40.21
C GLY DA 33 13.02 49.04 38.95
N LEU DA 34 12.74 48.28 37.90
CA LEU DA 34 13.27 48.51 36.57
C LEU DA 34 12.64 49.75 35.96
N GLN DA 35 13.02 50.03 34.71
CA GLN DA 35 12.29 50.98 33.88
C GLN DA 35 12.73 50.79 32.44
N ALA DA 36 11.88 50.18 31.62
CA ALA DA 36 12.20 50.08 30.20
C ALA DA 36 12.27 51.48 29.61
N THR DA 37 13.18 51.68 28.67
CA THR DA 37 13.41 53.00 28.07
C THR DA 37 13.41 52.97 26.56
N GLU DA 38 12.62 52.09 25.97
CA GLU DA 38 12.51 51.99 24.53
C GLU DA 38 11.06 51.78 24.15
N SER DA 39 10.84 51.32 22.92
CA SER DA 39 9.51 51.01 22.42
C SER DA 39 9.60 49.64 21.79
N HIS DA 40 8.92 48.66 22.37
CA HIS DA 40 8.98 47.31 21.82
C HIS DA 40 7.84 46.51 22.42
N TRP DA 41 7.54 45.39 21.77
CA TRP DA 41 6.67 44.40 22.38
C TRP DA 41 7.41 43.71 23.51
N ILE DA 42 6.74 42.73 24.12
CA ILE DA 42 7.37 41.79 25.02
C ILE DA 42 6.52 40.52 25.00
N THR DA 43 7.12 39.39 24.71
CA THR DA 43 6.34 38.18 24.58
C THR DA 43 5.94 37.66 25.96
N ASN DA 44 5.30 36.50 25.97
CA ASN DA 44 5.00 35.85 27.24
C ASN DA 44 6.25 35.36 27.91
N ARG DA 45 7.06 34.59 27.19
CA ARG DA 45 8.18 33.91 27.80
C ARG DA 45 9.13 34.90 28.44
N GLN DA 46 9.55 35.92 27.69
CA GLN DA 46 10.56 36.84 28.21
C GLN DA 46 10.26 37.25 29.64
N ILE DA 47 9.00 37.56 29.93
CA ILE DA 47 8.64 37.92 31.29
C ILE DA 47 8.82 36.74 32.22
N GLU DA 48 8.51 35.54 31.75
CA GLU DA 48 8.65 34.36 32.60
C GLU DA 48 10.10 34.12 32.98
N ALA DA 49 10.98 34.14 31.98
CA ALA DA 49 12.40 33.97 32.25
C ALA DA 49 12.92 35.05 33.17
N ALA DA 50 12.43 36.28 32.98
CA ALA DA 50 12.84 37.34 33.89
C ALA DA 50 12.43 37.02 35.32
N ARG DA 51 11.21 36.52 35.51
CA ARG DA 51 10.77 36.22 36.86
C ARG DA 51 11.61 35.12 37.48
N ILE DA 52 11.93 34.09 36.69
CA ILE DA 52 12.78 33.03 37.23
C ILE DA 52 14.13 33.58 37.63
N ALA DA 53 14.80 34.28 36.72
CA ALA DA 53 16.12 34.80 37.00
C ALA DA 53 16.12 35.90 38.03
N MET DA 54 14.95 36.38 38.44
CA MET DA 54 14.92 37.22 39.62
C MET DA 54 14.78 36.38 40.89
N THR DA 55 13.92 35.37 40.84
CA THR DA 55 13.70 34.57 42.03
C THR DA 55 14.97 33.85 42.46
N ARG DA 56 15.68 33.22 41.52
CA ARG DA 56 16.76 32.33 41.92
C ARG DA 56 17.86 33.07 42.67
N TYR DA 57 18.36 34.16 42.12
CA TYR DA 57 19.42 34.89 42.81
C TYR DA 57 18.89 35.71 43.96
N MET DA 58 17.58 35.80 44.10
CA MET DA 58 16.97 36.15 45.37
C MET DA 58 16.84 34.89 46.21
N LYS DA 59 16.54 35.07 47.48
CA LYS DA 59 16.19 33.93 48.31
C LYS DA 59 15.21 34.40 49.38
N ARG DA 60 14.56 33.43 50.02
CA ARG DA 60 13.53 33.69 51.01
C ARG DA 60 12.37 34.49 50.42
N GLY DA 61 12.19 34.43 49.11
CA GLY DA 61 11.09 35.15 48.53
C GLY DA 61 11.43 36.61 48.30
N GLY DA 62 11.03 37.46 49.23
CA GLY DA 62 11.14 38.90 49.04
C GLY DA 62 10.04 39.34 48.11
N LYS DA 63 9.38 40.46 48.42
CA LYS DA 63 8.23 40.85 47.64
C LYS DA 63 8.63 41.13 46.20
N VAL DA 64 7.92 40.52 45.27
CA VAL DA 64 8.17 40.66 43.84
C VAL DA 64 6.83 40.66 43.13
N TRP DA 65 6.46 41.77 42.52
CA TRP DA 65 5.25 41.86 41.73
C TRP DA 65 5.64 42.01 40.27
N ILE DA 66 4.84 41.40 39.40
CA ILE DA 66 5.07 41.44 37.96
C ILE DA 66 4.12 42.48 37.39
N LYS DA 67 4.57 43.73 37.34
CA LYS DA 67 3.67 44.85 37.11
C LYS DA 67 3.28 45.00 35.66
N ILE DA 68 3.36 43.94 34.86
CA ILE DA 68 2.84 43.98 33.51
C ILE DA 68 2.39 42.57 33.14
N PHE DA 69 1.48 42.49 32.17
CA PHE DA 69 0.83 41.23 31.83
C PHE DA 69 0.43 41.24 30.38
N PRO DA 70 0.68 40.16 29.65
CA PRO DA 70 0.24 40.11 28.25
C PRO DA 70 -1.28 40.14 28.18
N HIS DA 71 -1.79 40.97 27.27
CA HIS DA 71 -3.20 41.04 26.93
C HIS DA 71 -3.49 40.69 25.49
N LYS DA 72 -2.85 41.38 24.54
CA LYS DA 72 -3.17 41.31 23.13
C LYS DA 72 -2.66 40.01 22.50
N SER DA 73 -3.35 39.55 21.46
CA SER DA 73 -3.06 38.28 20.83
C SER DA 73 -2.15 38.42 19.63
N TYR DA 74 -1.73 37.29 19.11
CA TYR DA 74 -0.75 37.15 18.04
C TYR DA 74 -1.32 36.27 16.93
N THR DA 75 -0.60 36.20 15.82
CA THR DA 75 -1.01 35.38 14.69
C THR DA 75 0.18 35.08 13.80
N SER DA 76 -0.03 34.15 12.88
CA SER DA 76 1.00 33.75 11.94
C SER DA 76 0.41 32.84 10.88
N LYS DA 77 1.05 32.79 9.73
CA LYS DA 77 0.74 31.84 8.69
C LYS DA 77 1.69 30.66 8.79
N ALA DA 78 1.66 29.79 7.79
CA ALA DA 78 2.59 28.67 7.68
C ALA DA 78 3.44 28.84 6.44
N ILE DA 79 4.70 28.44 6.52
CA ILE DA 79 5.61 28.61 5.39
C ILE DA 79 5.15 27.73 4.24
N GLY DA 80 5.19 28.28 3.03
CA GLY DA 80 4.67 27.61 1.87
C GLY DA 80 3.27 28.01 1.48
N VAL DA 81 2.75 29.10 2.05
CA VAL DA 81 1.39 29.56 1.80
C VAL DA 81 1.49 30.92 1.12
N ARG DA 82 0.98 30.99 -0.10
CA ARG DA 82 0.95 32.25 -0.82
C ARG DA 82 0.11 33.25 -0.06
N MET DA 83 0.42 34.53 -0.21
CA MET DA 83 -0.40 35.54 0.41
C MET DA 83 -1.80 35.48 -0.17
N GLY DA 84 -2.73 36.20 0.44
CA GLY DA 84 -4.11 36.00 0.05
C GLY DA 84 -5.09 35.88 1.21
N LYS DA 85 -5.67 34.70 1.37
CA LYS DA 85 -6.88 34.44 2.14
C LYS DA 85 -6.76 34.81 3.60
N GLY DA 86 -7.84 34.65 4.36
CA GLY DA 86 -7.98 35.31 5.66
C GLY DA 86 -6.84 35.02 6.63
N LYS DA 87 -6.79 35.85 7.67
CA LYS DA 87 -5.71 35.85 8.64
C LYS DA 87 -5.33 34.46 9.11
N GLY DA 88 -4.07 34.27 9.50
CA GLY DA 88 -3.61 32.98 9.95
C GLY DA 88 -4.00 32.69 11.37
N ALA DA 89 -3.73 31.45 11.79
CA ALA DA 89 -4.11 31.02 13.13
C ALA DA 89 -3.43 31.90 14.18
N PRO DA 90 -3.99 31.99 15.37
CA PRO DA 90 -3.35 32.76 16.43
C PRO DA 90 -2.46 31.91 17.33
N GLU DA 91 -1.26 32.41 17.62
CA GLU DA 91 -0.31 31.70 18.48
C GLU DA 91 0.53 32.74 19.20
N GLY DA 92 0.41 32.79 20.52
CA GLY DA 92 1.24 33.67 21.31
C GLY DA 92 0.44 34.81 21.92
N TRP DA 93 1.15 35.67 22.63
CA TRP DA 93 0.57 36.84 23.27
C TRP DA 93 1.65 37.90 23.35
N VAL DA 94 1.27 39.14 23.62
CA VAL DA 94 2.20 40.25 23.62
C VAL DA 94 1.57 41.41 24.37
N SER DA 95 2.36 42.15 25.13
CA SER DA 95 1.87 43.38 25.76
C SER DA 95 2.89 44.49 25.54
N PRO DA 96 2.62 45.45 24.67
CA PRO DA 96 3.63 46.41 24.29
C PRO DA 96 4.00 47.33 25.45
N VAL DA 97 5.26 47.70 25.51
CA VAL DA 97 5.80 48.53 26.59
C VAL DA 97 6.50 49.72 25.95
N LYS DA 98 5.98 50.92 26.21
CA LYS DA 98 6.65 52.13 25.77
C LYS DA 98 7.73 52.50 26.77
N ARG DA 99 8.57 53.46 26.40
CA ARG DA 99 9.61 53.89 27.31
C ARG DA 99 9.01 54.63 28.49
N GLY DA 100 9.72 54.58 29.61
CA GLY DA 100 9.23 55.23 30.79
C GLY DA 100 8.45 54.30 31.67
N LYS DA 101 7.82 53.27 31.11
CA LYS DA 101 7.05 52.37 31.95
C LYS DA 101 7.96 51.68 32.94
N ILE DA 102 7.37 51.06 33.95
CA ILE DA 102 8.12 50.34 34.97
C ILE DA 102 7.64 48.90 34.96
N MET DA 103 8.56 47.98 34.69
CA MET DA 103 8.18 46.60 34.54
C MET DA 103 8.04 45.88 35.87
N PHE DA 104 9.13 45.77 36.62
CA PHE DA 104 9.14 44.98 37.85
C PHE DA 104 9.43 45.88 39.04
N GLU DA 105 9.09 45.37 40.23
CA GLU DA 105 9.39 46.08 41.47
C GLU DA 105 9.68 45.07 42.56
N ILE DA 106 10.68 45.36 43.39
CA ILE DA 106 11.08 44.47 44.47
C ILE DA 106 11.30 45.29 45.74
N ALA DA 107 11.25 44.60 46.86
CA ALA DA 107 11.63 45.14 48.16
C ALA DA 107 11.81 43.96 49.11
N GLY DA 108 12.51 44.22 50.21
CA GLY DA 108 12.75 43.21 51.23
C GLY DA 108 14.18 42.75 51.36
N VAL DA 109 15.11 43.28 50.57
CA VAL DA 109 16.51 42.88 50.63
C VAL DA 109 17.39 44.10 50.39
N PRO DA 110 18.61 44.08 50.92
CA PRO DA 110 19.51 45.22 50.75
C PRO DA 110 19.93 45.35 49.29
N GLU DA 111 20.44 46.53 48.96
CA GLU DA 111 20.60 46.91 47.56
C GLU DA 111 21.40 45.86 46.77
N GLU DA 112 22.46 45.34 47.37
CA GLU DA 112 23.33 44.42 46.64
C GLU DA 112 22.54 43.27 46.05
N VAL DA 113 21.69 42.64 46.87
CA VAL DA 113 20.78 41.64 46.33
C VAL DA 113 19.89 42.25 45.26
N ALA DA 114 19.40 43.47 45.52
CA ALA DA 114 18.44 44.07 44.60
C ALA DA 114 19.07 44.33 43.25
N ARG DA 115 20.22 44.98 43.22
CA ARG DA 115 20.84 45.29 41.94
C ARG DA 115 21.38 44.03 41.27
N GLU DA 116 21.84 43.05 42.06
CA GLU DA 116 22.16 41.74 41.50
C GLU DA 116 20.99 41.21 40.69
N ALA DA 117 19.84 41.06 41.34
CA ALA DA 117 18.70 40.46 40.67
C ALA DA 117 18.26 41.29 39.49
N LEU DA 118 18.17 42.61 39.68
CA LEU DA 118 17.62 43.49 38.65
C LEU DA 118 18.63 43.84 37.57
N ARG DA 119 19.84 43.30 37.62
CA ARG DA 119 20.67 43.27 36.44
C ARG DA 119 20.71 41.89 35.81
N LEU DA 120 20.48 40.85 36.60
CA LEU DA 120 20.30 39.52 36.01
C LEU DA 120 19.07 39.48 35.14
N ALA DA 121 18.00 40.17 35.54
CA ALA DA 121 16.75 40.10 34.80
C ALA DA 121 16.85 40.85 33.49
N SER DA 122 17.50 42.00 33.51
CA SER DA 122 17.48 42.86 32.33
C SER DA 122 18.26 42.32 31.20
N HIS DA 123 18.79 41.10 31.23
CA HIS DA 123 19.44 40.51 30.08
C HIS DA 123 18.54 39.53 29.35
N LYS DA 124 17.26 39.48 29.71
CA LYS DA 124 16.32 38.61 29.02
C LYS DA 124 15.28 39.38 28.25
N LEU DA 125 15.36 40.70 28.21
CA LEU DA 125 14.39 41.53 27.54
C LEU DA 125 15.05 42.41 26.48
N PRO DA 126 14.40 42.66 25.36
CA PRO DA 126 15.05 43.40 24.28
C PRO DA 126 15.06 44.90 24.48
N VAL DA 127 14.83 45.35 25.70
CA VAL DA 127 14.69 46.78 25.98
C VAL DA 127 15.91 47.26 26.73
N LYS DA 128 16.33 48.50 26.46
CA LYS DA 128 17.38 49.14 27.25
C LYS DA 128 16.82 49.57 28.59
N THR DA 129 17.08 48.80 29.62
CA THR DA 129 16.45 49.04 30.91
C THR DA 129 17.21 50.12 31.67
N LYS DA 130 16.84 50.30 32.93
CA LYS DA 130 17.50 51.23 33.85
C LYS DA 130 17.19 50.76 35.27
N ILE DA 131 17.46 51.60 36.26
CA ILE DA 131 17.21 51.22 37.65
C ILE DA 131 16.81 52.45 38.45
N VAL DA 132 15.69 52.35 39.16
CA VAL DA 132 15.21 53.40 40.06
C VAL DA 132 14.62 52.74 41.30
N LYS DA 133 14.64 53.47 42.41
CA LYS DA 133 14.07 53.08 43.68
C LYS DA 133 12.78 53.85 43.98
N ARG DA 134 12.04 53.38 44.98
CA ARG DA 134 10.89 54.14 45.46
C ARG DA 134 11.41 55.39 46.14
N GLU DA 135 11.11 56.55 45.57
CA GLU DA 135 11.90 57.74 45.86
C GLU DA 135 11.38 58.57 47.01
N GLU DA 136 10.21 59.19 46.85
CA GLU DA 136 9.87 60.29 47.73
C GLU DA 136 8.44 60.72 47.46
N MET DA 137 7.82 61.34 48.46
CA MET DA 137 6.46 61.84 48.35
C MET DA 137 6.35 63.07 49.24
N GLY DA 138 5.12 63.46 49.55
CA GLY DA 138 4.86 64.39 50.64
C GLY DA 138 4.59 63.58 51.89
N GLY DA 139 4.13 62.35 51.69
CA GLY DA 139 4.04 61.35 52.72
C GLY DA 139 4.34 59.99 52.12
N GLU DA 140 5.34 59.28 52.67
CA GLU DA 140 5.82 58.07 52.02
C GLU DA 140 4.79 56.96 52.07
N SER DA 141 4.07 56.82 53.18
CA SER DA 141 3.04 55.81 53.36
C SER DA 141 3.53 54.41 53.04
N ARG EA 1 61.92 13.00 -50.33
CA ARG EA 1 61.20 12.71 -51.55
C ARG EA 1 59.96 13.57 -51.67
N LYS EA 2 59.21 13.40 -52.76
CA LYS EA 2 58.03 14.24 -53.01
C LYS EA 2 56.91 13.35 -53.54
N LEU EA 3 55.91 13.11 -52.73
CA LEU EA 3 54.76 12.33 -53.18
C LEU EA 3 53.92 13.16 -54.15
N GLY EA 4 53.21 12.47 -55.04
CA GLY EA 4 52.22 13.16 -55.87
C GLY EA 4 50.84 12.53 -55.84
N ARG EA 5 50.81 11.24 -55.56
CA ARG EA 5 49.62 10.39 -55.56
C ARG EA 5 49.84 9.34 -54.49
N THR EA 6 49.13 8.21 -54.59
CA THR EA 6 49.45 7.09 -53.72
C THR EA 6 50.83 6.55 -54.08
N SER EA 7 51.21 5.47 -53.42
CA SER EA 7 52.49 4.86 -53.71
C SER EA 7 52.55 4.37 -55.14
N SER EA 8 51.81 3.31 -55.45
CA SER EA 8 52.02 2.60 -56.70
C SER EA 8 51.80 3.50 -57.91
N GLN EA 9 50.95 4.53 -57.78
CA GLN EA 9 50.77 5.44 -58.89
C GLN EA 9 52.02 6.24 -59.17
N ARG EA 10 52.69 6.72 -58.12
CA ARG EA 10 53.95 7.40 -58.33
C ARG EA 10 54.97 6.48 -58.97
N LYS EA 11 55.06 5.25 -58.47
CA LYS EA 11 56.03 4.32 -59.03
C LYS EA 11 55.77 4.13 -60.52
N ALA EA 12 54.51 3.99 -60.90
CA ALA EA 12 54.22 3.82 -62.33
C ALA EA 12 54.52 5.09 -63.11
N MET EA 13 54.26 6.25 -62.53
CA MET EA 13 54.51 7.49 -63.26
C MET EA 13 55.98 7.67 -63.54
N LEU EA 14 56.82 7.31 -62.58
CA LEU EA 14 58.26 7.43 -62.81
C LEU EA 14 58.74 6.36 -63.78
N ARG EA 15 58.28 5.12 -63.62
CA ARG EA 15 58.63 4.11 -64.60
C ARG EA 15 58.13 4.47 -65.98
N ASP EA 16 57.22 5.44 -66.08
CA ASP EA 16 56.81 5.95 -67.38
C ASP EA 16 57.76 7.03 -67.87
N ILE EA 17 57.99 8.06 -67.06
CA ILE EA 17 58.75 9.19 -67.53
C ILE EA 17 60.18 8.78 -67.84
N THR EA 18 60.78 7.98 -66.98
CA THR EA 18 62.13 7.64 -67.37
C THR EA 18 62.19 6.69 -68.45
N THR EA 19 61.13 6.27 -69.11
CA THR EA 19 61.30 5.43 -70.29
C THR EA 19 61.23 6.22 -71.57
N ASP EA 20 60.42 7.26 -71.63
CA ASP EA 20 60.81 8.37 -72.46
C ASP EA 20 62.04 8.99 -71.85
N LEU EA 21 62.65 9.94 -72.55
CA LEU EA 21 63.89 10.55 -72.08
C LEU EA 21 65.00 9.51 -72.13
N ILE EA 22 64.66 8.29 -72.48
CA ILE EA 22 65.63 7.29 -72.86
C ILE EA 22 65.53 7.20 -74.37
N ILE EA 23 64.34 7.42 -74.90
CA ILE EA 23 64.12 7.28 -76.32
C ILE EA 23 64.25 8.58 -77.09
N ASN EA 24 64.02 9.71 -76.44
CA ASN EA 24 64.10 10.99 -77.15
C ASN EA 24 65.24 11.88 -76.68
N GLU EA 25 65.82 11.61 -75.52
CA GLU EA 25 66.85 12.43 -74.90
C GLU EA 25 66.34 13.80 -74.50
N ARG EA 26 65.02 14.02 -74.53
CA ARG EA 26 64.48 15.32 -74.22
C ARG EA 26 63.01 15.18 -73.83
N ILE EA 27 62.55 16.10 -72.98
CA ILE EA 27 61.25 15.97 -72.37
C ILE EA 27 60.86 17.31 -71.81
N VAL EA 28 59.58 17.66 -71.95
CA VAL EA 28 59.05 18.92 -71.46
C VAL EA 28 57.91 18.61 -70.50
N THR EA 29 58.16 18.74 -69.21
CA THR EA 29 57.15 18.54 -68.19
C THR EA 29 57.33 19.61 -67.12
N THR EA 30 56.74 19.36 -65.95
CA THR EA 30 56.68 20.34 -64.88
C THR EA 30 57.99 20.35 -64.11
N GLU EA 31 57.98 20.97 -62.94
CA GLU EA 31 59.19 21.19 -62.17
C GLU EA 31 59.51 20.05 -61.22
N ALA EA 32 58.52 19.54 -60.49
CA ALA EA 32 58.79 18.51 -59.49
C ALA EA 32 59.12 17.17 -60.16
N ARG EA 33 58.24 16.71 -61.04
CA ARG EA 33 58.53 15.50 -61.78
C ARG EA 33 59.91 15.56 -62.41
N ALA EA 34 60.35 16.76 -62.79
CA ALA EA 34 61.70 16.92 -63.30
C ALA EA 34 62.73 16.47 -62.28
N LYS EA 35 62.66 16.99 -61.06
CA LYS EA 35 63.69 16.66 -60.08
C LYS EA 35 63.70 15.18 -59.76
N GLU EA 36 62.52 14.62 -59.49
CA GLU EA 36 62.52 13.20 -59.18
C GLU EA 36 63.02 12.37 -60.36
N VAL EA 37 62.73 12.80 -61.58
CA VAL EA 37 63.11 11.97 -62.69
C VAL EA 37 64.60 12.11 -63.00
N ARG EA 38 65.21 13.26 -62.73
CA ARG EA 38 66.64 13.32 -62.93
C ARG EA 38 67.34 12.38 -61.97
N SER EA 39 66.89 12.36 -60.70
CA SER EA 39 67.45 11.39 -59.78
C SER EA 39 67.32 9.97 -60.32
N THR EA 40 66.11 9.59 -60.73
CA THR EA 40 65.89 8.21 -61.15
C THR EA 40 66.69 7.84 -62.39
N VAL EA 41 66.71 8.73 -63.39
CA VAL EA 41 67.42 8.42 -64.64
C VAL EA 41 68.89 8.23 -64.37
N GLU EA 42 69.50 9.19 -63.67
CA GLU EA 42 70.91 9.01 -63.39
C GLU EA 42 71.16 7.76 -62.57
N LYS EA 43 70.22 7.36 -61.72
CA LYS EA 43 70.44 6.12 -61.00
C LYS EA 43 70.28 4.90 -61.87
N MET EA 44 69.58 5.02 -63.00
CA MET EA 44 69.38 3.90 -63.91
C MET EA 44 70.26 4.00 -65.15
N ILE EA 45 71.35 4.74 -65.08
CA ILE EA 45 72.34 4.71 -66.14
C ILE EA 45 73.65 4.11 -65.66
N THR EA 46 73.94 4.12 -64.37
CA THR EA 46 75.09 3.37 -63.90
C THR EA 46 74.93 1.89 -64.18
N LEU EA 47 73.70 1.40 -64.20
CA LEU EA 47 73.49 0.02 -64.60
C LEU EA 47 73.87 -0.19 -66.06
N GLY EA 48 73.77 0.85 -66.87
CA GLY EA 48 74.30 0.75 -68.20
C GLY EA 48 75.81 0.73 -68.29
N LYS EA 49 76.49 0.78 -67.17
CA LYS EA 49 77.94 0.78 -67.16
C LYS EA 49 78.55 -0.52 -66.68
N ARG EA 50 77.77 -1.41 -66.10
CA ARG EA 50 78.27 -2.75 -65.84
C ARG EA 50 78.06 -3.66 -67.05
N GLY EA 51 76.82 -3.79 -67.50
CA GLY EA 51 76.54 -4.53 -68.71
C GLY EA 51 76.51 -6.03 -68.57
N ASP EA 52 76.69 -6.58 -67.38
CA ASP EA 52 76.66 -8.02 -67.21
C ASP EA 52 75.23 -8.50 -67.07
N LEU EA 53 75.05 -9.73 -66.61
CA LEU EA 53 73.71 -10.22 -66.36
C LEU EA 53 73.04 -9.43 -65.25
N HIS EA 54 73.67 -9.38 -64.09
CA HIS EA 54 72.96 -8.87 -62.92
C HIS EA 54 72.52 -7.44 -63.12
N ALA EA 55 73.34 -6.64 -63.78
CA ALA EA 55 72.88 -5.28 -64.07
C ALA EA 55 71.76 -5.28 -65.10
N ARG EA 56 71.81 -6.19 -66.06
CA ARG EA 56 70.71 -6.33 -67.00
C ARG EA 56 69.42 -6.67 -66.28
N ARG EA 57 69.42 -7.74 -65.49
CA ARG EA 57 68.26 -8.24 -64.77
C ARG EA 57 67.91 -7.44 -63.62
N GLN EA 58 68.64 -6.39 -63.28
CA GLN EA 58 68.13 -5.41 -62.34
C GLN EA 58 67.57 -4.19 -63.04
N ALA EA 59 68.15 -3.77 -64.16
CA ALA EA 59 67.55 -2.68 -64.91
C ALA EA 59 66.25 -3.10 -65.56
N ALA EA 60 66.06 -4.37 -65.79
CA ALA EA 60 64.91 -4.81 -66.56
C ALA EA 60 63.64 -4.81 -65.76
N THR EA 61 63.59 -4.08 -64.64
CA THR EA 61 62.34 -3.91 -63.92
C THR EA 61 61.92 -2.46 -63.80
N PHE EA 62 62.80 -1.50 -64.11
CA PHE EA 62 62.44 -0.09 -64.07
C PHE EA 62 62.33 0.52 -65.46
N VAL EA 63 61.91 -0.25 -66.45
CA VAL EA 63 61.78 0.28 -67.80
C VAL EA 63 60.52 -0.32 -68.41
N ARG EA 64 59.64 0.54 -68.94
CA ARG EA 64 58.50 0.08 -69.70
C ARG EA 64 58.91 -1.05 -70.61
N ASN EA 65 58.15 -2.14 -70.57
CA ASN EA 65 58.65 -3.43 -71.03
C ASN EA 65 59.21 -3.34 -72.43
N GLU EA 66 58.38 -2.94 -73.39
CA GLU EA 66 58.74 -3.02 -74.79
C GLU EA 66 58.28 -1.73 -75.44
N VAL EA 67 59.21 -0.91 -75.90
CA VAL EA 67 58.89 0.30 -76.62
C VAL EA 67 59.91 0.42 -77.74
N ALA EA 68 59.51 0.05 -78.95
CA ALA EA 68 60.43 -0.02 -80.07
C ALA EA 68 61.14 1.31 -80.28
N SER EA 69 62.28 1.25 -80.95
CA SER EA 69 63.01 2.44 -81.39
C SER EA 69 63.77 2.05 -82.66
N VAL EA 70 63.16 2.30 -83.83
CA VAL EA 70 63.69 1.81 -85.09
C VAL EA 70 63.98 3.00 -85.99
N ARG EA 71 65.24 3.41 -86.03
CA ARG EA 71 65.78 4.16 -87.16
C ARG EA 71 67.04 3.42 -87.58
N GLU EA 72 66.85 2.33 -88.31
CA GLU EA 72 67.98 1.57 -88.85
C GLU EA 72 67.47 0.47 -89.76
N GLU EA 73 68.19 0.23 -90.86
CA GLU EA 73 67.96 -0.88 -91.76
C GLU EA 73 69.12 -0.91 -92.74
N ASP EA 74 69.67 -2.10 -92.97
CA ASP EA 74 70.72 -2.29 -93.97
C ASP EA 74 70.17 -3.05 -95.16
N GLU EA 75 69.66 -4.25 -94.94
CA GLU EA 75 68.51 -4.75 -95.67
C GLU EA 75 67.78 -5.65 -94.68
N SER EA 76 66.91 -5.03 -93.90
CA SER EA 76 66.32 -5.67 -92.73
C SER EA 76 65.39 -4.70 -92.04
N ILE EA 77 64.79 -5.13 -90.93
CA ILE EA 77 64.09 -4.25 -90.01
C ILE EA 77 64.68 -4.54 -88.63
N VAL EA 78 65.67 -3.76 -88.23
CA VAL EA 78 66.27 -3.91 -86.91
C VAL EA 78 65.44 -3.13 -85.91
N VAL EA 79 65.14 -3.76 -84.77
CA VAL EA 79 64.29 -3.18 -83.75
C VAL EA 79 65.09 -3.07 -82.46
N GLU EA 80 64.98 -1.93 -81.78
CA GLU EA 80 65.70 -1.70 -80.54
C GLU EA 80 64.70 -1.37 -79.45
N SER EA 81 64.68 -2.18 -78.40
CA SER EA 81 63.61 -2.15 -77.42
C SER EA 81 63.91 -1.25 -76.25
N ALA EA 82 64.63 -0.16 -76.45
CA ALA EA 82 64.69 0.94 -75.49
C ALA EA 82 65.33 0.55 -74.18
N LEU EA 83 65.64 -0.74 -74.02
CA LEU EA 83 66.57 -1.21 -73.01
C LEU EA 83 67.88 -1.61 -73.67
N GLN EA 84 67.79 -2.46 -74.70
CA GLN EA 84 68.93 -2.69 -75.55
C GLN EA 84 69.57 -1.38 -75.97
N LYS EA 85 68.78 -0.32 -76.13
CA LYS EA 85 69.38 0.98 -76.34
C LYS EA 85 70.18 1.40 -75.12
N LEU EA 86 69.63 1.19 -73.93
CA LEU EA 86 70.36 1.58 -72.72
C LEU EA 86 71.70 0.88 -72.65
N PHE EA 87 71.77 -0.37 -73.07
CA PHE EA 87 72.99 -1.13 -72.96
C PHE EA 87 73.83 -1.12 -74.22
N ASN EA 88 73.39 -0.45 -75.27
CA ASN EA 88 74.18 -0.38 -76.48
C ASN EA 88 74.64 1.01 -76.87
N ASP EA 89 73.89 2.05 -76.53
CA ASP EA 89 74.21 3.37 -77.01
C ASP EA 89 74.53 4.34 -75.89
N LEU EA 90 73.65 4.47 -74.90
CA LEU EA 90 73.91 5.42 -73.83
C LEU EA 90 75.12 4.99 -73.01
N GLY EA 91 75.22 3.69 -72.73
CA GLY EA 91 76.28 3.17 -71.90
C GLY EA 91 77.65 3.54 -72.39
N PRO EA 92 78.06 3.01 -73.53
CA PRO EA 92 79.40 3.31 -74.04
C PRO EA 92 79.60 4.78 -74.36
N ARG EA 93 78.60 5.61 -74.10
CA ARG EA 93 78.73 7.02 -74.37
C ARG EA 93 79.03 7.84 -73.11
N PHE EA 94 79.27 7.18 -71.98
CA PHE EA 94 79.45 7.88 -70.71
C PHE EA 94 80.62 7.34 -69.91
N ALA EA 95 81.52 6.58 -70.54
CA ALA EA 95 82.52 5.85 -69.79
C ALA EA 95 83.40 6.78 -68.97
N GLU EA 96 83.75 7.94 -69.50
CA GLU EA 96 84.67 8.84 -68.83
C GLU EA 96 83.95 9.90 -68.02
N ARG EA 97 82.77 10.32 -68.46
CA ARG EA 97 81.94 11.21 -67.66
C ARG EA 97 81.47 10.48 -66.42
N GLN EA 98 81.80 11.01 -65.25
CA GLN EA 98 81.31 10.39 -64.02
C GLN EA 98 79.89 10.87 -63.75
N GLY EA 99 79.43 10.77 -62.51
CA GLY EA 99 78.04 11.06 -62.22
C GLY EA 99 77.55 12.43 -62.67
N GLY EA 100 76.23 12.61 -62.71
CA GLY EA 100 75.66 13.89 -63.06
C GLY EA 100 75.53 14.20 -64.54
N TYR EA 101 74.66 13.50 -65.26
CA TYR EA 101 74.52 13.75 -66.69
C TYR EA 101 73.15 14.21 -67.16
N THR EA 102 72.56 15.23 -66.54
CA THR EA 102 71.30 15.79 -67.04
C THR EA 102 71.22 17.28 -66.78
N ARG EA 103 70.63 18.01 -67.72
CA ARG EA 103 70.47 19.46 -67.63
C ARG EA 103 68.99 19.80 -67.54
N ILE EA 104 68.64 20.70 -66.63
CA ILE EA 104 67.26 21.12 -66.40
C ILE EA 104 67.16 22.60 -66.72
N LEU EA 105 66.15 22.98 -67.48
CA LEU EA 105 66.02 24.34 -67.99
C LEU EA 105 64.64 24.89 -67.71
N LYS EA 106 64.59 26.00 -66.97
CA LYS EA 106 63.34 26.58 -66.51
C LYS EA 106 62.81 27.54 -67.56
N THR EA 107 61.74 27.15 -68.27
CA THR EA 107 61.30 27.93 -69.42
C THR EA 107 60.17 28.91 -69.12
N GLU EA 108 58.98 28.40 -68.80
CA GLU EA 108 57.80 29.25 -68.80
C GLU EA 108 56.57 28.50 -68.29
N PRO EA 109 55.67 29.16 -67.56
CA PRO EA 109 54.47 28.46 -67.08
C PRO EA 109 53.56 28.08 -68.23
N ARG EA 110 52.45 27.47 -67.87
CA ARG EA 110 51.50 26.90 -68.81
C ARG EA 110 50.21 27.69 -68.79
N ARG EA 111 49.37 27.43 -69.80
CA ARG EA 111 48.18 28.25 -69.98
C ARG EA 111 47.21 28.07 -68.83
N GLY EA 112 46.82 26.83 -68.54
CA GLY EA 112 45.68 26.58 -67.69
C GLY EA 112 45.91 26.46 -66.21
N ASP EA 113 47.15 26.23 -65.76
CA ASP EA 113 47.39 26.05 -64.35
C ASP EA 113 48.59 26.80 -63.80
N ALA EA 114 49.37 27.46 -64.65
CA ALA EA 114 50.56 28.17 -64.20
C ALA EA 114 51.49 27.23 -63.45
N ALA EA 115 51.75 26.08 -64.04
CA ALA EA 115 52.73 25.17 -63.49
C ALA EA 115 54.04 25.41 -64.19
N PRO EA 116 55.03 26.01 -63.55
CA PRO EA 116 56.27 26.36 -64.25
C PRO EA 116 56.91 25.13 -64.87
N MET EA 117 56.94 25.10 -66.19
CA MET EA 117 57.42 23.93 -66.92
C MET EA 117 58.94 23.93 -66.97
N VAL EA 118 59.50 22.95 -67.66
CA VAL EA 118 60.94 22.71 -67.62
C VAL EA 118 61.29 21.70 -68.69
N VAL EA 119 62.56 21.71 -69.10
CA VAL EA 119 63.11 20.73 -70.05
C VAL EA 119 64.09 19.83 -69.34
N ILE EA 120 64.47 18.75 -70.01
CA ILE EA 120 65.51 17.84 -69.51
C ILE EA 120 66.32 17.35 -70.69
N GLU EA 121 67.64 17.43 -70.56
CA GLU EA 121 68.50 16.90 -71.63
C GLU EA 121 69.55 15.98 -71.06
N PHE EA 122 70.51 15.58 -71.88
CA PHE EA 122 71.41 14.51 -71.47
C PHE EA 122 72.87 14.95 -71.39
N VAL EA 123 73.40 15.64 -72.37
CA VAL EA 123 74.77 16.07 -72.28
C VAL EA 123 74.88 17.17 -71.25
N ILE FA 1 -44.32 50.59 57.07
CA ILE FA 1 -45.05 50.96 55.86
C ILE FA 1 -45.02 52.45 55.66
N THR FA 2 -44.78 52.88 54.43
CA THR FA 2 -44.93 54.27 54.06
C THR FA 2 -46.18 54.45 53.22
N LYS FA 3 -46.67 55.69 53.16
CA LYS FA 3 -47.82 56.02 52.33
C LYS FA 3 -47.40 57.02 51.28
N PRO FA 4 -47.70 56.78 50.01
CA PRO FA 4 -47.25 57.69 48.96
C PRO FA 4 -47.98 59.01 49.07
N ASP FA 5 -47.23 60.08 49.22
CA ASP FA 5 -47.81 61.41 49.39
C ASP FA 5 -48.65 61.75 48.16
N LYS FA 6 -49.97 61.78 48.34
CA LYS FA 6 -50.87 61.69 47.20
C LYS FA 6 -50.72 62.86 46.24
N ASN FA 7 -50.34 64.04 46.73
CA ASN FA 7 -50.18 65.15 45.82
C ASN FA 7 -49.07 64.90 44.81
N LYS FA 8 -48.13 64.00 45.15
CA LYS FA 8 -47.01 63.75 44.25
C LYS FA 8 -47.45 63.01 42.99
N THR FA 9 -48.26 61.96 43.15
CA THR FA 9 -48.71 61.21 41.99
C THR FA 9 -49.58 62.07 41.09
N ARG FA 10 -50.46 62.88 41.70
CA ARG FA 10 -51.27 63.77 40.89
C ARG FA 10 -50.39 64.80 40.20
N GLN FA 11 -49.30 65.21 40.85
CA GLN FA 11 -48.34 66.08 40.18
C GLN FA 11 -47.76 65.39 38.96
N LYS FA 12 -47.43 64.11 39.09
CA LYS FA 12 -46.79 63.41 37.98
C LYS FA 12 -47.73 63.28 36.81
N ARG FA 13 -48.95 62.82 37.08
CA ARG FA 13 -49.95 62.74 36.02
C ARG FA 13 -50.18 64.11 35.40
N HIS FA 14 -50.17 65.16 36.21
CA HIS FA 14 -50.30 66.51 35.70
C HIS FA 14 -49.20 66.82 34.71
N ARG FA 15 -47.96 66.52 35.09
CA ARG FA 15 -46.82 66.85 34.24
C ARG FA 15 -46.89 66.10 32.93
N ARG FA 16 -47.35 64.85 32.96
CA ARG FA 16 -47.55 64.16 31.70
C ARG FA 16 -48.64 64.85 30.87
N VAL FA 17 -49.77 65.17 31.50
CA VAL FA 17 -50.87 65.78 30.75
C VAL FA 17 -50.43 67.09 30.14
N ARG FA 18 -49.91 67.99 30.97
CA ARG FA 18 -49.49 69.31 30.53
C ARG FA 18 -48.58 69.22 29.32
N ASN FA 19 -47.94 68.08 29.14
CA ASN FA 19 -47.02 67.96 28.02
C ASN FA 19 -47.74 67.98 26.69
N LYS FA 20 -49.03 67.66 26.66
CA LYS FA 20 -49.75 67.69 25.38
C LYS FA 20 -50.02 69.12 24.95
N ILE FA 21 -50.84 69.84 25.71
CA ILE FA 21 -51.12 71.22 25.35
C ILE FA 21 -51.29 72.11 26.56
N SER FA 22 -50.45 73.13 26.64
CA SER FA 22 -50.79 74.39 27.28
C SER FA 22 -51.31 75.37 26.24
N GLY FA 23 -50.47 75.70 25.27
CA GLY FA 23 -50.87 76.51 24.13
C GLY FA 23 -51.56 77.79 24.51
N THR FA 24 -51.22 78.33 25.67
CA THR FA 24 -51.96 79.42 26.27
C THR FA 24 -51.57 80.77 25.65
N ALA FA 25 -51.72 80.88 24.34
CA ALA FA 25 -51.34 82.13 23.68
C ALA FA 25 -52.46 83.16 23.79
N GLU FA 26 -53.57 82.91 23.11
CA GLU FA 26 -54.78 83.71 23.24
C GLU FA 26 -55.98 82.81 23.44
N CYS FA 27 -55.77 81.51 23.56
CA CYS FA 27 -56.78 80.54 23.95
C CYS FA 27 -56.35 79.97 25.29
N PRO FA 28 -56.32 80.80 26.33
CA PRO FA 28 -55.52 80.49 27.51
C PRO FA 28 -56.09 79.33 28.30
N ARG FA 29 -55.31 78.89 29.28
CA ARG FA 29 -55.55 77.64 29.96
C ARG FA 29 -56.63 77.80 31.03
N LEU FA 30 -57.18 76.66 31.43
CA LEU FA 30 -58.01 76.52 32.62
C LEU FA 30 -57.20 75.80 33.68
N ASN FA 31 -57.80 75.59 34.84
CA ASN FA 31 -57.12 74.78 35.85
C ASN FA 31 -58.14 74.28 36.86
N ILE FA 32 -57.63 73.56 37.86
CA ILE FA 32 -58.47 72.88 38.83
C ILE FA 32 -57.59 72.49 40.01
N PHE FA 33 -58.18 72.43 41.20
CA PHE FA 33 -57.45 71.97 42.37
C PHE FA 33 -58.40 71.30 43.33
N ARG FA 34 -58.02 70.13 43.81
CA ARG FA 34 -58.72 69.45 44.89
C ARG FA 34 -58.14 69.87 46.22
N SER FA 35 -58.73 69.32 47.27
CA SER FA 35 -58.21 69.40 48.62
C SER FA 35 -59.06 68.44 49.43
N ASN FA 36 -58.89 68.44 50.74
CA ASN FA 36 -59.86 67.70 51.52
C ASN FA 36 -61.17 68.47 51.66
N LYS FA 37 -61.16 69.78 51.41
CA LYS FA 37 -62.35 70.57 51.68
C LYS FA 37 -62.73 71.61 50.64
N ASN FA 38 -61.87 71.98 49.70
CA ASN FA 38 -62.14 73.16 48.90
C ASN FA 38 -61.79 72.89 47.45
N ILE FA 39 -61.88 73.93 46.62
CA ILE FA 39 -61.72 73.84 45.18
C ILE FA 39 -61.40 75.25 44.66
N TYR FA 40 -60.45 75.33 43.75
CA TYR FA 40 -59.96 76.62 43.26
C TYR FA 40 -59.78 76.53 41.75
N ALA FA 41 -59.58 77.67 41.10
CA ALA FA 41 -59.42 77.68 39.66
C ALA FA 41 -58.83 78.99 39.20
N GLN FA 42 -58.05 78.94 38.13
CA GLN FA 42 -57.41 80.11 37.55
C GLN FA 42 -57.36 79.94 36.04
N VAL FA 43 -57.27 81.06 35.33
CA VAL FA 43 -57.17 81.07 33.88
C VAL FA 43 -55.82 81.68 33.52
N ILE FA 44 -54.89 80.83 33.10
CA ILE FA 44 -53.48 81.18 33.05
C ILE FA 44 -52.97 81.23 31.62
N ASP FA 45 -51.89 81.97 31.43
CA ASP FA 45 -51.29 82.21 30.12
C ASP FA 45 -49.78 81.99 30.21
N ASP FA 46 -49.16 81.79 29.05
CA ASP FA 46 -47.72 81.59 28.93
C ASP FA 46 -47.23 82.37 27.72
N VAL FA 47 -46.04 82.97 27.82
CA VAL FA 47 -45.05 82.67 28.84
C VAL FA 47 -45.16 83.49 30.11
N ALA FA 48 -46.12 84.41 30.15
CA ALA FA 48 -46.24 85.28 31.31
C ALA FA 48 -46.40 84.50 32.60
N GLY FA 49 -47.22 83.45 32.58
CA GLY FA 49 -47.58 82.81 33.83
C GLY FA 49 -48.52 83.63 34.68
N VAL FA 50 -49.01 84.75 34.16
CA VAL FA 50 -49.85 85.67 34.93
C VAL FA 50 -51.30 85.30 34.68
N THR FA 51 -52.00 84.90 35.74
CA THR FA 51 -53.39 84.53 35.60
C THR FA 51 -54.24 85.73 35.21
N LEU FA 52 -55.52 85.47 34.95
CA LEU FA 52 -56.42 86.49 34.45
C LEU FA 52 -57.70 86.56 35.27
N ALA FA 53 -58.11 85.43 35.85
CA ALA FA 53 -59.34 85.38 36.62
C ALA FA 53 -59.28 84.18 37.52
N SER FA 54 -59.84 84.32 38.71
CA SER FA 54 -59.74 83.31 39.75
C SER FA 54 -61.12 83.04 40.35
N ALA FA 55 -61.13 82.17 41.34
CA ALA FA 55 -62.35 81.86 42.09
C ALA FA 55 -61.92 81.18 43.38
N SER FA 56 -62.90 80.63 44.09
CA SER FA 56 -62.62 80.10 45.42
C SER FA 56 -63.75 79.25 45.93
N ALA FA 57 -63.45 78.07 46.44
CA ALA FA 57 -64.52 77.26 47.01
C ALA FA 57 -65.16 77.99 48.16
N LEU FA 58 -64.42 78.18 49.24
CA LEU FA 58 -64.94 78.79 50.45
C LEU FA 58 -64.18 80.05 50.82
N ASP FA 59 -63.81 80.85 49.82
CA ASP FA 59 -63.11 82.09 50.12
C ASP FA 59 -63.85 83.34 49.66
N LYS FA 60 -64.74 83.28 48.67
CA LYS FA 60 -65.48 84.48 48.33
C LYS FA 60 -67.00 84.34 48.52
N GLU FA 61 -67.67 83.48 47.75
CA GLU FA 61 -69.13 83.52 47.67
C GLU FA 61 -69.65 82.19 47.17
N ILE FA 62 -70.41 81.50 48.01
CA ILE FA 62 -70.97 80.20 47.64
C ILE FA 62 -72.27 79.95 48.37
N SER FA 63 -72.84 78.76 48.16
CA SER FA 63 -74.03 78.34 48.89
C SER FA 63 -73.82 77.07 49.71
N GLY FA 64 -73.49 75.96 49.06
CA GLY FA 64 -73.69 74.66 49.67
C GLY FA 64 -72.47 74.02 50.31
N GLY FA 65 -72.22 72.75 50.00
CA GLY FA 65 -71.13 72.01 50.57
C GLY FA 65 -70.09 71.59 49.53
N THR FA 66 -69.03 70.96 50.04
CA THR FA 66 -67.86 70.65 49.22
C THR FA 66 -68.22 69.56 48.22
N LYS FA 67 -68.94 69.97 47.18
CA LYS FA 67 -69.44 69.02 46.21
C LYS FA 67 -69.76 69.78 44.95
N THR FA 68 -70.52 69.13 44.08
CA THR FA 68 -71.08 69.80 42.91
C THR FA 68 -71.62 71.17 43.26
N GLU FA 69 -72.34 71.29 44.36
CA GLU FA 69 -72.89 72.57 44.79
C GLU FA 69 -71.80 73.63 44.73
N THR FA 70 -70.80 73.46 45.58
CA THR FA 70 -69.66 74.35 45.56
C THR FA 70 -69.02 74.36 44.18
N ALA FA 71 -68.89 73.19 43.58
CA ALA FA 71 -68.25 73.09 42.28
C ALA FA 71 -68.97 73.97 41.26
N ALA FA 72 -70.26 73.70 41.05
CA ALA FA 72 -71.00 74.43 40.04
C ALA FA 72 -71.00 75.92 40.34
N ALA FA 73 -71.12 76.28 41.61
CA ALA FA 73 -71.07 77.69 41.98
C ALA FA 73 -69.78 78.31 41.51
N VAL FA 74 -68.66 77.67 41.83
CA VAL FA 74 -67.36 78.22 41.45
C VAL FA 74 -67.25 78.32 39.95
N GLY FA 75 -67.78 77.33 39.24
CA GLY FA 75 -67.71 77.37 37.79
C GLY FA 75 -68.47 78.54 37.22
N LYS FA 76 -69.67 78.79 37.75
CA LYS FA 76 -70.42 79.96 37.33
C LYS FA 76 -69.61 81.22 37.55
N LEU FA 77 -69.01 81.34 38.73
CA LEU FA 77 -68.23 82.54 39.04
C LEU FA 77 -67.08 82.70 38.06
N VAL FA 78 -66.39 81.60 37.75
CA VAL FA 78 -65.27 81.64 36.83
C VAL FA 78 -65.72 82.14 35.48
N ALA FA 79 -66.76 81.50 34.92
CA ALA FA 79 -67.20 81.88 33.58
C ALA FA 79 -67.71 83.31 33.54
N GLU FA 80 -68.32 83.78 34.63
CA GLU FA 80 -68.80 85.16 34.64
C GLU FA 80 -67.63 86.13 34.64
N ARG FA 81 -66.66 85.91 35.53
CA ARG FA 81 -65.52 86.82 35.56
C ARG FA 81 -64.68 86.73 34.29
N ALA FA 82 -64.76 85.60 33.59
CA ALA FA 82 -63.95 85.43 32.39
C ALA FA 82 -64.45 86.30 31.26
N ALA FA 83 -65.70 86.09 30.83
CA ALA FA 83 -66.25 86.85 29.71
C ALA FA 83 -66.21 88.35 29.97
N GLU FA 84 -66.03 88.76 31.22
CA GLU FA 84 -65.74 90.16 31.51
C GLU FA 84 -64.61 90.67 30.62
N LYS FA 85 -63.48 89.97 30.62
CA LYS FA 85 -62.35 90.35 29.81
C LYS FA 85 -62.40 89.73 28.42
N GLY FA 86 -63.46 88.99 28.09
CA GLY FA 86 -63.63 88.51 26.73
C GLY FA 86 -62.80 87.30 26.37
N ILE FA 87 -63.09 86.17 27.01
CA ILE FA 87 -62.40 84.93 26.72
C ILE FA 87 -63.44 83.87 26.38
N LYS FA 88 -63.27 83.20 25.23
CA LYS FA 88 -64.20 82.14 24.85
C LYS FA 88 -63.49 80.94 24.23
N LYS FA 89 -62.20 80.76 24.46
CA LYS FA 89 -61.48 79.62 23.91
C LYS FA 89 -60.54 79.05 24.95
N VAL FA 90 -61.06 78.73 26.13
CA VAL FA 90 -60.21 78.14 27.12
C VAL FA 90 -59.85 76.71 26.72
N VAL FA 91 -58.67 76.28 27.15
CA VAL FA 91 -58.23 74.90 27.04
C VAL FA 91 -58.25 74.31 28.44
N PHE FA 92 -59.02 73.26 28.63
CA PHE FA 92 -59.33 72.76 29.96
C PHE FA 92 -58.22 71.83 30.41
N ASP FA 93 -57.51 72.21 31.45
CA ASP FA 93 -56.46 71.36 32.03
C ASP FA 93 -57.07 70.44 33.06
N ARG FA 94 -57.15 69.16 32.72
CA ARG FA 94 -57.76 68.18 33.61
C ARG FA 94 -57.11 68.17 34.98
N GLY FA 95 -55.93 68.71 35.13
CA GLY FA 95 -55.18 68.59 36.37
C GLY FA 95 -54.38 67.27 36.42
N GLY FA 96 -54.81 66.37 37.29
CA GLY FA 96 -54.28 65.02 37.30
C GLY FA 96 -55.35 64.03 37.71
N TYR FA 97 -56.60 64.40 37.50
CA TYR FA 97 -57.75 63.68 38.02
C TYR FA 97 -58.59 63.17 36.86
N LEU FA 98 -59.80 62.75 37.18
CA LEU FA 98 -60.73 62.18 36.22
C LEU FA 98 -61.97 63.07 36.08
N TYR FA 99 -63.00 62.52 35.45
CA TYR FA 99 -64.28 63.18 35.32
C TYR FA 99 -65.32 62.43 36.15
N HIS FA 100 -65.59 62.92 37.35
CA HIS FA 100 -66.65 62.32 38.15
C HIS FA 100 -67.47 63.33 38.92
N GLY FA 101 -67.22 64.62 38.74
CA GLY FA 101 -68.18 65.60 39.18
C GLY FA 101 -67.58 66.73 40.00
N ARG FA 102 -66.72 66.41 40.97
CA ARG FA 102 -66.02 67.51 41.60
C ARG FA 102 -65.20 68.27 40.58
N VAL FA 103 -64.82 67.60 39.50
CA VAL FA 103 -64.23 68.24 38.35
C VAL FA 103 -65.22 68.34 37.20
N GLN FA 104 -66.05 67.31 37.01
CA GLN FA 104 -66.92 67.27 35.84
C GLN FA 104 -68.05 68.28 35.96
N ALA FA 105 -68.67 68.38 37.14
CA ALA FA 105 -69.70 69.37 37.33
C ALA FA 105 -69.14 70.77 37.19
N LEU FA 106 -67.94 70.99 37.73
CA LEU FA 106 -67.25 72.24 37.49
C LEU FA 106 -67.11 72.49 36.00
N ALA FA 107 -66.72 71.47 35.26
CA ALA FA 107 -66.54 71.62 33.82
C ALA FA 107 -67.82 72.08 33.15
N GLU FA 108 -68.87 71.28 33.25
CA GLU FA 108 -70.09 71.59 32.51
C GLU FA 108 -70.73 72.87 33.02
N ALA FA 109 -70.56 73.21 34.29
CA ALA FA 109 -71.00 74.52 34.75
C ALA FA 109 -70.25 75.62 34.03
N ALA FA 110 -68.96 75.43 33.84
CA ALA FA 110 -68.19 76.40 33.08
C ALA FA 110 -68.66 76.47 31.63
N ARG FA 111 -69.13 75.36 31.08
CA ARG FA 111 -69.55 75.34 29.69
C ARG FA 111 -70.78 76.20 29.46
N GLU FA 112 -71.90 75.83 30.10
CA GLU FA 112 -73.16 76.47 29.82
C GLU FA 112 -73.12 77.96 30.10
N ASN FA 113 -72.56 78.35 31.22
CA ASN FA 113 -72.60 79.75 31.62
C ASN FA 113 -71.77 80.63 30.75
N GLY FA 114 -71.22 80.13 29.65
CA GLY FA 114 -70.67 81.01 28.64
C GLY FA 114 -69.23 80.79 28.25
N LEU FA 115 -68.71 79.58 28.44
CA LEU FA 115 -67.36 79.27 28.01
C LEU FA 115 -67.36 78.03 27.14
N GLU FA 116 -66.53 78.05 26.11
CA GLU FA 116 -66.57 77.07 25.04
C GLU FA 116 -65.46 76.04 25.21
N PHE FA 117 -65.85 74.77 25.25
CA PHE FA 117 -64.90 73.70 25.06
C PHE FA 117 -65.26 73.02 23.76
N ASN GA 1 79.96 11.17 -36.39
CA ASN GA 1 80.27 9.75 -36.45
C ASN GA 1 81.77 9.49 -36.34
N PRO GA 2 82.61 10.13 -37.15
CA PRO GA 2 84.04 9.87 -37.02
C PRO GA 2 84.62 10.49 -35.77
N LEU GA 3 84.11 11.63 -35.33
CA LEU GA 3 84.66 12.26 -34.13
C LEU GA 3 84.32 11.50 -32.86
N ILE GA 4 83.29 10.66 -32.88
CA ILE GA 4 82.96 9.86 -31.72
C ILE GA 4 83.83 8.62 -31.64
N GLN GA 5 83.96 7.91 -32.76
CA GLN GA 5 84.77 6.69 -32.78
C GLN GA 5 86.12 6.92 -32.14
N GLU GA 6 86.82 7.97 -32.58
CA GLU GA 6 88.09 8.29 -31.96
C GLU GA 6 87.93 8.52 -30.47
N LEU GA 7 86.74 8.88 -30.02
CA LEU GA 7 86.54 9.05 -28.59
C LEU GA 7 86.14 7.77 -27.89
N THR GA 8 85.88 6.70 -28.64
CA THR GA 8 85.38 5.48 -28.04
C THR GA 8 86.10 4.26 -28.60
N GLN GA 9 87.42 4.26 -28.55
CA GLN GA 9 88.17 3.06 -28.87
C GLN GA 9 88.79 2.40 -27.65
N GLU GA 10 89.24 3.20 -26.69
CA GLU GA 10 89.93 2.69 -25.52
C GLU GA 10 89.08 1.80 -24.66
N GLN GA 11 87.80 1.65 -24.96
CA GLN GA 11 86.90 0.86 -24.14
C GLN GA 11 86.20 -0.20 -24.96
N LEU GA 12 86.81 -0.62 -26.04
CA LEU GA 12 86.28 -1.70 -26.85
C LEU GA 12 87.04 -2.96 -26.52
N ARG GA 13 86.42 -3.83 -25.73
CA ARG GA 13 87.02 -5.14 -25.49
C ARG GA 13 87.26 -5.83 -26.82
N THR GA 14 88.30 -6.67 -26.88
CA THR GA 14 88.76 -7.19 -28.16
C THR GA 14 89.06 -8.68 -28.15
N ASP GA 15 88.39 -9.45 -27.31
CA ASP GA 15 88.53 -10.91 -27.33
C ASP GA 15 87.22 -11.62 -27.59
N ILE GA 16 86.14 -10.90 -27.83
CA ILE GA 16 84.84 -11.49 -28.10
C ILE GA 16 84.92 -12.31 -29.38
N PRO GA 17 84.61 -13.59 -29.33
CA PRO GA 17 84.69 -14.41 -30.55
C PRO GA 17 83.55 -14.13 -31.50
N ALA GA 18 83.44 -14.93 -32.55
CA ALA GA 18 82.37 -14.78 -33.52
C ALA GA 18 81.18 -15.64 -33.13
N PHE GA 19 79.99 -15.07 -33.23
CA PHE GA 19 78.77 -15.80 -32.92
C PHE GA 19 77.59 -15.04 -33.50
N ARG GA 20 76.81 -15.70 -34.25
CA ARG GA 20 75.65 -15.11 -34.88
C ARG GA 20 74.38 -15.71 -34.29
N PRO GA 21 73.27 -14.99 -34.28
CA PRO GA 21 72.10 -15.44 -33.51
C PRO GA 21 71.69 -16.86 -33.82
N GLY GA 22 71.75 -17.72 -32.81
CA GLY GA 22 71.46 -19.12 -33.01
C GLY GA 22 72.60 -20.00 -32.57
N ASP GA 23 73.41 -19.52 -31.63
CA ASP GA 23 74.55 -20.27 -31.14
C ASP GA 23 74.49 -20.30 -29.62
N THR GA 24 74.39 -21.49 -29.05
CA THR GA 24 74.41 -21.62 -27.60
C THR GA 24 75.69 -21.03 -27.06
N VAL GA 25 75.57 -20.25 -25.98
CA VAL GA 25 76.64 -19.40 -25.51
C VAL GA 25 76.63 -19.43 -24.00
N ARG GA 26 77.73 -19.83 -23.40
CA ARG GA 26 77.86 -19.80 -21.95
C ARG GA 26 78.50 -18.48 -21.54
N VAL GA 27 77.90 -17.81 -20.57
CA VAL GA 27 78.29 -16.46 -20.19
C VAL GA 27 78.74 -16.46 -18.74
N HIS GA 28 80.00 -16.11 -18.52
CA HIS GA 28 80.54 -15.98 -17.17
C HIS GA 28 80.27 -14.56 -16.69
N ALA GA 29 79.18 -14.38 -15.98
CA ALA GA 29 78.80 -13.05 -15.52
C ALA GA 29 79.68 -12.64 -14.33
N LYS GA 30 79.30 -11.55 -13.66
CA LYS GA 30 79.91 -11.16 -12.40
C LYS GA 30 78.81 -10.75 -11.45
N VAL GA 31 78.82 -11.31 -10.24
CA VAL GA 31 77.82 -11.04 -9.24
C VAL GA 31 78.49 -10.34 -8.07
N VAL GA 32 77.66 -9.71 -7.23
CA VAL GA 32 78.17 -8.98 -6.06
C VAL GA 32 77.25 -9.25 -4.89
N GLU GA 33 77.74 -9.96 -3.88
CA GLU GA 33 77.00 -10.21 -2.64
C GLU GA 33 77.87 -9.80 -1.48
N GLY GA 34 77.29 -9.09 -0.52
CA GLY GA 34 78.03 -8.60 0.62
C GLY GA 34 79.30 -7.89 0.21
N THR GA 35 80.44 -8.42 0.64
CA THR GA 35 81.74 -7.91 0.23
C THR GA 35 82.52 -8.97 -0.53
N ARG GA 36 81.85 -9.68 -1.42
CA ARG GA 36 82.47 -10.74 -2.20
C ARG GA 36 82.29 -10.45 -3.69
N GLU GA 37 82.74 -11.40 -4.51
CA GLU GA 37 82.52 -11.32 -5.94
C GLU GA 37 82.45 -12.75 -6.47
N ARG GA 38 81.25 -13.27 -6.57
CA ARG GA 38 81.06 -14.61 -7.10
C ARG GA 38 81.14 -14.57 -8.61
N ILE GA 39 80.83 -15.68 -9.27
CA ILE GA 39 80.72 -15.72 -10.71
C ILE GA 39 79.57 -16.65 -11.06
N GLN GA 40 78.49 -16.09 -11.59
CA GLN GA 40 77.34 -16.90 -11.99
C GLN GA 40 77.65 -17.57 -13.31
N LEU GA 41 76.67 -18.24 -13.88
CA LEU GA 41 76.83 -18.86 -15.19
C LEU GA 41 75.48 -18.89 -15.87
N PHE GA 42 75.19 -17.86 -16.65
CA PHE GA 42 73.99 -17.83 -17.47
C PHE GA 42 74.32 -18.40 -18.83
N GLU GA 43 73.48 -19.30 -19.33
CA GLU GA 43 73.87 -20.12 -20.47
C GLU GA 43 72.63 -20.50 -21.27
N GLY GA 44 72.47 -19.90 -22.45
CA GLY GA 44 71.25 -20.14 -23.22
C GLY GA 44 71.41 -20.16 -24.72
N VAL GA 45 70.58 -19.40 -25.42
CA VAL GA 45 70.57 -19.32 -26.87
C VAL GA 45 70.64 -17.86 -27.26
N VAL GA 46 71.57 -17.51 -28.15
CA VAL GA 46 71.65 -16.14 -28.63
C VAL GA 46 70.48 -15.86 -29.54
N ILE GA 47 69.76 -14.78 -29.26
CA ILE GA 47 68.51 -14.48 -29.93
C ILE GA 47 68.60 -13.20 -30.75
N LYS GA 48 69.32 -12.19 -30.28
CA LYS GA 48 69.20 -10.84 -30.80
C LYS GA 48 70.58 -10.24 -31.02
N ARG GA 49 70.60 -9.11 -31.73
CA ARG GA 49 71.81 -8.32 -31.88
C ARG GA 49 71.44 -6.94 -32.39
N ARG GA 50 71.89 -5.91 -31.70
CA ARG GA 50 71.57 -4.52 -32.01
C ARG GA 50 72.86 -3.86 -32.50
N GLY GA 51 73.12 -4.00 -33.80
CA GLY GA 51 74.38 -3.53 -34.34
C GLY GA 51 74.59 -2.06 -34.09
N ALA GA 52 75.55 -1.69 -33.24
CA ALA GA 52 75.67 -0.29 -32.90
C ALA GA 52 77.08 0.27 -32.73
N GLY GA 53 78.13 -0.54 -32.78
CA GLY GA 53 79.46 -0.02 -32.45
C GLY GA 53 79.79 -0.21 -30.97
N ILE GA 54 79.89 0.90 -30.23
CA ILE GA 54 80.22 0.81 -28.82
C ILE GA 54 79.16 0.08 -28.03
N SER GA 55 77.95 0.05 -28.53
CA SER GA 55 76.80 -0.35 -27.72
C SER GA 55 76.05 -1.51 -28.34
N GLU GA 56 76.69 -2.29 -29.19
CA GLU GA 56 76.03 -3.48 -29.67
C GLU GA 56 75.63 -4.34 -28.48
N THR GA 57 74.52 -5.07 -28.62
CA THR GA 57 74.02 -5.88 -27.54
C THR GA 57 73.52 -7.21 -28.07
N TYR GA 58 73.16 -8.10 -27.15
CA TYR GA 58 72.66 -9.42 -27.50
C TYR GA 58 71.84 -9.94 -26.33
N THR GA 59 71.07 -10.99 -26.58
CA THR GA 59 70.18 -11.56 -25.58
C THR GA 59 70.31 -13.07 -25.57
N VAL GA 60 69.99 -13.68 -24.43
CA VAL GA 60 70.07 -15.12 -24.26
C VAL GA 60 68.77 -15.62 -23.66
N ARG GA 61 68.32 -16.78 -24.10
CA ARG GA 61 67.01 -17.32 -23.73
C ARG GA 61 67.18 -18.66 -23.05
N LYS GA 62 67.19 -18.65 -21.74
CA LYS GA 62 67.24 -19.90 -21.00
C LYS GA 62 65.84 -20.38 -20.68
N VAL GA 63 65.74 -21.57 -20.11
CA VAL GA 63 64.51 -22.10 -19.56
C VAL GA 63 64.87 -22.86 -18.29
N SER GA 64 64.50 -22.32 -17.14
CA SER GA 64 64.85 -22.91 -15.86
C SER GA 64 63.57 -23.16 -15.07
N ASN GA 65 63.35 -24.42 -14.68
CA ASN GA 65 62.16 -24.82 -13.94
C ASN GA 65 60.90 -24.37 -14.68
N GLY GA 66 60.87 -24.62 -15.98
CA GLY GA 66 59.69 -24.38 -16.78
C GLY GA 66 59.29 -22.94 -16.94
N VAL GA 67 60.17 -21.99 -16.64
CA VAL GA 67 59.86 -20.58 -16.75
C VAL GA 67 60.95 -19.93 -17.58
N GLY GA 68 60.60 -19.42 -18.75
CA GLY GA 68 61.60 -18.77 -19.59
C GLY GA 68 62.16 -17.54 -18.91
N VAL GA 69 63.44 -17.28 -19.19
CA VAL GA 69 64.16 -16.14 -18.63
C VAL GA 69 65.03 -15.56 -19.73
N GLU GA 70 65.27 -14.25 -19.69
CA GLU GA 70 66.15 -13.64 -20.67
C GLU GA 70 66.96 -12.54 -20.02
N ARG GA 71 68.21 -12.43 -20.42
CA ARG GA 71 69.09 -11.34 -20.00
C ARG GA 71 69.77 -10.77 -21.22
N THR GA 72 69.99 -9.47 -21.23
CA THR GA 72 70.70 -8.83 -22.32
C THR GA 72 71.86 -8.02 -21.76
N PHE GA 73 73.01 -8.14 -22.40
CA PHE GA 73 74.20 -7.48 -21.89
C PHE GA 73 74.79 -6.58 -22.97
N PRO GA 74 75.44 -5.51 -22.58
CA PRO GA 74 76.22 -4.73 -23.54
C PRO GA 74 77.43 -5.55 -23.97
N LEU GA 75 77.84 -5.35 -25.22
CA LEU GA 75 78.85 -6.23 -25.78
C LEU GA 75 80.23 -5.92 -25.26
N HIS GA 76 80.41 -4.78 -24.60
CA HIS GA 76 81.73 -4.34 -24.20
C HIS GA 76 81.77 -4.01 -22.72
N THR GA 77 81.27 -4.92 -21.90
CA THR GA 77 81.23 -4.69 -20.48
C THR GA 77 82.57 -5.04 -19.85
N PRO GA 78 82.90 -4.43 -18.71
CA PRO GA 78 83.96 -4.96 -17.86
C PRO GA 78 83.46 -5.93 -16.81
N ARG GA 79 82.15 -5.99 -16.56
CA ARG GA 79 81.58 -6.93 -15.60
C ARG GA 79 81.03 -8.16 -16.30
N VAL GA 80 81.73 -8.63 -17.32
CA VAL GA 80 81.55 -9.97 -17.86
C VAL GA 80 82.94 -10.50 -18.16
N ALA GA 81 83.31 -11.61 -17.54
CA ALA GA 81 84.68 -12.06 -17.62
C ALA GA 81 84.96 -12.75 -18.95
N GLN GA 82 84.01 -13.54 -19.46
CA GLN GA 82 84.31 -14.36 -20.61
C GLN GA 82 83.03 -14.80 -21.29
N ILE GA 83 83.18 -15.18 -22.55
CA ILE GA 83 82.11 -15.73 -23.38
C ILE GA 83 82.72 -16.88 -24.16
N GLU GA 84 81.95 -17.92 -24.43
CA GLU GA 84 82.48 -19.05 -25.17
C GLU GA 84 81.37 -19.74 -25.93
N VAL GA 85 81.40 -19.64 -27.26
CA VAL GA 85 80.48 -20.38 -28.09
C VAL GA 85 80.60 -21.87 -27.77
N VAL GA 86 79.49 -22.59 -27.90
CA VAL GA 86 79.46 -24.03 -27.66
C VAL GA 86 79.02 -24.78 -28.90
N ARG GA 87 78.00 -24.29 -29.59
CA ARG GA 87 77.52 -24.96 -30.78
C ARG GA 87 77.26 -23.99 -31.92
N TYR GA 88 76.70 -24.50 -33.01
CA TYR GA 88 76.33 -23.67 -34.15
C TYR GA 88 75.10 -24.29 -34.77
N GLY GA 89 74.06 -23.48 -34.97
CA GLY GA 89 72.76 -23.99 -35.38
C GLY GA 89 72.29 -23.39 -36.69
N LYS GA 90 71.68 -24.23 -37.51
CA LYS GA 90 71.03 -23.76 -38.72
C LYS GA 90 69.89 -22.84 -38.36
N VAL GA 91 69.84 -21.67 -38.98
CA VAL GA 91 68.81 -20.69 -38.67
C VAL GA 91 68.81 -19.67 -39.79
N ARG GA 92 67.62 -19.20 -40.15
CA ARG GA 92 67.48 -18.34 -41.31
C ARG GA 92 66.93 -16.96 -40.99
N ARG GA 93 66.88 -16.58 -39.73
CA ARG GA 93 66.38 -15.27 -39.40
C ARG GA 93 67.41 -14.55 -38.57
N ALA GA 94 67.34 -13.23 -38.57
CA ALA GA 94 68.25 -12.46 -37.76
C ALA GA 94 67.64 -12.05 -36.44
N LYS GA 95 66.38 -12.38 -36.20
CA LYS GA 95 65.73 -12.07 -34.94
C LYS GA 95 64.78 -13.23 -34.63
N LEU GA 96 65.20 -14.11 -33.74
CA LEU GA 96 64.45 -15.33 -33.45
C LEU GA 96 63.36 -15.09 -32.43
N TYR GA 97 62.54 -14.07 -32.67
CA TYR GA 97 61.48 -13.76 -31.73
C TYR GA 97 60.46 -14.88 -31.63
N TYR GA 98 60.37 -15.73 -32.64
CA TYR GA 98 59.30 -16.69 -32.72
C TYR GA 98 59.47 -17.86 -31.78
N LEU GA 99 60.37 -17.77 -30.82
CA LEU GA 99 60.60 -18.91 -29.93
C LEU GA 99 59.74 -18.87 -28.68
N ARG GA 100 59.35 -17.68 -28.23
CA ARG GA 100 58.66 -17.59 -26.95
C ARG GA 100 57.36 -18.37 -26.90
N ALA GA 101 56.87 -18.86 -28.02
CA ALA GA 101 55.63 -19.65 -28.05
C ALA GA 101 55.90 -21.11 -28.33
N LEU GA 102 57.14 -21.56 -28.23
CA LEU GA 102 57.49 -22.94 -28.50
C LEU GA 102 58.10 -23.55 -27.25
N HIS GA 103 57.88 -24.84 -27.06
CA HIS GA 103 58.32 -25.53 -25.86
C HIS GA 103 59.08 -26.79 -26.21
N GLY GA 104 60.11 -27.08 -25.42
CA GLY GA 104 60.77 -28.37 -25.44
C GLY GA 104 61.01 -28.96 -26.80
N LYS GA 105 60.35 -30.07 -27.09
CA LYS GA 105 60.65 -30.82 -28.30
C LYS GA 105 60.29 -30.11 -29.53
N ALA GA 106 59.86 -28.85 -29.51
CA ALA GA 106 59.58 -28.13 -30.74
C ALA GA 106 60.50 -26.94 -30.97
N ALA GA 107 61.30 -26.55 -29.99
CA ALA GA 107 62.17 -25.39 -30.10
C ALA GA 107 63.64 -25.79 -30.12
N ARG GA 108 63.94 -26.87 -30.84
CA ARG GA 108 65.31 -27.33 -31.01
C ARG GA 108 65.81 -26.95 -32.39
N ILE GA 109 67.08 -26.55 -32.46
CA ILE GA 109 67.70 -26.08 -33.70
C ILE GA 109 68.80 -27.05 -34.09
N LYS GA 110 68.80 -27.48 -35.34
CA LYS GA 110 69.76 -28.48 -35.79
C LYS GA 110 71.18 -27.96 -35.68
N GLU GA 111 72.11 -28.87 -35.42
CA GLU GA 111 73.49 -28.50 -35.23
C GLU GA 111 74.22 -28.39 -36.57
N ILE GA 112 75.31 -27.64 -36.55
CA ILE GA 112 76.20 -27.53 -37.70
C ILE GA 112 77.62 -27.67 -37.21
N ARG GA 113 78.39 -28.55 -37.83
CA ARG GA 113 79.78 -28.77 -37.40
C ARG GA 113 80.71 -27.77 -38.07
N ARG GA 114 80.37 -26.49 -37.98
CA ARG GA 114 81.17 -25.44 -38.59
C ARG GA 114 81.17 -24.18 -37.74
N ALA HA 1 -7.72 63.00 -63.40
CA ALA HA 1 -7.73 63.39 -62.00
C ALA HA 1 -6.68 62.62 -61.23
N ARG HA 2 -6.09 61.64 -61.89
CA ARG HA 2 -5.00 60.88 -61.29
C ARG HA 2 -3.80 61.78 -61.10
N VAL HA 3 -3.49 62.14 -59.86
CA VAL HA 3 -2.34 63.00 -59.59
C VAL HA 3 -1.13 62.11 -59.39
N LYS HA 4 -0.19 62.19 -60.32
CA LYS HA 4 1.03 61.42 -60.21
C LYS HA 4 1.99 62.11 -59.24
N GLY HA 5 3.03 61.39 -58.86
CA GLY HA 5 3.93 61.90 -57.84
C GLY HA 5 5.24 62.37 -58.42
N GLY HA 6 5.17 63.08 -59.53
CA GLY HA 6 6.34 63.35 -60.35
C GLY HA 6 7.58 63.86 -59.63
N THR HA 7 7.58 65.10 -59.17
CA THR HA 7 8.79 65.67 -58.61
C THR HA 7 8.49 66.47 -57.36
N VAL HA 8 7.56 65.99 -56.56
CA VAL HA 8 7.28 66.64 -55.29
C VAL HA 8 8.18 66.15 -54.18
N THR HA 9 8.81 64.99 -54.36
CA THR HA 9 9.58 64.37 -53.30
C THR HA 9 11.05 64.70 -53.36
N ARG HA 10 11.63 64.68 -54.55
CA ARG HA 10 13.06 64.90 -54.66
C ARG HA 10 13.44 66.30 -54.21
N LYS HA 11 12.63 67.31 -54.56
CA LYS HA 11 12.91 68.63 -54.02
C LYS HA 11 13.14 68.54 -52.52
N ARG HA 12 12.21 67.91 -51.81
CA ARG HA 12 12.31 67.85 -50.37
C ARG HA 12 13.55 67.11 -49.91
N ARG HA 13 13.77 65.91 -50.45
CA ARG HA 13 14.88 65.10 -49.96
C ARG HA 13 16.21 65.74 -50.27
N LYS HA 14 16.43 66.13 -51.51
CA LYS HA 14 17.70 66.76 -51.85
C LYS HA 14 17.85 68.11 -51.19
N LYS HA 15 16.77 68.69 -50.67
CA LYS HA 15 16.96 69.85 -49.82
C LYS HA 15 17.49 69.42 -48.47
N VAL HA 16 17.08 68.24 -47.99
CA VAL HA 16 17.62 67.74 -46.74
C VAL HA 16 19.10 67.45 -46.89
N LEU HA 17 19.47 66.69 -47.93
CA LEU HA 17 20.85 66.28 -48.12
C LEU HA 17 21.81 67.44 -47.99
N LYS HA 18 21.70 68.41 -48.90
CA LYS HA 18 22.60 69.56 -48.88
C LYS HA 18 22.80 70.10 -47.49
N LEU HA 19 21.81 69.96 -46.62
CA LEU HA 19 21.99 70.36 -45.24
C LEU HA 19 22.87 69.40 -44.47
N ALA HA 20 23.43 68.40 -45.13
CA ALA HA 20 24.27 67.40 -44.47
C ALA HA 20 25.53 67.14 -45.27
N LYS HA 21 26.20 68.20 -45.69
CA LYS HA 21 27.43 68.04 -46.45
C LYS HA 21 28.58 67.80 -45.49
N GLY HA 22 29.21 66.63 -45.60
CA GLY HA 22 30.39 66.35 -44.81
C GLY HA 22 30.12 65.63 -43.51
N TYR HA 23 29.48 64.47 -43.58
CA TYR HA 23 29.21 63.67 -42.40
C TYR HA 23 30.04 62.39 -42.47
N TYR HA 24 30.40 61.86 -41.30
CA TYR HA 24 31.54 60.94 -41.28
C TYR HA 24 31.20 59.57 -41.81
N GLY HA 25 30.68 59.51 -43.02
CA GLY HA 25 30.51 58.24 -43.67
C GLY HA 25 29.34 58.20 -44.62
N SER HA 26 28.49 57.21 -44.44
CA SER HA 26 27.27 57.08 -45.23
C SER HA 26 26.13 57.89 -44.68
N LYS HA 27 26.41 58.86 -43.82
CA LYS HA 27 25.41 59.81 -43.35
C LYS HA 27 25.40 61.07 -44.19
N HIS HA 28 25.72 60.95 -45.46
CA HIS HA 28 25.50 62.03 -46.40
C HIS HA 28 25.05 61.54 -47.75
N THR HA 29 24.73 60.26 -47.90
CA THR HA 29 24.14 59.75 -49.11
C THR HA 29 23.13 58.67 -48.79
N LEU HA 30 22.45 58.80 -47.67
CA LEU HA 30 21.34 57.92 -47.33
C LEU HA 30 20.21 58.79 -46.83
N PHE HA 31 19.13 58.87 -47.61
CA PHE HA 31 18.07 59.82 -47.31
C PHE HA 31 17.29 59.39 -46.09
N LYS HA 32 17.66 58.26 -45.49
CA LYS HA 32 17.06 57.90 -44.22
C LYS HA 32 17.90 58.31 -43.03
N SER HA 33 19.22 58.21 -43.13
CA SER HA 33 20.06 58.51 -41.98
C SER HA 33 20.50 59.95 -41.94
N ALA HA 34 20.59 60.60 -43.09
CA ALA HA 34 20.85 62.03 -43.11
C ALA HA 34 19.80 62.77 -42.31
N LYS HA 35 18.55 62.34 -42.39
CA LYS HA 35 17.49 63.05 -41.70
C LYS HA 35 17.64 62.94 -40.19
N GLU HA 36 17.89 61.74 -39.68
CA GLU HA 36 18.09 61.60 -38.25
C GLU HA 36 19.30 62.40 -37.79
N GLN HA 37 20.36 62.42 -38.60
CA GLN HA 37 21.53 63.18 -38.21
C GLN HA 37 21.22 64.66 -38.15
N VAL HA 38 20.47 65.16 -39.13
CA VAL HA 38 20.12 66.57 -39.11
C VAL HA 38 19.29 66.89 -37.88
N MET HA 39 18.38 65.99 -37.53
CA MET HA 39 17.56 66.23 -36.36
C MET HA 39 18.42 66.38 -35.11
N ASN HA 40 19.29 65.41 -34.86
CA ASN HA 40 20.10 65.50 -33.65
C ASN HA 40 21.01 66.72 -33.68
N SER HA 41 21.50 67.09 -34.86
CA SER HA 41 22.31 68.29 -34.94
C SER HA 41 21.51 69.52 -34.55
N TYR HA 42 20.22 69.56 -34.88
CA TYR HA 42 19.39 70.67 -34.48
C TYR HA 42 19.27 70.73 -32.97
N TYR HA 43 18.99 69.59 -32.34
CA TYR HA 43 18.94 69.58 -30.88
C TYR HA 43 20.23 70.14 -30.28
N TYR HA 44 21.38 69.65 -30.76
CA TYR HA 44 22.65 70.08 -30.19
C TYR HA 44 22.87 71.56 -30.41
N ALA HA 45 22.57 72.05 -31.61
CA ALA HA 45 22.75 73.46 -31.88
C ALA HA 45 21.94 74.28 -30.90
N PHE HA 46 20.69 73.89 -30.65
CA PHE HA 46 19.87 74.67 -29.73
C PHE HA 46 20.46 74.65 -28.34
N ARG HA 47 20.74 73.46 -27.81
CA ARG HA 47 21.26 73.43 -26.45
C ARG HA 47 22.52 74.26 -26.33
N ASP HA 48 23.49 74.05 -27.20
CA ASP HA 48 24.76 74.73 -27.03
C ASP HA 48 24.67 76.21 -27.30
N ARG HA 49 23.69 76.68 -28.07
CA ARG HA 49 23.52 78.12 -28.21
C ARG HA 49 23.23 78.77 -26.87
N ARG HA 50 22.76 78.00 -25.90
CA ARG HA 50 22.59 78.46 -24.54
C ARG HA 50 23.80 78.18 -23.67
N GLN HA 51 24.83 77.53 -24.20
CA GLN HA 51 26.06 77.33 -23.47
C GLN HA 51 27.17 78.26 -23.90
N LYS HA 52 27.18 78.67 -25.16
CA LYS HA 52 28.10 79.69 -25.60
C LYS HA 52 28.12 80.87 -24.63
N LYS HA 53 26.99 81.17 -24.02
CA LYS HA 53 26.94 82.28 -23.08
C LYS HA 53 27.41 81.90 -21.69
N ARG HA 54 27.40 80.61 -21.36
CA ARG HA 54 27.91 80.19 -20.06
C ARG HA 54 29.43 80.32 -20.01
N ASP HA 55 30.11 79.62 -20.91
CA ASP HA 55 31.56 79.46 -20.83
C ASP HA 55 32.28 80.77 -20.66
N PHE HA 56 32.07 81.70 -21.60
CA PHE HA 56 32.88 82.89 -21.63
C PHE HA 56 32.90 83.61 -20.29
N ARG HA 57 31.89 83.41 -19.46
CA ARG HA 57 31.98 83.93 -18.10
C ARG HA 57 33.03 83.16 -17.30
N LYS HA 58 32.99 81.83 -17.36
CA LYS HA 58 33.98 81.07 -16.60
C LYS HA 58 35.39 81.37 -17.10
N LEU HA 59 35.51 81.67 -18.38
CA LEU HA 59 36.82 81.97 -18.96
C LEU HA 59 37.32 83.32 -18.48
N TRP HA 60 36.52 84.37 -18.66
CA TRP HA 60 36.94 85.65 -18.14
C TRP HA 60 37.20 85.58 -16.66
N ILE HA 61 36.47 84.74 -15.94
CA ILE HA 61 36.66 84.64 -14.50
C ILE HA 61 38.04 84.07 -14.20
N ALA HA 62 38.41 82.99 -14.88
CA ALA HA 62 39.74 82.43 -14.64
C ALA HA 62 40.82 83.43 -14.99
N ARG HA 63 40.61 84.23 -16.03
CA ARG HA 63 41.66 85.17 -16.38
C ARG HA 63 41.77 86.29 -15.34
N ILE HA 64 40.65 86.78 -14.85
CA ILE HA 64 40.70 87.75 -13.76
C ILE HA 64 41.35 87.12 -12.54
N ASN HA 65 41.12 85.83 -12.34
CA ASN HA 65 41.79 85.13 -11.25
C ASN HA 65 43.29 85.28 -11.41
N ALA HA 66 43.82 84.76 -12.51
CA ALA HA 66 45.26 84.76 -12.74
C ALA HA 66 45.83 86.16 -12.54
N ALA HA 67 45.36 87.12 -13.33
CA ALA HA 67 45.96 88.43 -13.28
C ALA HA 67 45.82 89.08 -11.91
N ALA HA 68 44.62 89.12 -11.38
CA ALA HA 68 44.37 89.85 -10.14
C ALA HA 68 45.21 89.29 -8.99
N ARG HA 69 45.13 87.98 -8.77
CA ARG HA 69 45.84 87.35 -7.68
C ARG HA 69 47.29 87.81 -7.59
N MET HA 70 47.89 88.17 -8.72
CA MET HA 70 49.25 88.66 -8.71
C MET HA 70 49.39 89.94 -7.91
N ASN HA 71 48.31 90.71 -7.77
CA ASN HA 71 48.33 91.94 -7.01
C ASN HA 71 47.87 91.74 -5.58
N GLY HA 72 47.85 90.52 -5.08
CA GLY HA 72 47.42 90.30 -3.73
C GLY HA 72 45.94 90.49 -3.50
N LEU HA 73 45.14 90.49 -4.55
CA LEU HA 73 43.69 90.58 -4.44
C LEU HA 73 43.07 89.30 -4.94
N SER HA 74 42.48 88.55 -4.02
CA SER HA 74 41.75 87.37 -4.41
C SER HA 74 40.59 87.73 -5.34
N TYR HA 75 40.17 86.76 -6.13
CA TYR HA 75 39.22 87.02 -7.20
C TYR HA 75 37.86 87.38 -6.65
N SER HA 76 37.64 87.14 -5.37
CA SER HA 76 36.46 87.66 -4.71
C SER HA 76 36.69 89.10 -4.30
N LYS HA 77 37.64 89.32 -3.40
CA LYS HA 77 37.77 90.62 -2.78
C LYS HA 77 37.91 91.72 -3.81
N LEU HA 78 38.48 91.42 -4.98
CA LEU HA 78 38.54 92.42 -6.03
C LEU HA 78 37.14 92.81 -6.47
N MET HA 79 36.31 91.83 -6.83
CA MET HA 79 34.96 92.14 -7.26
C MET HA 79 34.16 92.81 -6.14
N HIS HA 80 34.37 92.36 -4.91
CA HIS HA 80 33.62 92.93 -3.79
C HIS HA 80 33.96 94.39 -3.60
N GLY HA 81 35.25 94.70 -3.49
CA GLY HA 81 35.65 96.08 -3.38
C GLY HA 81 35.16 96.91 -4.56
N LEU HA 82 35.22 96.35 -5.76
CA LEU HA 82 34.78 97.11 -6.92
C LEU HA 82 33.31 97.46 -6.83
N LYS HA 83 32.48 96.46 -6.54
CA LYS HA 83 31.06 96.72 -6.34
C LYS HA 83 30.78 97.47 -5.06
N LEU HA 84 31.81 97.77 -4.26
CA LEU HA 84 31.65 98.64 -3.11
C LEU HA 84 32.07 100.07 -3.40
N ALA HA 85 33.16 100.27 -4.13
CA ALA HA 85 33.55 101.61 -4.53
C ALA HA 85 32.70 102.14 -5.66
N GLU HA 86 31.61 101.45 -5.98
CA GLU HA 86 30.74 101.83 -7.08
C GLU HA 86 31.53 101.98 -8.37
N ILE HA 87 32.14 100.87 -8.79
CA ILE HA 87 32.70 100.71 -10.12
C ILE HA 87 32.04 99.49 -10.72
N ASP HA 88 31.63 99.59 -11.98
CA ASP HA 88 30.74 98.60 -12.58
C ASP HA 88 31.23 98.17 -13.95
N ILE HA 89 32.49 97.77 -14.05
CA ILE HA 89 32.97 97.27 -15.33
C ILE HA 89 32.41 95.88 -15.56
N ASN HA 90 32.21 95.54 -16.83
CA ASN HA 90 31.71 94.24 -17.21
C ASN HA 90 32.86 93.26 -17.31
N ARG HA 91 32.62 92.03 -16.85
CA ARG HA 91 33.69 91.05 -16.76
C ARG HA 91 34.47 90.96 -18.06
N LYS HA 92 33.77 90.92 -19.19
CA LYS HA 92 34.46 90.79 -20.46
C LYS HA 92 35.49 91.90 -20.63
N MET HA 93 35.11 93.12 -20.32
CA MET HA 93 36.08 94.20 -20.40
C MET HA 93 37.18 94.04 -19.35
N LEU HA 94 36.86 93.50 -18.18
CA LEU HA 94 37.90 93.29 -17.19
C LEU HA 94 38.90 92.24 -17.66
N ALA HA 95 38.42 91.17 -18.26
CA ALA HA 95 39.33 90.16 -18.79
C ALA HA 95 40.22 90.77 -19.86
N ASP HA 96 39.63 91.52 -20.79
CA ASP HA 96 40.43 92.12 -21.84
C ASP HA 96 41.48 93.05 -21.27
N LEU HA 97 41.10 93.86 -20.30
CA LEU HA 97 42.08 94.77 -19.70
C LEU HA 97 43.18 93.99 -19.01
N ALA HA 98 42.82 92.98 -18.21
CA ALA HA 98 43.82 92.18 -17.52
C ALA HA 98 44.81 91.57 -18.48
N VAL HA 99 44.36 91.19 -19.68
CA VAL HA 99 45.30 90.60 -20.61
C VAL HA 99 46.17 91.65 -21.28
N ASN HA 100 45.61 92.79 -21.64
CA ASN HA 100 46.36 93.75 -22.45
C ASN HA 100 46.93 94.92 -21.65
N ASP HA 101 46.08 95.72 -21.00
CA ASP HA 101 46.52 97.00 -20.44
C ASP HA 101 46.80 96.82 -18.95
N ALA HA 102 47.99 96.26 -18.67
CA ALA HA 102 48.33 95.92 -17.30
C ALA HA 102 48.35 97.15 -16.41
N ALA HA 103 48.78 98.28 -16.94
CA ALA HA 103 48.82 99.50 -16.13
C ALA HA 103 47.42 99.86 -15.66
N ALA HA 104 46.45 99.86 -16.55
CA ALA HA 104 45.09 100.20 -16.17
C ALA HA 104 44.53 99.20 -15.20
N PHE HA 105 44.77 97.91 -15.45
CA PHE HA 105 44.25 96.92 -14.50
C PHE HA 105 44.82 97.17 -13.12
N THR HA 106 46.10 97.50 -13.03
CA THR HA 106 46.68 97.76 -11.72
C THR HA 106 46.09 99.02 -11.10
N ALA HA 107 45.73 100.01 -11.92
CA ALA HA 107 45.07 101.18 -11.38
C ALA HA 107 43.75 100.80 -10.71
N LEU HA 108 42.96 100.01 -11.41
CA LEU HA 108 41.68 99.56 -10.84
C LEU HA 108 41.91 98.75 -9.58
N ALA HA 109 42.90 97.86 -9.60
CA ALA HA 109 43.18 97.08 -8.40
C ALA HA 109 43.59 97.97 -7.25
N GLU HA 110 44.28 99.06 -7.54
CA GLU HA 110 44.64 99.99 -6.49
C GLU HA 110 43.41 100.67 -5.90
N GLN HA 111 42.51 101.12 -6.76
CA GLN HA 111 41.29 101.75 -6.26
C GLN HA 111 40.49 100.79 -5.41
N ALA HA 112 40.37 99.55 -5.85
CA ALA HA 112 39.62 98.56 -5.06
C ALA HA 112 40.29 98.31 -3.73
N LYS HA 113 41.61 98.09 -3.73
CA LYS HA 113 42.35 97.96 -2.49
C LYS HA 113 42.02 99.09 -1.55
N ASP HA 114 42.00 100.32 -2.06
CA ASP HA 114 41.61 101.45 -1.23
C ASP HA 114 40.17 101.32 -0.74
N ALA HA 115 39.29 100.75 -1.56
CA ALA HA 115 37.87 100.79 -1.27
C ALA HA 115 37.50 99.97 -0.04
N LEU HA 116 37.70 98.67 -0.10
CA LEU HA 116 37.34 97.86 1.06
C LEU HA 116 38.29 98.04 2.21
N SER HA 117 39.29 98.91 2.06
CA SER HA 117 40.17 99.20 3.18
C SER HA 117 39.45 100.02 4.25
N LYS HA 118 38.43 100.78 3.86
CA LYS HA 118 37.71 101.65 4.79
C LYS HA 118 37.16 100.88 5.98
N MET IA 1 41.90 106.32 -29.85
CA MET IA 1 42.22 106.42 -28.43
C MET IA 1 41.81 105.13 -27.72
N TYR IA 2 41.09 105.27 -26.62
CA TYR IA 2 40.72 104.13 -25.79
C TYR IA 2 39.55 104.52 -24.90
N ALA IA 3 38.41 103.89 -25.09
CA ALA IA 3 37.24 104.25 -24.30
C ALA IA 3 36.29 103.06 -24.21
N ILE IA 4 35.39 103.13 -23.23
CA ILE IA 4 34.42 102.09 -22.97
C ILE IA 4 33.03 102.73 -22.88
N ILE IA 5 32.03 102.07 -23.45
CA ILE IA 5 30.72 102.65 -23.67
C ILE IA 5 29.64 101.63 -23.33
N LYS IA 6 28.52 102.10 -22.78
CA LYS IA 6 27.36 101.25 -22.53
C LYS IA 6 26.34 101.44 -23.65
N THR IA 7 26.06 100.39 -24.41
CA THR IA 7 24.98 100.39 -25.37
C THR IA 7 24.29 99.03 -25.32
N GLY IA 8 23.01 99.02 -25.65
CA GLY IA 8 22.24 97.82 -25.44
C GLY IA 8 22.38 97.42 -23.99
N GLY IA 9 22.74 96.17 -23.75
CA GLY IA 9 23.12 95.73 -22.43
C GLY IA 9 24.59 95.45 -22.27
N LYS IA 10 25.43 95.87 -23.21
CA LYS IA 10 26.81 95.43 -23.26
C LYS IA 10 27.74 96.63 -23.29
N GLN IA 11 29.03 96.35 -23.16
CA GLN IA 11 30.09 97.32 -23.31
C GLN IA 11 30.88 97.04 -24.58
N VAL IA 12 31.72 98.01 -24.95
CA VAL IA 12 32.57 97.89 -26.12
C VAL IA 12 33.79 98.75 -25.92
N LYS IA 13 34.90 98.38 -26.56
CA LYS IA 13 36.07 99.22 -26.64
C LYS IA 13 36.03 99.98 -27.95
N VAL IA 14 36.31 101.27 -27.91
CA VAL IA 14 36.10 102.13 -29.06
C VAL IA 14 37.40 102.83 -29.41
N GLU IA 15 37.67 102.96 -30.72
CA GLU IA 15 38.85 103.63 -31.23
C GLU IA 15 38.46 104.47 -32.44
N VAL IA 16 39.20 105.55 -32.65
CA VAL IA 16 38.86 106.50 -33.72
C VAL IA 16 39.20 105.86 -35.05
N GLY IA 17 38.22 105.77 -35.94
CA GLY IA 17 38.44 105.30 -37.28
C GLY IA 17 38.04 103.87 -37.54
N GLN IA 18 37.37 103.22 -36.60
CA GLN IA 18 36.95 101.83 -36.79
C GLN IA 18 35.46 101.71 -36.55
N ALA IA 19 34.83 100.81 -37.29
CA ALA IA 19 33.40 100.60 -37.20
C ALA IA 19 33.06 99.73 -36.01
N ILE IA 20 31.78 99.66 -35.69
CA ILE IA 20 31.30 98.91 -34.54
C ILE IA 20 29.86 98.50 -34.79
N TYR IA 21 29.55 97.24 -34.55
CA TYR IA 21 28.20 96.72 -34.72
C TYR IA 21 27.44 96.81 -33.41
N VAL IA 22 26.20 97.29 -33.47
CA VAL IA 22 25.36 97.44 -32.29
C VAL IA 22 23.94 97.10 -32.65
N GLU IA 23 23.05 97.21 -31.66
CA GLU IA 23 21.64 96.89 -31.84
C GLU IA 23 20.92 98.11 -32.42
N LYS IA 24 19.63 97.98 -32.73
CA LYS IA 24 18.94 98.99 -33.51
C LYS IA 24 18.89 100.32 -32.78
N LEU IA 25 18.75 101.40 -33.55
CA LEU IA 25 18.99 102.74 -33.04
C LEU IA 25 17.91 103.78 -33.35
N ASN IA 26 17.02 103.54 -34.31
CA ASN IA 26 15.99 104.51 -34.69
C ASN IA 26 16.59 105.77 -35.27
N VAL IA 27 17.69 105.63 -36.00
CA VAL IA 27 18.28 106.76 -36.71
C VAL IA 27 18.62 106.32 -38.12
N GLU IA 28 18.80 107.29 -39.01
CA GLU IA 28 18.88 107.01 -40.44
C GLU IA 28 20.32 106.99 -40.94
N ALA IA 29 20.47 106.47 -42.15
CA ALA IA 29 21.78 106.14 -42.70
C ALA IA 29 22.55 107.41 -42.99
N GLY IA 30 23.36 107.84 -42.01
CA GLY IA 30 24.17 109.01 -42.24
C GLY IA 30 23.85 110.21 -41.40
N GLU IA 31 23.47 110.01 -40.15
CA GLU IA 31 23.29 111.10 -39.22
C GLU IA 31 24.11 110.86 -37.97
N LYS IA 32 24.35 111.94 -37.23
CA LYS IA 32 25.25 111.88 -36.09
C LYS IA 32 24.59 111.19 -34.92
N VAL IA 33 25.41 110.62 -34.04
CA VAL IA 33 24.95 109.84 -32.90
C VAL IA 33 25.90 110.10 -31.75
N VAL IA 34 25.35 110.26 -30.55
CA VAL IA 34 26.14 110.53 -29.35
C VAL IA 34 25.77 109.51 -28.29
N PHE IA 35 26.79 108.85 -27.73
CA PHE IA 35 26.58 107.92 -26.64
C PHE IA 35 26.89 108.62 -25.32
N ASP IA 36 25.99 108.47 -24.35
CA ASP IA 36 26.10 109.23 -23.11
C ASP IA 36 27.16 108.64 -22.20
N GLU IA 37 27.13 107.34 -21.98
CA GLU IA 37 27.83 106.73 -20.87
C GLU IA 37 29.23 106.30 -21.27
N VAL IA 38 30.21 106.70 -20.47
CA VAL IA 38 31.57 106.21 -20.56
C VAL IA 38 31.92 105.59 -19.22
N ILE IA 39 32.79 104.58 -19.26
CA ILE IA 39 33.27 103.96 -18.03
C ILE IA 39 34.77 104.09 -17.85
N LEU IA 40 35.53 104.22 -18.94
CA LEU IA 40 36.98 104.37 -18.86
C LEU IA 40 37.46 105.25 -19.99
N VAL IA 41 38.57 105.93 -19.74
CA VAL IA 41 39.27 106.68 -20.77
C VAL IA 41 40.70 106.19 -20.75
N GLY IA 42 41.13 105.53 -21.81
CA GLY IA 42 42.42 104.87 -21.78
C GLY IA 42 43.51 105.63 -22.49
N GLY IA 43 44.38 104.91 -23.19
CA GLY IA 43 45.51 105.54 -23.86
C GLY IA 43 46.75 105.53 -23.00
N GLU IA 44 47.08 106.68 -22.41
CA GLU IA 44 48.26 106.81 -21.57
C GLU IA 44 47.99 107.61 -20.29
N SER IA 45 46.74 107.91 -20.00
CA SER IA 45 46.38 108.53 -18.73
C SER IA 45 44.98 108.04 -18.38
N THR IA 46 44.91 106.99 -17.58
CA THR IA 46 43.63 106.34 -17.32
C THR IA 46 42.77 107.23 -16.43
N LYS IA 47 41.59 107.58 -16.91
CA LYS IA 47 40.60 108.32 -16.15
C LYS IA 47 39.51 107.35 -15.71
N VAL IA 48 39.77 106.64 -14.63
CA VAL IA 48 38.81 105.72 -14.05
C VAL IA 48 37.60 106.51 -13.58
N GLY IA 49 36.42 105.92 -13.68
CA GLY IA 49 35.27 106.66 -13.22
C GLY IA 49 34.24 105.88 -12.44
N ALA IA 50 33.79 106.49 -11.35
CA ALA IA 50 32.53 106.12 -10.70
C ALA IA 50 31.50 106.09 -11.81
N PRO IA 51 30.44 105.30 -11.69
CA PRO IA 51 29.62 104.98 -12.86
C PRO IA 51 29.31 106.24 -13.65
N THR IA 52 29.57 106.17 -14.96
CA THR IA 52 29.38 107.32 -15.84
C THR IA 52 30.31 108.47 -15.44
N VAL IA 53 31.58 108.32 -15.78
CA VAL IA 53 32.54 109.41 -15.75
C VAL IA 53 31.87 110.69 -16.20
N ALA IA 54 31.97 111.74 -15.39
CA ALA IA 54 31.20 112.95 -15.66
C ALA IA 54 31.78 113.74 -16.82
N GLY IA 55 30.92 114.05 -17.79
CA GLY IA 55 31.31 114.89 -18.91
C GLY IA 55 32.24 114.21 -19.91
N ALA IA 56 31.73 113.20 -20.61
CA ALA IA 56 32.51 112.49 -21.60
C ALA IA 56 31.56 111.92 -22.63
N THR IA 57 31.72 112.32 -23.88
CA THR IA 57 30.82 111.94 -24.95
C THR IA 57 31.58 111.28 -26.09
N VAL IA 58 30.83 110.70 -27.03
CA VAL IA 58 31.41 109.98 -28.16
C VAL IA 58 30.53 110.23 -29.37
N GLU IA 59 31.08 110.88 -30.39
CA GLU IA 59 30.35 111.10 -31.63
C GLU IA 59 30.40 109.84 -32.47
N GLY IA 60 29.98 109.94 -33.73
CA GLY IA 60 29.97 108.82 -34.64
C GLY IA 60 28.74 108.85 -35.51
N THR IA 61 28.85 108.21 -36.67
CA THR IA 61 27.78 108.19 -37.66
C THR IA 61 27.41 106.76 -38.01
N VAL IA 62 26.29 106.63 -38.70
CA VAL IA 62 25.71 105.34 -39.04
C VAL IA 62 25.77 105.15 -40.55
N GLU IA 63 26.03 103.93 -40.98
CA GLU IA 63 26.26 103.66 -42.39
C GLU IA 63 25.38 102.57 -42.99
N LYS IA 64 24.62 101.85 -42.19
CA LYS IA 64 23.85 100.76 -42.79
C LYS IA 64 22.79 100.30 -41.82
N HIS IA 65 21.86 99.51 -42.34
CA HIS IA 65 20.81 98.87 -41.54
C HIS IA 65 20.62 97.48 -42.15
N GLY IA 66 21.10 96.45 -41.46
CA GLY IA 66 21.05 95.10 -42.00
C GLY IA 66 20.98 94.06 -40.92
N LYS IA 67 20.39 92.93 -41.28
CA LYS IA 67 20.17 91.81 -40.38
C LYS IA 67 21.30 90.80 -40.53
N GLN IA 68 21.28 89.81 -39.66
CA GLN IA 68 22.28 88.75 -39.67
C GLN IA 68 21.80 87.57 -40.51
N LYS IA 69 22.47 86.43 -40.39
CA LYS IA 69 22.03 85.23 -41.08
C LYS IA 69 21.06 84.47 -40.19
N LYS IA 70 20.21 83.65 -40.82
CA LYS IA 70 19.13 83.01 -40.08
C LYS IA 70 19.67 82.05 -39.03
N VAL IA 71 18.97 81.97 -37.90
CA VAL IA 71 19.31 81.07 -36.81
C VAL IA 71 18.12 80.15 -36.61
N VAL IA 72 18.11 79.03 -37.33
CA VAL IA 72 16.96 78.13 -37.31
C VAL IA 72 16.95 77.38 -35.98
N THR IA 73 15.77 77.30 -35.36
CA THR IA 73 15.61 76.62 -34.08
C THR IA 73 14.45 75.65 -34.17
N PHE IA 74 14.70 74.46 -34.71
CA PHE IA 74 13.67 73.44 -34.81
C PHE IA 74 13.76 72.54 -33.59
N GLN IA 75 12.70 72.49 -32.80
CA GLN IA 75 12.64 71.62 -31.63
C GLN IA 75 11.81 70.39 -31.93
N TYR IA 76 12.20 69.27 -31.32
CA TYR IA 76 11.47 68.03 -31.50
C TYR IA 76 11.62 67.23 -30.21
N LYS IA 77 10.66 66.36 -29.95
CA LYS IA 77 10.67 65.53 -28.75
C LYS IA 77 10.58 64.06 -29.16
N PRO IA 78 11.49 63.22 -28.69
CA PRO IA 78 11.55 61.86 -29.21
C PRO IA 78 10.49 60.98 -28.61
N LYS IA 79 10.11 59.94 -29.36
CA LYS IA 79 9.10 58.95 -29.01
C LYS IA 79 7.69 59.54 -29.05
N LYS IA 80 7.59 60.85 -29.16
CA LYS IA 80 6.32 61.55 -29.32
C LYS IA 80 6.35 62.22 -30.68
N HIS IA 81 5.32 63.00 -30.98
CA HIS IA 81 5.07 63.41 -32.34
C HIS IA 81 4.89 64.91 -32.37
N SER IA 82 5.98 65.64 -32.56
CA SER IA 82 5.89 67.10 -32.51
C SER IA 82 7.13 67.79 -33.06
N HIS IA 83 6.93 68.79 -33.91
CA HIS IA 83 8.00 69.72 -34.25
C HIS IA 83 7.46 71.13 -34.26
N ARG IA 84 8.25 72.05 -33.76
CA ARG IA 84 8.02 73.46 -34.01
C ARG IA 84 9.21 73.98 -34.79
N LYS IA 85 8.96 74.93 -35.68
CA LYS IA 85 9.97 75.44 -36.58
C LYS IA 85 9.99 76.96 -36.51
N GLN IA 86 11.16 77.54 -36.63
CA GLN IA 86 11.30 78.96 -36.35
C GLN IA 86 12.16 79.60 -37.42
N GLY IA 87 12.60 80.81 -37.14
CA GLY IA 87 13.46 81.54 -38.04
C GLY IA 87 13.73 82.89 -37.43
N HIS IA 88 14.83 83.49 -37.85
CA HIS IA 88 15.23 84.73 -37.19
C HIS IA 88 16.25 85.45 -38.05
N ARG IA 89 16.15 86.77 -38.11
CA ARG IA 89 17.11 87.62 -38.79
C ARG IA 89 17.24 88.87 -37.93
N GLN IA 90 18.17 88.84 -36.98
CA GLN IA 90 18.31 89.94 -36.04
C GLN IA 90 18.90 91.16 -36.73
N PRO IA 91 18.32 92.33 -36.55
CA PRO IA 91 18.81 93.52 -37.25
C PRO IA 91 19.81 94.32 -36.46
N TYR IA 92 20.98 94.60 -37.04
CA TYR IA 92 22.03 95.32 -36.34
C TYR IA 92 22.58 96.43 -37.22
N THR IA 93 22.73 97.59 -36.63
CA THR IA 93 23.09 98.81 -37.36
C THR IA 93 24.57 99.07 -37.17
N LYS IA 94 25.34 98.88 -38.24
CA LYS IA 94 26.77 99.14 -38.19
C LYS IA 94 27.02 100.62 -37.98
N VAL IA 95 28.01 100.95 -37.16
CA VAL IA 95 28.25 102.33 -36.74
C VAL IA 95 29.74 102.62 -36.84
N MET IA 96 30.09 103.64 -37.63
CA MET IA 96 31.47 104.07 -37.71
C MET IA 96 31.71 105.13 -36.65
N ILE IA 97 32.88 105.06 -36.01
CA ILE IA 97 33.20 105.87 -34.85
C ILE IA 97 34.15 106.98 -35.25
N GLU IA 98 33.90 108.18 -34.74
CA GLU IA 98 34.86 109.26 -34.89
C GLU IA 98 34.72 110.18 -33.69
N ALA IA 99 35.82 110.83 -33.34
CA ALA IA 99 35.84 111.85 -32.29
C ALA IA 99 35.39 111.26 -30.94
N ILE IA 100 36.24 110.39 -30.43
CA ILE IA 100 36.13 109.89 -29.05
C ILE IA 100 36.42 111.08 -28.14
N ASN IA 101 36.30 110.87 -26.83
CA ASN IA 101 35.92 111.86 -25.84
C ASN IA 101 36.33 113.28 -26.16
N ALA IA 102 35.36 114.18 -26.11
CA ALA IA 102 35.60 115.59 -26.29
C ALA IA 102 35.18 116.31 -25.03
N GLN JA 1 47.15 71.27 -81.97
CA GLN JA 1 47.93 70.04 -81.96
C GLN JA 1 47.51 69.14 -80.81
N ILE JA 2 47.41 67.85 -81.07
CA ILE JA 2 46.94 66.90 -80.07
C ILE JA 2 47.94 65.76 -79.96
N THR JA 3 48.07 65.25 -78.74
CA THR JA 3 48.80 64.05 -78.43
C THR JA 3 47.84 63.02 -77.86
N SER JA 4 48.37 61.90 -77.40
CA SER JA 4 47.66 61.00 -76.50
C SER JA 4 46.37 60.45 -77.13
N ALA JA 5 46.55 59.65 -78.17
CA ALA JA 5 45.44 58.87 -78.68
C ALA JA 5 44.94 57.92 -77.60
N LYS JA 6 43.73 57.40 -77.80
CA LYS JA 6 43.12 56.50 -76.85
C LYS JA 6 42.65 55.24 -77.55
N ALA JA 7 42.20 54.27 -76.75
CA ALA JA 7 41.63 53.05 -77.28
C ALA JA 7 40.92 52.36 -76.14
N THR JA 8 40.01 51.45 -76.47
CA THR JA 8 39.29 50.71 -75.44
C THR JA 8 38.60 49.51 -76.04
N ALA JA 9 38.01 48.70 -75.17
CA ALA JA 9 37.27 47.52 -75.56
C ALA JA 9 36.11 47.36 -74.60
N LYS JA 10 34.92 47.16 -75.13
CA LYS JA 10 33.70 47.16 -74.34
C LYS JA 10 33.22 45.75 -74.06
N THR JA 11 32.76 45.53 -72.83
CA THR JA 11 32.13 44.28 -72.39
C THR JA 11 33.03 43.08 -72.64
N VAL JA 12 34.19 43.09 -72.03
CA VAL JA 12 35.03 41.92 -72.05
C VAL JA 12 34.54 40.95 -71.00
N ARG JA 13 34.86 39.68 -71.19
CA ARG JA 13 34.21 38.62 -70.42
C ARG JA 13 35.07 38.18 -69.23
N THR JA 14 35.27 39.10 -68.29
CA THR JA 14 35.96 38.77 -67.05
C THR JA 14 35.59 39.79 -65.99
N SER JA 15 35.97 39.47 -64.75
CA SER JA 15 35.61 40.33 -63.64
C SER JA 15 36.21 41.71 -63.80
N PRO JA 16 35.64 42.71 -63.15
CA PRO JA 16 36.29 44.00 -63.03
C PRO JA 16 37.08 44.14 -61.76
N ARG JA 17 36.97 43.20 -60.84
CA ARG JA 17 37.76 43.28 -59.61
C ARG JA 17 39.08 42.57 -59.75
N LYS JA 18 39.09 41.39 -60.36
CA LYS JA 18 40.35 40.68 -60.49
C LYS JA 18 41.22 41.32 -61.55
N ALA JA 19 40.62 41.82 -62.63
CA ALA JA 19 41.37 42.50 -63.66
C ALA JA 19 41.67 43.93 -63.33
N ARG JA 20 41.42 44.34 -62.10
CA ARG JA 20 41.86 45.65 -61.65
C ARG JA 20 43.16 45.57 -60.89
N LEU JA 21 43.73 44.38 -60.76
CA LEU JA 21 45.03 44.20 -60.17
C LEU JA 21 46.13 44.35 -61.21
N VAL JA 22 46.01 43.60 -62.31
CA VAL JA 22 46.96 43.72 -63.40
C VAL JA 22 47.22 45.18 -63.72
N ILE JA 23 46.15 45.97 -63.78
CA ILE JA 23 46.30 47.37 -64.13
C ILE JA 23 47.19 48.08 -63.12
N ASP JA 24 47.12 47.70 -61.85
CA ASP JA 24 47.92 48.39 -60.84
C ASP JA 24 49.40 48.40 -61.18
N LEU JA 25 49.85 47.46 -62.00
CA LEU JA 25 51.26 47.36 -62.34
C LEU JA 25 51.67 48.28 -63.47
N ILE JA 26 50.71 48.87 -64.19
CA ILE JA 26 51.00 49.55 -65.44
C ILE JA 26 50.89 51.06 -65.29
N ARG JA 27 49.95 51.54 -64.49
CA ARG JA 27 49.67 52.97 -64.40
C ARG JA 27 50.92 53.74 -64.03
N GLY JA 28 51.43 54.54 -64.96
CA GLY JA 28 52.53 55.45 -64.72
C GLY JA 28 53.79 55.16 -65.49
N LYS JA 29 53.97 53.94 -65.97
CA LYS JA 29 55.24 53.53 -66.54
C LYS JA 29 55.32 53.89 -68.02
N SER JA 30 56.53 53.80 -68.56
CA SER JA 30 56.72 53.98 -69.99
C SER JA 30 56.06 52.84 -70.76
N VAL JA 31 55.94 53.02 -72.06
CA VAL JA 31 55.22 52.05 -72.86
C VAL JA 31 56.09 50.84 -73.16
N ALA JA 32 57.40 51.04 -73.31
CA ALA JA 32 58.27 49.94 -73.69
C ALA JA 32 58.26 48.84 -72.64
N ASP JA 33 58.51 49.20 -71.39
CA ASP JA 33 58.56 48.20 -70.33
C ASP JA 33 57.18 47.70 -69.92
N ALA JA 34 56.13 48.47 -70.22
CA ALA JA 34 54.80 48.00 -69.88
C ALA JA 34 54.48 46.70 -70.59
N ILE JA 35 54.84 46.59 -71.87
CA ILE JA 35 54.57 45.36 -72.60
C ILE JA 35 55.29 44.19 -71.96
N SER JA 36 56.54 44.40 -71.57
CA SER JA 36 57.27 43.35 -70.88
C SER JA 36 56.56 42.93 -69.61
N ILE JA 37 56.24 43.90 -68.75
CA ILE JA 37 55.58 43.59 -67.49
C ILE JA 37 54.34 42.75 -67.74
N LEU JA 38 53.56 43.10 -68.76
CA LEU JA 38 52.40 42.28 -69.06
C LEU JA 38 52.78 40.90 -69.53
N LYS JA 39 53.90 40.77 -70.24
CA LYS JA 39 54.19 39.48 -70.85
C LYS JA 39 54.40 38.38 -69.82
N PHE JA 40 54.92 38.70 -68.65
CA PHE JA 40 55.29 37.67 -67.67
C PHE JA 40 54.29 37.57 -66.52
N THR JA 41 53.03 37.94 -66.75
CA THR JA 41 52.01 37.82 -65.72
C THR JA 41 51.08 36.68 -66.07
N PRO JA 42 50.91 35.73 -65.21
CA PRO JA 42 50.10 34.53 -65.52
C PRO JA 42 48.64 34.68 -65.10
N ASN JA 43 47.99 35.75 -65.52
CA ASN JA 43 46.58 35.93 -65.22
C ASN JA 43 45.81 36.10 -66.51
N LYS JA 44 44.59 35.59 -66.54
CA LYS JA 44 43.79 35.72 -67.76
C LYS JA 44 43.59 37.18 -68.10
N SER JA 45 43.63 38.05 -67.11
CA SER JA 45 43.47 39.47 -67.36
C SER JA 45 44.71 40.10 -67.98
N ALA JA 46 45.80 39.36 -68.13
CA ALA JA 46 47.00 39.91 -68.72
C ALA JA 46 47.01 39.77 -70.22
N GLY JA 47 46.66 38.59 -70.71
CA GLY JA 47 46.65 38.36 -72.13
C GLY JA 47 45.60 39.17 -72.87
N ILE JA 48 44.97 40.11 -72.18
CA ILE JA 48 43.97 40.98 -72.76
C ILE JA 48 44.48 42.41 -72.84
N ILE JA 49 44.81 43.01 -71.70
CA ILE JA 49 45.16 44.41 -71.65
C ILE JA 49 46.32 44.74 -72.59
N GLU JA 50 47.10 43.74 -72.99
CA GLU JA 50 48.04 43.97 -74.09
C GLU JA 50 47.32 44.50 -75.30
N LYS JA 51 46.38 43.72 -75.82
CA LYS JA 51 45.75 44.07 -77.08
C LYS JA 51 45.21 45.48 -77.06
N VAL JA 52 44.68 45.92 -75.92
CA VAL JA 52 44.27 47.30 -75.82
C VAL JA 52 45.47 48.21 -75.93
N LEU JA 53 46.54 47.93 -75.18
CA LEU JA 53 47.68 48.84 -75.21
C LEU JA 53 48.35 48.84 -76.58
N MET JA 54 48.52 47.67 -77.18
CA MET JA 54 49.06 47.61 -78.52
C MET JA 54 48.20 48.43 -79.48
N SER JA 55 46.89 48.34 -79.33
CA SER JA 55 46.01 49.08 -80.21
C SER JA 55 46.15 50.57 -79.99
N ALA JA 56 46.27 51.00 -78.75
CA ALA JA 56 46.46 52.42 -78.49
C ALA JA 56 47.74 52.90 -79.12
N VAL JA 57 48.80 52.09 -79.02
CA VAL JA 57 50.05 52.44 -79.67
C VAL JA 57 49.82 52.63 -81.17
N ALA JA 58 49.28 51.62 -81.82
CA ALA JA 58 49.12 51.68 -83.27
C ALA JA 58 48.18 52.79 -83.69
N ASN JA 59 47.25 53.17 -82.82
CA ASN JA 59 46.41 54.32 -83.12
C ASN JA 59 47.23 55.59 -83.10
N ALA JA 60 47.93 55.83 -81.99
CA ALA JA 60 48.70 57.05 -81.88
C ALA JA 60 49.74 57.16 -82.98
N GLU JA 61 50.38 56.06 -83.35
CA GLU JA 61 51.40 56.13 -84.38
C GLU JA 61 50.80 56.34 -85.76
N ASN JA 62 49.73 55.61 -86.08
CA ASN JA 62 49.20 55.67 -87.43
C ASN JA 62 48.46 56.96 -87.71
N ASN JA 63 47.71 57.48 -86.73
CA ASN JA 63 46.81 58.59 -87.03
C ASN JA 63 47.49 59.94 -86.87
N PHE JA 64 47.92 60.28 -85.66
CA PHE JA 64 48.58 61.56 -85.46
C PHE JA 64 49.98 61.41 -84.88
N ASP JA 65 50.10 60.79 -83.71
CA ASP JA 65 51.32 60.85 -82.93
C ASP JA 65 52.40 60.01 -83.58
N LEU JA 66 53.64 60.26 -83.16
CA LEU JA 66 54.76 59.55 -83.70
C LEU JA 66 55.78 59.38 -82.59
N ASP JA 67 56.91 58.75 -82.92
CA ASP JA 67 57.98 58.48 -81.97
C ASP JA 67 57.46 57.65 -80.79
N VAL JA 68 57.08 56.42 -81.13
CA VAL JA 68 56.63 55.42 -80.17
C VAL JA 68 57.63 55.30 -79.02
N GLU JA 69 58.84 55.80 -79.23
CA GLU JA 69 59.91 55.69 -78.25
C GLU JA 69 59.85 56.77 -77.18
N SER JA 70 58.77 57.55 -77.12
CA SER JA 70 58.61 58.54 -76.08
C SER JA 70 57.17 58.58 -75.61
N LEU JA 71 56.60 57.42 -75.31
CA LEU JA 71 55.21 57.33 -74.92
C LEU JA 71 55.08 56.77 -73.51
N VAL JA 72 54.06 57.25 -72.79
CA VAL JA 72 53.87 56.95 -71.38
C VAL JA 72 52.43 56.59 -71.15
N VAL JA 73 52.18 55.48 -70.48
CA VAL JA 73 50.83 55.18 -70.04
C VAL JA 73 50.48 56.11 -68.90
N SER JA 74 49.48 56.95 -69.11
CA SER JA 74 49.14 57.99 -68.15
C SER JA 74 47.78 57.79 -67.47
N GLU JA 75 46.83 57.12 -68.12
CA GLU JA 75 45.53 56.92 -67.50
C GLU JA 75 44.93 55.61 -67.95
N ALA JA 76 44.41 54.85 -66.98
CA ALA JA 76 43.81 53.56 -67.28
C ALA JA 76 42.92 53.14 -66.13
N PHE JA 77 41.70 52.71 -66.43
CA PHE JA 77 40.74 52.35 -65.42
C PHE JA 77 39.91 51.17 -65.89
N VAL JA 78 39.04 50.69 -65.00
CA VAL JA 78 38.24 49.50 -65.24
C VAL JA 78 36.83 49.75 -64.68
N ASN JA 79 35.82 49.74 -65.54
CA ASN JA 79 34.44 49.94 -65.13
C ASN JA 79 33.67 48.62 -65.17
N GLU JA 80 32.43 48.68 -64.69
CA GLU JA 80 31.54 47.53 -64.65
C GLU JA 80 30.62 47.57 -65.85
N GLY JA 81 30.60 46.50 -66.63
CA GLY JA 81 29.69 46.41 -67.75
C GLY JA 81 28.36 45.79 -67.36
N PRO JA 82 27.54 45.47 -68.34
CA PRO JA 82 26.28 44.79 -68.04
C PRO JA 82 26.56 43.37 -67.62
N THR JA 83 25.82 42.89 -66.63
CA THR JA 83 26.05 41.58 -66.05
C THR JA 83 24.92 40.63 -66.42
N MET JA 84 25.26 39.47 -66.96
CA MET JA 84 24.25 38.44 -67.13
C MET JA 84 23.82 37.92 -65.76
N LYS JA 85 22.79 37.08 -65.76
CA LYS JA 85 22.26 36.53 -64.52
C LYS JA 85 21.80 35.11 -64.78
N ARG JA 86 22.13 34.19 -63.88
CA ARG JA 86 21.73 32.81 -64.07
C ARG JA 86 21.60 32.11 -62.73
N PHE JA 87 21.03 30.93 -62.76
CA PHE JA 87 20.68 30.20 -61.56
C PHE JA 87 21.51 28.93 -61.45
N ARG JA 88 21.29 28.20 -60.38
CA ARG JA 88 22.01 26.97 -60.11
C ARG JA 88 21.25 26.16 -59.08
N PRO JA 89 20.98 24.91 -59.33
CA PRO JA 89 20.21 24.13 -58.38
C PRO JA 89 20.98 23.86 -57.11
N ARG JA 90 20.61 24.56 -56.06
CA ARG JA 90 21.08 24.34 -54.71
C ARG JA 90 20.52 23.04 -54.17
N ALA JA 91 21.03 22.61 -53.02
CA ALA JA 91 20.54 21.38 -52.44
C ALA JA 91 19.26 21.64 -51.67
N LYS JA 92 18.46 20.58 -51.51
CA LYS JA 92 17.19 20.65 -50.78
C LYS JA 92 16.18 21.52 -51.50
N GLY JA 93 16.07 21.36 -52.81
CA GLY JA 93 15.02 21.97 -53.60
C GLY JA 93 15.26 23.34 -54.19
N SER JA 94 15.87 24.25 -53.43
CA SER JA 94 15.83 25.67 -53.77
C SER JA 94 16.80 25.97 -54.90
N ALA JA 95 17.10 27.27 -55.08
CA ALA JA 95 18.10 27.69 -56.04
C ALA JA 95 18.67 29.03 -55.62
N SER JA 96 19.88 29.32 -56.09
CA SER JA 96 20.56 30.56 -55.74
C SER JA 96 21.11 31.23 -56.98
N PRO JA 97 21.04 32.55 -57.07
CA PRO JA 97 21.43 33.24 -58.29
C PRO JA 97 22.93 33.26 -58.47
N ILE JA 98 23.36 33.75 -59.63
CA ILE JA 98 24.77 33.83 -60.01
C ILE JA 98 24.98 34.98 -60.99
N ASN JA 99 25.90 35.88 -60.68
CA ASN JA 99 26.21 36.97 -61.58
C ASN JA 99 27.50 36.68 -62.35
N LYS JA 100 27.42 36.79 -63.66
CA LYS JA 100 28.60 36.68 -64.51
C LYS JA 100 28.82 38.06 -65.11
N ARG JA 101 29.95 38.67 -64.78
CA ARG JA 101 30.11 40.10 -64.99
C ARG JA 101 31.02 40.38 -66.18
N THR JA 102 31.04 41.65 -66.59
CA THR JA 102 31.79 42.11 -67.75
C THR JA 102 32.28 43.52 -67.47
N SER JA 103 33.35 43.91 -68.17
CA SER JA 103 34.04 45.15 -67.84
C SER JA 103 34.37 45.95 -69.09
N HIS JA 104 34.51 47.26 -68.91
CA HIS JA 104 35.01 48.16 -69.94
C HIS JA 104 36.37 48.66 -69.50
N ILE JA 105 37.35 48.57 -70.39
CA ILE JA 105 38.72 48.99 -70.09
C ILE JA 105 39.20 49.94 -71.17
N THR JA 106 39.79 51.06 -70.75
CA THR JA 106 40.41 52.00 -71.68
C THR JA 106 41.83 52.27 -71.22
N VAL JA 107 42.69 52.66 -72.17
CA VAL JA 107 44.06 53.03 -71.87
C VAL JA 107 44.43 54.23 -72.74
N VAL JA 108 45.19 55.16 -72.16
CA VAL JA 108 45.55 56.41 -72.83
C VAL JA 108 47.07 56.55 -72.82
N VAL JA 109 47.62 57.10 -73.90
CA VAL JA 109 49.05 57.05 -74.16
C VAL JA 109 49.53 58.45 -74.49
N THR JA 110 49.94 59.22 -73.48
CA THR JA 110 50.44 60.54 -73.78
C THR JA 110 51.90 60.47 -74.23
N GLU JA 111 52.41 61.61 -74.69
CA GLU JA 111 53.81 61.65 -75.13
C GLU JA 111 54.74 61.84 -73.95
N LYS JA 112 54.68 63.01 -73.32
CA LYS JA 112 55.55 63.28 -72.20
C LYS JA 112 54.91 64.25 -71.22
N GLU KA 1 -8.72 12.78 -110.72
CA GLU KA 1 -7.56 13.24 -109.96
C GLU KA 1 -6.41 12.27 -110.07
N LEU KA 2 -6.52 11.30 -110.97
CA LEU KA 2 -5.46 10.31 -111.14
C LEU KA 2 -4.36 10.92 -112.00
N LEU KA 3 -4.01 12.16 -111.70
CA LEU KA 3 -2.81 12.79 -112.23
C LEU KA 3 -2.08 13.62 -111.21
N ASP KA 4 -2.69 13.91 -110.06
CA ASP KA 4 -2.04 14.68 -109.01
C ASP KA 4 -1.71 13.83 -107.80
N VAL KA 5 -1.54 12.53 -107.99
CA VAL KA 5 -0.87 11.73 -106.99
C VAL KA 5 0.59 12.14 -106.90
N ILE KA 6 1.33 11.96 -108.00
CA ILE KA 6 2.73 12.31 -108.00
C ILE KA 6 2.87 13.82 -107.93
N LYS KA 7 3.73 14.29 -107.04
CA LYS KA 7 3.96 15.72 -106.90
C LYS KA 7 5.22 16.19 -107.61
N ARG KA 8 6.37 15.62 -107.27
CA ARG KA 8 7.65 15.98 -107.90
C ARG KA 8 8.71 14.94 -107.56
N PRO KA 9 9.87 14.97 -108.21
CA PRO KA 9 10.90 13.96 -107.95
C PRO KA 9 11.92 14.41 -106.92
N VAL KA 10 12.40 13.43 -106.16
CA VAL KA 10 13.46 13.66 -105.19
C VAL KA 10 14.79 13.54 -105.89
N ILE KA 11 15.67 14.51 -105.68
CA ILE KA 11 16.99 14.51 -106.29
C ILE KA 11 17.99 14.61 -105.15
N THR KA 12 18.48 13.46 -104.70
CA THR KA 12 19.45 13.43 -103.61
C THR KA 12 20.61 12.53 -104.00
N GLU KA 13 21.70 12.70 -103.25
CA GLU KA 13 22.85 11.84 -103.40
C GLU KA 13 22.45 10.37 -103.38
N LYS KA 14 21.50 10.02 -102.52
CA LYS KA 14 20.99 8.65 -102.52
C LYS KA 14 20.19 8.37 -103.78
N SER KA 15 19.17 9.18 -104.05
CA SER KA 15 18.31 8.95 -105.19
C SER KA 15 19.12 8.82 -106.46
N MET KA 16 20.16 9.63 -106.61
CA MET KA 16 20.97 9.56 -107.81
C MET KA 16 21.61 8.19 -107.97
N LEU KA 17 21.89 7.51 -106.87
CA LEU KA 17 22.40 6.15 -106.99
C LEU KA 17 21.35 5.24 -107.60
N ALA KA 18 20.14 5.25 -107.04
CA ALA KA 18 19.09 4.37 -107.53
C ALA KA 18 18.75 4.63 -108.99
N MET KA 19 19.15 5.76 -109.54
CA MET KA 19 18.99 5.98 -110.97
C MET KA 19 19.84 5.01 -111.78
N ASP KA 20 20.80 4.35 -111.14
CA ASP KA 20 21.66 3.40 -111.81
C ASP KA 20 21.20 1.96 -111.64
N GLU KA 21 19.98 1.75 -111.16
CA GLU KA 21 19.35 0.44 -111.23
C GLU KA 21 17.88 0.55 -111.64
N LYS KA 22 17.52 1.62 -112.34
CA LYS KA 22 16.14 1.88 -112.75
C LYS KA 22 15.23 2.03 -111.54
N LYS KA 23 15.68 2.81 -110.56
CA LYS KA 23 14.88 3.09 -109.38
C LYS KA 23 14.76 4.59 -109.22
N TYR KA 24 13.54 5.10 -109.25
CA TYR KA 24 13.27 6.54 -109.20
C TYR KA 24 12.55 6.91 -107.92
N THR KA 25 12.61 8.19 -107.59
CA THR KA 25 12.09 8.70 -106.33
C THR KA 25 11.25 9.94 -106.58
N PHE KA 26 9.95 9.87 -106.25
CA PHE KA 26 9.06 11.02 -106.31
C PHE KA 26 8.44 11.29 -104.95
N GLU KA 27 7.95 12.51 -104.77
CA GLU KA 27 7.10 12.82 -103.63
C GLU KA 27 5.65 12.55 -104.01
N VAL KA 28 5.02 11.61 -103.33
CA VAL KA 28 3.63 11.27 -103.57
C VAL KA 28 2.78 11.92 -102.50
N ASP KA 29 1.69 12.55 -102.90
CA ASP KA 29 0.79 13.19 -101.94
C ASP KA 29 0.21 12.14 -101.00
N THR KA 30 -0.03 12.55 -99.76
CA THR KA 30 -0.50 11.61 -98.75
C THR KA 30 -1.83 11.00 -99.17
N ARG KA 31 -2.22 9.97 -98.45
CA ARG KA 31 -3.44 9.22 -98.74
C ARG KA 31 -3.43 8.71 -100.19
N ALA KA 32 -2.51 7.79 -100.43
CA ALA KA 32 -2.46 7.12 -101.72
C ALA KA 32 -1.84 5.75 -101.51
N ASN KA 33 -2.58 4.71 -101.89
CA ASN KA 33 -2.06 3.37 -101.80
C ASN KA 33 -0.98 3.14 -102.85
N LYS KA 34 -0.22 2.06 -102.67
CA LYS KA 34 0.72 1.65 -103.69
C LYS KA 34 0.06 1.60 -105.04
N THR KA 35 -0.92 0.70 -105.20
CA THR KA 35 -1.47 0.40 -106.51
C THR KA 35 -1.85 1.65 -107.27
N LEU KA 36 -2.29 2.68 -106.55
CA LEU KA 36 -2.62 3.94 -107.19
C LEU KA 36 -1.41 4.51 -107.91
N VAL KA 37 -0.25 4.51 -107.26
CA VAL KA 37 0.95 5.07 -107.85
C VAL KA 37 1.40 4.23 -109.03
N LYS KA 38 1.31 2.91 -108.91
CA LYS KA 38 1.49 2.05 -110.07
C LYS KA 38 0.70 2.58 -111.25
N GLN KA 39 -0.61 2.70 -111.07
CA GLN KA 39 -1.47 3.14 -112.16
C GLN KA 39 -1.04 4.48 -112.70
N ALA KA 40 -0.75 5.42 -111.81
CA ALA KA 40 -0.44 6.79 -112.22
C ALA KA 40 0.80 6.81 -113.08
N VAL KA 41 1.85 6.13 -112.64
CA VAL KA 41 3.10 6.13 -113.41
C VAL KA 41 2.88 5.45 -114.74
N GLU KA 42 2.30 4.25 -114.73
CA GLU KA 42 2.09 3.54 -115.98
C GLU KA 42 1.29 4.38 -116.97
N SER KA 43 0.38 5.19 -116.47
CA SER KA 43 -0.48 5.99 -117.33
C SER KA 43 0.08 7.36 -117.62
N ALA KA 44 1.24 7.71 -117.05
CA ALA KA 44 1.84 9.00 -117.36
C ALA KA 44 3.19 8.89 -118.07
N PHE KA 45 3.79 7.70 -118.15
CA PHE KA 45 5.15 7.60 -118.65
C PHE KA 45 5.45 6.42 -119.54
N ASP KA 46 4.50 5.53 -119.84
CA ASP KA 46 4.73 4.36 -120.69
C ASP KA 46 5.85 3.48 -120.13
N VAL KA 47 5.62 3.00 -118.91
CA VAL KA 47 6.58 2.18 -118.17
C VAL KA 47 5.81 1.03 -117.54
N LYS KA 48 6.41 0.28 -116.62
CA LYS KA 48 5.80 -0.96 -116.20
C LYS KA 48 5.92 -1.19 -114.70
N VAL KA 49 5.65 -2.44 -114.35
CA VAL KA 49 5.60 -3.11 -113.04
C VAL KA 49 6.98 -3.17 -112.42
N ALA KA 50 7.17 -4.09 -111.45
CA ALA KA 50 8.23 -4.13 -110.46
C ALA KA 50 7.91 -3.24 -109.28
N ASN KA 51 7.08 -3.80 -108.40
CA ASN KA 51 6.36 -3.11 -107.34
C ASN KA 51 7.14 -1.96 -106.72
N VAL KA 52 6.41 -0.88 -106.47
CA VAL KA 52 6.90 0.36 -105.91
C VAL KA 52 7.30 0.17 -104.45
N ASN KA 53 7.93 1.18 -103.88
CA ASN KA 53 8.01 1.30 -102.44
C ASN KA 53 7.58 2.70 -102.03
N ILE KA 54 7.47 2.91 -100.72
CA ILE KA 54 6.75 4.06 -100.20
C ILE KA 54 7.24 4.30 -98.79
N LEU KA 55 6.98 5.48 -98.25
CA LEU KA 55 7.52 5.83 -96.95
C LEU KA 55 6.56 6.74 -96.20
N ASN KA 56 7.09 7.36 -95.16
CA ASN KA 56 6.44 8.44 -94.45
C ASN KA 56 7.53 9.20 -93.75
N VAL KA 57 7.22 10.40 -93.30
CA VAL KA 57 8.23 11.28 -92.72
C VAL KA 57 7.60 12.03 -91.57
N ARG KA 58 8.43 12.44 -90.63
CA ARG KA 58 8.01 13.34 -89.58
C ARG KA 58 8.31 14.78 -89.97
N PRO KA 59 7.79 15.73 -89.25
CA PRO KA 59 8.23 17.11 -89.44
C PRO KA 59 9.43 17.46 -88.57
N LYS KA 60 9.81 18.73 -88.56
CA LYS KA 60 11.00 19.20 -87.85
C LYS KA 60 10.65 20.52 -87.18
N PHE KA 61 11.67 21.29 -86.83
CA PHE KA 61 11.47 22.62 -86.28
C PHE KA 61 12.21 23.68 -87.09
N LYS KA 62 12.16 24.90 -86.58
CA LYS KA 62 12.91 26.05 -87.06
C LYS KA 62 12.71 27.18 -86.07
N ARG KA 63 13.72 28.04 -85.93
CA ARG KA 63 13.70 29.14 -84.96
C ARG KA 63 14.19 30.40 -85.64
N MET KA 64 13.26 31.31 -85.96
CA MET KA 64 13.63 32.57 -86.60
C MET KA 64 13.64 33.74 -85.63
N GLY KA 65 12.50 34.03 -85.01
CA GLY KA 65 12.38 35.23 -84.19
C GLY KA 65 11.65 35.05 -82.89
N LYS KA 66 11.88 33.93 -82.21
CA LYS KA 66 11.02 33.36 -81.17
C LYS KA 66 9.81 32.66 -81.76
N TYR KA 67 9.90 32.26 -83.03
CA TYR KA 67 8.80 31.66 -83.75
C TYR KA 67 9.14 30.20 -84.02
N ALA KA 68 8.46 29.30 -83.31
CA ALA KA 68 8.72 27.86 -83.41
C ALA KA 68 7.60 27.23 -84.23
N GLY KA 69 7.95 26.69 -85.39
CA GLY KA 69 6.96 26.14 -86.28
C GLY KA 69 7.48 24.92 -87.01
N TYR KA 70 6.58 23.99 -87.25
CA TYR KA 70 6.91 22.72 -87.90
C TYR KA 70 7.01 22.92 -89.40
N THR KA 71 7.13 21.81 -90.12
CA THR KA 71 7.09 21.78 -91.58
C THR KA 71 6.16 20.65 -92.01
N LYS KA 72 5.95 20.54 -93.30
CA LYS KA 72 4.95 19.62 -93.82
C LYS KA 72 5.37 18.18 -93.61
N LYS KA 73 4.41 17.29 -93.76
CA LYS KA 73 4.72 15.88 -93.86
C LYS KA 73 5.22 15.57 -95.25
N ARG KA 74 5.50 14.29 -95.50
CA ARG KA 74 6.02 13.87 -96.79
C ARG KA 74 5.46 12.50 -97.11
N ARG KA 75 5.77 12.02 -98.31
CA ARG KA 75 5.63 10.60 -98.60
C ARG KA 75 6.47 10.30 -99.84
N LYS KA 76 7.63 9.68 -99.64
CA LYS KA 76 8.44 9.37 -100.78
C LYS KA 76 7.82 8.24 -101.59
N ALA KA 77 8.31 8.07 -102.81
CA ALA KA 77 7.91 6.98 -103.67
C ALA KA 77 9.14 6.51 -104.44
N ILE KA 78 9.54 5.28 -104.21
CA ILE KA 78 10.73 4.70 -104.82
C ILE KA 78 10.27 3.61 -105.78
N VAL KA 79 10.38 3.86 -107.07
CA VAL KA 79 9.74 3.03 -108.09
C VAL KA 79 10.81 2.24 -108.84
N THR KA 80 10.46 1.04 -109.25
CA THR KA 80 11.35 0.14 -109.97
C THR KA 80 10.73 -0.24 -111.30
N LEU KA 81 11.55 -0.36 -112.32
CA LEU KA 81 11.07 -0.66 -113.66
C LEU KA 81 11.53 -2.03 -114.08
N THR KA 82 10.98 -2.48 -115.22
CA THR KA 82 11.38 -3.75 -115.83
C THR KA 82 12.06 -3.54 -117.17
N GLU KA 83 11.39 -2.85 -118.12
CA GLU KA 83 12.03 -2.50 -119.38
C GLU KA 83 11.43 -1.20 -119.91
N ASP KA 84 12.01 -0.08 -119.50
CA ASP KA 84 12.09 1.16 -120.26
C ASP KA 84 12.77 2.17 -119.34
N SER KA 85 13.08 3.35 -119.88
CA SER KA 85 13.81 4.35 -119.13
C SER KA 85 13.03 5.66 -119.08
N LYS KA 86 13.54 6.60 -118.29
CA LYS KA 86 12.91 7.91 -118.11
C LYS KA 86 13.98 8.97 -118.31
N GLU KA 87 14.16 9.40 -119.56
CA GLU KA 87 15.12 10.44 -119.90
C GLU KA 87 14.51 11.82 -119.70
N ILE KA 88 14.04 12.06 -118.48
CA ILE KA 88 13.18 13.19 -118.19
C ILE KA 88 13.78 14.14 -117.17
N GLN KA 89 15.03 13.95 -116.78
CA GLN KA 89 15.63 14.80 -115.76
C GLN KA 89 17.10 15.05 -116.05
N MET LA 1 -4.70 63.13 -104.68
CA MET LA 1 -3.34 62.98 -105.16
C MET LA 1 -2.96 64.14 -106.07
N PHE LA 2 -3.79 64.38 -107.07
CA PHE LA 2 -3.63 65.50 -108.00
C PHE LA 2 -2.22 65.59 -108.59
N VAL LA 3 -1.44 64.52 -108.52
CA VAL LA 3 -0.09 64.49 -109.07
C VAL LA 3 0.13 63.14 -109.73
N LYS LA 4 0.52 63.14 -111.00
CA LYS LA 4 0.77 61.91 -111.71
C LYS LA 4 2.27 61.67 -111.82
N LYS LA 5 2.65 60.57 -112.47
CA LYS LA 5 4.05 60.26 -112.65
C LYS LA 5 4.74 61.32 -113.49
N GLY LA 6 4.37 61.47 -114.75
CA GLY LA 6 5.00 62.49 -115.56
C GLY LA 6 4.25 63.82 -115.46
N ASP LA 7 4.71 64.70 -114.59
CA ASP LA 7 4.02 65.98 -114.40
C ASP LA 7 4.99 66.94 -113.74
N LYS LA 8 5.40 67.98 -114.47
CA LYS LA 8 6.31 68.96 -113.90
C LYS LA 8 5.67 69.63 -112.69
N VAL LA 9 6.50 70.18 -111.83
CA VAL LA 9 6.10 70.51 -110.47
C VAL LA 9 6.97 71.62 -109.94
N LYS LA 10 6.38 72.53 -109.19
CA LYS LA 10 7.14 73.48 -108.39
C LYS LA 10 7.19 73.00 -106.94
N VAL LA 11 8.30 73.25 -106.27
CA VAL LA 11 8.48 72.92 -104.87
C VAL LA 11 8.36 74.18 -104.04
N ILE LA 12 7.52 74.13 -103.02
CA ILE LA 12 7.22 75.31 -102.21
C ILE LA 12 8.11 75.38 -100.97
N THR LA 13 8.38 74.24 -100.35
CA THR LA 13 8.96 74.20 -99.01
C THR LA 13 10.23 73.36 -98.98
N GLY LA 14 11.01 73.54 -97.91
CA GLY LA 14 12.05 72.61 -97.59
C GLY LA 14 13.32 72.66 -98.43
N LYS LA 15 14.08 73.74 -98.30
CA LYS LA 15 15.44 73.81 -98.81
C LYS LA 15 15.52 73.67 -100.32
N ASP LA 16 14.36 73.57 -100.98
CA ASP LA 16 14.29 73.51 -102.42
C ASP LA 16 13.19 74.41 -102.94
N LYS LA 17 13.02 75.56 -102.30
CA LYS LA 17 12.06 76.53 -102.79
C LYS LA 17 12.32 76.86 -104.25
N ASN LA 18 11.25 77.05 -105.00
CA ASN LA 18 11.25 77.57 -106.36
C ASN LA 18 11.91 76.65 -107.35
N LYS LA 19 12.51 75.54 -106.92
CA LYS LA 19 13.16 74.64 -107.84
C LYS LA 19 12.16 73.61 -108.35
N GLU LA 20 12.18 73.38 -109.65
CA GLU LA 20 11.17 72.58 -110.31
C GLU LA 20 11.77 71.27 -110.80
N GLY LA 21 10.97 70.48 -111.49
CA GLY LA 21 11.48 69.24 -112.04
C GLY LA 21 10.36 68.36 -112.54
N VAL LA 22 10.70 67.09 -112.76
CA VAL LA 22 9.80 66.08 -113.29
C VAL LA 22 9.62 64.98 -112.25
N VAL LA 23 8.37 64.68 -111.91
CA VAL LA 23 8.11 63.59 -110.99
C VAL LA 23 8.54 62.28 -111.63
N LEU LA 24 9.31 61.47 -110.89
CA LEU LA 24 9.74 60.21 -111.43
C LEU LA 24 8.83 59.07 -111.00
N ALA LA 25 8.77 58.81 -109.70
CA ALA LA 25 7.98 57.72 -109.16
C ALA LA 25 6.93 58.27 -108.22
N ALA LA 26 5.79 57.58 -108.17
CA ALA LA 26 4.67 57.99 -107.35
C ALA LA 26 4.38 56.91 -106.34
N PHE LA 27 4.49 57.25 -105.06
CA PHE LA 27 4.08 56.33 -104.00
C PHE LA 27 2.85 56.92 -103.33
N PRO LA 28 1.67 56.58 -103.78
CA PRO LA 28 0.51 56.74 -102.90
C PRO LA 28 0.59 55.65 -101.85
N LYS LA 29 -0.43 55.57 -101.00
CA LYS LA 29 -0.50 54.63 -99.89
C LYS LA 29 0.47 55.04 -98.79
N GLN LA 30 1.36 55.99 -99.07
CA GLN LA 30 2.03 56.73 -98.03
C GLN LA 30 2.29 58.18 -98.41
N ASP LA 31 1.81 58.64 -99.55
CA ASP LA 31 1.86 60.06 -99.94
C ASP LA 31 3.29 60.55 -100.07
N LYS LA 32 4.07 59.82 -100.84
CA LYS LA 32 5.44 60.21 -101.12
C LYS LA 32 5.66 60.18 -102.61
N VAL LA 33 6.36 61.19 -103.12
CA VAL LA 33 6.62 61.31 -104.55
C VAL LA 33 7.99 61.94 -104.73
N ILE LA 34 8.79 61.35 -105.63
CA ILE LA 34 10.19 61.71 -105.80
C ILE LA 34 10.37 62.43 -107.12
N VAL LA 35 11.21 63.45 -107.12
CA VAL LA 35 11.42 64.30 -108.30
C VAL LA 35 12.89 64.25 -108.68
N GLU LA 36 13.30 65.07 -109.63
CA GLU LA 36 14.68 65.12 -110.09
C GLU LA 36 15.43 66.30 -109.49
N GLY LA 37 16.64 66.03 -109.01
CA GLY LA 37 17.53 67.08 -108.56
C GLY LA 37 17.01 67.91 -107.42
N VAL LA 38 16.21 67.33 -106.53
CA VAL LA 38 15.64 68.10 -105.44
C VAL LA 38 16.01 67.50 -104.09
N ASN LA 39 16.25 66.20 -104.05
CA ASN LA 39 16.43 65.50 -102.77
C ASN LA 39 17.67 64.63 -102.80
N VAL LA 40 18.79 65.21 -103.24
CA VAL LA 40 20.03 64.44 -103.36
C VAL LA 40 20.46 63.94 -101.99
N VAL LA 41 20.80 62.66 -101.93
CA VAL LA 41 21.23 62.00 -100.70
C VAL LA 41 22.43 61.13 -101.02
N LYS LA 42 23.38 61.06 -100.08
CA LYS LA 42 24.63 60.34 -100.27
C LYS LA 42 24.58 58.99 -99.58
N LYS LA 43 24.70 57.92 -100.36
CA LYS LA 43 24.60 56.55 -99.87
C LYS LA 43 25.96 55.90 -99.83
N HIS LA 44 26.40 55.52 -98.63
CA HIS LA 44 27.65 54.77 -98.49
C HIS LA 44 27.46 53.34 -98.96
N GLN LA 45 27.42 53.13 -100.28
CA GLN LA 45 27.18 51.80 -100.79
C GLN LA 45 28.36 50.90 -100.48
N LYS LA 46 28.06 49.71 -100.03
CA LYS LA 46 29.07 48.71 -99.79
C LYS LA 46 29.38 47.97 -101.10
N PRO LA 47 30.54 47.36 -101.22
CA PRO LA 47 30.86 46.64 -102.46
C PRO LA 47 29.83 45.56 -102.71
N ASN LA 48 29.19 45.64 -103.88
CA ASN LA 48 28.04 44.81 -104.20
C ASN LA 48 28.21 44.29 -105.62
N GLN LA 49 27.25 43.46 -106.05
CA GLN LA 49 27.18 43.05 -107.44
C GLN LA 49 27.08 44.28 -108.31
N ALA LA 50 25.98 45.01 -108.20
CA ALA LA 50 25.92 46.33 -108.79
C ALA LA 50 26.93 47.23 -108.11
N ALA LA 51 27.70 47.97 -108.91
CA ALA LA 51 28.80 48.77 -108.42
C ALA LA 51 29.73 47.90 -107.59
N PRO LA 52 30.55 47.06 -108.21
CA PRO LA 52 31.52 46.26 -107.44
C PRO LA 52 32.27 47.07 -106.41
N GLN LA 53 32.51 48.34 -106.68
CA GLN LA 53 33.19 49.22 -105.74
C GLN LA 53 32.21 49.64 -104.65
N GLY LA 54 32.58 50.64 -103.88
CA GLY LA 54 31.71 51.10 -102.81
C GLY LA 54 31.52 52.60 -102.81
N GLY LA 55 31.34 53.19 -103.98
CA GLY LA 55 31.33 54.63 -104.07
C GLY LA 55 30.25 55.26 -103.21
N ILE LA 56 30.44 56.54 -102.93
CA ILE LA 56 29.39 57.36 -102.33
C ILE LA 56 28.49 57.85 -103.45
N LEU LA 57 27.28 57.30 -103.52
CA LEU LA 57 26.35 57.61 -104.59
C LEU LA 57 25.45 58.77 -104.19
N GLU LA 58 24.67 59.25 -105.16
CA GLU LA 58 23.79 60.39 -104.97
C GLU LA 58 22.47 60.14 -105.68
N VAL LA 59 21.43 59.86 -104.92
CA VAL LA 59 20.10 59.65 -105.47
C VAL LA 59 19.14 60.58 -104.76
N GLU LA 60 17.86 60.52 -105.10
CA GLU LA 60 16.86 61.40 -104.53
C GLU LA 60 15.97 60.64 -103.54
N ALA LA 61 15.35 61.39 -102.65
CA ALA LA 61 14.55 60.85 -101.58
C ALA LA 61 13.13 61.40 -101.65
N PRO LA 62 12.15 60.67 -101.13
CA PRO LA 62 10.76 61.10 -101.25
C PRO LA 62 10.48 62.40 -100.50
N ILE LA 63 9.46 63.12 -101.00
CA ILE LA 63 8.95 64.33 -100.38
C ILE LA 63 7.44 64.20 -100.24
N HIS LA 64 6.92 64.78 -99.17
CA HIS LA 64 5.49 64.71 -98.91
C HIS LA 64 4.75 65.69 -99.80
N VAL LA 65 3.62 65.24 -100.35
CA VAL LA 65 2.85 66.01 -101.32
C VAL LA 65 2.55 67.42 -100.84
N SER LA 66 2.57 67.67 -99.55
CA SER LA 66 2.34 69.03 -99.12
C SER LA 66 3.44 69.90 -99.40
N ASN LA 67 4.40 69.49 -100.23
CA ASN LA 67 5.51 70.34 -100.60
C ASN LA 67 5.61 70.50 -102.11
N VAL LA 68 4.54 70.23 -102.84
CA VAL LA 68 4.60 70.06 -104.29
C VAL LA 68 3.37 70.72 -104.90
N MET LA 69 3.60 71.64 -105.84
CA MET LA 69 2.53 72.23 -106.64
C MET LA 69 2.40 71.47 -107.96
N VAL LA 70 1.59 71.98 -108.87
CA VAL LA 70 1.51 71.44 -110.21
C VAL LA 70 1.77 72.56 -111.20
N ILE LA 71 1.90 72.21 -112.46
CA ILE LA 71 2.35 73.16 -113.46
C ILE LA 71 1.34 73.24 -114.60
N ASP LA 72 1.24 74.44 -115.15
CA ASP LA 72 0.36 75.04 -116.14
C ASP LA 72 0.38 74.48 -117.56
N PRO LA 73 1.30 73.62 -117.92
CA PRO LA 73 2.25 73.93 -119.00
C PRO LA 73 1.82 74.96 -120.05
N SER LA 74 0.53 75.12 -120.31
CA SER LA 74 0.07 76.18 -121.21
C SER LA 74 0.71 77.53 -120.87
N ASN LA 75 0.87 77.84 -119.58
CA ASN LA 75 1.43 79.13 -119.17
C ASN LA 75 2.79 78.99 -118.50
N GLY LA 76 2.88 78.27 -117.39
CA GLY LA 76 4.13 78.17 -116.66
C GLY LA 76 4.14 78.66 -115.23
N GLU LA 77 3.03 78.48 -114.50
CA GLU LA 77 3.02 78.80 -113.07
C GLU LA 77 2.36 77.70 -112.25
N ALA LA 78 1.98 78.01 -111.02
CA ALA LA 78 1.43 77.03 -110.09
C ALA LA 78 -0.05 77.31 -109.83
N THR LA 79 -0.86 76.25 -109.81
CA THR LA 79 -2.31 76.36 -109.74
C THR LA 79 -2.86 75.42 -108.67
N LYS LA 80 -3.68 75.96 -107.77
CA LYS LA 80 -4.32 75.13 -106.76
C LYS LA 80 -5.41 74.30 -107.43
N VAL LA 81 -4.99 73.19 -108.04
CA VAL LA 81 -5.80 72.50 -109.05
C VAL LA 81 -7.21 72.28 -108.55
N ALA LA 82 -8.18 72.60 -109.39
CA ALA LA 82 -9.58 72.28 -109.19
C ALA LA 82 -10.01 71.28 -110.26
N PHE LA 83 -11.23 70.78 -110.15
CA PHE LA 83 -11.75 69.76 -111.05
C PHE LA 83 -12.99 70.29 -111.74
N LYS LA 84 -13.11 69.98 -113.03
CA LYS LA 84 -14.26 70.41 -113.81
C LYS LA 84 -14.87 69.19 -114.48
N GLU LA 85 -16.12 69.34 -114.90
CA GLU LA 85 -16.83 68.30 -115.64
C GLU LA 85 -16.73 68.63 -117.12
N VAL LA 86 -15.52 68.50 -117.65
CA VAL LA 86 -15.34 68.50 -119.10
C VAL LA 86 -15.90 67.15 -119.55
N ASP LA 87 -16.02 66.94 -120.86
CA ASP LA 87 -16.70 65.76 -121.40
C ASP LA 87 -16.12 64.48 -120.80
N GLY LA 88 -16.76 63.34 -121.03
CA GLY LA 88 -16.91 62.36 -119.97
C GLY LA 88 -15.64 61.77 -119.39
N LYS LA 89 -14.78 62.67 -118.91
CA LYS LA 89 -13.73 62.39 -117.95
C LYS LA 89 -13.62 63.60 -117.05
N LYS LA 90 -12.74 63.51 -116.06
CA LYS LA 90 -12.43 64.64 -115.20
C LYS LA 90 -10.98 65.04 -115.48
N VAL LA 91 -10.80 65.87 -116.49
CA VAL LA 91 -9.48 66.42 -116.76
C VAL LA 91 -9.23 67.56 -115.77
N ARG LA 92 -8.09 67.50 -115.10
CA ARG LA 92 -7.75 68.56 -114.14
C ARG LA 92 -7.86 69.90 -114.82
N VAL LA 93 -8.36 70.89 -114.08
CA VAL LA 93 -8.54 72.23 -114.61
C VAL LA 93 -7.93 73.21 -113.64
N SER LA 94 -7.00 74.02 -114.12
CA SER LA 94 -6.29 74.94 -113.25
C SER LA 94 -7.22 75.99 -112.69
N LYS LA 95 -6.82 76.54 -111.56
CA LYS LA 95 -7.32 77.83 -111.10
C LYS LA 95 -6.36 78.89 -111.65
N LYS LA 96 -6.46 80.12 -111.13
CA LYS LA 96 -5.62 81.23 -111.58
C LYS LA 96 -5.77 81.44 -113.09
N THR LA 97 -6.96 81.91 -113.45
CA THR LA 97 -7.33 82.23 -114.83
C THR LA 97 -7.39 80.99 -115.73
N GLY LA 98 -8.20 80.02 -115.33
CA GLY LA 98 -8.77 79.04 -116.25
C GLY LA 98 -7.87 78.39 -117.27
N GLU LA 99 -6.96 77.52 -116.83
CA GLU LA 99 -6.20 76.69 -117.76
C GLU LA 99 -6.80 75.29 -117.81
N VAL LA 100 -6.24 74.45 -118.69
CA VAL LA 100 -6.70 73.08 -118.85
C VAL LA 100 -5.49 72.18 -119.04
N LEU LA 101 -5.31 71.22 -118.13
CA LEU LA 101 -4.12 70.38 -118.15
C LEU LA 101 -4.38 69.04 -118.82
N VAL MA 1 12.85 80.29 50.34
CA VAL MA 1 12.92 81.31 51.37
C VAL MA 1 13.33 82.64 50.76
N GLN MA 2 14.36 82.60 49.90
CA GLN MA 2 14.69 83.70 48.99
C GLN MA 2 15.10 83.02 47.68
N LEU MA 3 14.12 82.77 46.81
CA LEU MA 3 14.23 81.76 45.76
C LEU MA 3 14.26 82.37 44.37
N GLU MA 4 14.24 81.48 43.38
CA GLU MA 4 14.25 81.85 41.96
C GLU MA 4 12.83 81.79 41.39
N VAL MA 5 12.06 82.80 41.75
CA VAL MA 5 10.64 82.88 41.40
C VAL MA 5 10.43 84.17 40.60
N LYS MA 6 9.91 84.03 39.40
CA LYS MA 6 9.71 85.16 38.49
C LYS MA 6 8.49 84.85 37.63
N GLU MA 7 8.38 85.51 36.48
CA GLU MA 7 7.18 85.50 35.65
C GLU MA 7 7.36 84.61 34.42
N ARG MA 8 6.30 84.53 33.61
CA ARG MA 8 6.28 83.66 32.42
C ARG MA 8 5.34 84.24 31.36
N ALA MA 9 4.97 83.40 30.39
CA ALA MA 9 4.12 83.76 29.27
C ALA MA 9 2.90 82.86 29.20
N ILE MA 10 1.83 83.38 28.58
CA ILE MA 10 0.50 82.78 28.72
C ILE MA 10 0.44 81.42 28.03
N ARG MA 11 0.51 81.40 26.70
CA ARG MA 11 0.52 80.15 25.93
C ARG MA 11 1.67 80.22 24.93
N PRO MA 12 2.91 80.23 25.42
CA PRO MA 12 4.06 80.35 24.52
C PRO MA 12 4.24 79.14 23.62
N ARG MA 13 4.60 79.40 22.37
CA ARG MA 13 4.78 78.40 21.34
C ARG MA 13 5.99 77.52 21.64
N SER MA 14 6.43 76.71 20.67
CA SER MA 14 7.34 75.59 20.91
C SER MA 14 8.66 75.98 21.59
N LEU MA 15 8.73 77.21 22.09
CA LEU MA 15 9.76 77.61 23.05
C LEU MA 15 9.88 76.60 24.20
N ARG MA 16 8.90 75.70 24.33
CA ARG MA 16 8.92 74.70 25.40
C ARG MA 16 9.83 73.52 25.06
N ASN MA 17 9.85 73.08 23.79
CA ASN MA 17 10.71 71.96 23.41
C ASN MA 17 12.15 72.20 23.81
N GLN MA 18 12.62 73.45 23.68
CA GLN MA 18 13.98 73.79 24.10
C GLN MA 18 14.08 73.98 25.61
N LEU MA 19 12.97 74.34 26.27
CA LEU MA 19 13.00 74.45 27.72
C LEU MA 19 13.31 73.10 28.39
N ARG MA 20 13.13 71.99 27.67
CA ARG MA 20 13.45 70.66 28.19
C ARG MA 20 14.80 70.13 27.72
N HIS MA 21 15.46 70.80 26.79
CA HIS MA 21 16.79 70.42 26.34
C HIS MA 21 17.89 71.27 26.96
N GLU MA 22 17.54 72.35 27.68
CA GLU MA 22 18.53 73.25 28.28
C GLU MA 22 18.35 73.39 29.79
N GLY MA 23 17.66 72.47 30.44
CA GLY MA 23 17.52 72.53 31.88
C GLY MA 23 16.57 73.61 32.36
N LYS MA 24 15.28 73.47 32.04
CA LYS MA 24 14.26 74.34 32.58
C LYS MA 24 13.01 73.51 32.88
N VAL MA 25 12.31 73.90 33.94
CA VAL MA 25 11.06 73.28 34.34
C VAL MA 25 9.97 74.35 34.32
N PRO MA 26 8.95 74.23 33.47
CA PRO MA 26 7.79 75.14 33.56
C PRO MA 26 6.96 74.82 34.78
N ALA MA 27 6.95 75.73 35.75
CA ALA MA 27 6.27 75.51 37.03
C ALA MA 27 5.07 76.44 37.19
N ILE MA 28 4.27 76.18 38.23
CA ILE MA 28 2.95 76.76 38.39
C ILE MA 28 2.72 77.10 39.85
N VAL MA 29 1.89 78.12 40.09
CA VAL MA 29 1.39 78.39 41.44
C VAL MA 29 0.03 79.07 41.37
N TYR MA 30 -0.97 78.48 42.02
CA TYR MA 30 -2.31 79.04 42.15
C TYR MA 30 -2.80 78.77 43.55
N GLY MA 31 -3.33 79.79 44.22
CA GLY MA 31 -3.72 79.57 45.59
C GLY MA 31 -4.47 80.69 46.28
N TYR MA 32 -4.22 80.82 47.58
CA TYR MA 32 -5.00 81.73 48.43
C TYR MA 32 -4.53 83.17 48.28
N GLN MA 33 -3.27 83.44 48.62
CA GLN MA 33 -2.76 84.80 48.73
C GLN MA 33 -2.99 85.61 47.47
N ILE MA 34 -2.33 85.21 46.39
CA ILE MA 34 -2.53 85.80 45.08
C ILE MA 34 -3.03 84.70 44.16
N GLU MA 35 -3.89 85.08 43.22
CA GLU MA 35 -4.78 84.15 42.53
C GLU MA 35 -4.06 83.07 41.75
N SER MA 36 -3.39 83.44 40.66
CA SER MA 36 -2.74 82.44 39.82
C SER MA 36 -1.78 83.06 38.81
N THR MA 37 -0.48 82.76 38.92
CA THR MA 37 0.53 83.27 38.00
C THR MA 37 1.59 82.20 37.74
N PRO MA 38 1.74 81.72 36.51
CA PRO MA 38 2.86 80.83 36.19
C PRO MA 38 4.19 81.40 36.65
N ILE MA 39 5.11 80.52 37.05
CA ILE MA 39 6.32 80.94 37.73
C ILE MA 39 7.45 79.97 37.45
N TYR MA 40 8.66 80.51 37.26
CA TYR MA 40 9.91 79.79 36.98
C TYR MA 40 10.21 78.68 37.98
N PHE MA 41 11.03 77.72 37.56
CA PHE MA 41 11.97 77.03 38.44
C PHE MA 41 12.76 75.98 37.67
N GLU MA 42 13.91 75.63 38.23
CA GLU MA 42 14.80 74.61 37.68
C GLU MA 42 15.05 73.51 38.71
N GLU MA 43 16.01 72.62 38.45
CA GLU MA 43 16.09 71.37 39.20
C GLU MA 43 17.08 71.43 40.37
N LYS MA 44 18.10 72.29 40.31
CA LYS MA 44 19.14 72.27 41.34
C LYS MA 44 18.80 73.13 42.56
N ASP MA 45 17.94 74.13 42.42
CA ASP MA 45 17.72 75.10 43.50
C ASP MA 45 17.09 74.43 44.72
N LEU MA 46 15.92 73.82 44.54
CA LEU MA 46 15.11 73.36 45.66
C LEU MA 46 15.62 72.07 46.28
N SER MA 47 16.35 71.25 45.53
CA SER MA 47 16.90 70.03 46.11
C SER MA 47 17.83 70.32 47.28
N LYS MA 48 18.39 71.53 47.36
CA LYS MA 48 19.15 71.93 48.53
C LYS MA 48 18.30 71.83 49.79
N ILE MA 49 17.18 72.55 49.82
CA ILE MA 49 16.26 72.47 50.94
C ILE MA 49 15.73 71.06 51.09
N LEU MA 50 15.55 70.34 49.98
CA LEU MA 50 15.02 68.98 50.05
C LEU MA 50 15.94 68.08 50.86
N ARG MA 51 17.24 68.07 50.52
CA ARG MA 51 18.20 67.27 51.27
C ARG MA 51 18.33 67.79 52.70
N GLU MA 52 18.44 69.11 52.88
CA GLU MA 52 18.62 69.66 54.21
C GLU MA 52 17.40 69.38 55.10
N HIS MA 53 16.21 69.70 54.60
CA HIS MA 53 15.00 69.60 55.42
C HIS MA 53 14.29 68.26 55.24
N GLY MA 54 13.92 67.92 54.01
CA GLY MA 54 13.13 66.72 53.80
C GLY MA 54 12.23 66.79 52.59
N ALA MA 55 10.93 66.59 52.79
CA ALA MA 55 9.99 66.47 51.67
C ALA MA 55 8.68 67.24 51.84
N ASN MA 56 8.47 67.97 52.94
CA ASN MA 56 7.21 68.68 53.10
C ASN MA 56 7.33 70.05 53.77
N THR MA 57 8.52 70.58 53.97
CA THR MA 57 8.65 71.79 54.76
C THR MA 57 8.10 73.00 54.01
N VAL MA 58 7.80 74.06 54.76
CA VAL MA 58 7.18 75.25 54.22
C VAL MA 58 8.12 75.88 53.21
N ILE MA 59 7.68 75.98 51.95
CA ILE MA 59 8.47 76.54 50.86
C ILE MA 59 7.98 77.96 50.56
N LYS MA 60 8.89 78.91 50.52
CA LYS MA 60 8.54 80.32 50.44
C LYS MA 60 9.03 80.94 49.14
N MET MA 61 8.16 81.72 48.50
CA MET MA 61 8.47 82.44 47.26
C MET MA 61 8.76 83.90 47.58
N THR MA 62 9.49 84.57 46.68
CA THR MA 62 9.98 85.92 46.99
C THR MA 62 10.03 86.82 45.77
N VAL MA 63 9.77 88.10 46.02
CA VAL MA 63 10.25 89.21 45.19
C VAL MA 63 11.18 90.00 46.11
N ASP MA 64 11.86 89.28 47.00
CA ASP MA 64 12.62 89.86 48.11
C ASP MA 64 11.72 90.67 49.03
N GLY MA 65 10.52 90.15 49.29
CA GLY MA 65 9.57 90.77 50.18
C GLY MA 65 8.80 89.73 50.96
N LYS MA 66 7.47 89.85 50.99
CA LYS MA 66 6.66 88.85 51.66
C LYS MA 66 6.62 87.58 50.84
N ASN MA 67 6.29 86.48 51.52
CA ASN MA 67 6.47 85.15 50.96
C ASN MA 67 5.13 84.48 50.66
N ILE MA 68 5.19 83.50 49.77
CA ILE MA 68 4.05 82.67 49.37
C ILE MA 68 4.36 81.25 49.82
N ASN MA 69 3.75 80.83 50.91
CA ASN MA 69 4.11 79.58 51.56
C ASN MA 69 3.62 78.38 50.77
N THR MA 70 4.21 78.14 49.60
CA THR MA 70 3.75 77.06 48.75
C THR MA 70 3.99 75.72 49.41
N LEU MA 71 3.14 74.75 49.06
CA LEU MA 71 3.12 73.42 49.66
C LEU MA 71 3.03 72.38 48.55
N MET MA 72 3.99 72.43 47.63
CA MET MA 72 3.91 71.84 46.30
C MET MA 72 3.11 70.55 46.26
N SER MA 73 2.04 70.55 45.48
CA SER MA 73 1.05 69.48 45.59
C SER MA 73 1.47 68.24 44.81
N LYS MA 74 1.56 68.35 43.50
CA LYS MA 74 1.80 67.18 42.68
C LYS MA 74 2.75 67.53 41.56
N ALA MA 75 3.73 66.66 41.33
CA ALA MA 75 4.61 66.79 40.18
C ALA MA 75 5.00 65.37 39.77
N GLN MA 76 4.23 64.79 38.84
CA GLN MA 76 4.59 63.52 38.23
C GLN MA 76 5.51 63.84 37.06
N LEU MA 77 6.79 63.55 37.25
CA LEU MA 77 7.83 64.07 36.37
C LEU MA 77 7.91 63.24 35.09
N ASP MA 78 8.57 63.82 34.10
CA ASP MA 78 8.76 63.12 32.83
C ASP MA 78 9.78 62.02 33.05
N THR MA 79 9.34 60.79 32.85
CA THR MA 79 10.18 59.64 33.14
C THR MA 79 11.32 59.56 32.14
N PHE MA 80 12.10 58.49 32.24
CA PHE MA 80 13.17 58.18 31.32
C PHE MA 80 14.30 59.18 31.43
N THR MA 81 14.14 60.23 32.24
CA THR MA 81 15.21 61.16 32.57
C THR MA 81 15.32 61.47 34.04
N GLY MA 82 14.34 61.10 34.86
CA GLY MA 82 14.41 61.37 36.28
C GLY MA 82 14.54 62.84 36.62
N GLN MA 83 13.80 63.70 35.93
CA GLN MA 83 13.89 65.13 36.18
C GLN MA 83 12.50 65.76 36.14
N MET MA 84 12.40 66.92 36.77
CA MET MA 84 11.12 67.52 37.12
C MET MA 84 10.45 68.19 35.93
N LEU MA 85 9.14 67.97 35.81
CA LEU MA 85 8.27 68.69 34.90
C LEU MA 85 6.88 68.77 35.49
N HIS MA 86 6.21 69.90 35.26
CA HIS MA 86 4.84 70.13 35.70
C HIS MA 86 4.74 70.03 37.23
N VAL MA 87 5.39 70.99 37.89
CA VAL MA 87 5.36 71.10 39.34
C VAL MA 87 4.13 71.89 39.74
N GLU MA 88 3.04 71.20 40.11
CA GLU MA 88 1.79 71.84 40.49
C GLU MA 88 1.85 72.19 41.97
N PHE MA 89 1.96 73.48 42.26
CA PHE MA 89 2.12 73.93 43.63
C PHE MA 89 0.75 74.06 44.30
N LEU MA 90 0.76 74.65 45.50
CA LEU MA 90 -0.43 74.93 46.29
C LEU MA 90 0.00 75.80 47.46
N SER MA 91 -0.87 76.71 47.87
CA SER MA 91 -0.54 77.67 48.92
C SER MA 91 -1.70 77.79 49.88
N VAL MA 92 -1.42 77.64 51.18
CA VAL MA 92 -2.40 77.85 52.23
C VAL MA 92 -1.79 78.78 53.27
N ASN MA 93 -2.60 79.12 54.28
CA ASN MA 93 -2.17 80.05 55.31
C ASN MA 93 -1.64 79.30 56.53
N MET MA 94 -1.52 80.01 57.66
CA MET MA 94 -0.96 79.50 58.91
C MET MA 94 -1.40 78.07 59.26
N SER NA 1 -10.76 30.97 1.64
CA SER NA 1 -11.90 30.29 2.23
C SER NA 1 -12.32 30.98 3.53
N THR NA 2 -12.85 32.18 3.40
CA THR NA 2 -13.34 32.97 4.53
C THR NA 2 -14.86 33.04 4.51
N SER NA 3 -15.41 33.57 5.59
CA SER NA 3 -16.85 33.79 5.72
C SER NA 3 -17.12 35.22 6.12
N ASN NA 4 -16.51 36.15 5.41
CA ASN NA 4 -16.63 37.57 5.72
C ASN NA 4 -16.83 38.32 4.43
N GLY NA 5 -16.67 39.64 4.49
CA GLY NA 5 -16.78 40.46 3.31
C GLY NA 5 -18.23 40.64 2.91
N ARG NA 6 -19.10 40.77 3.90
CA ARG NA 6 -20.50 41.08 3.69
C ARG NA 6 -20.75 42.47 4.22
N ASP NA 7 -21.41 43.31 3.42
CA ASP NA 7 -21.65 44.66 3.86
C ASP NA 7 -22.95 45.17 3.26
N SER NA 8 -23.50 46.19 3.91
CA SER NA 8 -24.66 46.91 3.43
C SER NA 8 -24.19 48.15 2.69
N GLU NA 9 -25.13 48.91 2.15
CA GLU NA 9 -24.81 50.19 1.53
C GLU NA 9 -24.80 51.27 2.60
N SER NA 10 -24.26 52.42 2.25
CA SER NA 10 -24.37 53.54 3.14
C SER NA 10 -25.78 54.11 3.05
N LYS NA 11 -26.15 54.94 4.03
CA LYS NA 11 -27.45 55.57 4.02
C LYS NA 11 -27.39 57.09 4.09
N ARG NA 12 -26.22 57.65 4.35
CA ARG NA 12 -25.98 59.08 4.22
C ARG NA 12 -26.85 59.89 5.17
N LEU NA 13 -26.65 59.63 6.46
CA LEU NA 13 -27.27 60.41 7.51
C LEU NA 13 -26.50 61.71 7.68
N GLY NA 14 -26.74 62.43 8.75
CA GLY NA 14 -26.01 63.66 8.99
C GLY NA 14 -26.81 64.89 8.59
N ALA NA 15 -26.61 65.97 9.33
CA ALA NA 15 -27.37 67.19 9.10
C ALA NA 15 -27.24 67.66 7.66
N LYS NA 16 -28.32 68.23 7.13
CA LYS NA 16 -28.35 68.66 5.74
C LYS NA 16 -28.63 70.14 5.59
N SER NA 17 -28.58 70.91 6.67
CA SER NA 17 -28.84 72.34 6.58
C SER NA 17 -28.29 73.01 7.83
N ALA NA 18 -27.34 73.91 7.67
CA ALA NA 18 -26.66 74.47 8.82
C ALA NA 18 -27.53 75.52 9.51
N ASP NA 19 -26.97 76.18 10.51
CA ASP NA 19 -27.68 77.26 11.18
C ASP NA 19 -27.61 78.55 10.39
N GLY NA 20 -28.43 79.51 10.78
CA GLY NA 20 -28.50 80.74 10.06
C GLY NA 20 -28.96 80.62 8.63
N GLN NA 21 -29.29 79.43 8.16
CA GLN NA 21 -29.76 79.25 6.80
C GLN NA 21 -31.23 79.58 6.70
N THR NA 22 -31.67 79.95 5.50
CA THR NA 22 -33.06 80.30 5.25
C THR NA 22 -33.75 79.11 4.59
N VAL NA 23 -34.58 78.42 5.36
CA VAL NA 23 -35.17 77.15 4.95
C VAL NA 23 -36.62 77.39 4.55
N THR NA 24 -37.00 76.88 3.38
CA THR NA 24 -38.38 76.95 2.94
C THR NA 24 -39.19 75.81 3.55
N GLY NA 25 -40.50 75.98 3.52
CA GLY NA 25 -41.38 74.98 4.08
C GLY NA 25 -41.16 73.61 3.50
N GLY NA 26 -41.00 72.62 4.36
CA GLY NA 26 -40.91 71.23 3.96
C GLY NA 26 -39.53 70.60 4.08
N SER NA 27 -38.46 71.40 4.08
CA SER NA 27 -37.11 70.90 3.93
C SER NA 27 -36.74 69.96 5.07
N ILE NA 28 -35.79 69.08 4.81
CA ILE NA 28 -35.25 68.20 5.83
C ILE NA 28 -34.18 68.94 6.60
N LEU NA 29 -33.94 68.54 7.85
CA LEU NA 29 -32.96 69.24 8.65
C LEU NA 29 -31.84 68.36 9.18
N TYR NA 30 -32.15 67.22 9.79
CA TYR NA 30 -31.09 66.42 10.38
C TYR NA 30 -31.57 64.98 10.44
N ARG NA 31 -31.17 64.18 9.46
CA ARG NA 31 -31.70 62.84 9.33
C ARG NA 31 -31.09 61.93 10.40
N GLN NA 32 -31.94 61.34 11.23
CA GLN NA 32 -31.53 60.59 12.41
C GLN NA 32 -31.76 59.10 12.21
N ARG NA 33 -31.40 58.36 13.26
CA ARG NA 33 -31.81 56.98 13.47
C ARG NA 33 -32.04 56.85 14.96
N GLY NA 34 -33.30 56.94 15.37
CA GLY NA 34 -33.62 57.19 16.75
C GLY NA 34 -33.37 58.64 17.13
N THR NA 35 -34.04 59.08 18.18
CA THR NA 35 -33.99 60.49 18.55
C THR NA 35 -32.60 60.87 19.06
N LYS NA 36 -31.93 61.75 18.34
CA LYS NA 36 -30.73 62.40 18.82
C LYS NA 36 -30.87 63.90 18.94
N ILE NA 37 -31.83 64.50 18.24
CA ILE NA 37 -32.06 65.94 18.34
C ILE NA 37 -33.56 66.16 18.41
N TYR NA 38 -34.07 66.48 19.58
CA TYR NA 38 -35.50 66.65 19.73
C TYR NA 38 -35.97 67.83 18.88
N PRO NA 39 -37.21 67.80 18.42
CA PRO NA 39 -37.71 68.86 17.55
C PRO NA 39 -38.20 70.04 18.38
N GLY NA 40 -38.41 71.16 17.70
CA GLY NA 40 -38.82 72.36 18.40
C GLY NA 40 -39.85 73.18 17.64
N VAL NA 41 -39.69 74.50 17.69
CA VAL NA 41 -40.68 75.42 17.14
C VAL NA 41 -40.82 75.20 15.65
N ASN NA 42 -41.98 74.72 15.23
CA ASN NA 42 -42.35 74.55 13.82
C ASN NA 42 -41.62 73.40 13.15
N VAL NA 43 -40.95 72.54 13.90
CA VAL NA 43 -40.19 71.43 13.33
C VAL NA 43 -40.95 70.15 13.61
N GLY NA 44 -41.20 69.37 12.58
CA GLY NA 44 -41.93 68.13 12.75
C GLY NA 44 -41.11 66.90 12.41
N ILE NA 45 -41.40 65.79 13.07
CA ILE NA 45 -40.66 64.55 12.91
C ILE NA 45 -41.48 63.59 12.06
N GLY NA 46 -40.81 62.86 11.19
CA GLY NA 46 -41.46 61.94 10.28
C GLY NA 46 -41.45 60.52 10.77
N GLY NA 47 -41.67 59.60 9.82
CA GLY NA 47 -41.77 58.21 10.18
C GLY NA 47 -40.47 57.65 10.72
N ASP NA 48 -39.38 57.82 9.96
CA ASP NA 48 -38.07 57.30 10.32
C ASP NA 48 -37.23 58.31 11.09
N ASP NA 49 -37.88 59.14 11.90
CA ASP NA 49 -37.25 60.07 12.84
C ASP NA 49 -36.52 61.21 12.16
N THR NA 50 -36.60 61.34 10.85
CA THR NA 50 -36.04 62.51 10.20
C THR NA 50 -36.74 63.77 10.69
N LEU NA 51 -36.13 64.93 10.46
CA LEU NA 51 -36.64 66.19 11.00
C LEU NA 51 -36.84 67.19 9.87
N PHE NA 52 -38.09 67.53 9.61
CA PHE NA 52 -38.42 68.48 8.56
C PHE NA 52 -38.87 69.79 9.17
N ALA NA 53 -39.05 70.80 8.33
CA ALA NA 53 -39.52 72.11 8.74
C ALA NA 53 -40.93 72.33 8.22
N LYS NA 54 -41.78 72.98 9.02
CA LYS NA 54 -43.15 73.24 8.64
C LYS NA 54 -43.34 74.61 8.01
N VAL NA 55 -42.63 75.61 8.49
CA VAL NA 55 -42.78 76.99 8.02
C VAL NA 55 -41.45 77.49 7.49
N ASP NA 56 -41.52 78.41 6.54
CA ASP NA 56 -40.31 79.05 6.07
C ASP NA 56 -39.62 79.78 7.22
N GLY NA 57 -38.32 79.95 7.11
CA GLY NA 57 -37.58 80.72 8.10
C GLY NA 57 -36.16 80.21 8.28
N VAL NA 58 -35.63 80.47 9.47
CA VAL NA 58 -34.22 80.29 9.79
C VAL NA 58 -34.07 79.19 10.83
N VAL NA 59 -32.99 78.43 10.72
CA VAL NA 59 -32.72 77.32 11.64
C VAL NA 59 -31.81 77.80 12.75
N ARG NA 60 -31.95 77.22 13.94
CA ARG NA 60 -30.96 77.38 14.99
C ARG NA 60 -30.98 76.14 15.88
N PHE NA 61 -29.81 75.57 16.14
CA PHE NA 61 -29.68 74.47 17.08
C PHE NA 61 -29.36 75.00 18.47
N GLU NA 62 -30.06 74.46 19.48
CA GLU NA 62 -29.81 74.83 20.87
C GLU NA 62 -29.92 73.57 21.71
N ARG NA 63 -29.91 73.74 23.03
CA ARG NA 63 -29.89 72.60 23.94
C ARG NA 63 -31.00 72.70 24.96
N LYS NA 64 -31.46 71.54 25.42
CA LYS NA 64 -32.50 71.44 26.45
C LYS NA 64 -31.88 71.10 27.80
N GLY NA 65 -31.08 72.02 28.33
CA GLY NA 65 -30.46 71.77 29.60
C GLY NA 65 -29.31 70.77 29.53
N ARG NA 66 -29.55 69.55 30.00
CA ARG NA 66 -28.54 68.50 29.93
C ARG NA 66 -28.95 67.32 29.07
N ASP NA 67 -30.22 67.19 28.70
CA ASP NA 67 -30.68 65.98 28.04
C ASP NA 67 -30.15 65.90 26.62
N LYS NA 68 -30.63 66.79 25.77
CA LYS NA 68 -30.42 66.64 24.34
C LYS NA 68 -30.43 68.02 23.70
N LYS NA 69 -30.63 68.07 22.40
CA LYS NA 69 -30.60 69.31 21.67
C LYS NA 69 -31.90 69.50 20.90
N GLN NA 70 -31.99 70.63 20.19
CA GLN NA 70 -33.22 71.00 19.51
C GLN NA 70 -32.91 71.70 18.20
N VAL NA 71 -33.92 71.73 17.33
CA VAL NA 71 -33.95 72.60 16.16
C VAL NA 71 -35.25 73.37 16.18
N SER NA 72 -35.26 74.51 15.53
CA SER NA 72 -36.47 75.31 15.47
C SER NA 72 -36.30 76.37 14.41
N VAL NA 73 -37.42 76.89 13.93
CA VAL NA 73 -37.44 77.83 12.83
C VAL NA 73 -38.16 79.08 13.29
N TYR NA 74 -37.42 80.18 13.42
CA TYR NA 74 -38.03 81.46 13.76
C TYR NA 74 -38.26 82.23 12.48
N PRO NA 75 -39.48 82.29 11.95
CA PRO NA 75 -39.71 83.05 10.74
C PRO NA 75 -39.45 84.53 10.95
N VAL NA 76 -39.34 85.26 9.85
CA VAL NA 76 -39.06 86.67 9.93
C VAL NA 76 -40.28 87.43 10.46
N ALA OA 1 -43.62 6.59 -57.92
CA ALA OA 1 -43.35 6.66 -59.36
C ALA OA 1 -43.27 8.10 -59.83
N LYS OA 2 -43.14 8.30 -61.14
CA LYS OA 2 -42.84 9.63 -61.63
C LYS OA 2 -44.08 10.53 -61.62
N VAL OA 3 -45.08 10.21 -62.43
CA VAL OA 3 -46.24 11.08 -62.62
C VAL OA 3 -47.50 10.21 -62.71
N CYS OA 4 -48.62 10.87 -62.91
CA CYS OA 4 -49.86 10.19 -63.28
C CYS OA 4 -50.08 10.32 -64.78
N TYR OA 5 -50.57 9.25 -65.38
CA TYR OA 5 -50.77 9.29 -66.82
C TYR OA 5 -51.90 10.23 -67.20
N PHE OA 6 -52.92 10.38 -66.34
CA PHE OA 6 -54.09 11.17 -66.70
C PHE OA 6 -53.96 12.62 -66.25
N THR OA 7 -53.87 12.84 -64.95
CA THR OA 7 -53.64 14.18 -64.44
C THR OA 7 -52.13 14.35 -64.24
N GLY OA 8 -51.73 15.41 -63.54
CA GLY OA 8 -50.32 15.70 -63.45
C GLY OA 8 -49.72 15.71 -62.06
N ARG OA 9 -50.15 14.79 -61.21
CA ARG OA 9 -49.57 14.71 -59.88
C ARG OA 9 -48.12 14.28 -59.97
N LYS OA 10 -47.27 14.87 -59.13
CA LYS OA 10 -45.86 14.57 -59.15
C LYS OA 10 -45.25 14.86 -57.79
N THR OA 11 -44.12 14.24 -57.53
CA THR OA 11 -43.47 14.41 -56.23
C THR OA 11 -42.96 15.84 -56.08
N SER OA 12 -42.75 16.23 -54.83
CA SER OA 12 -42.45 17.62 -54.49
C SER OA 12 -41.77 17.61 -53.13
N SER OA 13 -41.73 18.76 -52.47
CA SER OA 13 -40.99 18.81 -51.21
C SER OA 13 -41.45 20.00 -50.38
N GLY OA 14 -41.45 19.81 -49.07
CA GLY OA 14 -41.75 20.86 -48.10
C GLY OA 14 -41.16 20.49 -46.76
N ASN OA 15 -41.15 21.45 -45.85
CA ASN OA 15 -40.42 21.32 -44.60
C ASN OA 15 -41.12 20.35 -43.65
N ASN OA 16 -40.66 20.32 -42.41
CA ASN OA 16 -41.24 19.45 -41.39
C ASN OA 16 -40.83 19.99 -40.02
N ARG OA 17 -41.74 20.72 -39.37
CA ARG OA 17 -41.49 21.30 -38.06
C ARG OA 17 -41.94 20.36 -36.96
N SER OA 18 -41.32 20.47 -35.78
CA SER OA 18 -41.66 19.55 -34.70
C SER OA 18 -41.52 20.26 -33.35
N HIS OA 19 -42.64 20.79 -32.85
CA HIS OA 19 -42.83 21.19 -31.47
C HIS OA 19 -41.90 22.33 -31.07
N ALA OA 20 -40.96 22.62 -31.94
CA ALA OA 20 -40.12 23.79 -31.86
C ALA OA 20 -39.60 23.88 -33.28
N MET OA 21 -39.97 24.94 -33.98
CA MET OA 21 -40.08 24.80 -35.42
C MET OA 21 -38.71 24.68 -36.08
N ASN OA 22 -38.01 23.59 -35.77
CA ASN OA 22 -36.75 23.29 -36.42
C ASN OA 22 -37.05 22.78 -37.82
N SER OA 23 -36.63 23.54 -38.82
CA SER OA 23 -37.04 23.28 -40.19
C SER OA 23 -36.05 22.36 -40.88
N THR OA 24 -36.54 21.23 -41.37
CA THR OA 24 -35.74 20.38 -42.25
C THR OA 24 -36.52 20.17 -43.54
N LYS OA 25 -36.07 19.27 -44.40
CA LYS OA 25 -36.72 19.05 -45.66
C LYS OA 25 -37.31 17.66 -45.70
N ARG OA 26 -38.31 17.47 -46.56
CA ARG OA 26 -39.08 16.25 -46.65
C ARG OA 26 -39.37 15.98 -48.11
N THR OA 27 -40.16 14.95 -48.36
CA THR OA 27 -40.71 14.66 -49.68
C THR OA 27 -42.18 14.33 -49.52
N VAL OA 28 -42.99 14.78 -50.48
CA VAL OA 28 -44.41 14.51 -50.46
C VAL OA 28 -44.76 13.72 -51.72
N LYS OA 29 -44.73 12.49 -51.63
CA LYS OA 29 -45.07 11.90 -52.92
C LYS OA 29 -46.57 11.76 -53.08
N PRO OA 30 -47.07 11.83 -54.31
CA PRO OA 30 -48.49 11.59 -54.54
C PRO OA 30 -48.78 10.11 -54.55
N ASN OA 31 -49.89 9.73 -53.93
CA ASN OA 31 -50.34 8.35 -54.00
C ASN OA 31 -50.46 7.94 -55.45
N LEU OA 32 -50.02 6.72 -55.75
CA LEU OA 32 -50.06 6.23 -57.12
C LEU OA 32 -50.30 4.73 -57.09
N GLN OA 33 -50.85 4.22 -58.18
CA GLN OA 33 -51.17 2.80 -58.28
C GLN OA 33 -50.97 2.34 -59.71
N LYS OA 34 -50.37 1.16 -59.87
CA LYS OA 34 -50.24 0.53 -61.17
C LYS OA 34 -51.53 -0.22 -61.49
N VAL OA 35 -52.12 0.07 -62.64
CA VAL OA 35 -53.34 -0.59 -63.06
C VAL OA 35 -53.30 -0.82 -64.56
N ARG OA 36 -53.98 -1.87 -65.01
CA ARG OA 36 -54.08 -2.19 -66.44
C ARG OA 36 -55.38 -1.59 -66.95
N VAL OA 37 -55.28 -0.65 -67.89
CA VAL OA 37 -56.42 0.10 -68.39
C VAL OA 37 -56.38 0.15 -69.91
N LEU OA 38 -57.53 0.47 -70.49
CA LEU OA 38 -57.66 0.55 -71.93
C LEU OA 38 -57.12 1.88 -72.43
N ILE OA 39 -56.35 1.82 -73.50
CA ILE OA 39 -55.93 3.01 -74.26
C ILE OA 39 -56.02 2.64 -75.73
N ASP OA 40 -56.84 3.37 -76.47
CA ASP OA 40 -57.14 3.07 -77.88
C ASP OA 40 -57.72 1.68 -78.07
N GLY OA 41 -58.10 1.01 -76.99
CA GLY OA 41 -58.43 -0.39 -77.01
C GLY OA 41 -57.27 -1.31 -76.69
N LYS OA 42 -56.05 -0.79 -76.67
CA LYS OA 42 -54.89 -1.60 -76.31
C LYS OA 42 -54.65 -1.47 -74.82
N PRO OA 43 -54.91 -2.51 -74.02
CA PRO OA 43 -54.72 -2.39 -72.57
C PRO OA 43 -53.27 -2.14 -72.21
N LYS OA 44 -53.02 -1.07 -71.48
CA LYS OA 44 -51.69 -0.68 -71.08
C LYS OA 44 -51.44 -1.06 -69.62
N LYS OA 45 -50.30 -0.61 -69.09
CA LYS OA 45 -50.03 -0.62 -67.66
C LYS OA 45 -49.39 0.71 -67.34
N VAL OA 46 -49.95 1.44 -66.38
CA VAL OA 46 -49.61 2.85 -66.22
C VAL OA 46 -49.95 3.27 -64.81
N TRP OA 47 -49.38 4.40 -64.39
CA TRP OA 47 -49.63 4.93 -63.05
C TRP OA 47 -50.80 5.89 -63.07
N VAL OA 48 -51.79 5.63 -62.21
CA VAL OA 48 -52.97 6.46 -62.08
C VAL OA 48 -53.20 6.74 -60.60
N SER OA 49 -53.40 8.00 -60.25
CA SER OA 49 -53.57 8.34 -58.86
C SER OA 49 -54.90 7.81 -58.33
N ALA OA 50 -54.98 7.68 -57.01
CA ALA OA 50 -56.19 7.18 -56.35
C ALA OA 50 -57.23 8.26 -56.16
N ARG OA 51 -57.07 9.41 -56.81
CA ARG OA 51 -58.08 10.46 -56.78
C ARG OA 51 -58.87 10.54 -58.07
N ALA OA 52 -58.28 10.11 -59.19
CA ALA OA 52 -59.01 9.98 -60.44
C ALA OA 52 -59.54 8.57 -60.65
N LEU OA 53 -59.74 7.82 -59.57
CA LEU OA 53 -60.30 6.48 -59.65
C LEU OA 53 -61.75 6.44 -59.18
N LYS OA 54 -62.54 7.43 -59.59
CA LYS OA 54 -63.98 7.40 -59.37
C LYS OA 54 -64.68 7.82 -60.67
N LYS PA 1 -8.29 35.27 -122.72
CA LYS PA 1 -8.96 36.05 -121.69
C LYS PA 1 -10.05 35.23 -120.99
N VAL PA 2 -11.27 35.76 -121.01
CA VAL PA 2 -12.43 35.08 -120.44
C VAL PA 2 -13.46 34.72 -121.50
N LYS PA 3 -13.61 35.56 -122.51
CA LYS PA 3 -14.70 35.39 -123.47
C LYS PA 3 -14.48 34.22 -124.41
N GLU PA 4 -13.24 33.96 -124.80
CA GLU PA 4 -12.97 32.84 -125.71
C GLU PA 4 -13.40 31.51 -125.14
N ILE PA 5 -13.48 31.40 -123.81
CA ILE PA 5 -13.92 30.15 -123.19
C ILE PA 5 -15.39 29.90 -123.51
N ARG PA 6 -16.21 30.95 -123.47
CA ARG PA 6 -17.64 30.81 -123.66
C ARG PA 6 -18.02 30.31 -125.05
N GLU PA 7 -17.11 30.36 -126.02
CA GLU PA 7 -17.45 29.99 -127.39
C GLU PA 7 -17.54 28.50 -127.61
N LEU PA 8 -16.78 27.70 -126.89
CA LEU PA 8 -16.58 26.30 -127.22
C LEU PA 8 -17.57 25.41 -126.47
N THR PA 9 -17.89 24.27 -127.08
CA THR PA 9 -18.82 23.34 -126.48
C THR PA 9 -18.16 22.56 -125.35
N THR PA 10 -18.97 21.76 -124.67
CA THR PA 10 -18.48 21.02 -123.51
C THR PA 10 -17.32 20.10 -123.87
N ALA PA 11 -17.31 19.55 -125.08
CA ALA PA 11 -16.20 18.70 -125.48
C ALA PA 11 -14.89 19.45 -125.40
N GLU PA 12 -14.79 20.59 -126.09
CA GLU PA 12 -13.56 21.37 -126.08
C GLU PA 12 -13.23 21.83 -124.67
N MET PA 13 -14.24 22.02 -123.82
CA MET PA 13 -13.99 22.37 -122.43
C MET PA 13 -13.16 21.30 -121.75
N LEU PA 14 -13.64 20.06 -121.77
CA LEU PA 14 -12.90 18.99 -121.11
C LEU PA 14 -11.55 18.75 -121.78
N ASP PA 15 -11.49 18.94 -123.10
CA ASP PA 15 -10.21 18.86 -123.79
C ASP PA 15 -9.21 19.81 -123.18
N LYS PA 16 -9.53 21.11 -123.20
CA LYS PA 16 -8.60 22.09 -122.66
C LYS PA 16 -8.31 21.83 -121.20
N GLU PA 17 -9.27 21.27 -120.47
CA GLU PA 17 -9.02 20.92 -119.08
C GLU PA 17 -7.86 19.94 -118.97
N LYS PA 18 -7.95 18.83 -119.70
CA LYS PA 18 -6.88 17.84 -119.62
C LYS PA 18 -5.55 18.40 -120.13
N GLN PA 19 -5.62 19.26 -121.14
CA GLN PA 19 -4.39 19.83 -121.65
C GLN PA 19 -3.71 20.71 -120.61
N LEU PA 20 -4.48 21.54 -119.92
CA LEU PA 20 -3.90 22.35 -118.86
C LEU PA 20 -3.39 21.49 -117.72
N LYS PA 21 -4.08 20.39 -117.43
CA LYS PA 21 -3.56 19.45 -116.43
C LYS PA 21 -2.17 18.98 -116.79
N GLU PA 22 -2.00 18.49 -118.01
CA GLU PA 22 -0.69 18.00 -118.42
C GLU PA 22 0.36 19.11 -118.33
N GLU PA 23 0.00 20.31 -118.79
CA GLU PA 23 0.96 21.40 -118.71
C GLU PA 23 1.35 21.67 -117.27
N LEU PA 24 0.40 21.55 -116.34
CA LEU PA 24 0.73 21.79 -114.95
C LEU PA 24 1.69 20.73 -114.44
N PHE PA 25 1.48 19.47 -114.86
CA PHE PA 25 2.40 18.42 -114.44
C PHE PA 25 3.82 18.72 -114.92
N ASN PA 26 3.94 19.17 -116.16
CA ASN PA 26 5.28 19.46 -116.69
C ASN PA 26 5.91 20.64 -116.00
N LEU PA 27 5.13 21.68 -115.70
CA LEU PA 27 5.68 22.79 -114.95
C LEU PA 27 6.15 22.33 -113.58
N ARG PA 28 5.40 21.45 -112.95
CA ARG PA 28 5.79 20.94 -111.64
C ARG PA 28 7.14 20.24 -111.70
N PHE PA 29 7.28 19.30 -112.62
CA PHE PA 29 8.56 18.59 -112.69
C PHE PA 29 9.71 19.54 -113.02
N GLN PA 30 9.55 20.36 -114.05
CA GLN PA 30 10.65 21.24 -114.43
C GLN PA 30 10.93 22.30 -113.38
N LEU PA 31 10.08 22.43 -112.37
CA LEU PA 31 10.48 23.27 -111.25
C LEU PA 31 11.62 22.63 -110.47
N ALA PA 32 11.48 21.33 -110.15
CA ALA PA 32 12.38 20.71 -109.20
C ALA PA 32 13.79 20.53 -109.76
N THR PA 33 13.98 20.71 -111.06
CA THR PA 33 15.28 20.45 -111.66
C THR PA 33 15.83 21.73 -112.27
N GLY PA 34 15.76 22.82 -111.51
CA GLY PA 34 16.44 24.07 -111.85
C GLY PA 34 16.21 24.59 -113.25
N GLN PA 35 14.99 25.02 -113.54
CA GLN PA 35 14.59 25.43 -114.88
C GLN PA 35 13.52 26.50 -114.74
N LEU PA 36 12.72 26.68 -115.79
CA LEU PA 36 11.52 27.51 -115.73
C LEU PA 36 11.87 28.97 -115.43
N GLU PA 37 12.46 29.61 -116.44
CA GLU PA 37 12.65 31.05 -116.38
C GLU PA 37 11.39 31.78 -115.95
N ASN PA 38 10.27 31.49 -116.60
CA ASN PA 38 9.01 32.21 -116.37
C ASN PA 38 8.13 31.38 -115.44
N THR PA 39 8.33 31.57 -114.13
CA THR PA 39 7.51 30.85 -113.18
C THR PA 39 6.15 31.48 -112.97
N ALA PA 40 5.93 32.68 -113.45
CA ALA PA 40 4.62 33.26 -113.26
C ALA PA 40 3.58 32.60 -114.08
N ARG PA 41 3.85 31.51 -114.79
CA ARG PA 41 2.77 30.79 -115.46
C ARG PA 41 2.10 29.78 -114.55
N ILE PA 42 2.71 29.43 -113.43
CA ILE PA 42 2.07 28.48 -112.52
C ILE PA 42 0.80 29.04 -111.93
N LYS PA 43 0.66 30.36 -111.90
CA LYS PA 43 -0.64 30.94 -111.58
C LYS PA 43 -1.59 30.77 -112.75
N GLU PA 44 -1.19 31.24 -113.92
CA GLU PA 44 -2.09 31.35 -115.05
C GLU PA 44 -2.80 30.03 -115.31
N VAL PA 45 -2.10 28.92 -115.21
CA VAL PA 45 -2.73 27.66 -115.58
C VAL PA 45 -3.80 27.29 -114.58
N ARG PA 46 -3.50 27.42 -113.29
CA ARG PA 46 -4.51 27.10 -112.29
C ARG PA 46 -5.72 28.01 -112.42
N GLN PA 47 -5.48 29.30 -112.63
CA GLN PA 47 -6.60 30.23 -112.75
C GLN PA 47 -7.43 29.95 -113.99
N SER PA 48 -6.78 29.58 -115.09
CA SER PA 48 -7.53 29.25 -116.28
C SER PA 48 -8.37 28.00 -116.07
N ILE PA 49 -7.82 27.01 -115.37
CA ILE PA 49 -8.61 25.81 -115.07
C ILE PA 49 -9.80 26.20 -114.21
N ALA PA 50 -9.60 27.11 -113.28
CA ALA PA 50 -10.71 27.59 -112.46
C ALA PA 50 -11.79 28.20 -113.34
N ARG PA 51 -11.41 29.08 -114.23
CA ARG PA 51 -12.39 29.76 -115.06
C ARG PA 51 -13.17 28.77 -115.90
N ILE PA 52 -12.46 27.85 -116.54
CA ILE PA 52 -13.15 26.84 -117.34
C ILE PA 52 -14.17 26.09 -116.49
N LYS PA 53 -13.76 25.68 -115.29
CA LYS PA 53 -14.66 24.87 -114.47
C LYS PA 53 -15.90 25.66 -114.07
N THR PA 54 -15.74 26.90 -113.63
CA THR PA 54 -16.92 27.64 -113.19
C THR PA 54 -17.84 27.93 -114.37
N VAL PA 55 -17.28 28.39 -115.49
CA VAL PA 55 -18.11 28.62 -116.66
C VAL PA 55 -18.86 27.36 -117.03
N LEU PA 56 -18.22 26.20 -116.88
CA LEU PA 56 -18.94 24.96 -117.09
C LEU PA 56 -20.07 24.83 -116.09
N ARG PA 57 -19.82 25.21 -114.85
CA ARG PA 57 -20.83 25.06 -113.81
C ARG PA 57 -22.08 25.85 -114.14
N GLU PA 58 -21.93 27.12 -114.52
CA GLU PA 58 -23.09 27.96 -114.73
C GLU PA 58 -23.98 27.43 -115.85
N GLN PA 59 -23.41 26.80 -116.86
CA GLN PA 59 -24.22 26.25 -117.94
C GLN PA 59 -25.01 25.04 -117.46
N ALA PA 60 -24.32 24.04 -116.90
CA ALA PA 60 -24.99 22.85 -116.40
C ALA PA 60 -25.67 23.21 -115.08
N ASN PA 61 -26.82 23.87 -115.22
CA ASN PA 61 -27.62 24.29 -114.08
C ASN PA 61 -26.84 25.22 -113.16
N ALA QA 1 -1.97 100.19 7.73
CA ALA QA 1 -1.65 101.09 6.64
C ALA QA 1 -1.59 100.35 5.30
N GLU QA 2 -0.58 100.65 4.51
CA GLU QA 2 -0.35 99.98 3.25
C GLU QA 2 0.74 98.93 3.41
N LEU QA 3 0.79 98.01 2.45
CA LEU QA 3 1.79 96.96 2.45
C LEU QA 3 2.31 96.74 1.03
N LYS QA 4 3.61 96.51 0.93
CA LYS QA 4 4.25 96.11 -0.32
C LYS QA 4 4.52 94.62 -0.29
N ILE QA 5 3.99 93.91 -1.28
CA ILE QA 5 4.10 92.46 -1.35
C ILE QA 5 4.90 92.10 -2.60
N THR QA 6 5.81 91.15 -2.47
CA THR QA 6 6.67 90.71 -3.56
C THR QA 6 6.82 89.19 -3.52
N LEU QA 7 6.66 88.55 -4.67
CA LEU QA 7 6.93 87.13 -4.76
C LEU QA 7 8.43 86.89 -4.72
N LYS QA 8 8.85 85.88 -3.96
CA LYS QA 8 10.27 85.59 -3.78
C LYS QA 8 10.57 84.10 -3.93
N ARG QA 9 9.76 83.37 -4.65
CA ARG QA 9 9.92 81.93 -4.70
C ARG QA 9 9.17 81.42 -5.92
N SER QA 10 8.92 80.13 -5.97
CA SER QA 10 8.07 79.54 -6.98
C SER QA 10 6.96 78.74 -6.32
N VAL QA 11 5.82 78.65 -6.99
CA VAL QA 11 4.71 77.87 -6.46
C VAL QA 11 4.77 76.43 -6.92
N ILE QA 12 5.68 76.08 -7.82
CA ILE QA 12 5.73 74.72 -8.35
C ILE QA 12 5.92 73.75 -7.21
N GLY QA 13 4.94 72.88 -7.01
CA GLY QA 13 5.04 71.89 -5.96
C GLY QA 13 4.52 72.32 -4.63
N ARG QA 14 3.58 73.26 -4.60
CA ARG QA 14 2.96 73.62 -3.34
C ARG QA 14 1.46 73.76 -3.53
N PRO QA 15 0.67 73.33 -2.56
CA PRO QA 15 -0.74 73.04 -2.81
C PRO QA 15 -1.59 74.26 -3.14
N GLN QA 16 -2.89 74.03 -3.32
CA GLN QA 16 -3.76 75.08 -3.83
C GLN QA 16 -3.88 76.24 -2.85
N ASN QA 17 -3.99 75.95 -1.56
CA ASN QA 17 -4.05 77.02 -0.57
C ASN QA 17 -3.00 78.07 -0.84
N GLN QA 18 -1.75 77.65 -1.04
CA GLN QA 18 -0.72 78.61 -1.36
C GLN QA 18 -0.92 79.19 -2.75
N ARG QA 19 -1.19 78.33 -3.73
CA ARG QA 19 -1.37 78.82 -5.09
C ARG QA 19 -2.59 79.73 -5.18
N ALA QA 20 -3.71 79.30 -4.60
CA ALA QA 20 -4.92 80.08 -4.71
C ALA QA 20 -4.98 81.22 -3.71
N THR QA 21 -4.04 81.29 -2.78
CA THR QA 21 -3.88 82.55 -2.06
C THR QA 21 -3.07 83.52 -2.88
N VAL QA 22 -1.99 83.05 -3.49
CA VAL QA 22 -1.17 83.95 -4.29
C VAL QA 22 -1.99 84.56 -5.40
N LYS QA 23 -2.56 83.72 -6.26
CA LYS QA 23 -3.23 84.22 -7.45
C LYS QA 23 -4.25 85.29 -7.11
N ALA QA 24 -4.85 85.20 -5.94
CA ALA QA 24 -5.87 86.15 -5.54
C ALA QA 24 -5.31 87.54 -5.32
N LEU QA 25 -3.99 87.72 -5.26
CA LEU QA 25 -3.45 89.03 -4.96
C LEU QA 25 -2.88 89.77 -6.16
N GLY QA 26 -2.40 89.05 -7.16
CA GLY QA 26 -1.76 89.70 -8.29
C GLY QA 26 -0.29 89.35 -8.40
N LEU QA 27 0.06 88.16 -7.93
CA LEU QA 27 1.44 87.69 -7.94
C LEU QA 27 1.56 86.61 -9.00
N GLY QA 28 1.96 87.02 -10.20
CA GLY QA 28 2.10 86.09 -11.30
C GLY QA 28 3.50 85.54 -11.50
N LYS QA 29 4.49 86.42 -11.61
CA LYS QA 29 5.86 86.01 -11.85
C LYS QA 29 6.73 86.44 -10.69
N VAL QA 30 7.94 85.87 -10.66
CA VAL QA 30 8.86 86.13 -9.57
C VAL QA 30 9.26 87.59 -9.58
N ASN QA 31 9.44 88.15 -8.39
CA ASN QA 31 9.85 89.55 -8.21
C ASN QA 31 8.84 90.52 -8.80
N SER QA 32 7.59 90.08 -8.94
CA SER QA 32 6.49 90.99 -9.20
C SER QA 32 5.93 91.48 -7.89
N THR QA 33 5.53 92.74 -7.85
CA THR QA 33 5.15 93.39 -6.61
C THR QA 33 3.75 93.99 -6.71
N VAL QA 34 3.00 93.93 -5.61
CA VAL QA 34 1.69 94.54 -5.52
C VAL QA 34 1.57 95.24 -4.17
N THR QA 35 0.96 96.42 -4.18
CA THR QA 35 0.73 97.21 -2.98
C THR QA 35 -0.73 97.15 -2.58
N LYS QA 36 -0.99 96.87 -1.31
CA LYS QA 36 -2.34 96.59 -0.84
C LYS QA 36 -2.54 97.19 0.54
N PRO QA 37 -3.78 97.48 0.91
CA PRO QA 37 -4.08 97.97 2.25
C PRO QA 37 -4.02 96.85 3.27
N ALA QA 38 -4.08 97.23 4.54
CA ALA QA 38 -3.91 96.31 5.65
C ALA QA 38 -5.22 96.16 6.41
N ASN QA 39 -6.07 95.26 5.95
CA ASN QA 39 -7.23 94.87 6.71
C ASN QA 39 -6.80 93.87 7.77
N GLU QA 40 -7.75 93.17 8.38
CA GLU QA 40 -7.43 92.00 9.17
C GLU QA 40 -7.67 90.71 8.40
N ALA QA 41 -7.85 90.80 7.10
CA ALA QA 41 -7.88 89.64 6.22
C ALA QA 41 -6.65 89.54 5.35
N ILE QA 42 -6.17 90.67 4.84
CA ILE QA 42 -4.94 90.66 4.06
C ILE QA 42 -3.79 90.17 4.91
N LYS QA 43 -3.71 90.62 6.16
CA LYS QA 43 -2.69 90.10 7.04
C LYS QA 43 -2.84 88.61 7.24
N GLY QA 44 -4.07 88.09 7.18
CA GLY QA 44 -4.24 86.65 7.24
C GLY QA 44 -3.64 85.97 6.03
N MET QA 45 -3.93 86.49 4.84
CA MET QA 45 -3.33 85.90 3.65
C MET QA 45 -1.81 85.93 3.74
N VAL QA 46 -1.26 87.02 4.25
CA VAL QA 46 0.19 87.11 4.35
C VAL QA 46 0.71 86.10 5.36
N ASN QA 47 0.01 85.90 6.45
CA ASN QA 47 0.45 84.90 7.41
C ASN QA 47 0.34 83.48 6.87
N THR QA 48 -0.50 83.25 5.87
CA THR QA 48 -0.54 81.94 5.24
C THR QA 48 0.41 81.78 4.07
N ILE QA 49 0.91 82.86 3.50
CA ILE QA 49 1.92 82.77 2.45
C ILE QA 49 3.25 83.38 2.89
N SER QA 50 3.50 83.45 4.18
CA SER QA 50 4.74 84.01 4.68
C SER QA 50 5.95 83.47 3.93
N HIS QA 51 6.16 82.16 4.01
CA HIS QA 51 7.41 81.59 3.54
C HIS QA 51 7.65 81.81 2.05
N LEU QA 52 6.64 82.17 1.29
CA LEU QA 52 6.80 82.33 -0.16
C LEU QA 52 6.94 83.78 -0.59
N VAL QA 53 6.78 84.73 0.32
CA VAL QA 53 6.67 86.14 -0.05
C VAL QA 53 7.24 86.98 1.06
N ASP QA 54 8.16 87.87 0.72
CA ASP QA 54 8.66 88.83 1.68
C ASP QA 54 8.03 90.19 1.41
N VAL QA 55 7.78 90.93 2.49
CA VAL QA 55 6.90 92.08 2.47
C VAL QA 55 7.48 93.19 3.30
N GLU QA 56 7.48 94.39 2.75
CA GLU QA 56 7.84 95.58 3.50
C GLU QA 56 6.59 96.25 4.02
N GLU QA 57 6.71 96.90 5.17
CA GLU QA 57 5.62 97.65 5.76
C GLU QA 57 5.88 99.12 5.50
N VAL QA 58 5.44 99.58 4.33
CA VAL QA 58 5.64 100.97 3.94
C VAL QA 58 4.99 101.90 4.95
N MET RA 1 -66.36 45.36 48.70
CA MET RA 1 -67.28 44.23 48.58
C MET RA 1 -68.01 44.23 47.26
N LYS RA 2 -67.67 43.29 46.38
CA LYS RA 2 -68.36 43.17 45.11
C LYS RA 2 -69.54 42.24 45.27
N GLN RA 3 -70.13 41.80 44.15
CA GLN RA 3 -71.37 41.06 44.19
C GLN RA 3 -71.24 39.69 43.55
N ASP RA 4 -71.98 38.73 44.11
CA ASP RA 4 -72.11 37.37 43.58
C ASP RA 4 -70.81 36.60 43.56
N ILE RA 5 -69.73 37.15 44.12
CA ILE RA 5 -68.45 36.48 44.07
C ILE RA 5 -67.83 36.41 45.47
N HIS RA 6 -68.69 36.35 46.49
CA HIS RA 6 -68.22 36.25 47.84
C HIS RA 6 -69.15 35.33 48.61
N PRO RA 7 -68.62 34.35 49.32
CA PRO RA 7 -69.46 33.33 49.93
C PRO RA 7 -70.25 33.80 51.13
N ASN RA 8 -70.89 32.87 51.83
CA ASN RA 8 -71.71 33.22 52.97
C ASN RA 8 -70.85 33.63 54.16
N TYR RA 9 -71.45 34.39 55.06
CA TYR RA 9 -70.83 34.80 56.31
C TYR RA 9 -71.87 35.43 57.21
N GLN RA 10 -71.85 35.08 58.50
CA GLN RA 10 -72.76 35.67 59.46
C GLN RA 10 -72.09 35.74 60.81
N PRO RA 11 -72.43 36.70 61.64
CA PRO RA 11 -71.76 36.85 62.93
C PRO RA 11 -72.10 35.76 63.92
N VAL RA 12 -71.65 34.54 63.63
CA VAL RA 12 -72.08 33.37 64.37
C VAL RA 12 -71.47 33.40 65.78
N VAL RA 13 -72.30 33.10 66.78
CA VAL RA 13 -71.83 33.02 68.15
C VAL RA 13 -70.86 31.87 68.32
N PHE RA 14 -69.76 32.10 69.02
CA PHE RA 14 -68.85 31.06 69.45
C PHE RA 14 -69.16 30.65 70.90
N MET RA 15 -68.79 29.44 71.25
CA MET RA 15 -69.15 28.90 72.55
C MET RA 15 -68.25 27.72 72.86
N ASP RA 16 -68.48 27.09 74.00
CA ASP RA 16 -67.65 25.98 74.45
C ASP RA 16 -68.34 25.32 75.64
N SER RA 17 -67.71 24.27 76.17
CA SER RA 17 -68.16 23.68 77.43
C SER RA 17 -68.19 24.69 78.56
N THR RA 18 -67.59 25.87 78.35
CA THR RA 18 -67.63 26.96 79.31
C THR RA 18 -67.50 28.29 78.58
N THR RA 19 -67.55 29.37 79.35
CA THR RA 19 -67.07 30.71 79.02
C THR RA 19 -67.92 31.51 78.05
N GLY RA 20 -68.87 30.87 77.38
CA GLY RA 20 -69.81 31.58 76.51
C GLY RA 20 -69.24 32.77 75.77
N PHE RA 21 -68.08 32.60 75.15
CA PHE RA 21 -67.38 33.70 74.50
C PHE RA 21 -68.08 34.10 73.21
N LYS RA 22 -69.36 34.44 73.35
CA LYS RA 22 -70.30 34.51 72.23
C LYS RA 22 -70.24 35.87 71.55
N PHE RA 23 -69.22 36.10 70.74
CA PHE RA 23 -69.17 37.39 70.06
C PHE RA 23 -68.73 37.35 68.61
N LEU RA 24 -68.03 36.33 68.15
CA LEU RA 24 -67.29 36.38 66.90
C LEU RA 24 -68.19 36.06 65.72
N SER RA 25 -67.59 35.81 64.57
CA SER RA 25 -68.31 35.45 63.35
C SER RA 25 -67.74 34.16 62.76
N GLY RA 26 -68.18 33.84 61.55
CA GLY RA 26 -67.71 32.65 60.89
C GLY RA 26 -68.38 32.49 59.56
N SER RA 27 -68.29 31.28 58.99
CA SER RA 27 -68.94 31.04 57.72
C SER RA 27 -69.65 29.69 57.69
N THR RA 28 -69.81 29.04 58.83
CA THR RA 28 -70.59 27.82 58.94
C THR RA 28 -71.85 28.10 59.74
N LYS RA 29 -72.99 27.67 59.22
CA LYS RA 29 -74.28 28.10 59.73
C LYS RA 29 -75.16 26.87 59.94
N GLY RA 30 -76.43 27.10 60.26
CA GLY RA 30 -77.37 26.00 60.38
C GLY RA 30 -78.54 26.24 61.30
N SER RA 31 -78.81 25.28 62.19
CA SER RA 31 -79.96 25.35 63.07
C SER RA 31 -79.82 26.54 64.03
N SER RA 32 -80.78 27.47 63.96
CA SER RA 32 -80.71 28.67 64.77
C SER RA 32 -80.97 28.34 66.23
N GLU RA 33 -80.10 28.82 67.12
CA GLU RA 33 -80.29 28.57 68.54
C GLU RA 33 -80.07 29.78 69.44
N THR RA 34 -79.37 30.82 69.01
CA THR RA 34 -79.14 31.99 69.87
C THR RA 34 -79.46 33.27 69.12
N VAL RA 35 -80.74 33.63 69.07
CA VAL RA 35 -81.17 34.95 68.62
C VAL RA 35 -81.36 35.76 69.90
N GLU RA 36 -80.32 36.51 70.27
CA GLU RA 36 -80.30 37.19 71.55
C GLU RA 36 -79.76 38.60 71.36
N TRP RA 37 -80.01 39.45 72.36
CA TRP RA 37 -79.59 40.84 72.23
C TRP RA 37 -78.12 41.01 72.58
N GLU RA 38 -77.70 40.51 73.75
CA GLU RA 38 -76.35 40.72 74.22
C GLU RA 38 -75.28 40.30 73.21
N ASP RA 39 -75.65 39.50 72.21
CA ASP RA 39 -74.75 39.09 71.16
C ASP RA 39 -75.51 39.19 69.84
N GLY RA 40 -74.96 38.61 68.77
CA GLY RA 40 -75.66 38.60 67.50
C GLY RA 40 -76.76 37.55 67.49
N ASN RA 41 -77.88 37.90 66.88
CA ASN RA 41 -79.05 37.02 66.87
C ASN RA 41 -78.77 35.82 65.99
N THR RA 42 -77.94 34.90 66.47
CA THR RA 42 -77.14 34.06 65.61
C THR RA 42 -77.11 32.64 66.19
N TYR RA 43 -76.08 31.89 65.83
CA TYR RA 43 -76.04 30.47 66.12
C TYR RA 43 -74.86 30.11 67.02
N PRO RA 44 -75.09 29.26 68.02
CA PRO RA 44 -73.98 28.68 68.79
C PRO RA 44 -73.48 27.35 68.24
N LEU RA 45 -73.88 26.98 67.02
CA LEU RA 45 -73.40 25.74 66.41
C LEU RA 45 -71.91 25.58 66.59
N LEU RA 46 -71.18 26.70 66.66
CA LEU RA 46 -69.77 26.63 66.99
C LEU RA 46 -69.62 26.27 68.46
N ARG RA 47 -69.49 24.98 68.72
CA ARG RA 47 -69.30 24.50 70.09
C ARG RA 47 -67.92 23.91 70.21
N VAL RA 48 -66.92 24.65 69.75
CA VAL RA 48 -65.52 24.25 69.83
C VAL RA 48 -65.19 23.83 71.24
N GLU RA 49 -64.30 22.85 71.37
CA GLU RA 49 -63.93 22.29 72.67
C GLU RA 49 -62.74 23.00 73.28
N VAL RA 50 -62.34 24.15 72.75
CA VAL RA 50 -61.22 24.91 73.31
C VAL RA 50 -61.70 26.30 73.66
N THR RA 51 -61.82 26.55 74.95
CA THR RA 51 -62.21 27.85 75.49
C THR RA 51 -61.15 28.92 75.29
N SER RA 52 -60.08 28.62 74.56
CA SER RA 52 -58.79 29.26 74.77
C SER RA 52 -58.40 29.15 76.23
N ASP RA 53 -58.95 28.14 76.90
CA ASP RA 53 -58.59 27.78 78.26
C ASP RA 53 -58.41 26.29 78.44
N SER RA 54 -58.86 25.46 77.49
CA SER RA 54 -58.64 24.02 77.60
C SER RA 54 -57.15 23.70 77.64
N HIS RA 55 -56.45 23.97 76.55
CA HIS RA 55 -55.00 23.94 76.61
C HIS RA 55 -54.57 24.94 77.67
N PRO RA 56 -54.04 24.47 78.78
CA PRO RA 56 -53.62 25.41 79.83
C PRO RA 56 -52.44 26.23 79.36
N PHE RA 57 -52.70 27.12 78.43
CA PHE RA 57 -51.65 28.04 78.00
C PHE RA 57 -52.11 29.49 78.07
N TYR RA 58 -53.32 29.78 77.62
CA TYR RA 58 -53.87 31.10 77.84
C TYR RA 58 -54.38 31.24 79.27
N THR RA 59 -54.84 30.13 79.86
CA THR RA 59 -54.97 30.05 81.30
C THR RA 59 -53.64 29.72 81.96
N GLY RA 60 -52.55 29.90 81.24
CA GLY RA 60 -51.24 29.62 81.77
C GLY RA 60 -51.00 28.15 81.95
N ARG RA 61 -49.73 27.76 81.92
CA ARG RA 61 -49.40 26.35 82.09
C ARG RA 61 -49.83 25.88 83.47
N GLN RA 62 -50.52 24.75 83.50
CA GLN RA 62 -50.95 24.13 84.73
C GLN RA 62 -50.03 22.96 85.07
N LYS RA 63 -50.39 22.23 86.11
CA LYS RA 63 -49.73 20.98 86.49
C LYS RA 63 -50.51 19.79 85.99
N PHE RA 64 -51.10 19.89 84.80
CA PHE RA 64 -52.08 18.91 84.33
C PHE RA 64 -51.56 17.48 84.47
N THR RA 65 -50.26 17.28 84.25
CA THR RA 65 -49.67 15.96 84.39
C THR RA 65 -48.25 16.09 84.92
N GLN RA 66 -47.85 15.13 85.74
CA GLN RA 66 -46.47 14.96 86.19
C GLN RA 66 -46.21 13.46 86.30
N ALA RA 67 -45.24 12.91 85.57
CA ALA RA 67 -44.24 13.53 84.68
C ALA RA 67 -43.32 14.53 85.40
N ASP RA 68 -42.98 14.20 86.64
CA ASP RA 68 -41.93 14.93 87.33
C ASP RA 68 -40.99 14.06 88.16
N GLY RA 69 -41.41 12.86 88.58
CA GLY RA 69 -40.76 12.16 89.67
C GLY RA 69 -39.80 11.05 89.32
N ARG RA 70 -38.88 11.28 88.38
CA ARG RA 70 -37.95 10.23 87.98
C ARG RA 70 -36.91 9.94 89.06
N VAL RA 71 -36.58 10.92 89.90
CA VAL RA 71 -35.47 10.73 90.84
C VAL RA 71 -35.89 9.82 91.99
N ASP RA 72 -37.10 10.00 92.50
CA ASP RA 72 -37.57 9.11 93.55
C ASP RA 72 -37.70 7.67 93.08
N ARG RA 73 -37.70 7.41 91.77
CA ARG RA 73 -37.75 6.04 91.30
C ARG RA 73 -36.72 5.19 92.01
N PHE RA 74 -35.45 5.53 91.83
CA PHE RA 74 -34.39 4.87 92.59
C PHE RA 74 -34.38 5.33 94.03
N ASN RA 75 -34.86 6.54 94.29
CA ASN RA 75 -34.77 7.14 95.61
C ASN RA 75 -36.02 6.95 96.45
N LYS RA 76 -37.08 6.36 95.91
CA LYS RA 76 -38.25 6.06 96.73
C LYS RA 76 -38.74 4.63 96.56
N LYS RA 77 -38.73 4.09 95.34
CA LYS RA 77 -39.26 2.74 95.16
C LYS RA 77 -38.42 1.73 95.93
N TYR RA 78 -37.11 1.78 95.76
CA TYR RA 78 -36.22 1.18 96.74
C TYR RA 78 -35.62 2.23 97.66
N GLY RA 79 -36.15 3.46 97.64
CA GLY RA 79 -35.73 4.51 98.54
C GLY RA 79 -36.57 4.56 99.79
N LEU RA 80 -37.88 4.34 99.67
CA LEU RA 80 -38.64 3.93 100.84
C LEU RA 80 -38.00 2.69 101.44
N LYS RA 81 -37.48 1.83 100.57
CA LYS RA 81 -36.71 0.67 101.00
C LYS RA 81 -35.36 1.08 101.56
N ASP RA 82 -34.83 2.23 101.14
CA ASP RA 82 -33.58 2.73 101.72
C ASP RA 82 -33.75 3.00 103.20
N GLU RA 83 -34.56 3.99 103.55
CA GLU RA 83 -34.72 4.39 104.94
C GLU RA 83 -35.81 3.57 105.63
N ALA SA 1 28.10 31.07 -37.35
CA ALA SA 1 27.42 32.34 -37.17
C ALA SA 1 27.31 33.04 -38.49
N VAL SA 2 26.99 34.33 -38.44
CA VAL SA 2 26.57 35.07 -39.62
C VAL SA 2 26.70 36.56 -39.30
N PRO SA 3 27.14 37.39 -40.25
CA PRO SA 3 27.50 38.78 -39.92
C PRO SA 3 26.44 39.48 -39.09
N ALA SA 4 26.89 40.38 -38.23
CA ALA SA 4 26.01 41.18 -37.40
C ALA SA 4 25.86 42.60 -37.88
N ARG SA 5 26.34 42.91 -39.09
CA ARG SA 5 26.33 44.25 -39.62
C ARG SA 5 26.91 44.18 -41.02
N ARG SA 6 26.62 45.19 -41.82
CA ARG SA 6 27.35 45.35 -43.06
C ARG SA 6 28.65 46.08 -42.76
N THR SA 7 29.71 45.69 -43.45
CA THR SA 7 30.98 46.38 -43.27
C THR SA 7 30.95 47.71 -43.99
N SER SA 8 31.49 48.72 -43.34
CA SER SA 8 31.45 50.06 -43.88
C SER SA 8 32.21 50.12 -45.20
N LYS SA 9 32.20 51.29 -45.83
CA LYS SA 9 33.02 51.44 -47.01
C LYS SA 9 34.50 51.40 -46.66
N ALA SA 10 34.87 51.99 -45.54
CA ALA SA 10 36.28 52.07 -45.17
C ALA SA 10 36.86 50.70 -44.90
N LYS SA 11 36.25 49.97 -43.96
CA LYS SA 11 36.81 48.69 -43.57
C LYS SA 11 37.05 47.79 -44.76
N LYS SA 12 36.24 47.91 -45.80
CA LYS SA 12 36.45 47.13 -47.02
C LYS SA 12 37.85 47.35 -47.57
N ALA SA 13 38.21 48.61 -47.82
CA ALA SA 13 39.56 48.88 -48.30
C ALA SA 13 40.59 48.51 -47.25
N LYS SA 14 40.47 49.08 -46.04
CA LYS SA 14 41.45 48.85 -44.99
C LYS SA 14 41.75 47.39 -44.80
N ARG SA 15 40.89 46.50 -45.27
CA ARG SA 15 41.24 45.09 -45.31
C ARG SA 15 41.78 44.66 -46.65
N ARG SA 16 41.38 45.30 -47.73
CA ARG SA 16 41.90 44.87 -49.02
C ARG SA 16 43.26 45.43 -49.36
N THR SA 17 43.87 46.21 -48.48
CA THR SA 17 45.17 46.79 -48.83
C THR SA 17 46.21 45.73 -49.13
N HIS SA 18 46.15 44.58 -48.46
CA HIS SA 18 47.13 43.53 -48.65
C HIS SA 18 46.73 42.56 -49.74
N TYR SA 19 46.00 43.02 -50.73
CA TYR SA 19 45.55 42.19 -51.84
C TYR SA 19 46.12 42.82 -53.10
N LYS SA 20 47.36 42.51 -53.39
CA LYS SA 20 48.09 43.12 -54.50
C LYS SA 20 48.63 42.03 -55.40
N LEU SA 21 49.35 42.42 -56.43
CA LEU SA 21 49.91 41.46 -57.37
C LEU SA 21 51.21 42.03 -57.90
N THR SA 22 52.32 41.57 -57.36
CA THR SA 22 53.65 42.08 -57.70
C THR SA 22 54.35 41.12 -58.63
N ILE SA 23 55.04 41.68 -59.62
CA ILE SA 23 55.90 40.91 -60.50
C ILE SA 23 57.33 41.22 -60.13
N LYS SA 24 58.20 40.21 -60.21
CA LYS SA 24 59.53 40.33 -59.64
C LYS SA 24 60.52 39.56 -60.50
N GLY SA 25 61.76 40.06 -60.52
CA GLY SA 25 62.86 39.41 -61.20
C GLY SA 25 62.86 39.58 -62.69
N LEU SA 26 63.07 40.80 -63.17
CA LEU SA 26 63.09 41.10 -64.60
C LEU SA 26 64.47 41.57 -64.99
N ASN SA 27 65.09 40.88 -65.94
CA ASN SA 27 66.45 41.16 -66.36
C ASN SA 27 66.49 41.52 -67.82
N ALA SA 28 67.58 42.17 -68.21
CA ALA SA 28 67.82 42.48 -69.62
C ALA SA 28 68.58 41.33 -70.26
N CYS SA 29 67.99 40.74 -71.30
CA CYS SA 29 68.68 39.66 -72.00
C CYS SA 29 70.00 40.19 -72.58
N SER SA 30 70.82 39.25 -73.04
CA SER SA 30 72.17 39.59 -73.45
C SER SA 30 72.37 39.57 -74.96
N ASN SA 31 71.48 38.96 -75.72
CA ASN SA 31 71.59 38.95 -77.17
C ASN SA 31 70.63 39.90 -77.85
N CYS SA 32 69.54 40.30 -77.19
CA CYS SA 32 68.59 41.23 -77.77
C CYS SA 32 68.17 42.32 -76.80
N GLY SA 33 68.82 42.41 -75.64
CA GLY SA 33 68.57 43.50 -74.72
C GLY SA 33 67.16 43.58 -74.17
N GLU SA 34 66.31 42.61 -74.50
CA GLU SA 34 64.93 42.65 -74.07
C GLU SA 34 64.78 42.06 -72.68
N MET SA 35 63.69 42.41 -72.03
CA MET SA 35 63.49 41.95 -70.66
C MET SA 35 63.18 40.48 -70.63
N LYS SA 36 63.90 39.75 -69.78
CA LYS SA 36 63.65 38.35 -69.56
C LYS SA 36 63.72 38.08 -68.07
N LYS SA 37 63.25 36.91 -67.68
CA LYS SA 37 63.18 36.54 -66.27
C LYS SA 37 64.47 35.84 -65.87
N SER SA 38 65.05 36.27 -64.76
CA SER SA 38 66.32 35.72 -64.34
C SER SA 38 66.21 34.22 -64.18
N HIS SA 39 67.31 33.52 -64.44
CA HIS SA 39 67.38 32.07 -64.35
C HIS SA 39 66.41 31.38 -65.29
N HIS SA 40 65.89 32.07 -66.29
CA HIS SA 40 64.92 31.48 -67.19
C HIS SA 40 65.35 31.63 -68.64
N VAL SA 41 64.96 30.65 -69.44
CA VAL SA 41 65.27 30.70 -70.87
C VAL SA 41 64.59 31.90 -71.49
N CYS SA 42 65.31 32.59 -72.35
CA CYS SA 42 64.73 33.72 -73.06
C CYS SA 42 63.72 33.22 -74.09
N PRO SA 43 62.48 33.70 -74.07
CA PRO SA 43 61.49 33.16 -75.02
C PRO SA 43 61.72 33.61 -76.44
N ALA SA 44 62.01 34.90 -76.65
CA ALA SA 44 62.19 35.38 -78.01
C ALA SA 44 63.56 35.03 -78.57
N CYS SA 45 64.62 35.34 -77.81
CA CYS SA 45 65.97 35.01 -78.25
C CYS SA 45 66.15 33.50 -78.37
N GLY SA 46 65.56 32.75 -77.45
CA GLY SA 46 65.80 31.33 -77.36
C GLY SA 46 67.07 30.95 -76.65
N HIS SA 47 67.99 31.89 -76.46
CA HIS SA 47 69.29 31.58 -75.91
C HIS SA 47 69.23 31.41 -74.40
N TYR SA 48 70.37 31.00 -73.84
CA TYR SA 48 70.57 30.97 -72.41
C TYR SA 48 72.05 30.91 -72.16
N ASP SA 49 72.52 31.66 -71.16
CA ASP SA 49 73.93 31.71 -70.81
C ASP SA 49 74.79 32.02 -72.04
N GLY SA 50 74.28 32.91 -72.89
CA GLY SA 50 74.98 33.23 -74.12
C GLY SA 50 75.00 32.15 -75.16
N LYS SA 51 74.26 31.06 -74.96
CA LYS SA 51 74.28 29.95 -75.89
C LYS SA 51 72.87 29.64 -76.37
N ASP SA 52 72.78 29.06 -77.57
CA ASP SA 52 71.51 28.62 -78.09
C ASP SA 52 71.13 27.28 -77.48
N VAL SA 53 69.84 27.12 -77.17
CA VAL SA 53 69.35 25.90 -76.57
C VAL SA 53 68.22 25.33 -77.41
N MET SA 54 67.20 26.14 -77.67
CA MET SA 54 66.01 25.69 -78.36
C MET SA 54 66.31 25.58 -79.84
N SER SA 55 66.74 24.38 -80.24
CA SER SA 55 67.05 24.09 -81.63
C SER SA 55 66.83 22.62 -81.87
N LYS SA 56 66.68 22.27 -83.15
CA LYS SA 56 66.49 20.89 -83.55
C LYS SA 56 67.25 20.57 -84.83
N MET TA 1 -48.79 29.35 5.75
CA MET TA 1 -49.84 29.60 6.73
C MET TA 1 -50.42 30.98 6.58
N ARG TA 2 -49.66 31.88 5.97
CA ARG TA 2 -50.16 33.21 5.65
C ARG TA 2 -50.45 33.28 4.17
N VAL TA 3 -51.35 34.20 3.81
CA VAL TA 3 -51.93 34.24 2.49
C VAL TA 3 -52.32 35.67 2.16
N ASN TA 4 -51.94 36.14 0.99
CA ASN TA 4 -52.45 37.42 0.51
C ASN TA 4 -53.92 37.26 0.17
N ILE TA 5 -54.75 38.17 0.68
CA ILE TA 5 -56.19 38.05 0.59
C ILE TA 5 -56.78 39.38 0.16
N THR TA 6 -57.94 39.34 -0.47
CA THR TA 6 -58.61 40.54 -0.97
C THR TA 6 -59.98 40.67 -0.34
N LEU TA 7 -60.20 41.76 0.39
CA LEU TA 7 -61.54 42.11 0.82
C LEU TA 7 -62.37 42.49 -0.40
N GLU TA 8 -63.68 42.64 -0.19
CA GLU TA 8 -64.57 42.92 -1.31
C GLU TA 8 -65.89 43.45 -0.75
N CYS TA 9 -66.49 44.39 -1.47
CA CYS TA 9 -67.71 45.02 -1.00
C CYS TA 9 -68.87 44.04 -1.05
N THR TA 10 -69.68 44.04 0.01
CA THR TA 10 -70.80 43.13 0.07
C THR TA 10 -72.03 43.65 -0.68
N SER TA 11 -71.99 44.89 -1.18
CA SER TA 11 -73.11 45.47 -1.90
C SER TA 11 -72.81 45.75 -3.36
N CYS TA 12 -71.74 46.50 -3.66
CA CYS TA 12 -71.48 46.93 -5.02
C CYS TA 12 -70.58 45.99 -5.80
N LYS TA 13 -69.99 44.99 -5.15
CA LYS TA 13 -69.16 43.98 -5.80
C LYS TA 13 -67.91 44.61 -6.43
N GLU TA 14 -67.09 45.22 -5.58
CA GLU TA 14 -65.81 45.78 -5.98
C GLU TA 14 -64.71 45.25 -5.08
N ARG TA 15 -63.65 44.73 -5.68
CA ARG TA 15 -62.52 44.18 -4.91
C ARG TA 15 -61.65 45.35 -4.46
N ASN TA 16 -62.04 45.94 -3.34
CA ASN TA 16 -61.52 47.27 -3.00
C ASN TA 16 -60.18 47.22 -2.31
N TYR TA 17 -59.91 46.21 -1.48
CA TYR TA 17 -58.71 46.23 -0.65
C TYR TA 17 -57.95 44.93 -0.75
N LEU TA 18 -56.71 44.97 -0.25
CA LEU TA 18 -55.82 43.81 -0.26
C LEU TA 18 -55.04 43.79 1.05
N THR TA 19 -54.95 42.62 1.66
CA THR TA 19 -54.22 42.42 2.91
C THR TA 19 -54.07 40.91 3.13
N ASN TA 20 -53.58 40.51 4.30
CA ASN TA 20 -53.18 39.13 4.50
C ASN TA 20 -53.53 38.65 5.90
N LYS TA 21 -53.74 37.35 6.04
CA LYS TA 21 -54.12 36.73 7.30
C LYS TA 21 -53.46 35.37 7.43
N ASN TA 22 -53.61 34.75 8.60
CA ASN TA 22 -53.06 33.43 8.89
C ASN TA 22 -54.17 32.41 8.81
N LYS TA 23 -54.14 31.58 7.76
CA LYS TA 23 -55.33 30.78 7.47
C LYS TA 23 -55.60 29.69 8.48
N ARG TA 24 -54.82 29.58 9.56
CA ARG TA 24 -55.14 28.65 10.63
C ARG TA 24 -55.30 29.31 11.99
N ASN TA 25 -54.95 30.57 12.13
CA ASN TA 25 -55.39 31.32 13.31
C ASN TA 25 -56.85 31.71 13.18
N ASN TA 26 -57.22 32.30 12.04
CA ASN TA 26 -58.56 32.78 11.76
C ASN TA 26 -59.08 32.06 10.53
N PRO TA 27 -59.68 30.90 10.70
CA PRO TA 27 -60.14 30.14 9.54
C PRO TA 27 -61.48 30.58 9.00
N ASP TA 28 -61.91 31.79 9.35
CA ASP TA 28 -63.18 32.34 8.87
C ASP TA 28 -62.94 33.63 8.08
N ARG TA 29 -63.74 33.80 7.03
CA ARG TA 29 -63.61 34.98 6.17
C ARG TA 29 -63.81 36.24 7.00
N LEU TA 30 -62.98 37.24 6.74
CA LEU TA 30 -62.98 38.43 7.56
C LEU TA 30 -64.17 39.33 7.26
N GLU TA 31 -64.48 40.18 8.23
CA GLU TA 31 -65.59 41.12 8.13
C GLU TA 31 -65.12 42.44 8.74
N LYS TA 32 -64.67 43.36 7.89
CA LYS TA 32 -64.21 44.66 8.33
C LYS TA 32 -65.01 45.73 7.60
N GLN TA 33 -65.22 46.86 8.26
CA GLN TA 33 -66.02 47.95 7.70
C GLN TA 33 -65.11 48.99 7.09
N LYS TA 34 -64.59 48.68 5.92
CA LYS TA 34 -63.73 49.62 5.21
C LYS TA 34 -64.60 50.67 4.54
N TYR TA 35 -64.03 51.44 3.62
CA TYR TA 35 -64.75 52.53 2.97
C TYR TA 35 -64.65 52.36 1.47
N CYS TA 36 -65.79 52.15 0.82
CA CYS TA 36 -65.85 51.96 -0.62
C CYS TA 36 -65.64 53.29 -1.33
N PRO TA 37 -64.95 53.29 -2.46
CA PRO TA 37 -64.81 54.52 -3.23
C PRO TA 37 -65.90 54.69 -4.27
N ARG TA 38 -66.53 53.59 -4.66
CA ARG TA 38 -67.50 53.63 -5.75
C ARG TA 38 -68.81 54.27 -5.33
N GLU TA 39 -69.12 54.25 -4.05
CA GLU TA 39 -70.33 54.90 -3.56
C GLU TA 39 -70.06 55.90 -2.45
N ARG TA 40 -68.84 55.99 -1.94
CA ARG TA 40 -68.48 56.94 -0.90
C ARG TA 40 -69.37 56.78 0.33
N LYS TA 41 -69.25 55.61 0.95
CA LYS TA 41 -70.02 55.27 2.15
C LYS TA 41 -69.45 53.99 2.74
N VAL TA 42 -69.28 53.97 4.06
CA VAL TA 42 -68.75 52.78 4.72
C VAL TA 42 -69.59 51.56 4.37
N THR TA 43 -68.94 50.42 4.21
CA THR TA 43 -69.60 49.23 3.69
C THR TA 43 -69.01 47.98 4.31
N LEU TA 44 -69.87 47.08 4.74
CA LEU TA 44 -69.39 45.79 5.25
C LEU TA 44 -68.64 45.06 4.15
N HIS TA 45 -67.35 44.78 4.39
CA HIS TA 45 -66.51 44.10 3.42
C HIS TA 45 -66.24 42.67 3.87
N ARG TA 46 -66.29 41.75 2.93
CA ARG TA 46 -66.09 40.33 3.21
C ARG TA 46 -64.97 39.79 2.34
N GLU TA 47 -64.31 38.76 2.87
CA GLU TA 47 -63.17 38.18 2.19
C GLU TA 47 -63.61 37.51 0.90
N THR TA 48 -62.74 37.55 -0.10
CA THR TA 48 -63.06 36.98 -1.41
C THR TA 48 -63.23 35.47 -1.31
N LYS TA 49 -63.85 34.91 -2.33
CA LYS TA 49 -64.12 33.49 -2.35
C LYS TA 49 -64.31 32.98 -3.78
N MET UA 1 13.44 6.99 -53.87
CA MET UA 1 12.85 5.82 -54.49
C MET UA 1 12.01 6.20 -55.70
N LYS UA 2 10.82 5.61 -55.80
CA LYS UA 2 10.00 5.82 -57.00
C LYS UA 2 9.22 7.11 -56.89
N ARG UA 3 9.36 7.97 -57.88
CA ARG UA 3 8.64 9.24 -57.94
C ARG UA 3 7.47 9.13 -58.90
N THR UA 4 6.64 10.17 -58.90
CA THR UA 4 5.23 10.03 -59.23
C THR UA 4 4.97 9.95 -60.74
N TYR UA 5 5.48 10.90 -61.50
CA TYR UA 5 4.81 11.21 -62.76
C TYR UA 5 5.15 10.22 -63.85
N GLN UA 6 5.08 8.92 -63.57
CA GLN UA 6 5.52 7.87 -64.49
C GLN UA 6 4.70 7.86 -65.77
N PRO UA 7 5.22 8.37 -66.87
CA PRO UA 7 4.36 8.72 -68.01
C PRO UA 7 4.07 7.57 -68.95
N ASN UA 8 2.83 7.56 -69.44
CA ASN UA 8 2.34 6.57 -70.38
C ASN UA 8 1.58 7.28 -71.49
N LYS UA 9 1.30 6.55 -72.57
CA LYS UA 9 0.58 7.12 -73.70
C LYS UA 9 -0.88 6.74 -73.70
N ARG UA 10 -1.22 5.50 -73.37
CA ARG UA 10 -2.63 5.14 -73.33
C ARG UA 10 -3.34 5.84 -72.18
N LYS UA 11 -2.82 5.74 -70.98
CA LYS UA 11 -3.54 6.28 -69.83
C LYS UA 11 -3.76 7.78 -69.95
N ARG UA 12 -2.78 8.52 -70.46
CA ARG UA 12 -2.99 9.95 -70.55
C ARG UA 12 -4.00 10.33 -71.62
N GLN UA 13 -4.40 9.40 -72.47
CA GLN UA 13 -5.46 9.65 -73.44
C GLN UA 13 -6.75 8.93 -73.11
N LYS UA 14 -6.74 8.05 -72.10
CA LYS UA 14 -7.96 7.43 -71.58
C LYS UA 14 -8.27 7.91 -70.19
N VAL UA 15 -7.72 9.05 -69.78
CA VAL UA 15 -8.22 9.73 -68.60
C VAL UA 15 -8.52 11.19 -68.90
N HIS UA 16 -7.55 11.90 -69.45
CA HIS UA 16 -7.72 13.32 -69.77
C HIS UA 16 -7.96 13.55 -71.24
N GLY UA 17 -8.59 12.61 -71.92
CA GLY UA 17 -8.61 12.64 -73.37
C GLY UA 17 -9.50 13.70 -73.95
N PHE UA 18 -10.11 13.42 -75.10
CA PHE UA 18 -11.18 14.25 -75.62
C PHE UA 18 -12.51 13.50 -75.56
N ARG UA 19 -12.61 12.38 -76.26
CA ARG UA 19 -13.83 11.62 -76.22
C ARG UA 19 -14.23 11.29 -74.80
N LYS UA 20 -13.26 11.01 -73.93
CA LYS UA 20 -13.62 10.78 -72.55
C LYS UA 20 -14.07 12.05 -71.86
N ARG UA 21 -13.97 13.21 -72.51
CA ARG UA 21 -14.56 14.42 -71.97
C ARG UA 21 -15.76 14.91 -72.76
N MET UA 22 -16.07 14.28 -73.89
CA MET UA 22 -17.32 14.53 -74.59
C MET UA 22 -18.31 13.41 -74.36
N SER UA 23 -18.15 12.69 -73.25
CA SER UA 23 -18.99 11.54 -72.96
C SER UA 23 -19.77 11.71 -71.67
N THR UA 24 -19.81 12.91 -71.12
CA THR UA 24 -20.53 13.16 -69.87
C THR UA 24 -21.44 14.37 -70.01
N LYS UA 25 -21.98 14.82 -68.88
CA LYS UA 25 -22.55 16.15 -68.81
C LYS UA 25 -21.63 17.11 -68.07
N ASN UA 26 -20.60 16.60 -67.40
CA ASN UA 26 -19.63 17.43 -66.71
C ASN UA 26 -18.42 17.74 -67.58
N GLY UA 27 -17.99 16.76 -68.38
CA GLY UA 27 -16.91 17.02 -69.31
C GLY UA 27 -17.22 18.18 -70.23
N ARG UA 28 -18.48 18.34 -70.60
CA ARG UA 28 -18.83 19.45 -71.48
C ARG UA 28 -18.74 20.77 -70.76
N ARG UA 29 -19.10 20.82 -69.48
CA ARG UA 29 -18.85 22.03 -68.72
C ARG UA 29 -17.37 22.36 -68.74
N VAL UA 30 -16.53 21.35 -68.54
CA VAL UA 30 -15.08 21.58 -68.56
C VAL UA 30 -14.65 22.15 -69.90
N LEU UA 31 -15.10 21.52 -70.98
CA LEU UA 31 -14.73 21.96 -72.32
C LEU UA 31 -15.17 23.38 -72.58
N ALA UA 32 -16.44 23.68 -72.33
CA ALA UA 32 -16.93 25.02 -72.59
C ALA UA 32 -16.23 26.06 -71.74
N SER UA 33 -15.82 25.70 -70.53
CA SER UA 33 -15.06 26.64 -69.73
C SER UA 33 -13.68 26.86 -70.31
N ARG UA 34 -13.08 25.82 -70.88
CA ARG UA 34 -11.78 26.02 -71.52
C ARG UA 34 -11.88 26.80 -72.81
N ARG UA 35 -13.04 26.76 -73.48
CA ARG UA 35 -13.25 27.54 -74.68
C ARG UA 35 -13.59 29.00 -74.38
N ARG UA 36 -14.25 29.27 -73.25
CA ARG UA 36 -14.55 30.67 -72.93
C ARG UA 36 -13.29 31.45 -72.61
N LYS UA 37 -12.38 30.85 -71.87
CA LYS UA 37 -11.16 31.56 -71.49
C LYS UA 37 -10.30 31.88 -72.68
N GLY UA 38 -10.55 31.25 -73.83
CA GLY UA 38 -9.77 31.51 -75.02
C GLY UA 38 -8.52 30.66 -75.07
N ARG UA 39 -8.65 29.40 -74.71
CA ARG UA 39 -7.49 28.51 -74.60
C ARG UA 39 -7.14 27.91 -75.96
N LYS UA 40 -5.88 27.51 -76.09
CA LYS UA 40 -5.46 26.80 -77.29
C LYS UA 40 -5.80 25.32 -77.23
N VAL UA 41 -5.18 24.61 -76.30
CA VAL UA 41 -5.34 23.16 -76.20
C VAL UA 41 -6.53 22.89 -75.29
N ILE UA 42 -7.71 22.72 -75.89
CA ILE UA 42 -8.91 22.51 -75.08
C ILE UA 42 -8.74 21.33 -74.15
N SER UA 43 -8.30 20.19 -74.68
CA SER UA 43 -8.10 19.02 -73.85
C SER UA 43 -7.09 18.10 -74.50
N ALA UA 44 -6.15 17.62 -73.72
CA ALA UA 44 -5.14 16.70 -74.22
C ALA UA 44 -5.76 15.36 -74.59
N PRO VA 1 -30.34 54.64 -48.42
CA PRO VA 1 -31.79 54.49 -48.39
C PRO VA 1 -32.43 55.41 -47.37
N LYS VA 2 -33.43 54.92 -46.64
CA LYS VA 2 -34.11 55.71 -45.63
C LYS VA 2 -33.78 55.18 -44.25
N GLN VA 3 -33.54 56.09 -43.30
CA GLN VA 3 -33.19 55.68 -41.96
C GLN VA 3 -34.40 55.07 -41.26
N LYS VA 4 -34.29 53.81 -40.87
CA LYS VA 4 -35.42 53.08 -40.30
C LYS VA 4 -35.62 53.48 -38.85
N THR VA 5 -36.87 53.79 -38.49
CA THR VA 5 -37.21 54.02 -37.10
C THR VA 5 -37.30 52.69 -36.37
N HIS VA 6 -37.65 52.77 -35.10
CA HIS VA 6 -37.53 51.65 -34.18
C HIS VA 6 -38.91 51.27 -33.67
N ARG VA 7 -39.45 50.18 -34.17
CA ARG VA 7 -40.78 49.77 -33.73
C ARG VA 7 -40.78 49.16 -32.36
N GLY VA 8 -39.70 49.32 -31.61
CA GLY VA 8 -39.68 48.84 -30.25
C GLY VA 8 -39.92 49.98 -29.30
N LEU VA 9 -39.52 51.18 -29.70
CA LEU VA 9 -39.69 52.35 -28.86
C LEU VA 9 -41.00 53.06 -29.12
N ALA VA 10 -41.47 53.10 -30.36
CA ALA VA 10 -42.70 53.79 -30.67
C ALA VA 10 -43.90 53.23 -29.92
N LYS VA 11 -43.79 52.03 -29.39
CA LYS VA 11 -44.86 51.45 -28.60
C LYS VA 11 -44.71 51.74 -27.13
N ARG VA 12 -43.82 52.65 -26.76
CA ARG VA 12 -43.65 52.98 -25.35
C ARG VA 12 -43.51 54.47 -25.10
N VAL VA 13 -43.48 55.31 -26.13
CA VAL VA 13 -43.09 56.71 -26.00
C VAL VA 13 -44.09 57.60 -26.71
N LYS VA 14 -44.48 58.69 -26.05
CA LYS VA 14 -45.33 59.71 -26.64
C LYS VA 14 -44.59 61.04 -26.61
N ARG VA 15 -44.56 61.73 -27.74
CA ARG VA 15 -43.79 62.96 -27.89
C ARG VA 15 -44.64 64.15 -27.51
N THR VA 16 -44.20 64.93 -26.53
CA THR VA 16 -44.92 66.10 -26.07
C THR VA 16 -44.74 67.24 -27.06
N GLY VA 17 -45.16 68.44 -26.68
CA GLY VA 17 -45.14 69.58 -27.56
C GLY VA 17 -44.05 70.59 -27.29
N GLY VA 18 -43.24 70.38 -26.26
CA GLY VA 18 -42.12 71.27 -26.00
C GLY VA 18 -40.81 70.68 -26.49
N GLY VA 19 -40.83 69.38 -26.79
CA GLY VA 19 -39.64 68.72 -27.29
C GLY VA 19 -39.36 67.40 -26.61
N GLY VA 20 -39.67 67.29 -25.32
CA GLY VA 20 -39.34 66.10 -24.56
C GLY VA 20 -40.12 64.89 -25.02
N LEU VA 21 -40.17 63.89 -24.14
CA LEU VA 21 -40.92 62.68 -24.41
C LEU VA 21 -41.61 62.21 -23.13
N LYS VA 22 -42.63 61.39 -23.29
CA LYS VA 22 -43.36 60.85 -22.15
C LYS VA 22 -43.09 59.37 -22.01
N ARG VA 23 -43.23 58.87 -20.79
CA ARG VA 23 -43.03 57.45 -20.56
C ARG VA 23 -43.76 57.04 -19.29
N GLY VA 24 -44.44 55.90 -19.35
CA GLY VA 24 -45.11 55.38 -18.17
C GLY VA 24 -44.16 54.52 -17.35
N ARG VA 25 -44.18 54.74 -16.04
CA ARG VA 25 -43.14 54.24 -15.17
C ARG VA 25 -43.07 52.72 -15.20
N ALA VA 26 -42.02 52.21 -14.57
CA ALA VA 26 -41.80 50.78 -14.42
C ALA VA 26 -42.34 50.32 -13.08
N PHE VA 27 -42.15 49.04 -12.77
CA PHE VA 27 -42.59 48.46 -11.50
C PHE VA 27 -44.09 48.50 -11.35
N THR VA 28 -44.84 48.40 -12.44
CA THR VA 28 -46.29 48.45 -12.39
C THR VA 28 -46.92 47.37 -13.25
N SER VA 29 -46.55 46.11 -13.03
CA SER VA 29 -47.27 45.05 -13.72
C SER VA 29 -47.45 43.78 -12.90
N HIS VA 30 -46.96 43.72 -11.66
CA HIS VA 30 -46.83 42.43 -10.98
C HIS VA 30 -47.02 42.58 -9.49
N ARG VA 31 -46.47 41.64 -8.72
CA ARG VA 31 -46.71 41.49 -7.29
C ARG VA 31 -46.75 42.81 -6.53
N PHE VA 32 -47.91 43.12 -5.95
CA PHE VA 32 -48.08 44.37 -5.23
C PHE VA 32 -48.09 44.17 -3.73
N HIS VA 33 -48.26 42.94 -3.26
CA HIS VA 33 -48.31 42.67 -1.84
C HIS VA 33 -46.97 42.99 -1.17
N GLY VA 34 -45.99 43.41 -1.97
CA GLY VA 34 -44.73 43.86 -1.43
C GLY VA 34 -44.65 45.37 -1.33
N LYS VA 35 -44.98 46.06 -2.41
CA LYS VA 35 -44.90 47.51 -2.42
C LYS VA 35 -46.04 48.10 -1.62
N THR VA 36 -45.78 49.25 -1.00
CA THR VA 36 -46.74 49.86 -0.10
C THR VA 36 -47.84 50.54 -0.92
N LYS VA 37 -48.64 51.37 -0.27
CA LYS VA 37 -49.68 52.09 -1.00
C LYS VA 37 -49.12 53.33 -1.66
N LYS VA 38 -48.31 54.11 -0.94
CA LYS VA 38 -47.60 55.21 -1.57
C LYS VA 38 -46.78 54.71 -2.74
N GLN VA 39 -46.00 53.65 -2.52
CA GLN VA 39 -45.16 53.09 -3.58
C GLN VA 39 -45.98 52.63 -4.76
N ARG VA 40 -47.27 52.33 -4.58
CA ARG VA 40 -48.09 51.89 -5.70
C ARG VA 40 -49.04 52.96 -6.19
N ARG VA 41 -49.30 53.99 -5.39
CA ARG VA 41 -50.11 55.10 -5.85
C ARG VA 41 -49.29 56.04 -6.72
N GLN VA 42 -48.13 56.46 -6.23
CA GLN VA 42 -47.29 57.41 -6.92
C GLN VA 42 -46.75 56.86 -8.22
N LEU VA 43 -47.07 55.61 -8.53
CA LEU VA 43 -46.64 55.01 -9.79
C LEU VA 43 -47.78 54.83 -10.77
N ARG VA 44 -48.78 55.70 -10.72
CA ARG VA 44 -49.81 55.77 -11.75
C ARG VA 44 -49.66 57.01 -12.61
N LYS VA 45 -48.52 57.69 -12.52
CA LYS VA 45 -48.34 59.00 -13.12
C LYS VA 45 -47.08 58.98 -13.97
N ALA VA 46 -47.25 59.05 -15.28
CA ALA VA 46 -46.12 59.03 -16.18
C ALA VA 46 -45.24 60.25 -15.97
N SER VA 47 -43.99 60.14 -16.39
CA SER VA 47 -43.05 61.24 -16.29
C SER VA 47 -42.27 61.31 -17.59
N MET VA 48 -41.21 62.10 -17.58
CA MET VA 48 -40.49 62.45 -18.80
C MET VA 48 -39.27 61.54 -18.98
N VAL VA 49 -38.41 61.92 -19.91
CA VAL VA 49 -37.17 61.20 -20.20
C VAL VA 49 -36.01 62.11 -19.83
N ALA VA 50 -35.04 61.58 -19.10
CA ALA VA 50 -33.98 62.39 -18.54
C ALA VA 50 -33.13 63.02 -19.65
N LYS VA 51 -32.28 63.97 -19.24
CA LYS VA 51 -31.37 64.59 -20.19
C LYS VA 51 -30.41 63.58 -20.80
N GLY VA 52 -30.06 62.55 -20.04
CA GLY VA 52 -29.10 61.56 -20.51
C GLY VA 52 -29.53 60.82 -21.76
N ASP VA 53 -30.65 60.11 -21.69
CA ASP VA 53 -31.05 59.23 -22.78
C ASP VA 53 -31.49 60.01 -24.00
N TYR VA 54 -31.88 61.26 -23.82
CA TYR VA 54 -32.25 61.96 -25.03
C TYR VA 54 -31.06 62.39 -25.81
N LYS VA 55 -29.87 62.10 -25.30
CA LYS VA 55 -28.65 62.25 -26.05
C LYS VA 55 -28.33 61.03 -26.87
N ARG VA 56 -28.69 59.86 -26.38
CA ARG VA 56 -28.29 58.62 -27.01
C ARG VA 56 -29.35 58.03 -27.91
N ILE VA 57 -30.63 58.34 -27.72
CA ILE VA 57 -31.68 57.84 -28.58
C ILE VA 57 -32.33 58.91 -29.42
N ARG VA 58 -31.79 60.13 -29.45
CA ARG VA 58 -32.35 61.21 -30.24
C ARG VA 58 -32.34 60.88 -31.73
N GLN VA 59 -31.78 59.74 -32.10
CA GLN VA 59 -31.69 59.40 -33.51
C GLN VA 59 -32.66 58.32 -33.93
N GLN VA 60 -32.94 57.34 -33.07
CA GLN VA 60 -33.86 56.29 -33.48
C GLN VA 60 -35.27 56.82 -33.62
N LEU VA 61 -35.66 57.77 -32.80
CA LEU VA 61 -36.96 58.42 -32.92
C LEU VA 61 -36.89 59.67 -33.77
N ALA VA 62 -36.30 59.53 -34.96
CA ALA VA 62 -36.05 60.70 -35.78
C ALA VA 62 -37.31 61.29 -36.37
N ARG VA 63 -38.38 60.50 -36.48
CA ARG VA 63 -39.59 60.98 -37.12
C ARG VA 63 -40.81 60.81 -36.25
N MET VA 64 -40.94 59.68 -35.58
CA MET VA 64 -42.10 59.43 -34.75
C MET VA 64 -41.81 59.65 -33.28
N MET WA 1 44.88 32.37 25.94
CA MET WA 1 44.03 33.50 25.61
C MET WA 1 42.60 33.08 25.50
N LYS WA 2 41.70 33.94 25.95
CA LYS WA 2 40.29 33.88 25.62
C LYS WA 2 39.97 35.15 24.85
N VAL WA 3 39.54 35.00 23.61
CA VAL WA 3 39.22 36.13 22.75
C VAL WA 3 37.71 36.19 22.59
N ARG WA 4 37.10 37.22 23.17
CA ARG WA 4 35.65 37.37 23.22
C ARG WA 4 35.30 38.81 22.91
N PRO WA 5 34.08 39.08 22.51
CA PRO WA 5 33.68 40.48 22.34
C PRO WA 5 33.59 41.21 23.66
N SER WA 6 32.95 40.60 24.65
CA SER WA 6 32.86 41.20 25.97
C SER WA 6 33.95 40.65 26.87
N VAL WA 7 34.52 41.51 27.69
CA VAL WA 7 35.70 41.19 28.48
C VAL WA 7 35.50 41.71 29.90
N LYS WA 8 35.79 40.88 30.89
CA LYS WA 8 35.64 41.25 32.29
C LYS WA 8 36.77 40.67 33.11
N PRO WA 9 37.19 41.37 34.15
CA PRO WA 9 38.11 40.76 35.12
C PRO WA 9 37.43 39.67 35.90
N MET WA 10 38.11 38.53 36.04
CA MET WA 10 37.54 37.37 36.70
C MET WA 10 38.15 37.07 38.07
N CYS WA 11 39.36 37.53 38.34
CA CYS WA 11 39.95 37.44 39.66
C CYS WA 11 39.80 38.79 40.34
N GLU WA 12 40.46 38.93 41.48
CA GLU WA 12 40.62 40.25 42.09
C GLU WA 12 41.92 40.90 41.65
N HIS WA 13 42.92 40.08 41.30
CA HIS WA 13 44.20 40.60 40.88
C HIS WA 13 44.19 41.05 39.43
N CYS WA 14 43.31 40.50 38.61
CA CYS WA 14 43.27 40.87 37.20
C CYS WA 14 43.26 42.38 37.03
N LYS WA 15 43.85 42.83 35.95
CA LYS WA 15 43.89 44.26 35.64
C LYS WA 15 43.46 44.44 34.19
N VAL WA 16 42.97 45.62 33.89
CA VAL WA 16 42.52 45.95 32.55
C VAL WA 16 43.51 46.92 31.96
N ILE WA 17 44.09 46.55 30.83
CA ILE WA 17 45.17 47.31 30.23
C ILE WA 17 44.95 47.41 28.75
N ARG WA 18 45.18 48.59 28.19
CA ARG WA 18 45.17 48.79 26.76
C ARG WA 18 46.61 48.81 26.28
N ARG WA 19 46.93 48.00 25.27
CA ARG WA 19 48.28 47.95 24.69
C ARG WA 19 48.35 48.52 23.29
N LYS WA 20 47.34 48.27 22.48
CA LYS WA 20 47.19 48.82 21.13
C LYS WA 20 45.70 48.99 20.93
N GLY WA 21 45.25 49.03 19.68
CA GLY WA 21 43.82 49.11 19.51
C GLY WA 21 43.15 47.84 19.99
N ARG WA 22 43.34 47.53 21.28
CA ARG WA 22 42.79 46.34 21.89
C ARG WA 22 42.77 46.57 23.39
N VAL WA 23 42.15 45.62 24.10
CA VAL WA 23 41.87 45.75 25.52
C VAL WA 23 42.21 44.43 26.19
N MET WA 24 43.35 44.38 26.88
CA MET WA 24 43.82 43.15 27.48
C MET WA 24 43.20 42.96 28.85
N VAL WA 25 43.42 41.77 29.41
CA VAL WA 25 43.18 41.51 30.82
C VAL WA 25 44.25 40.54 31.30
N ILE WA 26 45.10 41.01 32.20
CA ILE WA 26 46.28 40.27 32.62
C ILE WA 26 46.13 39.90 34.08
N CYS WA 27 46.49 38.67 34.42
CA CYS WA 27 46.41 38.17 35.79
C CYS WA 27 47.64 37.34 36.09
N PRO WA 28 48.54 37.81 36.95
CA PRO WA 28 49.74 37.02 37.25
C PRO WA 28 49.44 35.76 38.02
N ALA WA 29 48.33 35.72 38.76
CA ALA WA 29 48.04 34.53 39.57
C ALA WA 29 47.74 33.34 38.69
N ASN WA 30 46.63 33.38 37.98
CA ASN WA 30 46.33 32.24 37.13
C ASN WA 30 46.54 32.61 35.68
N PRO WA 31 46.80 31.65 34.83
CA PRO WA 31 47.03 31.96 33.42
C PRO WA 31 45.75 31.89 32.61
N LYS WA 32 44.73 31.21 33.14
CA LYS WA 32 43.47 31.02 32.41
C LYS WA 32 42.73 32.31 32.16
N HIS WA 33 43.29 33.46 32.51
CA HIS WA 33 42.55 34.70 32.51
C HIS WA 33 42.97 35.68 31.44
N LYS WA 34 44.04 35.41 30.69
CA LYS WA 34 44.44 36.38 29.68
C LYS WA 34 43.31 36.58 28.69
N GLN WA 35 42.66 37.72 28.73
CA GLN WA 35 41.54 37.99 27.84
C GLN WA 35 41.89 39.18 26.97
N ARG WA 36 41.61 39.05 25.68
CA ARG WA 36 41.96 40.08 24.72
C ARG WA 36 40.75 40.27 23.81
N GLN WA 37 40.24 41.49 23.76
CA GLN WA 37 38.93 41.75 23.17
C GLN WA 37 39.00 41.63 21.66
N GLY WA 38 38.33 40.62 21.12
CA GLY WA 38 38.31 40.41 19.69
C GLY WA 38 37.20 39.47 19.25
#